data_8FO9
#
_entry.id   8FO9
#
_cell.length_a   1.00
_cell.length_b   1.00
_cell.length_c   1.00
_cell.angle_alpha   90.00
_cell.angle_beta   90.00
_cell.angle_gamma   90.00
#
_symmetry.space_group_name_H-M   'P 1'
#
loop_
_entity.id
_entity.type
_entity.pdbx_description
1 polymer 'Leucine-rich repeat serine/threonine-protein kinase 2'
2 polymer 'Ras-related protein Rab-7L1'
3 non-polymer "GUANOSINE-5'-DIPHOSPHATE"
4 non-polymer "ADENOSINE-5'-TRIPHOSPHATE"
#
loop_
_entity_poly.entity_id
_entity_poly.type
_entity_poly.pdbx_seq_one_letter_code
_entity_poly.pdbx_strand_id
1 'polypeptide(L)'
;MASGSCQGCEEDEETLKKLIVRLNNVQEGKQIETLVQILEDLLVFTYSEHASKLFQGKNIHVPLLIVLDSYMRVASVQQV
GWSLLCKLIEVCPGTMQSLMGPQDVGNDWEVLGVHQLILKMLTVHNASVNLSVIGLKTLDLLLTSGKITLLILDEESDIF
MLIFDAMHSFPANDEVQKLGCKALHVLFERVSEEQLTEFVENKDYMILLSALTNFKDEEEIVLHVLHCLHSLAIPCNNVE
VLMSGNVRCYNIVVEAMKAFPMSERIQEVSCCLLHRLTLGNFFNILVLNEVHEFVVKAVQQYPENAALQISALSCLALLT
ETIFLNQDLEEKNENQENDDEGEEDKLFWLEACYKALTWHRKNKHVQEAACWALNNLLMYQNSLHEKIGDEDGHFPAHRE
VMLSMLMHSSSKEVFQASANALSTLLEQNVNFRKILLSKGIHLNVLELMQKHIHSPEVAESGCKMLNHLFEGSNTSLDIM
AAVVPKILTVMKRHETSLPVQLEALRAILHFIVPGMPEESREDTEFHHKLNMVKKQCFKNDIHKLVLAALNRFIGNPGIQ
KCGLKVISSIVHFPDALEMLSLEGAMDSVLHTLQMYPDDQEIQCLGLSLIGYLITKKNVFIGTGHLLAKILVSSLYRFKD
VAEIQTKGFQTILAILKLSASFSKLLVHHSFDLVIFHQMSSNIMEQKDQQFLNLCCKCFAKVAMDDYLKNVMLERACDQN
NSIMVECLLLLGADANQAKEGSSLICQVCEKESSPKLVELLLNSGSREQDVRKALTISIGKGDSQIISLLLRRLALDVAN
NSICLGGFCIGKVEPSWLGPLFPDKTSNLRKQTNIASTLARMVIRYQMKSAVEEGTASGSDGNFSEDVLSKFDEWTFIPD
SSMDSVFAQSDDLDSEGSEGSFLVKKKSNSISVGEFYRDAVLQRCSPNLQRHSNSLGPIFDHEDLLKRKRKILSSDDSLR
SSKLQSHMRHSDSISSLASEREYITSLDLSANELRDIDALSQKCCISVHLEHLEKLELHQNALTSFPQQLCETLKSLTHL
DLHSNKFTSFPSYLLKMSCIANLDVSRNDIGPSVVLDPTVKCPTLKQFNLSYNQLSFVPENLTDVVEKLEQLILEGNKIS
GICSPLRLKELKILNLSKNHISSLSENFLEACPKVESFSARMNFLAAMPFLPPSMTILKLSQNKFSCIPEAILNLPHLRS
LDMSSNDIQYLPGPAHWKSLNLRELLFSHNQISILDLSEKAYLWSRVEKLHLSHNKLKEIPPEIGCLENLTSLDVSYNLE
LRSFPNEMGKLSKIWDLPLDELHLNFDFKHIGCKAKDIIRFLQQRLKKAVPYNRMKLMIVGNTGSGKTTLLQQLMKTKKS
DLGMQSATVGIDVKDWPIQIRDKRKRDLVLNVWDFAGREEFYSTHPHFMTQRALYLAVYDLSKGQAEVDAMKPWLFNIKA
RASSSPVILVGTHLDVSDEKQRKACMSKITKELLNKRGFPAIRDYHFVNATEESDALAKLRKTIINESLNFKIRDQLVVG
QLIPDCYVELEKIILSERKNVPIEFPVIDRKRLLQLVRENQLQLDENELPHAVHFLNESGVLLHFQDPALQLSDLYFVEP
KWLCKIMAQILTVKVEGCPKHPKGIISRRDVEKFLSKKRKFPKNYMTQYFKLLEKFQIALPIGEEYLLVPSSLSDHRPVI
ELPHCENSEIIIRLYEMPYFPMGFWSRLINRLLEISPYMLSGRERALRPNRMYWRQGIYLNWSPEAYCLVGSEVLDNHPE
SFLKITVPSCRKGCILLGQVVDHIDSLMEEWFPGLLEIDICGEGETLLKKWALYSFNDGEEHQKILLDDLMKKAEEGDLL
VNPDQPRLTIPISQIAPDLILADLPRNIMLNNDELEFEQAPEFLLGDGSFGSVYRAAYEGEEVAVKIFNKHTSLRLLRQE
LVVLCHLHHPSLISLLAAGIRPRMLVMELASKGSLDRLLQQDKASLTRTLQHRIALHVADGLRYLHSAMIIYRDLKPHNV
LLFTLYPNAAIIAKIADYGIAQYCCRMGIKTSEGTPGFRAPEVARGNVIYNQQADVYSFGLLLYDILTTGGRIVEGLKFP
NEFDELEIQGKLPDPVKEYGCAPWPMVEKLIKQCLKENPQERPTSAQVFDILNSAELVCLTRRILLPKNVIVECMVATHH
NSRNASIWLGCGHTDRGQLSFLDLNTEGYTSEEVADSRILCLALVHLPVEKESWIVSGTQSGTLLVINTEDGKKRHTLEK
MTDSVTCLYCNSFSKQSKQKNFLLVGTADGKLAIFEDKTVKLKGAAPLKILNIGNVSTPLMCLSESTNSTERNVMWGGCG
TKIFSFSNDFTIQKLIETRTSQLFSYAAFSDSNIITVVVDTALYIAKQNSPVVEVWDKKTEKLCGLIDCVHFLREVTVKE
NKESKHKMSYSGRVKTLCLQKNTALWIGTGGGHILLLDLSTRRLIRVIYNFCNSVRVMMTAQLGSLKNVMLVLGYNRKNT
EGTQKQKEIQSCLTVWDINLPHEVQNLEKHIEVRKELAEKMRRTSVE
;
A,C,E,F
2 'polypeptide(L)'
;MGSRDHLFKVLVVGDAAVGKTSLVQRYSQDSFSKHYKSTVGVDFALKVLQWSDYEIVRLQLWDIAGLERFAAMTRLYYRD
ASACVIMFDVTNATTFSNSQRWKQDLDSKLTLPNGEPVPCLLLANKCDLSPWAVSRDQIDRFSKENGFTGWTETSVKENK
NINEAMRVLIEKMMRNS
;
B,D
#
loop_
_chem_comp.id
_chem_comp.type
_chem_comp.name
_chem_comp.formula
ATP non-polymer ADENOSINE-5'-TRIPHOSPHATE 'C10 H16 N5 O13 P3'
GDP RNA linking GUANOSINE-5'-DIPHOSPHATE 'C10 H15 N5 O11 P2'
#
# COMPACT_ATOMS: atom_id res chain seq x y z
N ALA A 1329 33.35 -23.73 -70.91
CA ALA A 1329 32.08 -24.36 -71.25
C ALA A 1329 32.28 -25.83 -71.58
N VAL A 1330 33.41 -26.38 -71.18
CA VAL A 1330 33.78 -27.76 -71.46
C VAL A 1330 32.87 -28.70 -70.66
N PRO A 1331 32.61 -29.91 -71.16
CA PRO A 1331 31.81 -30.87 -70.38
C PRO A 1331 32.51 -31.25 -69.07
N TYR A 1332 31.69 -31.52 -68.05
CA TYR A 1332 32.18 -31.84 -66.72
C TYR A 1332 32.09 -33.34 -66.47
N ASN A 1333 33.25 -33.99 -66.37
CA ASN A 1333 33.30 -35.42 -66.05
C ASN A 1333 33.67 -35.57 -64.57
N ARG A 1334 32.65 -35.40 -63.72
CA ARG A 1334 32.84 -35.53 -62.28
C ARG A 1334 31.53 -36.03 -61.67
N MET A 1335 31.65 -36.96 -60.73
CA MET A 1335 30.50 -37.62 -60.13
C MET A 1335 30.87 -38.07 -58.73
N LYS A 1336 29.88 -38.20 -57.87
CA LYS A 1336 30.08 -38.72 -56.52
C LYS A 1336 29.69 -40.19 -56.49
N LEU A 1337 30.54 -41.02 -55.92
CA LEU A 1337 30.26 -42.43 -55.73
C LEU A 1337 30.10 -42.71 -54.25
N MET A 1338 28.99 -43.35 -53.88
CA MET A 1338 28.67 -43.64 -52.49
C MET A 1338 28.75 -45.16 -52.30
N ILE A 1339 29.51 -45.57 -51.30
CA ILE A 1339 29.58 -46.98 -50.90
C ILE A 1339 29.02 -47.08 -49.49
N VAL A 1340 27.96 -47.87 -49.32
CA VAL A 1340 27.26 -47.98 -48.06
C VAL A 1340 27.10 -49.45 -47.69
N GLY A 1341 26.88 -49.70 -46.40
CA GLY A 1341 26.66 -51.04 -45.92
C GLY A 1341 26.95 -51.13 -44.44
N ASN A 1342 26.69 -52.32 -43.90
CA ASN A 1342 26.93 -52.59 -42.49
C ASN A 1342 28.43 -52.78 -42.24
N THR A 1343 28.80 -52.77 -40.96
CA THR A 1343 30.21 -52.96 -40.60
C THR A 1343 30.69 -54.36 -40.98
N GLY A 1344 31.95 -54.45 -41.39
CA GLY A 1344 32.54 -55.69 -41.81
C GLY A 1344 32.10 -56.18 -43.18
N SER A 1345 31.34 -55.38 -43.91
CA SER A 1345 30.86 -55.79 -45.24
C SER A 1345 32.02 -55.88 -46.23
N GLY A 1346 32.99 -54.98 -46.13
CA GLY A 1346 34.12 -54.95 -47.03
C GLY A 1346 34.15 -53.74 -47.95
N LYS A 1347 33.50 -52.64 -47.59
CA LYS A 1347 33.45 -51.46 -48.44
C LYS A 1347 34.84 -50.88 -48.68
N THR A 1348 35.63 -50.73 -47.61
CA THR A 1348 36.97 -50.15 -47.76
C THR A 1348 37.87 -51.03 -48.62
N THR A 1349 37.84 -52.34 -48.38
CA THR A 1349 38.65 -53.27 -49.16
C THR A 1349 38.21 -53.29 -50.62
N LEU A 1350 36.90 -53.25 -50.86
CA LEU A 1350 36.39 -53.18 -52.23
C LEU A 1350 36.85 -51.91 -52.93
N LEU A 1351 36.80 -50.78 -52.23
CA LEU A 1351 37.27 -49.53 -52.80
C LEU A 1351 38.76 -49.58 -53.12
N GLN A 1352 39.54 -50.17 -52.21
CA GLN A 1352 40.97 -50.30 -52.45
C GLN A 1352 41.25 -51.18 -53.67
N GLN A 1353 40.52 -52.29 -53.80
CA GLN A 1353 40.72 -53.18 -54.94
C GLN A 1353 40.33 -52.51 -56.25
N LEU A 1354 39.19 -51.81 -56.28
CA LEU A 1354 38.74 -51.15 -57.50
C LEU A 1354 39.65 -49.99 -57.89
N MET A 1355 40.00 -49.14 -56.92
CA MET A 1355 40.69 -47.89 -57.24
C MET A 1355 42.14 -48.13 -57.62
N LYS A 1356 42.84 -48.99 -56.88
CA LYS A 1356 44.26 -49.26 -57.13
C LYS A 1356 44.46 -49.97 -58.47
N MET A 1364 45.27 -52.08 -42.21
CA MET A 1364 45.07 -50.91 -41.36
C MET A 1364 43.64 -50.42 -41.41
N GLN A 1365 42.77 -51.22 -42.03
CA GLN A 1365 41.35 -50.89 -42.15
C GLN A 1365 40.54 -51.40 -40.96
N SER A 1366 40.96 -51.01 -39.75
CA SER A 1366 40.24 -51.42 -38.55
C SER A 1366 38.82 -50.88 -38.55
N ALA A 1367 38.64 -49.64 -38.96
CA ALA A 1367 37.32 -49.03 -39.05
C ALA A 1367 37.38 -47.90 -40.07
N THR A 1368 36.20 -47.47 -40.51
CA THR A 1368 36.05 -46.31 -41.39
C THR A 1368 35.19 -45.32 -40.63
N VAL A 1369 35.84 -44.51 -39.81
CA VAL A 1369 35.14 -43.58 -38.94
C VAL A 1369 34.52 -42.47 -39.78
N GLY A 1370 33.23 -42.19 -39.54
CA GLY A 1370 32.54 -41.18 -40.31
C GLY A 1370 32.47 -41.55 -41.78
N ILE A 1371 32.92 -40.64 -42.64
CA ILE A 1371 32.95 -40.87 -44.07
C ILE A 1371 34.36 -40.54 -44.56
N ASP A 1372 34.92 -41.42 -45.38
CA ASP A 1372 36.21 -41.20 -46.02
C ASP A 1372 35.96 -40.66 -47.42
N VAL A 1373 36.46 -39.46 -47.69
CA VAL A 1373 36.25 -38.79 -48.96
C VAL A 1373 37.52 -38.92 -49.79
N LYS A 1374 37.36 -39.33 -51.04
CA LYS A 1374 38.48 -39.57 -51.94
C LYS A 1374 38.06 -39.15 -53.35
N ASP A 1375 39.07 -39.01 -54.21
CA ASP A 1375 38.86 -38.74 -55.63
C ASP A 1375 39.41 -39.92 -56.43
N TRP A 1376 38.59 -40.45 -57.34
CA TRP A 1376 39.00 -41.58 -58.17
C TRP A 1376 39.18 -41.08 -59.60
N PRO A 1377 40.41 -40.84 -60.05
CA PRO A 1377 40.63 -40.46 -61.45
C PRO A 1377 40.60 -41.68 -62.36
N ILE A 1378 39.52 -41.81 -63.12
CA ILE A 1378 39.37 -42.91 -64.07
C ILE A 1378 39.41 -42.30 -65.47
N GLN A 1379 40.56 -42.39 -66.12
CA GLN A 1379 40.69 -42.08 -67.53
C GLN A 1379 40.72 -43.41 -68.27
N ILE A 1380 39.61 -43.73 -68.94
CA ILE A 1380 39.51 -44.98 -69.69
C ILE A 1380 40.61 -45.05 -70.74
N ARG A 1381 41.15 -46.26 -70.95
CA ARG A 1381 42.29 -46.45 -71.86
C ARG A 1381 42.02 -45.84 -73.23
N ASP A 1382 40.81 -45.96 -73.74
CA ASP A 1382 40.42 -45.29 -74.97
C ASP A 1382 40.37 -43.78 -74.74
N LYS A 1383 41.06 -43.02 -75.61
CA LYS A 1383 41.02 -41.57 -75.51
C LYS A 1383 39.66 -40.98 -75.83
N ARG A 1384 38.77 -41.77 -76.45
CA ARG A 1384 37.41 -41.32 -76.72
C ARG A 1384 36.66 -40.98 -75.42
N LYS A 1385 36.77 -41.85 -74.42
CA LYS A 1385 36.07 -41.64 -73.16
C LYS A 1385 36.75 -40.53 -72.36
N ARG A 1386 35.98 -39.51 -71.99
CA ARG A 1386 36.52 -38.39 -71.23
C ARG A 1386 36.81 -38.83 -69.80
N ASP A 1387 37.91 -38.32 -69.25
CA ASP A 1387 38.43 -38.82 -67.97
C ASP A 1387 37.49 -38.45 -66.82
N LEU A 1388 36.97 -39.46 -66.14
CA LEU A 1388 36.10 -39.28 -64.99
C LEU A 1388 36.92 -39.10 -63.72
N VAL A 1389 36.37 -38.32 -62.79
CA VAL A 1389 36.94 -38.16 -61.44
C VAL A 1389 35.81 -38.47 -60.47
N LEU A 1390 35.73 -39.72 -60.02
CA LEU A 1390 34.68 -40.14 -59.12
C LEU A 1390 34.98 -39.65 -57.71
N ASN A 1391 34.05 -38.89 -57.13
CA ASN A 1391 34.17 -38.41 -55.76
C ASN A 1391 33.71 -39.52 -54.83
N VAL A 1392 34.66 -40.31 -54.33
CA VAL A 1392 34.34 -41.47 -53.52
C VAL A 1392 34.04 -41.05 -52.09
N TRP A 1393 32.88 -41.48 -51.59
CA TRP A 1393 32.45 -41.25 -50.21
C TRP A 1393 32.27 -42.62 -49.56
N ASP A 1394 33.33 -43.13 -48.93
CA ASP A 1394 33.25 -44.39 -48.21
C ASP A 1394 32.54 -44.16 -46.88
N PHE A 1395 31.34 -44.72 -46.75
CA PHE A 1395 30.53 -44.51 -45.55
C PHE A 1395 30.91 -45.51 -44.47
N ALA A 1396 30.58 -45.15 -43.22
CA ALA A 1396 30.82 -46.02 -42.09
C ALA A 1396 29.86 -47.20 -42.10
N GLY A 1397 30.21 -48.22 -41.31
CA GLY A 1397 29.36 -49.38 -41.16
C GLY A 1397 28.81 -49.50 -39.74
N ARG A 1398 29.57 -49.01 -38.77
CA ARG A 1398 29.14 -49.01 -37.38
C ARG A 1398 27.96 -48.08 -37.18
N GLU A 1399 27.03 -48.48 -36.31
CA GLU A 1399 25.75 -47.80 -36.19
C GLU A 1399 25.84 -46.49 -35.40
N GLU A 1400 26.97 -46.21 -34.72
CA GLU A 1400 27.09 -44.97 -33.98
C GLU A 1400 27.09 -43.76 -34.88
N PHE A 1401 27.52 -43.90 -36.13
CA PHE A 1401 27.66 -42.80 -37.06
C PHE A 1401 26.43 -42.62 -37.95
N TYR A 1402 25.38 -43.43 -37.75
CA TYR A 1402 24.23 -43.42 -38.65
C TYR A 1402 23.43 -42.12 -38.58
N SER A 1403 23.52 -41.37 -37.48
CA SER A 1403 22.68 -40.20 -37.31
C SER A 1403 23.07 -39.08 -38.27
N THR A 1404 24.36 -38.94 -38.57
CA THR A 1404 24.84 -37.84 -39.42
C THR A 1404 25.00 -38.23 -40.87
N HIS A 1405 24.83 -39.51 -41.21
CA HIS A 1405 24.93 -39.94 -42.61
C HIS A 1405 23.90 -39.31 -43.55
N PRO A 1406 22.59 -39.22 -43.22
CA PRO A 1406 21.65 -38.69 -44.22
C PRO A 1406 21.89 -37.25 -44.64
N HIS A 1407 22.62 -36.47 -43.84
CA HIS A 1407 22.96 -35.10 -44.25
C HIS A 1407 23.89 -35.08 -45.45
N PHE A 1408 24.74 -36.08 -45.60
CA PHE A 1408 25.69 -36.13 -46.70
C PHE A 1408 25.25 -37.04 -47.83
N MET A 1409 24.03 -37.56 -47.77
CA MET A 1409 23.45 -38.35 -48.85
C MET A 1409 22.61 -37.44 -49.72
N THR A 1410 22.96 -37.36 -51.01
CA THR A 1410 22.34 -36.41 -51.92
C THR A 1410 22.13 -37.08 -53.27
N GLN A 1411 21.35 -36.41 -54.13
CA GLN A 1411 21.14 -36.85 -55.50
C GLN A 1411 22.40 -36.54 -56.31
N ARG A 1412 22.32 -36.73 -57.64
CA ARG A 1412 23.43 -36.49 -58.57
C ARG A 1412 24.65 -37.32 -58.17
N ALA A 1413 24.41 -38.58 -57.79
CA ALA A 1413 25.46 -39.48 -57.35
C ALA A 1413 25.02 -40.92 -57.58
N LEU A 1414 26.00 -41.82 -57.52
CA LEU A 1414 25.76 -43.24 -57.70
C LEU A 1414 26.10 -43.97 -56.40
N TYR A 1415 25.35 -45.04 -56.13
CA TYR A 1415 25.41 -45.71 -54.84
C TYR A 1415 25.82 -47.17 -55.00
N LEU A 1416 26.70 -47.63 -54.13
CA LEU A 1416 26.99 -49.06 -53.99
C LEU A 1416 26.33 -49.57 -52.70
N ALA A 1417 26.10 -50.88 -52.65
CA ALA A 1417 25.34 -51.49 -51.57
C ALA A 1417 26.02 -52.74 -51.03
N VAL A 1418 27.31 -52.64 -50.71
CA VAL A 1418 28.14 -53.77 -50.27
C VAL A 1418 27.47 -54.52 -49.11
N TYR A 1419 27.16 -55.80 -49.31
CA TYR A 1419 26.57 -56.64 -48.28
C TYR A 1419 27.36 -57.93 -48.16
N ASP A 1420 27.73 -58.27 -46.92
CA ASP A 1420 28.48 -59.49 -46.65
C ASP A 1420 27.64 -60.74 -46.91
N LEU A 1421 28.28 -61.77 -47.45
CA LEU A 1421 27.63 -63.06 -47.66
C LEU A 1421 27.90 -64.07 -46.55
N SER A 1422 29.02 -63.93 -45.82
CA SER A 1422 29.32 -64.86 -44.74
C SER A 1422 28.34 -64.70 -43.58
N LYS A 1423 27.77 -63.50 -43.41
CA LYS A 1423 26.79 -63.29 -42.34
C LYS A 1423 25.52 -64.09 -42.57
N GLY A 1424 25.20 -64.39 -43.83
CA GLY A 1424 24.01 -65.14 -44.15
C GLY A 1424 23.01 -64.37 -44.97
N GLN A 1425 21.81 -64.18 -44.43
CA GLN A 1425 20.75 -63.43 -45.08
C GLN A 1425 20.31 -62.20 -44.31
N ALA A 1426 20.76 -62.02 -43.07
CA ALA A 1426 20.43 -60.81 -42.29
C ALA A 1426 21.05 -59.55 -42.87
N GLU A 1427 22.08 -59.67 -43.71
CA GLU A 1427 22.64 -58.49 -44.36
C GLU A 1427 21.62 -57.79 -45.25
N VAL A 1428 20.73 -58.56 -45.88
CA VAL A 1428 19.67 -57.96 -46.69
C VAL A 1428 18.78 -57.09 -45.83
N ASP A 1429 18.40 -57.59 -44.65
CA ASP A 1429 17.62 -56.77 -43.72
C ASP A 1429 18.42 -55.56 -43.26
N ALA A 1430 19.73 -55.75 -43.02
CA ALA A 1430 20.56 -54.66 -42.51
C ALA A 1430 20.69 -53.51 -43.50
N MET A 1431 20.55 -53.79 -44.79
CA MET A 1431 20.73 -52.73 -45.79
C MET A 1431 19.44 -52.00 -46.12
N LYS A 1432 18.30 -52.43 -45.55
CA LYS A 1432 17.05 -51.70 -45.78
C LYS A 1432 17.07 -50.25 -45.28
N PRO A 1433 17.58 -49.91 -44.08
CA PRO A 1433 17.64 -48.48 -43.72
C PRO A 1433 18.40 -47.62 -44.72
N TRP A 1434 19.49 -48.16 -45.26
CA TRP A 1434 20.24 -47.42 -46.27
C TRP A 1434 19.40 -47.21 -47.51
N LEU A 1435 18.69 -48.25 -47.97
CA LEU A 1435 17.90 -48.11 -49.17
C LEU A 1435 16.75 -47.14 -48.94
N PHE A 1436 16.22 -47.12 -47.72
CA PHE A 1436 15.16 -46.18 -47.36
C PHE A 1436 15.66 -44.75 -47.49
N ASN A 1437 16.83 -44.46 -46.93
CA ASN A 1437 17.35 -43.09 -47.02
C ASN A 1437 17.76 -42.74 -48.44
N ILE A 1438 18.26 -43.72 -49.20
CA ILE A 1438 18.60 -43.49 -50.60
C ILE A 1438 17.36 -43.09 -51.39
N LYS A 1439 16.26 -43.83 -51.19
CA LYS A 1439 15.02 -43.51 -51.88
C LYS A 1439 14.44 -42.18 -51.43
N ALA A 1440 14.53 -41.87 -50.14
CA ALA A 1440 13.97 -40.62 -49.64
C ALA A 1440 14.76 -39.42 -50.15
N ARG A 1441 16.08 -39.53 -50.23
CA ARG A 1441 16.90 -38.39 -50.62
C ARG A 1441 17.18 -38.33 -52.13
N ALA A 1442 17.34 -39.49 -52.78
CA ALA A 1442 17.61 -39.55 -54.21
C ALA A 1442 16.69 -40.62 -54.84
N SER A 1443 15.51 -40.18 -55.28
CA SER A 1443 14.52 -41.11 -55.82
C SER A 1443 15.04 -41.80 -57.07
N SER A 1444 15.69 -41.05 -57.97
CA SER A 1444 16.18 -41.60 -59.23
C SER A 1444 17.71 -41.52 -59.22
N SER A 1445 18.35 -42.58 -58.76
CA SER A 1445 19.80 -42.70 -58.74
C SER A 1445 20.15 -44.17 -58.82
N PRO A 1446 21.16 -44.54 -59.61
CA PRO A 1446 21.51 -45.96 -59.77
C PRO A 1446 21.93 -46.58 -58.45
N VAL A 1447 21.49 -47.82 -58.24
CA VAL A 1447 21.84 -48.59 -57.05
C VAL A 1447 22.44 -49.90 -57.52
N ILE A 1448 23.60 -50.25 -56.97
CA ILE A 1448 24.30 -51.48 -57.33
C ILE A 1448 24.57 -52.26 -56.05
N LEU A 1449 24.13 -53.52 -56.01
CA LEU A 1449 24.30 -54.37 -54.85
C LEU A 1449 25.41 -55.38 -55.16
N VAL A 1450 26.54 -55.22 -54.48
CA VAL A 1450 27.73 -56.03 -54.73
C VAL A 1450 27.98 -56.90 -53.51
N GLY A 1451 27.49 -58.12 -53.55
CA GLY A 1451 27.81 -59.08 -52.51
C GLY A 1451 29.29 -59.40 -52.50
N THR A 1452 29.92 -59.26 -51.34
CA THR A 1452 31.36 -59.47 -51.21
C THR A 1452 31.62 -60.66 -50.28
N HIS A 1453 32.91 -60.97 -50.12
CA HIS A 1453 33.37 -62.08 -49.29
C HIS A 1453 32.72 -63.40 -49.71
N LEU A 1454 32.64 -63.60 -51.03
CA LEU A 1454 32.03 -64.80 -51.60
C LEU A 1454 32.97 -66.00 -51.59
N ASP A 1455 34.28 -65.78 -51.37
CA ASP A 1455 35.25 -66.87 -51.39
C ASP A 1455 34.95 -67.95 -50.34
N VAL A 1456 34.21 -67.61 -49.29
CA VAL A 1456 33.82 -68.57 -48.27
C VAL A 1456 32.35 -68.97 -48.40
N SER A 1457 31.52 -68.12 -48.99
CA SER A 1457 30.08 -68.36 -49.07
C SER A 1457 29.76 -69.49 -50.04
N ASP A 1458 28.65 -70.19 -49.76
CA ASP A 1458 28.18 -71.27 -50.60
C ASP A 1458 27.14 -70.75 -51.59
N GLU A 1459 26.84 -71.58 -52.60
CA GLU A 1459 25.93 -71.17 -53.65
C GLU A 1459 24.47 -71.17 -53.20
N LYS A 1460 24.12 -71.98 -52.19
CA LYS A 1460 22.76 -71.97 -51.67
C LYS A 1460 22.43 -70.63 -51.01
N GLN A 1461 23.36 -70.12 -50.21
CA GLN A 1461 23.18 -68.79 -49.62
C GLN A 1461 23.09 -67.73 -50.70
N ARG A 1462 23.92 -67.83 -51.74
CA ARG A 1462 23.88 -66.87 -52.84
C ARG A 1462 22.53 -66.89 -53.55
N LYS A 1463 21.99 -68.09 -53.80
CA LYS A 1463 20.70 -68.21 -54.47
C LYS A 1463 19.58 -67.63 -53.62
N ALA A 1464 19.57 -67.97 -52.33
CA ALA A 1464 18.53 -67.45 -51.44
C ALA A 1464 18.60 -65.93 -51.33
N CYS A 1465 19.81 -65.39 -51.18
CA CYS A 1465 19.99 -63.94 -51.09
C CYS A 1465 19.56 -63.26 -52.38
N MET A 1466 19.92 -63.84 -53.53
CA MET A 1466 19.53 -63.27 -54.82
C MET A 1466 18.01 -63.26 -54.98
N SER A 1467 17.36 -64.34 -54.56
CA SER A 1467 15.90 -64.39 -54.62
C SER A 1467 15.27 -63.31 -53.76
N LYS A 1468 15.77 -63.15 -52.52
CA LYS A 1468 15.24 -62.10 -51.65
C LYS A 1468 15.47 -60.72 -52.25
N ILE A 1469 16.66 -60.45 -52.78
CA ILE A 1469 16.96 -59.16 -53.37
C ILE A 1469 16.01 -58.86 -54.52
N THR A 1470 15.91 -59.78 -55.49
CA THR A 1470 15.06 -59.52 -56.64
C THR A 1470 13.60 -59.30 -56.20
N LYS A 1471 13.07 -60.19 -55.35
CA LYS A 1471 11.69 -60.09 -54.91
C LYS A 1471 11.42 -58.75 -54.23
N GLU A 1472 12.08 -58.49 -53.11
CA GLU A 1472 11.77 -57.28 -52.34
C GLU A 1472 12.12 -56.02 -53.12
N LEU A 1473 13.34 -55.93 -53.67
CA LEU A 1473 13.77 -54.71 -54.32
C LEU A 1473 12.92 -54.38 -55.55
N LEU A 1474 12.63 -55.38 -56.39
CA LEU A 1474 11.86 -55.10 -57.60
C LEU A 1474 10.37 -54.92 -57.32
N ASN A 1475 9.85 -55.54 -56.26
CA ASN A 1475 8.41 -55.50 -56.01
C ASN A 1475 8.03 -54.53 -54.91
N LYS A 1476 8.59 -54.70 -53.71
CA LYS A 1476 8.18 -53.93 -52.55
C LYS A 1476 8.56 -52.46 -52.69
N ARG A 1477 7.79 -51.60 -52.05
CA ARG A 1477 8.08 -50.18 -52.03
C ARG A 1477 9.14 -49.87 -50.97
N GLY A 1478 9.56 -48.61 -50.94
CA GLY A 1478 10.66 -48.24 -50.07
C GLY A 1478 11.97 -48.86 -50.48
N PHE A 1479 12.20 -49.03 -51.78
CA PHE A 1479 13.39 -49.64 -52.33
C PHE A 1479 13.64 -49.07 -53.72
N PRO A 1480 14.74 -48.33 -53.91
CA PRO A 1480 15.00 -47.69 -55.20
C PRO A 1480 15.20 -48.70 -56.32
N ALA A 1481 15.23 -48.17 -57.54
CA ALA A 1481 15.33 -49.00 -58.75
C ALA A 1481 16.77 -49.50 -58.88
N ILE A 1482 17.02 -50.68 -58.33
CA ILE A 1482 18.32 -51.32 -58.50
C ILE A 1482 18.53 -51.65 -59.98
N ARG A 1483 19.76 -51.49 -60.45
CA ARG A 1483 20.04 -51.64 -61.86
C ARG A 1483 20.98 -52.79 -62.19
N ASP A 1484 21.85 -53.19 -61.27
CA ASP A 1484 22.77 -54.30 -61.54
C ASP A 1484 23.21 -54.91 -60.22
N TYR A 1485 22.90 -56.19 -60.01
CA TYR A 1485 23.44 -56.96 -58.91
C TYR A 1485 24.76 -57.61 -59.35
N HIS A 1486 25.68 -57.76 -58.40
CA HIS A 1486 27.01 -58.24 -58.71
C HIS A 1486 27.58 -59.02 -57.54
N PHE A 1487 28.62 -59.80 -57.83
CA PHE A 1487 29.34 -60.58 -56.83
C PHE A 1487 30.82 -60.56 -57.17
N VAL A 1488 31.65 -60.24 -56.18
CA VAL A 1488 33.09 -60.05 -56.38
C VAL A 1488 33.85 -60.73 -55.25
N ASN A 1489 35.18 -60.64 -55.30
CA ASN A 1489 36.08 -61.19 -54.30
C ASN A 1489 36.58 -60.09 -53.37
N ALA A 1490 37.05 -60.50 -52.20
CA ALA A 1490 37.44 -59.55 -51.17
C ALA A 1490 38.67 -58.75 -51.57
N THR A 1491 39.75 -59.44 -51.97
CA THR A 1491 41.04 -58.78 -52.16
C THR A 1491 41.73 -59.09 -53.49
N GLU A 1492 41.24 -60.06 -54.26
CA GLU A 1492 41.91 -60.49 -55.48
C GLU A 1492 41.12 -60.06 -56.69
N GLU A 1493 41.81 -59.46 -57.66
CA GLU A 1493 41.18 -59.06 -58.90
C GLU A 1493 40.79 -60.29 -59.72
N SER A 1494 39.62 -60.24 -60.33
CA SER A 1494 39.12 -61.34 -61.15
C SER A 1494 38.31 -60.77 -62.30
N ASP A 1495 37.71 -61.67 -63.09
CA ASP A 1495 36.83 -61.25 -64.17
C ASP A 1495 35.60 -60.52 -63.63
N ALA A 1496 35.07 -60.99 -62.50
CA ALA A 1496 33.91 -60.34 -61.90
C ALA A 1496 34.23 -58.93 -61.44
N LEU A 1497 35.42 -58.71 -60.88
CA LEU A 1497 35.79 -57.38 -60.41
C LEU A 1497 35.97 -56.41 -61.57
N ALA A 1498 36.59 -56.87 -62.66
CA ALA A 1498 36.71 -56.04 -63.85
C ALA A 1498 35.34 -55.75 -64.46
N LYS A 1499 34.45 -56.75 -64.44
CA LYS A 1499 33.09 -56.52 -64.91
C LYS A 1499 32.37 -55.48 -64.04
N LEU A 1500 32.63 -55.50 -62.73
CA LEU A 1500 32.08 -54.50 -61.85
C LEU A 1500 32.61 -53.10 -62.17
N ARG A 1501 33.92 -53.00 -62.44
CA ARG A 1501 34.49 -51.72 -62.85
C ARG A 1501 33.82 -51.21 -64.12
N LYS A 1502 33.66 -52.10 -65.11
CA LYS A 1502 33.01 -51.72 -66.36
C LYS A 1502 31.57 -51.29 -66.13
N THR A 1503 30.85 -52.00 -65.25
CA THR A 1503 29.47 -51.66 -64.94
C THR A 1503 29.38 -50.29 -64.28
N ILE A 1504 30.30 -50.01 -63.34
CA ILE A 1504 30.30 -48.70 -62.68
C ILE A 1504 30.54 -47.59 -63.69
N ILE A 1505 31.50 -47.78 -64.59
CA ILE A 1505 31.79 -46.75 -65.59
C ILE A 1505 30.60 -46.56 -66.53
N ASN A 1506 30.00 -47.66 -66.98
CA ASN A 1506 28.86 -47.58 -67.89
C ASN A 1506 27.69 -46.87 -67.23
N GLU A 1507 27.42 -47.17 -65.95
CA GLU A 1507 26.33 -46.50 -65.24
C GLU A 1507 26.64 -45.04 -65.01
N SER A 1508 27.91 -44.70 -64.73
CA SER A 1508 28.28 -43.31 -64.54
C SER A 1508 28.07 -42.50 -65.82
N LEU A 1509 28.44 -43.07 -66.96
CA LEU A 1509 28.21 -42.38 -68.24
C LEU A 1509 26.72 -42.30 -68.56
N ASN A 1510 25.98 -43.39 -68.33
CA ASN A 1510 24.58 -43.47 -68.73
C ASN A 1510 23.61 -42.81 -67.76
N PHE A 1511 24.06 -42.45 -66.56
CA PHE A 1511 23.17 -41.83 -65.57
C PHE A 1511 22.72 -40.46 -66.08
N LYS A 1512 21.43 -40.31 -66.31
CA LYS A 1512 20.83 -39.06 -66.76
C LYS A 1512 19.78 -38.63 -65.75
N ILE A 1513 19.87 -37.37 -65.31
CA ILE A 1513 18.92 -36.78 -64.37
C ILE A 1513 18.19 -35.66 -65.06
N ARG A 1514 16.85 -35.69 -64.99
CA ARG A 1514 15.97 -34.71 -65.61
C ARG A 1514 16.22 -34.67 -67.13
N ASP A 1515 16.11 -35.84 -67.76
CA ASP A 1515 16.17 -36.02 -69.20
C ASP A 1515 17.52 -35.65 -69.82
N GLN A 1516 18.49 -35.28 -68.99
CA GLN A 1516 19.82 -34.90 -69.46
C GLN A 1516 20.88 -35.66 -68.68
N LEU A 1517 21.95 -36.05 -69.38
CA LEU A 1517 23.04 -36.80 -68.76
C LEU A 1517 23.74 -35.95 -67.70
N VAL A 1518 23.99 -36.56 -66.54
CA VAL A 1518 24.67 -35.86 -65.46
C VAL A 1518 26.09 -35.50 -65.87
N VAL A 1519 26.80 -36.47 -66.43
CA VAL A 1519 28.16 -36.21 -66.93
C VAL A 1519 28.07 -35.53 -68.29
N GLY A 1520 28.86 -34.48 -68.46
CA GLY A 1520 28.83 -33.71 -69.69
C GLY A 1520 27.81 -32.59 -69.74
N GLN A 1521 27.20 -32.21 -68.62
CA GLN A 1521 26.19 -31.17 -68.62
C GLN A 1521 26.81 -29.81 -68.98
N LEU A 1522 26.03 -29.01 -69.70
CA LEU A 1522 26.49 -27.68 -70.09
C LEU A 1522 26.69 -26.80 -68.86
N ILE A 1523 27.82 -26.10 -68.82
CA ILE A 1523 28.25 -25.35 -67.64
C ILE A 1523 28.94 -24.06 -68.05
N PRO A 1524 28.54 -22.91 -67.51
CA PRO A 1524 29.31 -21.68 -67.72
C PRO A 1524 30.73 -21.80 -67.17
N ASP A 1525 31.68 -21.21 -67.90
CA ASP A 1525 33.09 -21.28 -67.51
C ASP A 1525 33.36 -20.65 -66.15
N CYS A 1526 32.45 -19.80 -65.67
CA CYS A 1526 32.59 -19.21 -64.35
C CYS A 1526 32.60 -20.28 -63.26
N TYR A 1527 31.81 -21.34 -63.43
CA TYR A 1527 31.81 -22.42 -62.45
C TYR A 1527 33.15 -23.14 -62.41
N VAL A 1528 33.76 -23.38 -63.57
CA VAL A 1528 35.06 -24.04 -63.61
C VAL A 1528 36.14 -23.15 -63.00
N GLU A 1529 36.07 -21.85 -63.29
CA GLU A 1529 37.01 -20.91 -62.67
C GLU A 1529 36.83 -20.89 -61.15
N LEU A 1530 35.58 -20.91 -60.69
CA LEU A 1530 35.31 -20.99 -59.25
C LEU A 1530 35.85 -22.27 -58.65
N GLU A 1531 35.74 -23.39 -59.39
CA GLU A 1531 36.31 -24.65 -58.92
C GLU A 1531 37.83 -24.53 -58.76
N LYS A 1532 38.49 -23.88 -59.73
CA LYS A 1532 39.93 -23.66 -59.61
C LYS A 1532 40.26 -22.82 -58.38
N ILE A 1533 39.45 -21.77 -58.12
CA ILE A 1533 39.68 -20.94 -56.95
C ILE A 1533 39.48 -21.73 -55.66
N ILE A 1534 38.48 -22.62 -55.64
CA ILE A 1534 38.22 -23.43 -54.46
C ILE A 1534 39.39 -24.39 -54.21
N LEU A 1535 39.93 -25.00 -55.27
CA LEU A 1535 41.10 -25.86 -55.08
C LEU A 1535 42.30 -25.05 -54.59
N SER A 1536 42.51 -23.85 -55.13
CA SER A 1536 43.63 -23.02 -54.69
C SER A 1536 43.48 -22.64 -53.22
N GLU A 1537 42.26 -22.29 -52.80
CA GLU A 1537 42.05 -21.93 -51.41
C GLU A 1537 42.18 -23.14 -50.51
N ARG A 1538 41.72 -24.31 -50.96
CA ARG A 1538 41.97 -25.54 -50.22
C ARG A 1538 43.46 -25.76 -50.02
N LYS A 1539 44.26 -25.44 -51.05
CA LYS A 1539 45.70 -25.44 -50.91
C LYS A 1539 46.22 -24.33 -50.00
N ASN A 1540 45.39 -23.34 -49.65
CA ASN A 1540 45.87 -22.18 -48.89
C ASN A 1540 44.95 -21.88 -47.70
N VAL A 1541 44.65 -22.91 -46.90
CA VAL A 1541 43.91 -22.72 -45.65
C VAL A 1541 44.63 -23.45 -44.53
N PRO A 1542 44.47 -23.03 -43.27
CA PRO A 1542 45.05 -23.79 -42.15
C PRO A 1542 44.51 -25.20 -42.08
N ILE A 1543 45.42 -26.16 -41.83
CA ILE A 1543 45.01 -27.55 -41.74
C ILE A 1543 44.17 -27.81 -40.49
N GLU A 1544 44.24 -26.95 -39.47
CA GLU A 1544 43.46 -27.14 -38.26
C GLU A 1544 42.00 -26.77 -38.49
N PHE A 1545 41.74 -25.73 -39.28
CA PHE A 1545 40.38 -25.21 -39.46
C PHE A 1545 40.28 -24.67 -40.88
N PRO A 1546 39.92 -25.53 -41.84
CA PRO A 1546 39.87 -25.10 -43.24
C PRO A 1546 38.63 -24.29 -43.62
N VAL A 1547 37.74 -24.00 -42.68
CA VAL A 1547 36.48 -23.35 -43.02
C VAL A 1547 36.73 -21.89 -43.39
N ILE A 1548 36.21 -21.47 -44.53
CA ILE A 1548 36.26 -20.08 -44.96
C ILE A 1548 34.85 -19.51 -44.94
N ASP A 1549 34.78 -18.19 -44.72
CA ASP A 1549 33.50 -17.50 -44.64
C ASP A 1549 33.07 -17.02 -46.03
N ARG A 1550 31.93 -16.35 -46.09
CA ARG A 1550 31.45 -15.80 -47.36
C ARG A 1550 32.23 -14.56 -47.77
N LYS A 1551 32.77 -13.82 -46.79
CA LYS A 1551 33.59 -12.65 -47.12
C LYS A 1551 34.84 -13.04 -47.89
N ARG A 1552 35.52 -14.12 -47.47
CA ARG A 1552 36.71 -14.56 -48.20
C ARG A 1552 36.38 -15.03 -49.61
N LEU A 1553 35.25 -15.72 -49.76
CA LEU A 1553 34.82 -16.15 -51.09
C LEU A 1553 34.51 -14.95 -51.98
N LEU A 1554 33.84 -13.94 -51.41
CA LEU A 1554 33.55 -12.72 -52.17
C LEU A 1554 34.83 -12.00 -52.57
N GLN A 1555 35.80 -11.93 -51.67
CA GLN A 1555 37.09 -11.31 -51.99
C GLN A 1555 37.80 -12.07 -53.10
N LEU A 1556 37.79 -13.41 -53.05
CA LEU A 1556 38.42 -14.21 -54.10
C LEU A 1556 37.73 -13.99 -55.45
N VAL A 1557 36.40 -13.91 -55.43
CA VAL A 1557 35.64 -13.68 -56.66
C VAL A 1557 35.98 -12.31 -57.23
N ARG A 1558 36.07 -11.30 -56.36
CA ARG A 1558 36.30 -9.95 -56.87
C ARG A 1558 37.74 -9.82 -57.39
N GLU A 1559 38.71 -10.34 -56.65
CA GLU A 1559 40.11 -10.18 -57.03
C GLU A 1559 40.40 -10.90 -58.34
N ASN A 1560 39.86 -12.11 -58.53
CA ASN A 1560 40.08 -12.77 -59.81
C ASN A 1560 39.10 -12.28 -60.88
N GLN A 1561 37.99 -11.64 -60.48
CA GLN A 1561 36.93 -11.18 -61.38
C GLN A 1561 36.38 -12.35 -62.20
N LEU A 1562 35.76 -13.27 -61.48
CA LEU A 1562 35.25 -14.53 -62.03
C LEU A 1562 33.97 -14.37 -62.86
N GLN A 1563 33.53 -13.13 -63.12
CA GLN A 1563 32.34 -12.85 -63.94
C GLN A 1563 31.10 -13.55 -63.38
N LEU A 1564 30.85 -13.33 -62.09
CA LEU A 1564 29.70 -13.89 -61.40
C LEU A 1564 28.73 -12.78 -61.02
N ASP A 1565 27.61 -13.18 -60.43
CA ASP A 1565 26.57 -12.24 -60.02
C ASP A 1565 26.04 -12.66 -58.65
N GLU A 1566 24.99 -11.98 -58.19
CA GLU A 1566 24.32 -12.30 -56.95
C GLU A 1566 23.14 -13.24 -57.15
N ASN A 1567 22.83 -13.58 -58.40
CA ASN A 1567 21.82 -14.58 -58.73
C ASN A 1567 22.41 -15.84 -59.34
N GLU A 1568 23.74 -15.93 -59.43
CA GLU A 1568 24.40 -17.12 -59.93
C GLU A 1568 25.42 -17.68 -58.94
N LEU A 1569 25.98 -16.85 -58.06
CA LEU A 1569 26.90 -17.36 -57.03
C LEU A 1569 26.25 -18.38 -56.12
N PRO A 1570 25.03 -18.18 -55.57
CA PRO A 1570 24.39 -19.31 -54.87
C PRO A 1570 24.19 -20.53 -55.75
N HIS A 1571 23.82 -20.32 -57.02
CA HIS A 1571 23.70 -21.44 -57.94
C HIS A 1571 25.05 -22.11 -58.18
N ALA A 1572 26.11 -21.30 -58.31
CA ALA A 1572 27.44 -21.85 -58.52
C ALA A 1572 27.88 -22.71 -57.33
N VAL A 1573 27.71 -22.19 -56.11
CA VAL A 1573 28.13 -22.95 -54.93
C VAL A 1573 27.26 -24.18 -54.73
N HIS A 1574 25.96 -24.09 -55.07
CA HIS A 1574 25.10 -25.26 -54.98
C HIS A 1574 25.53 -26.34 -55.97
N PHE A 1575 25.85 -25.96 -57.21
CA PHE A 1575 26.29 -26.94 -58.18
C PHE A 1575 27.64 -27.53 -57.79
N LEU A 1576 28.54 -26.72 -57.27
CA LEU A 1576 29.84 -27.24 -56.83
C LEU A 1576 29.69 -28.17 -55.63
N ASN A 1577 28.74 -27.87 -54.73
CA ASN A 1577 28.44 -28.79 -53.63
C ASN A 1577 27.90 -30.10 -54.17
N GLU A 1578 27.01 -30.03 -55.17
CA GLU A 1578 26.48 -31.24 -55.80
C GLU A 1578 27.61 -32.03 -56.47
N SER A 1579 28.58 -31.33 -57.07
CA SER A 1579 29.76 -31.99 -57.59
C SER A 1579 30.58 -32.63 -56.48
N GLY A 1580 30.74 -31.92 -55.37
CA GLY A 1580 31.44 -32.42 -54.21
C GLY A 1580 32.79 -31.79 -53.93
N VAL A 1581 33.09 -30.62 -54.49
CA VAL A 1581 34.38 -29.98 -54.22
C VAL A 1581 34.36 -29.15 -52.94
N LEU A 1582 33.18 -28.83 -52.41
CA LEU A 1582 33.09 -28.20 -51.10
C LEU A 1582 31.70 -28.49 -50.53
N LEU A 1583 31.56 -28.26 -49.23
CA LEU A 1583 30.29 -28.42 -48.54
C LEU A 1583 29.75 -27.06 -48.13
N HIS A 1584 28.51 -26.78 -48.53
CA HIS A 1584 27.79 -25.59 -48.10
C HIS A 1584 26.41 -26.02 -47.65
N PHE A 1585 26.04 -25.63 -46.44
CA PHE A 1585 24.76 -26.00 -45.85
C PHE A 1585 23.86 -24.77 -45.82
N GLN A 1586 22.96 -24.68 -46.80
CA GLN A 1586 22.03 -23.57 -46.91
C GLN A 1586 20.78 -23.74 -46.06
N ASP A 1587 20.66 -24.83 -45.32
CA ASP A 1587 19.50 -25.07 -44.47
C ASP A 1587 19.43 -24.05 -43.36
N PRO A 1588 18.35 -23.26 -43.25
CA PRO A 1588 18.28 -22.23 -42.21
C PRO A 1588 18.30 -22.77 -40.78
N ALA A 1589 17.89 -24.01 -40.55
CA ALA A 1589 17.93 -24.57 -39.21
C ALA A 1589 19.34 -24.96 -38.78
N LEU A 1590 20.18 -25.39 -39.72
CA LEU A 1590 21.56 -25.71 -39.37
C LEU A 1590 22.37 -24.46 -39.08
N GLN A 1591 21.97 -23.30 -39.59
CA GLN A 1591 22.60 -22.01 -39.32
C GLN A 1591 24.08 -22.02 -39.71
N LEU A 1592 24.40 -22.72 -40.79
CA LEU A 1592 25.76 -22.79 -41.30
C LEU A 1592 25.86 -22.20 -42.71
N SER A 1593 24.98 -21.25 -43.02
CA SER A 1593 24.90 -20.71 -44.37
C SER A 1593 26.17 -19.95 -44.75
N ASP A 1594 26.73 -19.17 -43.81
CA ASP A 1594 27.88 -18.34 -44.13
C ASP A 1594 29.15 -19.17 -44.31
N LEU A 1595 29.30 -20.25 -43.56
CA LEU A 1595 30.50 -21.07 -43.64
C LEU A 1595 30.51 -21.90 -44.91
N TYR A 1596 31.62 -21.84 -45.65
CA TYR A 1596 31.84 -22.66 -46.84
C TYR A 1596 32.93 -23.67 -46.53
N PHE A 1597 32.53 -24.92 -46.30
CA PHE A 1597 33.47 -25.97 -45.91
C PHE A 1597 34.24 -26.43 -47.15
N VAL A 1598 35.52 -26.05 -47.25
CA VAL A 1598 36.33 -26.40 -48.42
C VAL A 1598 36.88 -27.81 -48.36
N GLU A 1599 36.84 -28.46 -47.20
CA GLU A 1599 37.39 -29.80 -47.03
C GLU A 1599 36.34 -30.70 -46.38
N PRO A 1600 35.49 -31.36 -47.19
CA PRO A 1600 34.45 -32.22 -46.60
C PRO A 1600 34.99 -33.34 -45.73
N LYS A 1601 36.13 -33.93 -46.13
CA LYS A 1601 36.71 -35.03 -45.37
C LYS A 1601 37.04 -34.61 -43.95
N TRP A 1602 37.56 -33.39 -43.77
CA TRP A 1602 37.87 -32.88 -42.44
C TRP A 1602 36.63 -32.83 -41.57
N LEU A 1603 35.52 -32.32 -42.13
CA LEU A 1603 34.27 -32.23 -41.38
C LEU A 1603 33.77 -33.61 -40.99
N CYS A 1604 33.77 -34.55 -41.96
CA CYS A 1604 33.28 -35.90 -41.68
C CYS A 1604 34.10 -36.56 -40.58
N LYS A 1605 35.43 -36.42 -40.63
CA LYS A 1605 36.24 -37.07 -39.62
C LYS A 1605 36.19 -36.34 -38.28
N ILE A 1606 35.89 -35.04 -38.25
CA ILE A 1606 35.65 -34.36 -36.98
C ILE A 1606 34.38 -34.90 -36.32
N MET A 1607 33.32 -35.07 -37.09
CA MET A 1607 32.11 -35.70 -36.55
C MET A 1607 32.39 -37.12 -36.09
N ALA A 1608 33.17 -37.87 -36.86
CA ALA A 1608 33.58 -39.21 -36.43
C ALA A 1608 34.32 -39.16 -35.10
N GLN A 1609 35.26 -38.23 -34.97
CA GLN A 1609 36.07 -38.14 -33.76
C GLN A 1609 35.22 -37.80 -32.54
N ILE A 1610 34.27 -36.88 -32.68
CA ILE A 1610 33.38 -36.62 -31.56
C ILE A 1610 32.54 -37.85 -31.25
N LEU A 1611 32.15 -38.61 -32.28
CA LEU A 1611 31.38 -39.83 -32.02
C LEU A 1611 32.22 -40.96 -31.44
N THR A 1612 33.56 -40.84 -31.36
CA THR A 1612 34.35 -41.96 -30.89
C THR A 1612 35.31 -41.59 -29.75
N VAL A 1613 34.94 -40.63 -28.91
CA VAL A 1613 35.79 -40.25 -27.77
C VAL A 1613 35.63 -41.26 -26.65
N LYS A 1614 36.75 -41.86 -26.22
CA LYS A 1614 36.75 -42.86 -25.15
C LYS A 1614 37.85 -42.53 -24.14
N VAL A 1615 37.57 -42.75 -22.85
CA VAL A 1615 38.53 -42.47 -21.79
C VAL A 1615 38.70 -43.69 -20.90
N GLU A 1616 39.95 -44.01 -20.57
CA GLU A 1616 40.29 -45.16 -19.74
C GLU A 1616 39.87 -44.95 -18.29
N GLY A 1617 39.76 -46.06 -17.54
CA GLY A 1617 39.50 -46.01 -16.11
C GLY A 1617 38.06 -46.04 -15.67
N CYS A 1618 37.11 -46.01 -16.58
CA CYS A 1618 35.67 -45.98 -16.34
C CYS A 1618 35.24 -44.85 -15.41
N PRO A 1619 35.25 -43.59 -15.88
CA PRO A 1619 35.00 -42.40 -15.04
C PRO A 1619 33.56 -42.36 -14.55
N LYS A 1620 33.13 -41.28 -13.86
CA LYS A 1620 31.78 -41.28 -13.30
C LYS A 1620 30.75 -40.99 -14.35
N HIS A 1621 31.09 -41.10 -15.63
CA HIS A 1621 30.01 -40.84 -16.53
C HIS A 1621 29.48 -42.13 -17.11
N PRO A 1622 28.16 -42.32 -17.09
CA PRO A 1622 27.57 -43.46 -17.79
C PRO A 1622 27.86 -43.27 -19.28
N LYS A 1623 27.92 -44.39 -20.00
CA LYS A 1623 28.20 -44.34 -21.44
C LYS A 1623 27.22 -43.43 -22.18
N GLY A 1624 27.79 -42.53 -22.99
CA GLY A 1624 27.08 -41.50 -23.70
C GLY A 1624 27.16 -40.10 -23.11
N ILE A 1625 27.87 -39.91 -22.01
CA ILE A 1625 28.09 -38.59 -21.41
C ILE A 1625 29.57 -38.25 -21.51
N ILE A 1626 29.86 -37.06 -22.06
CA ILE A 1626 31.23 -36.60 -22.23
C ILE A 1626 31.31 -35.23 -21.57
N SER A 1627 32.50 -34.87 -21.10
CA SER A 1627 32.78 -33.56 -20.55
C SER A 1627 33.69 -32.80 -21.50
N ARG A 1628 33.52 -31.47 -21.50
CA ARG A 1628 34.27 -30.64 -22.44
C ARG A 1628 35.78 -30.76 -22.22
N ARG A 1629 36.20 -30.90 -20.96
CA ARG A 1629 37.61 -31.13 -20.68
C ARG A 1629 38.09 -32.43 -21.31
N ASP A 1630 37.28 -33.49 -21.22
CA ASP A 1630 37.66 -34.78 -21.80
C ASP A 1630 37.81 -34.71 -23.31
N VAL A 1631 36.88 -34.03 -23.99
CA VAL A 1631 36.97 -33.98 -25.45
C VAL A 1631 38.13 -33.10 -25.87
N GLU A 1632 38.37 -31.99 -25.17
CA GLU A 1632 39.52 -31.14 -25.50
C GLU A 1632 40.83 -31.91 -25.30
N LYS A 1633 40.94 -32.68 -24.22
CA LYS A 1633 42.17 -33.42 -23.96
C LYS A 1633 42.32 -34.65 -24.86
N PHE A 1634 41.21 -35.20 -25.36
CA PHE A 1634 41.28 -36.42 -26.15
C PHE A 1634 41.95 -36.17 -27.50
N LEU A 1635 41.52 -35.12 -28.20
CA LEU A 1635 42.17 -34.72 -29.44
C LEU A 1635 43.59 -34.26 -29.15
N SER A 1636 44.57 -34.97 -29.72
CA SER A 1636 45.98 -34.73 -29.40
C SER A 1636 46.40 -33.29 -29.65
N LYS A 1637 45.79 -32.64 -30.65
CA LYS A 1637 46.05 -31.23 -30.94
C LYS A 1637 45.06 -30.38 -30.14
N LYS A 1638 45.57 -29.63 -29.16
CA LYS A 1638 44.74 -28.81 -28.28
C LYS A 1638 44.63 -27.41 -28.86
N ARG A 1639 43.69 -27.26 -29.78
CA ARG A 1639 43.38 -25.96 -30.38
C ARG A 1639 42.63 -25.10 -29.37
N LYS A 1640 42.62 -23.78 -29.61
CA LYS A 1640 42.00 -22.86 -28.68
C LYS A 1640 40.62 -22.40 -29.15
N PHE A 1641 40.55 -21.71 -30.29
CA PHE A 1641 39.28 -21.27 -30.87
C PHE A 1641 38.59 -22.37 -31.66
N PRO A 1642 39.29 -23.18 -32.49
CA PRO A 1642 38.60 -24.29 -33.17
C PRO A 1642 37.86 -25.23 -32.23
N LYS A 1643 38.32 -25.40 -30.99
CA LYS A 1643 37.55 -26.17 -30.02
C LYS A 1643 36.22 -25.49 -29.73
N ASN A 1644 36.22 -24.17 -29.60
CA ASN A 1644 34.96 -23.44 -29.40
C ASN A 1644 34.03 -23.60 -30.58
N TYR A 1645 34.55 -23.48 -31.81
CA TYR A 1645 33.70 -23.66 -32.98
C TYR A 1645 33.19 -25.09 -33.08
N MET A 1646 34.05 -26.08 -32.78
CA MET A 1646 33.65 -27.48 -32.83
C MET A 1646 32.54 -27.77 -31.83
N THR A 1647 32.66 -27.24 -30.60
CA THR A 1647 31.57 -27.37 -29.64
C THR A 1647 30.36 -26.51 -30.03
N GLN A 1648 30.54 -25.55 -30.94
CA GLN A 1648 29.43 -24.73 -31.41
C GLN A 1648 28.83 -25.19 -32.74
N TYR A 1649 29.52 -26.07 -33.48
CA TYR A 1649 29.02 -26.58 -34.75
C TYR A 1649 28.16 -27.82 -34.60
N PHE A 1650 27.85 -28.22 -33.37
CA PHE A 1650 26.96 -29.35 -33.12
C PHE A 1650 25.49 -28.93 -33.11
N LYS A 1651 25.11 -28.24 -34.17
CA LYS A 1651 23.72 -27.96 -34.51
C LYS A 1651 23.13 -29.05 -35.40
N LEU A 1652 23.90 -30.07 -35.74
CA LEU A 1652 23.45 -31.13 -36.62
C LEU A 1652 22.62 -32.16 -35.85
N ILE A 1658 24.43 -33.40 -32.49
CA ILE A 1658 25.40 -34.45 -32.26
C ILE A 1658 25.73 -34.56 -30.78
N ALA A 1659 25.96 -33.42 -30.14
CA ALA A 1659 26.32 -33.38 -28.72
C ALA A 1659 25.57 -32.21 -28.08
N LEU A 1660 24.44 -32.52 -27.45
CA LEU A 1660 23.64 -31.48 -26.83
C LEU A 1660 24.29 -31.00 -25.53
N PRO A 1661 24.22 -29.71 -25.22
CA PRO A 1661 24.80 -29.21 -23.98
C PRO A 1661 23.96 -29.60 -22.77
N ILE A 1662 24.64 -29.98 -21.70
CA ILE A 1662 23.99 -30.29 -20.43
C ILE A 1662 24.75 -29.53 -19.34
N GLY A 1663 24.07 -28.59 -18.68
CA GLY A 1663 24.65 -27.86 -17.56
C GLY A 1663 25.87 -27.04 -17.89
N GLU A 1664 26.08 -26.72 -19.17
CA GLU A 1664 27.16 -25.88 -19.68
C GLU A 1664 28.55 -26.46 -19.45
N GLU A 1665 28.63 -27.68 -18.93
CA GLU A 1665 29.90 -28.34 -18.67
C GLU A 1665 29.99 -29.76 -19.22
N TYR A 1666 28.87 -30.40 -19.52
CA TYR A 1666 28.86 -31.77 -20.01
C TYR A 1666 27.99 -31.86 -21.25
N LEU A 1667 28.25 -32.87 -22.07
CA LEU A 1667 27.54 -33.04 -23.34
C LEU A 1667 26.92 -34.43 -23.42
N LEU A 1668 25.65 -34.48 -23.80
CA LEU A 1668 24.97 -35.73 -24.12
C LEU A 1668 25.17 -36.08 -25.58
N VAL A 1669 25.46 -37.36 -25.84
CA VAL A 1669 25.62 -37.87 -27.20
C VAL A 1669 24.61 -38.98 -27.42
N PRO A 1670 23.39 -38.69 -27.89
CA PRO A 1670 22.35 -39.72 -27.96
C PRO A 1670 22.64 -40.84 -28.95
N SER A 1671 23.62 -40.69 -29.83
CA SER A 1671 24.00 -41.73 -30.76
C SER A 1671 25.10 -42.64 -30.22
N SER A 1672 25.63 -42.35 -29.03
CA SER A 1672 26.67 -43.17 -28.42
C SER A 1672 26.26 -43.71 -27.05
N LEU A 1673 25.00 -43.55 -26.67
CA LEU A 1673 24.52 -44.08 -25.40
C LEU A 1673 24.55 -45.60 -25.41
N SER A 1674 24.47 -46.18 -24.21
CA SER A 1674 24.50 -47.64 -24.08
C SER A 1674 23.29 -48.26 -24.76
N ASP A 1675 23.53 -49.36 -25.48
CA ASP A 1675 22.47 -50.04 -26.22
C ASP A 1675 21.94 -51.26 -25.47
N HIS A 1676 22.22 -51.35 -24.18
CA HIS A 1676 21.73 -52.43 -23.34
C HIS A 1676 20.48 -51.95 -22.62
N ARG A 1677 19.36 -52.59 -22.88
CA ARG A 1677 18.10 -52.21 -22.27
C ARG A 1677 18.18 -52.47 -20.77
N PRO A 1678 17.96 -51.47 -19.91
CA PRO A 1678 18.04 -51.71 -18.47
C PRO A 1678 16.89 -52.57 -17.98
N VAL A 1679 17.10 -53.15 -16.80
CA VAL A 1679 16.08 -53.98 -16.16
C VAL A 1679 15.19 -53.01 -15.38
N ILE A 1680 14.20 -52.45 -16.07
CA ILE A 1680 13.29 -51.48 -15.48
C ILE A 1680 12.03 -52.20 -15.06
N GLU A 1681 11.64 -52.02 -13.80
CA GLU A 1681 10.36 -52.49 -13.30
C GLU A 1681 9.41 -51.31 -13.15
N LEU A 1682 8.13 -51.56 -13.30
CA LEU A 1682 7.15 -50.50 -13.31
C LEU A 1682 6.25 -50.60 -12.09
N PRO A 1683 5.68 -49.46 -11.63
CA PRO A 1683 4.77 -49.54 -10.47
C PRO A 1683 3.60 -50.47 -10.69
N HIS A 1684 2.87 -50.29 -11.78
CA HIS A 1684 1.72 -51.12 -12.10
C HIS A 1684 2.11 -52.16 -13.13
N CYS A 1685 1.59 -53.38 -12.97
CA CYS A 1685 1.87 -54.46 -13.89
C CYS A 1685 0.63 -55.22 -14.32
N GLU A 1686 -0.55 -54.78 -13.88
CA GLU A 1686 -1.80 -55.43 -14.27
C GLU A 1686 -2.23 -54.95 -15.64
N ASN A 1687 -2.87 -55.85 -16.40
CA ASN A 1687 -3.29 -55.51 -17.76
C ASN A 1687 -4.35 -54.42 -17.77
N SER A 1688 -5.08 -54.23 -16.68
CA SER A 1688 -6.11 -53.20 -16.60
C SER A 1688 -5.57 -51.90 -16.02
N GLU A 1689 -4.28 -51.81 -15.71
CA GLU A 1689 -3.69 -50.62 -15.13
C GLU A 1689 -2.66 -49.95 -16.03
N ILE A 1690 -2.47 -50.45 -17.26
CA ILE A 1690 -1.49 -49.89 -18.18
C ILE A 1690 -2.12 -49.83 -19.57
N ILE A 1691 -1.81 -48.76 -20.30
CA ILE A 1691 -2.18 -48.61 -21.70
C ILE A 1691 -0.92 -48.80 -22.53
N ILE A 1692 -0.99 -49.69 -23.53
CA ILE A 1692 0.16 -50.05 -24.34
C ILE A 1692 -0.17 -49.78 -25.80
N ARG A 1693 0.69 -49.01 -26.46
CA ARG A 1693 0.51 -48.62 -27.86
C ARG A 1693 1.77 -49.00 -28.63
N LEU A 1694 1.63 -49.90 -29.59
CA LEU A 1694 2.75 -50.37 -30.39
C LEU A 1694 2.80 -49.65 -31.73
N TYR A 1695 4.01 -49.35 -32.19
CA TYR A 1695 4.26 -48.76 -33.51
C TYR A 1695 5.12 -49.75 -34.29
N GLU A 1696 4.49 -50.70 -34.96
CA GLU A 1696 5.24 -51.68 -35.73
C GLU A 1696 5.81 -51.05 -37.00
N MET A 1697 7.10 -51.25 -37.21
CA MET A 1697 7.83 -50.72 -38.35
C MET A 1697 8.67 -51.81 -38.98
N PRO A 1698 8.89 -51.76 -40.30
CA PRO A 1698 9.81 -52.72 -40.93
C PRO A 1698 11.23 -52.59 -40.43
N TYR A 1699 11.67 -51.37 -40.11
CA TYR A 1699 13.01 -51.09 -39.63
C TYR A 1699 13.04 -49.69 -39.05
N PHE A 1700 14.07 -49.41 -38.25
CA PHE A 1700 14.27 -48.08 -37.71
C PHE A 1700 15.10 -47.25 -38.68
N PRO A 1701 14.59 -46.13 -39.19
CA PRO A 1701 15.39 -45.29 -40.09
C PRO A 1701 16.63 -44.75 -39.40
N MET A 1702 17.59 -44.34 -40.22
CA MET A 1702 18.85 -43.81 -39.69
C MET A 1702 18.62 -42.51 -38.93
N GLY A 1703 19.04 -42.49 -37.66
CA GLY A 1703 18.87 -41.33 -36.83
C GLY A 1703 17.52 -41.22 -36.15
N PHE A 1704 16.65 -42.23 -36.28
CA PHE A 1704 15.31 -42.18 -35.72
C PHE A 1704 15.33 -42.07 -34.19
N TRP A 1705 16.08 -42.96 -33.54
CA TRP A 1705 16.08 -43.03 -32.08
C TRP A 1705 16.85 -41.89 -31.42
N SER A 1706 17.61 -41.10 -32.18
CA SER A 1706 18.21 -39.90 -31.60
C SER A 1706 17.35 -38.66 -31.83
N ARG A 1707 16.55 -38.67 -32.89
CA ARG A 1707 15.58 -37.60 -33.10
C ARG A 1707 14.43 -37.73 -32.11
N LEU A 1708 13.99 -38.95 -31.84
CA LEU A 1708 12.88 -39.12 -30.90
C LEU A 1708 13.28 -38.65 -29.51
N ILE A 1709 14.50 -38.98 -29.08
CA ILE A 1709 14.98 -38.53 -27.77
C ILE A 1709 15.07 -37.01 -27.72
N ASN A 1710 15.65 -36.41 -28.78
CA ASN A 1710 15.80 -34.96 -28.79
C ASN A 1710 14.44 -34.26 -28.77
N ARG A 1711 13.47 -34.80 -29.50
CA ARG A 1711 12.15 -34.20 -29.46
C ARG A 1711 11.53 -34.38 -28.08
N LEU A 1712 11.71 -35.55 -27.47
CA LEU A 1712 11.13 -35.83 -26.16
C LEU A 1712 11.88 -35.15 -25.02
N LEU A 1713 12.81 -34.24 -25.30
CA LEU A 1713 13.45 -33.48 -24.23
C LEU A 1713 12.87 -32.07 -24.09
N GLU A 1714 11.58 -31.93 -24.34
CA GLU A 1714 10.80 -30.78 -23.91
C GLU A 1714 9.99 -31.20 -22.69
N ILE A 1715 9.95 -30.36 -21.67
CA ILE A 1715 9.32 -30.74 -20.41
C ILE A 1715 8.17 -29.75 -20.15
N SER A 1716 6.99 -30.08 -20.67
CA SER A 1716 5.71 -29.49 -20.28
C SER A 1716 4.53 -30.33 -20.78
N PRO A 1717 4.36 -31.60 -20.39
CA PRO A 1717 3.09 -32.27 -20.71
C PRO A 1717 1.97 -31.95 -19.75
N TYR A 1718 2.28 -31.44 -18.56
CA TYR A 1718 1.29 -30.96 -17.59
C TYR A 1718 1.30 -29.45 -17.46
N MET A 1719 2.46 -28.82 -17.50
CA MET A 1719 2.54 -27.37 -17.46
C MET A 1719 1.99 -26.72 -18.71
N LEU A 1720 1.75 -27.50 -19.77
CA LEU A 1720 1.08 -27.06 -21.00
C LEU A 1720 1.79 -25.86 -21.62
N SER A 1721 3.06 -26.07 -21.95
CA SER A 1721 3.89 -25.08 -22.66
C SER A 1721 3.89 -23.73 -21.95
N GLY A 1722 4.00 -23.76 -20.62
CA GLY A 1722 4.08 -22.55 -19.83
C GLY A 1722 2.81 -22.11 -19.13
N ARG A 1723 1.69 -22.82 -19.29
CA ARG A 1723 0.49 -22.49 -18.51
C ARG A 1723 0.76 -22.63 -17.01
N GLU A 1724 1.40 -23.73 -16.62
CA GLU A 1724 2.03 -23.87 -15.32
C GLU A 1724 3.53 -23.75 -15.51
N ARG A 1725 4.27 -23.60 -14.40
CA ARG A 1725 5.70 -23.37 -14.53
C ARG A 1725 6.40 -24.54 -15.23
N ALA A 1726 6.47 -25.69 -14.56
CA ALA A 1726 7.08 -26.91 -15.08
C ALA A 1726 6.94 -28.01 -14.03
N LEU A 1727 7.16 -29.25 -14.48
CA LEU A 1727 7.24 -30.43 -13.60
C LEU A 1727 8.28 -31.32 -14.29
N ARG A 1728 9.53 -31.18 -13.88
CA ARG A 1728 10.61 -31.93 -14.52
C ARG A 1728 10.49 -33.36 -14.01
N PRO A 1729 10.34 -34.37 -14.84
CA PRO A 1729 10.35 -35.76 -14.36
C PRO A 1729 11.75 -36.34 -14.42
N ASN A 1730 11.90 -37.52 -13.81
CA ASN A 1730 13.14 -38.27 -13.91
C ASN A 1730 13.25 -39.02 -15.21
N ARG A 1731 14.50 -39.28 -15.64
CA ARG A 1731 14.76 -39.85 -16.93
C ARG A 1731 15.84 -40.92 -16.84
N MET A 1732 15.71 -41.93 -17.70
CA MET A 1732 16.56 -43.11 -17.74
C MET A 1732 16.97 -43.39 -19.17
N TYR A 1733 17.51 -42.36 -19.84
CA TYR A 1733 17.93 -42.39 -21.25
C TYR A 1733 18.66 -43.67 -21.58
N TRP A 1734 18.40 -44.20 -22.77
CA TRP A 1734 19.28 -45.18 -23.40
C TRP A 1734 19.00 -45.13 -24.89
N ARG A 1735 19.91 -45.75 -25.67
CA ARG A 1735 19.95 -45.50 -27.12
C ARG A 1735 18.64 -45.87 -27.79
N GLN A 1736 17.87 -46.80 -27.21
CA GLN A 1736 16.65 -47.30 -27.81
C GLN A 1736 15.41 -47.03 -26.97
N GLY A 1737 15.45 -46.07 -26.06
CA GLY A 1737 14.27 -45.80 -25.24
C GLY A 1737 14.47 -44.63 -24.30
N ILE A 1738 13.39 -44.32 -23.59
CA ILE A 1738 13.36 -43.23 -22.61
C ILE A 1738 12.26 -43.53 -21.59
N TYR A 1739 12.50 -43.15 -20.34
CA TYR A 1739 11.52 -43.32 -19.27
C TYR A 1739 11.35 -41.99 -18.54
N LEU A 1740 10.12 -41.51 -18.46
CA LEU A 1740 9.81 -40.27 -17.76
C LEU A 1740 8.90 -40.57 -16.57
N ASN A 1741 9.17 -39.95 -15.42
CA ASN A 1741 8.50 -40.32 -14.17
C ASN A 1741 8.15 -39.07 -13.35
N TRP A 1742 6.88 -38.68 -13.37
CA TRP A 1742 6.38 -37.61 -12.52
C TRP A 1742 5.92 -38.10 -11.15
N SER A 1743 5.44 -39.33 -11.04
CA SER A 1743 4.92 -39.92 -9.80
C SER A 1743 4.67 -41.40 -10.03
N PRO A 1744 4.45 -42.22 -8.99
CA PRO A 1744 4.08 -43.62 -9.25
C PRO A 1744 2.72 -43.80 -9.90
N GLU A 1745 2.01 -42.71 -10.17
CA GLU A 1745 0.72 -42.70 -10.83
C GLU A 1745 0.79 -42.06 -12.21
N ALA A 1746 1.87 -41.32 -12.50
CA ALA A 1746 2.02 -40.62 -13.77
C ALA A 1746 3.43 -40.83 -14.28
N TYR A 1747 3.58 -41.59 -15.36
CA TYR A 1747 4.89 -41.91 -15.91
C TYR A 1747 4.74 -42.30 -17.37
N CYS A 1748 5.87 -42.38 -18.07
CA CYS A 1748 5.87 -42.76 -19.48
C CYS A 1748 7.14 -43.53 -19.79
N LEU A 1749 7.00 -44.63 -20.53
CA LEU A 1749 8.14 -45.42 -20.97
C LEU A 1749 8.04 -45.62 -22.48
N VAL A 1750 8.83 -44.87 -23.24
CA VAL A 1750 8.83 -44.95 -24.69
C VAL A 1750 10.11 -45.68 -25.08
N GLY A 1751 10.02 -46.95 -25.43
CA GLY A 1751 11.20 -47.74 -25.70
C GLY A 1751 10.95 -48.79 -26.77
N SER A 1752 12.02 -49.16 -27.46
CA SER A 1752 11.94 -50.19 -28.49
C SER A 1752 11.65 -51.56 -27.87
N GLU A 1753 10.99 -52.41 -28.66
CA GLU A 1753 10.66 -53.75 -28.21
C GLU A 1753 10.76 -54.71 -29.38
N VAL A 1754 11.13 -55.95 -29.09
CA VAL A 1754 11.21 -57.01 -30.08
C VAL A 1754 10.26 -58.14 -29.67
N LEU A 1755 9.45 -58.60 -30.61
CA LEU A 1755 8.47 -59.63 -30.35
C LEU A 1755 8.92 -60.98 -30.91
N ASP A 1756 8.32 -62.04 -30.38
CA ASP A 1756 8.72 -63.40 -30.75
C ASP A 1756 8.33 -63.70 -32.18
N ASN A 1757 9.29 -64.24 -32.95
CA ASN A 1757 9.08 -64.67 -34.34
C ASN A 1757 8.55 -63.53 -35.21
N HIS A 1758 9.10 -62.33 -35.01
CA HIS A 1758 8.72 -61.16 -35.80
C HIS A 1758 9.99 -60.45 -36.25
N PRO A 1759 10.25 -60.36 -37.56
CA PRO A 1759 11.44 -59.65 -38.05
C PRO A 1759 11.30 -58.13 -38.06
N GLU A 1760 10.23 -57.59 -37.48
CA GLU A 1760 9.99 -56.16 -37.47
C GLU A 1760 10.54 -55.54 -36.19
N SER A 1761 10.34 -54.23 -36.04
CA SER A 1761 10.75 -53.51 -34.86
C SER A 1761 9.60 -52.64 -34.37
N PHE A 1762 9.49 -52.50 -33.06
CA PHE A 1762 8.34 -51.88 -32.43
C PHE A 1762 8.79 -50.75 -31.52
N LEU A 1763 7.83 -49.94 -31.10
CA LEU A 1763 8.07 -48.76 -30.27
C LEU A 1763 7.05 -48.73 -29.13
N LYS A 1764 6.97 -49.83 -28.40
CA LYS A 1764 6.02 -49.99 -27.29
C LYS A 1764 6.05 -48.81 -26.34
N ILE A 1765 4.91 -48.12 -26.23
CA ILE A 1765 4.72 -47.03 -25.29
C ILE A 1765 3.80 -47.52 -24.18
N THR A 1766 4.23 -47.38 -22.94
CA THR A 1766 3.47 -47.84 -21.79
C THR A 1766 3.18 -46.66 -20.88
N VAL A 1767 1.91 -46.45 -20.56
CA VAL A 1767 1.50 -45.39 -19.64
C VAL A 1767 0.52 -45.98 -18.63
N PRO A 1768 0.40 -45.40 -17.45
CA PRO A 1768 -0.61 -45.84 -16.49
C PRO A 1768 -2.02 -45.54 -16.98
N SER A 1769 -2.96 -46.39 -16.56
CA SER A 1769 -4.36 -46.25 -16.97
C SER A 1769 -5.07 -45.29 -16.02
N CYS A 1770 -4.67 -44.02 -16.10
CA CYS A 1770 -5.24 -42.96 -15.27
C CYS A 1770 -5.44 -41.75 -16.18
N ARG A 1771 -5.85 -40.63 -15.58
CA ARG A 1771 -6.03 -39.40 -16.34
C ARG A 1771 -4.69 -38.83 -16.81
N LYS A 1772 -3.72 -38.76 -15.90
CA LYS A 1772 -2.38 -38.29 -16.27
C LYS A 1772 -1.73 -39.23 -17.27
N GLY A 1773 -2.00 -40.54 -17.16
CA GLY A 1773 -1.51 -41.47 -18.16
C GLY A 1773 -2.07 -41.19 -19.53
N CYS A 1774 -3.36 -40.86 -19.61
CA CYS A 1774 -3.96 -40.49 -20.88
C CYS A 1774 -3.35 -39.21 -21.44
N ILE A 1775 -3.09 -38.23 -20.57
CA ILE A 1775 -2.46 -36.98 -21.01
C ILE A 1775 -1.08 -37.26 -21.59
N LEU A 1776 -0.29 -38.07 -20.88
CA LEU A 1776 1.05 -38.40 -21.36
C LEU A 1776 0.99 -39.17 -22.68
N LEU A 1777 0.05 -40.11 -22.79
CA LEU A 1777 -0.09 -40.86 -24.04
C LEU A 1777 -0.45 -39.95 -25.20
N GLY A 1778 -1.39 -39.02 -24.99
CA GLY A 1778 -1.75 -38.09 -26.04
C GLY A 1778 -0.59 -37.23 -26.48
N GLN A 1779 0.16 -36.67 -25.51
CA GLN A 1779 1.29 -35.81 -25.84
C GLN A 1779 2.36 -36.58 -26.60
N VAL A 1780 2.71 -37.78 -26.12
CA VAL A 1780 3.75 -38.57 -26.76
C VAL A 1780 3.33 -38.98 -28.17
N VAL A 1781 2.08 -39.40 -28.33
CA VAL A 1781 1.60 -39.81 -29.66
C VAL A 1781 1.62 -38.63 -30.62
N ASP A 1782 1.20 -37.45 -30.15
CA ASP A 1782 1.22 -36.28 -31.02
C ASP A 1782 2.65 -35.92 -31.44
N HIS A 1783 3.59 -35.96 -30.50
CA HIS A 1783 4.97 -35.62 -30.84
C HIS A 1783 5.58 -36.64 -31.79
N ILE A 1784 5.30 -37.93 -31.58
CA ILE A 1784 5.85 -38.96 -32.47
C ILE A 1784 5.23 -38.85 -33.85
N ASP A 1785 3.92 -38.55 -33.94
CA ASP A 1785 3.30 -38.35 -35.24
C ASP A 1785 3.90 -37.16 -35.96
N SER A 1786 4.19 -36.08 -35.23
CA SER A 1786 4.85 -34.93 -35.85
C SER A 1786 6.23 -35.32 -36.38
N LEU A 1787 6.99 -36.10 -35.59
CA LEU A 1787 8.31 -36.51 -36.03
C LEU A 1787 8.26 -37.37 -37.28
N MET A 1788 7.31 -38.32 -37.33
CA MET A 1788 7.22 -39.17 -38.52
C MET A 1788 6.65 -38.42 -39.71
N GLU A 1789 5.89 -37.35 -39.49
CA GLU A 1789 5.39 -36.57 -40.61
C GLU A 1789 6.48 -35.69 -41.20
N GLU A 1790 7.37 -35.14 -40.35
CA GLU A 1790 8.36 -34.21 -40.86
C GLU A 1790 9.62 -34.91 -41.37
N TRP A 1791 10.17 -35.85 -40.60
CA TRP A 1791 11.50 -36.35 -40.88
C TRP A 1791 11.52 -37.68 -41.61
N PHE A 1792 10.50 -38.53 -41.43
CA PHE A 1792 10.43 -39.84 -42.07
C PHE A 1792 9.07 -40.03 -42.73
N PRO A 1793 8.76 -39.26 -43.79
CA PRO A 1793 7.46 -39.43 -44.46
C PRO A 1793 7.28 -40.78 -45.14
N GLY A 1794 8.38 -41.46 -45.49
CA GLY A 1794 8.26 -42.72 -46.20
C GLY A 1794 7.54 -43.79 -45.43
N LEU A 1795 7.66 -43.78 -44.10
CA LEU A 1795 6.93 -44.73 -43.27
C LEU A 1795 5.43 -44.46 -43.28
N LEU A 1796 5.04 -43.19 -43.42
CA LEU A 1796 3.64 -42.80 -43.44
C LEU A 1796 3.08 -42.74 -44.87
N GLU A 1797 3.89 -43.07 -45.87
CA GLU A 1797 3.46 -42.98 -47.25
C GLU A 1797 2.38 -44.01 -47.55
N ILE A 1798 1.25 -43.55 -48.08
CA ILE A 1798 0.13 -44.41 -48.41
C ILE A 1798 0.37 -44.97 -49.81
N ASP A 1799 0.82 -46.22 -49.86
CA ASP A 1799 1.13 -46.87 -51.13
C ASP A 1799 -0.16 -47.31 -51.81
N ILE A 1800 -0.39 -46.82 -53.03
CA ILE A 1800 -1.56 -47.23 -53.80
C ILE A 1800 -1.45 -48.69 -54.19
N CYS A 1801 -0.23 -49.14 -54.52
CA CYS A 1801 -0.02 -50.56 -54.79
C CYS A 1801 -0.19 -51.41 -53.54
N GLY A 1802 -0.04 -50.83 -52.35
CA GLY A 1802 -0.32 -51.54 -51.12
C GLY A 1802 -1.77 -51.60 -50.72
N GLU A 1803 -2.64 -50.86 -51.44
CA GLU A 1803 -4.08 -50.84 -51.22
C GLU A 1803 -4.42 -50.44 -49.77
N GLY A 1804 -4.06 -49.20 -49.44
CA GLY A 1804 -4.31 -48.69 -48.11
C GLY A 1804 -3.40 -49.25 -47.04
N GLU A 1805 -2.19 -49.66 -47.39
CA GLU A 1805 -1.24 -50.23 -46.46
C GLU A 1805 0.03 -49.39 -46.45
N THR A 1806 0.51 -49.09 -45.24
CA THR A 1806 1.70 -48.27 -45.03
C THR A 1806 2.71 -49.06 -44.20
N LEU A 1807 3.98 -48.67 -44.31
CA LEU A 1807 5.03 -49.35 -43.58
C LEU A 1807 4.79 -49.27 -42.07
N LEU A 1808 4.28 -48.15 -41.58
CA LEU A 1808 3.93 -48.03 -40.18
C LEU A 1808 2.55 -48.63 -39.93
N LYS A 1809 2.44 -49.41 -38.85
CA LYS A 1809 1.15 -49.92 -38.41
C LYS A 1809 1.08 -49.74 -36.90
N LYS A 1810 0.06 -49.02 -36.44
CA LYS A 1810 -0.10 -48.69 -35.04
C LYS A 1810 -1.12 -49.63 -34.42
N TRP A 1811 -0.74 -50.32 -33.36
CA TRP A 1811 -1.61 -51.25 -32.66
C TRP A 1811 -1.89 -50.77 -31.25
N ALA A 1812 -3.11 -51.02 -30.78
CA ALA A 1812 -3.47 -50.87 -29.39
C ALA A 1812 -3.65 -52.25 -28.76
N LEU A 1813 -3.10 -52.42 -27.56
CA LEU A 1813 -3.19 -53.69 -26.85
C LEU A 1813 -4.24 -53.61 -25.76
N TYR A 1814 -5.13 -54.60 -25.71
CA TYR A 1814 -6.21 -54.66 -24.74
C TYR A 1814 -6.31 -56.05 -24.14
N SER A 1815 -7.10 -56.15 -23.08
CA SER A 1815 -7.37 -57.42 -22.42
C SER A 1815 -8.74 -57.33 -21.75
N PHE A 1816 -9.66 -58.20 -22.15
CA PHE A 1816 -11.00 -58.19 -21.57
C PHE A 1816 -10.96 -58.54 -20.09
N ASN A 1817 -10.15 -59.52 -19.72
CA ASN A 1817 -10.00 -59.95 -18.34
C ASN A 1817 -8.52 -59.88 -17.97
N ASP A 1818 -8.24 -59.28 -16.82
CA ASP A 1818 -6.86 -59.13 -16.37
C ASP A 1818 -6.21 -60.49 -16.13
N GLY A 1819 -4.96 -60.62 -16.58
CA GLY A 1819 -4.21 -61.85 -16.49
C GLY A 1819 -4.04 -62.56 -17.81
N GLU A 1820 -4.91 -62.30 -18.78
CA GLU A 1820 -4.82 -62.92 -20.10
C GLU A 1820 -3.82 -62.17 -20.97
N GLU A 1821 -3.45 -62.81 -22.07
CA GLU A 1821 -2.50 -62.23 -23.02
C GLU A 1821 -3.14 -61.07 -23.78
N HIS A 1822 -2.35 -60.03 -24.04
CA HIS A 1822 -2.83 -58.86 -24.75
C HIS A 1822 -3.18 -59.22 -26.19
N GLN A 1823 -4.27 -58.64 -26.69
CA GLN A 1823 -4.68 -58.78 -28.07
C GLN A 1823 -4.50 -57.45 -28.80
N LYS A 1824 -4.08 -57.51 -30.05
CA LYS A 1824 -3.73 -56.33 -30.82
C LYS A 1824 -4.85 -55.99 -31.80
N ILE A 1825 -5.21 -54.71 -31.85
CA ILE A 1825 -6.12 -54.18 -32.85
C ILE A 1825 -5.48 -52.93 -33.46
N LEU A 1826 -5.36 -52.90 -34.78
CA LEU A 1826 -4.76 -51.75 -35.43
C LEU A 1826 -5.72 -50.58 -35.42
N LEU A 1827 -5.17 -49.37 -35.26
CA LEU A 1827 -5.98 -48.18 -34.97
C LEU A 1827 -6.96 -47.84 -36.08
N ASP A 1828 -6.67 -48.23 -37.33
CA ASP A 1828 -7.56 -47.91 -38.45
C ASP A 1828 -8.91 -48.59 -38.35
N ASP A 1829 -9.06 -49.58 -37.48
CA ASP A 1829 -10.34 -50.20 -37.16
C ASP A 1829 -10.98 -49.59 -35.92
N LEU A 1830 -10.16 -49.25 -34.93
CA LEU A 1830 -10.68 -48.60 -33.73
C LEU A 1830 -11.25 -47.22 -34.03
N MET A 1831 -10.74 -46.54 -35.07
CA MET A 1831 -11.34 -45.27 -35.46
C MET A 1831 -12.79 -45.45 -35.89
N LYS A 1832 -13.07 -46.46 -36.72
CA LYS A 1832 -14.44 -46.72 -37.13
C LYS A 1832 -15.28 -47.22 -35.95
N LYS A 1833 -14.71 -48.08 -35.11
CA LYS A 1833 -15.45 -48.60 -33.96
C LYS A 1833 -15.77 -47.52 -32.93
N ALA A 1834 -14.98 -46.44 -32.89
CA ALA A 1834 -15.31 -45.28 -32.08
C ALA A 1834 -16.23 -44.31 -32.81
N GLU A 1835 -16.22 -44.32 -34.15
CA GLU A 1835 -17.23 -43.58 -34.89
C GLU A 1835 -18.62 -44.14 -34.64
N GLU A 1836 -18.74 -45.47 -34.57
CA GLU A 1836 -20.05 -46.08 -34.28
C GLU A 1836 -20.45 -45.86 -32.82
N GLY A 1837 -19.66 -46.37 -31.89
CA GLY A 1837 -20.00 -46.31 -30.48
C GLY A 1837 -18.84 -45.82 -29.64
N ASP A 1838 -18.79 -46.34 -28.41
CA ASP A 1838 -17.75 -45.93 -27.47
C ASP A 1838 -17.19 -47.17 -26.77
N LEU A 1839 -17.71 -48.35 -27.05
CA LEU A 1839 -17.31 -49.57 -26.37
C LEU A 1839 -16.82 -50.61 -27.36
N LEU A 1840 -15.90 -51.45 -26.92
CA LEU A 1840 -15.40 -52.58 -27.69
C LEU A 1840 -15.94 -53.87 -27.08
N VAL A 1841 -16.55 -54.71 -27.91
CA VAL A 1841 -17.29 -55.89 -27.44
C VAL A 1841 -16.56 -57.15 -27.87
N ASN A 1842 -16.52 -58.13 -26.97
CA ASN A 1842 -15.92 -59.42 -27.27
C ASN A 1842 -16.85 -60.20 -28.19
N PRO A 1843 -16.43 -60.57 -29.40
CA PRO A 1843 -17.32 -61.33 -30.30
C PRO A 1843 -17.77 -62.67 -29.74
N ASP A 1844 -16.93 -63.38 -28.99
CA ASP A 1844 -17.33 -64.66 -28.42
C ASP A 1844 -18.39 -64.49 -27.35
N GLN A 1845 -18.14 -63.58 -26.40
CA GLN A 1845 -19.08 -63.29 -25.31
C GLN A 1845 -19.45 -61.83 -25.34
N PRO A 1846 -20.61 -61.45 -25.87
CA PRO A 1846 -21.01 -60.03 -25.95
C PRO A 1846 -21.46 -59.44 -24.60
N ARG A 1847 -20.66 -59.70 -23.56
CA ARG A 1847 -20.89 -59.10 -22.25
C ARG A 1847 -19.62 -58.43 -21.76
N LEU A 1848 -18.46 -58.98 -22.11
CA LEU A 1848 -17.18 -58.38 -21.77
C LEU A 1848 -16.94 -57.19 -22.70
N THR A 1849 -17.31 -56.01 -22.23
CA THR A 1849 -17.20 -54.78 -23.00
C THR A 1849 -16.20 -53.84 -22.32
N ILE A 1850 -15.26 -53.31 -23.11
CA ILE A 1850 -14.25 -52.39 -22.61
C ILE A 1850 -14.42 -51.07 -23.33
N PRO A 1851 -14.44 -49.94 -22.61
CA PRO A 1851 -14.55 -48.63 -23.27
C PRO A 1851 -13.31 -48.32 -24.10
N ILE A 1852 -13.49 -47.46 -25.10
CA ILE A 1852 -12.38 -46.98 -25.92
C ILE A 1852 -11.74 -45.79 -25.21
N SER A 1853 -12.14 -45.54 -23.98
CA SER A 1853 -11.51 -44.53 -23.13
C SER A 1853 -10.38 -45.10 -22.30
N GLN A 1854 -10.09 -46.39 -22.42
CA GLN A 1854 -8.97 -47.01 -21.73
C GLN A 1854 -8.03 -47.80 -22.64
N ILE A 1855 -8.45 -48.13 -23.86
CA ILE A 1855 -7.54 -48.78 -24.81
C ILE A 1855 -6.77 -47.75 -25.63
N ALA A 1856 -7.40 -46.63 -25.96
CA ALA A 1856 -6.79 -45.58 -26.75
C ALA A 1856 -7.56 -44.28 -26.54
N PRO A 1857 -7.29 -43.57 -25.44
CA PRO A 1857 -8.05 -42.35 -25.14
C PRO A 1857 -7.91 -41.25 -26.16
N ASP A 1858 -6.81 -41.23 -26.92
CA ASP A 1858 -6.58 -40.16 -27.89
C ASP A 1858 -7.57 -40.22 -29.05
N LEU A 1859 -8.11 -41.40 -29.36
CA LEU A 1859 -9.07 -41.50 -30.46
C LEU A 1859 -10.35 -40.73 -30.16
N ILE A 1860 -10.85 -40.81 -28.94
CA ILE A 1860 -12.10 -40.17 -28.57
C ILE A 1860 -11.87 -38.88 -27.78
N LEU A 1861 -10.65 -38.32 -27.88
CA LEU A 1861 -10.28 -37.06 -27.22
C LEU A 1861 -10.49 -37.12 -25.71
N ALA A 1862 -10.14 -38.26 -25.12
CA ALA A 1862 -10.20 -38.43 -23.67
C ALA A 1862 -8.93 -37.98 -22.98
N ASP A 1863 -7.95 -37.48 -23.72
CA ASP A 1863 -6.70 -36.99 -23.15
C ASP A 1863 -6.67 -35.47 -23.05
N LEU A 1864 -7.83 -34.82 -23.12
CA LEU A 1864 -7.97 -33.39 -23.18
C LEU A 1864 -8.84 -32.92 -22.02
N PRO A 1865 -8.74 -31.64 -21.63
CA PRO A 1865 -9.60 -31.11 -20.57
C PRO A 1865 -11.08 -31.36 -20.88
N ARG A 1866 -11.82 -31.77 -19.86
CA ARG A 1866 -13.21 -32.17 -20.01
C ARG A 1866 -14.16 -30.99 -20.22
N ASN A 1867 -13.66 -29.77 -20.32
CA ASN A 1867 -14.51 -28.60 -20.55
C ASN A 1867 -14.67 -28.28 -22.03
N ILE A 1868 -14.13 -29.10 -22.94
CA ILE A 1868 -14.17 -28.82 -24.36
C ILE A 1868 -14.96 -29.87 -25.13
N MET A 1869 -15.74 -30.70 -24.45
CA MET A 1869 -16.50 -31.74 -25.11
C MET A 1869 -17.86 -31.19 -25.51
N LEU A 1870 -18.28 -31.48 -26.75
CA LEU A 1870 -19.55 -30.98 -27.24
C LEU A 1870 -20.73 -31.60 -26.50
N ASN A 1871 -21.79 -30.81 -26.39
CA ASN A 1871 -23.11 -31.28 -25.97
C ASN A 1871 -24.02 -31.06 -27.17
N ASN A 1872 -24.30 -32.13 -27.91
CA ASN A 1872 -25.08 -32.03 -29.15
C ASN A 1872 -26.50 -31.52 -28.92
N ASP A 1873 -27.01 -31.63 -27.69
CA ASP A 1873 -28.33 -31.07 -27.41
C ASP A 1873 -28.33 -29.55 -27.37
N GLU A 1874 -27.17 -28.94 -27.13
CA GLU A 1874 -27.04 -27.48 -27.02
C GLU A 1874 -26.37 -26.87 -28.24
N LEU A 1875 -26.33 -27.60 -29.36
CA LEU A 1875 -25.68 -27.13 -30.58
C LEU A 1875 -26.74 -26.97 -31.67
N GLU A 1876 -27.11 -25.73 -31.94
CA GLU A 1876 -27.98 -25.39 -33.08
C GLU A 1876 -27.07 -25.07 -34.27
N PHE A 1877 -26.86 -26.06 -35.13
CA PHE A 1877 -25.95 -25.93 -36.26
C PHE A 1877 -26.69 -26.27 -37.54
N GLU A 1878 -26.55 -25.40 -38.54
CA GLU A 1878 -27.20 -25.57 -39.85
C GLU A 1878 -26.16 -25.39 -40.94
N GLN A 1879 -25.80 -26.49 -41.60
CA GLN A 1879 -24.81 -26.45 -42.68
C GLN A 1879 -25.49 -26.02 -43.96
N ALA A 1880 -25.17 -24.81 -44.43
CA ALA A 1880 -25.77 -24.26 -45.64
C ALA A 1880 -24.84 -23.17 -46.17
N PRO A 1881 -24.83 -22.95 -47.48
CA PRO A 1881 -23.99 -21.86 -48.03
C PRO A 1881 -24.35 -20.48 -47.52
N GLU A 1882 -25.59 -20.27 -47.08
CA GLU A 1882 -25.99 -18.97 -46.54
C GLU A 1882 -25.29 -18.67 -45.23
N PHE A 1883 -24.96 -19.68 -44.46
CA PHE A 1883 -24.31 -19.52 -43.16
C PHE A 1883 -22.80 -19.67 -43.23
N LEU A 1884 -22.24 -19.83 -44.43
CA LEU A 1884 -20.79 -19.95 -44.56
C LEU A 1884 -20.10 -18.66 -44.16
N LEU A 1885 -19.04 -18.79 -43.36
CA LEU A 1885 -18.22 -17.66 -42.96
C LEU A 1885 -16.94 -17.55 -43.78
N GLY A 1886 -16.30 -18.67 -44.06
CA GLY A 1886 -15.09 -18.69 -44.87
C GLY A 1886 -14.63 -20.11 -45.04
N ASP A 1887 -13.59 -20.28 -45.85
CA ASP A 1887 -12.98 -21.59 -46.07
C ASP A 1887 -11.77 -21.73 -45.14
N GLY A 1888 -11.19 -22.92 -45.15
CA GLY A 1888 -10.04 -23.18 -44.30
C GLY A 1888 -9.01 -24.08 -44.95
N SER A 1889 -8.06 -24.58 -44.15
CA SER A 1889 -7.03 -25.47 -44.67
C SER A 1889 -7.61 -26.79 -45.14
N PHE A 1890 -8.43 -27.43 -44.29
CA PHE A 1890 -9.03 -28.71 -44.63
C PHE A 1890 -10.50 -28.78 -44.23
N GLY A 1891 -11.14 -27.64 -43.95
CA GLY A 1891 -12.53 -27.64 -43.59
C GLY A 1891 -13.18 -26.30 -43.88
N SER A 1892 -14.47 -26.24 -43.60
CA SER A 1892 -15.27 -25.04 -43.78
C SER A 1892 -15.96 -24.67 -42.48
N VAL A 1893 -16.18 -23.37 -42.29
CA VAL A 1893 -16.70 -22.83 -41.05
C VAL A 1893 -18.07 -22.19 -41.29
N TYR A 1894 -19.01 -22.47 -40.39
CA TYR A 1894 -20.37 -21.96 -40.50
C TYR A 1894 -20.79 -21.33 -39.19
N ARG A 1895 -21.59 -20.27 -39.29
CA ARG A 1895 -22.19 -19.68 -38.10
C ARG A 1895 -23.20 -20.63 -37.47
N ALA A 1896 -23.23 -20.66 -36.14
CA ALA A 1896 -24.14 -21.54 -35.41
C ALA A 1896 -24.35 -20.98 -34.02
N ALA A 1897 -25.15 -21.69 -33.22
CA ALA A 1897 -25.44 -21.31 -31.85
C ALA A 1897 -25.04 -22.45 -30.92
N TYR A 1898 -24.33 -22.11 -29.84
CA TYR A 1898 -23.90 -23.08 -28.84
C TYR A 1898 -24.12 -22.48 -27.46
N GLU A 1899 -24.96 -23.14 -26.66
CA GLU A 1899 -25.33 -22.69 -25.31
C GLU A 1899 -25.90 -21.27 -25.34
N GLY A 1900 -26.73 -20.99 -26.34
CA GLY A 1900 -27.37 -19.69 -26.45
C GLY A 1900 -26.42 -18.54 -26.71
N GLU A 1901 -25.48 -18.74 -27.64
CA GLU A 1901 -24.55 -17.68 -28.02
C GLU A 1901 -24.09 -17.97 -29.45
N GLU A 1902 -23.79 -16.89 -30.17
CA GLU A 1902 -23.36 -17.01 -31.55
C GLU A 1902 -21.91 -17.50 -31.59
N VAL A 1903 -21.70 -18.66 -32.21
CA VAL A 1903 -20.38 -19.28 -32.32
C VAL A 1903 -20.15 -19.68 -33.77
N ALA A 1904 -18.95 -20.15 -34.04
CA ALA A 1904 -18.56 -20.64 -35.35
C ALA A 1904 -18.14 -22.10 -35.25
N VAL A 1905 -18.72 -22.95 -36.09
CA VAL A 1905 -18.43 -24.37 -36.11
C VAL A 1905 -17.63 -24.70 -37.35
N LYS A 1906 -16.43 -25.23 -37.16
CA LYS A 1906 -15.59 -25.69 -38.25
C LYS A 1906 -15.75 -27.19 -38.42
N ILE A 1907 -16.21 -27.61 -39.59
CA ILE A 1907 -16.37 -29.03 -39.91
C ILE A 1907 -15.36 -29.40 -40.98
N PHE A 1908 -14.76 -30.58 -40.84
CA PHE A 1908 -13.69 -31.00 -41.73
C PHE A 1908 -14.31 -31.68 -42.97
N ASN A 1909 -13.45 -32.23 -43.82
CA ASN A 1909 -13.87 -32.79 -45.09
C ASN A 1909 -13.98 -34.31 -45.00
N LYS A 1910 -14.55 -34.89 -46.05
CA LYS A 1910 -14.77 -36.34 -46.08
C LYS A 1910 -13.44 -37.09 -46.09
N HIS A 1911 -12.46 -36.60 -46.86
CA HIS A 1911 -11.16 -37.23 -46.95
C HIS A 1911 -10.19 -36.61 -45.94
N THR A 1912 -10.57 -36.73 -44.67
CA THR A 1912 -9.74 -36.24 -43.56
C THR A 1912 -9.53 -37.35 -42.53
N SER A 1913 -8.91 -36.99 -41.41
CA SER A 1913 -8.60 -37.96 -40.36
C SER A 1913 -8.58 -37.24 -39.02
N LEU A 1914 -8.37 -38.01 -37.95
CA LEU A 1914 -8.23 -37.44 -36.61
C LEU A 1914 -6.95 -36.63 -36.47
N ARG A 1915 -5.94 -36.89 -37.31
CA ARG A 1915 -4.67 -36.18 -37.19
C ARG A 1915 -4.85 -34.69 -37.43
N LEU A 1916 -5.70 -34.31 -38.38
CA LEU A 1916 -5.96 -32.89 -38.62
C LEU A 1916 -6.64 -32.24 -37.42
N LEU A 1917 -7.62 -32.95 -36.82
CA LEU A 1917 -8.29 -32.44 -35.63
C LEU A 1917 -7.30 -32.26 -34.47
N ARG A 1918 -6.39 -33.22 -34.30
CA ARG A 1918 -5.41 -33.09 -33.22
C ARG A 1918 -4.38 -32.03 -33.53
N GLN A 1919 -4.08 -31.79 -34.81
CA GLN A 1919 -3.23 -30.67 -35.19
C GLN A 1919 -3.88 -29.34 -34.84
N GLU A 1920 -5.20 -29.23 -35.06
CA GLU A 1920 -5.93 -28.06 -34.58
C GLU A 1920 -5.85 -27.95 -33.06
N LEU A 1921 -6.04 -29.07 -32.37
CA LEU A 1921 -6.19 -29.07 -30.92
C LEU A 1921 -4.88 -28.89 -30.17
N VAL A 1922 -3.74 -29.20 -30.79
CA VAL A 1922 -2.46 -29.03 -30.10
C VAL A 1922 -2.17 -27.55 -29.85
N VAL A 1923 -2.76 -26.65 -30.63
CA VAL A 1923 -2.64 -25.22 -30.41
C VAL A 1923 -3.90 -24.64 -29.77
N LEU A 1924 -5.07 -25.14 -30.16
CA LEU A 1924 -6.32 -24.55 -29.68
C LEU A 1924 -6.69 -24.98 -28.26
N CYS A 1925 -6.09 -26.06 -27.73
CA CYS A 1925 -6.49 -26.57 -26.43
C CYS A 1925 -5.46 -26.33 -25.33
N HIS A 1926 -4.21 -26.07 -25.68
CA HIS A 1926 -3.16 -25.90 -24.68
C HIS A 1926 -2.62 -24.47 -24.60
N LEU A 1927 -2.95 -23.61 -25.55
CA LEU A 1927 -2.41 -22.26 -25.60
C LEU A 1927 -3.57 -21.27 -25.50
N HIS A 1928 -3.46 -20.34 -24.56
CA HIS A 1928 -4.47 -19.32 -24.33
C HIS A 1928 -3.81 -17.96 -24.31
N HIS A 1929 -4.36 -17.02 -25.10
CA HIS A 1929 -3.75 -15.72 -25.30
C HIS A 1929 -4.81 -14.80 -25.87
N PRO A 1930 -4.75 -13.49 -25.57
CA PRO A 1930 -5.71 -12.56 -26.18
C PRO A 1930 -5.59 -12.42 -27.69
N SER A 1931 -4.47 -12.86 -28.28
CA SER A 1931 -4.26 -12.74 -29.71
C SER A 1931 -4.47 -14.05 -30.45
N LEU A 1932 -5.01 -15.06 -29.78
CA LEU A 1932 -5.32 -16.35 -30.40
C LEU A 1932 -6.79 -16.66 -30.19
N ILE A 1933 -7.42 -17.21 -31.23
CA ILE A 1933 -8.85 -17.52 -31.17
C ILE A 1933 -9.11 -18.57 -30.09
N SER A 1934 -10.25 -18.45 -29.42
CA SER A 1934 -10.60 -19.30 -28.29
C SER A 1934 -11.52 -20.42 -28.74
N LEU A 1935 -11.24 -21.64 -28.26
CA LEU A 1935 -12.06 -22.80 -28.56
C LEU A 1935 -13.03 -23.05 -27.41
N LEU A 1936 -14.31 -23.17 -27.74
CA LEU A 1936 -15.33 -23.44 -26.73
C LEU A 1936 -15.66 -24.93 -26.61
N ALA A 1937 -15.59 -25.68 -27.71
CA ALA A 1937 -15.88 -27.11 -27.65
C ALA A 1937 -15.23 -27.80 -28.83
N ALA A 1938 -15.07 -29.12 -28.71
CA ALA A 1938 -14.44 -29.93 -29.75
C ALA A 1938 -15.09 -31.31 -29.72
N GLY A 1939 -15.85 -31.63 -30.76
CA GLY A 1939 -16.54 -32.92 -30.82
C GLY A 1939 -15.75 -33.98 -31.53
N ILE A 1940 -16.26 -35.22 -31.44
CA ILE A 1940 -15.61 -36.38 -32.03
C ILE A 1940 -16.50 -37.09 -33.04
N ARG A 1941 -17.79 -37.25 -32.74
CA ARG A 1941 -18.66 -38.05 -33.62
C ARG A 1941 -18.81 -37.42 -35.01
N PRO A 1942 -19.08 -36.13 -35.17
CA PRO A 1942 -18.99 -35.53 -36.51
C PRO A 1942 -17.64 -34.87 -36.79
N ARG A 1943 -16.75 -34.81 -35.79
CA ARG A 1943 -15.41 -34.24 -35.91
C ARG A 1943 -15.45 -32.78 -36.33
N MET A 1944 -16.01 -31.95 -35.45
CA MET A 1944 -16.06 -30.51 -35.65
C MET A 1944 -15.39 -29.78 -34.50
N LEU A 1945 -15.07 -28.51 -34.74
CA LEU A 1945 -14.56 -27.60 -33.73
C LEU A 1945 -15.55 -26.46 -33.54
N VAL A 1946 -15.64 -25.95 -32.33
CA VAL A 1946 -16.55 -24.85 -31.99
C VAL A 1946 -15.72 -23.76 -31.33
N MET A 1947 -15.55 -22.64 -32.03
CA MET A 1947 -14.70 -21.54 -31.58
C MET A 1947 -15.50 -20.25 -31.55
N GLU A 1948 -14.85 -19.18 -31.11
CA GLU A 1948 -15.46 -17.86 -31.02
C GLU A 1948 -15.91 -17.35 -32.40
N LEU A 1949 -16.68 -16.26 -32.38
CA LEU A 1949 -17.12 -15.59 -33.58
C LEU A 1949 -16.58 -14.17 -33.58
N ALA A 1950 -15.81 -13.82 -34.60
CA ALA A 1950 -15.29 -12.46 -34.72
C ALA A 1950 -16.42 -11.51 -35.13
N SER A 1951 -16.56 -10.40 -34.40
CA SER A 1951 -17.67 -9.49 -34.63
C SER A 1951 -17.55 -8.82 -36.00
N LYS A 1952 -16.35 -8.37 -36.37
CA LYS A 1952 -16.15 -7.56 -37.56
C LYS A 1952 -15.55 -8.35 -38.71
N GLY A 1953 -15.45 -9.67 -38.58
CA GLY A 1953 -15.02 -10.49 -39.69
C GLY A 1953 -13.52 -10.52 -39.89
N SER A 1954 -13.13 -11.10 -41.02
CA SER A 1954 -11.74 -11.28 -41.37
C SER A 1954 -11.11 -9.96 -41.82
N LEU A 1955 -9.78 -9.96 -41.90
CA LEU A 1955 -9.07 -8.78 -42.38
C LEU A 1955 -9.18 -8.61 -43.88
N ASP A 1956 -9.43 -9.70 -44.63
CA ASP A 1956 -9.58 -9.60 -46.08
C ASP A 1956 -10.76 -8.73 -46.47
N ARG A 1957 -11.90 -8.90 -45.78
CA ARG A 1957 -13.06 -8.07 -46.07
C ARG A 1957 -12.80 -6.60 -45.78
N LEU A 1958 -12.10 -6.31 -44.67
CA LEU A 1958 -11.75 -4.92 -44.35
C LEU A 1958 -10.84 -4.33 -45.41
N LEU A 1959 -9.83 -5.10 -45.86
CA LEU A 1959 -8.91 -4.60 -46.88
C LEU A 1959 -9.61 -4.37 -48.21
N GLN A 1960 -10.50 -5.27 -48.61
CA GLN A 1960 -11.14 -5.16 -49.92
C GLN A 1960 -12.33 -4.20 -49.91
N GLN A 1961 -13.28 -4.43 -49.01
CA GLN A 1961 -14.57 -3.74 -49.07
C GLN A 1961 -14.61 -2.46 -48.25
N ASP A 1962 -13.95 -2.43 -47.09
CA ASP A 1962 -14.10 -1.32 -46.16
C ASP A 1962 -12.79 -0.60 -45.90
N LYS A 1963 -12.07 -0.23 -46.96
CA LYS A 1963 -10.78 0.43 -46.80
C LYS A 1963 -10.94 1.92 -46.47
N ALA A 1964 -11.74 2.22 -45.45
CA ALA A 1964 -11.92 3.57 -44.96
C ALA A 1964 -11.84 3.70 -43.46
N SER A 1965 -12.06 2.63 -42.70
CA SER A 1965 -11.89 2.61 -41.26
C SER A 1965 -10.48 2.22 -40.84
N LEU A 1966 -9.57 2.04 -41.80
CA LEU A 1966 -8.20 1.62 -41.51
C LEU A 1966 -7.32 2.83 -41.15
N THR A 1967 -7.67 3.48 -40.05
CA THR A 1967 -6.81 4.51 -39.49
C THR A 1967 -5.51 3.89 -39.01
N ARG A 1968 -4.44 4.69 -39.06
CA ARG A 1968 -3.11 4.18 -38.74
C ARG A 1968 -3.02 3.62 -37.33
N THR A 1969 -3.83 4.13 -36.40
CA THR A 1969 -3.91 3.53 -35.08
C THR A 1969 -4.45 2.11 -35.15
N LEU A 1970 -5.51 1.89 -35.94
CA LEU A 1970 -6.05 0.55 -36.10
C LEU A 1970 -5.06 -0.39 -36.75
N GLN A 1971 -4.34 0.10 -37.77
CA GLN A 1971 -3.31 -0.70 -38.42
C GLN A 1971 -2.20 -1.10 -37.44
N HIS A 1972 -1.76 -0.12 -36.63
CA HIS A 1972 -0.73 -0.41 -35.63
C HIS A 1972 -1.21 -1.42 -34.60
N ARG A 1973 -2.46 -1.29 -34.14
CA ARG A 1973 -2.99 -2.24 -33.18
C ARG A 1973 -3.10 -3.65 -33.77
N ILE A 1974 -3.57 -3.76 -35.02
CA ILE A 1974 -3.67 -5.07 -35.67
C ILE A 1974 -2.29 -5.70 -35.81
N ALA A 1975 -1.31 -4.93 -36.29
CA ALA A 1975 0.04 -5.45 -36.43
C ALA A 1975 0.63 -5.88 -35.09
N LEU A 1976 0.43 -5.05 -34.05
CA LEU A 1976 0.94 -5.37 -32.72
C LEU A 1976 0.30 -6.64 -32.16
N HIS A 1977 -1.01 -6.80 -32.33
CA HIS A 1977 -1.68 -7.99 -31.82
C HIS A 1977 -1.23 -9.24 -32.57
N VAL A 1978 -1.08 -9.16 -33.89
CA VAL A 1978 -0.60 -10.31 -34.65
C VAL A 1978 0.83 -10.67 -34.25
N ALA A 1979 1.67 -9.65 -34.04
CA ALA A 1979 3.04 -9.89 -33.59
C ALA A 1979 3.08 -10.54 -32.20
N ASP A 1980 2.21 -10.08 -31.29
CA ASP A 1980 2.14 -10.70 -29.97
C ASP A 1980 1.70 -12.15 -30.06
N GLY A 1981 0.70 -12.44 -30.89
CA GLY A 1981 0.28 -13.82 -31.08
C GLY A 1981 1.40 -14.68 -31.64
N LEU A 1982 2.12 -14.17 -32.64
CA LEU A 1982 3.24 -14.91 -33.20
C LEU A 1982 4.34 -15.15 -32.18
N ARG A 1983 4.65 -14.14 -31.35
CA ARG A 1983 5.70 -14.32 -30.36
C ARG A 1983 5.30 -15.35 -29.32
N TYR A 1984 4.01 -15.38 -28.94
CA TYR A 1984 3.54 -16.41 -28.02
C TYR A 1984 3.65 -17.78 -28.65
N LEU A 1985 3.18 -17.92 -29.90
CA LEU A 1985 3.24 -19.21 -30.59
C LEU A 1985 4.68 -19.70 -30.72
N HIS A 1986 5.61 -18.81 -31.10
CA HIS A 1986 7.00 -19.22 -31.29
C HIS A 1986 7.71 -19.49 -29.98
N SER A 1987 7.33 -18.80 -28.90
CA SER A 1987 7.86 -19.16 -27.59
C SER A 1987 7.27 -20.44 -27.05
N ALA A 1988 6.15 -20.91 -27.63
CA ALA A 1988 5.51 -22.15 -27.21
C ALA A 1988 5.82 -23.31 -28.15
N MET A 1989 7.01 -23.33 -28.76
CA MET A 1989 7.56 -24.47 -29.48
C MET A 1989 6.73 -24.79 -30.75
N ILE A 1990 5.89 -23.87 -31.19
CA ILE A 1990 4.93 -24.12 -32.25
C ILE A 1990 5.15 -23.12 -33.38
N ILE A 1991 5.20 -23.62 -34.61
CA ILE A 1991 5.23 -22.79 -35.81
C ILE A 1991 3.80 -22.69 -36.35
N TYR A 1992 3.53 -21.65 -37.13
CA TYR A 1992 2.20 -21.40 -37.67
C TYR A 1992 2.12 -21.67 -39.17
N ARG A 1993 3.07 -21.16 -39.95
CA ARG A 1993 3.30 -21.47 -41.36
C ARG A 1993 2.21 -21.01 -42.31
N ASP A 1994 1.16 -20.34 -41.83
CA ASP A 1994 0.09 -19.87 -42.73
C ASP A 1994 -0.46 -18.57 -42.16
N LEU A 1995 0.12 -17.44 -42.61
CA LEU A 1995 -0.25 -16.13 -42.11
C LEU A 1995 -0.64 -15.27 -43.31
N LYS A 1996 -1.93 -15.22 -43.60
CA LYS A 1996 -2.51 -14.43 -44.66
C LYS A 1996 -3.35 -13.32 -44.06
N PRO A 1997 -3.84 -12.39 -44.89
CA PRO A 1997 -4.80 -11.40 -44.38
C PRO A 1997 -6.21 -11.96 -44.27
N HIS A 1998 -6.34 -13.29 -44.26
CA HIS A 1998 -7.63 -13.94 -44.15
C HIS A 1998 -7.77 -14.75 -42.87
N ASN A 1999 -6.66 -15.10 -42.23
CA ASN A 1999 -6.66 -15.78 -40.93
C ASN A 1999 -6.59 -14.79 -39.78
N VAL A 2000 -6.57 -13.49 -40.05
CA VAL A 2000 -6.57 -12.45 -39.04
C VAL A 2000 -8.01 -12.01 -38.83
N LEU A 2001 -8.50 -12.13 -37.61
CA LEU A 2001 -9.89 -11.87 -37.29
C LEU A 2001 -10.02 -10.60 -36.49
N LEU A 2002 -10.97 -9.75 -36.87
CA LEU A 2002 -11.19 -8.48 -36.19
C LEU A 2002 -12.40 -8.61 -35.29
N PHE A 2003 -12.23 -8.28 -34.01
CA PHE A 2003 -13.32 -8.34 -33.05
C PHE A 2003 -13.96 -6.98 -32.78
N THR A 2004 -13.28 -5.89 -33.12
CA THR A 2004 -13.82 -4.55 -33.00
C THR A 2004 -12.98 -3.61 -33.85
N LEU A 2005 -13.61 -2.54 -34.34
CA LEU A 2005 -12.93 -1.51 -35.10
C LEU A 2005 -12.66 -0.26 -34.28
N TYR A 2006 -12.86 -0.32 -32.98
CA TYR A 2006 -12.58 0.81 -32.10
C TYR A 2006 -11.10 0.80 -31.71
N PRO A 2007 -10.31 1.79 -32.13
CA PRO A 2007 -8.85 1.72 -31.90
C PRO A 2007 -8.44 1.59 -30.44
N ASN A 2008 -9.10 2.29 -29.53
CA ASN A 2008 -8.72 2.26 -28.12
C ASN A 2008 -9.41 1.14 -27.38
N ALA A 2009 -9.33 -0.07 -27.91
CA ALA A 2009 -9.86 -1.26 -27.29
C ALA A 2009 -8.74 -2.03 -26.59
N ALA A 2010 -9.06 -3.24 -26.12
CA ALA A 2010 -8.06 -4.12 -25.54
C ALA A 2010 -7.76 -5.35 -26.38
N ILE A 2011 -8.76 -5.84 -27.13
CA ILE A 2011 -8.59 -6.98 -28.02
C ILE A 2011 -9.19 -6.60 -29.37
N ILE A 2012 -8.37 -6.58 -30.41
CA ILE A 2012 -8.84 -6.23 -31.74
C ILE A 2012 -8.61 -7.38 -32.71
N ALA A 2013 -7.36 -7.79 -32.87
CA ALA A 2013 -7.00 -8.81 -33.84
C ALA A 2013 -6.72 -10.14 -33.14
N LYS A 2014 -7.09 -11.23 -33.81
CA LYS A 2014 -6.85 -12.59 -33.33
C LYS A 2014 -6.44 -13.47 -34.50
N ILE A 2015 -5.86 -14.62 -34.17
CA ILE A 2015 -5.31 -15.54 -35.15
C ILE A 2015 -6.12 -16.84 -35.11
N ALA A 2016 -6.46 -17.36 -36.29
CA ALA A 2016 -7.24 -18.58 -36.42
C ALA A 2016 -6.66 -19.43 -37.54
N ASP A 2017 -7.35 -20.55 -37.81
CA ASP A 2017 -7.00 -21.50 -38.88
C ASP A 2017 -5.59 -22.08 -38.67
N TYR A 2018 -5.46 -22.83 -37.57
CA TYR A 2018 -4.23 -23.55 -37.27
C TYR A 2018 -4.20 -24.91 -37.98
N GLY A 2019 -4.39 -24.92 -39.30
CA GLY A 2019 -4.49 -26.18 -40.02
C GLY A 2019 -3.15 -26.85 -40.28
N ILE A 2020 -2.08 -26.07 -40.40
CA ILE A 2020 -0.77 -26.62 -40.74
C ILE A 2020 0.26 -26.17 -39.71
N ALA A 2021 -0.19 -25.83 -38.52
CA ALA A 2021 0.73 -25.51 -37.44
C ALA A 2021 1.44 -26.78 -36.97
N GLN A 2022 2.76 -26.70 -36.82
CA GLN A 2022 3.55 -27.85 -36.45
C GLN A 2022 4.45 -27.57 -35.24
N TYR A 2023 5.36 -28.49 -34.94
CA TYR A 2023 6.32 -28.35 -33.85
C TYR A 2023 7.70 -28.07 -34.44
N CYS A 2024 8.29 -26.94 -34.06
CA CYS A 2024 9.66 -26.59 -34.46
C CYS A 2024 10.46 -26.25 -33.21
N CYS A 2025 11.03 -27.26 -32.56
CA CYS A 2025 11.75 -27.03 -31.31
C CYS A 2025 13.15 -26.46 -31.57
N ARG A 2026 14.02 -27.28 -32.14
CA ARG A 2026 15.37 -26.86 -32.51
C ARG A 2026 15.82 -27.38 -33.88
N MET A 2027 15.23 -28.46 -34.37
CA MET A 2027 15.75 -29.21 -35.52
C MET A 2027 15.23 -28.71 -36.85
N GLY A 2028 14.27 -27.79 -36.85
CA GLY A 2028 13.71 -27.29 -38.09
C GLY A 2028 12.61 -28.18 -38.64
N ILE A 2029 12.18 -27.85 -39.86
CA ILE A 2029 11.07 -28.51 -40.53
C ILE A 2029 11.46 -28.77 -41.98
N LYS A 2030 11.03 -29.91 -42.52
CA LYS A 2030 11.31 -30.27 -43.90
C LYS A 2030 10.12 -30.10 -44.83
N THR A 2031 8.90 -30.34 -44.34
CA THR A 2031 7.72 -30.21 -45.18
C THR A 2031 7.46 -28.76 -45.52
N SER A 2032 7.11 -28.51 -46.78
CA SER A 2032 6.85 -27.17 -47.28
C SER A 2032 5.35 -27.01 -47.51
N GLU A 2033 4.71 -26.19 -46.67
CA GLU A 2033 3.28 -25.93 -46.80
C GLU A 2033 3.02 -24.46 -46.57
N GLY A 2034 1.91 -23.98 -47.11
CA GLY A 2034 1.52 -22.59 -47.00
C GLY A 2034 0.95 -22.11 -48.32
N THR A 2035 0.09 -21.11 -48.25
CA THR A 2035 -0.55 -20.55 -49.44
C THR A 2035 0.49 -19.84 -50.30
N PRO A 2036 0.59 -20.17 -51.59
CA PRO A 2036 1.53 -19.45 -52.46
C PRO A 2036 1.25 -17.96 -52.51
N GLY A 2037 2.31 -17.18 -52.44
CA GLY A 2037 2.22 -15.73 -52.34
C GLY A 2037 2.37 -15.21 -50.93
N PHE A 2038 2.23 -16.07 -49.92
CA PHE A 2038 2.44 -15.68 -48.52
C PHE A 2038 3.50 -16.55 -47.85
N ARG A 2039 4.35 -17.20 -48.63
CA ARG A 2039 5.37 -18.10 -48.10
C ARG A 2039 6.73 -17.43 -48.07
N ALA A 2040 7.57 -17.89 -47.15
CA ALA A 2040 8.95 -17.45 -47.11
C ALA A 2040 9.72 -18.05 -48.29
N PRO A 2041 10.85 -17.43 -48.68
CA PRO A 2041 11.64 -18.00 -49.80
C PRO A 2041 12.09 -19.43 -49.53
N GLU A 2042 12.45 -19.75 -48.30
CA GLU A 2042 12.85 -21.11 -47.97
C GLU A 2042 11.67 -22.07 -48.03
N VAL A 2043 10.47 -21.61 -47.67
CA VAL A 2043 9.29 -22.47 -47.73
C VAL A 2043 8.94 -22.80 -49.17
N ALA A 2044 9.14 -21.85 -50.09
CA ALA A 2044 8.82 -22.08 -51.50
C ALA A 2044 9.63 -23.23 -52.09
N ARG A 2045 10.93 -23.22 -51.89
CA ARG A 2045 11.78 -24.33 -52.31
C ARG A 2045 11.63 -25.52 -51.36
N GLY A 2046 11.84 -26.72 -51.89
CA GLY A 2046 11.64 -27.92 -51.11
C GLY A 2046 12.91 -28.64 -50.71
N ASN A 2047 14.04 -27.93 -50.71
CA ASN A 2047 15.34 -28.55 -50.47
C ASN A 2047 16.08 -27.93 -49.29
N VAL A 2048 15.34 -27.44 -48.29
CA VAL A 2048 15.93 -26.80 -47.12
C VAL A 2048 15.20 -27.28 -45.87
N ILE A 2049 15.84 -27.08 -44.73
CA ILE A 2049 15.26 -27.34 -43.42
C ILE A 2049 15.13 -25.98 -42.73
N TYR A 2050 13.93 -25.40 -42.75
CA TYR A 2050 13.71 -24.07 -42.22
C TYR A 2050 13.20 -24.13 -40.79
N ASN A 2051 13.26 -22.99 -40.11
CA ASN A 2051 12.92 -22.87 -38.71
C ASN A 2051 11.73 -21.94 -38.54
N GLN A 2052 11.44 -21.59 -37.27
CA GLN A 2052 10.32 -20.71 -36.95
C GLN A 2052 10.45 -19.35 -37.58
N GLN A 2053 11.67 -18.90 -37.90
CA GLN A 2053 11.89 -17.57 -38.43
C GLN A 2053 11.35 -17.40 -39.84
N ALA A 2054 11.10 -18.51 -40.56
CA ALA A 2054 10.38 -18.44 -41.84
C ALA A 2054 8.96 -17.94 -41.69
N ASP A 2055 8.41 -17.96 -40.47
CA ASP A 2055 7.10 -17.36 -40.20
C ASP A 2055 7.17 -15.85 -40.02
N VAL A 2056 8.37 -15.29 -39.83
CA VAL A 2056 8.50 -13.84 -39.75
C VAL A 2056 8.29 -13.21 -41.11
N TYR A 2057 8.84 -13.83 -42.17
CA TYR A 2057 8.67 -13.31 -43.53
C TYR A 2057 7.19 -13.12 -43.87
N SER A 2058 6.38 -14.15 -43.56
CA SER A 2058 4.94 -14.05 -43.79
C SER A 2058 4.36 -12.84 -43.06
N PHE A 2059 4.74 -12.64 -41.80
CA PHE A 2059 4.29 -11.46 -41.07
C PHE A 2059 4.67 -10.18 -41.79
N GLY A 2060 5.90 -10.12 -42.30
CA GLY A 2060 6.32 -8.97 -43.08
C GLY A 2060 5.40 -8.72 -44.26
N LEU A 2061 5.06 -9.78 -44.99
CA LEU A 2061 4.12 -9.66 -46.10
C LEU A 2061 2.76 -9.16 -45.64
N LEU A 2062 2.31 -9.66 -44.49
CA LEU A 2062 1.07 -9.16 -43.89
C LEU A 2062 1.16 -7.67 -43.57
N LEU A 2063 2.27 -7.23 -43.01
CA LEU A 2063 2.47 -5.80 -42.74
C LEU A 2063 2.59 -4.99 -44.02
N TYR A 2064 2.98 -5.62 -45.12
CA TYR A 2064 3.01 -4.97 -46.42
C TYR A 2064 1.61 -4.84 -46.99
N ASP A 2065 0.72 -5.74 -46.59
CA ASP A 2065 -0.65 -5.66 -47.08
C ASP A 2065 -1.49 -4.75 -46.19
N ILE A 2066 -1.20 -4.74 -44.89
CA ILE A 2066 -1.82 -3.82 -43.96
C ILE A 2066 -1.44 -2.38 -44.31
N LEU A 2067 -0.17 -2.14 -44.65
CA LEU A 2067 0.27 -0.80 -44.97
C LEU A 2067 -0.43 -0.27 -46.23
N THR A 2068 -0.23 -0.94 -47.37
CA THR A 2068 -0.83 -0.50 -48.62
C THR A 2068 -2.18 -1.17 -48.87
N THR A 2069 -3.04 -1.15 -47.85
CA THR A 2069 -4.45 -1.56 -47.89
C THR A 2069 -4.72 -2.77 -48.80
N GLY A 2070 -3.88 -3.79 -48.66
CA GLY A 2070 -3.99 -4.98 -49.49
C GLY A 2070 -3.87 -4.72 -50.97
N GLY A 2071 -2.89 -3.88 -51.35
CA GLY A 2071 -2.77 -3.48 -52.74
C GLY A 2071 -2.33 -4.63 -53.65
N ARG A 2072 -1.31 -5.38 -53.24
CA ARG A 2072 -0.76 -6.42 -54.10
C ARG A 2072 -1.65 -7.65 -54.16
N ILE A 2073 -2.51 -7.89 -53.17
CA ILE A 2073 -3.41 -9.03 -53.21
C ILE A 2073 -4.42 -8.88 -54.34
N VAL A 2074 -4.89 -7.66 -54.58
CA VAL A 2074 -5.83 -7.40 -55.68
C VAL A 2074 -5.17 -7.70 -57.03
N GLU A 2075 -3.94 -7.24 -57.21
CA GLU A 2075 -3.22 -7.49 -58.46
C GLU A 2075 -2.78 -8.93 -58.61
N GLY A 2076 -2.63 -9.67 -57.51
CA GLY A 2076 -2.24 -11.07 -57.61
C GLY A 2076 -3.32 -11.97 -58.17
N LEU A 2077 -4.58 -11.55 -58.12
CA LEU A 2077 -5.66 -12.32 -58.73
C LEU A 2077 -5.47 -12.43 -60.23
N LYS A 2078 -5.05 -11.33 -60.87
CA LYS A 2078 -4.84 -11.35 -62.31
C LYS A 2078 -3.64 -12.19 -62.70
N PHE A 2079 -2.57 -12.14 -61.91
CA PHE A 2079 -1.32 -12.87 -62.20
C PHE A 2079 -0.86 -13.64 -60.96
N PRO A 2080 -1.49 -14.78 -60.66
CA PRO A 2080 -1.03 -15.60 -59.53
C PRO A 2080 0.40 -16.07 -59.68
N ASN A 2081 0.84 -16.36 -60.90
CA ASN A 2081 2.22 -16.81 -61.13
C ASN A 2081 3.22 -15.73 -60.74
N GLU A 2082 3.01 -14.49 -61.20
CA GLU A 2082 3.87 -13.39 -60.82
C GLU A 2082 3.78 -13.13 -59.32
N PHE A 2083 2.57 -13.23 -58.76
CA PHE A 2083 2.37 -13.14 -57.31
C PHE A 2083 3.32 -14.07 -56.56
N ASP A 2084 3.23 -15.37 -56.85
CA ASP A 2084 4.06 -16.35 -56.15
C ASP A 2084 5.54 -16.14 -56.43
N GLU A 2085 5.89 -15.82 -57.68
CA GLU A 2085 7.29 -15.65 -58.05
C GLU A 2085 7.93 -14.48 -57.29
N LEU A 2086 7.21 -13.36 -57.21
CA LEU A 2086 7.75 -12.20 -56.51
C LEU A 2086 7.78 -12.43 -55.00
N GLU A 2087 6.75 -13.10 -54.47
CA GLU A 2087 6.74 -13.38 -53.03
C GLU A 2087 7.88 -14.30 -52.64
N ILE A 2088 8.16 -15.32 -53.45
CA ILE A 2088 9.26 -16.24 -53.16
C ILE A 2088 10.61 -15.54 -53.35
N GLN A 2089 10.77 -14.82 -54.46
CA GLN A 2089 12.03 -14.16 -54.76
C GLN A 2089 12.37 -13.09 -53.72
N GLY A 2090 11.51 -12.07 -53.62
CA GLY A 2090 11.74 -10.96 -52.71
C GLY A 2090 11.81 -9.61 -53.40
N LYS A 2091 11.82 -9.58 -54.73
CA LYS A 2091 11.87 -8.33 -55.49
C LYS A 2091 10.48 -7.70 -55.47
N LEU A 2092 10.21 -6.95 -54.41
CA LEU A 2092 8.92 -6.31 -54.24
C LEU A 2092 9.07 -4.80 -54.36
N PRO A 2093 8.07 -4.12 -54.94
CA PRO A 2093 8.14 -2.66 -55.07
C PRO A 2093 8.08 -1.95 -53.73
N ASP A 2094 8.60 -0.73 -53.72
CA ASP A 2094 8.52 0.11 -52.53
C ASP A 2094 7.06 0.43 -52.24
N PRO A 2095 6.58 0.15 -51.02
CA PRO A 2095 5.14 0.29 -50.74
C PRO A 2095 4.58 1.69 -50.96
N VAL A 2096 5.35 2.73 -50.62
CA VAL A 2096 4.86 4.09 -50.79
C VAL A 2096 4.82 4.48 -52.26
N LYS A 2097 5.84 4.08 -53.03
CA LYS A 2097 6.02 4.59 -54.39
C LYS A 2097 4.87 4.19 -55.30
N GLU A 2098 4.52 2.90 -55.36
CA GLU A 2098 3.56 2.43 -56.35
C GLU A 2098 2.12 2.57 -55.88
N TYR A 2099 1.79 2.02 -54.71
CA TYR A 2099 0.41 1.97 -54.25
C TYR A 2099 -0.09 3.31 -53.69
N GLY A 2100 0.78 4.29 -53.54
CA GLY A 2100 0.39 5.63 -53.15
C GLY A 2100 -0.25 5.74 -51.78
N CYS A 2101 0.53 5.48 -50.74
CA CYS A 2101 0.07 5.61 -49.36
C CYS A 2101 0.93 6.64 -48.64
N ALA A 2102 0.41 7.12 -47.51
CA ALA A 2102 1.16 8.07 -46.70
C ALA A 2102 2.38 7.40 -46.11
N PRO A 2103 3.55 8.05 -46.15
CA PRO A 2103 4.78 7.39 -45.67
C PRO A 2103 4.70 7.02 -44.20
N TRP A 2104 5.21 5.84 -43.89
CA TRP A 2104 5.30 5.33 -42.52
C TRP A 2104 6.71 4.77 -42.36
N PRO A 2105 7.72 5.64 -42.19
CA PRO A 2105 9.12 5.19 -42.30
C PRO A 2105 9.55 4.19 -41.24
N MET A 2106 8.84 4.09 -40.11
CA MET A 2106 9.24 3.16 -39.07
C MET A 2106 8.67 1.76 -39.24
N VAL A 2107 7.75 1.56 -40.18
CA VAL A 2107 7.32 0.21 -40.52
C VAL A 2107 7.81 -0.20 -41.90
N GLU A 2108 8.17 0.75 -42.77
CA GLU A 2108 8.89 0.40 -43.99
C GLU A 2108 10.27 -0.15 -43.68
N LYS A 2109 10.79 0.17 -42.49
CA LYS A 2109 12.05 -0.41 -42.07
C LYS A 2109 11.86 -1.88 -41.70
N LEU A 2110 10.76 -2.20 -41.02
CA LEU A 2110 10.45 -3.60 -40.75
C LEU A 2110 10.24 -4.38 -42.05
N ILE A 2111 9.44 -3.81 -42.96
CA ILE A 2111 9.20 -4.44 -44.26
C ILE A 2111 10.48 -4.60 -45.07
N LYS A 2112 11.48 -3.77 -44.82
CA LYS A 2112 12.78 -4.02 -45.43
C LYS A 2112 13.66 -4.96 -44.63
N GLN A 2113 13.40 -5.10 -43.32
CA GLN A 2113 14.16 -6.02 -42.49
C GLN A 2113 13.62 -7.45 -42.58
N CYS A 2114 12.37 -7.65 -42.17
CA CYS A 2114 11.84 -9.02 -42.13
C CYS A 2114 11.27 -9.46 -43.48
N LEU A 2115 12.02 -9.19 -44.54
CA LEU A 2115 11.78 -9.79 -45.86
C LEU A 2115 13.10 -10.17 -46.52
N LYS A 2116 14.20 -10.20 -45.77
CA LYS A 2116 15.50 -10.55 -46.33
C LYS A 2116 15.55 -12.02 -46.72
N GLU A 2117 16.28 -12.30 -47.80
CA GLU A 2117 16.39 -13.66 -48.31
C GLU A 2117 17.14 -14.58 -47.34
N ASN A 2118 17.92 -14.01 -46.42
CA ASN A 2118 18.65 -14.80 -45.45
C ASN A 2118 17.85 -14.87 -44.15
N PRO A 2119 17.35 -16.04 -43.75
CA PRO A 2119 16.51 -16.10 -42.54
C PRO A 2119 17.20 -15.66 -41.27
N GLN A 2120 18.52 -15.78 -41.20
CA GLN A 2120 19.26 -15.42 -39.99
C GLN A 2120 19.26 -13.92 -39.74
N GLU A 2121 19.03 -13.10 -40.77
CA GLU A 2121 19.09 -11.66 -40.62
C GLU A 2121 17.76 -11.04 -40.20
N ARG A 2122 16.64 -11.72 -40.46
CA ARG A 2122 15.35 -11.20 -40.07
C ARG A 2122 15.22 -11.17 -38.54
N PRO A 2123 14.52 -10.18 -37.99
CA PRO A 2123 14.30 -10.16 -36.54
C PRO A 2123 13.44 -11.33 -36.10
N THR A 2124 13.68 -11.80 -34.87
CA THR A 2124 12.85 -12.84 -34.29
C THR A 2124 11.46 -12.27 -33.96
N SER A 2125 10.52 -13.18 -33.72
CA SER A 2125 9.15 -12.78 -33.42
C SER A 2125 9.06 -11.97 -32.12
N ALA A 2126 9.97 -12.21 -31.18
CA ALA A 2126 9.98 -11.42 -29.95
C ALA A 2126 10.61 -10.05 -30.15
N GLN A 2127 11.40 -9.86 -31.19
CA GLN A 2127 11.95 -8.54 -31.49
C GLN A 2127 11.03 -7.67 -32.33
N VAL A 2128 10.23 -8.30 -33.20
CA VAL A 2128 9.26 -7.55 -34.00
C VAL A 2128 8.23 -6.89 -33.10
N PHE A 2129 7.75 -7.62 -32.08
CA PHE A 2129 6.79 -7.05 -31.14
C PHE A 2129 7.40 -5.87 -30.38
N ASP A 2130 8.64 -6.04 -29.90
CA ASP A 2130 9.29 -4.95 -29.17
C ASP A 2130 9.55 -3.73 -30.05
N ILE A 2131 9.79 -3.94 -31.34
CA ILE A 2131 9.91 -2.81 -32.25
C ILE A 2131 8.54 -2.14 -32.44
N LEU A 2132 7.50 -2.94 -32.58
CA LEU A 2132 6.14 -2.40 -32.70
C LEU A 2132 5.61 -1.89 -31.37
N ASN A 2133 6.23 -2.25 -30.25
CA ASN A 2133 5.81 -1.79 -28.92
C ASN A 2133 6.48 -0.46 -28.57
N SER A 2134 6.37 0.51 -29.47
CA SER A 2134 7.00 1.81 -29.27
C SER A 2134 6.08 2.90 -29.79
N ALA A 2135 6.14 4.06 -29.12
CA ALA A 2135 5.44 5.24 -29.61
C ALA A 2135 6.26 6.00 -30.66
N GLU A 2136 7.56 5.72 -30.75
CA GLU A 2136 8.39 6.29 -31.80
C GLU A 2136 8.00 5.80 -33.19
N LEU A 2137 7.34 4.66 -33.27
CA LEU A 2137 6.89 4.10 -34.54
C LEU A 2137 5.54 4.62 -34.97
N VAL A 2138 4.71 5.06 -34.02
CA VAL A 2138 3.39 5.58 -34.34
C VAL A 2138 3.43 7.06 -34.70
N CYS A 2139 4.28 7.84 -34.03
CA CYS A 2139 4.27 9.29 -34.14
C CYS A 2139 5.54 9.83 -34.76
N LEU A 2140 6.03 9.18 -35.82
CA LEU A 2140 7.13 9.68 -36.64
C LEU A 2140 6.59 9.68 -38.06
N THR A 2141 5.97 10.80 -38.46
CA THR A 2141 5.14 10.80 -39.66
C THR A 2141 5.98 10.74 -40.93
N ARG A 2142 7.06 11.50 -40.98
CA ARG A 2142 7.88 11.59 -42.19
C ARG A 2142 9.35 11.64 -41.80
N ARG A 2143 10.20 11.19 -42.72
CA ARG A 2143 11.64 11.19 -42.52
C ARG A 2143 12.30 11.50 -43.86
N ILE A 2144 12.97 12.64 -43.92
CA ILE A 2144 13.56 13.14 -45.17
C ILE A 2144 15.08 13.15 -45.02
N LEU A 2145 15.76 12.59 -46.01
CA LEU A 2145 17.22 12.57 -46.04
C LEU A 2145 17.70 13.61 -47.05
N LEU A 2146 18.50 14.55 -46.59
CA LEU A 2146 19.00 15.62 -47.43
C LEU A 2146 20.13 15.11 -48.32
N PRO A 2147 20.47 15.85 -49.42
CA PRO A 2147 21.58 15.44 -50.29
C PRO A 2147 22.88 15.14 -49.56
N LYS A 2148 23.77 14.40 -50.23
CA LYS A 2148 24.99 13.89 -49.59
C LYS A 2148 25.89 15.04 -49.14
N ASN A 2149 26.36 14.95 -47.89
CA ASN A 2149 27.36 15.84 -47.32
C ASN A 2149 26.92 17.31 -47.36
N VAL A 2150 25.83 17.60 -46.65
CA VAL A 2150 25.37 18.96 -46.42
C VAL A 2150 25.25 19.18 -44.92
N ILE A 2151 25.71 20.34 -44.48
CA ILE A 2151 25.67 20.72 -43.07
C ILE A 2151 24.74 21.92 -42.93
N VAL A 2152 23.48 21.66 -42.58
CA VAL A 2152 22.50 22.73 -42.40
C VAL A 2152 22.47 23.13 -40.94
N GLU A 2153 22.56 24.43 -40.68
CA GLU A 2153 22.70 24.96 -39.32
C GLU A 2153 21.41 25.48 -38.74
N CYS A 2154 20.54 26.09 -39.54
CA CYS A 2154 19.29 26.65 -39.05
C CYS A 2154 18.18 26.35 -40.05
N MET A 2155 16.96 26.28 -39.53
CA MET A 2155 15.80 26.04 -40.38
C MET A 2155 14.61 26.86 -39.91
N VAL A 2156 13.77 27.25 -40.87
CA VAL A 2156 12.50 27.90 -40.61
C VAL A 2156 11.47 27.26 -41.54
N ALA A 2157 10.20 27.35 -41.14
CA ALA A 2157 9.11 26.76 -41.90
C ALA A 2157 8.29 27.85 -42.58
N THR A 2158 8.08 27.72 -43.88
CA THR A 2158 7.15 28.60 -44.58
C THR A 2158 5.75 28.24 -44.13
N HIS A 2159 5.21 29.00 -43.18
CA HIS A 2159 3.97 28.62 -42.49
C HIS A 2159 3.01 29.81 -42.54
N HIS A 2160 2.28 29.91 -43.64
CA HIS A 2160 1.06 30.70 -43.71
C HIS A 2160 -0.18 29.84 -43.47
N ASN A 2161 0.00 28.52 -43.32
CA ASN A 2161 -1.02 27.52 -43.04
C ASN A 2161 -1.93 27.28 -44.23
N SER A 2162 -1.82 28.11 -45.27
CA SER A 2162 -2.58 27.93 -46.50
C SER A 2162 -1.77 28.14 -47.77
N ARG A 2163 -0.59 28.75 -47.71
CA ARG A 2163 0.14 29.10 -48.93
C ARG A 2163 0.92 27.91 -49.47
N ASN A 2164 1.93 27.47 -48.73
CA ASN A 2164 2.77 26.35 -49.18
C ASN A 2164 3.53 25.81 -47.99
N ALA A 2165 3.28 24.54 -47.65
CA ALA A 2165 4.03 23.86 -46.59
C ALA A 2165 5.43 23.53 -47.11
N SER A 2166 6.44 24.20 -46.56
CA SER A 2166 7.81 24.00 -47.01
C SER A 2166 8.77 24.49 -45.94
N ILE A 2167 10.05 24.21 -46.15
CA ILE A 2167 11.11 24.53 -45.19
C ILE A 2167 12.19 25.33 -45.90
N TRP A 2168 12.76 26.31 -45.20
CA TRP A 2168 13.96 27.03 -45.62
C TRP A 2168 15.12 26.60 -44.74
N LEU A 2169 16.24 26.25 -45.35
CA LEU A 2169 17.39 25.72 -44.64
C LEU A 2169 18.61 26.59 -44.92
N GLY A 2170 19.41 26.84 -43.89
CA GLY A 2170 20.66 27.55 -44.06
C GLY A 2170 21.88 26.65 -43.97
N CYS A 2171 22.49 26.35 -45.12
CA CYS A 2171 23.60 25.42 -45.14
C CYS A 2171 24.87 26.05 -44.57
N GLY A 2172 25.75 25.19 -44.07
CA GLY A 2172 27.02 25.63 -43.50
C GLY A 2172 28.16 24.69 -43.82
N HIS A 2173 27.95 23.79 -44.79
CA HIS A 2173 29.02 22.87 -45.20
C HIS A 2173 30.16 23.57 -45.93
N THR A 2174 29.96 24.79 -46.39
CA THR A 2174 30.99 25.58 -47.04
C THR A 2174 30.99 26.98 -46.44
N ASP A 2175 32.15 27.64 -46.49
CA ASP A 2175 32.25 28.99 -45.94
C ASP A 2175 31.72 30.03 -46.94
N ARG A 2176 30.53 29.77 -47.48
CA ARG A 2176 29.85 30.71 -48.37
C ARG A 2176 28.36 30.36 -48.28
N GLY A 2177 27.62 31.17 -47.53
CA GLY A 2177 26.24 30.85 -47.17
C GLY A 2177 25.31 30.46 -48.30
N GLN A 2178 24.66 29.31 -48.16
CA GLN A 2178 23.70 28.81 -49.14
C GLN A 2178 22.32 28.76 -48.52
N LEU A 2179 21.32 29.27 -49.23
CA LEU A 2179 19.93 29.17 -48.84
C LEU A 2179 19.27 28.09 -49.70
N SER A 2180 18.64 27.12 -49.05
CA SER A 2180 18.02 26.00 -49.74
C SER A 2180 16.54 25.91 -49.38
N PHE A 2181 15.74 25.50 -50.36
CA PHE A 2181 14.30 25.43 -50.24
C PHE A 2181 13.87 23.97 -50.33
N LEU A 2182 13.09 23.52 -49.34
CA LEU A 2182 12.61 22.14 -49.29
C LEU A 2182 11.10 22.14 -49.39
N ASP A 2183 10.59 21.74 -50.55
CA ASP A 2183 9.15 21.55 -50.74
C ASP A 2183 8.77 20.23 -50.08
N LEU A 2184 7.91 20.30 -49.06
CA LEU A 2184 7.65 19.11 -48.24
C LEU A 2184 6.81 18.07 -48.98
N ASN A 2185 5.75 18.51 -49.67
CA ASN A 2185 4.86 17.59 -50.34
C ASN A 2185 5.50 16.89 -51.55
N THR A 2186 6.64 17.38 -52.04
CA THR A 2186 7.36 16.73 -53.13
C THR A 2186 8.78 16.33 -52.78
N GLU A 2187 9.27 16.66 -51.58
CA GLU A 2187 10.65 16.38 -51.14
C GLU A 2187 11.67 16.96 -52.12
N GLY A 2188 11.40 18.18 -52.59
CA GLY A 2188 12.23 18.82 -53.58
C GLY A 2188 13.22 19.77 -52.93
N TYR A 2189 14.51 19.52 -53.16
CA TYR A 2189 15.58 20.31 -52.56
C TYR A 2189 16.22 21.17 -53.63
N THR A 2190 16.18 22.49 -53.44
CA THR A 2190 16.78 23.45 -54.35
C THR A 2190 17.62 24.43 -53.53
N SER A 2191 18.93 24.37 -53.69
CA SER A 2191 19.85 25.23 -52.96
C SER A 2191 20.27 26.42 -53.81
N GLU A 2192 20.76 27.46 -53.14
CA GLU A 2192 21.21 28.67 -53.81
C GLU A 2192 22.24 29.38 -52.95
N GLU A 2193 23.41 29.64 -53.52
CA GLU A 2193 24.50 30.32 -52.81
C GLU A 2193 24.35 31.82 -53.00
N VAL A 2194 24.03 32.53 -51.91
CA VAL A 2194 23.81 33.97 -51.98
C VAL A 2194 24.65 34.76 -50.98
N ALA A 2195 25.20 34.14 -49.94
CA ALA A 2195 25.88 34.85 -48.88
C ALA A 2195 27.38 34.56 -48.92
N ASP A 2196 28.18 35.60 -48.65
CA ASP A 2196 29.63 35.43 -48.61
C ASP A 2196 30.06 34.51 -47.47
N SER A 2197 29.42 34.65 -46.30
CA SER A 2197 29.73 33.83 -45.15
C SER A 2197 28.52 32.97 -44.81
N ARG A 2198 28.76 31.92 -44.02
CA ARG A 2198 27.71 30.95 -43.71
C ARG A 2198 26.55 31.59 -42.96
N ILE A 2199 25.34 31.20 -43.34
CA ILE A 2199 24.14 31.72 -42.68
C ILE A 2199 24.01 31.10 -41.29
N LEU A 2200 23.79 31.94 -40.28
CA LEU A 2200 23.68 31.46 -38.92
C LEU A 2200 22.23 31.21 -38.50
N CYS A 2201 21.33 32.13 -38.81
CA CYS A 2201 19.93 31.99 -38.42
C CYS A 2201 19.03 32.59 -39.49
N LEU A 2202 17.77 32.17 -39.47
CA LEU A 2202 16.77 32.59 -40.45
C LEU A 2202 15.49 33.01 -39.73
N ALA A 2203 14.71 33.86 -40.38
CA ALA A 2203 13.42 34.27 -39.85
C ALA A 2203 12.47 34.61 -40.98
N LEU A 2204 11.18 34.39 -40.73
CA LEU A 2204 10.13 34.64 -41.70
C LEU A 2204 9.25 35.78 -41.19
N VAL A 2205 9.06 36.80 -42.03
CA VAL A 2205 8.23 37.95 -41.71
C VAL A 2205 7.05 37.97 -42.66
N HIS A 2206 5.84 38.10 -42.11
CA HIS A 2206 4.60 38.13 -42.89
C HIS A 2206 3.87 39.43 -42.58
N LEU A 2207 3.86 40.35 -43.55
CA LEU A 2207 3.13 41.60 -43.41
C LEU A 2207 1.74 41.43 -44.01
N PRO A 2208 0.67 41.51 -43.21
CA PRO A 2208 -0.69 41.32 -43.76
C PRO A 2208 -1.07 42.32 -44.84
N VAL A 2209 -0.55 43.55 -44.78
CA VAL A 2209 -0.83 44.54 -45.80
C VAL A 2209 -0.23 44.08 -47.12
N GLU A 2210 -1.05 44.07 -48.17
CA GLU A 2210 -0.69 43.62 -49.52
C GLU A 2210 -0.25 42.16 -49.58
N LYS A 2211 -0.49 41.39 -48.52
CA LYS A 2211 -0.12 39.98 -48.41
C LYS A 2211 1.36 39.78 -48.70
N GLU A 2212 2.20 40.57 -48.02
CA GLU A 2212 3.63 40.55 -48.23
C GLU A 2212 4.27 39.46 -47.37
N SER A 2213 5.20 38.72 -47.97
CA SER A 2213 5.95 37.70 -47.27
C SER A 2213 7.42 37.83 -47.64
N TRP A 2214 8.29 37.82 -46.63
CA TRP A 2214 9.73 37.92 -46.85
C TRP A 2214 10.44 37.00 -45.87
N ILE A 2215 11.69 36.69 -46.19
CA ILE A 2215 12.57 35.92 -45.32
C ILE A 2215 13.89 36.68 -45.19
N VAL A 2216 14.38 36.80 -43.97
CA VAL A 2216 15.59 37.54 -43.65
C VAL A 2216 16.67 36.57 -43.17
N SER A 2217 17.91 36.80 -43.59
CA SER A 2217 19.02 35.92 -43.29
C SER A 2217 20.05 36.64 -42.43
N GLY A 2218 20.79 35.86 -41.65
CA GLY A 2218 21.88 36.41 -40.86
C GLY A 2218 23.19 35.67 -41.11
N THR A 2219 24.16 36.38 -41.66
CA THR A 2219 25.42 35.79 -42.08
C THR A 2219 26.51 35.99 -41.01
N GLN A 2220 27.54 35.13 -41.10
CA GLN A 2220 28.64 35.19 -40.15
C GLN A 2220 29.45 36.47 -40.29
N SER A 2221 29.54 37.00 -41.52
CA SER A 2221 30.28 38.25 -41.74
C SER A 2221 29.63 39.41 -40.99
N GLY A 2222 28.30 39.49 -41.00
CA GLY A 2222 27.60 40.53 -40.30
C GLY A 2222 26.46 41.12 -41.11
N THR A 2223 26.39 40.75 -42.39
CA THR A 2223 25.36 41.27 -43.27
C THR A 2223 23.99 40.70 -42.89
N LEU A 2224 22.96 41.23 -43.55
CA LEU A 2224 21.58 40.85 -43.25
C LEU A 2224 20.81 40.92 -44.58
N LEU A 2225 20.71 39.80 -45.25
CA LEU A 2225 20.03 39.73 -46.54
C LEU A 2225 18.53 39.54 -46.36
N VAL A 2226 17.76 40.13 -47.27
CA VAL A 2226 16.31 40.04 -47.27
C VAL A 2226 15.84 39.67 -48.68
N ILE A 2227 15.22 38.51 -48.83
CA ILE A 2227 14.69 38.05 -50.11
C ILE A 2227 13.23 37.64 -49.92
N ASN A 2228 12.42 37.92 -50.95
CA ASN A 2228 10.99 37.64 -50.88
C ASN A 2228 10.73 36.14 -50.82
N THR A 2229 9.71 35.76 -50.05
CA THR A 2229 9.31 34.35 -49.98
C THR A 2229 8.79 33.86 -51.33
N GLU A 2230 8.00 34.68 -52.03
CA GLU A 2230 7.46 34.30 -53.33
C GLU A 2230 8.41 34.70 -54.47
N ASP A 2231 8.73 35.98 -54.57
CA ASP A 2231 9.64 36.45 -55.61
C ASP A 2231 11.08 36.01 -55.31
N GLY A 2232 11.82 35.72 -56.38
CA GLY A 2232 13.18 35.24 -56.23
C GLY A 2232 14.24 36.26 -56.60
N LYS A 2233 13.82 37.40 -57.14
CA LYS A 2233 14.72 38.45 -57.59
C LYS A 2233 14.52 39.73 -56.78
N LYS A 2234 14.36 39.59 -55.47
CA LYS A 2234 14.14 40.73 -54.58
C LYS A 2234 15.26 40.85 -53.54
N ARG A 2235 16.48 40.46 -53.90
CA ARG A 2235 17.60 40.56 -52.98
C ARG A 2235 17.93 42.02 -52.68
N HIS A 2236 18.08 42.33 -51.39
CA HIS A 2236 18.49 43.66 -50.96
C HIS A 2236 19.06 43.55 -49.55
N THR A 2237 20.32 43.91 -49.37
CA THR A 2237 20.96 43.81 -48.07
C THR A 2237 20.47 44.94 -47.15
N LEU A 2238 20.98 44.92 -45.92
CA LEU A 2238 20.66 45.93 -44.92
C LEU A 2238 21.95 46.39 -44.24
N GLU A 2239 21.84 47.10 -43.13
CA GLU A 2239 23.02 47.57 -42.41
C GLU A 2239 23.89 46.40 -41.98
N LYS A 2240 25.20 46.53 -42.22
CA LYS A 2240 26.17 45.51 -41.84
C LYS A 2240 26.51 45.67 -40.37
N MET A 2241 26.07 44.72 -39.55
CA MET A 2241 26.34 44.76 -38.11
C MET A 2241 27.85 44.67 -37.84
N THR A 2242 28.21 44.94 -36.59
CA THR A 2242 29.62 44.94 -36.20
C THR A 2242 30.23 43.56 -36.38
N ASP A 2243 29.51 42.51 -35.98
CA ASP A 2243 30.01 41.15 -36.05
C ASP A 2243 28.83 40.24 -36.43
N SER A 2244 29.02 38.94 -36.21
CA SER A 2244 28.07 37.93 -36.66
C SER A 2244 26.70 38.12 -36.03
N VAL A 2245 25.67 37.74 -36.78
CA VAL A 2245 24.27 37.85 -36.35
C VAL A 2245 23.83 36.48 -35.85
N THR A 2246 23.60 36.37 -34.55
CA THR A 2246 23.33 35.08 -33.93
C THR A 2246 21.85 34.80 -33.69
N CYS A 2247 20.98 35.80 -33.85
CA CYS A 2247 19.54 35.59 -33.73
C CYS A 2247 18.81 36.56 -34.65
N LEU A 2248 17.65 36.12 -35.15
CA LEU A 2248 16.81 36.97 -35.97
C LEU A 2248 15.35 36.84 -35.56
N TYR A 2249 15.08 36.53 -34.29
CA TYR A 2249 13.71 36.25 -33.83
C TYR A 2249 12.78 37.43 -34.09
N CYS A 2250 11.61 37.12 -34.65
CA CYS A 2250 10.62 38.13 -35.01
C CYS A 2250 9.30 37.81 -34.33
N ASN A 2251 8.65 38.85 -33.79
CA ASN A 2251 7.39 38.70 -33.10
C ASN A 2251 6.69 40.05 -33.06
N SER A 2252 5.39 40.03 -32.80
CA SER A 2252 4.57 41.22 -32.71
C SER A 2252 4.17 41.45 -31.25
N PHE A 2253 4.31 42.69 -30.80
CA PHE A 2253 3.93 43.07 -29.45
C PHE A 2253 2.43 43.32 -29.36
N GLN A 2259 -0.30 43.89 -32.72
CA GLN A 2259 0.17 45.27 -32.69
C GLN A 2259 1.35 45.47 -33.63
N LYS A 2260 2.34 46.25 -33.18
CA LYS A 2260 3.52 46.50 -33.98
C LYS A 2260 4.41 45.26 -34.02
N ASN A 2261 5.00 45.00 -35.18
CA ASN A 2261 5.87 43.85 -35.40
C ASN A 2261 7.32 44.30 -35.40
N PHE A 2262 8.16 43.58 -34.67
CA PHE A 2262 9.58 43.90 -34.56
C PHE A 2262 10.42 42.68 -34.95
N LEU A 2263 11.48 42.93 -35.70
CA LEU A 2263 12.41 41.91 -36.15
C LEU A 2263 13.70 42.12 -35.35
N LEU A 2264 13.89 41.29 -34.33
CA LEU A 2264 14.96 41.48 -33.36
C LEU A 2264 16.25 40.86 -33.90
N VAL A 2265 17.30 41.66 -34.00
CA VAL A 2265 18.59 41.22 -34.53
C VAL A 2265 19.57 41.12 -33.39
N GLY A 2266 20.04 39.91 -33.11
CA GLY A 2266 21.03 39.71 -32.06
C GLY A 2266 22.44 39.50 -32.57
N THR A 2267 23.24 40.56 -32.52
CA THR A 2267 24.63 40.47 -32.96
C THR A 2267 25.45 39.65 -31.96
N ALA A 2268 26.55 39.04 -32.45
CA ALA A 2268 27.43 38.23 -31.61
C ALA A 2268 28.26 39.05 -30.61
N ASP A 2269 28.03 40.37 -30.51
CA ASP A 2269 28.74 41.23 -29.59
C ASP A 2269 27.88 41.65 -28.41
N GLY A 2270 26.87 40.86 -28.08
CA GLY A 2270 25.94 41.24 -27.03
C GLY A 2270 25.17 42.50 -27.33
N LYS A 2271 24.69 42.64 -28.56
CA LYS A 2271 24.02 43.85 -29.03
C LYS A 2271 22.74 43.44 -29.73
N LEU A 2272 21.60 43.86 -29.17
CA LEU A 2272 20.29 43.59 -29.75
C LEU A 2272 19.85 44.81 -30.55
N ALA A 2273 20.05 44.77 -31.86
CA ALA A 2273 19.70 45.87 -32.75
C ALA A 2273 18.23 45.71 -33.14
N ILE A 2274 17.35 46.38 -32.39
CA ILE A 2274 15.92 46.33 -32.68
C ILE A 2274 15.66 46.92 -34.05
N PHE A 2275 14.86 46.24 -34.86
CA PHE A 2275 14.58 46.67 -36.22
C PHE A 2275 13.07 46.67 -36.42
N GLU A 2276 12.62 47.49 -37.38
CA GLU A 2276 11.20 47.69 -37.62
C GLU A 2276 10.75 46.85 -38.82
N ASP A 2277 9.68 46.08 -38.61
CA ASP A 2277 9.16 45.22 -39.67
C ASP A 2277 8.70 46.04 -40.87
N LYS A 2278 8.01 47.15 -40.64
CA LYS A 2278 7.52 47.98 -41.73
C LYS A 2278 8.65 48.54 -42.60
N THR A 2279 9.88 48.55 -42.09
CA THR A 2279 11.04 49.10 -42.79
C THR A 2279 11.78 48.06 -43.63
N VAL A 2280 11.33 46.79 -43.66
CA VAL A 2280 12.05 45.79 -44.44
C VAL A 2280 11.94 46.02 -45.94
N LYS A 2281 11.00 46.85 -46.38
CA LYS A 2281 10.86 47.11 -47.82
C LYS A 2281 12.04 47.90 -48.36
N LEU A 2282 12.61 48.80 -47.56
CA LEU A 2282 13.70 49.66 -48.02
C LEU A 2282 14.94 48.83 -48.34
N LYS A 2283 15.64 49.23 -49.40
CA LYS A 2283 16.87 48.56 -49.82
C LYS A 2283 18.01 49.16 -49.00
N GLY A 2284 18.28 48.55 -47.85
CA GLY A 2284 19.25 49.09 -46.91
C GLY A 2284 18.61 50.07 -45.95
N ALA A 2285 18.77 49.82 -44.66
CA ALA A 2285 18.14 50.64 -43.63
C ALA A 2285 18.99 50.56 -42.37
N ALA A 2286 18.47 51.11 -41.28
CA ALA A 2286 19.17 51.12 -40.00
C ALA A 2286 18.24 50.65 -38.90
N PRO A 2287 18.79 50.01 -37.86
CA PRO A 2287 17.94 49.57 -36.73
C PRO A 2287 17.26 50.74 -36.04
N LEU A 2288 16.02 50.51 -35.61
CA LEU A 2288 15.25 51.55 -34.93
C LEU A 2288 15.87 51.93 -33.59
N LYS A 2289 16.37 50.95 -32.83
CA LYS A 2289 16.95 51.22 -31.52
C LYS A 2289 17.97 50.13 -31.24
N ILE A 2290 19.26 50.46 -31.33
CA ILE A 2290 20.33 49.49 -31.11
C ILE A 2290 20.56 49.39 -29.61
N LEU A 2291 19.94 48.39 -28.98
CA LEU A 2291 20.18 48.13 -27.56
C LEU A 2291 21.53 47.46 -27.36
N ASN A 2292 22.14 47.71 -26.21
CA ASN A 2292 23.40 47.09 -25.83
C ASN A 2292 23.18 46.33 -24.54
N ILE A 2293 23.54 45.04 -24.53
CA ILE A 2293 23.33 44.20 -23.36
C ILE A 2293 24.67 43.75 -22.80
N GLY A 2294 25.68 43.62 -23.65
CA GLY A 2294 26.98 43.18 -23.17
C GLY A 2294 28.08 43.53 -24.15
N ASN A 2295 29.31 43.20 -23.74
CA ASN A 2295 30.49 43.48 -24.54
C ASN A 2295 30.63 42.44 -25.65
N VAL A 2296 31.73 42.56 -26.41
CA VAL A 2296 32.00 41.61 -27.50
C VAL A 2296 32.28 40.21 -26.94
N SER A 2297 32.88 40.12 -25.76
CA SER A 2297 33.18 38.82 -25.16
C SER A 2297 31.92 38.02 -24.87
N THR A 2298 30.82 38.70 -24.53
CA THR A 2298 29.57 38.04 -24.23
C THR A 2298 28.70 38.01 -25.48
N PRO A 2299 28.40 36.84 -26.05
CA PRO A 2299 27.53 36.78 -27.22
C PRO A 2299 26.06 36.72 -26.83
N LEU A 2300 25.23 37.27 -27.69
CA LEU A 2300 23.78 37.31 -27.49
C LEU A 2300 23.13 36.41 -28.54
N MET A 2301 22.75 35.20 -28.12
CA MET A 2301 22.26 34.18 -29.04
C MET A 2301 21.09 33.41 -28.46
N CYS A 2302 20.25 34.04 -27.65
CA CYS A 2302 19.25 33.27 -26.91
C CYS A 2302 17.89 33.96 -26.89
N LEU A 2303 17.43 34.47 -28.04
CA LEU A 2303 16.13 35.12 -28.08
C LEU A 2303 14.99 34.13 -27.84
N SER A 2304 13.92 34.61 -27.22
CA SER A 2304 12.73 33.80 -26.97
C SER A 2304 11.56 34.73 -26.64
N GLU A 2305 10.40 34.14 -26.40
CA GLU A 2305 9.21 34.85 -25.99
C GLU A 2305 8.45 34.00 -24.97
N SER A 2306 7.35 34.54 -24.46
CA SER A 2306 6.51 33.87 -23.48
C SER A 2306 5.16 33.54 -24.10
N THR A 2307 4.76 32.27 -24.00
CA THR A 2307 3.49 31.80 -24.56
C THR A 2307 2.41 31.61 -23.50
N ASN A 2308 2.69 31.94 -22.24
CA ASN A 2308 1.73 31.74 -21.15
C ASN A 2308 0.86 32.98 -20.99
N SER A 2309 -0.46 32.77 -20.98
CA SER A 2309 -1.47 33.81 -20.78
C SER A 2309 -1.36 34.95 -21.80
N THR A 2310 -0.81 34.64 -22.99
CA THR A 2310 -0.62 35.60 -24.07
C THR A 2310 0.14 36.84 -23.61
N GLU A 2311 1.17 36.60 -22.80
CA GLU A 2311 2.02 37.67 -22.25
C GLU A 2311 3.08 38.05 -23.28
N ARG A 2312 2.61 38.60 -24.40
CA ARG A 2312 3.52 39.05 -25.45
C ARG A 2312 4.07 40.43 -25.16
N ASN A 2313 4.59 40.62 -23.94
CA ASN A 2313 5.20 41.85 -23.49
C ASN A 2313 6.67 41.67 -23.16
N VAL A 2314 7.00 40.67 -22.35
CA VAL A 2314 8.38 40.41 -21.93
C VAL A 2314 8.93 39.26 -22.77
N MET A 2315 10.07 39.50 -23.40
CA MET A 2315 10.74 38.51 -24.25
C MET A 2315 12.10 38.21 -23.62
N TRP A 2316 12.14 37.20 -22.76
CA TRP A 2316 13.37 36.84 -22.05
C TRP A 2316 14.40 36.31 -23.04
N GLY A 2317 15.55 36.98 -23.12
CA GLY A 2317 16.64 36.56 -23.95
C GLY A 2317 17.82 36.04 -23.15
N GLY A 2318 18.99 36.05 -23.79
CA GLY A 2318 20.21 35.69 -23.11
C GLY A 2318 21.44 36.27 -23.79
N CYS A 2319 22.28 36.96 -23.01
CA CYS A 2319 23.51 37.55 -23.52
C CYS A 2319 24.67 37.02 -22.72
N GLY A 2320 25.62 36.37 -23.41
CA GLY A 2320 26.73 35.73 -22.74
C GLY A 2320 26.28 34.67 -21.77
N THR A 2321 26.43 34.94 -20.48
CA THR A 2321 26.00 34.03 -19.44
C THR A 2321 25.02 34.76 -18.51
N LYS A 2322 24.28 35.71 -19.06
CA LYS A 2322 23.34 36.52 -18.32
C LYS A 2322 22.00 36.55 -19.05
N ILE A 2323 20.92 36.44 -18.27
CA ILE A 2323 19.56 36.44 -18.80
C ILE A 2323 19.00 37.85 -18.70
N PHE A 2324 18.57 38.40 -19.84
CA PHE A 2324 18.01 39.75 -19.87
C PHE A 2324 16.55 39.70 -20.30
N SER A 2325 15.78 40.68 -19.83
CA SER A 2325 14.36 40.81 -20.16
C SER A 2325 14.08 42.23 -20.60
N PHE A 2326 13.06 42.39 -21.44
CA PHE A 2326 12.70 43.70 -21.96
C PHE A 2326 11.24 43.70 -22.39
N SER A 2327 10.70 44.90 -22.57
CA SER A 2327 9.30 45.06 -22.98
C SER A 2327 9.20 46.00 -24.17
N ASN A 2328 7.97 46.38 -24.54
CA ASN A 2328 7.78 47.36 -25.61
C ASN A 2328 8.34 48.73 -25.26
N ASP A 2329 8.58 49.01 -23.97
CA ASP A 2329 9.31 50.19 -23.56
C ASP A 2329 10.81 50.06 -23.82
N PHE A 2330 11.28 48.85 -24.15
CA PHE A 2330 12.69 48.56 -24.45
C PHE A 2330 13.60 48.96 -23.29
N THR A 2331 13.12 48.71 -22.08
CA THR A 2331 13.88 48.94 -20.84
C THR A 2331 14.11 47.60 -20.16
N ILE A 2332 15.36 47.34 -19.78
CA ILE A 2332 15.73 46.06 -19.18
C ILE A 2332 15.14 45.94 -17.78
N GLN A 2333 14.08 45.14 -17.65
CA GLN A 2333 13.47 44.91 -16.35
C GLN A 2333 14.28 43.98 -15.47
N LYS A 2334 15.15 43.16 -16.05
CA LYS A 2334 15.95 42.23 -15.28
C LYS A 2334 17.17 41.83 -16.08
N LEU A 2335 18.32 41.76 -15.41
CA LEU A 2335 19.57 41.29 -16.01
C LEU A 2335 20.27 40.46 -14.94
N ILE A 2336 20.08 39.15 -15.01
CA ILE A 2336 20.43 38.23 -13.94
C ILE A 2336 21.69 37.48 -14.34
N GLU A 2337 22.65 37.39 -13.42
CA GLU A 2337 23.91 36.71 -13.66
C GLU A 2337 23.74 35.22 -13.37
N THR A 2338 24.28 34.38 -14.24
CA THR A 2338 24.12 32.93 -14.12
C THR A 2338 25.43 32.16 -14.08
N ARG A 2339 26.58 32.83 -14.24
CA ARG A 2339 27.83 32.09 -14.34
C ARG A 2339 28.25 31.47 -13.01
N THR A 2340 27.62 31.86 -11.91
CA THR A 2340 27.96 31.36 -10.59
C THR A 2340 26.98 30.26 -10.22
N SER A 2341 27.50 29.11 -9.81
CA SER A 2341 26.68 28.00 -9.34
C SER A 2341 26.79 27.90 -7.82
N GLN A 2342 25.63 27.85 -7.16
CA GLN A 2342 25.63 27.79 -5.70
C GLN A 2342 26.27 26.49 -5.22
N LEU A 2343 25.98 25.38 -5.89
CA LEU A 2343 26.61 24.12 -5.51
C LEU A 2343 28.10 24.11 -5.82
N PHE A 2344 28.53 24.87 -6.83
CA PHE A 2344 29.93 25.00 -7.24
C PHE A 2344 30.57 23.67 -7.65
N SER A 2345 29.77 22.64 -7.89
CA SER A 2345 30.26 21.35 -8.37
C SER A 2345 29.99 21.16 -9.85
N TYR A 2346 28.77 21.48 -10.29
CA TYR A 2346 28.42 21.45 -11.69
C TYR A 2346 28.77 22.75 -12.40
N ALA A 2347 29.53 23.63 -11.73
CA ALA A 2347 29.90 24.91 -12.31
C ALA A 2347 30.76 24.75 -13.56
N ALA A 2348 31.35 23.57 -13.77
CA ALA A 2348 32.03 23.30 -15.03
C ALA A 2348 31.05 23.40 -16.19
N PHE A 2349 29.83 22.91 -15.99
CA PHE A 2349 28.79 23.02 -17.00
C PHE A 2349 27.89 24.23 -16.81
N SER A 2350 28.14 25.04 -15.77
CA SER A 2350 27.32 26.20 -15.47
C SER A 2350 28.02 27.52 -15.75
N ASP A 2351 29.20 27.47 -16.37
CA ASP A 2351 29.97 28.67 -16.69
C ASP A 2351 30.15 28.79 -18.20
N SER A 2352 29.12 28.44 -18.95
CA SER A 2352 29.13 28.45 -20.40
C SER A 2352 28.04 29.37 -20.91
N ASN A 2353 28.19 29.80 -22.16
CA ASN A 2353 27.21 30.71 -22.75
C ASN A 2353 25.85 30.03 -22.85
N ILE A 2354 24.81 30.81 -22.61
CA ILE A 2354 23.44 30.33 -22.73
C ILE A 2354 23.09 30.12 -24.20
N ILE A 2355 22.38 29.02 -24.48
CA ILE A 2355 22.11 28.65 -25.87
C ILE A 2355 20.62 28.69 -26.20
N THR A 2356 19.78 28.37 -25.21
CA THR A 2356 18.35 28.34 -25.46
C THR A 2356 17.59 28.53 -24.16
N VAL A 2357 16.48 29.26 -24.24
CA VAL A 2357 15.60 29.48 -23.10
C VAL A 2357 14.15 29.31 -23.54
N VAL A 2358 13.38 28.56 -22.76
CA VAL A 2358 11.94 28.40 -22.97
C VAL A 2358 11.26 28.67 -21.64
N VAL A 2359 10.14 29.40 -21.68
CA VAL A 2359 9.47 29.83 -20.46
C VAL A 2359 7.97 29.51 -20.55
N ASP A 2360 7.48 28.73 -19.59
CA ASP A 2360 6.04 28.54 -19.41
C ASP A 2360 5.59 29.06 -18.06
N THR A 2361 6.18 28.57 -16.97
CA THR A 2361 5.94 29.09 -15.63
C THR A 2361 7.24 29.47 -14.91
N ALA A 2362 8.39 29.11 -15.46
CA ALA A 2362 9.69 29.44 -14.90
C ALA A 2362 10.66 29.61 -16.06
N LEU A 2363 11.95 29.60 -15.77
CA LEU A 2363 12.98 29.74 -16.79
C LEU A 2363 13.74 28.43 -16.93
N TYR A 2364 13.97 28.01 -18.17
CA TYR A 2364 14.76 26.81 -18.46
C TYR A 2364 16.00 27.23 -19.25
N ILE A 2365 17.18 26.91 -18.72
CA ILE A 2365 18.44 27.40 -19.25
C ILE A 2365 19.33 26.22 -19.62
N ALA A 2366 19.84 26.25 -20.85
CA ALA A 2366 20.82 25.28 -21.32
C ALA A 2366 22.05 26.01 -21.84
N LYS A 2367 23.21 25.35 -21.73
CA LYS A 2367 24.49 25.96 -22.06
C LYS A 2367 25.30 25.02 -22.96
N GLN A 2368 26.38 25.56 -23.51
CA GLN A 2368 27.25 24.78 -24.38
C GLN A 2368 27.88 23.62 -23.61
N ASN A 2369 27.81 22.42 -24.19
CA ASN A 2369 28.39 21.20 -23.61
C ASN A 2369 27.94 20.99 -22.16
N SER A 2370 26.67 21.27 -21.91
CA SER A 2370 26.12 21.23 -20.56
C SER A 2370 25.14 20.06 -20.44
N PRO A 2371 25.51 18.97 -19.76
CA PRO A 2371 24.53 17.91 -19.48
C PRO A 2371 23.46 18.30 -18.49
N VAL A 2372 23.49 19.51 -17.94
CA VAL A 2372 22.52 19.96 -16.96
C VAL A 2372 21.62 21.01 -17.61
N VAL A 2373 20.39 21.08 -17.13
CA VAL A 2373 19.46 22.14 -17.50
C VAL A 2373 18.96 22.79 -16.20
N GLU A 2374 18.90 24.11 -16.20
CA GLU A 2374 18.61 24.88 -15.00
C GLU A 2374 17.17 25.38 -15.05
N VAL A 2375 16.42 25.11 -14.00
CA VAL A 2375 15.05 25.62 -13.85
C VAL A 2375 15.14 26.78 -12.87
N TRP A 2376 15.09 27.99 -13.39
CA TRP A 2376 15.27 29.18 -12.58
C TRP A 2376 13.92 29.84 -12.34
N ASP A 2377 13.78 30.50 -11.19
CA ASP A 2377 12.55 31.19 -10.83
C ASP A 2377 12.55 32.58 -11.43
N LYS A 2378 11.42 32.96 -12.02
CA LYS A 2378 11.28 34.29 -12.61
C LYS A 2378 10.90 35.36 -11.59
N LYS A 2379 10.67 34.99 -10.33
CA LYS A 2379 10.35 35.97 -9.29
C LYS A 2379 11.47 36.09 -8.26
N THR A 2380 11.89 34.99 -7.65
CA THR A 2380 12.99 35.02 -6.69
C THR A 2380 14.35 35.08 -7.35
N GLU A 2381 14.42 34.86 -8.67
CA GLU A 2381 15.65 34.96 -9.46
C GLU A 2381 16.75 34.04 -8.92
N LYS A 2382 16.36 32.83 -8.53
CA LYS A 2382 17.29 31.85 -8.00
C LYS A 2382 17.01 30.49 -8.63
N LEU A 2383 18.02 29.64 -8.64
CA LEU A 2383 17.92 28.31 -9.25
C LEU A 2383 17.00 27.42 -8.42
N CYS A 2384 15.81 27.15 -8.95
CA CYS A 2384 14.89 26.25 -8.25
C CYS A 2384 15.30 24.79 -8.42
N GLY A 2385 15.69 24.40 -9.62
CA GLY A 2385 16.01 23.00 -9.88
C GLY A 2385 17.13 22.86 -10.88
N LEU A 2386 17.73 21.67 -10.88
CA LEU A 2386 18.84 21.35 -11.79
C LEU A 2386 18.65 19.90 -12.22
N ILE A 2387 18.18 19.71 -13.45
CA ILE A 2387 17.86 18.39 -13.96
C ILE A 2387 19.08 17.83 -14.69
N ASP A 2388 19.46 16.61 -14.36
CA ASP A 2388 20.61 15.95 -14.96
C ASP A 2388 20.15 15.11 -16.14
N CYS A 2389 20.60 15.47 -17.35
CA CYS A 2389 20.32 14.64 -18.51
C CYS A 2389 21.07 13.32 -18.43
N VAL A 2390 22.29 13.35 -17.89
CA VAL A 2390 23.09 12.13 -17.75
C VAL A 2390 22.41 11.14 -16.81
N HIS A 2391 21.75 11.65 -15.78
CA HIS A 2391 21.04 10.76 -14.84
C HIS A 2391 19.95 9.97 -15.54
N PHE A 2392 19.21 10.63 -16.45
CA PHE A 2392 18.16 9.94 -17.18
C PHE A 2392 18.73 9.06 -18.30
N LEU A 2393 19.87 9.45 -18.86
CA LEU A 2393 20.47 8.66 -19.93
C LEU A 2393 21.23 7.45 -19.40
N ARG A 2394 21.55 7.42 -18.11
CA ARG A 2394 22.33 6.32 -17.55
C ARG A 2394 21.60 4.99 -17.65
N GLU A 2395 20.26 5.01 -17.63
CA GLU A 2395 19.51 3.76 -17.73
C GLU A 2395 19.62 3.14 -19.12
N VAL A 2396 19.81 3.98 -20.14
CA VAL A 2396 19.84 3.49 -21.52
C VAL A 2396 21.27 3.34 -22.06
N THR A 2397 22.25 3.97 -21.41
CA THR A 2397 23.63 3.82 -21.87
C THR A 2397 24.30 2.55 -21.33
N VAL A 2398 23.96 2.14 -20.11
CA VAL A 2398 24.57 0.93 -19.54
C VAL A 2398 24.12 -0.30 -20.33
N LYS A 2399 22.89 -0.31 -20.80
CA LYS A 2399 22.35 -1.44 -21.55
C LYS A 2399 23.01 -1.54 -22.93
N SER A 2409 33.44 9.83 -19.61
CA SER A 2409 33.10 11.16 -20.10
C SER A 2409 31.86 11.12 -20.98
N TYR A 2410 30.69 11.32 -20.36
CA TYR A 2410 29.42 11.32 -21.07
C TYR A 2410 29.24 12.66 -21.77
N SER A 2411 29.33 12.67 -23.10
CA SER A 2411 29.08 13.87 -23.89
C SER A 2411 27.59 14.00 -24.22
N GLY A 2412 26.76 13.95 -23.19
CA GLY A 2412 25.33 14.12 -23.34
C GLY A 2412 24.92 15.59 -23.28
N ARG A 2413 25.43 16.38 -24.21
CA ARG A 2413 25.15 17.82 -24.22
C ARG A 2413 23.67 18.09 -24.48
N VAL A 2414 23.29 19.36 -24.35
CA VAL A 2414 21.95 19.81 -24.71
C VAL A 2414 22.11 20.79 -25.85
N LYS A 2415 21.97 20.32 -27.08
CA LYS A 2415 22.21 21.14 -28.25
C LYS A 2415 20.98 21.93 -28.67
N THR A 2416 19.80 21.58 -28.17
CA THR A 2416 18.57 22.31 -28.44
C THR A 2416 17.56 21.97 -27.35
N LEU A 2417 16.51 22.79 -27.27
CA LEU A 2417 15.50 22.62 -26.24
C LEU A 2417 14.21 23.26 -26.72
N CYS A 2418 13.11 22.48 -26.74
CA CYS A 2418 11.81 22.98 -27.14
C CYS A 2418 10.79 22.57 -26.09
N LEU A 2419 9.79 23.43 -25.89
CA LEU A 2419 8.78 23.23 -24.87
C LEU A 2419 7.40 23.22 -25.50
N GLN A 2420 6.71 22.09 -25.36
CA GLN A 2420 5.33 21.98 -25.82
C GLN A 2420 4.43 22.71 -24.83
N LYS A 2421 3.33 23.28 -25.36
CA LYS A 2421 2.40 24.17 -24.65
C LYS A 2421 2.20 23.86 -23.17
N ASN A 2422 1.53 22.75 -22.84
CA ASN A 2422 1.21 22.44 -21.46
C ASN A 2422 1.34 20.96 -21.13
N THR A 2423 2.08 20.19 -21.94
CA THR A 2423 2.13 18.75 -21.77
C THR A 2423 3.50 18.25 -21.32
N ALA A 2424 4.56 18.58 -22.07
CA ALA A 2424 5.86 17.99 -21.81
C ALA A 2424 6.96 18.92 -22.30
N LEU A 2425 8.20 18.58 -21.92
CA LEU A 2425 9.40 19.29 -22.33
C LEU A 2425 10.23 18.41 -23.23
N TRP A 2426 10.61 18.92 -24.39
CA TRP A 2426 11.38 18.17 -25.37
C TRP A 2426 12.83 18.64 -25.34
N ILE A 2427 13.72 17.79 -24.84
CA ILE A 2427 15.15 18.09 -24.80
C ILE A 2427 15.82 17.37 -25.97
N GLY A 2428 16.65 18.10 -26.71
CA GLY A 2428 17.41 17.52 -27.80
C GLY A 2428 18.88 17.45 -27.45
N THR A 2429 19.42 16.24 -27.35
CA THR A 2429 20.81 16.07 -26.92
C THR A 2429 21.75 16.01 -28.11
N GLY A 2430 23.03 16.26 -27.83
CA GLY A 2430 24.06 16.16 -28.85
C GLY A 2430 24.52 14.76 -29.15
N GLY A 2431 24.08 13.79 -28.36
CA GLY A 2431 24.38 12.39 -28.59
C GLY A 2431 23.37 11.66 -29.45
N GLY A 2432 22.41 12.37 -30.03
CA GLY A 2432 21.37 11.77 -30.83
C GLY A 2432 20.12 11.39 -30.07
N HIS A 2433 20.10 11.59 -28.75
CA HIS A 2433 18.95 11.24 -27.94
C HIS A 2433 17.95 12.39 -27.90
N ILE A 2434 16.69 12.05 -27.65
CA ILE A 2434 15.63 13.04 -27.44
C ILE A 2434 14.94 12.69 -26.14
N LEU A 2435 14.91 13.65 -25.21
CA LEU A 2435 14.37 13.45 -23.88
C LEU A 2435 13.00 14.12 -23.77
N LEU A 2436 11.95 13.32 -23.65
CA LEU A 2436 10.61 13.81 -23.35
C LEU A 2436 10.41 13.78 -21.85
N LEU A 2437 10.41 14.95 -21.22
CA LEU A 2437 10.24 15.06 -19.78
C LEU A 2437 8.83 15.53 -19.47
N ASP A 2438 8.26 15.01 -18.39
CA ASP A 2438 6.95 15.46 -17.95
C ASP A 2438 7.09 16.86 -17.35
N LEU A 2439 6.39 17.82 -17.94
CA LEU A 2439 6.47 19.21 -17.51
C LEU A 2439 5.88 19.43 -16.10
N SER A 2440 5.13 18.46 -15.57
CA SER A 2440 4.41 18.64 -14.31
C SER A 2440 5.37 18.94 -13.15
N THR A 2441 6.16 17.96 -12.72
CA THR A 2441 7.24 18.24 -11.78
C THR A 2441 8.60 17.79 -12.31
N ARG A 2442 8.82 16.49 -12.49
CA ARG A 2442 10.14 15.97 -12.88
C ARG A 2442 10.14 14.82 -13.87
N ARG A 2443 9.05 14.08 -14.02
CA ARG A 2443 9.08 12.73 -14.58
C ARG A 2443 9.61 12.67 -16.00
N LEU A 2444 10.33 11.60 -16.31
CA LEU A 2444 10.84 11.32 -17.64
C LEU A 2444 9.83 10.43 -18.37
N ILE A 2445 9.17 10.98 -19.39
CA ILE A 2445 8.19 10.19 -20.14
C ILE A 2445 8.87 9.11 -20.96
N ARG A 2446 9.90 9.47 -21.73
CA ARG A 2446 10.57 8.52 -22.61
C ARG A 2446 11.90 9.09 -23.06
N VAL A 2447 12.79 8.22 -23.49
CA VAL A 2447 14.04 8.57 -24.15
C VAL A 2447 14.05 7.93 -25.53
N ILE A 2448 14.29 8.74 -26.56
CA ILE A 2448 14.24 8.29 -27.94
C ILE A 2448 15.64 8.38 -28.53
N TYR A 2449 16.12 7.27 -29.09
CA TYR A 2449 17.46 7.19 -29.66
C TYR A 2449 17.43 6.19 -30.82
N ASN A 2450 18.62 5.85 -31.31
CA ASN A 2450 18.80 4.93 -32.45
C ASN A 2450 18.11 5.44 -33.71
N PHE A 2451 18.06 6.76 -33.88
CA PHE A 2451 17.58 7.37 -35.12
C PHE A 2451 18.47 8.49 -35.64
N CYS A 2452 19.35 9.06 -34.81
CA CYS A 2452 20.28 10.09 -35.23
C CYS A 2452 21.52 10.00 -34.35
N ASN A 2453 22.61 10.60 -34.82
CA ASN A 2453 23.83 10.69 -34.02
C ASN A 2453 23.95 11.98 -33.24
N SER A 2454 23.26 13.04 -33.65
CA SER A 2454 23.32 14.32 -32.95
C SER A 2454 22.13 15.17 -33.38
N VAL A 2455 21.32 15.61 -32.41
CA VAL A 2455 20.20 16.51 -32.69
C VAL A 2455 20.73 17.93 -32.75
N ARG A 2456 20.30 18.68 -33.77
CA ARG A 2456 20.80 20.03 -33.98
C ARG A 2456 19.73 21.10 -33.78
N VAL A 2457 18.62 21.03 -34.50
CA VAL A 2457 17.58 22.04 -34.43
C VAL A 2457 16.23 21.37 -34.20
N MET A 2458 15.55 21.75 -33.13
CA MET A 2458 14.21 21.27 -32.82
C MET A 2458 13.25 22.45 -32.73
N MET A 2459 12.15 22.38 -33.49
CA MET A 2459 11.21 23.49 -33.52
C MET A 2459 9.82 22.98 -33.89
N THR A 2460 8.81 23.79 -33.56
CA THR A 2460 7.41 23.46 -33.78
C THR A 2460 6.89 24.21 -34.99
N ALA A 2461 6.24 23.48 -35.91
CA ALA A 2461 5.68 24.05 -37.13
C ALA A 2461 4.26 23.55 -37.32
N GLN A 2462 3.63 24.01 -38.40
CA GLN A 2462 2.31 23.56 -38.83
C GLN A 2462 2.30 23.43 -40.34
N LEU A 2463 1.88 22.27 -40.84
CA LEU A 2463 2.04 21.93 -42.25
C LEU A 2463 0.71 21.44 -42.81
N GLY A 2464 0.20 22.14 -43.83
CA GLY A 2464 -0.97 21.71 -44.58
C GLY A 2464 -2.24 21.57 -43.75
N SER A 2465 -2.52 22.57 -42.92
CA SER A 2465 -3.63 22.59 -41.97
C SER A 2465 -3.58 21.45 -40.97
N LEU A 2466 -2.42 20.79 -40.86
CA LEU A 2466 -2.17 19.73 -39.88
C LEU A 2466 -1.03 20.22 -39.00
N LYS A 2467 -1.38 20.85 -37.88
CA LYS A 2467 -0.40 21.36 -36.94
C LYS A 2467 0.13 20.21 -36.09
N ASN A 2468 0.83 20.55 -35.01
CA ASN A 2468 1.35 19.57 -34.05
C ASN A 2468 2.38 18.65 -34.70
N VAL A 2469 3.41 19.26 -35.30
CA VAL A 2469 4.52 18.52 -35.90
C VAL A 2469 5.84 19.12 -35.41
N MET A 2470 6.59 18.35 -34.63
CA MET A 2470 7.87 18.79 -34.08
C MET A 2470 8.98 18.44 -35.06
N LEU A 2471 9.31 19.40 -35.93
CA LEU A 2471 10.41 19.20 -36.86
C LEU A 2471 11.71 19.02 -36.09
N VAL A 2472 12.40 17.92 -36.33
CA VAL A 2472 13.67 17.61 -35.68
C VAL A 2472 14.69 17.35 -36.78
N LEU A 2473 15.82 18.04 -36.70
CA LEU A 2473 16.90 17.91 -37.67
C LEU A 2473 18.10 17.29 -36.98
N GLY A 2474 18.61 16.20 -37.54
CA GLY A 2474 19.71 15.48 -36.94
C GLY A 2474 20.82 15.26 -37.94
N TYR A 2475 22.00 14.94 -37.40
CA TYR A 2475 23.20 14.68 -38.19
C TYR A 2475 23.55 13.21 -38.05
N ASN A 2476 23.16 12.41 -39.04
CA ASN A 2476 23.51 10.99 -39.07
C ASN A 2476 24.87 10.86 -39.73
N ARG A 2477 25.89 10.62 -38.92
CA ARG A 2477 27.28 10.56 -39.38
C ARG A 2477 27.74 9.11 -39.34
N LYS A 2478 27.58 8.41 -40.46
CA LYS A 2478 28.03 7.03 -40.55
C LYS A 2478 29.54 6.96 -40.58
N ASN A 2479 30.10 5.94 -39.91
CA ASN A 2479 31.54 5.75 -39.85
C ASN A 2479 32.07 4.93 -41.03
N THR A 2480 31.30 4.85 -42.12
CA THR A 2480 31.75 4.10 -43.30
C THR A 2480 32.98 4.76 -43.94
N GLU A 2481 33.00 6.10 -43.98
CA GLU A 2481 34.13 6.81 -44.58
C GLU A 2481 35.42 6.57 -43.80
N GLY A 2482 35.35 6.56 -42.48
CA GLY A 2482 36.52 6.28 -41.68
C GLY A 2482 36.26 6.53 -40.22
N THR A 2483 37.23 6.12 -39.40
CA THR A 2483 37.16 6.31 -37.96
C THR A 2483 37.65 7.67 -37.51
N GLN A 2484 38.27 8.45 -38.40
CA GLN A 2484 38.76 9.79 -38.09
C GLN A 2484 37.68 10.86 -38.22
N LYS A 2485 36.40 10.46 -38.15
CA LYS A 2485 35.26 11.36 -38.31
C LYS A 2485 35.32 12.06 -39.68
N GLN A 2486 35.61 11.27 -40.71
CA GLN A 2486 35.62 11.77 -42.08
C GLN A 2486 34.23 12.25 -42.48
N LYS A 2487 34.19 13.25 -43.34
CA LYS A 2487 32.93 13.92 -43.63
C LYS A 2487 32.01 13.03 -44.45
N GLU A 2488 31.21 12.21 -43.78
CA GLU A 2488 30.10 11.48 -44.38
C GLU A 2488 28.92 11.67 -43.43
N ILE A 2489 28.21 12.79 -43.61
CA ILE A 2489 27.15 13.20 -42.71
C ILE A 2489 25.87 13.38 -43.51
N GLN A 2490 24.88 12.55 -43.22
CA GLN A 2490 23.53 12.74 -43.75
C GLN A 2490 22.73 13.55 -42.73
N SER A 2491 22.33 14.76 -43.11
CA SER A 2491 21.48 15.58 -42.27
C SER A 2491 20.02 15.17 -42.50
N CYS A 2492 19.43 14.51 -41.51
CA CYS A 2492 18.10 13.94 -41.62
C CYS A 2492 17.08 14.89 -40.98
N LEU A 2493 16.08 15.29 -41.76
CA LEU A 2493 15.01 16.16 -41.27
C LEU A 2493 13.78 15.30 -41.07
N THR A 2494 13.58 14.84 -39.84
CA THR A 2494 12.47 13.98 -39.49
C THR A 2494 11.32 14.81 -38.91
N VAL A 2495 10.10 14.33 -39.10
CA VAL A 2495 8.90 15.04 -38.70
C VAL A 2495 8.15 14.18 -37.69
N TRP A 2496 7.92 14.73 -36.50
CA TRP A 2496 7.23 14.04 -35.43
C TRP A 2496 5.81 14.58 -35.28
N ASP A 2497 5.12 14.11 -34.24
CA ASP A 2497 3.79 14.59 -33.89
C ASP A 2497 3.77 14.86 -32.39
N ILE A 2498 3.58 16.12 -31.99
CA ILE A 2498 3.83 16.53 -30.60
C ILE A 2498 2.78 15.95 -29.67
N ASN A 2499 1.83 15.19 -30.21
CA ASN A 2499 1.01 14.32 -29.38
C ASN A 2499 1.81 13.18 -28.76
N LEU A 2500 3.04 12.97 -29.22
CA LEU A 2500 3.89 11.86 -28.79
C LEU A 2500 3.99 11.70 -27.27
N PRO A 2501 4.12 12.75 -26.44
CA PRO A 2501 4.11 12.51 -24.99
C PRO A 2501 2.87 11.78 -24.49
N HIS A 2502 1.73 11.90 -25.17
CA HIS A 2502 0.49 11.24 -24.76
C HIS A 2502 0.51 9.74 -25.11
N GLU A 2503 0.74 9.43 -26.40
CA GLU A 2503 0.66 8.05 -26.87
C GLU A 2503 1.50 7.13 -26.00
N VAL A 2504 2.64 7.59 -25.49
CA VAL A 2504 3.48 6.76 -24.62
C VAL A 2504 2.63 6.12 -23.52
N GLN A 2505 2.01 6.96 -22.68
CA GLN A 2505 1.11 6.46 -21.62
C GLN A 2505 -0.02 5.62 -22.21
N ASN A 2506 -0.73 6.15 -23.21
CA ASN A 2506 -1.76 5.38 -23.90
C ASN A 2506 -1.33 3.95 -24.22
N LEU A 2507 -0.24 3.84 -24.99
CA LEU A 2507 0.27 2.55 -25.45
C LEU A 2507 0.63 1.66 -24.26
N GLU A 2508 1.34 2.21 -23.26
CA GLU A 2508 1.74 1.38 -22.14
C GLU A 2508 0.53 0.87 -21.38
N LYS A 2509 -0.50 1.72 -21.20
CA LYS A 2509 -1.74 1.27 -20.57
C LYS A 2509 -2.34 0.10 -21.34
N HIS A 2510 -2.44 0.26 -22.68
CA HIS A 2510 -2.86 -0.81 -23.57
C HIS A 2510 -2.14 -2.11 -23.25
N ILE A 2511 -0.80 -2.06 -23.28
CA ILE A 2511 0.02 -3.25 -23.04
C ILE A 2511 -0.32 -3.86 -21.69
N GLU A 2512 -0.37 -3.03 -20.63
CA GLU A 2512 -0.69 -3.52 -19.29
C GLU A 2512 -2.01 -4.27 -19.29
N VAL A 2513 -3.05 -3.66 -19.89
CA VAL A 2513 -4.37 -4.29 -19.94
C VAL A 2513 -4.27 -5.65 -20.61
N ARG A 2514 -3.63 -5.70 -21.79
CA ARG A 2514 -3.49 -6.97 -22.50
C ARG A 2514 -2.76 -8.01 -21.65
N LYS A 2515 -1.67 -7.60 -21.00
CA LYS A 2515 -0.91 -8.47 -20.11
C LYS A 2515 -1.83 -9.08 -19.06
N GLU A 2516 -2.61 -8.22 -18.39
CA GLU A 2516 -3.57 -8.66 -17.38
C GLU A 2516 -4.52 -9.69 -17.97
N LEU A 2517 -5.10 -9.36 -19.12
CA LEU A 2517 -6.03 -10.28 -19.81
C LEU A 2517 -5.38 -11.64 -20.00
N ALA A 2518 -4.15 -11.64 -20.53
CA ALA A 2518 -3.39 -12.87 -20.78
C ALA A 2518 -3.29 -13.69 -19.50
N GLU A 2519 -2.83 -13.04 -18.43
CA GLU A 2519 -2.69 -13.71 -17.13
C GLU A 2519 -4.01 -14.32 -16.70
N LYS A 2520 -5.09 -13.55 -16.77
CA LYS A 2520 -6.42 -14.02 -16.40
C LYS A 2520 -6.79 -15.27 -17.19
N MET A 2521 -6.62 -15.22 -18.51
CA MET A 2521 -6.95 -16.36 -19.36
C MET A 2521 -6.14 -17.59 -18.97
N ARG A 2522 -4.84 -17.40 -18.73
CA ARG A 2522 -3.98 -18.53 -18.33
C ARG A 2522 -4.44 -19.12 -17.01
N ARG A 2523 -4.81 -18.28 -16.05
CA ARG A 2523 -5.36 -18.75 -14.78
C ARG A 2523 -6.65 -19.55 -14.99
N THR A 2524 -7.55 -19.03 -15.83
CA THR A 2524 -8.78 -19.77 -16.13
C THR A 2524 -8.47 -21.08 -16.84
N SER A 2525 -7.35 -21.14 -17.57
CA SER A 2525 -6.92 -22.39 -18.18
C SER A 2525 -6.46 -23.39 -17.14
N VAL A 2526 -5.77 -22.90 -16.10
CA VAL A 2526 -5.21 -23.82 -15.10
C VAL A 2526 -6.32 -24.43 -14.27
N GLU A 2527 -7.28 -23.63 -13.83
CA GLU A 2527 -8.37 -24.12 -13.00
C GLU A 2527 -9.46 -24.74 -13.86
N ALA B 1329 -75.95 27.71 -12.48
CA ALA B 1329 -75.50 28.43 -13.67
C ALA B 1329 -75.84 29.91 -13.57
N VAL B 1330 -76.14 30.37 -12.36
CA VAL B 1330 -76.53 31.75 -12.11
C VAL B 1330 -75.34 32.67 -12.34
N PRO B 1331 -75.57 33.93 -12.73
CA PRO B 1331 -74.45 34.88 -12.87
C PRO B 1331 -73.75 35.12 -11.54
N TYR B 1332 -72.45 35.35 -11.61
CA TYR B 1332 -71.62 35.53 -10.42
C TYR B 1332 -71.32 37.02 -10.23
N ASN B 1333 -71.88 37.62 -9.18
CA ASN B 1333 -71.62 39.00 -8.84
C ASN B 1333 -70.60 39.03 -7.71
N ARG B 1334 -69.33 38.84 -8.06
CA ARG B 1334 -68.25 38.86 -7.08
C ARG B 1334 -66.99 39.39 -7.75
N MET B 1335 -66.26 40.21 -7.01
CA MET B 1335 -65.08 40.89 -7.54
C MET B 1335 -64.13 41.17 -6.38
N LYS B 1336 -62.84 41.26 -6.68
CA LYS B 1336 -61.84 41.65 -5.71
C LYS B 1336 -61.52 43.14 -5.89
N LEU B 1337 -61.54 43.88 -4.80
CA LEU B 1337 -61.15 45.28 -4.80
C LEU B 1337 -59.85 45.43 -4.02
N MET B 1338 -58.85 46.02 -4.66
CA MET B 1338 -57.54 46.21 -4.05
C MET B 1338 -57.36 47.69 -3.76
N ILE B 1339 -57.06 48.01 -2.50
CA ILE B 1339 -56.77 49.38 -2.09
C ILE B 1339 -55.31 49.44 -1.69
N VAL B 1340 -54.52 50.22 -2.42
CA VAL B 1340 -53.08 50.28 -2.22
C VAL B 1340 -52.64 51.72 -2.06
N GLY B 1341 -51.47 51.91 -1.48
CA GLY B 1341 -50.90 53.22 -1.31
C GLY B 1341 -49.84 53.21 -0.22
N ASN B 1342 -49.20 54.37 -0.07
CA ASN B 1342 -48.17 54.53 0.95
C ASN B 1342 -48.82 54.64 2.33
N THR B 1343 -47.99 54.51 3.37
CA THR B 1343 -48.48 54.62 4.74
C THR B 1343 -49.01 56.03 5.02
N GLY B 1344 -50.08 56.09 5.80
CA GLY B 1344 -50.72 57.35 6.14
C GLY B 1344 -51.54 57.96 5.03
N SER B 1345 -51.73 57.25 3.91
CA SER B 1345 -52.52 57.78 2.80
C SER B 1345 -53.99 57.90 3.18
N GLY B 1346 -54.51 56.94 3.93
CA GLY B 1346 -55.90 56.92 4.32
C GLY B 1346 -56.71 55.80 3.71
N LYS B 1347 -56.08 54.71 3.30
CA LYS B 1347 -56.79 53.60 2.66
C LYS B 1347 -57.80 52.96 3.61
N THR B 1348 -57.40 52.70 4.85
CA THR B 1348 -58.32 52.08 5.81
C THR B 1348 -59.49 52.98 6.13
N THR B 1349 -59.23 54.27 6.33
CA THR B 1349 -60.31 55.21 6.63
C THR B 1349 -61.24 55.36 5.42
N LEU B 1350 -60.68 55.39 4.21
CA LEU B 1350 -61.50 55.46 3.02
C LEU B 1350 -62.38 54.22 2.90
N LEU B 1351 -61.83 53.04 3.16
CA LEU B 1351 -62.62 51.82 3.11
C LEU B 1351 -63.74 51.85 4.14
N GLN B 1352 -63.43 52.33 5.35
CA GLN B 1352 -64.45 52.43 6.39
C GLN B 1352 -65.57 53.39 5.98
N GLN B 1353 -65.21 54.53 5.40
CA GLN B 1353 -66.21 55.51 4.98
C GLN B 1353 -67.08 54.97 3.85
N LEU B 1354 -66.46 54.30 2.86
CA LEU B 1354 -67.23 53.77 1.73
C LEU B 1354 -68.13 52.62 2.18
N MET B 1355 -67.60 51.69 2.96
CA MET B 1355 -68.34 50.47 3.30
C MET B 1355 -69.50 50.76 4.25
N LYS B 1356 -69.24 51.54 5.30
CA LYS B 1356 -70.27 51.84 6.29
C LYS B 1356 -71.36 52.73 5.72
N MET B 1364 -58.50 53.33 16.00
CA MET B 1364 -57.76 52.11 16.25
C MET B 1364 -57.01 51.66 14.99
N GLN B 1365 -57.00 52.53 13.98
CA GLN B 1365 -56.31 52.25 12.73
C GLN B 1365 -54.86 52.71 12.78
N SER B 1366 -54.14 52.22 13.80
CA SER B 1366 -52.73 52.56 13.96
C SER B 1366 -51.91 52.08 12.76
N ALA B 1367 -52.19 50.87 12.29
CA ALA B 1367 -51.50 50.33 11.13
C ALA B 1367 -52.41 49.28 10.49
N THR B 1368 -52.08 48.93 9.25
CA THR B 1368 -52.76 47.85 8.53
C THR B 1368 -51.68 46.82 8.21
N VAL B 1369 -51.44 45.92 9.17
CA VAL B 1369 -50.36 44.95 9.03
C VAL B 1369 -50.74 43.91 7.98
N GLY B 1370 -49.81 43.66 7.04
CA GLY B 1370 -50.08 42.74 5.95
C GLY B 1370 -51.20 43.24 5.08
N ILE B 1371 -52.19 42.39 4.85
CA ILE B 1371 -53.36 42.75 4.06
C ILE B 1371 -54.62 42.41 4.86
N ASP B 1372 -55.55 43.35 4.92
CA ASP B 1372 -56.85 43.13 5.56
C ASP B 1372 -57.84 42.75 4.47
N VAL B 1373 -58.37 41.53 4.54
CA VAL B 1373 -59.31 41.02 3.56
C VAL B 1373 -60.71 41.13 4.14
N LYS B 1374 -61.63 41.69 3.35
CA LYS B 1374 -63.00 41.89 3.79
C LYS B 1374 -63.94 41.63 2.62
N ASP B 1375 -65.21 41.44 2.95
CA ASP B 1375 -66.26 41.27 1.96
C ASP B 1375 -67.20 42.47 2.05
N TRP B 1376 -67.44 43.11 0.90
CA TRP B 1376 -68.32 44.26 0.84
C TRP B 1376 -69.59 43.86 0.10
N PRO B 1377 -70.69 43.60 0.81
CA PRO B 1377 -71.97 43.31 0.13
C PRO B 1377 -72.63 44.59 -0.33
N ILE B 1378 -72.60 44.83 -1.65
CA ILE B 1378 -73.22 45.99 -2.25
C ILE B 1378 -74.43 45.50 -3.04
N GLN B 1379 -75.61 45.66 -2.46
CA GLN B 1379 -76.86 45.46 -3.18
C GLN B 1379 -77.39 46.86 -3.52
N ILE B 1380 -77.26 47.24 -4.79
CA ILE B 1380 -77.75 48.54 -5.24
C ILE B 1380 -79.25 48.65 -4.93
N ARG B 1381 -79.68 49.85 -4.54
CA ARG B 1381 -81.07 50.09 -4.14
C ARG B 1381 -82.05 49.59 -5.20
N ASP B 1382 -81.74 49.81 -6.47
CA ASP B 1382 -82.53 49.23 -7.54
C ASP B 1382 -82.33 47.72 -7.58
N LYS B 1383 -83.43 46.98 -7.59
CA LYS B 1383 -83.34 45.52 -7.69
C LYS B 1383 -82.83 45.04 -9.05
N ARG B 1384 -82.76 45.92 -10.05
CA ARG B 1384 -82.23 45.54 -11.36
C ARG B 1384 -80.76 45.11 -11.25
N LYS B 1385 -79.96 45.83 -10.49
CA LYS B 1385 -78.56 45.49 -10.31
C LYS B 1385 -78.39 44.29 -9.40
N ARG B 1386 -77.60 43.31 -9.84
CA ARG B 1386 -77.32 42.15 -9.01
C ARG B 1386 -76.48 42.55 -7.80
N ASP B 1387 -76.74 41.87 -6.68
CA ASP B 1387 -76.03 42.16 -5.43
C ASP B 1387 -74.56 41.78 -5.56
N LEU B 1388 -73.69 42.78 -5.55
CA LEU B 1388 -72.25 42.55 -5.64
C LEU B 1388 -71.67 42.29 -4.26
N VAL B 1389 -70.61 41.49 -4.24
CA VAL B 1389 -69.84 41.21 -3.02
C VAL B 1389 -68.39 41.51 -3.36
N LEU B 1390 -67.94 42.72 -3.04
CA LEU B 1390 -66.57 43.12 -3.34
C LEU B 1390 -65.63 42.52 -2.31
N ASN B 1391 -64.66 41.73 -2.79
CA ASN B 1391 -63.63 41.16 -1.91
C ASN B 1391 -62.54 42.20 -1.73
N VAL B 1392 -62.66 42.99 -0.67
CA VAL B 1392 -61.75 44.11 -0.46
C VAL B 1392 -60.46 43.61 0.17
N TRP B 1393 -59.33 43.98 -0.44
CA TRP B 1393 -57.99 43.65 0.05
C TRP B 1393 -57.31 44.98 0.39
N ASP B 1394 -57.43 45.40 1.65
CA ASP B 1394 -56.74 46.60 2.12
C ASP B 1394 -55.26 46.29 2.28
N PHE B 1395 -54.43 46.86 1.41
CA PHE B 1395 -53.00 46.58 1.45
C PHE B 1395 -52.30 47.47 2.47
N ALA B 1396 -51.13 47.01 2.90
CA ALA B 1396 -50.31 47.79 3.84
C ALA B 1396 -49.70 49.00 3.14
N GLY B 1397 -49.26 49.96 3.96
CA GLY B 1397 -48.59 51.13 3.46
C GLY B 1397 -47.12 51.15 3.83
N ARG B 1398 -46.80 50.60 4.99
CA ARG B 1398 -45.41 50.52 5.45
C ARG B 1398 -44.60 49.61 4.53
N GLU B 1399 -43.33 49.99 4.32
CA GLU B 1399 -42.51 49.34 3.31
C GLU B 1399 -41.96 47.98 3.74
N GLU B 1400 -42.09 47.61 5.02
CA GLU B 1400 -41.60 46.32 5.47
C GLU B 1400 -42.38 45.16 4.85
N PHE B 1401 -43.64 45.40 4.48
CA PHE B 1401 -44.52 44.35 3.96
C PHE B 1401 -44.52 44.28 2.44
N TYR B 1402 -43.71 45.11 1.76
CA TYR B 1402 -43.77 45.21 0.31
C TYR B 1402 -43.30 43.95 -0.40
N SER B 1403 -42.49 43.12 0.27
CA SER B 1403 -41.91 41.96 -0.40
C SER B 1403 -42.95 40.90 -0.71
N THR B 1404 -43.96 40.73 0.14
CA THR B 1404 -44.97 39.68 -0.03
C THR B 1404 -46.22 40.17 -0.74
N HIS B 1405 -46.35 41.48 -0.97
CA HIS B 1405 -47.52 42.01 -1.66
C HIS B 1405 -47.70 41.49 -3.09
N PRO B 1406 -46.68 41.42 -3.97
CA PRO B 1406 -46.96 41.01 -5.36
C PRO B 1406 -47.49 39.59 -5.50
N HIS B 1407 -47.29 38.73 -4.51
CA HIS B 1407 -47.88 37.38 -4.57
C HIS B 1407 -49.40 37.41 -4.53
N PHE B 1408 -49.99 38.39 -3.84
CA PHE B 1408 -51.43 38.49 -3.71
C PHE B 1408 -52.04 39.50 -4.66
N MET B 1409 -51.24 40.06 -5.57
CA MET B 1409 -51.75 40.94 -6.61
C MET B 1409 -52.01 40.14 -7.87
N THR B 1410 -53.26 40.15 -8.34
CA THR B 1410 -53.68 39.30 -9.44
C THR B 1410 -54.62 40.07 -10.35
N GLN B 1411 -54.87 39.51 -11.53
CA GLN B 1411 -55.85 40.05 -12.47
C GLN B 1411 -57.26 39.75 -11.94
N ARG B 1412 -58.27 40.04 -12.77
CA ARG B 1412 -59.69 39.84 -12.42
C ARG B 1412 -60.05 40.61 -11.15
N ALA B 1413 -59.55 41.83 -11.03
CA ALA B 1413 -59.76 42.64 -9.86
C ALA B 1413 -59.64 44.12 -10.24
N LEU B 1414 -60.13 44.98 -9.35
CA LEU B 1414 -60.08 46.41 -9.54
C LEU B 1414 -59.22 47.03 -8.45
N TYR B 1415 -58.51 48.09 -8.80
CA TYR B 1415 -57.47 48.67 -7.94
C TYR B 1415 -57.78 50.12 -7.60
N LEU B 1416 -57.55 50.49 -6.34
CA LEU B 1416 -57.55 51.89 -5.93
C LEU B 1416 -56.11 52.34 -5.72
N ALA B 1417 -55.92 53.66 -5.71
CA ALA B 1417 -54.57 54.23 -5.65
C ALA B 1417 -54.51 55.40 -4.67
N VAL B 1418 -54.99 55.19 -3.44
CA VAL B 1418 -55.08 56.22 -2.40
C VAL B 1418 -53.73 56.90 -2.21
N TYR B 1419 -53.68 58.22 -2.46
CA TYR B 1419 -52.47 59.00 -2.27
C TYR B 1419 -52.78 60.27 -1.48
N ASP B 1420 -51.98 60.52 -0.43
CA ASP B 1420 -52.15 61.70 0.39
C ASP B 1420 -51.82 62.98 -0.37
N LEU B 1421 -52.56 64.04 -0.06
CA LEU B 1421 -52.30 65.36 -0.63
C LEU B 1421 -51.48 66.28 0.27
N SER B 1422 -51.54 66.07 1.60
CA SER B 1422 -50.78 66.89 2.52
C SER B 1422 -49.28 66.68 2.40
N LYS B 1423 -48.85 65.50 1.94
CA LYS B 1423 -47.43 65.24 1.76
C LYS B 1423 -46.82 66.11 0.68
N GLY B 1424 -47.61 66.54 -0.30
CA GLY B 1424 -47.12 67.38 -1.37
C GLY B 1424 -47.22 66.72 -2.73
N GLN B 1425 -46.07 66.52 -3.37
CA GLN B 1425 -46.02 65.88 -4.68
C GLN B 1425 -45.24 64.57 -4.68
N ALA B 1426 -44.54 64.24 -3.59
CA ALA B 1426 -43.82 62.97 -3.49
C ALA B 1426 -44.76 61.77 -3.44
N GLU B 1427 -46.04 61.99 -3.12
CA GLU B 1427 -47.02 60.90 -3.14
C GLU B 1427 -47.17 60.32 -4.54
N VAL B 1428 -47.06 61.16 -5.58
CA VAL B 1428 -47.11 60.67 -6.95
C VAL B 1428 -45.96 59.70 -7.21
N ASP B 1429 -44.76 60.06 -6.76
CA ASP B 1429 -43.61 59.17 -6.90
C ASP B 1429 -43.75 57.90 -6.08
N ALA B 1430 -44.40 57.99 -4.92
CA ALA B 1430 -44.51 56.84 -4.02
C ALA B 1430 -45.33 55.70 -4.62
N MET B 1431 -46.36 56.01 -5.41
CA MET B 1431 -47.25 54.98 -5.94
C MET B 1431 -46.74 54.34 -7.22
N LYS B 1432 -45.63 54.84 -7.79
CA LYS B 1432 -45.08 54.23 -9.00
C LYS B 1432 -44.69 52.76 -8.82
N PRO B 1433 -44.02 52.32 -7.73
CA PRO B 1433 -43.80 50.87 -7.57
C PRO B 1433 -45.08 50.05 -7.61
N TRP B 1434 -46.15 50.58 -6.99
CA TRP B 1434 -47.43 49.90 -7.03
C TRP B 1434 -47.96 49.82 -8.45
N LEU B 1435 -47.86 50.91 -9.21
CA LEU B 1435 -48.39 50.89 -10.57
C LEU B 1435 -47.57 49.95 -11.44
N PHE B 1436 -46.26 49.86 -11.17
CA PHE B 1436 -45.40 48.94 -11.88
C PHE B 1436 -45.85 47.49 -11.66
N ASN B 1437 -46.09 47.12 -10.40
CA ASN B 1437 -46.51 45.75 -10.13
C ASN B 1437 -47.93 45.49 -10.65
N ILE B 1438 -48.80 46.51 -10.62
CA ILE B 1438 -50.14 46.37 -11.17
C ILE B 1438 -50.08 46.09 -12.67
N LYS B 1439 -49.25 46.85 -13.38
CA LYS B 1439 -49.09 46.63 -14.82
C LYS B 1439 -48.44 45.29 -15.13
N ALA B 1440 -47.46 44.88 -14.32
CA ALA B 1440 -46.78 43.62 -14.58
C ALA B 1440 -47.69 42.43 -14.34
N ARG B 1441 -48.53 42.50 -13.30
CA ARG B 1441 -49.37 41.36 -12.95
C ARG B 1441 -50.75 41.42 -13.60
N ALA B 1442 -51.33 42.61 -13.76
CA ALA B 1442 -52.65 42.77 -14.37
C ALA B 1442 -52.58 43.91 -15.39
N SER B 1443 -52.26 43.55 -16.65
CA SER B 1443 -52.09 44.56 -17.69
C SER B 1443 -53.38 45.33 -17.95
N SER B 1444 -54.51 44.63 -17.99
CA SER B 1444 -55.81 45.24 -18.28
C SER B 1444 -56.69 45.11 -17.05
N SER B 1445 -56.64 46.12 -16.18
CA SER B 1445 -57.47 46.18 -14.98
C SER B 1445 -57.68 47.65 -14.63
N PRO B 1446 -58.90 48.03 -14.25
CA PRO B 1446 -59.18 49.44 -13.96
C PRO B 1446 -58.33 49.94 -12.79
N VAL B 1447 -57.86 51.18 -12.92
CA VAL B 1447 -57.09 51.85 -11.89
C VAL B 1447 -57.76 53.17 -11.57
N ILE B 1448 -58.00 53.43 -10.29
CA ILE B 1448 -58.65 54.65 -9.83
C ILE B 1448 -57.74 55.32 -8.82
N LEU B 1449 -57.43 56.59 -9.07
CA LEU B 1449 -56.54 57.36 -8.20
C LEU B 1449 -57.40 58.33 -7.39
N VAL B 1450 -57.49 58.08 -6.09
CA VAL B 1450 -58.36 58.82 -5.20
C VAL B 1450 -57.49 59.63 -4.23
N GLY B 1451 -57.27 60.90 -4.58
CA GLY B 1451 -56.58 61.78 -3.68
C GLY B 1451 -57.39 62.02 -2.42
N THR B 1452 -56.79 61.79 -1.27
CA THR B 1452 -57.47 61.90 0.01
C THR B 1452 -56.83 63.01 0.85
N HIS B 1453 -57.43 63.27 2.01
CA HIS B 1453 -56.97 64.29 2.95
C HIS B 1453 -56.88 65.66 2.27
N LEU B 1454 -57.90 65.97 1.46
CA LEU B 1454 -57.94 67.23 0.74
C LEU B 1454 -58.40 68.40 1.62
N ASP B 1455 -59.02 68.10 2.77
CA ASP B 1455 -59.54 69.16 3.64
C ASP B 1455 -58.47 70.14 4.10
N VAL B 1456 -57.20 69.72 4.14
CA VAL B 1456 -56.09 70.59 4.48
C VAL B 1456 -55.24 70.91 3.26
N SER B 1457 -55.65 70.47 2.08
CA SER B 1457 -54.89 70.65 0.85
C SER B 1457 -55.27 71.94 0.14
N ASP B 1458 -54.30 72.52 -0.57
CA ASP B 1458 -54.50 73.71 -1.37
C ASP B 1458 -54.74 73.33 -2.82
N GLU B 1459 -55.35 74.25 -3.57
CA GLU B 1459 -55.70 73.96 -4.96
C GLU B 1459 -54.48 74.00 -5.88
N LYS B 1460 -53.43 74.73 -5.51
CA LYS B 1460 -52.21 74.71 -6.30
C LYS B 1460 -51.56 73.33 -6.27
N GLN B 1461 -51.47 72.73 -5.08
CA GLN B 1461 -50.97 71.35 -4.98
C GLN B 1461 -51.83 70.39 -5.78
N ARG B 1462 -53.16 70.56 -5.69
CA ARG B 1462 -54.07 69.69 -6.44
C ARG B 1462 -53.84 69.81 -7.94
N LYS B 1463 -53.68 71.04 -8.44
CA LYS B 1463 -53.46 71.26 -9.87
C LYS B 1463 -52.13 70.65 -10.32
N ALA B 1464 -51.06 70.88 -9.54
CA ALA B 1464 -49.76 70.34 -9.91
C ALA B 1464 -49.79 68.81 -9.90
N CYS B 1465 -50.40 68.21 -8.87
CA CYS B 1465 -50.49 66.76 -8.78
C CYS B 1465 -51.31 66.19 -9.93
N MET B 1466 -52.43 66.85 -10.27
CA MET B 1466 -53.26 66.39 -11.37
C MET B 1466 -52.50 66.45 -12.69
N SER B 1467 -51.73 67.52 -12.91
CA SER B 1467 -50.93 67.64 -14.12
C SER B 1467 -49.89 66.52 -14.21
N LYS B 1468 -49.18 66.28 -13.11
CA LYS B 1468 -48.20 65.18 -13.11
C LYS B 1468 -48.87 63.84 -13.36
N ILE B 1469 -50.01 63.59 -12.71
CA ILE B 1469 -50.70 62.31 -12.87
C ILE B 1469 -51.12 62.11 -14.32
N THR B 1470 -51.80 63.09 -14.91
CA THR B 1470 -52.25 62.93 -16.29
C THR B 1470 -51.06 62.74 -17.23
N LYS B 1471 -50.03 63.58 -17.10
CA LYS B 1471 -48.87 63.49 -17.98
C LYS B 1471 -48.21 62.12 -17.91
N GLU B 1472 -47.70 61.75 -16.73
CA GLU B 1472 -46.95 60.49 -16.62
C GLU B 1472 -47.83 59.27 -16.89
N LEU B 1473 -49.00 59.19 -16.23
CA LEU B 1473 -49.83 58.00 -16.35
C LEU B 1473 -50.34 57.81 -17.78
N LEU B 1474 -50.83 58.88 -18.42
CA LEU B 1474 -51.39 58.72 -19.76
C LEU B 1474 -50.30 58.58 -20.83
N ASN B 1475 -49.11 59.15 -20.60
CA ASN B 1475 -48.08 59.16 -21.63
C ASN B 1475 -46.99 58.11 -21.39
N LYS B 1476 -46.34 58.18 -20.23
CA LYS B 1476 -45.18 57.33 -19.97
C LYS B 1476 -45.60 55.87 -19.83
N ARG B 1477 -44.65 54.98 -20.15
CA ARG B 1477 -44.88 53.56 -20.02
C ARG B 1477 -44.66 53.13 -18.56
N GLY B 1478 -44.92 51.86 -18.28
CA GLY B 1478 -44.88 51.39 -16.90
C GLY B 1478 -45.95 51.99 -16.04
N PHE B 1479 -47.13 52.23 -16.62
CA PHE B 1479 -48.26 52.85 -15.94
C PHE B 1479 -49.54 52.36 -16.57
N PRO B 1480 -50.37 51.60 -15.85
CA PRO B 1480 -51.59 51.03 -16.44
C PRO B 1480 -52.58 52.10 -16.86
N ALA B 1481 -53.62 51.66 -17.57
CA ALA B 1481 -54.62 52.55 -18.12
C ALA B 1481 -55.54 53.02 -17.00
N ILE B 1482 -55.19 54.16 -16.40
CA ILE B 1482 -56.06 54.76 -15.40
C ILE B 1482 -57.37 55.19 -16.07
N ARG B 1483 -58.47 55.06 -15.34
CA ARG B 1483 -59.77 55.30 -15.93
C ARG B 1483 -60.54 56.44 -15.28
N ASP B 1484 -60.30 56.73 -14.01
CA ASP B 1484 -61.02 57.81 -13.34
C ASP B 1484 -60.19 58.31 -12.16
N TYR B 1485 -59.77 59.57 -12.23
CA TYR B 1485 -59.19 60.24 -11.08
C TYR B 1485 -60.27 60.87 -10.22
N HIS B 1486 -60.03 60.91 -8.90
CA HIS B 1486 -61.05 61.36 -7.98
C HIS B 1486 -60.40 62.04 -6.78
N PHE B 1487 -61.22 62.77 -6.03
CA PHE B 1487 -60.80 63.46 -4.81
C PHE B 1487 -61.94 63.41 -3.82
N VAL B 1488 -61.65 62.99 -2.59
CA VAL B 1488 -62.65 62.77 -1.55
C VAL B 1488 -62.16 63.35 -0.23
N ASN B 1489 -62.97 63.18 0.81
CA ASN B 1489 -62.65 63.64 2.16
C ASN B 1489 -62.24 62.45 3.03
N ALA B 1490 -61.55 62.78 4.13
CA ALA B 1490 -60.97 61.73 4.96
C ALA B 1490 -62.04 60.90 5.67
N THR B 1491 -62.98 61.57 6.36
CA THR B 1491 -63.90 60.87 7.24
C THR B 1491 -65.37 61.25 7.06
N GLU B 1492 -65.68 62.29 6.29
CA GLU B 1492 -67.05 62.79 6.17
C GLU B 1492 -67.59 62.48 4.79
N GLU B 1493 -68.80 61.94 4.74
CA GLU B 1493 -69.47 61.67 3.48
C GLU B 1493 -69.85 62.98 2.79
N SER B 1494 -69.65 63.03 1.47
CA SER B 1494 -69.98 64.20 0.68
C SER B 1494 -70.47 63.76 -0.68
N ASP B 1495 -70.72 64.75 -1.55
CA ASP B 1495 -71.10 64.44 -2.93
C ASP B 1495 -69.98 63.72 -3.65
N ALA B 1496 -68.72 64.11 -3.39
CA ALA B 1496 -67.58 63.46 -4.02
C ALA B 1496 -67.47 62.00 -3.59
N LEU B 1497 -67.74 61.71 -2.32
CA LEU B 1497 -67.65 60.33 -1.85
C LEU B 1497 -68.72 59.45 -2.49
N ALA B 1498 -69.94 59.98 -2.60
CA ALA B 1498 -71.01 59.23 -3.28
C ALA B 1498 -70.69 59.06 -4.76
N LYS B 1499 -70.09 60.08 -5.39
CA LYS B 1499 -69.66 59.94 -6.77
C LYS B 1499 -68.60 58.86 -6.91
N LEU B 1500 -67.69 58.77 -5.94
CA LEU B 1500 -66.68 57.71 -5.94
C LEU B 1500 -67.33 56.33 -5.80
N ARG B 1501 -68.32 56.21 -4.91
CA ARG B 1501 -69.04 54.94 -4.79
C ARG B 1501 -69.69 54.56 -6.11
N LYS B 1502 -70.36 55.52 -6.76
CA LYS B 1502 -71.00 55.26 -8.04
C LYS B 1502 -69.98 54.87 -9.09
N THR B 1503 -68.84 55.54 -9.11
CA THR B 1503 -67.79 55.23 -10.07
C THR B 1503 -67.26 53.82 -9.86
N ILE B 1504 -67.04 53.43 -8.61
CA ILE B 1504 -66.54 52.08 -8.31
C ILE B 1504 -67.54 51.05 -8.79
N ILE B 1505 -68.83 51.26 -8.50
CA ILE B 1505 -69.84 50.29 -8.92
C ILE B 1505 -69.94 50.21 -10.44
N ASN B 1506 -69.92 51.36 -11.11
CA ASN B 1506 -70.00 51.38 -12.57
C ASN B 1506 -68.80 50.67 -13.20
N GLU B 1507 -67.60 50.91 -12.67
CA GLU B 1507 -66.41 50.25 -13.20
C GLU B 1507 -66.44 48.75 -12.92
N SER B 1508 -66.94 48.34 -11.76
CA SER B 1508 -67.05 46.92 -11.45
C SER B 1508 -68.01 46.24 -12.41
N LEU B 1509 -69.15 46.86 -12.69
CA LEU B 1509 -70.10 46.28 -13.65
C LEU B 1509 -69.52 46.27 -15.06
N ASN B 1510 -68.86 47.35 -15.47
CA ASN B 1510 -68.37 47.50 -16.84
C ASN B 1510 -67.04 46.80 -17.09
N PHE B 1511 -66.35 46.33 -16.06
CA PHE B 1511 -65.07 45.67 -16.24
C PHE B 1511 -65.26 44.37 -17.02
N LYS B 1512 -64.64 44.28 -18.19
CA LYS B 1512 -64.70 43.10 -19.04
C LYS B 1512 -63.30 42.60 -19.31
N ILE B 1513 -63.07 41.31 -19.11
CA ILE B 1513 -61.78 40.68 -19.35
C ILE B 1513 -61.96 39.65 -20.46
N ARG B 1514 -61.10 39.74 -21.49
CA ARG B 1514 -61.14 38.86 -22.65
C ARG B 1514 -62.52 38.94 -23.33
N ASP B 1515 -62.90 40.19 -23.66
CA ASP B 1515 -64.11 40.50 -24.42
C ASP B 1515 -65.41 40.14 -23.70
N GLN B 1516 -65.32 39.64 -22.48
CA GLN B 1516 -66.49 39.24 -21.71
C GLN B 1516 -66.47 39.89 -20.33
N LEU B 1517 -67.64 40.30 -19.87
CA LEU B 1517 -67.75 40.95 -18.57
C LEU B 1517 -67.38 39.99 -17.45
N VAL B 1518 -66.55 40.48 -16.51
CA VAL B 1518 -66.14 39.65 -15.38
C VAL B 1518 -67.33 39.33 -14.49
N VAL B 1519 -68.13 40.34 -14.16
CA VAL B 1519 -69.34 40.12 -13.37
C VAL B 1519 -70.42 39.51 -14.27
N GLY B 1520 -71.05 38.45 -13.78
CA GLY B 1520 -72.07 37.76 -14.55
C GLY B 1520 -71.56 36.71 -15.51
N GLN B 1521 -70.32 36.27 -15.38
CA GLN B 1521 -69.77 35.28 -16.29
C GLN B 1521 -70.46 33.94 -16.11
N LEU B 1522 -70.57 33.19 -17.22
CA LEU B 1522 -71.19 31.88 -17.18
C LEU B 1522 -70.33 30.91 -16.37
N ILE B 1523 -70.99 30.13 -15.51
CA ILE B 1523 -70.30 29.27 -14.56
C ILE B 1523 -71.08 27.98 -14.36
N PRO B 1524 -70.44 26.81 -14.49
CA PRO B 1524 -71.10 25.56 -14.08
C PRO B 1524 -71.47 25.56 -12.60
N ASP B 1525 -72.65 25.02 -12.29
CA ASP B 1525 -73.15 25.02 -10.91
C ASP B 1525 -72.24 24.27 -9.95
N CYS B 1526 -71.36 23.42 -10.47
CA CYS B 1526 -70.38 22.72 -9.64
C CYS B 1526 -69.48 23.70 -8.91
N TYR B 1527 -69.10 24.80 -9.57
CA TYR B 1527 -68.26 25.80 -8.93
C TYR B 1527 -68.98 26.47 -7.76
N VAL B 1528 -70.27 26.77 -7.92
CA VAL B 1528 -71.03 27.40 -6.84
C VAL B 1528 -71.21 26.41 -5.68
N GLU B 1529 -71.44 25.15 -5.99
CA GLU B 1529 -71.52 24.12 -4.95
C GLU B 1529 -70.19 23.99 -4.21
N LEU B 1530 -69.08 24.03 -4.96
CA LEU B 1530 -67.77 24.01 -4.33
C LEU B 1530 -67.55 25.23 -3.45
N GLU B 1531 -68.05 26.40 -3.88
CA GLU B 1531 -67.97 27.60 -3.05
C GLU B 1531 -68.73 27.40 -1.74
N LYS B 1532 -69.92 26.82 -1.81
CA LYS B 1532 -70.69 26.54 -0.61
C LYS B 1532 -69.93 25.59 0.32
N ILE B 1533 -69.31 24.55 -0.27
CA ILE B 1533 -68.52 23.61 0.54
C ILE B 1533 -67.33 24.31 1.17
N ILE B 1534 -66.70 25.23 0.45
CA ILE B 1534 -65.55 25.96 0.98
C ILE B 1534 -65.96 26.83 2.16
N LEU B 1535 -67.10 27.53 2.04
CA LEU B 1535 -67.59 28.30 3.17
C LEU B 1535 -67.94 27.41 4.36
N SER B 1536 -68.56 26.26 4.11
CA SER B 1536 -68.89 25.34 5.19
C SER B 1536 -67.63 24.84 5.91
N GLU B 1537 -66.60 24.51 5.14
CA GLU B 1537 -65.35 24.05 5.75
C GLU B 1537 -64.67 25.20 6.48
N ARG B 1538 -64.72 26.41 5.93
CA ARG B 1538 -64.22 27.58 6.65
C ARG B 1538 -64.93 27.71 8.00
N LYS B 1539 -66.23 27.43 8.02
CA LYS B 1539 -66.98 27.37 9.28
C LYS B 1539 -66.57 26.17 10.14
N ASN B 1540 -65.82 25.21 9.60
CA ASN B 1540 -65.54 23.98 10.34
C ASN B 1540 -64.04 23.62 10.27
N VAL B 1541 -63.19 24.60 10.55
CA VAL B 1541 -61.74 24.36 10.66
C VAL B 1541 -61.22 24.98 11.95
N PRO B 1542 -60.12 24.47 12.52
CA PRO B 1542 -59.52 25.12 13.70
C PRO B 1542 -59.10 26.55 13.39
N ILE B 1543 -59.38 27.44 14.35
CA ILE B 1543 -59.01 28.84 14.19
C ILE B 1543 -57.51 29.05 14.23
N GLU B 1544 -56.76 28.11 14.83
CA GLU B 1544 -55.31 28.24 14.90
C GLU B 1544 -54.65 27.95 13.56
N PHE B 1545 -55.19 26.98 12.82
CA PHE B 1545 -54.57 26.52 11.58
C PHE B 1545 -55.67 26.10 10.62
N PRO B 1546 -56.22 27.04 9.85
CA PRO B 1546 -57.34 26.72 8.96
C PRO B 1546 -56.96 25.99 7.68
N VAL B 1547 -55.68 25.66 7.47
CA VAL B 1547 -55.25 25.08 6.21
C VAL B 1547 -55.75 23.64 6.11
N ILE B 1548 -56.39 23.32 4.98
CA ILE B 1548 -56.82 21.97 4.68
C ILE B 1548 -55.99 21.44 3.51
N ASP B 1549 -55.81 20.12 3.48
CA ASP B 1549 -55.03 19.47 2.44
C ASP B 1549 -55.92 19.13 1.25
N ARG B 1550 -55.33 18.48 0.24
CA ARG B 1550 -56.10 18.06 -0.91
C ARG B 1550 -56.93 16.82 -0.62
N LYS B 1551 -56.48 15.99 0.33
CA LYS B 1551 -57.26 14.82 0.71
C LYS B 1551 -58.61 15.21 1.32
N ARG B 1552 -58.62 16.22 2.19
CA ARG B 1552 -59.89 16.67 2.77
C ARG B 1552 -60.82 17.25 1.72
N LEU B 1553 -60.27 18.01 0.76
CA LEU B 1553 -61.08 18.54 -0.33
C LEU B 1553 -61.66 17.42 -1.19
N LEU B 1554 -60.85 16.40 -1.47
CA LEU B 1554 -61.34 15.25 -2.24
C LEU B 1554 -62.44 14.51 -1.49
N GLN B 1555 -62.27 14.34 -0.17
CA GLN B 1555 -63.31 13.70 0.62
C GLN B 1555 -64.61 14.51 0.62
N LEU B 1556 -64.50 15.84 0.75
CA LEU B 1556 -65.69 16.68 0.71
C LEU B 1556 -66.38 16.60 -0.65
N VAL B 1557 -65.60 16.57 -1.73
CA VAL B 1557 -66.15 16.45 -3.08
C VAL B 1557 -66.87 15.12 -3.23
N ARG B 1558 -66.26 14.04 -2.72
CA ARG B 1558 -66.85 12.73 -2.92
C ARG B 1558 -68.12 12.57 -2.09
N GLU B 1559 -68.07 12.98 -0.82
CA GLU B 1559 -69.23 12.80 0.06
C GLU B 1559 -70.42 13.62 -0.39
N ASN B 1560 -70.18 14.87 -0.83
CA ASN B 1560 -71.31 15.65 -1.35
C ASN B 1560 -71.65 15.22 -2.78
N GLN B 1561 -70.68 14.67 -3.52
CA GLN B 1561 -70.83 14.32 -4.94
C GLN B 1561 -71.16 15.57 -5.76
N LEU B 1562 -70.19 16.48 -5.77
CA LEU B 1562 -70.27 17.79 -6.42
C LEU B 1562 -70.23 17.72 -7.94
N GLN B 1563 -70.18 16.53 -8.53
CA GLN B 1563 -70.16 16.33 -9.98
C GLN B 1563 -68.97 17.04 -10.63
N LEU B 1564 -67.78 16.73 -10.12
CA LEU B 1564 -66.53 17.29 -10.63
C LEU B 1564 -65.71 16.20 -11.29
N ASP B 1565 -64.55 16.59 -11.81
CA ASP B 1565 -63.65 15.67 -12.50
C ASP B 1565 -62.21 16.00 -12.11
N GLU B 1566 -61.27 15.32 -12.74
CA GLU B 1566 -59.84 15.58 -12.54
C GLU B 1566 -59.28 16.56 -13.55
N ASN B 1567 -60.10 17.02 -14.50
CA ASN B 1567 -59.72 18.08 -15.44
C ASN B 1567 -60.53 19.35 -15.21
N GLU B 1568 -61.37 19.39 -14.18
CA GLU B 1568 -62.12 20.58 -13.83
C GLU B 1568 -61.89 21.03 -12.40
N LEU B 1569 -61.53 20.12 -11.49
CA LEU B 1569 -61.21 20.50 -10.12
C LEU B 1569 -60.05 21.49 -10.04
N PRO B 1570 -58.91 21.30 -10.73
CA PRO B 1570 -57.91 22.38 -10.76
C PRO B 1570 -58.46 23.67 -11.34
N HIS B 1571 -59.29 23.57 -12.40
CA HIS B 1571 -59.92 24.77 -12.96
C HIS B 1571 -60.87 25.40 -11.95
N ALA B 1572 -61.62 24.56 -11.22
CA ALA B 1572 -62.56 25.08 -10.22
C ALA B 1572 -61.82 25.82 -9.12
N VAL B 1573 -60.74 25.23 -8.59
CA VAL B 1573 -60.03 25.88 -7.50
C VAL B 1573 -59.30 27.12 -8.00
N HIS B 1574 -58.81 27.11 -9.25
CA HIS B 1574 -58.19 28.30 -9.81
C HIS B 1574 -59.20 29.44 -9.95
N PHE B 1575 -60.40 29.13 -10.44
CA PHE B 1575 -61.42 30.16 -10.59
C PHE B 1575 -61.86 30.68 -9.22
N LEU B 1576 -62.01 29.79 -8.24
CA LEU B 1576 -62.39 30.23 -6.90
C LEU B 1576 -61.30 31.06 -6.24
N ASN B 1577 -60.03 30.75 -6.51
CA ASN B 1577 -58.92 31.58 -6.05
C ASN B 1577 -58.98 32.96 -6.71
N GLU B 1578 -59.29 32.99 -8.01
CA GLU B 1578 -59.45 34.26 -8.70
C GLU B 1578 -60.63 35.06 -8.14
N SER B 1579 -61.69 34.36 -7.73
CA SER B 1579 -62.80 35.02 -7.03
C SER B 1579 -62.36 35.56 -5.68
N GLY B 1580 -61.57 34.78 -4.95
CA GLY B 1580 -61.04 35.19 -3.67
C GLY B 1580 -61.62 34.47 -2.45
N VAL B 1581 -62.29 33.34 -2.64
CA VAL B 1581 -62.85 32.62 -1.50
C VAL B 1581 -61.83 31.70 -0.83
N LEU B 1582 -60.72 31.38 -1.49
CA LEU B 1582 -59.63 30.67 -0.85
C LEU B 1582 -58.35 30.96 -1.63
N LEU B 1583 -57.22 30.65 -0.99
CA LEU B 1583 -55.91 30.82 -1.60
C LEU B 1583 -55.31 29.46 -1.91
N HIS B 1584 -54.91 29.27 -3.16
CA HIS B 1584 -54.19 28.07 -3.59
C HIS B 1584 -53.00 28.51 -4.42
N PHE B 1585 -51.81 28.03 -4.05
CA PHE B 1585 -50.57 28.41 -4.72
C PHE B 1585 -50.07 27.20 -5.51
N GLN B 1586 -50.35 27.21 -6.82
CA GLN B 1586 -49.94 26.15 -7.72
C GLN B 1586 -48.51 26.29 -8.22
N ASP B 1587 -47.79 27.33 -7.80
CA ASP B 1587 -46.42 27.55 -8.26
C ASP B 1587 -45.51 26.44 -7.74
N PRO B 1588 -44.82 25.70 -8.61
CA PRO B 1588 -43.98 24.59 -8.14
C PRO B 1588 -42.81 25.01 -7.27
N ALA B 1589 -42.35 26.26 -7.36
CA ALA B 1589 -41.26 26.70 -6.51
C ALA B 1589 -41.71 27.01 -5.09
N LEU B 1590 -42.95 27.48 -4.92
CA LEU B 1590 -43.46 27.71 -3.58
C LEU B 1590 -43.75 26.42 -2.83
N GLN B 1591 -43.96 25.32 -3.55
CA GLN B 1591 -44.16 23.99 -2.96
C GLN B 1591 -45.34 23.97 -1.99
N LEU B 1592 -46.39 24.74 -2.31
CA LEU B 1592 -47.59 24.80 -1.50
C LEU B 1592 -48.81 24.30 -2.28
N SER B 1593 -48.57 23.42 -3.25
CA SER B 1593 -49.65 22.98 -4.14
C SER B 1593 -50.72 22.20 -3.39
N ASP B 1594 -50.31 21.33 -2.46
CA ASP B 1594 -51.27 20.47 -1.77
C ASP B 1594 -52.14 21.26 -0.80
N LEU B 1595 -51.58 22.28 -0.16
CA LEU B 1595 -52.32 23.06 0.83
C LEU B 1595 -53.33 23.98 0.15
N TYR B 1596 -54.57 23.96 0.64
CA TYR B 1596 -55.63 24.85 0.17
C TYR B 1596 -55.97 25.80 1.31
N PHE B 1597 -55.51 27.05 1.21
CA PHE B 1597 -55.70 28.03 2.27
C PHE B 1597 -57.13 28.55 2.19
N VAL B 1598 -57.98 28.12 3.13
CA VAL B 1598 -59.39 28.52 3.12
C VAL B 1598 -59.61 29.88 3.76
N GLU B 1599 -58.62 30.43 4.44
CA GLU B 1599 -58.76 31.70 5.15
C GLU B 1599 -57.59 32.61 4.77
N PRO B 1600 -57.76 33.44 3.74
CA PRO B 1600 -56.66 34.35 3.33
C PRO B 1600 -56.23 35.31 4.44
N LYS B 1601 -57.18 35.78 5.25
CA LYS B 1601 -56.85 36.71 6.33
C LYS B 1601 -55.81 36.13 7.26
N TRP B 1602 -55.95 34.85 7.63
CA TRP B 1602 -55.01 34.22 8.54
C TRP B 1602 -53.61 34.22 7.96
N LEU B 1603 -53.48 33.85 6.68
CA LEU B 1603 -52.17 33.83 6.04
C LEU B 1603 -51.55 35.21 6.00
N CYS B 1604 -52.32 36.21 5.55
CA CYS B 1604 -51.78 37.56 5.42
C CYS B 1604 -51.33 38.09 6.77
N LYS B 1605 -52.12 37.87 7.82
CA LYS B 1605 -51.74 38.42 9.11
C LYS B 1605 -50.64 37.59 9.78
N ILE B 1606 -50.47 36.32 9.44
CA ILE B 1606 -49.31 35.58 9.91
C ILE B 1606 -48.04 36.15 9.30
N MET B 1607 -48.06 36.42 7.99
CA MET B 1607 -46.91 37.07 7.36
C MET B 1607 -46.65 38.44 7.98
N ALA B 1608 -47.71 39.20 8.24
CA ALA B 1608 -47.55 40.49 8.92
C ALA B 1608 -46.90 40.32 10.29
N GLN B 1609 -47.37 39.34 11.06
CA GLN B 1609 -46.86 39.14 12.41
C GLN B 1609 -45.38 38.75 12.39
N ILE B 1610 -44.98 37.89 11.46
CA ILE B 1610 -43.56 37.57 11.38
C ILE B 1610 -42.77 38.81 10.95
N LEU B 1611 -43.37 39.67 10.13
CA LEU B 1611 -42.68 40.90 9.74
C LEU B 1611 -42.66 41.96 10.84
N THR B 1612 -43.38 41.76 11.96
CA THR B 1612 -43.43 42.82 12.97
C THR B 1612 -43.09 42.32 14.38
N VAL B 1613 -42.21 41.33 14.50
CA VAL B 1613 -41.81 40.84 15.81
C VAL B 1613 -40.77 41.78 16.42
N LYS B 1614 -41.06 42.30 17.61
CA LYS B 1614 -40.16 43.21 18.30
C LYS B 1614 -40.00 42.77 19.75
N VAL B 1615 -38.79 42.91 20.30
CA VAL B 1615 -38.50 42.50 21.67
C VAL B 1615 -37.86 43.66 22.43
N GLU B 1616 -38.32 43.88 23.67
CA GLU B 1616 -37.82 44.96 24.52
C GLU B 1616 -36.40 44.65 25.00
N GLY B 1617 -35.68 45.69 25.41
CA GLY B 1617 -34.38 45.50 26.01
C GLY B 1617 -33.18 45.52 25.08
N CYS B 1618 -33.40 45.64 23.78
CA CYS B 1618 -32.37 45.63 22.74
C CYS B 1618 -31.47 44.39 22.82
N PRO B 1619 -32.00 43.21 22.41
CA PRO B 1619 -31.30 41.93 22.58
C PRO B 1619 -30.06 41.84 21.69
N LYS B 1620 -29.38 40.68 21.64
CA LYS B 1620 -28.15 40.63 20.89
C LYS B 1620 -28.38 40.56 19.42
N HIS B 1621 -29.57 40.85 18.97
CA HIS B 1621 -29.63 40.78 17.54
C HIS B 1621 -29.64 42.15 16.92
N PRO B 1622 -28.81 42.38 15.93
CA PRO B 1622 -28.91 43.62 15.15
C PRO B 1622 -30.28 43.55 14.46
N LYS B 1623 -30.84 44.71 14.17
CA LYS B 1623 -32.16 44.75 13.54
C LYS B 1623 -32.21 43.92 12.26
N GLY B 1624 -33.23 43.07 12.18
CA GLY B 1624 -33.44 42.10 11.12
C GLY B 1624 -33.06 40.66 11.43
N ILE B 1625 -32.59 40.36 12.64
CA ILE B 1625 -32.29 38.99 13.08
C ILE B 1625 -33.24 38.60 14.19
N ILE B 1626 -33.90 37.45 14.03
CA ILE B 1626 -34.85 36.96 15.00
C ILE B 1626 -34.40 35.55 15.36
N SER B 1627 -34.72 35.11 16.57
CA SER B 1627 -34.48 33.75 17.02
C SER B 1627 -35.80 33.02 17.15
N ARG B 1628 -35.76 31.70 16.92
CA ARG B 1628 -36.99 30.91 16.94
C ARG B 1628 -37.67 30.96 18.29
N ARG B 1629 -36.89 31.00 19.37
CA ARG B 1629 -37.47 31.15 20.71
C ARG B 1629 -38.22 32.47 20.81
N ASP B 1630 -37.64 33.56 20.28
CA ASP B 1630 -38.28 34.87 20.37
C ASP B 1630 -39.60 34.90 19.60
N VAL B 1631 -39.63 34.31 18.39
CA VAL B 1631 -40.86 34.36 17.62
C VAL B 1631 -41.93 33.47 18.26
N GLU B 1632 -41.53 32.29 18.78
CA GLU B 1632 -42.50 31.44 19.46
C GLU B 1632 -43.08 32.13 20.69
N LYS B 1633 -42.23 32.80 21.47
CA LYS B 1633 -42.72 33.46 22.67
C LYS B 1633 -43.49 34.75 22.37
N PHE B 1634 -43.21 35.40 21.23
CA PHE B 1634 -43.85 36.67 20.91
C PHE B 1634 -45.34 36.49 20.63
N LEU B 1635 -45.69 35.51 19.80
CA LEU B 1635 -47.08 35.17 19.55
C LEU B 1635 -47.71 34.63 20.82
N SER B 1636 -48.75 35.31 21.30
CA SER B 1636 -49.38 34.98 22.59
C SER B 1636 -49.85 33.54 22.64
N LYS B 1637 -50.26 32.97 21.51
CA LYS B 1637 -50.67 31.57 21.43
C LYS B 1637 -49.45 30.73 21.12
N LYS B 1638 -48.99 29.94 22.09
CA LYS B 1638 -47.81 29.09 21.92
C LYS B 1638 -48.26 27.74 21.40
N ARG B 1639 -48.52 27.69 20.09
CA ARG B 1639 -48.87 26.46 19.41
C ARG B 1639 -47.66 25.55 19.28
N LYS B 1640 -47.91 24.26 19.04
CA LYS B 1640 -46.83 23.28 18.98
C LYS B 1640 -46.44 22.92 17.55
N PHE B 1641 -47.38 22.33 16.80
CA PHE B 1641 -47.11 21.99 15.40
C PHE B 1641 -47.32 23.18 14.46
N PRO B 1642 -48.36 24.02 14.61
CA PRO B 1642 -48.47 25.22 13.77
C PRO B 1642 -47.23 26.10 13.78
N LYS B 1643 -46.49 26.14 14.89
CA LYS B 1643 -45.21 26.86 14.89
C LYS B 1643 -44.23 26.22 13.90
N ASN B 1644 -44.17 24.89 13.88
CA ASN B 1644 -43.30 24.20 12.93
C ASN B 1644 -43.71 24.49 11.49
N TYR B 1645 -45.02 24.44 11.20
CA TYR B 1645 -45.48 24.75 9.85
C TYR B 1645 -45.19 26.21 9.49
N MET B 1646 -45.40 27.13 10.44
CA MET B 1646 -45.13 28.54 10.19
C MET B 1646 -43.66 28.79 9.89
N THR B 1647 -42.77 28.16 10.65
CA THR B 1647 -41.35 28.24 10.32
C THR B 1647 -41.00 27.47 9.06
N GLN B 1648 -41.88 26.59 8.58
CA GLN B 1648 -41.65 25.84 7.35
C GLN B 1648 -42.37 26.43 6.14
N TYR B 1649 -43.33 27.33 6.33
CA TYR B 1649 -44.05 27.95 5.22
C TYR B 1649 -43.38 29.22 4.72
N PHE B 1650 -42.18 29.53 5.21
CA PHE B 1650 -41.43 30.69 4.72
C PHE B 1650 -40.57 30.33 3.51
N LYS B 1651 -41.24 29.73 2.52
CA LYS B 1651 -40.72 29.55 1.18
C LYS B 1651 -41.06 30.72 0.27
N LEU B 1652 -41.77 31.72 0.78
CA LEU B 1652 -42.18 32.87 -0.03
C LEU B 1652 -41.02 33.83 -0.19
N ILE B 1658 -39.27 34.76 3.33
CA ILE B 1658 -39.62 35.76 4.33
C ILE B 1658 -38.59 35.75 5.46
N ALA B 1659 -38.25 34.55 5.93
CA ALA B 1659 -37.32 34.38 7.05
C ALA B 1659 -36.40 33.20 6.73
N LEU B 1660 -35.22 33.50 6.21
CA LEU B 1660 -34.29 32.45 5.84
C LEU B 1660 -33.63 31.86 7.08
N PRO B 1661 -33.40 30.56 7.10
CA PRO B 1661 -32.75 29.93 8.27
C PRO B 1661 -31.27 30.28 8.31
N ILE B 1662 -30.77 30.55 9.52
CA ILE B 1662 -29.36 30.78 9.77
C ILE B 1662 -28.95 29.92 10.96
N GLY B 1663 -28.05 28.97 10.72
CA GLY B 1663 -27.51 28.13 11.78
C GLY B 1663 -28.53 27.28 12.52
N GLU B 1664 -29.70 27.05 11.91
CA GLU B 1664 -30.78 26.21 12.41
C GLU B 1664 -31.38 26.72 13.72
N GLU B 1665 -30.97 27.89 14.19
CA GLU B 1665 -31.47 28.48 15.41
C GLU B 1665 -31.91 29.93 15.27
N TYR B 1666 -31.48 30.64 14.24
CA TYR B 1666 -31.82 32.04 14.05
C TYR B 1666 -32.30 32.26 12.62
N LEU B 1667 -33.08 33.32 12.43
CA LEU B 1667 -33.70 33.62 11.14
C LEU B 1667 -33.34 35.03 10.70
N LEU B 1668 -32.91 35.16 9.45
CA LEU B 1668 -32.72 36.45 8.81
C LEU B 1668 -34.01 36.90 8.14
N VAL B 1669 -34.35 38.17 8.32
CA VAL B 1669 -35.52 38.77 7.69
C VAL B 1669 -35.08 39.94 6.84
N PRO B 1670 -34.75 39.72 5.55
CA PRO B 1670 -34.15 40.80 4.74
C PRO B 1670 -35.08 41.98 4.48
N SER B 1671 -36.38 41.85 4.76
CA SER B 1671 -37.32 42.95 4.59
C SER B 1671 -37.49 43.77 5.87
N SER B 1672 -36.85 43.37 6.97
CA SER B 1672 -36.94 44.11 8.22
C SER B 1672 -35.58 44.57 8.72
N LEU B 1673 -34.53 44.43 7.91
CA LEU B 1673 -33.20 44.89 8.30
C LEU B 1673 -33.19 46.41 8.43
N SER B 1674 -32.15 46.92 9.11
CA SER B 1674 -32.02 48.35 9.30
C SER B 1674 -31.83 49.05 7.96
N ASP B 1675 -32.50 50.19 7.80
CA ASP B 1675 -32.43 50.95 6.56
C ASP B 1675 -31.46 52.12 6.65
N HIS B 1676 -30.66 52.17 7.72
CA HIS B 1676 -29.65 53.20 7.87
C HIS B 1676 -28.35 52.70 7.27
N ARG B 1677 -27.89 53.37 6.21
CA ARG B 1677 -26.66 52.99 5.55
C ARG B 1677 -25.49 53.22 6.51
N PRO B 1678 -24.71 52.20 6.85
CA PRO B 1678 -23.61 52.40 7.78
C PRO B 1678 -22.50 53.23 7.16
N VAL B 1679 -21.76 53.92 8.01
CA VAL B 1679 -20.59 54.69 7.58
C VAL B 1679 -19.50 53.67 7.29
N ILE B 1680 -19.34 53.32 6.01
CA ILE B 1680 -18.42 52.25 5.60
C ILE B 1680 -17.34 52.84 4.71
N GLU B 1681 -16.08 52.57 5.08
CA GLU B 1681 -14.94 52.93 4.26
C GLU B 1681 -14.52 51.74 3.42
N LEU B 1682 -13.53 51.95 2.57
CA LEU B 1682 -13.01 50.92 1.68
C LEU B 1682 -11.48 50.96 1.72
N PRO B 1683 -10.83 49.83 1.43
CA PRO B 1683 -9.35 49.84 1.40
C PRO B 1683 -8.79 50.85 0.41
N HIS B 1684 -9.24 50.81 -0.84
CA HIS B 1684 -8.77 51.73 -1.87
C HIS B 1684 -9.81 52.82 -2.08
N CYS B 1685 -9.33 54.04 -2.32
CA CYS B 1685 -10.21 55.17 -2.55
C CYS B 1685 -9.80 56.01 -3.75
N GLU B 1686 -8.77 55.61 -4.48
CA GLU B 1686 -8.33 56.34 -5.65
C GLU B 1686 -9.21 55.99 -6.85
N ASN B 1687 -9.41 56.97 -7.73
CA ASN B 1687 -10.26 56.76 -8.89
C ASN B 1687 -9.70 55.71 -9.85
N SER B 1688 -8.39 55.48 -9.82
CA SER B 1688 -7.77 54.49 -10.68
C SER B 1688 -7.66 53.12 -10.03
N GLU B 1689 -8.17 52.96 -8.81
CA GLU B 1689 -8.09 51.70 -8.08
C GLU B 1689 -9.45 51.06 -7.84
N ILE B 1690 -10.53 51.64 -8.36
CA ILE B 1690 -11.87 51.10 -8.15
C ILE B 1690 -12.63 51.17 -9.47
N ILE B 1691 -13.43 50.14 -9.74
CA ILE B 1691 -14.37 50.11 -10.86
C ILE B 1691 -15.77 50.29 -10.30
N ILE B 1692 -16.51 51.24 -10.87
CA ILE B 1692 -17.83 51.60 -10.37
C ILE B 1692 -18.84 51.48 -11.51
N ARG B 1693 -19.91 50.73 -11.25
CA ARG B 1693 -20.96 50.48 -12.25
C ARG B 1693 -22.29 50.87 -11.64
N LEU B 1694 -22.97 51.83 -12.27
CA LEU B 1694 -24.25 52.33 -11.79
C LEU B 1694 -25.40 51.71 -12.58
N TYR B 1695 -26.49 51.41 -11.88
CA TYR B 1695 -27.73 50.90 -12.47
C TYR B 1695 -28.83 51.90 -12.15
N GLU B 1696 -28.99 52.92 -13.00
CA GLU B 1696 -30.01 53.93 -12.77
C GLU B 1696 -31.39 53.38 -13.08
N MET B 1697 -32.32 53.56 -12.14
CA MET B 1697 -33.69 53.11 -12.25
C MET B 1697 -34.64 54.22 -11.82
N PRO B 1698 -35.84 54.30 -12.40
CA PRO B 1698 -36.82 55.27 -11.91
C PRO B 1698 -37.26 55.02 -10.47
N TYR B 1699 -37.32 53.75 -10.07
CA TYR B 1699 -37.74 53.38 -8.72
C TYR B 1699 -37.33 51.93 -8.46
N PHE B 1700 -37.32 51.55 -7.19
CA PHE B 1700 -37.05 50.19 -6.80
C PHE B 1700 -38.35 49.39 -6.77
N PRO B 1701 -38.47 48.31 -7.54
CA PRO B 1701 -39.69 47.50 -7.49
C PRO B 1701 -39.87 46.86 -6.12
N MET B 1702 -41.10 46.46 -5.83
CA MET B 1702 -41.42 45.85 -4.55
C MET B 1702 -40.71 44.50 -4.42
N GLY B 1703 -39.93 44.34 -3.36
CA GLY B 1703 -39.18 43.12 -3.14
C GLY B 1703 -37.86 43.04 -3.84
N PHE B 1704 -37.44 44.10 -4.54
CA PHE B 1704 -36.19 44.09 -5.30
C PHE B 1704 -34.98 43.89 -4.40
N TRP B 1705 -34.87 44.69 -3.35
CA TRP B 1705 -33.70 44.66 -2.49
C TRP B 1705 -33.65 43.45 -1.56
N SER B 1706 -34.72 42.67 -1.45
CA SER B 1706 -34.66 41.41 -0.72
C SER B 1706 -34.40 40.22 -1.63
N ARG B 1707 -34.80 40.33 -2.89
CA ARG B 1707 -34.44 39.31 -3.87
C ARG B 1707 -32.98 39.40 -4.24
N LEU B 1708 -32.45 40.62 -4.35
CA LEU B 1708 -31.04 40.76 -4.69
C LEU B 1708 -30.16 40.19 -3.60
N ILE B 1709 -30.51 40.44 -2.33
CA ILE B 1709 -29.74 39.88 -1.22
C ILE B 1709 -29.81 38.36 -1.22
N ASN B 1710 -31.02 37.81 -1.40
CA ASN B 1710 -31.17 36.35 -1.40
C ASN B 1710 -30.38 35.72 -2.53
N ARG B 1711 -30.40 36.34 -3.71
CA ARG B 1711 -29.61 35.79 -4.80
C ARG B 1711 -28.13 35.89 -4.49
N LEU B 1712 -27.69 37.02 -3.91
CA LEU B 1712 -26.29 37.23 -3.59
C LEU B 1712 -25.81 36.45 -2.38
N LEU B 1713 -26.61 35.52 -1.84
CA LEU B 1713 -26.14 34.67 -0.75
C LEU B 1713 -25.71 33.28 -1.23
N GLU B 1714 -25.15 33.19 -2.43
CA GLU B 1714 -24.39 32.03 -2.86
C GLU B 1714 -22.92 32.41 -2.78
N ILE B 1715 -22.10 31.52 -2.21
CA ILE B 1715 -20.69 31.83 -1.98
C ILE B 1715 -19.87 30.87 -2.83
N SER B 1716 -19.61 31.29 -4.08
CA SER B 1716 -18.60 30.73 -4.96
C SER B 1716 -18.30 31.63 -6.14
N PRO B 1717 -17.82 32.88 -5.97
CA PRO B 1717 -17.33 33.61 -7.15
C PRO B 1717 -15.91 33.26 -7.54
N TYR B 1718 -15.14 32.65 -6.64
CA TYR B 1718 -13.80 32.13 -6.92
C TYR B 1718 -13.75 30.62 -6.95
N MET B 1719 -14.49 29.95 -6.06
CA MET B 1719 -14.55 28.49 -6.08
C MET B 1719 -15.27 27.95 -7.31
N LEU B 1720 -15.96 28.80 -8.07
CA LEU B 1720 -16.57 28.46 -9.35
C LEU B 1720 -17.53 27.28 -9.24
N SER B 1721 -18.55 27.48 -8.38
CA SER B 1721 -19.64 26.52 -8.20
C SER B 1721 -19.13 25.12 -7.88
N GLY B 1722 -18.12 25.04 -7.02
CA GLY B 1722 -17.58 23.78 -6.56
C GLY B 1722 -16.29 23.33 -7.20
N ARG B 1723 -15.74 24.08 -8.17
CA ARG B 1723 -14.42 23.74 -8.70
C ARG B 1723 -13.37 23.78 -7.60
N GLU B 1724 -13.37 24.83 -6.78
CA GLU B 1724 -12.68 24.85 -5.51
C GLU B 1724 -13.71 24.68 -4.39
N ARG B 1725 -13.21 24.44 -3.17
CA ARG B 1725 -14.10 24.14 -2.05
C ARG B 1725 -15.06 25.28 -1.75
N ALA B 1726 -14.53 26.41 -1.26
CA ALA B 1726 -15.29 27.60 -0.92
C ALA B 1726 -14.31 28.68 -0.45
N LEU B 1727 -14.79 29.93 -0.41
CA LEU B 1727 -14.05 31.05 0.14
C LEU B 1727 -15.08 31.99 0.80
N ARG B 1728 -15.29 31.78 2.09
CA ARG B 1728 -16.27 32.56 2.85
C ARG B 1728 -15.80 33.98 3.07
N PRO B 1729 -16.54 35.00 2.60
CA PRO B 1729 -16.19 36.39 2.89
C PRO B 1729 -16.92 36.98 4.09
N ASN B 1730 -16.53 38.18 4.51
CA ASN B 1730 -17.28 38.90 5.53
C ASN B 1730 -18.46 39.61 4.90
N ARG B 1731 -19.51 39.84 5.71
CA ARG B 1731 -20.74 40.41 5.16
C ARG B 1731 -21.30 41.45 6.10
N MET B 1732 -21.92 42.47 5.52
CA MET B 1732 -22.46 43.62 6.23
C MET B 1732 -23.86 43.95 5.74
N TYR B 1733 -24.75 42.95 5.72
CA TYR B 1733 -26.13 43.07 5.24
C TYR B 1733 -26.78 44.36 5.73
N TRP B 1734 -27.56 44.99 4.85
CA TRP B 1734 -28.54 45.98 5.28
C TRP B 1734 -29.58 46.08 4.17
N ARG B 1735 -30.71 46.71 4.50
CA ARG B 1735 -31.91 46.60 3.67
C ARG B 1735 -31.66 47.08 2.24
N GLN B 1736 -30.69 47.98 2.04
CA GLN B 1736 -30.43 48.57 0.74
C GLN B 1736 -29.02 48.28 0.22
N GLY B 1737 -28.35 47.24 0.72
CA GLY B 1737 -27.02 46.96 0.23
C GLY B 1737 -26.42 45.72 0.85
N ILE B 1738 -25.22 45.37 0.37
CA ILE B 1738 -24.46 44.21 0.83
C ILE B 1738 -22.98 44.48 0.58
N TYR B 1739 -22.13 43.99 1.48
CA TYR B 1739 -20.68 44.12 1.34
C TYR B 1739 -20.03 42.76 1.54
N LEU B 1740 -19.23 42.33 0.55
CA LEU B 1740 -18.51 41.06 0.62
C LEU B 1740 -17.01 41.34 0.58
N ASN B 1741 -16.24 40.63 1.41
CA ASN B 1741 -14.82 40.94 1.59
C ASN B 1741 -13.99 39.66 1.70
N TRP B 1742 -13.30 39.31 0.61
CA TRP B 1742 -12.33 38.22 0.63
C TRP B 1742 -10.93 38.61 1.06
N SER B 1743 -10.52 39.88 0.83
CA SER B 1743 -9.17 40.36 1.14
C SER B 1743 -9.12 41.87 0.90
N PRO B 1744 -8.09 42.59 1.36
CA PRO B 1744 -8.00 44.02 1.03
C PRO B 1744 -7.76 44.30 -0.45
N GLU B 1745 -7.66 43.25 -1.26
CA GLU B 1745 -7.48 43.32 -2.70
C GLU B 1745 -8.68 42.80 -3.45
N ALA B 1746 -9.57 42.05 -2.78
CA ALA B 1746 -10.74 41.46 -3.42
C ALA B 1746 -11.97 41.66 -2.54
N TYR B 1747 -12.91 42.49 -3.00
CA TYR B 1747 -14.10 42.80 -2.22
C TYR B 1747 -15.19 43.29 -3.17
N CYS B 1748 -16.41 43.39 -2.64
CA CYS B 1748 -17.52 43.87 -3.44
C CYS B 1748 -18.50 44.61 -2.54
N LEU B 1749 -18.97 45.78 -2.99
CA LEU B 1749 -19.96 46.56 -2.27
C LEU B 1749 -21.11 46.89 -3.22
N VAL B 1750 -22.22 46.17 -3.09
CA VAL B 1750 -23.39 46.37 -3.93
C VAL B 1750 -24.44 47.07 -3.08
N GLY B 1751 -24.61 48.37 -3.27
CA GLY B 1751 -25.53 49.13 -2.42
C GLY B 1751 -26.18 50.27 -3.16
N SER B 1752 -27.36 50.67 -2.68
CA SER B 1752 -28.09 51.78 -3.26
C SER B 1752 -27.40 53.11 -3.00
N GLU B 1753 -27.61 54.06 -3.92
CA GLU B 1753 -27.03 55.39 -3.81
C GLU B 1753 -28.01 56.42 -4.36
N VAL B 1754 -27.98 57.62 -3.77
CA VAL B 1754 -28.82 58.73 -4.23
C VAL B 1754 -27.91 59.88 -4.64
N LEU B 1755 -28.17 60.43 -5.82
CA LEU B 1755 -27.37 61.51 -6.39
C LEU B 1755 -28.09 62.86 -6.26
N ASP B 1756 -27.30 63.93 -6.36
CA ASP B 1756 -27.82 65.29 -6.20
C ASP B 1756 -28.72 65.67 -7.37
N ASN B 1757 -29.90 66.20 -7.05
CA ASN B 1757 -30.87 66.68 -8.03
C ASN B 1757 -31.25 65.61 -9.04
N HIS B 1758 -31.44 64.39 -8.55
CA HIS B 1758 -31.85 63.26 -9.38
C HIS B 1758 -32.98 62.53 -8.66
N PRO B 1759 -34.20 62.50 -9.24
CA PRO B 1759 -35.30 61.78 -8.60
C PRO B 1759 -35.26 60.27 -8.79
N GLU B 1760 -34.17 59.73 -9.34
CA GLU B 1760 -34.04 58.32 -9.61
C GLU B 1760 -33.34 57.61 -8.45
N SER B 1761 -33.15 56.31 -8.61
CA SER B 1761 -32.45 55.48 -7.65
C SER B 1761 -31.41 54.64 -8.36
N PHE B 1762 -30.28 54.41 -7.70
CA PHE B 1762 -29.13 53.78 -8.32
C PHE B 1762 -28.70 52.58 -7.51
N LEU B 1763 -27.81 51.78 -8.10
CA LEU B 1763 -27.32 50.53 -7.52
C LEU B 1763 -25.82 50.45 -7.68
N LYS B 1764 -25.13 51.51 -7.23
CA LYS B 1764 -23.68 51.62 -7.32
C LYS B 1764 -22.97 50.36 -6.84
N ILE B 1765 -22.24 49.72 -7.75
CA ILE B 1765 -21.41 48.57 -7.44
C ILE B 1765 -19.96 49.00 -7.51
N THR B 1766 -19.21 48.76 -6.44
CA THR B 1766 -17.81 49.15 -6.37
C THR B 1766 -16.94 47.93 -6.16
N VAL B 1767 -15.95 47.75 -7.02
CA VAL B 1767 -15.00 46.64 -6.90
C VAL B 1767 -13.59 47.20 -7.07
N PRO B 1768 -12.58 46.52 -6.52
CA PRO B 1768 -11.20 46.95 -6.75
C PRO B 1768 -10.78 46.74 -8.20
N SER B 1769 -9.86 47.58 -8.65
CA SER B 1769 -9.37 47.52 -10.03
C SER B 1769 -8.21 46.51 -10.12
N CYS B 1770 -8.57 45.24 -9.93
CA CYS B 1770 -7.61 44.14 -9.99
C CYS B 1770 -8.26 43.01 -10.76
N ARG B 1771 -7.58 41.87 -10.83
CA ARG B 1771 -8.14 40.71 -11.51
C ARG B 1771 -9.32 40.12 -10.74
N LYS B 1772 -9.16 39.94 -9.42
CA LYS B 1772 -10.25 39.46 -8.60
C LYS B 1772 -11.41 40.45 -8.56
N GLY B 1773 -11.11 41.75 -8.63
CA GLY B 1773 -12.16 42.74 -8.75
C GLY B 1773 -12.97 42.58 -10.02
N CYS B 1774 -12.29 42.30 -11.13
CA CYS B 1774 -12.99 42.04 -12.39
C CYS B 1774 -13.84 40.79 -12.31
N ILE B 1775 -13.32 39.73 -11.67
CA ILE B 1775 -14.09 38.50 -11.50
C ILE B 1775 -15.37 38.77 -10.70
N LEU B 1776 -15.22 39.50 -9.58
CA LEU B 1776 -16.38 39.82 -8.76
C LEU B 1776 -17.38 40.68 -9.52
N LEU B 1777 -16.89 41.66 -10.28
CA LEU B 1777 -17.79 42.51 -11.06
C LEU B 1777 -18.54 41.69 -12.09
N GLY B 1778 -17.87 40.79 -12.79
CA GLY B 1778 -18.54 39.96 -13.77
C GLY B 1778 -19.61 39.07 -13.15
N GLN B 1779 -19.27 38.42 -12.04
CA GLN B 1779 -20.24 37.54 -11.38
C GLN B 1779 -21.46 38.32 -10.88
N VAL B 1780 -21.23 39.47 -10.24
CA VAL B 1780 -22.32 40.26 -9.70
C VAL B 1780 -23.20 40.81 -10.82
N VAL B 1781 -22.58 41.28 -11.91
CA VAL B 1781 -23.36 41.80 -13.03
C VAL B 1781 -24.19 40.70 -13.67
N ASP B 1782 -23.62 39.50 -13.83
CA ASP B 1782 -24.37 38.39 -14.39
C ASP B 1782 -25.57 38.02 -13.52
N HIS B 1783 -25.36 37.95 -12.20
CA HIS B 1783 -26.46 37.59 -11.30
C HIS B 1783 -27.55 38.65 -11.28
N ILE B 1784 -27.15 39.93 -11.29
CA ILE B 1784 -28.14 41.00 -11.28
C ILE B 1784 -28.91 41.03 -12.60
N ASP B 1785 -28.23 40.77 -13.72
CA ASP B 1785 -28.92 40.69 -15.00
C ASP B 1785 -29.91 39.54 -15.02
N SER B 1786 -29.54 38.40 -14.44
CA SER B 1786 -30.47 37.28 -14.35
C SER B 1786 -31.69 37.66 -13.52
N LEU B 1787 -31.48 38.34 -12.39
CA LEU B 1787 -32.60 38.76 -11.54
C LEU B 1787 -33.51 39.73 -12.27
N MET B 1788 -32.93 40.69 -13.01
CA MET B 1788 -33.74 41.64 -13.76
C MET B 1788 -34.51 40.96 -14.89
N GLU B 1789 -33.92 39.91 -15.49
CA GLU B 1789 -34.60 39.24 -16.59
C GLU B 1789 -35.75 38.39 -16.08
N GLU B 1790 -35.58 37.72 -14.94
CA GLU B 1790 -36.59 36.78 -14.49
C GLU B 1790 -37.72 37.46 -13.72
N TRP B 1791 -37.38 38.35 -12.77
CA TRP B 1791 -38.37 38.83 -11.81
C TRP B 1791 -38.92 40.21 -12.13
N PHE B 1792 -38.14 41.07 -12.78
CA PHE B 1792 -38.58 42.43 -13.11
C PHE B 1792 -38.31 42.73 -14.58
N PRO B 1793 -39.01 42.05 -15.51
CA PRO B 1793 -38.79 42.32 -16.94
C PRO B 1793 -39.21 43.72 -17.37
N GLY B 1794 -40.12 44.37 -16.63
CA GLY B 1794 -40.62 45.67 -17.04
C GLY B 1794 -39.56 46.74 -17.14
N LEU B 1795 -38.56 46.67 -16.25
CA LEU B 1795 -37.47 47.63 -16.31
C LEU B 1795 -36.56 47.40 -17.51
N LEU B 1796 -36.48 46.15 -17.98
CA LEU B 1796 -35.69 45.80 -19.16
C LEU B 1796 -36.50 45.86 -20.45
N GLU B 1797 -37.79 46.22 -20.36
CA GLU B 1797 -38.65 46.23 -21.54
C GLU B 1797 -38.20 47.32 -22.50
N ILE B 1798 -37.96 46.93 -23.76
CA ILE B 1798 -37.51 47.86 -24.79
C ILE B 1798 -38.77 48.52 -25.37
N ASP B 1799 -39.02 49.76 -24.94
CA ASP B 1799 -40.20 50.49 -25.38
C ASP B 1799 -39.97 51.03 -26.78
N ILE B 1800 -40.84 50.64 -27.71
CA ILE B 1800 -40.75 51.17 -29.08
C ILE B 1800 -41.07 52.65 -29.09
N CYS B 1801 -42.03 53.09 -28.28
CA CYS B 1801 -42.31 54.51 -28.14
C CYS B 1801 -41.15 55.27 -27.50
N GLY B 1802 -40.30 54.59 -26.73
CA GLY B 1802 -39.10 55.20 -26.19
C GLY B 1802 -37.94 55.27 -27.15
N GLU B 1803 -38.04 54.60 -28.30
CA GLU B 1803 -37.02 54.61 -29.35
C GLU B 1803 -35.67 54.10 -28.82
N GLY B 1804 -35.68 52.82 -28.43
CA GLY B 1804 -34.47 52.23 -27.89
C GLY B 1804 -34.11 52.67 -26.49
N GLU B 1805 -35.09 53.07 -25.69
CA GLU B 1805 -34.86 53.54 -24.34
C GLU B 1805 -35.62 52.66 -23.36
N THR B 1806 -34.96 52.26 -22.28
CA THR B 1806 -35.53 51.40 -21.25
C THR B 1806 -35.42 52.11 -19.90
N LEU B 1807 -36.27 51.68 -18.98
CA LEU B 1807 -36.27 52.26 -17.64
C LEU B 1807 -34.93 52.06 -16.95
N LEU B 1808 -34.29 50.91 -17.17
CA LEU B 1808 -32.95 50.68 -16.64
C LEU B 1808 -31.92 51.28 -17.58
N LYS B 1809 -30.96 52.00 -17.02
CA LYS B 1809 -29.83 52.52 -17.78
C LYS B 1809 -28.57 52.24 -16.97
N LYS B 1810 -27.62 51.54 -17.58
CA LYS B 1810 -26.40 51.11 -16.91
C LYS B 1810 -25.26 52.04 -17.31
N TRP B 1811 -24.61 52.64 -16.33
CA TRP B 1811 -23.50 53.56 -16.56
C TRP B 1811 -22.21 52.98 -15.99
N ALA B 1812 -21.10 53.26 -16.68
CA ALA B 1812 -19.77 53.02 -16.15
C ALA B 1812 -19.11 54.36 -15.82
N LEU B 1813 -18.47 54.43 -14.66
CA LEU B 1813 -17.76 55.63 -14.23
C LEU B 1813 -16.27 55.49 -14.47
N TYR B 1814 -15.68 56.50 -15.08
CA TYR B 1814 -14.26 56.52 -15.40
C TYR B 1814 -13.66 57.87 -15.04
N SER B 1815 -12.33 57.93 -15.05
CA SER B 1815 -11.61 59.16 -14.80
C SER B 1815 -10.26 59.07 -15.50
N PHE B 1816 -10.01 60.01 -16.42
CA PHE B 1816 -8.75 60.00 -17.16
C PHE B 1816 -7.56 60.25 -16.25
N ASN B 1817 -7.70 61.18 -15.30
CA ASN B 1817 -6.67 61.50 -14.35
C ASN B 1817 -7.23 61.31 -12.95
N ASP B 1818 -6.47 60.63 -12.10
CA ASP B 1818 -6.91 60.38 -10.72
C ASP B 1818 -7.06 61.69 -9.97
N GLY B 1819 -8.15 61.80 -9.21
CA GLY B 1819 -8.48 63.00 -8.46
C GLY B 1819 -9.63 63.79 -9.05
N GLU B 1820 -9.90 63.63 -10.33
CA GLU B 1820 -11.00 64.34 -10.97
C GLU B 1820 -12.33 63.62 -10.73
N GLU B 1821 -13.41 64.33 -11.03
CA GLU B 1821 -14.75 63.78 -10.84
C GLU B 1821 -15.05 62.71 -11.90
N HIS B 1822 -15.76 61.67 -11.48
CA HIS B 1822 -16.12 60.58 -12.37
C HIS B 1822 -17.07 61.06 -13.46
N GLN B 1823 -16.87 60.56 -14.68
CA GLN B 1823 -17.75 60.85 -15.80
C GLN B 1823 -18.49 59.58 -16.20
N LYS B 1824 -19.76 59.75 -16.59
CA LYS B 1824 -20.63 58.62 -16.88
C LYS B 1824 -20.72 58.37 -18.38
N ILE B 1825 -20.61 57.10 -18.76
CA ILE B 1825 -20.90 56.66 -20.11
C ILE B 1825 -21.81 55.43 -20.03
N LEU B 1826 -22.95 55.51 -20.71
CA LEU B 1826 -23.89 54.39 -20.67
C LEU B 1826 -23.36 53.25 -21.55
N LEU B 1827 -23.59 52.02 -21.07
CA LEU B 1827 -22.92 50.85 -21.65
C LEU B 1827 -23.26 50.62 -23.11
N ASP B 1828 -24.43 51.09 -23.57
CA ASP B 1828 -24.82 50.87 -24.97
C ASP B 1828 -23.92 51.59 -25.97
N ASP B 1829 -23.09 52.53 -25.51
CA ASP B 1829 -22.06 53.17 -26.31
C ASP B 1829 -20.71 52.50 -26.15
N LEU B 1830 -20.39 52.06 -24.93
CA LEU B 1830 -19.14 51.34 -24.70
C LEU B 1830 -19.12 50.00 -25.43
N MET B 1831 -20.27 49.38 -25.67
CA MET B 1831 -20.29 48.16 -26.48
C MET B 1831 -19.77 48.43 -27.89
N LYS B 1832 -20.25 49.49 -28.52
CA LYS B 1832 -19.77 49.84 -29.85
C LYS B 1832 -18.31 50.29 -29.83
N LYS B 1833 -17.92 51.05 -28.81
CA LYS B 1833 -16.54 51.51 -28.71
C LYS B 1833 -15.57 50.36 -28.45
N ALA B 1834 -16.04 49.27 -27.84
CA ALA B 1834 -15.23 48.06 -27.74
C ALA B 1834 -15.32 47.20 -28.98
N GLU B 1835 -16.41 47.32 -29.74
CA GLU B 1835 -16.46 46.68 -31.06
C GLU B 1835 -15.41 47.27 -31.99
N GLU B 1836 -15.23 48.60 -31.94
CA GLU B 1836 -14.21 49.23 -32.79
C GLU B 1836 -12.80 48.91 -32.28
N GLY B 1837 -12.48 49.32 -31.06
CA GLY B 1837 -11.15 49.14 -30.53
C GLY B 1837 -11.16 48.56 -29.12
N ASP B 1838 -10.18 49.00 -28.32
CA ASP B 1838 -10.04 48.49 -26.97
C ASP B 1838 -9.76 49.65 -26.02
N LEU B 1839 -9.61 50.86 -26.53
CA LEU B 1839 -9.24 52.01 -25.72
C LEU B 1839 -10.30 53.10 -25.84
N LEU B 1840 -10.47 53.86 -24.75
CA LEU B 1840 -11.34 55.02 -24.72
C LEU B 1840 -10.47 56.28 -24.71
N VAL B 1841 -10.75 57.20 -25.64
CA VAL B 1841 -9.91 58.36 -25.87
C VAL B 1841 -10.63 59.63 -25.44
N ASN B 1842 -9.90 60.53 -24.80
CA ASN B 1842 -10.43 61.83 -24.40
C ASN B 1842 -10.61 62.69 -25.64
N PRO B 1843 -11.82 63.14 -25.97
CA PRO B 1843 -12.00 63.99 -27.17
C PRO B 1843 -11.22 65.30 -27.12
N ASP B 1844 -11.09 65.92 -25.94
CA ASP B 1844 -10.35 67.17 -25.85
C ASP B 1844 -8.86 66.95 -26.06
N GLN B 1845 -8.29 65.97 -25.37
CA GLN B 1845 -6.87 65.63 -25.50
C GLN B 1845 -6.72 64.18 -25.95
N PRO B 1846 -6.48 63.92 -27.24
CA PRO B 1846 -6.37 62.54 -27.73
C PRO B 1846 -5.04 61.87 -27.36
N ARG B 1847 -4.66 61.97 -26.09
CA ARG B 1847 -3.48 61.29 -25.57
C ARG B 1847 -3.83 60.56 -24.28
N LEU B 1848 -4.79 61.09 -23.52
CA LEU B 1848 -5.29 60.43 -22.31
C LEU B 1848 -6.22 59.31 -22.73
N THR B 1849 -5.67 58.11 -22.84
CA THR B 1849 -6.41 56.94 -23.28
C THR B 1849 -6.48 55.92 -22.16
N ILE B 1850 -7.69 55.41 -21.89
CA ILE B 1850 -7.92 54.42 -20.85
C ILE B 1850 -8.45 53.16 -21.50
N PRO B 1851 -7.89 51.98 -21.18
CA PRO B 1851 -8.41 50.73 -21.75
C PRO B 1851 -9.80 50.42 -21.22
N ILE B 1852 -10.52 49.58 -21.99
CA ILE B 1852 -11.83 49.10 -21.57
C ILE B 1852 -11.62 47.84 -20.73
N SER B 1853 -10.37 47.56 -20.38
CA SER B 1853 -10.04 46.50 -19.44
C SER B 1853 -10.13 46.96 -17.99
N GLN B 1854 -10.38 48.24 -17.75
CA GLN B 1854 -10.48 48.78 -16.40
C GLN B 1854 -11.75 49.59 -16.15
N ILE B 1855 -12.48 50.01 -17.17
CA ILE B 1855 -13.74 50.71 -16.98
C ILE B 1855 -14.91 49.72 -16.92
N ALA B 1856 -14.85 48.66 -17.71
CA ALA B 1856 -15.89 47.65 -17.76
C ALA B 1856 -15.33 46.36 -18.34
N PRO B 1857 -14.62 45.56 -17.53
CA PRO B 1857 -13.98 44.35 -18.05
C PRO B 1857 -14.95 43.32 -18.60
N ASP B 1858 -16.20 43.33 -18.16
CA ASP B 1858 -17.15 42.33 -18.62
C ASP B 1858 -17.52 42.51 -20.09
N LEU B 1859 -17.41 43.73 -20.62
CA LEU B 1859 -17.73 43.96 -22.03
C LEU B 1859 -16.77 43.21 -22.95
N ILE B 1860 -15.48 43.22 -22.63
CA ILE B 1860 -14.47 42.60 -23.48
C ILE B 1860 -14.02 41.25 -22.92
N LEU B 1861 -14.83 40.65 -22.05
CA LEU B 1861 -14.57 39.33 -21.46
C LEU B 1861 -13.22 39.29 -20.74
N ALA B 1862 -12.90 40.37 -20.03
CA ALA B 1862 -11.68 40.44 -19.23
C ALA B 1862 -11.88 39.89 -17.82
N ASP B 1863 -13.08 39.41 -17.50
CA ASP B 1863 -13.36 38.83 -16.19
C ASP B 1863 -13.36 37.32 -16.22
N LEU B 1864 -12.77 36.72 -17.24
CA LEU B 1864 -12.78 35.30 -17.50
C LEU B 1864 -11.35 34.77 -17.56
N PRO B 1865 -11.15 33.47 -17.35
CA PRO B 1865 -9.80 32.90 -17.48
C PRO B 1865 -9.19 33.22 -18.83
N ARG B 1866 -7.91 33.59 -18.81
CA ARG B 1866 -7.19 34.05 -19.99
C ARG B 1866 -6.86 32.93 -20.98
N ASN B 1867 -7.28 31.70 -20.72
CA ASN B 1867 -7.03 30.58 -21.62
C ASN B 1867 -8.14 30.37 -22.64
N ILE B 1868 -9.15 31.24 -22.67
CA ILE B 1868 -10.29 31.07 -23.56
C ILE B 1868 -10.42 32.20 -24.57
N MET B 1869 -9.38 33.02 -24.72
CA MET B 1869 -9.42 34.13 -25.66
C MET B 1869 -8.97 33.66 -27.04
N LEU B 1870 -9.71 34.05 -28.07
CA LEU B 1870 -9.40 33.65 -29.43
C LEU B 1870 -8.08 34.26 -29.91
N ASN B 1871 -7.38 33.50 -30.73
CA ASN B 1871 -6.26 33.98 -31.53
C ASN B 1871 -6.70 33.88 -32.98
N ASN B 1872 -7.08 35.02 -33.56
CA ASN B 1872 -7.63 35.04 -34.92
C ASN B 1872 -6.63 34.57 -35.97
N ASP B 1873 -5.33 34.57 -35.65
CA ASP B 1873 -4.34 34.06 -36.59
C ASP B 1873 -4.40 32.54 -36.70
N GLU B 1874 -4.90 31.86 -35.66
CA GLU B 1874 -4.95 30.40 -35.63
C GLU B 1874 -6.36 29.86 -35.84
N LEU B 1875 -7.26 30.67 -36.39
CA LEU B 1875 -8.65 30.28 -36.62
C LEU B 1875 -8.91 30.24 -38.12
N GLU B 1876 -8.96 29.04 -38.67
CA GLU B 1876 -9.38 28.82 -40.05
C GLU B 1876 -10.89 28.56 -40.04
N PHE B 1877 -11.68 29.59 -40.31
CA PHE B 1877 -13.13 29.52 -40.23
C PHE B 1877 -13.73 29.97 -41.55
N GLU B 1878 -14.65 29.18 -42.09
CA GLU B 1878 -15.31 29.46 -43.35
C GLU B 1878 -16.81 29.33 -43.17
N GLN B 1879 -17.52 30.46 -43.16
CA GLN B 1879 -18.97 30.46 -43.00
C GLN B 1879 -19.62 30.15 -44.33
N ALA B 1880 -20.24 28.97 -44.43
CA ALA B 1880 -20.89 28.53 -45.66
C ALA B 1880 -21.91 27.46 -45.31
N PRO B 1881 -22.99 27.33 -46.08
CA PRO B 1881 -23.97 26.27 -45.80
C PRO B 1881 -23.40 24.87 -45.89
N GLU B 1882 -22.32 24.67 -46.66
CA GLU B 1882 -21.70 23.35 -46.76
C GLU B 1882 -21.06 22.91 -45.46
N PHE B 1883 -20.59 23.86 -44.65
CA PHE B 1883 -19.92 23.58 -43.39
C PHE B 1883 -20.86 23.66 -42.20
N LEU B 1884 -22.15 23.90 -42.43
CA LEU B 1884 -23.10 23.98 -41.33
C LEU B 1884 -23.23 22.64 -40.63
N LEU B 1885 -23.20 22.66 -39.29
CA LEU B 1885 -23.41 21.48 -38.48
C LEU B 1885 -24.82 21.38 -37.93
N GLY B 1886 -25.38 22.50 -37.48
CA GLY B 1886 -26.74 22.53 -36.97
C GLY B 1886 -27.09 23.95 -36.59
N ASP B 1887 -28.35 24.13 -36.21
CA ASP B 1887 -28.83 25.41 -35.74
C ASP B 1887 -28.79 25.45 -34.22
N GLY B 1888 -29.09 26.61 -33.65
CA GLY B 1888 -29.06 26.78 -32.21
C GLY B 1888 -30.16 27.67 -31.69
N SER B 1889 -30.05 28.07 -30.42
CA SER B 1889 -31.05 28.95 -29.82
C SER B 1889 -31.03 30.33 -30.47
N PHE B 1890 -29.84 30.93 -30.60
CA PHE B 1890 -29.72 32.25 -31.19
C PHE B 1890 -28.54 32.36 -32.15
N GLY B 1891 -27.96 31.23 -32.57
CA GLY B 1891 -26.84 31.26 -33.49
C GLY B 1891 -26.75 29.97 -34.28
N SER B 1892 -25.77 29.94 -35.19
CA SER B 1892 -25.51 28.78 -36.03
C SER B 1892 -24.06 28.34 -35.86
N VAL B 1893 -23.83 27.04 -36.02
CA VAL B 1893 -22.53 26.43 -35.75
C VAL B 1893 -21.96 25.86 -37.05
N TYR B 1894 -20.66 26.10 -37.26
CA TYR B 1894 -19.98 25.65 -38.47
C TYR B 1894 -18.69 24.94 -38.09
N ARG B 1895 -18.34 23.92 -38.88
CA ARG B 1895 -17.05 23.26 -38.72
C ARG B 1895 -15.92 24.21 -39.09
N ALA B 1896 -14.82 24.13 -38.35
CA ALA B 1896 -13.67 25.00 -38.59
C ALA B 1896 -12.44 24.34 -37.99
N ALA B 1897 -11.30 25.03 -38.13
CA ALA B 1897 -10.02 24.57 -37.59
C ALA B 1897 -9.47 25.62 -36.63
N TYR B 1898 -9.02 25.17 -35.46
CA TYR B 1898 -8.42 26.05 -34.46
C TYR B 1898 -7.20 25.36 -33.88
N GLU B 1899 -6.03 25.99 -34.04
CA GLU B 1899 -4.74 25.45 -33.60
C GLU B 1899 -4.48 24.05 -34.17
N GLY B 1900 -4.81 23.88 -35.45
CA GLY B 1900 -4.59 22.62 -36.13
C GLY B 1900 -5.40 21.46 -35.60
N GLU B 1901 -6.68 21.69 -35.36
CA GLU B 1901 -7.58 20.64 -34.91
C GLU B 1901 -8.99 21.00 -35.35
N GLU B 1902 -9.80 19.97 -35.61
CA GLU B 1902 -11.17 20.18 -36.05
C GLU B 1902 -12.02 20.62 -34.87
N VAL B 1903 -12.61 21.81 -34.97
CA VAL B 1903 -13.44 22.38 -33.93
C VAL B 1903 -14.73 22.88 -34.54
N ALA B 1904 -15.65 23.32 -33.69
CA ALA B 1904 -16.92 23.90 -34.11
C ALA B 1904 -17.02 25.32 -33.60
N VAL B 1905 -17.34 26.25 -34.50
CA VAL B 1905 -17.46 27.66 -34.17
C VAL B 1905 -18.94 28.04 -34.22
N LYS B 1906 -19.46 28.52 -33.10
CA LYS B 1906 -20.82 29.02 -33.02
C LYS B 1906 -20.81 30.54 -33.13
N ILE B 1907 -21.47 31.07 -34.15
CA ILE B 1907 -21.57 32.51 -34.37
C ILE B 1907 -23.02 32.92 -34.14
N PHE B 1908 -23.21 34.06 -33.48
CA PHE B 1908 -24.53 34.51 -33.11
C PHE B 1908 -25.16 35.30 -34.27
N ASN B 1909 -26.32 35.87 -34.03
CA ASN B 1909 -27.09 36.54 -35.07
C ASN B 1909 -26.90 38.06 -34.99
N LYS B 1910 -27.38 38.74 -36.03
CA LYS B 1910 -27.22 40.19 -36.10
C LYS B 1910 -27.99 40.89 -34.98
N HIS B 1911 -29.20 40.42 -34.67
CA HIS B 1911 -30.01 41.02 -33.62
C HIS B 1911 -29.78 40.28 -32.29
N THR B 1912 -28.52 40.32 -31.85
CA THR B 1912 -28.14 39.72 -30.57
C THR B 1912 -27.38 40.73 -29.72
N SER B 1913 -26.85 40.28 -28.58
CA SER B 1913 -26.15 41.15 -27.66
C SER B 1913 -25.10 40.33 -26.91
N LEU B 1914 -24.32 41.02 -26.07
CA LEU B 1914 -23.35 40.34 -25.22
C LEU B 1914 -24.01 39.48 -24.15
N ARG B 1915 -25.28 39.75 -23.81
CA ARG B 1915 -25.96 38.99 -22.77
C ARG B 1915 -26.10 37.53 -23.16
N LEU B 1916 -26.38 37.25 -24.44
CA LEU B 1916 -26.47 35.87 -24.89
C LEU B 1916 -25.12 35.16 -24.80
N LEU B 1917 -24.05 35.85 -25.18
CA LEU B 1917 -22.71 35.28 -25.07
C LEU B 1917 -22.36 34.98 -23.62
N ARG B 1918 -22.71 35.88 -22.70
CA ARG B 1918 -22.41 35.64 -21.29
C ARG B 1918 -23.31 34.56 -20.71
N GLN B 1919 -24.53 34.41 -21.24
CA GLN B 1919 -25.38 33.29 -20.85
C GLN B 1919 -24.76 31.97 -21.27
N GLU B 1920 -24.18 31.92 -22.47
CA GLU B 1920 -23.41 30.75 -22.87
C GLU B 1920 -22.22 30.53 -21.93
N LEU B 1921 -21.51 31.61 -21.60
CA LEU B 1921 -20.25 31.50 -20.90
C LEU B 1921 -20.41 31.22 -19.40
N VAL B 1922 -21.57 31.53 -18.81
CA VAL B 1922 -21.77 31.25 -17.40
C VAL B 1922 -21.80 29.76 -17.11
N VAL B 1923 -22.11 28.94 -18.12
CA VAL B 1923 -22.05 27.49 -18.00
C VAL B 1923 -20.83 26.91 -18.70
N LEU B 1924 -20.44 27.48 -19.84
CA LEU B 1924 -19.34 26.91 -20.60
C LEU B 1924 -17.96 27.24 -20.04
N CYS B 1925 -17.84 28.24 -19.18
CA CYS B 1925 -16.54 28.68 -18.70
C CYS B 1925 -16.25 28.33 -17.26
N HIS B 1926 -17.28 28.04 -16.46
CA HIS B 1926 -17.09 27.76 -15.04
C HIS B 1926 -17.39 26.32 -14.66
N LEU B 1927 -18.01 25.54 -15.54
CA LEU B 1927 -18.41 24.18 -15.24
C LEU B 1927 -17.70 23.23 -16.19
N HIS B 1928 -17.03 22.22 -15.62
CA HIS B 1928 -16.28 21.23 -16.39
C HIS B 1928 -16.71 19.83 -15.94
N HIS B 1929 -17.05 18.99 -16.91
CA HIS B 1929 -17.63 17.68 -16.63
C HIS B 1929 -17.51 16.84 -17.89
N PRO B 1930 -17.35 15.51 -17.76
CA PRO B 1930 -17.32 14.67 -18.96
C PRO B 1930 -18.62 14.64 -19.75
N SER B 1931 -19.73 15.08 -19.16
CA SER B 1931 -21.03 15.06 -19.83
C SER B 1931 -21.46 16.44 -20.33
N LEU B 1932 -20.55 17.41 -20.32
CA LEU B 1932 -20.82 18.75 -20.83
C LEU B 1932 -19.78 19.10 -21.87
N ILE B 1933 -20.23 19.74 -22.95
CA ILE B 1933 -19.32 20.10 -24.04
C ILE B 1933 -18.26 21.08 -23.55
N SER B 1934 -17.06 20.95 -24.09
CA SER B 1934 -15.90 21.72 -23.65
C SER B 1934 -15.68 22.91 -24.57
N LEU B 1935 -15.45 24.08 -23.98
CA LEU B 1935 -15.15 25.30 -24.73
C LEU B 1935 -13.65 25.49 -24.81
N LEU B 1936 -13.16 25.69 -26.03
CA LEU B 1936 -11.74 25.93 -26.26
C LEU B 1936 -11.38 27.41 -26.36
N ALA B 1937 -12.28 28.24 -26.88
CA ALA B 1937 -12.00 29.66 -26.98
C ALA B 1937 -13.32 30.43 -27.08
N ALA B 1938 -13.25 31.72 -26.78
CA ALA B 1938 -14.43 32.58 -26.83
C ALA B 1938 -13.98 33.98 -27.23
N GLY B 1939 -14.36 34.41 -28.44
CA GLY B 1939 -13.97 35.71 -28.93
C GLY B 1939 -14.97 36.80 -28.62
N ILE B 1940 -14.55 38.04 -28.89
CA ILE B 1940 -15.36 39.22 -28.62
C ILE B 1940 -15.64 40.03 -29.88
N ARG B 1941 -14.63 40.22 -30.74
CA ARG B 1941 -14.80 41.10 -31.89
C ARG B 1941 -15.87 40.60 -32.87
N PRO B 1942 -15.89 39.33 -33.28
CA PRO B 1942 -17.05 38.83 -34.03
C PRO B 1942 -18.09 38.13 -33.15
N ARG B 1943 -17.81 37.97 -31.86
CA ARG B 1943 -18.71 37.37 -30.86
C ARG B 1943 -19.09 35.93 -31.25
N MET B 1944 -18.08 35.07 -31.25
CA MET B 1944 -18.26 33.65 -31.51
C MET B 1944 -17.75 32.83 -30.35
N LEU B 1945 -18.15 31.55 -30.34
CA LEU B 1945 -17.67 30.54 -29.41
C LEU B 1945 -16.99 29.43 -30.18
N VAL B 1946 -15.95 28.86 -29.60
CA VAL B 1946 -15.20 27.76 -30.21
C VAL B 1946 -15.20 26.60 -29.23
N MET B 1947 -15.90 25.53 -29.59
CA MET B 1947 -16.08 24.37 -28.71
C MET B 1947 -15.65 23.11 -29.44
N GLU B 1948 -15.71 21.98 -28.73
CA GLU B 1948 -15.33 20.68 -29.27
C GLU B 1948 -16.20 20.31 -30.48
N LEU B 1949 -15.78 19.24 -31.17
CA LEU B 1949 -16.52 18.68 -32.29
C LEU B 1949 -16.88 17.24 -31.95
N ALA B 1950 -18.19 16.93 -31.94
CA ALA B 1950 -18.63 15.57 -31.70
C ALA B 1950 -18.35 14.71 -32.92
N SER B 1951 -17.70 13.55 -32.68
CA SER B 1951 -17.29 12.69 -33.79
C SER B 1951 -18.49 12.12 -34.54
N LYS B 1952 -19.50 11.66 -33.82
CA LYS B 1952 -20.62 10.94 -34.40
C LYS B 1952 -21.88 11.79 -34.54
N GLY B 1953 -21.78 13.09 -34.28
CA GLY B 1953 -22.89 13.98 -34.53
C GLY B 1953 -23.93 13.96 -33.43
N SER B 1954 -25.06 14.61 -33.74
CA SER B 1954 -26.16 14.78 -32.81
C SER B 1954 -26.94 13.46 -32.66
N LEU B 1955 -27.79 13.42 -31.63
CA LEU B 1955 -28.64 12.26 -31.42
C LEU B 1955 -29.80 12.20 -32.40
N ASP B 1956 -30.20 13.34 -32.98
CA ASP B 1956 -31.30 13.35 -33.94
C ASP B 1956 -30.94 12.54 -35.19
N ARG B 1957 -29.72 12.70 -35.69
CA ARG B 1957 -29.30 11.93 -36.86
C ARG B 1957 -29.28 10.44 -36.56
N LEU B 1958 -28.79 10.05 -35.38
CA LEU B 1958 -28.79 8.63 -35.01
C LEU B 1958 -30.21 8.08 -34.91
N LEU B 1959 -31.13 8.85 -34.32
CA LEU B 1959 -32.51 8.39 -34.19
C LEU B 1959 -33.20 8.28 -35.54
N GLN B 1960 -32.96 9.24 -36.44
CA GLN B 1960 -33.65 9.24 -37.73
C GLN B 1960 -32.98 8.32 -38.75
N GLN B 1961 -31.69 8.55 -39.01
CA GLN B 1961 -31.00 7.92 -40.13
C GLN B 1961 -30.37 6.58 -39.77
N ASP B 1962 -29.82 6.44 -38.56
CA ASP B 1962 -29.02 5.28 -38.22
C ASP B 1962 -29.62 4.49 -37.06
N LYS B 1963 -30.90 4.17 -37.13
CA LYS B 1963 -31.56 3.45 -36.04
C LYS B 1963 -31.25 1.95 -36.08
N ALA B 1964 -29.97 1.61 -36.15
CA ALA B 1964 -29.52 0.22 -36.12
C ALA B 1964 -28.35 -0.01 -35.18
N SER B 1965 -27.57 1.01 -34.84
CA SER B 1965 -26.50 0.90 -33.87
C SER B 1965 -26.97 1.21 -32.45
N LEU B 1966 -28.27 1.44 -32.25
CA LEU B 1966 -28.83 1.77 -30.94
C LEU B 1966 -29.09 0.50 -30.12
N THR B 1967 -28.01 -0.20 -29.81
CA THR B 1967 -28.11 -1.31 -28.86
C THR B 1967 -28.45 -0.78 -27.48
N ARG B 1968 -29.15 -1.61 -26.70
CA ARG B 1968 -29.65 -1.17 -25.40
C ARG B 1968 -28.54 -0.72 -24.46
N THR B 1969 -27.33 -1.27 -24.63
CA THR B 1969 -26.19 -0.76 -23.87
C THR B 1969 -25.87 0.68 -24.25
N LEU B 1970 -25.89 0.99 -25.55
CA LEU B 1970 -25.65 2.37 -25.98
C LEU B 1970 -26.73 3.30 -25.48
N GLN B 1971 -27.99 2.87 -25.52
CA GLN B 1971 -29.09 3.67 -25.01
C GLN B 1971 -28.92 3.94 -23.52
N HIS B 1972 -28.56 2.91 -22.75
CA HIS B 1972 -28.34 3.07 -21.33
C HIS B 1972 -27.19 4.03 -21.04
N ARG B 1973 -26.09 3.91 -21.80
CA ARG B 1973 -24.96 4.82 -21.60
C ARG B 1973 -25.32 6.26 -21.93
N ILE B 1974 -26.06 6.49 -23.02
CA ILE B 1974 -26.48 7.84 -23.38
C ILE B 1974 -27.38 8.43 -22.29
N ALA B 1975 -28.37 7.66 -21.83
CA ALA B 1975 -29.26 8.13 -20.78
C ALA B 1975 -28.50 8.42 -19.50
N LEU B 1976 -27.57 7.54 -19.12
CA LEU B 1976 -26.78 7.73 -17.92
C LEU B 1976 -25.91 8.99 -18.00
N HIS B 1977 -25.26 9.20 -19.16
CA HIS B 1977 -24.42 10.39 -19.32
C HIS B 1977 -25.23 11.67 -19.29
N VAL B 1978 -26.40 11.68 -19.94
CA VAL B 1978 -27.25 12.88 -19.91
C VAL B 1978 -27.74 13.14 -18.49
N ALA B 1979 -28.12 12.07 -17.76
CA ALA B 1979 -28.54 12.23 -16.37
C ALA B 1979 -27.42 12.77 -15.49
N ASP B 1980 -26.18 12.29 -15.70
CA ASP B 1980 -25.04 12.80 -14.95
C ASP B 1980 -24.80 14.28 -15.24
N GLY B 1981 -24.89 14.66 -16.52
CA GLY B 1981 -24.75 16.07 -16.86
C GLY B 1981 -25.83 16.93 -16.22
N LEU B 1982 -27.07 16.45 -16.25
CA LEU B 1982 -28.16 17.19 -15.61
C LEU B 1982 -27.96 17.31 -14.11
N ARG B 1983 -27.51 16.23 -13.46
CA ARG B 1983 -27.31 16.30 -12.02
C ARG B 1983 -26.19 17.26 -11.66
N TYR B 1984 -25.13 17.31 -12.48
CA TYR B 1984 -24.08 18.29 -12.24
C TYR B 1984 -24.60 19.71 -12.43
N LEU B 1985 -25.34 19.95 -13.52
CA LEU B 1985 -25.89 21.27 -13.78
C LEU B 1985 -26.82 21.73 -12.66
N HIS B 1986 -27.68 20.83 -12.18
CA HIS B 1986 -28.64 21.19 -11.14
C HIS B 1986 -27.99 21.33 -9.77
N SER B 1987 -26.91 20.60 -9.52
CA SER B 1987 -26.14 20.83 -8.30
C SER B 1987 -25.31 22.10 -8.38
N ALA B 1988 -25.12 22.67 -9.57
CA ALA B 1988 -24.36 23.89 -9.76
C ALA B 1988 -25.26 25.12 -9.96
N MET B 1989 -26.44 25.11 -9.35
CA MET B 1989 -27.32 26.29 -9.24
C MET B 1989 -27.85 26.73 -10.63
N ILE B 1990 -27.74 25.88 -11.63
CA ILE B 1990 -28.03 26.25 -13.01
C ILE B 1990 -29.11 25.33 -13.57
N ILE B 1991 -30.11 25.91 -14.20
CA ILE B 1991 -31.13 25.17 -14.94
C ILE B 1991 -30.73 25.18 -16.42
N TYR B 1992 -31.26 24.21 -17.17
CA TYR B 1992 -30.93 24.05 -18.59
C TYR B 1992 -32.09 24.43 -19.51
N ARG B 1993 -33.30 23.95 -19.21
CA ARG B 1993 -34.57 24.35 -19.82
C ARG B 1993 -34.71 23.99 -21.29
N ASP B 1994 -33.74 23.33 -21.92
CA ASP B 1994 -33.87 22.96 -23.33
C ASP B 1994 -33.14 21.64 -23.54
N LEU B 1995 -33.88 20.54 -23.41
CA LEU B 1995 -33.32 19.19 -23.51
C LEU B 1995 -34.11 18.44 -24.58
N LYS B 1996 -33.58 18.47 -25.79
CA LYS B 1996 -34.10 17.77 -26.95
C LYS B 1996 -33.16 16.66 -27.35
N PRO B 1997 -33.60 15.71 -28.18
CA PRO B 1997 -32.65 14.79 -28.80
C PRO B 1997 -31.92 15.42 -29.97
N HIS B 1998 -31.47 16.68 -29.80
CA HIS B 1998 -30.69 17.42 -30.77
C HIS B 1998 -29.52 18.14 -30.12
N ASN B 1999 -29.61 18.50 -28.84
CA ASN B 1999 -28.52 19.06 -28.07
C ASN B 1999 -27.67 17.99 -27.41
N VAL B 2000 -27.98 16.71 -27.62
CA VAL B 2000 -27.21 15.60 -27.10
C VAL B 2000 -26.23 15.17 -28.19
N LEU B 2001 -24.95 15.21 -27.88
CA LEU B 2001 -23.89 14.97 -28.85
C LEU B 2001 -23.23 13.63 -28.58
N LEU B 2002 -23.01 12.86 -29.64
CA LEU B 2002 -22.37 11.55 -29.52
C LEU B 2002 -20.93 11.66 -29.97
N PHE B 2003 -20.01 11.22 -29.12
CA PHE B 2003 -18.59 11.24 -29.44
C PHE B 2003 -18.05 9.90 -29.90
N THR B 2004 -18.77 8.81 -29.62
CA THR B 2004 -18.39 7.49 -30.08
C THR B 2004 -19.61 6.58 -29.97
N LEU B 2005 -19.67 5.58 -30.85
CA LEU B 2005 -20.73 4.57 -30.81
C LEU B 2005 -20.28 3.26 -30.21
N TYR B 2006 -19.09 3.22 -29.60
CA TYR B 2006 -18.60 2.01 -28.94
C TYR B 2006 -19.15 1.96 -27.53
N PRO B 2007 -20.00 0.97 -27.19
CA PRO B 2007 -20.68 0.98 -25.88
C PRO B 2007 -19.74 0.99 -24.69
N ASN B 2008 -18.64 0.24 -24.74
CA ASN B 2008 -17.72 0.15 -23.61
C ASN B 2008 -16.66 1.24 -23.66
N ALA B 2009 -17.10 2.48 -23.81
CA ALA B 2009 -16.22 3.63 -23.80
C ALA B 2009 -16.28 4.31 -22.43
N ALA B 2010 -15.67 5.49 -22.33
CA ALA B 2010 -15.74 6.30 -21.12
C ALA B 2010 -16.55 7.57 -21.29
N ILE B 2011 -16.56 8.15 -22.48
CA ILE B 2011 -17.33 9.35 -22.78
C ILE B 2011 -18.08 9.09 -24.07
N ILE B 2012 -19.42 9.13 -24.02
CA ILE B 2012 -20.23 8.89 -25.20
C ILE B 2012 -21.10 10.10 -25.48
N ALA B 2013 -21.96 10.47 -24.53
CA ALA B 2013 -22.92 11.56 -24.72
C ALA B 2013 -22.46 12.81 -24.00
N LYS B 2014 -22.76 13.96 -24.61
CA LYS B 2014 -22.45 15.27 -24.04
C LYS B 2014 -23.61 16.21 -24.32
N ILE B 2015 -23.62 17.32 -23.57
CA ILE B 2015 -24.71 18.29 -23.64
C ILE B 2015 -24.16 19.61 -24.17
N ALA B 2016 -24.89 20.22 -25.09
CA ALA B 2016 -24.49 21.48 -25.72
C ALA B 2016 -25.70 22.40 -25.84
N ASP B 2017 -25.48 23.56 -26.47
CA ASP B 2017 -26.51 24.56 -26.74
C ASP B 2017 -27.14 25.08 -25.44
N TYR B 2018 -26.30 25.74 -24.63
CA TYR B 2018 -26.74 26.39 -23.41
C TYR B 2018 -27.29 27.79 -23.69
N GLY B 2019 -28.24 27.90 -24.62
CA GLY B 2019 -28.72 29.21 -25.01
C GLY B 2019 -29.69 29.85 -24.04
N ILE B 2020 -30.45 29.05 -23.30
CA ILE B 2020 -31.46 29.58 -22.40
C ILE B 2020 -31.26 29.02 -21.00
N ALA B 2021 -30.03 28.59 -20.69
CA ALA B 2021 -29.72 28.16 -19.34
C ALA B 2021 -29.69 29.36 -18.40
N GLN B 2022 -30.34 29.22 -17.25
CA GLN B 2022 -30.47 30.31 -16.30
C GLN B 2022 -30.04 29.90 -14.90
N TYR B 2023 -30.28 30.78 -13.93
CA TYR B 2023 -29.97 30.51 -12.52
C TYR B 2023 -31.26 30.26 -11.76
N CYS B 2024 -31.37 29.09 -11.12
CA CYS B 2024 -32.50 28.74 -10.26
C CYS B 2024 -31.96 28.33 -8.90
N CYS B 2025 -31.66 29.30 -8.04
CA CYS B 2025 -31.11 29.00 -6.73
C CYS B 2025 -32.12 28.32 -5.82
N ARG B 2026 -33.11 29.09 -5.37
CA ARG B 2026 -34.22 28.62 -4.55
C ARG B 2026 -35.57 29.17 -4.95
N MET B 2027 -35.62 30.35 -5.58
CA MET B 2027 -36.82 31.15 -5.76
C MET B 2027 -37.63 30.77 -7.00
N GLY B 2028 -37.11 29.90 -7.84
CA GLY B 2028 -37.80 29.51 -9.05
C GLY B 2028 -37.54 30.47 -10.20
N ILE B 2029 -38.30 30.23 -11.27
CA ILE B 2029 -38.16 30.99 -12.53
C ILE B 2029 -39.55 31.34 -13.04
N LYS B 2030 -39.68 32.54 -13.62
CA LYS B 2030 -40.96 32.98 -14.17
C LYS B 2030 -41.01 32.94 -15.69
N THR B 2031 -39.90 33.18 -16.37
CA THR B 2031 -39.89 33.16 -17.82
C THR B 2031 -40.09 31.74 -18.35
N SER B 2032 -40.91 31.61 -19.39
CA SER B 2032 -41.21 30.31 -19.99
C SER B 2032 -40.52 30.23 -21.34
N GLU B 2033 -39.50 29.39 -21.44
CA GLU B 2033 -38.77 29.19 -22.68
C GLU B 2033 -38.49 27.71 -22.87
N GLY B 2034 -38.29 27.32 -24.11
CA GLY B 2034 -38.03 25.93 -24.46
C GLY B 2034 -38.79 25.57 -25.73
N THR B 2035 -38.25 24.60 -26.46
CA THR B 2035 -38.86 24.17 -27.71
C THR B 2035 -40.20 23.48 -27.43
N PRO B 2036 -41.29 23.90 -28.08
CA PRO B 2036 -42.58 23.22 -27.88
C PRO B 2036 -42.50 21.74 -28.24
N GLY B 2037 -43.10 20.92 -27.40
CA GLY B 2037 -43.02 19.48 -27.52
C GLY B 2037 -42.00 18.84 -26.61
N PHE B 2038 -41.06 19.62 -26.07
CA PHE B 2038 -40.06 19.13 -25.14
C PHE B 2038 -40.10 19.89 -23.81
N ARG B 2039 -41.21 20.57 -23.53
CA ARG B 2039 -41.34 21.38 -22.33
C ARG B 2039 -42.13 20.66 -21.26
N ALA B 2040 -41.88 21.04 -20.01
CA ALA B 2040 -42.66 20.55 -18.89
C ALA B 2040 -44.06 21.19 -18.93
N PRO B 2041 -45.05 20.57 -18.28
CA PRO B 2041 -46.39 21.19 -18.24
C PRO B 2041 -46.39 22.58 -17.62
N GLU B 2042 -45.57 22.80 -16.59
CA GLU B 2042 -45.49 24.11 -15.97
C GLU B 2042 -44.81 25.12 -16.88
N VAL B 2043 -43.85 24.67 -17.70
CA VAL B 2043 -43.16 25.57 -18.62
C VAL B 2043 -44.11 26.03 -19.73
N ALA B 2044 -45.01 25.14 -20.18
CA ALA B 2044 -45.94 25.48 -21.23
C ALA B 2044 -46.86 26.64 -20.83
N ARG B 2045 -47.46 26.56 -19.65
CA ARG B 2045 -48.26 27.66 -19.13
C ARG B 2045 -47.37 28.78 -18.61
N GLY B 2046 -47.89 30.00 -18.66
CA GLY B 2046 -47.10 31.15 -18.28
C GLY B 2046 -47.51 31.80 -16.97
N ASN B 2047 -48.16 31.05 -16.08
CA ASN B 2047 -48.70 31.61 -14.86
C ASN B 2047 -48.20 30.88 -13.62
N VAL B 2048 -46.99 30.33 -13.67
CA VAL B 2048 -46.41 29.60 -12.55
C VAL B 2048 -44.95 30.01 -12.39
N ILE B 2049 -44.40 29.71 -11.21
CA ILE B 2049 -43.00 29.89 -10.91
C ILE B 2049 -42.42 28.49 -10.71
N TYR B 2050 -41.75 27.96 -11.73
CA TYR B 2050 -41.24 26.59 -11.70
C TYR B 2050 -39.78 26.58 -11.27
N ASN B 2051 -39.31 25.39 -10.93
CA ASN B 2051 -37.97 25.17 -10.39
C ASN B 2051 -37.17 24.28 -11.32
N GLN B 2052 -35.99 23.85 -10.85
CA GLN B 2052 -35.11 23.00 -11.64
C GLN B 2052 -35.75 21.67 -12.00
N GLN B 2053 -36.73 21.22 -11.23
CA GLN B 2053 -37.34 19.91 -11.46
C GLN B 2053 -38.18 19.87 -12.74
N ALA B 2054 -38.58 21.03 -13.27
CA ALA B 2054 -39.19 21.09 -14.60
C ALA B 2054 -38.26 20.63 -15.70
N ASP B 2055 -36.96 20.58 -15.45
CA ASP B 2055 -35.99 20.01 -16.38
C ASP B 2055 -35.94 18.49 -16.34
N VAL B 2056 -36.51 17.88 -15.30
CA VAL B 2056 -36.58 16.43 -15.24
C VAL B 2056 -37.59 15.91 -16.26
N TYR B 2057 -38.74 16.57 -16.39
CA TYR B 2057 -39.77 16.17 -17.35
C TYR B 2057 -39.18 16.06 -18.75
N SER B 2058 -38.42 17.08 -19.16
CA SER B 2058 -37.76 17.06 -20.46
C SER B 2058 -36.88 15.82 -20.60
N PHE B 2059 -36.09 15.51 -19.57
CA PHE B 2059 -35.27 14.30 -19.60
C PHE B 2059 -36.13 13.07 -19.81
N GLY B 2060 -37.27 13.00 -19.12
CA GLY B 2060 -38.19 11.88 -19.32
C GLY B 2060 -38.63 11.76 -20.76
N LEU B 2061 -38.97 12.88 -21.38
CA LEU B 2061 -39.32 12.89 -22.80
C LEU B 2061 -38.15 12.40 -23.66
N LEU B 2062 -36.94 12.83 -23.33
CA LEU B 2062 -35.75 12.34 -24.02
C LEU B 2062 -35.61 10.83 -23.87
N LEU B 2063 -35.82 10.30 -22.66
CA LEU B 2063 -35.77 8.85 -22.46
C LEU B 2063 -36.91 8.12 -23.18
N TYR B 2064 -38.00 8.83 -23.45
CA TYR B 2064 -39.10 8.27 -24.23
C TYR B 2064 -38.74 8.24 -25.71
N ASP B 2065 -37.87 9.13 -26.13
CA ASP B 2065 -37.46 9.14 -27.53
C ASP B 2065 -36.29 8.21 -27.76
N ILE B 2066 -35.41 8.10 -26.76
CA ILE B 2066 -34.32 7.12 -26.79
C ILE B 2066 -34.88 5.71 -26.80
N LEU B 2067 -35.91 5.46 -25.99
CA LEU B 2067 -36.49 4.11 -25.92
C LEU B 2067 -37.11 3.72 -27.26
N THR B 2068 -38.12 4.46 -27.71
CA THR B 2068 -38.81 4.14 -28.96
C THR B 2068 -38.19 4.88 -30.15
N THR B 2069 -36.86 4.81 -30.25
CA THR B 2069 -36.05 5.28 -31.38
C THR B 2069 -36.58 6.55 -32.04
N GLY B 2070 -36.92 7.53 -31.20
CA GLY B 2070 -37.48 8.78 -31.69
C GLY B 2070 -38.78 8.62 -32.46
N GLY B 2071 -39.68 7.78 -31.96
CA GLY B 2071 -40.90 7.50 -32.70
C GLY B 2071 -41.84 8.68 -32.79
N ARG B 2072 -42.08 9.36 -31.67
CA ARG B 2072 -43.05 10.45 -31.65
C ARG B 2072 -42.54 11.72 -32.31
N ILE B 2073 -41.22 11.90 -32.41
CA ILE B 2073 -40.68 13.08 -33.09
C ILE B 2073 -41.02 13.05 -34.57
N VAL B 2074 -40.99 11.87 -35.18
CA VAL B 2074 -41.33 11.74 -36.59
C VAL B 2074 -42.79 12.12 -36.83
N GLU B 2075 -43.69 11.62 -35.97
CA GLU B 2075 -45.11 11.93 -36.09
C GLU B 2075 -45.44 13.37 -35.72
N GLY B 2076 -44.60 14.01 -34.89
CA GLY B 2076 -44.85 15.40 -34.52
C GLY B 2076 -44.65 16.39 -35.65
N LEU B 2077 -43.89 16.01 -36.67
CA LEU B 2077 -43.71 16.87 -37.84
C LEU B 2077 -45.04 17.09 -38.56
N LYS B 2078 -45.84 16.03 -38.68
CA LYS B 2078 -47.13 16.15 -39.35
C LYS B 2078 -48.11 16.97 -38.53
N PHE B 2079 -48.10 16.82 -37.21
CA PHE B 2079 -49.03 17.52 -36.33
C PHE B 2079 -48.28 18.17 -35.18
N PRO B 2080 -47.62 19.31 -35.42
CA PRO B 2080 -46.94 20.02 -34.31
C PRO B 2080 -47.88 20.46 -33.21
N ASN B 2081 -49.13 20.81 -33.55
CA ASN B 2081 -50.09 21.23 -32.54
C ASN B 2081 -50.41 20.08 -31.58
N GLU B 2082 -50.70 18.90 -32.11
CA GLU B 2082 -50.94 17.73 -31.27
C GLU B 2082 -49.69 17.35 -30.49
N PHE B 2083 -48.52 17.47 -31.13
CA PHE B 2083 -47.23 17.27 -30.46
C PHE B 2083 -47.14 18.10 -29.18
N ASP B 2084 -47.29 19.43 -29.33
CA ASP B 2084 -47.16 20.33 -28.18
C ASP B 2084 -48.26 20.07 -27.16
N GLU B 2085 -49.50 19.84 -27.63
CA GLU B 2085 -50.61 19.63 -26.72
C GLU B 2085 -50.42 18.39 -25.85
N LEU B 2086 -49.99 17.28 -26.47
CA LEU B 2086 -49.78 16.06 -25.72
C LEU B 2086 -48.56 16.17 -24.80
N GLU B 2087 -47.50 16.84 -25.27
CA GLU B 2087 -46.32 17.01 -24.43
C GLU B 2087 -46.64 17.86 -23.19
N ILE B 2088 -47.42 18.92 -23.36
CA ILE B 2088 -47.78 19.76 -22.23
C ILE B 2088 -48.76 19.04 -21.31
N GLN B 2089 -49.77 18.39 -21.88
CA GLN B 2089 -50.78 17.71 -21.08
C GLN B 2089 -50.18 16.55 -20.29
N GLY B 2090 -49.65 15.56 -20.99
CA GLY B 2090 -49.07 14.38 -20.37
C GLY B 2090 -49.72 13.09 -20.81
N LYS B 2091 -50.81 13.14 -21.58
CA LYS B 2091 -51.50 11.96 -22.08
C LYS B 2091 -50.70 11.38 -23.24
N LEU B 2092 -49.70 10.58 -22.88
CA LEU B 2092 -48.84 9.97 -23.88
C LEU B 2092 -49.08 8.46 -23.95
N PRO B 2093 -48.99 7.87 -25.14
CA PRO B 2093 -49.20 6.43 -25.27
C PRO B 2093 -48.10 5.63 -24.59
N ASP B 2094 -48.44 4.39 -24.26
CA ASP B 2094 -47.46 3.47 -23.69
C ASP B 2094 -46.39 3.18 -24.73
N PRO B 2095 -45.11 3.39 -24.39
CA PRO B 2095 -44.04 3.29 -25.41
C PRO B 2095 -43.95 1.92 -26.09
N VAL B 2096 -44.16 0.83 -25.34
CA VAL B 2096 -44.06 -0.50 -25.94
C VAL B 2096 -45.25 -0.77 -26.87
N LYS B 2097 -46.45 -0.35 -26.45
CA LYS B 2097 -47.68 -0.76 -27.13
C LYS B 2097 -47.73 -0.26 -28.57
N GLU B 2098 -47.52 1.05 -28.77
CA GLU B 2098 -47.76 1.62 -30.09
C GLU B 2098 -46.54 1.50 -31.01
N TYR B 2099 -45.38 1.97 -30.55
CA TYR B 2099 -44.19 2.04 -31.40
C TYR B 2099 -43.50 0.69 -31.58
N GLY B 2100 -43.93 -0.34 -30.85
CA GLY B 2100 -43.43 -1.69 -31.03
C GLY B 2100 -41.95 -1.87 -30.77
N CYS B 2101 -41.54 -1.71 -29.52
CA CYS B 2101 -40.16 -1.93 -29.11
C CYS B 2101 -40.11 -3.06 -28.08
N ALA B 2102 -38.92 -3.59 -27.88
CA ALA B 2102 -38.74 -4.63 -26.88
C ALA B 2102 -38.95 -4.05 -25.49
N PRO B 2103 -39.70 -4.74 -24.62
CA PRO B 2103 -40.00 -4.18 -23.29
C PRO B 2103 -38.75 -3.92 -22.47
N TRP B 2104 -38.74 -2.79 -21.78
CA TRP B 2104 -37.67 -2.40 -20.87
C TRP B 2104 -38.34 -1.91 -19.59
N PRO B 2105 -38.83 -2.82 -18.75
CA PRO B 2105 -39.75 -2.43 -17.67
C PRO B 2105 -39.13 -1.52 -16.62
N MET B 2106 -37.81 -1.45 -16.51
CA MET B 2106 -37.18 -0.63 -15.49
C MET B 2106 -36.84 0.78 -15.99
N VAL B 2107 -37.07 1.08 -17.26
CA VAL B 2107 -37.00 2.46 -17.72
C VAL B 2107 -38.37 3.00 -18.10
N GLU B 2108 -39.35 2.13 -18.38
CA GLU B 2108 -40.73 2.56 -18.50
C GLU B 2108 -41.28 3.03 -17.16
N LYS B 2109 -40.65 2.61 -16.06
CA LYS B 2109 -41.04 3.10 -14.75
C LYS B 2109 -40.58 4.54 -14.57
N LEU B 2110 -39.36 4.87 -15.03
CA LEU B 2110 -38.92 6.26 -15.01
C LEU B 2110 -39.83 7.14 -15.87
N ILE B 2111 -40.13 6.69 -17.08
CA ILE B 2111 -41.03 7.42 -17.98
C ILE B 2111 -42.43 7.58 -17.38
N LYS B 2112 -42.83 6.66 -16.51
CA LYS B 2112 -44.08 6.89 -15.79
C LYS B 2112 -43.90 7.73 -14.54
N GLN B 2113 -42.69 7.79 -13.99
CA GLN B 2113 -42.42 8.63 -12.82
C GLN B 2113 -42.13 10.06 -13.21
N CYS B 2114 -41.05 10.30 -13.97
CA CYS B 2114 -40.67 11.67 -14.28
C CYS B 2114 -41.40 12.22 -15.50
N LEU B 2115 -42.72 12.01 -15.54
CA LEU B 2115 -43.62 12.71 -16.45
C LEU B 2115 -44.91 13.08 -15.74
N LYS B 2116 -44.94 13.03 -14.41
CA LYS B 2116 -46.13 13.36 -13.66
C LYS B 2116 -46.43 14.85 -13.75
N GLU B 2117 -47.73 15.19 -13.73
CA GLU B 2117 -48.13 16.58 -13.84
C GLU B 2117 -47.76 17.39 -12.59
N ASN B 2118 -47.49 16.72 -11.47
CA ASN B 2118 -47.09 17.42 -10.26
C ASN B 2118 -45.58 17.41 -10.15
N PRO B 2119 -44.90 18.56 -10.24
CA PRO B 2119 -43.43 18.57 -10.23
C PRO B 2119 -42.82 18.00 -8.95
N GLN B 2120 -43.54 18.08 -7.82
CA GLN B 2120 -43.00 17.60 -6.56
C GLN B 2120 -42.85 16.08 -6.52
N GLU B 2121 -43.59 15.36 -7.37
CA GLU B 2121 -43.56 13.91 -7.34
C GLU B 2121 -42.47 13.31 -8.22
N ARG B 2122 -42.00 14.04 -9.23
CA ARG B 2122 -40.94 13.54 -10.09
C ARG B 2122 -39.64 13.41 -9.29
N PRO B 2123 -38.81 12.41 -9.62
CA PRO B 2123 -37.51 12.30 -8.97
C PRO B 2123 -36.61 13.46 -9.31
N THR B 2124 -35.74 13.82 -8.37
CA THR B 2124 -34.74 14.84 -8.63
C THR B 2124 -33.68 14.32 -9.59
N SER B 2125 -32.90 15.24 -10.15
CA SER B 2125 -31.87 14.87 -11.11
C SER B 2125 -30.81 13.97 -10.49
N ALA B 2126 -30.55 14.11 -9.19
CA ALA B 2126 -29.60 13.24 -8.53
C ALA B 2126 -30.16 11.86 -8.24
N GLN B 2127 -31.50 11.71 -8.22
CA GLN B 2127 -32.11 10.40 -8.04
C GLN B 2127 -32.28 9.64 -9.35
N VAL B 2128 -32.49 10.35 -10.45
CA VAL B 2128 -32.60 9.71 -11.76
C VAL B 2128 -31.30 9.02 -12.12
N PHE B 2129 -30.16 9.68 -11.86
CA PHE B 2129 -28.87 9.08 -12.13
C PHE B 2129 -28.65 7.83 -11.28
N ASP B 2130 -28.98 7.90 -9.98
CA ASP B 2130 -28.82 6.75 -9.11
C ASP B 2130 -29.73 5.59 -9.50
N ILE B 2131 -30.91 5.89 -10.04
CA ILE B 2131 -31.76 4.81 -10.56
C ILE B 2131 -31.15 4.22 -11.82
N LEU B 2132 -30.60 5.07 -12.69
CA LEU B 2132 -29.93 4.59 -13.89
C LEU B 2132 -28.56 3.99 -13.60
N ASN B 2133 -28.00 4.24 -12.42
CA ASN B 2133 -26.71 3.70 -12.03
C ASN B 2133 -26.85 2.33 -11.39
N SER B 2134 -27.56 1.43 -12.07
CA SER B 2134 -27.81 0.09 -11.55
C SER B 2134 -27.72 -0.93 -12.67
N ALA B 2135 -27.26 -2.13 -12.32
CA ALA B 2135 -27.27 -3.25 -13.27
C ALA B 2135 -28.63 -3.95 -13.30
N GLU B 2136 -29.46 -3.73 -12.28
CA GLU B 2136 -30.83 -4.25 -12.30
C GLU B 2136 -31.65 -3.64 -13.43
N LEU B 2137 -31.39 -2.38 -13.75
CA LEU B 2137 -32.10 -1.71 -14.84
C LEU B 2137 -31.64 -2.17 -16.21
N VAL B 2138 -30.41 -2.65 -16.31
CA VAL B 2138 -29.88 -3.09 -17.60
C VAL B 2138 -30.26 -4.53 -17.92
N CYS B 2139 -30.31 -5.40 -16.90
CA CYS B 2139 -30.45 -6.84 -17.10
C CYS B 2139 -31.72 -7.38 -16.47
N LEU B 2140 -32.85 -6.69 -16.65
CA LEU B 2140 -34.16 -7.18 -16.27
C LEU B 2140 -35.01 -7.06 -17.54
N THR B 2141 -35.01 -8.13 -18.35
CA THR B 2141 -35.48 -8.00 -19.72
C THR B 2141 -37.01 -7.90 -19.78
N ARG B 2142 -37.71 -8.70 -18.98
CA ARG B 2142 -39.17 -8.73 -19.02
C ARG B 2142 -39.71 -8.88 -17.61
N ARG B 2143 -40.92 -8.37 -17.40
CA ARG B 2143 -41.60 -8.44 -16.12
C ARG B 2143 -43.07 -8.67 -16.38
N ILE B 2144 -43.58 -9.83 -15.97
CA ILE B 2144 -44.95 -10.24 -16.27
C ILE B 2144 -45.72 -10.33 -14.96
N LEU B 2145 -46.90 -9.71 -14.92
CA LEU B 2145 -47.78 -9.76 -13.78
C LEU B 2145 -48.93 -10.73 -14.07
N LEU B 2146 -49.06 -11.74 -13.22
CA LEU B 2146 -50.10 -12.74 -13.40
C LEU B 2146 -51.45 -12.19 -12.97
N PRO B 2147 -52.58 -12.85 -13.39
CA PRO B 2147 -53.92 -12.42 -12.95
C PRO B 2147 -54.07 -12.22 -11.45
N LYS B 2148 -55.10 -11.48 -11.04
CA LYS B 2148 -55.26 -11.09 -9.65
C LYS B 2148 -55.44 -12.31 -8.75
N ASN B 2149 -54.68 -12.35 -7.66
CA ASN B 2149 -54.82 -13.32 -6.57
C ASN B 2149 -54.65 -14.76 -7.07
N VAL B 2150 -53.46 -15.06 -7.57
CA VAL B 2150 -53.06 -16.43 -7.91
C VAL B 2150 -51.80 -16.78 -7.13
N ILE B 2151 -51.78 -17.98 -6.55
CA ILE B 2151 -50.63 -18.46 -5.80
C ILE B 2151 -50.01 -19.63 -6.55
N VAL B 2152 -49.00 -19.34 -7.36
CA VAL B 2152 -48.31 -20.37 -8.14
C VAL B 2152 -47.10 -20.86 -7.35
N GLU B 2153 -46.98 -22.19 -7.21
CA GLU B 2153 -45.99 -22.82 -6.34
C GLU B 2153 -44.78 -23.32 -7.10
N CYS B 2154 -44.96 -23.85 -8.30
CA CYS B 2154 -43.86 -24.40 -9.08
C CYS B 2154 -44.00 -23.98 -10.54
N MET B 2155 -42.87 -23.91 -11.24
CA MET B 2155 -42.88 -23.56 -12.65
C MET B 2155 -41.84 -24.36 -13.41
N VAL B 2156 -42.15 -24.65 -14.67
CA VAL B 2156 -41.21 -25.27 -15.59
C VAL B 2156 -41.34 -24.53 -16.92
N ALA B 2157 -40.29 -24.60 -17.73
CA ALA B 2157 -40.24 -23.92 -19.02
C ALA B 2157 -40.36 -24.92 -20.15
N THR B 2158 -41.28 -24.68 -21.08
CA THR B 2158 -41.34 -25.47 -22.30
C THR B 2158 -40.14 -25.09 -23.15
N HIS B 2159 -39.07 -25.89 -23.08
CA HIS B 2159 -37.79 -25.52 -23.67
C HIS B 2159 -37.30 -26.66 -24.56
N HIS B 2160 -37.78 -26.65 -25.80
CA HIS B 2160 -37.15 -27.38 -26.89
C HIS B 2160 -36.20 -26.50 -27.69
N ASN B 2161 -36.14 -25.20 -27.36
CA ASN B 2161 -35.28 -24.18 -27.96
C ASN B 2161 -35.71 -23.82 -29.38
N SER B 2162 -36.65 -24.57 -29.94
CA SER B 2162 -37.20 -24.27 -31.26
C SER B 2162 -38.71 -24.42 -31.35
N ARG B 2163 -39.37 -25.09 -30.40
CA ARG B 2163 -40.80 -25.38 -30.54
C ARG B 2163 -41.65 -24.17 -30.13
N ASN B 2164 -41.62 -23.82 -28.85
CA ASN B 2164 -42.43 -22.72 -28.33
C ASN B 2164 -41.88 -22.28 -26.99
N ALA B 2165 -41.41 -21.04 -26.90
CA ALA B 2165 -40.96 -20.48 -25.63
C ALA B 2165 -42.18 -20.16 -24.78
N SER B 2166 -42.35 -20.91 -23.69
CA SER B 2166 -43.52 -20.74 -22.83
C SER B 2166 -43.22 -21.34 -21.45
N ILE B 2167 -44.13 -21.09 -20.52
CA ILE B 2167 -43.99 -21.52 -19.12
C ILE B 2167 -45.22 -22.31 -18.72
N TRP B 2168 -45.02 -23.35 -17.93
CA TRP B 2168 -46.08 -24.08 -17.26
C TRP B 2168 -46.04 -23.77 -15.77
N LEU B 2169 -47.18 -23.42 -15.20
CA LEU B 2169 -47.26 -22.99 -13.81
C LEU B 2169 -48.23 -23.88 -13.06
N GLY B 2170 -47.87 -24.23 -11.82
CA GLY B 2170 -48.77 -24.98 -10.96
C GLY B 2170 -49.38 -24.13 -9.85
N CYS B 2171 -50.64 -23.77 -10.01
CA CYS B 2171 -51.29 -22.88 -9.05
C CYS B 2171 -51.60 -23.60 -7.75
N GLY B 2172 -51.66 -22.82 -6.67
CA GLY B 2172 -51.97 -23.35 -5.35
C GLY B 2172 -52.86 -22.44 -4.53
N HIS B 2173 -53.48 -21.46 -5.20
CA HIS B 2173 -54.40 -20.55 -4.50
C HIS B 2173 -55.69 -21.23 -4.06
N THR B 2174 -55.99 -22.41 -4.59
CA THR B 2174 -57.16 -23.17 -4.17
C THR B 2174 -56.73 -24.62 -3.93
N ASP B 2175 -57.47 -25.32 -3.07
CA ASP B 2175 -57.13 -26.71 -2.78
C ASP B 2175 -57.67 -27.64 -3.85
N ARG B 2176 -57.42 -27.31 -5.11
CA ARG B 2176 -57.76 -28.16 -6.25
C ARG B 2176 -56.81 -27.76 -7.37
N GLY B 2177 -55.79 -28.58 -7.61
CA GLY B 2177 -54.68 -28.24 -8.48
C GLY B 2177 -55.04 -27.74 -9.87
N GLN B 2178 -54.50 -26.57 -10.22
CA GLN B 2178 -54.71 -25.98 -11.54
C GLN B 2178 -53.39 -25.92 -12.29
N LEU B 2179 -53.42 -26.34 -13.55
CA LEU B 2179 -52.28 -26.22 -14.45
C LEU B 2179 -52.54 -25.06 -15.39
N SER B 2180 -51.61 -24.11 -15.47
CA SER B 2180 -51.77 -22.93 -16.29
C SER B 2180 -50.62 -22.81 -17.27
N PHE B 2181 -50.93 -22.31 -18.46
CA PHE B 2181 -49.99 -22.19 -19.57
C PHE B 2181 -49.77 -20.70 -19.86
N LEU B 2182 -48.50 -20.30 -19.90
CA LEU B 2182 -48.13 -18.91 -20.14
C LEU B 2182 -47.34 -18.83 -21.43
N ASP B 2183 -47.97 -18.33 -22.49
CA ASP B 2183 -47.29 -18.06 -23.76
C ASP B 2183 -46.49 -16.78 -23.60
N LEU B 2184 -45.16 -16.88 -23.74
CA LEU B 2184 -44.29 -15.75 -23.41
C LEU B 2184 -44.38 -14.65 -24.45
N ASN B 2185 -44.36 -15.00 -25.74
CA ASN B 2185 -44.37 -14.00 -26.81
C ASN B 2185 -45.69 -13.24 -26.90
N THR B 2186 -46.76 -13.72 -26.27
CA THR B 2186 -48.04 -13.02 -26.25
C THR B 2186 -48.55 -12.69 -24.85
N GLU B 2187 -47.84 -13.12 -23.80
CA GLU B 2187 -48.25 -12.92 -22.40
C GLU B 2187 -49.65 -13.47 -22.15
N GLY B 2188 -49.94 -14.63 -22.74
CA GLY B 2188 -51.24 -15.23 -22.67
C GLY B 2188 -51.32 -16.27 -21.57
N TYR B 2189 -52.25 -16.05 -20.63
CA TYR B 2189 -52.41 -16.91 -19.46
C TYR B 2189 -53.69 -17.72 -19.64
N THR B 2190 -53.56 -19.05 -19.65
CA THR B 2190 -54.69 -19.96 -19.77
C THR B 2190 -54.55 -21.03 -18.70
N SER B 2191 -55.44 -21.01 -17.71
CA SER B 2191 -55.41 -21.96 -16.61
C SER B 2191 -56.40 -23.10 -16.86
N GLU B 2192 -56.18 -24.20 -16.14
CA GLU B 2192 -57.04 -25.37 -16.27
C GLU B 2192 -56.97 -26.18 -14.98
N GLU B 2193 -58.11 -26.44 -14.37
CA GLU B 2193 -58.20 -27.20 -13.14
C GLU B 2193 -58.33 -28.69 -13.48
N VAL B 2194 -57.30 -29.46 -13.17
CA VAL B 2194 -57.28 -30.89 -13.49
C VAL B 2194 -56.99 -31.78 -12.29
N ALA B 2195 -56.44 -31.26 -11.19
CA ALA B 2195 -56.01 -32.08 -10.07
C ALA B 2195 -56.90 -31.85 -8.86
N ASP B 2196 -57.19 -32.93 -8.13
CA ASP B 2196 -57.99 -32.82 -6.92
C ASP B 2196 -57.28 -32.01 -5.84
N SER B 2197 -55.97 -32.20 -5.70
CA SER B 2197 -55.17 -31.49 -4.71
C SER B 2197 -54.15 -30.62 -5.44
N ARG B 2198 -53.62 -29.63 -4.71
CA ARG B 2198 -52.72 -28.65 -5.31
C ARG B 2198 -51.46 -29.31 -5.86
N ILE B 2199 -51.03 -28.84 -7.03
CA ILE B 2199 -49.82 -29.36 -7.66
C ILE B 2199 -48.61 -28.84 -6.90
N LEU B 2200 -47.68 -29.75 -6.57
CA LEU B 2200 -46.49 -29.36 -5.82
C LEU B 2200 -45.30 -29.08 -6.74
N CYS B 2201 -45.05 -29.95 -7.72
CA CYS B 2201 -43.91 -29.77 -8.61
C CYS B 2201 -44.28 -30.26 -10.01
N LEU B 2202 -43.51 -29.79 -10.99
CA LEU B 2202 -43.74 -30.08 -12.40
C LEU B 2202 -42.43 -30.52 -13.04
N ALA B 2203 -42.55 -31.29 -14.12
CA ALA B 2203 -41.38 -31.70 -14.88
C ALA B 2203 -41.76 -31.91 -16.34
N LEU B 2204 -40.80 -31.65 -17.22
CA LEU B 2204 -40.98 -31.80 -18.66
C LEU B 2204 -40.09 -32.93 -19.16
N VAL B 2205 -40.69 -33.88 -19.87
CA VAL B 2205 -39.98 -35.03 -20.43
C VAL B 2205 -40.07 -34.94 -21.96
N HIS B 2206 -38.93 -35.06 -22.62
CA HIS B 2206 -38.84 -34.99 -24.08
C HIS B 2206 -38.22 -36.28 -24.59
N LEU B 2207 -39.04 -37.11 -25.24
CA LEU B 2207 -38.56 -38.35 -25.84
C LEU B 2207 -38.23 -38.10 -27.30
N PRO B 2208 -36.96 -38.21 -27.71
CA PRO B 2208 -36.61 -37.93 -29.11
C PRO B 2208 -37.30 -38.84 -30.12
N VAL B 2209 -37.61 -40.08 -29.74
CA VAL B 2209 -38.33 -40.98 -30.65
C VAL B 2209 -39.73 -40.44 -30.89
N GLU B 2210 -40.10 -40.31 -32.17
CA GLU B 2210 -41.37 -39.78 -32.64
C GLU B 2210 -41.61 -38.33 -32.21
N LYS B 2211 -40.57 -37.64 -31.74
CA LYS B 2211 -40.64 -36.25 -31.28
C LYS B 2211 -41.73 -36.07 -30.22
N GLU B 2212 -41.70 -36.94 -29.21
CA GLU B 2212 -42.70 -36.95 -28.17
C GLU B 2212 -42.34 -35.97 -27.07
N SER B 2213 -43.33 -35.23 -26.58
CA SER B 2213 -43.15 -34.29 -25.48
C SER B 2213 -44.31 -34.45 -24.52
N TRP B 2214 -44.00 -34.55 -23.23
CA TRP B 2214 -45.02 -34.69 -22.20
C TRP B 2214 -44.61 -33.86 -20.99
N ILE B 2215 -45.59 -33.58 -20.13
CA ILE B 2215 -45.36 -32.92 -18.85
C ILE B 2215 -46.06 -33.73 -17.77
N VAL B 2216 -45.36 -33.95 -16.67
CA VAL B 2216 -45.84 -34.75 -15.55
C VAL B 2216 -46.02 -33.86 -14.33
N SER B 2217 -47.10 -34.10 -13.58
CA SER B 2217 -47.46 -33.29 -12.44
C SER B 2217 -47.38 -34.11 -11.16
N GLY B 2218 -47.18 -33.42 -10.04
CA GLY B 2218 -47.20 -34.06 -8.74
C GLY B 2218 -48.14 -33.36 -7.78
N THR B 2219 -49.18 -34.06 -7.36
CA THR B 2219 -50.24 -33.51 -6.53
C THR B 2219 -50.04 -33.84 -5.05
N GLN B 2220 -50.66 -33.02 -4.21
CA GLN B 2220 -50.55 -33.18 -2.76
C GLN B 2220 -51.19 -34.48 -2.29
N SER B 2221 -52.26 -34.91 -2.97
CA SER B 2221 -52.91 -36.18 -2.59
C SER B 2221 -51.98 -37.36 -2.78
N GLY B 2222 -51.22 -37.38 -3.86
CA GLY B 2222 -50.27 -38.46 -4.11
C GLY B 2222 -50.29 -38.94 -5.55
N THR B 2223 -51.27 -38.47 -6.31
CA THR B 2223 -51.40 -38.87 -7.71
C THR B 2223 -50.27 -38.29 -8.55
N LEU B 2224 -50.22 -38.72 -9.81
CA LEU B 2224 -49.16 -38.32 -10.73
C LEU B 2224 -49.78 -38.25 -12.13
N LEU B 2225 -50.23 -37.06 -12.51
CA LEU B 2225 -50.87 -36.87 -13.80
C LEU B 2225 -49.85 -36.64 -14.90
N VAL B 2226 -50.15 -37.15 -16.09
CA VAL B 2226 -49.30 -37.00 -17.27
C VAL B 2226 -50.17 -36.53 -18.43
N ILE B 2227 -49.87 -35.33 -18.95
CA ILE B 2227 -50.58 -34.77 -20.09
C ILE B 2227 -49.55 -34.33 -21.14
N ASN B 2228 -49.93 -34.49 -22.41
CA ASN B 2228 -49.04 -34.17 -23.52
C ASN B 2228 -48.77 -32.66 -23.58
N THR B 2229 -47.53 -32.30 -23.95
CA THR B 2229 -47.20 -30.90 -24.12
C THR B 2229 -47.98 -30.28 -25.28
N GLU B 2230 -48.11 -31.01 -26.39
CA GLU B 2230 -48.85 -30.53 -27.56
C GLU B 2230 -50.33 -30.87 -27.47
N ASP B 2231 -50.66 -32.16 -27.36
CA ASP B 2231 -52.04 -32.58 -27.26
C ASP B 2231 -52.61 -32.22 -25.89
N GLY B 2232 -53.89 -31.87 -25.87
CA GLY B 2232 -54.53 -31.45 -24.64
C GLY B 2232 -55.51 -32.47 -24.07
N LYS B 2233 -55.74 -33.55 -24.80
CA LYS B 2233 -56.68 -34.58 -24.40
C LYS B 2233 -55.96 -35.92 -24.20
N LYS B 2234 -54.79 -35.88 -23.55
CA LYS B 2234 -53.99 -37.06 -23.29
C LYS B 2234 -53.80 -37.30 -21.80
N ARG B 2235 -54.80 -36.93 -20.99
CA ARG B 2235 -54.72 -37.14 -19.55
C ARG B 2235 -54.72 -38.63 -19.21
N HIS B 2236 -53.78 -39.04 -18.37
CA HIS B 2236 -53.73 -40.41 -17.88
C HIS B 2236 -52.89 -40.43 -16.60
N THR B 2237 -53.51 -40.85 -15.50
CA THR B 2237 -52.83 -40.87 -14.21
C THR B 2237 -51.84 -42.04 -14.15
N LEU B 2238 -51.15 -42.14 -13.03
CA LEU B 2238 -50.18 -43.21 -12.77
C LEU B 2238 -50.40 -43.74 -11.37
N GLU B 2239 -49.46 -44.52 -10.85
CA GLU B 2239 -49.61 -45.12 -9.52
C GLU B 2239 -49.78 -44.05 -8.46
N LYS B 2240 -50.83 -44.20 -7.65
CA LYS B 2240 -51.12 -43.28 -6.56
C LYS B 2240 -50.16 -43.56 -5.41
N MET B 2241 -49.17 -42.69 -5.25
CA MET B 2241 -48.13 -42.88 -4.25
C MET B 2241 -48.71 -42.83 -2.84
N THR B 2242 -47.87 -43.19 -1.87
CA THR B 2242 -48.32 -43.24 -0.47
C THR B 2242 -48.76 -41.87 0.02
N ASP B 2243 -48.01 -40.83 -0.31
CA ASP B 2243 -48.30 -39.49 0.15
C ASP B 2243 -47.86 -38.50 -0.93
N SER B 2244 -47.72 -37.23 -0.55
CA SER B 2244 -47.47 -36.16 -1.51
C SER B 2244 -46.16 -36.35 -2.27
N VAL B 2245 -46.16 -35.90 -3.52
CA VAL B 2245 -45.00 -35.99 -4.40
C VAL B 2245 -44.31 -34.63 -4.36
N THR B 2246 -43.12 -34.57 -3.75
CA THR B 2246 -42.44 -33.31 -3.51
C THR B 2246 -41.35 -33.00 -4.54
N CYS B 2247 -41.01 -33.94 -5.42
CA CYS B 2247 -40.05 -33.70 -6.49
C CYS B 2247 -40.40 -34.58 -7.69
N LEU B 2248 -40.08 -34.07 -8.88
CA LEU B 2248 -40.28 -34.82 -10.10
C LEU B 2248 -39.10 -34.65 -11.05
N TYR B 2249 -37.90 -34.41 -10.51
CA TYR B 2249 -36.73 -34.12 -11.33
C TYR B 2249 -36.42 -35.25 -12.31
N CYS B 2250 -36.19 -34.88 -13.57
CA CYS B 2250 -35.93 -35.81 -14.64
C CYS B 2250 -34.59 -35.49 -15.31
N ASN B 2251 -33.81 -36.52 -15.56
CA ASN B 2251 -32.49 -36.36 -16.18
C ASN B 2251 -32.06 -37.69 -16.78
N SER B 2252 -31.06 -37.62 -17.64
CA SER B 2252 -30.50 -38.79 -18.29
C SER B 2252 -29.10 -39.10 -17.75
N PHE B 2253 -28.82 -40.38 -17.56
CA PHE B 2253 -27.52 -40.82 -17.08
C PHE B 2253 -26.55 -41.01 -18.25
N GLN B 2259 -27.64 -41.32 -21.84
CA GLN B 2259 -27.90 -42.76 -21.92
C GLN B 2259 -29.39 -43.04 -21.87
N LYS B 2260 -29.89 -43.30 -20.66
CA LYS B 2260 -31.30 -43.61 -20.44
C LYS B 2260 -31.93 -42.50 -19.60
N ASN B 2261 -33.13 -42.09 -19.99
CA ASN B 2261 -33.84 -41.02 -19.28
C ASN B 2261 -34.60 -41.62 -18.10
N PHE B 2262 -34.47 -40.98 -16.94
CA PHE B 2262 -35.15 -41.42 -15.73
C PHE B 2262 -35.93 -40.26 -15.14
N LEU B 2263 -37.18 -40.51 -14.79
CA LEU B 2263 -38.06 -39.51 -14.20
C LEU B 2263 -38.13 -39.85 -12.70
N LEU B 2264 -37.37 -39.12 -11.90
CA LEU B 2264 -37.22 -39.41 -10.48
C LEU B 2264 -38.37 -38.76 -9.71
N VAL B 2265 -39.07 -39.56 -8.89
CA VAL B 2265 -40.21 -39.08 -8.12
C VAL B 2265 -39.85 -39.17 -6.64
N GLY B 2266 -39.87 -38.02 -5.97
CA GLY B 2266 -39.63 -37.98 -4.54
C GLY B 2266 -40.88 -37.80 -3.70
N THR B 2267 -41.37 -38.89 -3.12
CA THR B 2267 -42.56 -38.83 -2.27
C THR B 2267 -42.22 -38.12 -0.96
N ALA B 2268 -43.24 -37.51 -0.33
CA ALA B 2268 -43.06 -36.79 0.94
C ALA B 2268 -42.78 -37.72 2.12
N ASP B 2269 -42.61 -39.02 1.91
CA ASP B 2269 -42.32 -39.99 2.96
C ASP B 2269 -40.86 -40.44 2.92
N GLY B 2270 -39.98 -39.64 2.35
CA GLY B 2270 -38.58 -40.04 2.19
C GLY B 2270 -38.42 -41.24 1.30
N LYS B 2271 -39.13 -41.27 0.18
CA LYS B 2271 -39.15 -42.41 -0.72
C LYS B 2271 -38.91 -41.92 -2.14
N LEU B 2272 -37.81 -42.38 -2.74
CA LEU B 2272 -37.45 -42.02 -4.11
C LEU B 2272 -37.90 -43.14 -5.04
N ALA B 2273 -39.07 -42.98 -5.65
CA ALA B 2273 -39.63 -43.99 -6.54
C ALA B 2273 -39.07 -43.75 -7.93
N ILE B 2274 -37.99 -44.48 -8.28
CA ILE B 2274 -37.40 -44.36 -9.60
C ILE B 2274 -38.40 -44.84 -10.64
N PHE B 2275 -38.55 -44.07 -11.72
CA PHE B 2275 -39.53 -44.38 -12.75
C PHE B 2275 -38.83 -44.32 -14.11
N GLU B 2276 -39.40 -45.01 -15.08
CA GLU B 2276 -38.81 -45.17 -16.40
C GLU B 2276 -39.50 -44.23 -17.39
N ASP B 2277 -38.69 -43.46 -18.12
CA ASP B 2277 -39.24 -42.52 -19.11
C ASP B 2277 -39.98 -43.25 -20.21
N LYS B 2278 -39.43 -44.36 -20.69
CA LYS B 2278 -40.06 -45.10 -21.79
C LYS B 2278 -41.44 -45.65 -21.41
N THR B 2279 -41.75 -45.72 -20.12
CA THR B 2279 -43.02 -46.23 -19.63
C THR B 2279 -44.08 -45.16 -19.44
N VAL B 2280 -43.79 -43.89 -19.72
CA VAL B 2280 -44.79 -42.84 -19.51
C VAL B 2280 -45.96 -42.95 -20.48
N LYS B 2281 -45.81 -43.71 -21.57
CA LYS B 2281 -46.91 -43.86 -22.52
C LYS B 2281 -48.07 -44.65 -21.93
N LEU B 2282 -47.78 -45.62 -21.06
CA LEU B 2282 -48.81 -46.46 -20.49
C LEU B 2282 -49.75 -45.65 -19.61
N LYS B 2283 -51.05 -45.98 -19.68
CA LYS B 2283 -52.07 -45.32 -18.87
C LYS B 2283 -52.09 -46.02 -17.51
N GLY B 2284 -51.29 -45.50 -16.59
CA GLY B 2284 -51.11 -46.14 -15.30
C GLY B 2284 -50.00 -47.17 -15.34
N ALA B 2285 -49.03 -47.02 -14.44
CA ALA B 2285 -47.86 -47.89 -14.41
C ALA B 2285 -47.32 -47.92 -12.99
N ALA B 2286 -46.16 -48.55 -12.82
CA ALA B 2286 -45.52 -48.68 -11.53
C ALA B 2286 -44.07 -48.26 -11.62
N PRO B 2287 -43.50 -47.73 -10.53
CA PRO B 2287 -42.08 -47.35 -10.55
C PRO B 2287 -41.17 -48.54 -10.79
N LEU B 2288 -40.08 -48.29 -11.54
CA LEU B 2288 -39.13 -49.35 -11.85
C LEU B 2288 -38.43 -49.86 -10.59
N LYS B 2289 -38.06 -48.97 -9.68
CA LYS B 2289 -37.36 -49.35 -8.46
C LYS B 2289 -37.68 -48.33 -7.38
N ILE B 2290 -38.50 -48.70 -6.40
CA ILE B 2290 -38.91 -47.79 -5.35
C ILE B 2290 -37.82 -47.82 -4.27
N LEU B 2291 -36.91 -46.85 -4.32
CA LEU B 2291 -35.90 -46.70 -3.29
C LEU B 2291 -36.50 -46.10 -2.03
N ASN B 2292 -35.95 -46.46 -0.89
CA ASN B 2292 -36.35 -45.92 0.40
C ASN B 2292 -35.15 -45.25 1.04
N ILE B 2293 -35.32 -43.98 1.43
CA ILE B 2293 -34.21 -43.22 2.00
C ILE B 2293 -34.52 -42.87 3.45
N GLY B 2294 -35.80 -42.72 3.79
CA GLY B 2294 -36.15 -42.37 5.15
C GLY B 2294 -37.61 -42.67 5.44
N ASN B 2295 -37.98 -42.42 6.70
CA ASN B 2295 -39.34 -42.66 7.17
C ASN B 2295 -40.28 -41.55 6.70
N VAL B 2296 -41.53 -41.63 7.14
CA VAL B 2296 -42.53 -40.62 6.79
C VAL B 2296 -42.19 -39.28 7.45
N SER B 2297 -41.56 -39.30 8.63
CA SER B 2297 -41.21 -38.06 9.32
C SER B 2297 -40.20 -37.23 8.53
N THR B 2298 -39.31 -37.89 7.78
CA THR B 2298 -38.31 -37.19 6.99
C THR B 2298 -38.80 -37.04 5.56
N PRO B 2299 -39.06 -35.83 5.08
CA PRO B 2299 -39.48 -35.64 3.69
C PRO B 2299 -38.29 -35.55 2.75
N LEU B 2300 -38.52 -36.01 1.52
CA LEU B 2300 -37.51 -36.00 0.47
C LEU B 2300 -37.95 -35.00 -0.60
N MET B 2301 -37.38 -33.81 -0.58
CA MET B 2301 -37.79 -32.72 -1.46
C MET B 2301 -36.60 -31.95 -1.99
N CYS B 2302 -35.49 -32.63 -2.26
CA CYS B 2302 -34.27 -31.89 -2.58
C CYS B 2302 -33.49 -32.53 -3.73
N LEU B 2303 -34.17 -32.92 -4.80
CA LEU B 2303 -33.47 -33.53 -5.93
C LEU B 2303 -32.57 -32.52 -6.64
N SER B 2304 -31.45 -33.01 -7.17
CA SER B 2304 -30.52 -32.18 -7.94
C SER B 2304 -29.61 -33.10 -8.75
N GLU B 2305 -28.72 -32.48 -9.51
CA GLU B 2305 -27.70 -33.18 -10.29
C GLU B 2305 -26.40 -32.39 -10.24
N SER B 2306 -25.36 -32.93 -10.86
CA SER B 2306 -24.04 -32.29 -10.90
C SER B 2306 -23.75 -31.87 -12.34
N THR B 2307 -23.41 -30.59 -12.52
CA THR B 2307 -23.11 -30.03 -13.83
C THR B 2307 -21.61 -29.88 -14.09
N ASN B 2308 -20.76 -30.32 -13.17
CA ASN B 2308 -19.31 -30.16 -13.32
C ASN B 2308 -18.71 -31.37 -14.02
N SER B 2309 -17.94 -31.10 -15.09
CA SER B 2309 -17.23 -32.13 -15.85
C SER B 2309 -18.17 -33.18 -16.44
N THR B 2310 -19.43 -32.80 -16.65
CA THR B 2310 -20.47 -33.67 -17.19
C THR B 2310 -20.59 -34.97 -16.38
N GLU B 2311 -20.51 -34.83 -15.06
CA GLU B 2311 -20.60 -35.96 -14.13
C GLU B 2311 -22.08 -36.28 -13.87
N ARG B 2312 -22.74 -36.75 -14.93
CA ARG B 2312 -24.14 -37.12 -14.82
C ARG B 2312 -24.28 -38.55 -14.29
N ASN B 2313 -23.60 -38.83 -13.18
CA ASN B 2313 -23.64 -40.12 -12.50
C ASN B 2313 -24.20 -40.01 -11.10
N VAL B 2314 -23.66 -39.10 -10.28
CA VAL B 2314 -24.07 -38.93 -8.89
C VAL B 2314 -25.07 -37.77 -8.83
N MET B 2315 -26.25 -38.04 -8.30
CA MET B 2315 -27.33 -37.06 -8.19
C MET B 2315 -27.58 -36.81 -6.71
N TRP B 2316 -26.90 -35.81 -6.15
CA TRP B 2316 -27.03 -35.47 -4.74
C TRP B 2316 -28.44 -34.97 -4.45
N GLY B 2317 -29.14 -35.66 -3.56
CA GLY B 2317 -30.46 -35.26 -3.13
C GLY B 2317 -30.49 -34.84 -1.67
N GLY B 2318 -31.70 -34.86 -1.10
CA GLY B 2318 -31.86 -34.61 0.31
C GLY B 2318 -33.15 -35.19 0.86
N CYS B 2319 -33.03 -35.96 1.95
CA CYS B 2319 -34.18 -36.59 2.60
C CYS B 2319 -34.20 -36.14 4.05
N GLY B 2320 -35.27 -35.43 4.42
CA GLY B 2320 -35.37 -34.88 5.76
C GLY B 2320 -34.25 -33.89 6.03
N THR B 2321 -33.32 -34.27 6.91
CA THR B 2321 -32.18 -33.43 7.24
C THR B 2321 -30.90 -34.21 6.95
N LYS B 2322 -30.94 -35.07 5.93
CA LYS B 2322 -29.81 -35.90 5.53
C LYS B 2322 -29.62 -35.82 4.03
N ILE B 2323 -28.36 -35.73 3.61
CA ILE B 2323 -27.99 -35.64 2.19
C ILE B 2323 -27.64 -37.04 1.70
N PHE B 2324 -28.34 -37.49 0.67
CA PHE B 2324 -28.10 -38.81 0.09
C PHE B 2324 -27.57 -38.66 -1.34
N SER B 2325 -26.81 -39.66 -1.77
CA SER B 2325 -26.25 -39.71 -3.11
C SER B 2325 -26.51 -41.08 -3.71
N PHE B 2326 -26.62 -41.13 -5.04
CA PHE B 2326 -26.87 -42.39 -5.72
C PHE B 2326 -26.39 -42.27 -7.16
N SER B 2327 -26.26 -43.41 -7.83
CA SER B 2327 -25.83 -43.46 -9.22
C SER B 2327 -26.77 -44.35 -10.03
N ASN B 2328 -26.38 -44.65 -11.27
CA ASN B 2328 -27.17 -45.56 -12.10
C ASN B 2328 -27.27 -46.96 -11.53
N ASP B 2329 -26.33 -47.34 -10.65
CA ASP B 2329 -26.43 -48.59 -9.90
C ASP B 2329 -27.50 -48.56 -8.84
N PHE B 2330 -28.08 -47.39 -8.55
CA PHE B 2330 -29.16 -47.20 -7.59
C PHE B 2330 -28.75 -47.67 -6.19
N THR B 2331 -27.49 -47.42 -5.84
CA THR B 2331 -26.94 -47.75 -4.53
C THR B 2331 -26.48 -46.47 -3.85
N ILE B 2332 -26.90 -46.29 -2.61
CA ILE B 2332 -26.58 -45.07 -1.86
C ILE B 2332 -25.09 -45.07 -1.54
N GLN B 2333 -24.33 -44.23 -2.24
CA GLN B 2333 -22.90 -44.11 -1.97
C GLN B 2333 -22.60 -43.27 -0.73
N LYS B 2334 -23.53 -42.44 -0.29
CA LYS B 2334 -23.32 -41.60 0.87
C LYS B 2334 -24.66 -41.17 1.43
N LEU B 2335 -24.78 -41.18 2.76
CA LEU B 2335 -25.96 -40.72 3.47
C LEU B 2335 -25.46 -40.00 4.72
N ILE B 2336 -25.36 -38.67 4.64
CA ILE B 2336 -24.66 -37.87 5.64
C ILE B 2336 -25.68 -37.11 6.48
N GLU B 2337 -25.50 -37.14 7.79
CA GLU B 2337 -26.40 -36.47 8.71
C GLU B 2337 -26.00 -35.00 8.85
N THR B 2338 -26.99 -34.11 8.84
CA THR B 2338 -26.72 -32.67 8.88
C THR B 2338 -27.41 -31.93 10.02
N ARG B 2339 -28.22 -32.61 10.83
CA ARG B 2339 -28.99 -31.91 11.85
C ARG B 2339 -28.13 -31.41 13.01
N THR B 2340 -26.88 -31.87 13.10
CA THR B 2340 -25.99 -31.50 14.19
C THR B 2340 -25.05 -30.39 13.74
N SER B 2341 -24.97 -29.32 14.51
CA SER B 2341 -24.05 -28.22 14.25
C SER B 2341 -22.89 -28.29 15.23
N GLN B 2342 -21.66 -28.25 14.69
CA GLN B 2342 -20.46 -28.34 15.52
C GLN B 2342 -20.36 -27.16 16.48
N LEU B 2343 -20.68 -25.96 16.00
CA LEU B 2343 -20.65 -24.78 16.87
C LEU B 2343 -21.77 -24.82 17.91
N PHE B 2344 -22.88 -25.49 17.59
CA PHE B 2344 -24.05 -25.67 18.45
C PHE B 2344 -24.72 -24.34 18.83
N SER B 2345 -24.36 -23.25 18.16
CA SER B 2345 -25.00 -21.95 18.38
C SER B 2345 -26.02 -21.62 17.30
N TYR B 2346 -25.68 -21.84 16.04
CA TYR B 2346 -26.59 -21.66 14.91
C TYR B 2346 -27.44 -22.90 14.65
N ALA B 2347 -27.43 -23.87 15.56
CA ALA B 2347 -28.20 -25.10 15.36
C ALA B 2347 -29.70 -24.86 15.31
N ALA B 2348 -30.17 -23.68 15.74
CA ALA B 2348 -31.58 -23.32 15.56
C ALA B 2348 -31.94 -23.29 14.08
N PHE B 2349 -31.04 -22.78 13.24
CA PHE B 2349 -31.26 -22.76 11.80
C PHE B 2349 -30.65 -23.96 11.10
N SER B 2350 -30.00 -24.87 11.82
CA SER B 2350 -29.35 -26.02 11.22
C SER B 2350 -30.06 -27.33 11.53
N ASP B 2351 -31.25 -27.28 12.11
CA ASP B 2351 -32.03 -28.47 12.45
C ASP B 2351 -33.37 -28.47 11.70
N SER B 2352 -33.34 -28.02 10.45
CA SER B 2352 -34.54 -27.91 9.62
C SER B 2352 -34.36 -28.77 8.37
N ASN B 2353 -35.48 -29.10 7.74
CA ASN B 2353 -35.44 -29.92 6.54
C ASN B 2353 -34.70 -29.19 5.41
N ILE B 2354 -33.93 -29.96 4.65
CA ILE B 2354 -33.21 -29.42 3.49
C ILE B 2354 -34.20 -29.08 2.38
N ILE B 2355 -33.97 -27.94 1.70
CA ILE B 2355 -34.93 -27.47 0.72
C ILE B 2355 -34.32 -27.43 -0.68
N THR B 2356 -33.01 -27.18 -0.78
CA THR B 2356 -32.38 -27.07 -2.08
C THR B 2356 -30.89 -27.33 -1.96
N VAL B 2357 -30.33 -28.00 -2.97
CA VAL B 2357 -28.89 -28.27 -3.02
C VAL B 2357 -28.40 -28.02 -4.43
N VAL B 2358 -27.28 -27.31 -4.56
CA VAL B 2358 -26.61 -27.08 -5.83
C VAL B 2358 -25.14 -27.42 -5.64
N VAL B 2359 -24.56 -28.10 -6.62
CA VAL B 2359 -23.19 -28.60 -6.50
C VAL B 2359 -22.39 -28.21 -7.75
N ASP B 2360 -21.29 -27.49 -7.54
CA ASP B 2360 -20.30 -27.25 -8.58
C ASP B 2360 -18.96 -27.85 -8.21
N THR B 2361 -18.40 -27.48 -7.06
CA THR B 2361 -17.19 -28.08 -6.51
C THR B 2361 -17.38 -28.58 -5.09
N ALA B 2362 -18.47 -28.22 -4.44
CA ALA B 2362 -18.78 -28.63 -3.07
C ALA B 2362 -20.30 -28.74 -2.98
N LEU B 2363 -20.82 -28.80 -1.74
CA LEU B 2363 -22.25 -28.90 -1.51
C LEU B 2363 -22.75 -27.61 -0.88
N TYR B 2364 -23.90 -27.12 -1.36
CA TYR B 2364 -24.55 -25.94 -0.80
C TYR B 2364 -25.93 -26.34 -0.28
N ILE B 2365 -26.17 -26.11 1.00
CA ILE B 2365 -27.36 -26.60 1.69
C ILE B 2365 -28.14 -25.42 2.25
N ALA B 2366 -29.44 -25.36 1.96
CA ALA B 2366 -30.35 -24.41 2.55
C ALA B 2366 -31.53 -25.14 3.19
N LYS B 2367 -32.09 -24.54 4.24
CA LYS B 2367 -33.13 -25.18 5.03
C LYS B 2367 -34.29 -24.23 5.25
N GLN B 2368 -35.40 -24.76 5.76
CA GLN B 2368 -36.58 -23.97 6.05
C GLN B 2368 -36.28 -22.91 7.10
N ASN B 2369 -36.67 -21.66 6.80
CA ASN B 2369 -36.49 -20.52 7.71
C ASN B 2369 -35.04 -20.41 8.19
N SER B 2370 -34.11 -20.65 7.28
CA SER B 2370 -32.69 -20.68 7.59
C SER B 2370 -31.98 -19.49 6.97
N PRO B 2371 -31.61 -18.48 7.75
CA PRO B 2371 -30.79 -17.38 7.20
C PRO B 2371 -29.36 -17.79 6.88
N VAL B 2372 -28.97 -19.03 7.12
CA VAL B 2372 -27.63 -19.51 6.84
C VAL B 2372 -27.66 -20.46 5.67
N VAL B 2373 -26.55 -20.52 4.94
CA VAL B 2373 -26.34 -21.51 3.90
C VAL B 2373 -25.03 -22.24 4.20
N GLU B 2374 -25.04 -23.56 4.06
CA GLU B 2374 -23.92 -24.40 4.46
C GLU B 2374 -23.14 -24.84 3.23
N VAL B 2375 -21.84 -24.60 3.25
CA VAL B 2375 -20.95 -25.07 2.20
C VAL B 2375 -20.25 -26.30 2.75
N TRP B 2376 -20.70 -27.48 2.32
CA TRP B 2376 -20.18 -28.73 2.83
C TRP B 2376 -19.21 -29.34 1.83
N ASP B 2377 -18.26 -30.12 2.34
CA ASP B 2377 -17.27 -30.78 1.50
C ASP B 2377 -17.78 -32.13 1.04
N LYS B 2378 -17.64 -32.42 -0.24
CA LYS B 2378 -18.08 -33.70 -0.79
C LYS B 2378 -17.08 -34.83 -0.59
N LYS B 2379 -15.90 -34.54 -0.02
CA LYS B 2379 -14.90 -35.56 0.25
C LYS B 2379 -14.73 -35.81 1.75
N THR B 2380 -14.43 -34.76 2.52
CA THR B 2380 -14.29 -34.90 3.96
C THR B 2380 -15.62 -34.97 4.69
N GLU B 2381 -16.73 -34.66 4.01
CA GLU B 2381 -18.09 -34.77 4.55
C GLU B 2381 -18.25 -33.94 5.82
N LYS B 2382 -17.68 -32.74 5.82
CA LYS B 2382 -17.75 -31.83 6.95
C LYS B 2382 -18.06 -30.43 6.46
N LEU B 2383 -18.62 -29.62 7.35
CA LEU B 2383 -19.01 -28.25 7.01
C LEU B 2383 -17.77 -27.38 6.81
N CYS B 2384 -17.48 -27.03 5.56
CA CYS B 2384 -16.36 -26.15 5.28
C CYS B 2384 -16.66 -24.70 5.64
N GLY B 2385 -17.86 -24.21 5.30
CA GLY B 2385 -18.19 -22.83 5.51
C GLY B 2385 -19.66 -22.65 5.84
N LEU B 2386 -19.97 -21.48 6.42
CA LEU B 2386 -21.33 -21.13 6.81
C LEU B 2386 -21.50 -19.64 6.51
N ILE B 2387 -22.22 -19.34 5.43
CA ILE B 2387 -22.40 -17.97 4.98
C ILE B 2387 -23.68 -17.41 5.59
N ASP B 2388 -23.58 -16.23 6.20
CA ASP B 2388 -24.71 -15.57 6.83
C ASP B 2388 -25.37 -14.63 5.83
N CYS B 2389 -26.62 -14.91 5.47
CA CYS B 2389 -27.36 -13.98 4.62
C CYS B 2389 -27.68 -12.68 5.35
N VAL B 2390 -27.97 -12.78 6.66
CA VAL B 2390 -28.28 -11.58 7.44
C VAL B 2390 -27.08 -10.66 7.53
N HIS B 2391 -25.87 -11.22 7.56
CA HIS B 2391 -24.66 -10.41 7.59
C HIS B 2391 -24.55 -9.52 6.35
N PHE B 2392 -24.88 -10.09 5.19
CA PHE B 2392 -24.83 -9.29 3.95
C PHE B 2392 -26.03 -8.37 3.83
N LEU B 2393 -27.19 -8.76 4.37
CA LEU B 2393 -28.38 -7.92 4.27
C LEU B 2393 -28.41 -6.79 5.29
N ARG B 2394 -27.55 -6.85 6.33
CA ARG B 2394 -27.57 -5.81 7.35
C ARG B 2394 -27.20 -4.45 6.79
N GLU B 2395 -26.39 -4.41 5.73
CA GLU B 2395 -25.98 -3.13 5.15
C GLU B 2395 -27.15 -2.45 4.46
N VAL B 2396 -28.10 -3.21 3.92
CA VAL B 2396 -29.20 -2.62 3.19
C VAL B 2396 -30.42 -2.50 4.09
N THR B 2397 -30.45 -3.21 5.23
CA THR B 2397 -31.56 -3.08 6.16
C THR B 2397 -31.36 -1.91 7.12
N VAL B 2398 -30.11 -1.61 7.50
CA VAL B 2398 -29.89 -0.49 8.42
C VAL B 2398 -30.26 0.83 7.74
N LYS B 2399 -30.00 0.94 6.44
CA LYS B 2399 -30.31 2.16 5.69
C LYS B 2399 -31.81 2.34 5.52
N SER B 2409 -35.74 -9.64 14.92
CA SER B 2409 -36.00 -10.91 14.25
C SER B 2409 -35.99 -10.75 12.74
N TYR B 2410 -34.82 -10.96 12.14
CA TYR B 2410 -34.65 -10.85 10.70
C TYR B 2410 -35.16 -12.13 10.05
N SER B 2411 -36.28 -12.03 9.34
CA SER B 2411 -36.83 -13.15 8.58
C SER B 2411 -36.23 -13.21 7.18
N GLY B 2412 -34.90 -13.20 7.12
CA GLY B 2412 -34.19 -13.31 5.86
C GLY B 2412 -33.95 -14.75 5.45
N ARG B 2413 -35.04 -15.49 5.26
CA ARG B 2413 -34.94 -16.91 4.92
C ARG B 2413 -34.29 -17.11 3.55
N VAL B 2414 -34.02 -18.37 3.22
CA VAL B 2414 -33.53 -18.73 1.89
C VAL B 2414 -34.59 -19.64 1.28
N LYS B 2415 -35.49 -19.06 0.49
CA LYS B 2415 -36.60 -19.81 -0.07
C LYS B 2415 -36.25 -20.52 -1.36
N THR B 2416 -35.14 -20.15 -1.99
CA THR B 2416 -34.67 -20.83 -3.20
C THR B 2416 -33.19 -20.54 -3.36
N LEU B 2417 -32.53 -21.32 -4.21
CA LEU B 2417 -31.09 -21.17 -4.43
C LEU B 2417 -30.75 -21.73 -5.80
N CYS B 2418 -30.09 -20.91 -6.62
CA CYS B 2418 -29.67 -21.33 -7.95
C CYS B 2418 -28.20 -20.95 -8.14
N LEU B 2419 -27.49 -21.80 -8.89
CA LEU B 2419 -26.06 -21.65 -9.10
C LEU B 2419 -25.77 -21.54 -10.60
N GLN B 2420 -25.19 -20.41 -11.00
CA GLN B 2420 -24.77 -20.22 -12.37
C GLN B 2420 -23.47 -20.98 -12.61
N LYS B 2421 -23.24 -21.36 -13.88
CA LYS B 2421 -22.24 -22.34 -14.28
C LYS B 2421 -20.89 -22.19 -13.60
N ASN B 2422 -20.21 -21.06 -13.81
CA ASN B 2422 -18.91 -20.88 -13.19
C ASN B 2422 -18.65 -19.43 -12.77
N THR B 2423 -19.69 -18.61 -12.61
CA THR B 2423 -19.51 -17.19 -12.35
C THR B 2423 -19.93 -16.79 -10.95
N ALA B 2424 -21.17 -17.08 -10.56
CA ALA B 2424 -21.71 -16.56 -9.30
C ALA B 2424 -22.81 -17.48 -8.78
N LEU B 2425 -23.20 -17.22 -7.54
CA LEU B 2425 -24.27 -17.94 -6.86
C LEU B 2425 -25.45 -17.00 -6.62
N TRP B 2426 -26.64 -17.44 -7.05
CA TRP B 2426 -27.85 -16.64 -6.94
C TRP B 2426 -28.69 -17.17 -5.78
N ILE B 2427 -28.75 -16.41 -4.70
CA ILE B 2427 -29.57 -16.76 -3.54
C ILE B 2427 -30.88 -15.97 -3.62
N GLY B 2428 -31.99 -16.69 -3.46
CA GLY B 2428 -33.30 -16.06 -3.43
C GLY B 2428 -33.87 -16.07 -2.02
N THR B 2429 -34.05 -14.89 -1.43
CA THR B 2429 -34.50 -14.81 -0.06
C THR B 2429 -36.02 -14.70 0.03
N GLY B 2430 -36.55 -15.02 1.21
CA GLY B 2430 -37.97 -14.89 1.47
C GLY B 2430 -38.42 -13.49 1.78
N GLY B 2431 -37.49 -12.56 1.95
CA GLY B 2431 -37.79 -11.16 2.17
C GLY B 2431 -37.89 -10.33 0.91
N GLY B 2432 -37.83 -10.95 -0.26
CA GLY B 2432 -37.85 -10.25 -1.52
C GLY B 2432 -36.50 -9.87 -2.06
N HIS B 2433 -35.42 -10.16 -1.34
CA HIS B 2433 -34.08 -9.84 -1.77
C HIS B 2433 -33.51 -10.95 -2.64
N ILE B 2434 -32.55 -10.59 -3.49
CA ILE B 2434 -31.80 -11.54 -4.29
C ILE B 2434 -30.32 -11.28 -4.07
N LEU B 2435 -29.59 -12.30 -3.62
CA LEU B 2435 -28.18 -12.17 -3.27
C LEU B 2435 -27.33 -12.79 -4.37
N LEU B 2436 -26.59 -11.96 -5.09
CA LEU B 2436 -25.58 -12.42 -6.05
C LEU B 2436 -24.24 -12.50 -5.34
N LEU B 2437 -23.79 -13.72 -5.05
CA LEU B 2437 -22.52 -13.94 -4.36
C LEU B 2437 -21.46 -14.38 -5.35
N ASP B 2438 -20.23 -13.92 -5.15
CA ASP B 2438 -19.12 -14.36 -5.98
C ASP B 2438 -18.77 -15.80 -5.64
N LEU B 2439 -18.89 -16.69 -6.61
CA LEU B 2439 -18.63 -18.11 -6.40
C LEU B 2439 -17.17 -18.41 -6.07
N SER B 2440 -16.26 -17.46 -6.30
CA SER B 2440 -14.83 -17.70 -6.16
C SER B 2440 -14.46 -18.12 -4.73
N THR B 2441 -14.54 -17.21 -3.77
CA THR B 2441 -14.43 -17.60 -2.35
C THR B 2441 -15.63 -17.16 -1.54
N ARG B 2442 -15.85 -15.85 -1.37
CA ARG B 2442 -16.92 -15.37 -0.48
C ARG B 2442 -17.67 -14.14 -0.97
N ARG B 2443 -17.11 -13.34 -1.90
CA ARG B 2443 -17.53 -11.96 -2.10
C ARG B 2443 -19.00 -11.83 -2.50
N LEU B 2444 -19.62 -10.75 -2.02
CA LEU B 2444 -21.00 -10.39 -2.36
C LEU B 2444 -20.95 -9.42 -3.53
N ILE B 2445 -21.41 -9.86 -4.70
CA ILE B 2445 -21.42 -8.98 -5.87
C ILE B 2445 -22.45 -7.86 -5.73
N ARG B 2446 -23.68 -8.21 -5.37
CA ARG B 2446 -24.74 -7.20 -5.27
C ARG B 2446 -25.92 -7.80 -4.51
N VAL B 2447 -26.75 -6.92 -3.97
CA VAL B 2447 -28.03 -7.27 -3.36
C VAL B 2447 -29.13 -6.53 -4.12
N ILE B 2448 -30.14 -7.27 -4.58
CA ILE B 2448 -31.22 -6.73 -5.38
C ILE B 2448 -32.51 -6.82 -4.59
N TYR B 2449 -33.20 -5.70 -4.44
CA TYR B 2449 -34.44 -5.62 -3.68
C TYR B 2449 -35.32 -4.55 -4.31
N ASN B 2450 -36.41 -4.20 -3.60
CA ASN B 2450 -37.40 -3.22 -4.04
C ASN B 2450 -38.04 -3.60 -5.38
N PHE B 2451 -38.21 -4.90 -5.61
CA PHE B 2451 -38.95 -5.40 -6.76
C PHE B 2451 -39.93 -6.50 -6.43
N CYS B 2452 -39.79 -7.18 -5.29
CA CYS B 2452 -40.73 -8.20 -4.84
C CYS B 2452 -40.72 -8.24 -3.32
N ASN B 2453 -41.78 -8.83 -2.76
CA ASN B 2453 -41.85 -9.01 -1.32
C ASN B 2453 -41.31 -10.36 -0.86
N SER B 2454 -41.29 -11.36 -1.74
CA SER B 2454 -40.78 -12.68 -1.39
C SER B 2454 -40.48 -13.46 -2.67
N VAL B 2455 -39.25 -13.95 -2.79
CA VAL B 2455 -38.86 -14.78 -3.93
C VAL B 2455 -39.27 -16.21 -3.64
N ARG B 2456 -39.87 -16.87 -4.62
CA ARG B 2456 -40.38 -18.23 -4.43
C ARG B 2456 -39.63 -19.26 -5.26
N VAL B 2457 -39.56 -19.10 -6.59
CA VAL B 2457 -38.94 -20.08 -7.46
C VAL B 2457 -37.94 -19.37 -8.37
N MET B 2458 -36.69 -19.81 -8.33
CA MET B 2458 -35.63 -19.30 -9.20
C MET B 2458 -35.05 -20.44 -10.01
N MET B 2459 -35.01 -20.28 -11.34
CA MET B 2459 -34.53 -21.35 -12.20
C MET B 2459 -33.98 -20.77 -13.50
N THR B 2460 -33.14 -21.56 -14.17
CA THR B 2460 -32.49 -21.16 -15.40
C THR B 2460 -33.19 -21.81 -16.60
N ALA B 2461 -33.52 -20.99 -17.60
CA ALA B 2461 -34.21 -21.45 -18.80
C ALA B 2461 -33.50 -20.88 -20.03
N GLN B 2462 -34.03 -21.25 -21.21
CA GLN B 2462 -33.57 -20.71 -22.49
C GLN B 2462 -34.79 -20.48 -23.36
N LEU B 2463 -34.92 -19.25 -23.86
CA LEU B 2463 -36.15 -18.81 -24.53
C LEU B 2463 -35.82 -18.22 -25.90
N GLY B 2464 -36.40 -18.79 -26.94
CA GLY B 2464 -36.32 -18.25 -28.28
C GLY B 2464 -34.91 -18.14 -28.83
N SER B 2465 -34.12 -19.21 -28.67
CA SER B 2465 -32.71 -19.27 -29.04
C SER B 2465 -31.87 -18.21 -28.33
N LEU B 2466 -32.41 -17.60 -27.27
CA LEU B 2466 -31.71 -16.63 -26.44
C LEU B 2466 -31.66 -17.22 -25.03
N LYS B 2467 -30.57 -17.93 -24.74
CA LYS B 2467 -30.40 -18.54 -23.42
C LYS B 2467 -29.96 -17.47 -22.42
N ASN B 2468 -29.50 -17.93 -21.24
CA ASN B 2468 -28.99 -17.06 -20.20
C ASN B 2468 -30.08 -16.12 -19.66
N VAL B 2469 -31.20 -16.72 -19.24
CA VAL B 2469 -32.29 -15.99 -18.61
C VAL B 2469 -32.68 -16.68 -17.31
N MET B 2470 -32.53 -15.97 -16.20
CA MET B 2470 -32.84 -16.49 -14.87
C MET B 2470 -34.28 -16.11 -14.53
N LEU B 2471 -35.21 -17.02 -14.84
CA LEU B 2471 -36.60 -16.78 -14.49
C LEU B 2471 -36.75 -16.73 -12.97
N VAL B 2472 -37.29 -15.62 -12.47
CA VAL B 2472 -37.50 -15.42 -11.04
C VAL B 2472 -38.97 -15.11 -10.83
N LEU B 2473 -39.60 -15.86 -9.92
CA LEU B 2473 -41.01 -15.69 -9.61
C LEU B 2473 -41.13 -15.19 -8.18
N GLY B 2474 -41.85 -14.07 -8.00
CA GLY B 2474 -41.98 -13.45 -6.71
C GLY B 2474 -43.43 -13.19 -6.37
N TYR B 2475 -43.66 -12.95 -5.08
CA TYR B 2475 -45.00 -12.69 -4.55
C TYR B 2475 -45.03 -11.23 -4.08
N ASN B 2476 -45.58 -10.35 -4.91
CA ASN B 2476 -45.75 -8.95 -4.55
C ASN B 2476 -47.07 -8.82 -3.81
N ARG B 2477 -47.01 -8.67 -2.49
CA ARG B 2477 -48.19 -8.63 -1.63
C ARG B 2477 -48.36 -7.21 -1.13
N LYS B 2478 -49.16 -6.42 -1.86
CA LYS B 2478 -49.43 -5.05 -1.45
C LYS B 2478 -50.35 -5.04 -0.23
N ASN B 2479 -50.09 -4.10 0.68
CA ASN B 2479 -50.87 -3.97 1.91
C ASN B 2479 -52.11 -3.09 1.72
N THR B 2480 -52.54 -2.87 0.47
CA THR B 2480 -53.73 -2.07 0.21
C THR B 2480 -54.98 -2.73 0.76
N GLU B 2481 -55.08 -4.06 0.66
CA GLU B 2481 -56.25 -4.77 1.18
C GLU B 2481 -56.38 -4.63 2.69
N GLY B 2482 -55.26 -4.71 3.41
CA GLY B 2482 -55.31 -4.53 4.85
C GLY B 2482 -53.97 -4.89 5.48
N THR B 2483 -53.88 -4.58 6.77
CA THR B 2483 -52.67 -4.87 7.54
C THR B 2483 -52.66 -6.29 8.10
N GLN B 2484 -53.78 -7.02 8.02
CA GLN B 2484 -53.86 -8.39 8.49
C GLN B 2484 -53.37 -9.41 7.46
N LYS B 2485 -52.56 -8.97 6.50
CA LYS B 2485 -52.06 -9.80 5.41
C LYS B 2485 -53.21 -10.40 4.60
N GLN B 2486 -54.19 -9.56 4.30
CA GLN B 2486 -55.31 -9.96 3.46
C GLN B 2486 -54.82 -10.35 2.07
N LYS B 2487 -55.53 -11.30 1.45
CA LYS B 2487 -55.04 -11.89 0.23
C LYS B 2487 -55.14 -10.92 -0.93
N GLU B 2488 -54.10 -10.10 -1.13
CA GLU B 2488 -53.91 -9.28 -2.32
C GLU B 2488 -52.46 -9.49 -2.75
N ILE B 2489 -52.22 -10.56 -3.51
CA ILE B 2489 -50.88 -10.99 -3.88
C ILE B 2489 -50.80 -11.05 -5.40
N GLN B 2490 -49.96 -10.20 -5.98
CA GLN B 2490 -49.61 -10.30 -7.39
C GLN B 2490 -48.35 -11.14 -7.51
N SER B 2491 -48.46 -12.30 -8.15
CA SER B 2491 -47.31 -13.15 -8.43
C SER B 2491 -46.64 -12.67 -9.71
N CYS B 2492 -45.48 -12.05 -9.58
CA CYS B 2492 -44.78 -11.43 -10.69
C CYS B 2492 -43.69 -12.38 -11.20
N LEU B 2493 -43.76 -12.72 -12.49
CA LEU B 2493 -42.78 -13.59 -13.12
C LEU B 2493 -41.85 -12.70 -13.95
N THR B 2494 -40.73 -12.33 -13.36
CA THR B 2494 -39.74 -11.46 -13.99
C THR B 2494 -38.63 -12.30 -14.63
N VAL B 2495 -38.05 -11.77 -15.70
CA VAL B 2495 -37.04 -12.47 -16.49
C VAL B 2495 -35.75 -11.66 -16.43
N TRP B 2496 -34.68 -12.30 -15.96
CA TRP B 2496 -33.39 -11.65 -15.84
C TRP B 2496 -32.45 -12.15 -16.94
N ASP B 2497 -31.20 -11.72 -16.86
CA ASP B 2497 -30.14 -12.18 -17.76
C ASP B 2497 -28.94 -12.55 -16.92
N ILE B 2498 -28.55 -13.84 -16.93
CA ILE B 2498 -27.59 -14.36 -15.95
C ILE B 2498 -26.19 -13.80 -16.20
N ASN B 2499 -26.04 -12.98 -17.24
CA ASN B 2499 -24.85 -12.14 -17.36
C ASN B 2499 -24.79 -11.08 -16.28
N LEU B 2500 -25.88 -10.87 -15.53
CA LEU B 2500 -25.98 -9.83 -14.52
C LEU B 2500 -24.80 -9.77 -13.54
N PRO B 2501 -24.25 -10.88 -13.03
CA PRO B 2501 -23.06 -10.75 -12.15
C PRO B 2501 -21.91 -10.00 -12.82
N HIS B 2502 -21.79 -10.04 -14.15
CA HIS B 2502 -20.70 -9.37 -14.87
C HIS B 2502 -20.95 -7.87 -14.95
N GLU B 2503 -22.11 -7.47 -15.49
CA GLU B 2503 -22.39 -6.06 -15.72
C GLU B 2503 -22.15 -5.22 -14.47
N VAL B 2504 -22.41 -5.78 -13.28
CA VAL B 2504 -22.15 -5.05 -12.04
C VAL B 2504 -20.75 -4.46 -12.04
N GLN B 2505 -19.74 -5.33 -12.11
CA GLN B 2505 -18.34 -4.89 -12.19
C GLN B 2505 -18.11 -3.96 -13.38
N ASN B 2506 -18.54 -4.39 -14.59
CA ASN B 2506 -18.46 -3.52 -15.77
C ASN B 2506 -18.93 -2.09 -15.49
N LEU B 2507 -20.18 -1.96 -15.05
CA LEU B 2507 -20.80 -0.67 -14.80
C LEU B 2507 -20.01 0.12 -13.76
N GLU B 2508 -19.64 -0.54 -12.65
CA GLU B 2508 -18.94 0.19 -11.60
C GLU B 2508 -17.59 0.70 -12.10
N LYS B 2509 -16.87 -0.11 -12.89
CA LYS B 2509 -15.63 0.32 -13.51
C LYS B 2509 -15.86 1.56 -14.35
N HIS B 2510 -16.88 1.51 -15.22
CA HIS B 2510 -17.31 2.66 -16.01
C HIS B 2510 -17.42 3.91 -15.13
N ILE B 2511 -18.23 3.80 -14.07
CA ILE B 2511 -18.48 4.93 -13.18
C ILE B 2511 -17.17 5.46 -12.61
N GLU B 2512 -16.32 4.56 -12.11
CA GLU B 2512 -15.02 4.96 -11.55
C GLU B 2512 -14.21 5.76 -12.57
N VAL B 2513 -14.12 5.25 -13.79
CA VAL B 2513 -13.37 5.92 -14.85
C VAL B 2513 -13.92 7.32 -15.07
N ARG B 2514 -15.25 7.43 -15.22
CA ARG B 2514 -15.85 8.75 -15.44
C ARG B 2514 -15.56 9.69 -14.28
N LYS B 2515 -15.69 9.19 -13.04
CA LYS B 2515 -15.36 9.97 -11.85
C LYS B 2515 -13.96 10.53 -11.94
N GLU B 2516 -12.99 9.65 -12.24
CA GLU B 2516 -11.59 10.05 -12.39
C GLU B 2516 -11.48 11.16 -13.43
N LEU B 2517 -12.08 10.95 -14.60
CA LEU B 2517 -12.06 11.94 -15.67
C LEU B 2517 -12.55 13.29 -15.16
N ALA B 2518 -13.70 13.28 -14.48
CA ALA B 2518 -14.28 14.49 -13.92
C ALA B 2518 -13.29 15.21 -13.03
N GLU B 2519 -12.71 14.46 -12.08
CA GLU B 2519 -11.72 15.03 -11.16
C GLU B 2519 -10.57 15.66 -11.93
N LYS B 2520 -10.02 14.93 -12.91
CA LYS B 2520 -8.93 15.43 -13.73
C LYS B 2520 -9.30 16.75 -14.39
N MET B 2521 -10.47 16.79 -15.03
CA MET B 2521 -10.92 18.00 -15.71
C MET B 2521 -11.03 19.16 -14.73
N ARG B 2522 -11.62 18.91 -13.56
CA ARG B 2522 -11.74 19.97 -12.54
C ARG B 2522 -10.38 20.48 -12.10
N ARG B 2523 -9.41 19.58 -11.91
CA ARG B 2523 -8.05 19.98 -11.58
C ARG B 2523 -7.44 20.83 -12.68
N THR B 2524 -7.61 20.42 -13.94
CA THR B 2524 -7.11 21.21 -15.06
C THR B 2524 -7.80 22.57 -15.14
N SER B 2525 -9.05 22.63 -14.64
CA SER B 2525 -9.75 23.91 -14.56
C SER B 2525 -9.13 24.81 -13.50
N VAL B 2526 -8.71 24.22 -12.38
CA VAL B 2526 -8.20 25.04 -11.28
C VAL B 2526 -6.84 25.62 -11.64
N GLU B 2527 -5.96 24.81 -12.22
CA GLU B 2527 -4.63 25.27 -12.59
C GLU B 2527 -4.65 26.00 -13.93
N ASP C 5 59.86 23.25 -70.74
CA ASP C 5 60.78 22.19 -70.32
C ASP C 5 60.80 21.05 -71.33
N HIS C 6 61.99 20.70 -71.80
CA HIS C 6 62.13 19.63 -72.79
C HIS C 6 63.43 18.88 -72.53
N LEU C 7 63.45 17.62 -72.96
CA LEU C 7 64.59 16.73 -72.79
C LEU C 7 65.03 16.22 -74.15
N PHE C 8 66.35 16.17 -74.36
CA PHE C 8 66.91 15.59 -75.57
C PHE C 8 68.20 14.85 -75.24
N LYS C 9 68.53 13.86 -76.06
CA LYS C 9 69.72 13.05 -75.90
C LYS C 9 70.55 13.10 -77.18
N VAL C 10 71.83 13.40 -77.05
CA VAL C 10 72.73 13.53 -78.18
C VAL C 10 73.85 12.51 -78.03
N LEU C 11 74.06 11.70 -79.06
CA LEU C 11 75.07 10.66 -79.08
C LEU C 11 76.30 11.17 -79.86
N VAL C 12 77.46 11.16 -79.21
CA VAL C 12 78.71 11.57 -79.83
C VAL C 12 79.45 10.32 -80.27
N VAL C 13 79.77 10.24 -81.57
CA VAL C 13 80.44 9.09 -82.15
C VAL C 13 81.71 9.56 -82.86
N GLY C 14 82.64 8.64 -83.02
CA GLY C 14 83.90 8.95 -83.67
C GLY C 14 84.89 7.82 -83.48
N ASP C 15 86.13 8.11 -83.84
CA ASP C 15 87.22 7.14 -83.70
C ASP C 15 87.77 7.22 -82.27
N ALA C 16 88.85 6.50 -82.00
CA ALA C 16 89.44 6.45 -80.68
C ALA C 16 90.57 7.46 -80.55
N ALA C 17 90.76 7.96 -79.32
CA ALA C 17 91.83 8.90 -78.97
C ALA C 17 91.76 10.17 -79.80
N VAL C 18 90.56 10.61 -80.16
CA VAL C 18 90.39 11.83 -80.95
C VAL C 18 89.70 12.90 -80.11
N GLY C 19 89.87 12.82 -78.81
CA GLY C 19 89.24 13.80 -77.92
C GLY C 19 87.73 13.74 -77.89
N LYS C 20 87.15 12.54 -77.83
CA LYS C 20 85.70 12.42 -77.76
C LYS C 20 85.15 13.03 -76.46
N THR C 21 85.86 12.83 -75.35
CA THR C 21 85.47 13.47 -74.10
C THR C 21 85.87 14.94 -74.04
N SER C 22 86.82 15.37 -74.87
CA SER C 22 87.29 16.75 -74.82
C SER C 22 86.17 17.73 -75.16
N LEU C 23 85.44 17.45 -76.24
CA LEU C 23 84.36 18.34 -76.65
C LEU C 23 83.25 18.39 -75.61
N VAL C 24 82.95 17.25 -74.97
CA VAL C 24 81.83 17.25 -74.04
C VAL C 24 82.23 17.86 -72.69
N GLN C 25 83.51 17.79 -72.31
CA GLN C 25 83.92 18.47 -71.09
C GLN C 25 84.05 19.97 -71.33
N ARG C 26 84.47 20.37 -72.53
CA ARG C 26 84.51 21.81 -72.82
C ARG C 26 83.10 22.37 -72.89
N TYR C 27 82.16 21.61 -73.47
CA TYR C 27 80.80 22.11 -73.65
C TYR C 27 80.01 22.10 -72.35
N SER C 28 80.27 21.17 -71.43
CA SER C 28 79.50 21.08 -70.19
C SER C 28 80.30 21.47 -68.96
N GLN C 29 81.44 20.86 -68.72
CA GLN C 29 82.27 21.15 -67.56
C GLN C 29 83.25 22.30 -67.80
N ASP C 30 83.29 22.84 -69.02
CA ASP C 30 84.13 23.99 -69.38
C ASP C 30 85.61 23.71 -69.13
N SER C 31 86.10 22.60 -69.67
CA SER C 31 87.50 22.23 -69.61
C SER C 31 87.99 21.92 -71.01
N PHE C 32 89.06 22.60 -71.42
CA PHE C 32 89.61 22.46 -72.76
C PHE C 32 90.99 21.80 -72.71
N SER C 33 91.38 21.24 -73.86
CA SER C 33 92.67 20.58 -74.05
C SER C 33 92.86 19.43 -73.07
N LYS C 34 93.73 19.63 -72.08
CA LYS C 34 94.05 18.66 -71.04
C LYS C 34 94.65 17.37 -71.59
N HIS C 35 94.94 16.42 -70.71
CA HIS C 35 95.54 15.16 -71.14
C HIS C 35 94.52 14.32 -71.91
N TYR C 36 94.97 13.72 -73.01
CA TYR C 36 94.13 12.90 -73.86
C TYR C 36 94.30 11.44 -73.45
N LYS C 37 93.21 10.79 -73.09
CA LYS C 37 93.22 9.40 -72.65
C LYS C 37 92.10 8.63 -73.33
N SER C 38 92.12 7.31 -73.15
CA SER C 38 91.13 6.43 -73.74
C SER C 38 89.92 6.29 -72.81
N THR C 39 88.76 6.09 -73.42
CA THR C 39 87.49 6.02 -72.69
C THR C 39 87.15 4.56 -72.42
N VAL C 40 87.04 4.21 -71.13
CA VAL C 40 86.77 2.83 -70.75
C VAL C 40 85.36 2.43 -71.16
N GLY C 41 84.37 3.26 -70.84
CA GLY C 41 82.99 2.93 -71.09
C GLY C 41 82.18 4.16 -71.46
N VAL C 42 80.88 3.93 -71.68
CA VAL C 42 79.95 5.01 -71.99
C VAL C 42 79.86 5.97 -70.81
N ASP C 43 79.91 7.27 -71.09
CA ASP C 43 79.84 8.29 -70.07
C ASP C 43 78.75 9.30 -70.46
N PHE C 44 78.23 9.99 -69.44
CA PHE C 44 77.09 10.87 -69.59
C PHE C 44 77.45 12.26 -69.09
N ALA C 45 76.83 13.28 -69.69
CA ALA C 45 76.97 14.65 -69.23
C ALA C 45 75.66 15.39 -69.45
N LEU C 46 75.44 16.43 -68.64
CA LEU C 46 74.22 17.21 -68.67
C LEU C 46 74.55 18.63 -69.13
N LYS C 47 73.75 19.15 -70.06
CA LYS C 47 73.86 20.53 -70.51
C LYS C 47 72.50 21.19 -70.39
N VAL C 48 72.50 22.44 -69.94
CA VAL C 48 71.29 23.23 -69.79
C VAL C 48 71.42 24.48 -70.64
N LEU C 49 70.47 24.68 -71.55
CA LEU C 49 70.48 25.81 -72.48
C LEU C 49 69.18 26.58 -72.35
N GLN C 50 69.28 27.90 -72.19
CA GLN C 50 68.10 28.77 -72.17
C GLN C 50 67.86 29.34 -73.57
N TRP C 51 67.34 28.47 -74.43
CA TRP C 51 67.12 28.85 -75.83
C TRP C 51 66.06 29.95 -75.95
N SER C 52 65.01 29.89 -75.15
CA SER C 52 63.95 30.89 -75.20
C SER C 52 63.43 31.16 -73.79
N ASP C 53 62.79 32.30 -73.63
CA ASP C 53 62.17 32.65 -72.36
C ASP C 53 61.03 31.70 -72.04
N TYR C 54 60.98 31.23 -70.79
CA TYR C 54 60.01 30.25 -70.31
C TYR C 54 60.06 28.93 -71.07
N GLU C 55 61.17 28.68 -71.79
CA GLU C 55 61.36 27.45 -72.57
C GLU C 55 62.80 27.01 -72.34
N ILE C 56 62.99 26.14 -71.35
CA ILE C 56 64.31 25.65 -70.98
C ILE C 56 64.47 24.25 -71.55
N VAL C 57 65.62 23.98 -72.16
CA VAL C 57 65.91 22.70 -72.78
C VAL C 57 67.09 22.06 -72.07
N ARG C 58 67.01 20.75 -71.86
CA ARG C 58 68.08 19.97 -71.26
C ARG C 58 68.64 19.00 -72.29
N LEU C 59 69.96 18.88 -72.33
CA LEU C 59 70.63 18.04 -73.30
C LEU C 59 71.51 17.03 -72.56
N GLN C 60 71.40 15.77 -72.96
CA GLN C 60 72.19 14.69 -72.38
C GLN C 60 73.16 14.20 -73.45
N LEU C 61 74.45 14.48 -73.26
CA LEU C 61 75.46 14.08 -74.22
C LEU C 61 76.00 12.70 -73.85
N TRP C 62 75.86 11.75 -74.78
CA TRP C 62 76.43 10.41 -74.63
C TRP C 62 77.63 10.30 -75.56
N ASP C 63 78.82 10.22 -74.98
CA ASP C 63 80.06 10.09 -75.77
C ASP C 63 80.42 8.60 -75.81
N ILE C 64 79.99 7.94 -76.89
CA ILE C 64 80.19 6.51 -77.04
C ILE C 64 81.67 6.22 -77.22
N ALA C 65 82.16 5.20 -76.51
CA ALA C 65 83.55 4.78 -76.65
C ALA C 65 83.78 4.16 -78.02
N GLY C 66 84.76 4.68 -78.74
CA GLY C 66 85.10 4.22 -80.07
C GLY C 66 86.06 3.06 -80.13
N LEU C 67 86.48 2.52 -78.98
CA LEU C 67 87.40 1.40 -78.98
C LEU C 67 86.77 0.16 -79.61
N GLU C 68 85.49 -0.07 -79.34
CA GLU C 68 84.75 -1.21 -79.90
C GLU C 68 84.17 -0.88 -81.27
N ARG C 69 85.00 -0.38 -82.17
CA ARG C 69 84.55 -0.04 -83.52
C ARG C 69 84.17 -1.29 -84.30
N PHE C 70 85.00 -2.33 -84.23
CA PHE C 70 84.70 -3.58 -84.93
C PHE C 70 83.53 -4.33 -84.30
N ALA C 71 83.23 -4.07 -83.03
CA ALA C 71 82.11 -4.73 -82.37
C ALA C 71 80.79 -4.24 -82.94
N ALA C 72 79.76 -5.09 -82.84
CA ALA C 72 78.43 -4.75 -83.34
C ALA C 72 77.84 -3.64 -82.49
N MET C 73 77.60 -2.48 -83.10
CA MET C 73 77.01 -1.35 -82.40
C MET C 73 75.55 -1.65 -82.06
N THR C 74 75.29 -1.92 -80.78
CA THR C 74 73.97 -2.28 -80.32
C THR C 74 72.97 -1.17 -80.61
N ARG C 75 71.77 -1.55 -81.05
CA ARG C 75 70.69 -0.60 -81.26
C ARG C 75 70.19 0.06 -79.99
N LEU C 76 70.57 -0.46 -78.81
CA LEU C 76 70.10 0.14 -77.57
C LEU C 76 70.80 1.47 -77.29
N TYR C 77 72.03 1.65 -77.80
CA TYR C 77 72.67 2.95 -77.74
C TYR C 77 71.84 4.02 -78.44
N TYR C 78 71.29 3.68 -79.61
CA TYR C 78 70.54 4.62 -80.42
C TYR C 78 69.03 4.56 -80.15
N ARG C 79 68.59 3.67 -79.27
CA ARG C 79 67.17 3.57 -78.96
C ARG C 79 66.71 4.84 -78.26
N ASP C 80 65.63 5.44 -78.78
CA ASP C 80 65.02 6.67 -78.27
C ASP C 80 65.95 7.88 -78.37
N ALA C 81 67.12 7.72 -78.99
CA ALA C 81 68.05 8.83 -79.17
C ALA C 81 67.47 9.87 -80.12
N SER C 82 67.74 11.14 -79.83
CA SER C 82 67.12 12.25 -80.52
C SER C 82 68.05 12.96 -81.49
N ALA C 83 69.34 13.05 -81.19
CA ALA C 83 70.28 13.78 -82.03
C ALA C 83 71.65 13.13 -81.93
N CYS C 84 72.53 13.49 -82.86
CA CYS C 84 73.84 12.87 -82.95
C CYS C 84 74.84 13.89 -83.49
N VAL C 85 76.11 13.59 -83.25
CA VAL C 85 77.22 14.36 -83.83
C VAL C 85 78.37 13.41 -84.12
N ILE C 86 79.05 13.64 -85.24
CA ILE C 86 80.18 12.82 -85.67
C ILE C 86 81.43 13.70 -85.64
N MET C 87 82.43 13.27 -84.86
CA MET C 87 83.65 14.03 -84.65
C MET C 87 84.84 13.19 -85.11
N PHE C 88 85.65 13.76 -85.99
CA PHE C 88 86.78 13.07 -86.59
C PHE C 88 88.03 13.94 -86.48
N ASP C 89 89.17 13.30 -86.22
CA ASP C 89 90.44 14.00 -86.22
C ASP C 89 90.84 14.36 -87.65
N VAL C 90 91.29 15.60 -87.85
CA VAL C 90 91.58 16.11 -89.19
C VAL C 90 92.98 15.74 -89.66
N THR C 91 93.75 15.03 -88.83
CA THR C 91 95.13 14.70 -89.17
C THR C 91 95.28 13.29 -89.74
N ASN C 92 94.17 12.59 -89.99
CA ASN C 92 94.24 11.23 -90.52
C ASN C 92 93.05 10.98 -91.43
N ALA C 93 93.31 10.36 -92.58
CA ALA C 93 92.23 9.89 -93.45
C ALA C 93 91.55 8.66 -92.86
N THR C 94 92.26 7.89 -92.04
CA THR C 94 91.63 6.77 -91.34
C THR C 94 90.50 7.23 -90.43
N THR C 95 90.65 8.41 -89.82
CA THR C 95 89.56 8.98 -89.04
C THR C 95 88.37 9.31 -89.92
N PHE C 96 88.62 9.81 -91.13
CA PHE C 96 87.54 10.09 -92.07
C PHE C 96 86.81 8.81 -92.49
N SER C 97 87.58 7.75 -92.76
CA SER C 97 86.96 6.47 -93.09
C SER C 97 86.16 5.92 -91.91
N ASN C 98 86.68 6.07 -90.70
CA ASN C 98 85.94 5.63 -89.51
C ASN C 98 84.64 6.42 -89.36
N SER C 99 84.68 7.73 -89.61
CA SER C 99 83.47 8.55 -89.54
C SER C 99 82.46 8.10 -90.59
N GLN C 100 82.94 7.75 -91.79
CA GLN C 100 82.07 7.17 -92.80
C GLN C 100 81.42 5.89 -92.29
N ARG C 101 82.20 5.04 -91.63
CA ARG C 101 81.66 3.80 -91.08
C ARG C 101 80.59 4.06 -90.03
N TRP C 102 80.85 5.01 -89.12
CA TRP C 102 79.85 5.35 -88.09
C TRP C 102 78.59 5.91 -88.73
N LYS C 103 78.72 6.78 -89.73
CA LYS C 103 77.55 7.34 -90.39
C LYS C 103 76.73 6.25 -91.09
N GLN C 104 77.41 5.33 -91.77
CA GLN C 104 76.70 4.22 -92.41
C GLN C 104 75.99 3.34 -91.39
N ASP C 105 76.66 3.03 -90.28
CA ASP C 105 76.05 2.21 -89.24
C ASP C 105 74.84 2.92 -88.62
N LEU C 106 74.95 4.22 -88.40
CA LEU C 106 73.84 5.01 -87.87
C LEU C 106 72.66 5.01 -88.83
N ASP C 107 72.93 5.26 -90.12
CA ASP C 107 71.87 5.23 -91.12
C ASP C 107 71.23 3.85 -91.21
N SER C 108 71.97 2.80 -90.90
CA SER C 108 71.41 1.45 -90.90
C SER C 108 70.67 1.12 -89.62
N LYS C 109 70.95 1.82 -88.53
CA LYS C 109 70.42 1.48 -87.20
C LYS C 109 69.86 2.70 -86.50
N LEU C 110 69.00 3.46 -87.18
CA LEU C 110 68.33 4.60 -86.56
C LEU C 110 66.94 4.76 -87.15
N THR C 111 66.01 5.20 -86.31
CA THR C 111 64.64 5.48 -86.73
C THR C 111 64.11 6.68 -85.97
N LEU C 112 63.12 7.33 -86.55
CA LEU C 112 62.50 8.51 -85.99
C LEU C 112 60.99 8.40 -86.13
N PRO C 113 60.23 9.09 -85.27
CA PRO C 113 58.76 9.10 -85.44
C PRO C 113 58.30 9.59 -86.80
N ASN C 114 58.97 10.60 -87.37
CA ASN C 114 58.65 11.06 -88.71
C ASN C 114 59.33 10.23 -89.79
N GLY C 115 60.32 9.40 -89.43
CA GLY C 115 60.99 8.55 -90.38
C GLY C 115 62.26 9.14 -90.99
N GLU C 116 62.41 10.46 -90.94
CA GLU C 116 63.61 11.08 -91.48
C GLU C 116 64.79 10.88 -90.52
N PRO C 117 66.00 10.73 -91.06
CA PRO C 117 67.17 10.57 -90.18
C PRO C 117 67.37 11.78 -89.29
N VAL C 118 67.89 11.52 -88.09
CA VAL C 118 68.16 12.56 -87.10
C VAL C 118 69.24 13.49 -87.64
N PRO C 119 69.24 14.78 -87.28
CA PRO C 119 70.27 15.69 -87.80
C PRO C 119 71.66 15.25 -87.39
N CYS C 120 72.62 15.41 -88.30
CA CYS C 120 74.00 15.03 -88.10
C CYS C 120 74.91 16.22 -88.36
N LEU C 121 75.99 16.32 -87.58
CA LEU C 121 76.96 17.39 -87.74
C LEU C 121 78.34 16.78 -87.90
N LEU C 122 79.01 17.11 -88.99
CA LEU C 122 80.37 16.64 -89.26
C LEU C 122 81.35 17.63 -88.62
N LEU C 123 81.88 17.28 -87.46
CA LEU C 123 82.78 18.15 -86.71
C LEU C 123 84.21 17.69 -86.93
N ALA C 124 85.05 18.61 -87.40
CA ALA C 124 86.47 18.36 -87.62
C ALA C 124 87.22 18.85 -86.39
N ASN C 125 87.60 17.93 -85.53
CA ASN C 125 88.29 18.28 -84.29
C ASN C 125 89.78 18.50 -84.51
N LYS C 126 90.37 19.32 -83.63
CA LYS C 126 91.82 19.58 -83.58
C LYS C 126 92.32 20.20 -84.88
N CYS C 127 91.73 21.34 -85.23
CA CYS C 127 92.18 22.11 -86.38
C CYS C 127 93.29 23.08 -85.98
N SER C 135 91.77 22.01 -94.66
CA SER C 135 91.41 21.31 -95.90
C SER C 135 89.90 21.18 -96.03
N ARG C 136 89.21 22.32 -96.08
CA ARG C 136 87.76 22.31 -96.16
C ARG C 136 87.27 21.88 -97.54
N ASP C 137 88.07 22.14 -98.59
CA ASP C 137 87.67 21.76 -99.94
C ASP C 137 87.52 20.25 -100.08
N GLN C 138 88.44 19.49 -99.49
CA GLN C 138 88.34 18.03 -99.53
C GLN C 138 87.09 17.55 -98.81
N ILE C 139 86.77 18.15 -97.66
CA ILE C 139 85.59 17.76 -96.91
C ILE C 139 84.30 18.22 -97.57
N ASP C 140 84.38 19.19 -98.49
CA ASP C 140 83.18 19.73 -99.12
C ASP C 140 82.46 18.67 -99.96
N ARG C 141 83.22 17.81 -100.63
CA ARG C 141 82.62 16.77 -101.46
C ARG C 141 81.75 15.83 -100.63
N PHE C 142 82.27 15.38 -99.49
CA PHE C 142 81.47 14.52 -98.62
C PHE C 142 80.38 15.30 -97.89
N SER C 143 80.59 16.60 -97.67
CA SER C 143 79.54 17.43 -97.07
C SER C 143 78.32 17.50 -97.99
N LYS C 144 78.55 17.69 -99.29
CA LYS C 144 77.46 17.71 -100.24
C LYS C 144 76.92 16.32 -100.55
N GLU C 145 77.77 15.29 -100.47
CA GLU C 145 77.35 13.96 -100.90
C GLU C 145 76.59 13.22 -99.80
N ASN C 146 77.06 13.31 -98.55
CA ASN C 146 76.47 12.52 -97.47
C ASN C 146 75.08 13.00 -97.07
N GLY C 147 74.68 14.21 -97.47
CA GLY C 147 73.38 14.73 -97.08
C GLY C 147 73.24 15.00 -95.60
N PHE C 148 74.30 15.49 -94.95
CA PHE C 148 74.23 15.84 -93.54
C PHE C 148 73.67 17.25 -93.37
N THR C 149 73.23 17.53 -92.14
CA THR C 149 72.63 18.83 -91.83
C THR C 149 73.65 19.96 -91.97
N GLY C 150 74.87 19.77 -91.49
CA GLY C 150 75.85 20.84 -91.55
C GLY C 150 77.24 20.32 -91.28
N TRP C 151 78.23 21.16 -91.58
CA TRP C 151 79.63 20.85 -91.39
C TRP C 151 80.33 22.03 -90.74
N THR C 152 81.20 21.75 -89.77
CA THR C 152 81.86 22.80 -89.02
C THR C 152 83.19 22.27 -88.49
N GLU C 153 84.22 23.10 -88.57
CA GLU C 153 85.54 22.77 -88.03
C GLU C 153 85.73 23.47 -86.69
N THR C 154 86.56 22.88 -85.83
CA THR C 154 86.86 23.46 -84.53
C THR C 154 88.14 22.84 -83.99
N SER C 155 88.61 23.39 -82.87
CA SER C 155 89.80 22.90 -82.19
C SER C 155 89.45 22.64 -80.74
N VAL C 156 89.72 21.42 -80.27
CA VAL C 156 89.34 21.04 -78.91
C VAL C 156 90.14 21.83 -77.87
N LYS C 157 91.44 22.06 -78.14
CA LYS C 157 92.27 22.80 -77.20
C LYS C 157 91.84 24.26 -77.10
N GLU C 158 91.52 24.89 -78.24
CA GLU C 158 91.17 26.30 -78.25
C GLU C 158 89.68 26.56 -78.04
N ASN C 159 88.83 25.57 -78.28
CA ASN C 159 87.37 25.70 -78.19
C ASN C 159 86.87 26.87 -79.06
N LYS C 160 87.45 26.99 -80.25
CA LYS C 160 87.22 28.18 -81.07
C LYS C 160 85.83 28.20 -81.69
N ASN C 161 85.23 27.03 -81.96
CA ASN C 161 83.96 27.01 -82.66
C ASN C 161 82.97 25.98 -82.11
N ILE C 162 83.24 25.39 -80.94
CA ILE C 162 82.33 24.37 -80.39
C ILE C 162 80.99 24.99 -80.02
N ASN C 163 81.00 26.16 -79.38
CA ASN C 163 79.76 26.76 -78.87
C ASN C 163 78.82 27.12 -80.01
N GLU C 164 79.33 27.78 -81.05
CA GLU C 164 78.49 28.17 -82.17
C GLU C 164 77.96 26.95 -82.91
N ALA C 165 78.81 25.93 -83.09
CA ALA C 165 78.37 24.72 -83.78
C ALA C 165 77.25 24.02 -83.01
N MET C 166 77.40 23.89 -81.69
CA MET C 166 76.36 23.24 -80.90
C MET C 166 75.08 24.07 -80.88
N ARG C 167 75.21 25.41 -80.82
CA ARG C 167 74.03 26.26 -80.88
C ARG C 167 73.29 26.10 -82.19
N VAL C 168 74.03 26.04 -83.31
CA VAL C 168 73.43 25.83 -84.62
C VAL C 168 72.75 24.47 -84.66
N LEU C 169 73.38 23.43 -84.11
CA LEU C 169 72.79 22.10 -84.10
C LEU C 169 71.50 22.06 -83.28
N ILE C 170 71.49 22.73 -82.12
CA ILE C 170 70.28 22.79 -81.30
C ILE C 170 69.17 23.54 -82.02
N GLU C 171 69.51 24.65 -82.68
CA GLU C 171 68.50 25.38 -83.45
C GLU C 171 67.95 24.54 -84.59
N LYS C 172 68.81 23.79 -85.28
CA LYS C 172 68.37 22.92 -86.35
C LYS C 172 67.45 21.83 -85.85
N MET C 173 67.78 21.25 -84.69
CA MET C 173 66.89 20.26 -84.08
C MET C 173 65.54 20.87 -83.71
N MET C 174 65.55 22.05 -83.11
CA MET C 174 64.30 22.69 -82.71
C MET C 174 63.47 23.11 -83.90
N ARG C 175 64.09 23.30 -85.07
CA ARG C 175 63.35 23.54 -86.31
C ARG C 175 62.43 22.38 -86.67
N ASN C 176 62.74 21.17 -86.21
CA ASN C 176 61.89 20.01 -86.47
C ASN C 176 60.96 19.74 -85.29
N ASP D 5 -93.28 -20.39 5.66
CA ASP D 5 -93.43 -19.39 6.70
C ASP D 5 -94.20 -18.18 6.20
N HIS D 6 -95.27 -17.83 6.92
CA HIS D 6 -96.10 -16.70 6.53
C HIS D 6 -96.62 -16.00 7.78
N LEU D 7 -96.92 -14.71 7.63
CA LEU D 7 -97.39 -13.86 8.71
C LEU D 7 -98.74 -13.28 8.32
N PHE D 8 -99.67 -13.23 9.28
CA PHE D 8 -100.96 -12.59 9.08
C PHE D 8 -101.39 -11.91 10.36
N LYS D 9 -102.22 -10.87 10.21
CA LYS D 9 -102.74 -10.09 11.32
C LYS D 9 -104.26 -10.09 11.27
N VAL D 10 -104.90 -10.43 12.39
CA VAL D 10 -106.36 -10.51 12.47
C VAL D 10 -106.83 -9.53 13.53
N LEU D 11 -107.77 -8.67 13.14
CA LEU D 11 -108.33 -7.65 14.03
C LEU D 11 -109.68 -8.12 14.56
N VAL D 12 -109.81 -8.18 15.88
CA VAL D 12 -111.05 -8.57 16.55
C VAL D 12 -111.78 -7.30 16.99
N VAL D 13 -113.01 -7.14 16.52
CA VAL D 13 -113.81 -5.96 16.82
C VAL D 13 -115.13 -6.40 17.45
N GLY D 14 -115.74 -5.48 18.19
CA GLY D 14 -116.99 -5.76 18.85
C GLY D 14 -117.32 -4.66 19.85
N ASP D 15 -118.33 -4.93 20.66
CA ASP D 15 -118.76 -3.99 21.69
C ASP D 15 -117.90 -4.18 22.95
N ALA D 16 -118.27 -3.49 24.02
CA ALA D 16 -117.51 -3.54 25.26
C ALA D 16 -118.10 -4.56 26.21
N ALA D 17 -117.24 -5.15 27.05
CA ALA D 17 -117.60 -6.12 28.07
C ALA D 17 -118.34 -7.33 27.49
N VAL D 18 -117.98 -7.72 26.27
CA VAL D 18 -118.59 -8.87 25.61
C VAL D 18 -117.57 -9.99 25.46
N GLY D 19 -116.58 -10.02 26.34
CA GLY D 19 -115.55 -11.04 26.27
C GLY D 19 -114.64 -10.95 25.05
N LYS D 20 -114.21 -9.74 24.70
CA LYS D 20 -113.30 -9.57 23.56
C LYS D 20 -111.96 -10.26 23.81
N THR D 21 -111.44 -10.17 25.05
CA THR D 21 -110.23 -10.91 25.39
C THR D 21 -110.48 -12.39 25.65
N SER D 22 -111.73 -12.78 25.92
CA SER D 22 -112.03 -14.18 26.23
C SER D 22 -111.72 -15.08 25.05
N LEU D 23 -112.17 -14.70 23.85
CA LEU D 23 -111.94 -15.54 22.68
C LEU D 23 -110.46 -15.65 22.35
N VAL D 24 -109.71 -14.56 22.53
CA VAL D 24 -108.31 -14.58 22.13
C VAL D 24 -107.47 -15.31 23.18
N GLN D 25 -107.89 -15.28 24.45
CA GLN D 25 -107.19 -16.05 25.46
C GLN D 25 -107.51 -17.52 25.36
N ARG D 26 -108.75 -17.87 24.98
CA ARG D 26 -109.07 -19.28 24.77
C ARG D 26 -108.34 -19.82 23.55
N TYR D 27 -108.24 -19.01 22.49
CA TYR D 27 -107.63 -19.48 21.25
C TYR D 27 -106.10 -19.54 21.35
N SER D 28 -105.47 -18.68 22.14
CA SER D 28 -104.01 -18.65 22.23
C SER D 28 -103.48 -19.14 23.56
N GLN D 29 -103.92 -18.56 24.67
CA GLN D 29 -103.46 -18.95 26.00
C GLN D 29 -104.25 -20.11 26.59
N ASP D 30 -105.30 -20.56 25.89
CA ASP D 30 -106.13 -21.70 26.32
C ASP D 30 -106.75 -21.47 27.69
N SER D 31 -107.43 -20.33 27.84
CA SER D 31 -108.17 -20.00 29.05
C SER D 31 -109.59 -19.61 28.66
N PHE D 32 -110.57 -20.28 29.26
CA PHE D 32 -111.97 -20.06 28.96
C PHE D 32 -112.70 -19.45 30.15
N SER D 33 -113.83 -18.81 29.85
CA SER D 33 -114.70 -18.17 30.83
C SER D 33 -113.95 -17.09 31.61
N LYS D 34 -113.65 -17.37 32.88
CA LYS D 34 -112.91 -16.47 33.77
C LYS D 34 -113.67 -15.16 34.03
N HIS D 35 -113.07 -14.27 34.81
CA HIS D 35 -113.72 -13.01 35.11
C HIS D 35 -113.74 -12.10 33.88
N TYR D 36 -114.87 -11.44 33.66
CA TYR D 36 -115.06 -10.55 32.53
C TYR D 36 -114.76 -9.13 32.97
N LYS D 37 -113.81 -8.48 32.30
CA LYS D 37 -113.39 -7.13 32.62
C LYS D 37 -113.29 -6.31 31.35
N SER D 38 -113.09 -5.00 31.53
CA SER D 38 -112.98 -4.05 30.44
C SER D 38 -111.53 -3.97 29.97
N THR D 39 -111.36 -3.70 28.67
CA THR D 39 -110.04 -3.66 28.05
C THR D 39 -109.55 -2.22 28.02
N VAL D 40 -108.42 -1.97 28.69
CA VAL D 40 -107.90 -0.60 28.76
C VAL D 40 -107.40 -0.13 27.40
N GLY D 41 -106.61 -0.96 26.73
CA GLY D 41 -106.01 -0.59 25.47
C GLY D 41 -105.90 -1.78 24.53
N VAL D 42 -105.31 -1.51 23.36
CA VAL D 42 -105.09 -2.56 22.37
C VAL D 42 -104.11 -3.59 22.93
N ASP D 43 -104.43 -4.87 22.74
CA ASP D 43 -103.60 -5.95 23.22
C ASP D 43 -103.33 -6.92 22.08
N PHE D 44 -102.23 -7.65 22.19
CA PHE D 44 -101.72 -8.51 21.13
C PHE D 44 -101.57 -9.93 21.63
N ALA D 45 -101.75 -10.90 20.73
CA ALA D 45 -101.50 -12.30 21.04
C ALA D 45 -100.96 -13.00 19.80
N LEU D 46 -100.22 -14.08 20.02
CA LEU D 46 -99.58 -14.83 18.96
C LEU D 46 -100.19 -16.21 18.88
N LYS D 47 -100.53 -16.66 17.67
CA LYS D 47 -101.02 -18.00 17.43
C LYS D 47 -100.17 -18.65 16.35
N VAL D 48 -99.84 -19.92 16.54
CA VAL D 48 -99.05 -20.69 15.58
C VAL D 48 -99.88 -21.89 15.13
N LEU D 49 -100.09 -22.00 13.83
CA LEU D 49 -100.90 -23.07 13.24
C LEU D 49 -100.08 -23.81 12.20
N GLN D 50 -100.06 -25.14 12.30
CA GLN D 50 -99.39 -25.98 11.30
C GLN D 50 -100.42 -26.46 10.28
N TRP D 51 -100.80 -25.52 9.40
CA TRP D 51 -101.83 -25.81 8.41
C TRP D 51 -101.38 -26.87 7.42
N SER D 52 -100.11 -26.83 7.01
CA SER D 52 -99.59 -27.80 6.06
C SER D 52 -98.15 -28.15 6.43
N ASP D 53 -97.69 -29.29 5.93
CA ASP D 53 -96.31 -29.70 6.12
C ASP D 53 -95.36 -28.74 5.42
N TYR D 54 -94.29 -28.36 6.12
CA TYR D 54 -93.29 -27.38 5.65
C TYR D 54 -93.91 -26.02 5.34
N GLU D 55 -95.11 -25.75 5.84
CA GLU D 55 -95.81 -24.48 5.62
C GLU D 55 -96.43 -24.08 6.95
N ILE D 56 -95.70 -23.29 7.73
CA ILE D 56 -96.14 -22.85 9.04
C ILE D 56 -96.64 -21.41 8.93
N VAL D 57 -97.79 -21.14 9.54
CA VAL D 57 -98.41 -19.82 9.49
C VAL D 57 -98.49 -19.26 10.90
N ARG D 58 -98.22 -17.96 11.02
CA ARG D 58 -98.32 -17.25 12.29
C ARG D 58 -99.43 -16.22 12.20
N LEU D 59 -100.23 -16.13 13.26
CA LEU D 59 -101.37 -15.23 13.31
C LEU D 59 -101.22 -14.30 14.50
N GLN D 60 -101.43 -13.01 14.27
CA GLN D 60 -101.36 -11.99 15.32
C GLN D 60 -102.77 -11.45 15.51
N LEU D 61 -103.37 -11.77 16.66
CA LEU D 61 -104.73 -11.32 16.97
C LEU D 61 -104.67 -9.98 17.67
N TRP D 62 -105.30 -8.96 17.09
CA TRP D 62 -105.44 -7.66 17.71
C TRP D 62 -106.89 -7.50 18.15
N ASP D 63 -107.11 -7.47 19.47
CA ASP D 63 -108.45 -7.31 20.03
C ASP D 63 -108.64 -5.83 20.39
N ILE D 64 -109.24 -5.09 19.45
CA ILE D 64 -109.42 -3.65 19.60
C ILE D 64 -110.40 -3.37 20.73
N ALA D 65 -110.05 -2.43 21.60
CA ALA D 65 -110.94 -2.03 22.67
C ALA D 65 -112.17 -1.33 22.12
N GLY D 66 -113.35 -1.82 22.49
CA GLY D 66 -114.61 -1.28 22.04
C GLY D 66 -115.15 -0.14 22.85
N LEU D 67 -114.43 0.31 23.88
CA LEU D 67 -114.90 1.41 24.71
C LEU D 67 -115.01 2.70 23.89
N GLU D 68 -114.04 2.93 23.00
CA GLU D 68 -114.03 4.12 22.14
C GLU D 68 -114.83 3.88 20.86
N ARG D 69 -116.08 3.43 21.02
CA ARG D 69 -116.92 3.19 19.85
C ARG D 69 -117.30 4.50 19.16
N PHE D 70 -117.68 5.52 19.93
CA PHE D 70 -118.02 6.81 19.35
C PHE D 70 -116.80 7.53 18.79
N ALA D 71 -115.60 7.20 19.25
CA ALA D 71 -114.39 7.83 18.75
C ALA D 71 -114.12 7.39 17.31
N ALA D 72 -113.41 8.26 16.58
CA ALA D 72 -113.07 7.99 15.19
C ALA D 72 -112.08 6.83 15.13
N MET D 73 -112.50 5.73 14.52
CA MET D 73 -111.64 4.55 14.38
C MET D 73 -110.50 4.86 13.41
N THR D 74 -109.30 5.04 13.95
CA THR D 74 -108.13 5.40 13.14
C THR D 74 -107.85 4.32 12.10
N ARG D 75 -107.50 4.76 10.89
CA ARG D 75 -107.10 3.85 9.83
C ARG D 75 -105.80 3.10 10.13
N LEU D 76 -105.04 3.54 11.14
CA LEU D 76 -103.78 2.86 11.44
C LEU D 76 -104.02 1.50 12.10
N TYR D 77 -105.15 1.33 12.80
CA TYR D 77 -105.54 0.01 13.27
C TYR D 77 -105.68 -0.98 12.12
N TYR D 78 -106.29 -0.55 11.02
CA TYR D 78 -106.55 -1.42 9.88
C TYR D 78 -105.46 -1.34 8.81
N ARG D 79 -104.44 -0.50 9.02
CA ARG D 79 -103.36 -0.40 8.04
C ARG D 79 -102.58 -1.71 8.00
N ASP D 80 -102.40 -2.24 6.79
CA ASP D 80 -101.69 -3.49 6.52
C ASP D 80 -102.36 -4.71 7.14
N ALA D 81 -103.54 -4.55 7.75
CA ALA D 81 -104.26 -5.65 8.35
C ALA D 81 -104.74 -6.62 7.28
N SER D 82 -104.71 -7.91 7.61
CA SER D 82 -104.97 -8.96 6.63
C SER D 82 -106.32 -9.63 6.80
N ALA D 83 -106.83 -9.75 8.02
CA ALA D 83 -108.08 -10.45 8.27
C ALA D 83 -108.77 -9.82 9.47
N CYS D 84 -110.06 -10.13 9.62
CA CYS D 84 -110.87 -9.52 10.65
C CYS D 84 -111.93 -10.50 11.12
N VAL D 85 -112.48 -10.24 12.30
CA VAL D 85 -113.63 -10.99 12.81
C VAL D 85 -114.49 -10.03 13.63
N ILE D 86 -115.80 -10.20 13.51
CA ILE D 86 -116.77 -9.37 14.23
C ILE D 86 -117.49 -10.26 15.23
N MET D 87 -117.42 -9.88 16.51
CA MET D 87 -117.97 -10.67 17.60
C MET D 87 -118.98 -9.83 18.37
N PHE D 88 -120.19 -10.36 18.51
CA PHE D 88 -121.29 -9.66 19.15
C PHE D 88 -121.93 -10.57 20.20
N ASP D 89 -122.33 -9.98 21.32
CA ASP D 89 -123.06 -10.72 22.34
C ASP D 89 -124.48 -11.00 21.85
N VAL D 90 -124.93 -12.24 22.05
CA VAL D 90 -126.22 -12.69 21.52
C VAL D 90 -127.38 -12.33 22.42
N THR D 91 -127.13 -11.69 23.56
CA THR D 91 -128.17 -11.37 24.52
C THR D 91 -128.68 -9.94 24.38
N ASN D 92 -128.24 -9.20 23.38
CA ASN D 92 -128.66 -7.82 23.20
C ASN D 92 -128.72 -7.49 21.72
N ALA D 93 -129.79 -6.81 21.31
CA ALA D 93 -129.86 -6.27 19.96
C ALA D 93 -128.95 -5.06 19.79
N THR D 94 -128.66 -4.35 20.89
CA THR D 94 -127.69 -3.26 20.84
C THR D 94 -126.31 -3.75 20.40
N THR D 95 -125.93 -4.97 20.81
CA THR D 95 -124.69 -5.56 20.34
C THR D 95 -124.74 -5.81 18.84
N PHE D 96 -125.90 -6.24 18.32
CA PHE D 96 -126.06 -6.44 16.89
C PHE D 96 -125.94 -5.12 16.13
N SER D 97 -126.55 -4.06 16.65
CA SER D 97 -126.42 -2.74 16.03
C SER D 97 -124.97 -2.25 16.06
N ASN D 98 -124.28 -2.50 17.18
CA ASN D 98 -122.87 -2.13 17.28
C ASN D 98 -122.03 -2.90 16.26
N SER D 99 -122.32 -4.20 16.09
CA SER D 99 -121.60 -4.99 15.09
C SER D 99 -121.86 -4.46 13.68
N GLN D 100 -123.09 -4.04 13.41
CA GLN D 100 -123.40 -3.38 12.15
C GLN D 100 -122.55 -2.12 11.97
N ARG D 101 -122.42 -1.33 13.03
CA ARG D 101 -121.61 -0.12 12.97
C ARG D 101 -120.15 -0.42 12.69
N TRP D 102 -119.59 -1.44 13.37
CA TRP D 102 -118.20 -1.82 13.11
C TRP D 102 -118.02 -2.31 11.69
N LYS D 103 -118.96 -3.12 11.18
CA LYS D 103 -118.84 -3.61 9.81
C LYS D 103 -118.90 -2.47 8.81
N GLN D 104 -119.80 -1.51 9.02
CA GLN D 104 -119.88 -0.35 8.13
C GLN D 104 -118.60 0.47 8.17
N ASP D 105 -118.07 0.70 9.37
CA ASP D 105 -116.82 1.46 9.51
C ASP D 105 -115.65 0.74 8.84
N LEU D 106 -115.60 -0.59 8.99
CA LEU D 106 -114.56 -1.38 8.34
C LEU D 106 -114.67 -1.30 6.83
N ASP D 107 -115.89 -1.47 6.30
CA ASP D 107 -116.10 -1.35 4.86
C ASP D 107 -115.75 0.04 4.34
N SER D 108 -115.89 1.05 5.19
CA SER D 108 -115.52 2.41 4.80
C SER D 108 -114.02 2.67 4.93
N LYS D 109 -113.31 1.90 5.76
CA LYS D 109 -111.91 2.18 6.09
C LYS D 109 -111.05 0.92 5.96
N LEU D 110 -111.16 0.22 4.84
CA LEU D 110 -110.31 -0.93 4.58
C LEU D 110 -110.01 -1.02 3.10
N THR D 111 -108.80 -1.50 2.78
CA THR D 111 -108.38 -1.72 1.41
C THR D 111 -107.50 -2.96 1.35
N LEU D 112 -107.43 -3.54 0.16
CA LEU D 112 -106.66 -4.76 -0.09
C LEU D 112 -105.90 -4.59 -1.39
N PRO D 113 -104.80 -5.33 -1.56
CA PRO D 113 -104.09 -5.31 -2.86
C PRO D 113 -104.96 -5.70 -4.04
N ASN D 114 -105.85 -6.68 -3.86
CA ASN D 114 -106.79 -7.03 -4.91
C ASN D 114 -108.02 -6.15 -4.94
N GLY D 115 -108.26 -5.36 -3.88
CA GLY D 115 -109.38 -4.47 -3.81
C GLY D 115 -110.62 -5.04 -3.15
N GLU D 116 -110.74 -6.36 -3.07
CA GLU D 116 -111.89 -6.96 -2.43
C GLU D 116 -111.77 -6.84 -0.92
N PRO D 117 -112.89 -6.69 -0.21
CA PRO D 117 -112.84 -6.63 1.25
C PRO D 117 -112.28 -7.90 1.86
N VAL D 118 -111.58 -7.74 2.98
CA VAL D 118 -110.97 -8.86 3.69
C VAL D 118 -112.08 -9.77 4.21
N PRO D 119 -111.84 -11.08 4.33
CA PRO D 119 -112.90 -11.98 4.82
C PRO D 119 -113.35 -11.60 6.22
N CYS D 120 -114.65 -11.70 6.46
CA CYS D 120 -115.26 -11.38 7.74
C CYS D 120 -116.05 -12.56 8.26
N LEU D 121 -116.03 -12.75 9.58
CA LEU D 121 -116.78 -13.83 10.21
C LEU D 121 -117.65 -13.23 11.31
N LEU D 122 -118.95 -13.48 11.23
CA LEU D 122 -119.90 -13.01 12.24
C LEU D 122 -119.99 -14.08 13.32
N LEU D 123 -119.30 -13.85 14.44
CA LEU D 123 -119.24 -14.83 15.51
C LEU D 123 -120.18 -14.39 16.63
N ALA D 124 -121.12 -15.26 16.98
CA ALA D 124 -122.08 -15.01 18.06
C ALA D 124 -121.54 -15.65 19.34
N ASN D 125 -120.98 -14.82 20.21
CA ASN D 125 -120.39 -15.32 21.45
C ASN D 125 -121.45 -15.51 22.51
N LYS D 126 -121.16 -16.41 23.46
CA LYS D 126 -122.00 -16.67 24.64
C LYS D 126 -123.40 -17.14 24.26
N ALA D 133 -130.42 -17.80 22.38
CA ALA D 133 -129.23 -18.63 22.35
C ALA D 133 -129.06 -19.28 20.97
N VAL D 134 -130.17 -19.73 20.40
CA VAL D 134 -130.15 -20.47 19.14
C VAL D 134 -131.01 -19.75 18.11
N SER D 135 -131.09 -18.42 18.22
CA SER D 135 -131.86 -17.61 17.28
C SER D 135 -131.08 -17.40 15.97
N ARG D 136 -130.79 -18.51 15.30
CA ARG D 136 -130.02 -18.45 14.06
C ARG D 136 -130.85 -17.90 12.90
N ASP D 137 -132.17 -18.09 12.94
CA ASP D 137 -133.03 -17.59 11.86
C ASP D 137 -132.99 -16.08 11.75
N GLN D 138 -132.99 -15.38 12.89
CA GLN D 138 -132.89 -13.92 12.86
C GLN D 138 -131.57 -13.47 12.27
N ILE D 139 -130.46 -14.14 12.63
CA ILE D 139 -129.16 -13.78 12.12
C ILE D 139 -128.98 -14.18 10.66
N ASP D 140 -129.81 -15.09 10.15
CA ASP D 140 -129.67 -15.56 8.77
C ASP D 140 -129.90 -14.44 7.77
N ARG D 141 -130.85 -13.55 8.06
CA ARG D 141 -131.15 -12.45 7.15
C ARG D 141 -129.94 -11.54 6.96
N PHE D 142 -129.27 -11.19 8.07
CA PHE D 142 -128.08 -10.37 7.96
C PHE D 142 -126.89 -11.16 7.42
N SER D 143 -126.87 -12.47 7.64
CA SER D 143 -125.81 -13.30 7.07
C SER D 143 -125.87 -13.29 5.55
N LYS D 144 -127.08 -13.40 4.99
CA LYS D 144 -127.24 -13.34 3.55
C LYS D 144 -127.15 -11.91 3.01
N GLU D 145 -127.54 -10.91 3.81
CA GLU D 145 -127.62 -9.55 3.29
C GLU D 145 -126.27 -8.85 3.34
N ASN D 146 -125.51 -9.03 4.43
CA ASN D 146 -124.26 -8.28 4.59
C ASN D 146 -123.15 -8.76 3.65
N GLY D 147 -123.31 -9.93 3.05
CA GLY D 147 -122.28 -10.47 2.18
C GLY D 147 -121.00 -10.85 2.89
N PHE D 148 -121.10 -11.36 4.11
CA PHE D 148 -119.93 -11.83 4.84
C PHE D 148 -119.56 -13.24 4.41
N THR D 149 -118.32 -13.63 4.74
CA THR D 149 -117.84 -14.95 4.36
C THR D 149 -118.61 -16.06 5.07
N GLY D 150 -118.87 -15.90 6.37
CA GLY D 150 -119.57 -16.94 7.09
C GLY D 150 -120.07 -16.45 8.43
N TRP D 151 -120.94 -17.26 9.03
CA TRP D 151 -121.54 -16.97 10.33
C TRP D 151 -121.49 -18.22 11.18
N THR D 152 -121.14 -18.05 12.47
CA THR D 152 -120.96 -19.18 13.35
C THR D 152 -121.23 -18.72 14.78
N GLU D 153 -121.93 -19.55 15.55
CA GLU D 153 -122.18 -19.28 16.96
C GLU D 153 -121.24 -20.10 17.83
N THR D 154 -120.97 -19.60 19.03
CA THR D 154 -120.10 -20.29 19.98
C THR D 154 -120.34 -19.71 21.37
N SER D 155 -119.72 -20.35 22.36
CA SER D 155 -119.82 -19.92 23.74
C SER D 155 -118.41 -19.76 24.29
N VAL D 156 -118.12 -18.58 24.85
CA VAL D 156 -116.76 -18.29 25.32
C VAL D 156 -116.42 -19.15 26.53
N LYS D 157 -117.38 -19.39 27.42
CA LYS D 157 -117.14 -20.21 28.61
C LYS D 157 -116.88 -21.66 28.24
N GLU D 158 -117.64 -22.20 27.29
CA GLU D 158 -117.54 -23.60 26.91
C GLU D 158 -116.51 -23.85 25.80
N ASN D 159 -116.18 -22.82 25.01
CA ASN D 159 -115.28 -22.93 23.86
C ASN D 159 -115.75 -24.03 22.90
N LYS D 160 -117.07 -24.08 22.68
CA LYS D 160 -117.65 -25.20 21.95
C LYS D 160 -117.34 -25.15 20.45
N ASN D 161 -117.18 -23.96 19.87
CA ASN D 161 -117.02 -23.86 18.44
C ASN D 161 -115.95 -22.84 18.01
N ILE D 162 -115.13 -22.35 18.92
CA ILE D 162 -114.12 -21.35 18.55
C ILE D 162 -113.06 -21.95 17.64
N ASN D 163 -112.60 -23.17 17.94
CA ASN D 163 -111.51 -23.78 17.18
C ASN D 163 -111.91 -24.04 15.73
N GLU D 164 -113.07 -24.65 15.54
CA GLU D 164 -113.54 -24.94 14.18
C GLU D 164 -113.79 -23.66 13.39
N ALA D 165 -114.38 -22.65 14.04
CA ALA D 165 -114.64 -21.38 13.35
C ALA D 165 -113.35 -20.72 12.91
N MET D 166 -112.35 -20.66 13.80
CA MET D 166 -111.08 -20.06 13.42
C MET D 166 -110.36 -20.87 12.35
N ARG D 167 -110.44 -22.20 12.42
CA ARG D 167 -109.84 -23.03 11.38
C ARG D 167 -110.50 -22.77 10.02
N VAL D 168 -111.82 -22.65 10.01
CA VAL D 168 -112.54 -22.33 8.77
C VAL D 168 -112.13 -20.97 8.25
N LEU D 169 -112.00 -19.98 9.14
CA LEU D 169 -111.59 -18.64 8.73
C LEU D 169 -110.19 -18.63 8.13
N ILE D 170 -109.26 -19.37 8.76
CA ILE D 170 -107.89 -19.46 8.24
C ILE D 170 -107.88 -20.15 6.88
N GLU D 171 -108.66 -21.22 6.72
CA GLU D 171 -108.75 -21.89 5.42
C GLU D 171 -109.32 -20.97 4.36
N LYS D 172 -110.35 -20.20 4.72
CA LYS D 172 -110.96 -19.25 3.77
C LYS D 172 -109.95 -18.18 3.37
N MET D 173 -109.17 -17.68 4.33
CA MET D 173 -108.12 -16.71 3.99
C MET D 173 -107.07 -17.32 3.07
N MET D 174 -106.63 -18.55 3.37
CA MET D 174 -105.62 -19.18 2.54
C MET D 174 -106.13 -19.53 1.15
N ARG D 175 -107.46 -19.65 0.99
CA ARG D 175 -108.05 -19.81 -0.34
C ARG D 175 -107.78 -18.61 -1.24
N ASN D 176 -107.53 -17.43 -0.67
CA ASN D 176 -107.21 -16.25 -1.45
C ASN D 176 -105.70 -16.03 -1.54
N ASP E 12 74.19 -51.69 -104.99
CA ASP E 12 73.60 -51.05 -106.15
C ASP E 12 72.08 -50.90 -105.99
N GLU E 13 71.47 -50.15 -106.90
CA GLU E 13 70.02 -50.00 -106.88
C GLU E 13 69.30 -51.33 -107.12
N GLU E 14 69.87 -52.21 -107.95
CA GLU E 14 69.27 -53.52 -108.15
C GLU E 14 69.31 -54.34 -106.87
N THR E 15 70.42 -54.28 -106.13
CA THR E 15 70.49 -54.99 -104.87
C THR E 15 69.49 -54.43 -103.87
N LEU E 16 69.29 -53.10 -103.91
CA LEU E 16 68.33 -52.46 -103.02
C LEU E 16 66.91 -52.92 -103.35
N LYS E 17 66.60 -53.05 -104.65
CA LYS E 17 65.30 -53.58 -105.04
C LYS E 17 65.12 -55.02 -104.59
N LYS E 18 66.19 -55.83 -104.70
CA LYS E 18 66.12 -57.20 -104.21
C LYS E 18 65.83 -57.22 -102.71
N LEU E 19 66.55 -56.40 -101.94
CA LEU E 19 66.36 -56.39 -100.49
C LEU E 19 64.95 -55.94 -100.11
N ILE E 20 64.43 -54.92 -100.80
CA ILE E 20 63.11 -54.42 -100.42
C ILE E 20 62.04 -55.44 -100.80
N VAL E 21 62.24 -56.14 -101.92
CA VAL E 21 61.30 -57.20 -102.30
C VAL E 21 61.30 -58.27 -101.24
N ARG E 22 62.50 -58.70 -100.82
CA ARG E 22 62.59 -59.79 -99.85
C ARG E 22 61.91 -59.36 -98.55
N LEU E 23 62.21 -58.13 -98.11
CA LEU E 23 61.70 -57.63 -96.84
C LEU E 23 60.18 -57.51 -96.86
N ASN E 24 59.60 -57.27 -98.04
CA ASN E 24 58.16 -57.15 -98.17
C ASN E 24 57.50 -58.42 -98.68
N ASN E 25 58.26 -59.49 -98.82
CA ASN E 25 57.73 -60.73 -99.39
C ASN E 25 57.64 -61.81 -98.32
N VAL E 26 58.78 -62.40 -97.96
CA VAL E 26 58.79 -63.52 -97.02
C VAL E 26 58.27 -63.07 -95.66
N GLN E 27 57.50 -63.95 -95.02
CA GLN E 27 56.91 -63.70 -93.70
C GLN E 27 57.56 -64.53 -92.60
N GLU E 28 58.73 -65.11 -92.85
CA GLU E 28 59.41 -65.88 -91.82
C GLU E 28 60.39 -65.02 -91.02
N GLY E 29 60.53 -65.38 -89.75
CA GLY E 29 61.35 -64.61 -88.83
C GLY E 29 62.82 -64.56 -89.20
N LYS E 30 63.38 -65.70 -89.62
CA LYS E 30 64.79 -65.78 -89.96
C LYS E 30 65.13 -64.97 -91.21
N GLN E 31 64.43 -65.23 -92.31
CA GLN E 31 64.78 -64.60 -93.59
C GLN E 31 64.70 -63.09 -93.50
N ILE E 32 63.61 -62.58 -92.92
CA ILE E 32 63.40 -61.13 -92.87
C ILE E 32 64.47 -60.49 -92.00
N GLU E 33 64.78 -61.12 -90.86
CA GLU E 33 65.77 -60.56 -89.94
C GLU E 33 67.14 -60.50 -90.59
N THR E 34 67.52 -61.58 -91.29
CA THR E 34 68.81 -61.61 -91.97
C THR E 34 68.88 -60.52 -93.03
N LEU E 35 67.83 -60.39 -93.85
CA LEU E 35 67.91 -59.41 -94.92
C LEU E 35 67.88 -58.00 -94.35
N VAL E 36 67.23 -57.83 -93.20
CA VAL E 36 67.16 -56.52 -92.55
C VAL E 36 68.54 -56.13 -92.04
N GLN E 37 69.23 -57.08 -91.40
CA GLN E 37 70.58 -56.82 -90.92
C GLN E 37 71.54 -56.55 -92.07
N ILE E 38 71.35 -57.25 -93.20
CA ILE E 38 72.16 -56.96 -94.39
C ILE E 38 71.92 -55.55 -94.91
N LEU E 39 70.65 -55.12 -94.93
CA LEU E 39 70.36 -53.74 -95.32
C LEU E 39 70.92 -52.73 -94.33
N GLU E 40 70.93 -53.06 -93.04
CA GLU E 40 71.55 -52.19 -92.06
C GLU E 40 73.06 -52.09 -92.29
N ASP E 41 73.69 -53.20 -92.66
CA ASP E 41 75.10 -53.18 -93.01
C ASP E 41 75.35 -52.28 -94.20
N LEU E 42 74.50 -52.39 -95.23
CA LEU E 42 74.66 -51.56 -96.42
C LEU E 42 74.51 -50.08 -96.06
N LEU E 43 73.53 -49.78 -95.20
CA LEU E 43 73.23 -48.39 -94.84
C LEU E 43 74.36 -47.78 -94.04
N VAL E 44 74.99 -48.57 -93.16
CA VAL E 44 76.00 -48.06 -92.24
C VAL E 44 77.20 -47.51 -93.00
N PHE E 45 77.61 -48.18 -94.08
CA PHE E 45 78.83 -47.83 -94.82
C PHE E 45 78.83 -46.39 -95.31
N THR E 46 80.04 -45.90 -95.60
CA THR E 46 80.30 -44.52 -95.97
C THR E 46 80.57 -44.35 -97.47
N TYR E 47 80.31 -45.38 -98.27
CA TYR E 47 80.60 -45.30 -99.70
C TYR E 47 79.75 -44.24 -100.40
N SER E 48 78.46 -44.18 -100.11
CA SER E 48 77.56 -43.23 -100.75
C SER E 48 76.26 -43.16 -99.95
N GLU E 49 75.27 -42.46 -100.50
CA GLU E 49 73.94 -42.33 -99.91
C GLU E 49 72.94 -43.28 -100.57
N HIS E 50 73.38 -44.49 -100.93
CA HIS E 50 72.49 -45.43 -101.60
C HIS E 50 71.28 -45.80 -100.74
N ALA E 51 71.50 -45.99 -99.43
CA ALA E 51 70.40 -46.24 -98.51
C ALA E 51 69.44 -45.07 -98.47
N SER E 52 69.97 -43.85 -98.52
CA SER E 52 69.13 -42.65 -98.59
C SER E 52 68.82 -42.34 -100.06
N LYS E 53 67.96 -43.19 -100.63
CA LYS E 53 67.56 -43.11 -102.03
C LYS E 53 66.46 -42.08 -102.27
N LEU E 54 66.10 -41.30 -101.26
CA LEU E 54 65.11 -40.22 -101.26
C LEU E 54 63.68 -40.74 -101.43
N PHE E 55 63.48 -42.05 -101.60
CA PHE E 55 62.12 -42.59 -101.63
C PHE E 55 61.51 -42.61 -100.24
N GLN E 56 62.28 -43.06 -99.25
CA GLN E 56 61.89 -43.08 -97.84
C GLN E 56 60.58 -43.84 -97.61
N GLY E 57 60.34 -44.87 -98.42
CA GLY E 57 59.16 -45.69 -98.31
C GLY E 57 59.06 -46.45 -97.01
N LYS E 58 57.96 -46.26 -96.27
CA LYS E 58 57.77 -46.94 -95.00
C LYS E 58 57.58 -48.45 -95.15
N ASN E 59 57.31 -48.93 -96.37
CA ASN E 59 57.14 -50.36 -96.63
C ASN E 59 58.42 -51.15 -96.37
N ILE E 60 59.57 -50.49 -96.26
CA ILE E 60 60.80 -51.18 -95.90
C ILE E 60 60.75 -51.65 -94.45
N HIS E 61 60.16 -50.84 -93.56
CA HIS E 61 60.21 -51.12 -92.13
C HIS E 61 58.85 -51.35 -91.48
N VAL E 62 57.74 -50.95 -92.11
CA VAL E 62 56.42 -51.21 -91.55
C VAL E 62 56.14 -52.72 -91.42
N PRO E 63 56.36 -53.55 -92.44
CA PRO E 63 56.24 -55.00 -92.20
C PRO E 63 57.21 -55.52 -91.14
N LEU E 64 58.40 -54.93 -91.05
CA LEU E 64 59.37 -55.36 -90.04
C LEU E 64 58.84 -55.12 -88.63
N LEU E 65 58.34 -53.92 -88.36
CA LEU E 65 57.75 -53.64 -87.05
C LEU E 65 56.47 -54.43 -86.82
N ILE E 66 55.71 -54.71 -87.88
CA ILE E 66 54.51 -55.54 -87.76
C ILE E 66 54.89 -56.93 -87.29
N VAL E 67 55.94 -57.52 -87.89
CA VAL E 67 56.41 -58.83 -87.48
C VAL E 67 56.96 -58.79 -86.06
N LEU E 68 57.72 -57.74 -85.73
CA LEU E 68 58.32 -57.64 -84.40
C LEU E 68 57.25 -57.55 -83.32
N ASP E 69 56.20 -56.75 -83.54
CA ASP E 69 55.11 -56.64 -82.58
C ASP E 69 54.30 -57.93 -82.51
N SER E 70 53.96 -58.50 -83.67
CA SER E 70 53.15 -59.72 -83.71
C SER E 70 53.89 -60.90 -83.09
N TYR E 71 55.14 -61.14 -83.52
CA TYR E 71 55.94 -62.25 -83.02
C TYR E 71 56.84 -61.73 -81.90
N MET E 72 56.24 -61.52 -80.73
CA MET E 72 56.98 -61.01 -79.58
C MET E 72 58.04 -61.99 -79.10
N ARG E 73 57.85 -63.29 -79.35
CA ARG E 73 58.83 -64.28 -78.95
C ARG E 73 60.03 -64.33 -79.88
N VAL E 74 59.93 -63.72 -81.06
CA VAL E 74 61.00 -63.70 -82.04
C VAL E 74 62.02 -62.64 -81.64
N ALA E 75 63.06 -63.05 -80.92
CA ALA E 75 64.06 -62.11 -80.42
C ALA E 75 65.00 -61.62 -81.51
N SER E 76 65.18 -62.38 -82.59
CA SER E 76 66.06 -61.96 -83.67
C SER E 76 65.58 -60.64 -84.29
N VAL E 77 64.30 -60.59 -84.69
CA VAL E 77 63.76 -59.35 -85.23
C VAL E 77 63.68 -58.30 -84.14
N GLN E 78 63.33 -58.70 -82.91
CA GLN E 78 63.25 -57.76 -81.79
C GLN E 78 64.58 -57.10 -81.49
N GLN E 79 65.69 -57.70 -81.94
CA GLN E 79 67.01 -57.15 -81.72
C GLN E 79 67.54 -56.40 -82.93
N VAL E 80 67.21 -56.87 -84.14
CA VAL E 80 67.80 -56.26 -85.33
C VAL E 80 66.96 -55.12 -85.89
N GLY E 81 65.64 -55.13 -85.66
CA GLY E 81 64.79 -54.07 -86.18
C GLY E 81 65.09 -52.72 -85.56
N TRP E 82 65.41 -52.70 -84.26
CA TRP E 82 65.78 -51.45 -83.60
C TRP E 82 67.04 -50.87 -84.23
N SER E 83 68.04 -51.70 -84.48
CA SER E 83 69.27 -51.25 -85.12
C SER E 83 69.00 -50.77 -86.54
N LEU E 84 68.15 -51.50 -87.28
CA LEU E 84 67.83 -51.12 -88.65
C LEU E 84 67.13 -49.77 -88.71
N LEU E 85 66.15 -49.55 -87.82
CA LEU E 85 65.45 -48.27 -87.81
C LEU E 85 66.36 -47.14 -87.34
N CYS E 86 67.25 -47.43 -86.38
CA CYS E 86 68.24 -46.43 -85.98
C CYS E 86 69.15 -46.03 -87.13
N LYS E 87 69.63 -47.02 -87.89
CA LYS E 87 70.47 -46.73 -89.04
C LYS E 87 69.70 -45.96 -90.12
N LEU E 88 68.44 -46.32 -90.33
CA LEU E 88 67.61 -45.62 -91.31
C LEU E 88 67.41 -44.16 -90.92
N ILE E 89 67.10 -43.91 -89.64
CA ILE E 89 66.90 -42.54 -89.18
C ILE E 89 68.20 -41.74 -89.27
N GLU E 90 69.31 -42.33 -88.82
CA GLU E 90 70.59 -41.62 -88.84
C GLU E 90 71.12 -41.41 -90.25
N VAL E 91 70.72 -42.24 -91.21
CA VAL E 91 71.21 -42.12 -92.58
C VAL E 91 70.30 -41.26 -93.43
N CYS E 92 69.01 -41.59 -93.44
CA CYS E 92 68.04 -40.83 -94.22
C CYS E 92 67.61 -39.58 -93.46
N PRO E 93 67.90 -38.38 -93.97
CA PRO E 93 67.44 -37.16 -93.28
C PRO E 93 65.93 -37.02 -93.26
N GLY E 94 65.21 -37.63 -94.20
CA GLY E 94 63.77 -37.55 -94.29
C GLY E 94 63.01 -38.60 -93.51
N THR E 95 63.69 -39.42 -92.71
CA THR E 95 63.02 -40.43 -91.90
C THR E 95 62.12 -39.80 -90.85
N MET E 96 62.59 -38.74 -90.20
CA MET E 96 61.79 -38.07 -89.16
C MET E 96 60.53 -37.45 -89.76
N GLN E 97 60.67 -36.77 -90.90
CA GLN E 97 59.51 -36.15 -91.55
C GLN E 97 58.55 -37.20 -92.07
N SER E 98 59.07 -38.32 -92.59
CA SER E 98 58.21 -39.38 -93.09
C SER E 98 57.54 -40.18 -91.98
N LEU E 99 58.10 -40.16 -90.77
CA LEU E 99 57.50 -40.90 -89.66
C LEU E 99 56.16 -40.30 -89.27
N MET E 100 56.11 -38.99 -89.04
CA MET E 100 54.89 -38.29 -88.66
C MET E 100 54.46 -37.39 -89.81
N GLY E 101 53.24 -37.60 -90.31
CA GLY E 101 52.70 -36.81 -91.40
C GLY E 101 53.46 -36.98 -92.71
N GLY E 113 50.84 -44.19 -85.45
CA GLY E 113 52.19 -44.00 -85.92
C GLY E 113 53.17 -45.01 -85.36
N VAL E 114 54.47 -44.80 -85.63
CA VAL E 114 55.49 -45.72 -85.16
C VAL E 114 55.68 -45.66 -83.65
N HIS E 115 55.16 -44.62 -82.99
CA HIS E 115 55.27 -44.53 -81.54
C HIS E 115 54.56 -45.68 -80.86
N GLN E 116 53.36 -46.04 -81.35
CA GLN E 116 52.64 -47.18 -80.80
C GLN E 116 53.45 -48.47 -80.98
N LEU E 117 54.06 -48.63 -82.16
CA LEU E 117 54.86 -49.83 -82.41
C LEU E 117 56.06 -49.91 -81.47
N ILE E 118 56.76 -48.79 -81.26
CA ILE E 118 57.95 -48.83 -80.43
C ILE E 118 57.58 -49.05 -78.95
N LEU E 119 56.48 -48.45 -78.49
CA LEU E 119 56.08 -48.70 -77.11
C LEU E 119 55.58 -50.14 -76.93
N LYS E 120 54.92 -50.70 -77.95
CA LYS E 120 54.54 -52.11 -77.90
C LYS E 120 55.77 -53.00 -77.84
N MET E 121 56.81 -52.65 -78.59
CA MET E 121 58.06 -53.42 -78.56
C MET E 121 58.69 -53.35 -77.17
N LEU E 122 58.70 -52.16 -76.56
CA LEU E 122 59.28 -52.02 -75.22
C LEU E 122 58.46 -52.78 -74.17
N THR E 123 57.13 -52.81 -74.33
CA THR E 123 56.29 -53.42 -73.31
C THR E 123 56.24 -54.95 -73.45
N VAL E 124 56.22 -55.45 -74.69
CA VAL E 124 55.88 -56.85 -74.94
C VAL E 124 56.93 -57.78 -74.35
N HIS E 125 58.17 -57.68 -74.84
CA HIS E 125 59.19 -58.64 -74.44
C HIS E 125 60.53 -58.00 -74.10
N ASN E 126 60.61 -56.66 -74.01
CA ASN E 126 61.89 -56.01 -73.75
C ASN E 126 62.23 -56.03 -72.26
N ALA E 127 62.21 -57.22 -71.66
CA ALA E 127 62.63 -57.41 -70.28
C ALA E 127 64.10 -57.74 -70.15
N SER E 128 64.80 -57.95 -71.26
CA SER E 128 66.21 -58.26 -71.27
C SER E 128 67.03 -57.01 -71.56
N VAL E 129 68.30 -57.05 -71.16
CA VAL E 129 69.17 -55.88 -71.27
C VAL E 129 69.41 -55.53 -72.73
N ASN E 130 69.65 -56.54 -73.57
CA ASN E 130 70.04 -56.29 -74.97
C ASN E 130 68.94 -55.59 -75.74
N LEU E 131 67.68 -55.99 -75.56
CA LEU E 131 66.58 -55.33 -76.24
C LEU E 131 66.25 -53.98 -75.61
N SER E 132 66.48 -53.86 -74.30
CA SER E 132 66.11 -52.62 -73.63
C SER E 132 67.05 -51.48 -73.97
N VAL E 133 68.35 -51.77 -74.13
CA VAL E 133 69.29 -50.69 -74.42
C VAL E 133 69.02 -50.10 -75.81
N ILE E 134 68.80 -50.95 -76.82
CA ILE E 134 68.50 -50.46 -78.16
C ILE E 134 67.13 -49.78 -78.18
N GLY E 135 66.16 -50.31 -77.43
CA GLY E 135 64.87 -49.64 -77.35
C GLY E 135 64.96 -48.24 -76.76
N LEU E 136 65.71 -48.11 -75.66
CA LEU E 136 65.91 -46.80 -75.04
C LEU E 136 66.64 -45.84 -75.98
N LYS E 137 67.67 -46.33 -76.67
CA LYS E 137 68.42 -45.47 -77.59
C LYS E 137 67.54 -44.99 -78.73
N THR E 138 66.76 -45.91 -79.33
CA THR E 138 65.86 -45.52 -80.41
C THR E 138 64.80 -44.56 -79.92
N LEU E 139 64.24 -44.78 -78.72
CA LEU E 139 63.26 -43.86 -78.16
C LEU E 139 63.87 -42.48 -77.95
N ASP E 140 65.10 -42.42 -77.42
CA ASP E 140 65.75 -41.15 -77.17
C ASP E 140 65.99 -40.37 -78.46
N LEU E 141 66.49 -41.05 -79.50
CA LEU E 141 66.72 -40.35 -80.76
C LEU E 141 65.41 -39.99 -81.46
N LEU E 142 64.35 -40.78 -81.22
CA LEU E 142 63.04 -40.43 -81.78
C LEU E 142 62.48 -39.17 -81.13
N LEU E 143 62.60 -39.05 -79.80
CA LEU E 143 62.02 -37.93 -79.07
C LEU E 143 62.71 -36.60 -79.36
N THR E 144 63.87 -36.62 -80.02
CA THR E 144 64.50 -35.38 -80.47
C THR E 144 63.75 -34.73 -81.62
N SER E 145 62.90 -35.49 -82.33
CA SER E 145 62.14 -34.94 -83.45
C SER E 145 61.14 -33.90 -82.97
N GLY E 146 60.50 -34.14 -81.83
CA GLY E 146 59.46 -33.26 -81.34
C GLY E 146 58.10 -33.59 -81.93
N LYS E 147 57.07 -33.03 -81.29
CA LYS E 147 55.66 -33.23 -81.63
C LYS E 147 55.22 -34.69 -81.44
N ILE E 148 56.10 -35.53 -80.92
CA ILE E 148 55.77 -36.93 -80.65
C ILE E 148 55.69 -37.21 -79.15
N THR E 149 56.37 -36.43 -78.31
CA THR E 149 56.31 -36.65 -76.87
C THR E 149 54.89 -36.50 -76.34
N LEU E 150 54.10 -35.59 -76.92
CA LEU E 150 52.69 -35.49 -76.56
C LEU E 150 51.94 -36.77 -76.91
N LEU E 151 52.21 -37.33 -78.09
CA LEU E 151 51.58 -38.59 -78.49
C LEU E 151 52.02 -39.73 -77.57
N ILE E 152 53.30 -39.75 -77.19
CA ILE E 152 53.82 -40.81 -76.33
C ILE E 152 53.20 -40.73 -74.94
N LEU E 153 53.02 -39.51 -74.42
CA LEU E 153 52.38 -39.35 -73.12
C LEU E 153 50.89 -39.66 -73.15
N ASP E 154 50.26 -39.62 -74.33
CA ASP E 154 48.86 -39.96 -74.49
C ASP E 154 48.65 -41.43 -74.83
N GLU E 155 49.64 -42.28 -74.54
CA GLU E 155 49.56 -43.70 -74.84
C GLU E 155 48.86 -44.44 -73.70
N GLU E 156 48.94 -45.77 -73.73
CA GLU E 156 48.26 -46.61 -72.74
C GLU E 156 49.18 -47.60 -72.04
N SER E 157 50.42 -47.77 -72.50
CA SER E 157 51.32 -48.77 -71.96
C SER E 157 52.20 -48.24 -70.82
N ASP E 158 51.96 -47.00 -70.38
CA ASP E 158 52.65 -46.39 -69.23
C ASP E 158 54.17 -46.38 -69.45
N ILE E 159 54.58 -45.58 -70.44
CA ILE E 159 56.00 -45.41 -70.74
C ILE E 159 56.76 -44.86 -69.53
N PHE E 160 56.09 -44.07 -68.70
CA PHE E 160 56.66 -43.67 -67.42
C PHE E 160 57.01 -44.89 -66.57
N MET E 161 56.05 -45.79 -66.39
CA MET E 161 56.29 -47.01 -65.63
C MET E 161 57.32 -47.88 -66.32
N LEU E 162 57.34 -47.87 -67.66
CA LEU E 162 58.37 -48.59 -68.41
C LEU E 162 59.76 -48.12 -68.03
N ILE E 163 59.97 -46.79 -68.03
CA ILE E 163 61.29 -46.25 -67.70
C ILE E 163 61.63 -46.52 -66.24
N PHE E 164 60.64 -46.42 -65.34
CA PHE E 164 60.91 -46.71 -63.93
C PHE E 164 61.30 -48.18 -63.74
N ASP E 165 60.63 -49.09 -64.43
CA ASP E 165 60.95 -50.51 -64.34
C ASP E 165 62.25 -50.86 -65.04
N ALA E 166 62.70 -50.02 -65.98
CA ALA E 166 63.95 -50.30 -66.69
C ALA E 166 65.13 -50.36 -65.73
N MET E 167 65.20 -49.44 -64.78
CA MET E 167 66.29 -49.42 -63.81
C MET E 167 65.93 -50.24 -62.58
N ALA E 172 70.30 -52.35 -62.48
CA ALA E 172 71.49 -51.58 -62.03
C ALA E 172 72.48 -51.49 -63.19
N ASN E 173 71.97 -51.33 -64.41
CA ASN E 173 72.85 -51.34 -65.61
C ASN E 173 73.83 -50.17 -65.58
N ASP E 174 73.41 -48.98 -65.11
CA ASP E 174 74.26 -47.76 -65.16
C ASP E 174 74.25 -47.25 -66.60
N GLU E 175 74.53 -48.13 -67.56
CA GLU E 175 74.36 -47.75 -68.98
C GLU E 175 72.88 -47.45 -69.14
N VAL E 176 72.00 -48.23 -68.50
CA VAL E 176 70.54 -47.95 -68.52
C VAL E 176 70.28 -46.70 -67.68
N GLN E 177 69.13 -46.05 -67.84
CA GLN E 177 68.84 -44.74 -67.19
C GLN E 177 69.59 -43.71 -68.03
N LYS E 178 70.91 -43.85 -68.15
CA LYS E 178 71.64 -42.98 -69.09
C LYS E 178 71.12 -43.37 -70.47
N LEU E 179 70.91 -44.67 -70.71
CA LEU E 179 70.38 -45.18 -72.00
C LEU E 179 68.95 -44.65 -72.17
N GLY E 180 68.19 -44.61 -71.07
CA GLY E 180 66.81 -44.11 -71.12
C GLY E 180 66.85 -42.69 -71.63
N CYS E 181 67.99 -42.02 -71.46
CA CYS E 181 68.19 -40.63 -71.94
C CYS E 181 67.59 -39.70 -70.89
N LYS E 182 67.04 -40.30 -69.85
CA LYS E 182 66.49 -39.47 -68.77
C LYS E 182 65.61 -38.45 -69.49
N ALA E 183 64.81 -38.93 -70.44
CA ALA E 183 63.88 -38.04 -71.16
C ALA E 183 62.74 -37.81 -70.21
N LEU E 184 62.88 -38.35 -69.00
CA LEU E 184 61.87 -38.08 -67.95
C LEU E 184 61.84 -36.58 -67.78
N HIS E 185 62.99 -35.90 -67.84
CA HIS E 185 62.96 -34.41 -67.79
C HIS E 185 62.18 -33.87 -68.98
N VAL E 186 62.41 -34.43 -70.17
CA VAL E 186 61.72 -33.92 -71.38
C VAL E 186 60.23 -34.13 -71.13
N LEU E 187 59.86 -35.29 -70.61
CA LEU E 187 58.44 -35.56 -70.25
C LEU E 187 58.01 -34.65 -69.11
N PHE E 188 58.90 -34.38 -68.15
CA PHE E 188 58.54 -33.55 -66.97
C PHE E 188 58.21 -32.15 -67.45
N GLU E 189 58.59 -31.81 -68.67
CA GLU E 189 58.18 -30.48 -69.21
C GLU E 189 56.65 -30.46 -69.19
N ARG E 190 56.00 -31.57 -69.56
CA ARG E 190 54.53 -31.64 -69.41
C ARG E 190 54.17 -32.93 -68.67
N VAL E 191 53.69 -32.86 -67.42
CA VAL E 191 53.45 -34.11 -66.65
C VAL E 191 52.31 -33.88 -65.65
N SER E 192 51.86 -32.62 -65.51
CA SER E 192 50.77 -32.23 -64.56
C SER E 192 51.30 -32.33 -63.14
N GLU E 193 51.11 -31.33 -62.28
CA GLU E 193 51.81 -31.31 -60.96
C GLU E 193 51.56 -32.52 -60.05
N GLU E 194 50.34 -33.04 -59.88
CA GLU E 194 50.16 -34.18 -58.93
C GLU E 194 50.84 -35.44 -59.50
N GLN E 195 50.68 -35.61 -60.81
CA GLN E 195 51.31 -36.78 -61.45
C GLN E 195 52.79 -36.57 -61.25
N LEU E 196 53.26 -35.33 -61.36
CA LEU E 196 54.70 -34.99 -61.21
C LEU E 196 55.16 -35.31 -59.80
N THR E 197 54.37 -35.07 -58.76
CA THR E 197 54.70 -35.43 -57.33
C THR E 197 54.80 -36.95 -57.14
N GLU E 198 53.90 -37.71 -57.77
CA GLU E 198 54.11 -39.18 -57.67
C GLU E 198 55.42 -39.51 -58.38
N PHE E 199 55.62 -38.80 -59.49
CA PHE E 199 56.84 -39.05 -60.29
C PHE E 199 57.97 -38.71 -59.33
N VAL E 200 57.85 -37.66 -58.51
CA VAL E 200 58.90 -37.18 -57.58
C VAL E 200 59.22 -38.29 -56.60
N GLU E 201 58.23 -38.86 -55.92
CA GLU E 201 58.72 -39.91 -54.98
C GLU E 201 59.48 -41.01 -55.76
N ASN E 202 58.86 -41.52 -56.84
CA ASN E 202 59.56 -42.70 -57.45
C ASN E 202 60.93 -42.31 -58.00
N LYS E 203 60.98 -41.17 -58.69
CA LYS E 203 62.20 -40.72 -59.38
C LYS E 203 63.24 -40.39 -58.34
N ASP E 204 62.89 -39.73 -57.25
CA ASP E 204 63.96 -39.38 -56.30
C ASP E 204 64.58 -40.70 -55.91
N TYR E 205 63.75 -41.67 -55.51
CA TYR E 205 64.51 -42.87 -55.06
C TYR E 205 65.42 -43.45 -56.16
N MET E 206 64.80 -43.74 -57.31
CA MET E 206 65.61 -44.49 -58.31
C MET E 206 66.79 -43.66 -58.78
N ILE E 207 66.51 -42.41 -59.13
CA ILE E 207 67.55 -41.58 -59.77
C ILE E 207 68.64 -41.34 -58.75
N LEU E 208 68.31 -41.03 -57.51
CA LEU E 208 69.43 -40.71 -56.62
C LEU E 208 70.34 -41.93 -56.58
N LEU E 209 69.79 -43.11 -56.34
CA LEU E 209 70.83 -44.18 -56.21
C LEU E 209 71.64 -44.42 -57.50
N SER E 210 70.89 -44.57 -58.60
CA SER E 210 71.60 -44.97 -59.84
C SER E 210 72.57 -43.88 -60.22
N ALA E 211 72.10 -42.63 -60.15
CA ALA E 211 72.90 -41.50 -60.64
C ALA E 211 74.13 -41.47 -59.78
N LEU E 212 73.98 -41.49 -58.48
CA LEU E 212 75.21 -41.33 -57.70
C LEU E 212 76.23 -42.33 -58.21
N THR E 213 75.91 -43.62 -58.19
CA THR E 213 77.12 -44.43 -58.59
C THR E 213 77.60 -44.25 -60.06
N ASN E 214 76.65 -44.54 -60.95
CA ASN E 214 77.10 -44.61 -62.36
C ASN E 214 77.59 -43.27 -62.84
N PHE E 215 77.10 -42.20 -62.24
CA PHE E 215 77.29 -40.87 -62.87
C PHE E 215 78.41 -40.13 -62.15
N LYS E 216 78.66 -40.52 -60.92
CA LYS E 216 79.84 -40.01 -60.22
C LYS E 216 80.87 -40.42 -61.26
N ASP E 217 80.59 -41.55 -61.93
CA ASP E 217 81.58 -41.69 -63.06
C ASP E 217 81.15 -41.19 -64.47
N GLU E 218 80.22 -40.21 -64.68
CA GLU E 218 79.69 -40.08 -66.03
C GLU E 218 79.04 -38.70 -66.12
N GLU E 219 79.60 -37.84 -66.97
CA GLU E 219 79.13 -36.46 -67.08
C GLU E 219 77.68 -36.41 -67.58
N GLU E 220 77.38 -37.20 -68.61
CA GLU E 220 76.04 -37.19 -69.21
C GLU E 220 74.98 -37.67 -68.23
N ILE E 221 75.27 -38.75 -67.50
CA ILE E 221 74.30 -39.31 -66.56
C ILE E 221 74.01 -38.33 -65.44
N VAL E 222 75.06 -37.75 -64.85
CA VAL E 222 74.88 -36.79 -63.76
C VAL E 222 74.13 -35.55 -64.25
N LEU E 223 74.50 -35.06 -65.44
CA LEU E 223 73.83 -33.89 -66.01
C LEU E 223 72.35 -34.15 -66.22
N HIS E 224 72.02 -35.30 -66.81
CA HIS E 224 70.62 -35.64 -67.08
C HIS E 224 69.84 -35.81 -65.79
N VAL E 225 70.43 -36.47 -64.79
CA VAL E 225 69.74 -36.67 -63.52
C VAL E 225 69.48 -35.33 -62.84
N LEU E 226 70.48 -34.45 -62.84
CA LEU E 226 70.32 -33.14 -62.21
C LEU E 226 69.27 -32.30 -62.93
N HIS E 227 69.25 -32.32 -64.26
CA HIS E 227 68.27 -31.51 -64.97
C HIS E 227 66.87 -32.12 -64.87
N CYS E 228 66.78 -33.45 -64.74
CA CYS E 228 65.50 -34.07 -64.44
C CYS E 228 65.01 -33.67 -63.06
N LEU E 229 65.93 -33.58 -62.09
CA LEU E 229 65.57 -33.06 -60.76
C LEU E 229 65.10 -31.61 -60.84
N HIS E 230 65.73 -30.81 -61.71
CA HIS E 230 65.30 -29.44 -61.92
C HIS E 230 63.87 -29.39 -62.46
N SER E 231 63.58 -30.21 -63.46
CA SER E 231 62.23 -30.27 -64.00
C SER E 231 61.25 -30.76 -62.94
N LEU E 232 61.71 -31.68 -62.11
CA LEU E 232 60.88 -32.28 -61.06
C LEU E 232 60.61 -31.32 -59.91
N ALA E 233 61.57 -30.44 -59.59
CA ALA E 233 61.44 -29.54 -58.45
C ALA E 233 60.67 -28.25 -58.77
N ILE E 234 60.03 -28.17 -59.95
CA ILE E 234 59.27 -26.97 -60.29
C ILE E 234 58.14 -26.66 -59.32
N PRO E 235 57.28 -27.62 -58.91
CA PRO E 235 56.20 -27.27 -57.97
C PRO E 235 56.73 -26.77 -56.63
N CYS E 236 55.97 -25.86 -56.03
CA CYS E 236 56.38 -25.26 -54.76
C CYS E 236 56.24 -26.22 -53.60
N ASN E 237 55.34 -27.21 -53.70
CA ASN E 237 55.12 -28.12 -52.60
C ASN E 237 56.25 -29.14 -52.44
N ASN E 238 56.99 -29.42 -53.51
CA ASN E 238 57.97 -30.50 -53.51
C ASN E 238 59.30 -30.13 -52.88
N VAL E 239 59.57 -28.83 -52.65
CA VAL E 239 60.86 -28.43 -52.09
C VAL E 239 61.09 -29.07 -50.72
N GLU E 240 60.07 -29.04 -49.86
CA GLU E 240 60.18 -29.67 -48.55
C GLU E 240 60.43 -31.17 -48.67
N VAL E 241 59.87 -31.81 -49.71
CA VAL E 241 60.16 -33.21 -49.95
C VAL E 241 61.62 -33.41 -50.32
N LEU E 242 62.16 -32.53 -51.17
CA LEU E 242 63.56 -32.66 -51.58
C LEU E 242 64.52 -32.36 -50.44
N MET E 243 64.10 -31.56 -49.45
CA MET E 243 64.90 -31.27 -48.27
C MET E 243 64.48 -32.11 -47.06
N SER E 244 63.94 -33.31 -47.31
CA SER E 244 63.54 -34.20 -46.21
C SER E 244 64.73 -34.62 -45.37
N GLY E 245 65.85 -34.94 -46.01
CA GLY E 245 67.06 -35.29 -45.30
C GLY E 245 68.26 -34.55 -45.85
N ASN E 246 68.01 -33.43 -46.53
CA ASN E 246 69.02 -32.62 -47.20
C ASN E 246 69.84 -33.42 -48.20
N VAL E 247 69.22 -34.43 -48.81
CA VAL E 247 69.93 -35.27 -49.78
C VAL E 247 70.21 -34.48 -51.05
N ARG E 248 69.25 -33.65 -51.49
CA ARG E 248 69.43 -32.87 -52.70
C ARG E 248 70.57 -31.87 -52.55
N CYS E 249 70.66 -31.21 -51.40
CA CYS E 249 71.71 -30.22 -51.17
C CYS E 249 73.10 -30.87 -51.18
N TYR E 250 73.24 -31.99 -50.49
CA TYR E 250 74.51 -32.71 -50.50
C TYR E 250 74.84 -33.20 -51.91
N ASN E 251 73.83 -33.68 -52.64
CA ASN E 251 74.05 -34.18 -53.99
C ASN E 251 74.56 -33.07 -54.90
N ILE E 252 73.92 -31.90 -54.88
CA ILE E 252 74.32 -30.81 -55.75
C ILE E 252 75.69 -30.27 -55.34
N VAL E 253 75.96 -30.21 -54.02
CA VAL E 253 77.27 -29.75 -53.54
C VAL E 253 78.36 -30.68 -54.03
N VAL E 254 78.14 -32.00 -53.91
CA VAL E 254 79.12 -32.98 -54.35
C VAL E 254 79.32 -32.90 -55.86
N GLU E 255 78.22 -32.72 -56.60
CA GLU E 255 78.31 -32.62 -58.06
C GLU E 255 79.12 -31.40 -58.47
N ALA E 256 78.88 -30.26 -57.82
CA ALA E 256 79.65 -29.06 -58.12
C ALA E 256 81.13 -29.25 -57.76
N MET E 257 81.40 -29.93 -56.63
CA MET E 257 82.77 -30.12 -56.20
C MET E 257 83.55 -31.02 -57.15
N LYS E 258 82.99 -32.19 -57.49
CA LYS E 258 83.73 -33.23 -58.16
C LYS E 258 83.29 -33.49 -59.60
N ALA E 259 81.98 -33.51 -59.87
CA ALA E 259 81.48 -33.93 -61.17
C ALA E 259 81.91 -32.97 -62.28
N PHE E 260 81.90 -31.67 -62.01
CA PHE E 260 82.17 -30.64 -63.02
C PHE E 260 83.19 -29.64 -62.52
N PRO E 261 84.46 -30.05 -62.38
CA PRO E 261 85.49 -29.06 -62.03
C PRO E 261 85.68 -27.98 -63.08
N MET E 262 85.58 -28.33 -64.37
CA MET E 262 85.71 -27.37 -65.46
C MET E 262 84.68 -27.65 -66.55
N SER E 263 83.44 -27.94 -66.16
CA SER E 263 82.37 -28.23 -67.09
C SER E 263 81.30 -27.15 -66.99
N GLU E 264 80.71 -26.78 -68.13
CA GLU E 264 79.82 -25.63 -68.18
C GLU E 264 78.36 -26.05 -67.95
N ARG E 265 77.85 -27.00 -68.74
CA ARG E 265 76.43 -27.34 -68.69
C ARG E 265 76.04 -27.92 -67.35
N ILE E 266 76.90 -28.77 -66.77
CA ILE E 266 76.62 -29.36 -65.46
C ILE E 266 76.52 -28.26 -64.40
N GLN E 267 77.44 -27.31 -64.44
CA GLN E 267 77.42 -26.20 -63.49
C GLN E 267 76.18 -25.34 -63.69
N GLU E 268 75.79 -25.11 -64.95
CA GLU E 268 74.57 -24.34 -65.22
C GLU E 268 73.35 -25.02 -64.63
N VAL E 269 73.24 -26.33 -64.83
CA VAL E 269 72.09 -27.07 -64.29
C VAL E 269 72.09 -27.03 -62.77
N SER E 270 73.25 -27.28 -62.15
CA SER E 270 73.32 -27.28 -60.69
C SER E 270 72.98 -25.90 -60.13
N CYS E 271 73.46 -24.84 -60.77
CA CYS E 271 73.17 -23.49 -60.30
C CYS E 271 71.69 -23.16 -60.47
N CYS E 272 71.06 -23.67 -61.53
CA CYS E 272 69.62 -23.52 -61.66
C CYS E 272 68.90 -24.23 -60.53
N LEU E 273 69.39 -25.41 -60.13
CA LEU E 273 68.87 -26.08 -58.93
C LEU E 273 69.02 -25.20 -57.70
N LEU E 274 70.19 -24.58 -57.53
CA LEU E 274 70.42 -23.72 -56.37
C LEU E 274 69.42 -22.57 -56.33
N HIS E 275 69.20 -21.91 -57.47
CA HIS E 275 68.25 -20.81 -57.52
C HIS E 275 66.83 -21.30 -57.25
N ARG E 276 66.46 -22.44 -57.82
CA ARG E 276 65.11 -22.97 -57.65
C ARG E 276 64.85 -23.46 -56.23
N LEU E 277 65.89 -23.81 -55.47
CA LEU E 277 65.76 -24.39 -54.15
C LEU E 277 65.91 -23.36 -53.03
N THR E 278 65.45 -22.13 -53.27
CA THR E 278 65.52 -21.06 -52.29
C THR E 278 64.13 -20.69 -51.81
N LEU E 279 63.91 -20.73 -50.50
CA LEU E 279 62.64 -20.39 -49.90
C LEU E 279 62.89 -20.02 -48.44
N GLY E 280 61.80 -19.96 -47.66
CA GLY E 280 61.91 -19.64 -46.24
C GLY E 280 62.64 -20.69 -45.41
N ASN E 281 62.81 -21.90 -45.95
CA ASN E 281 63.48 -23.00 -45.25
C ASN E 281 64.97 -23.05 -45.53
N PHE E 282 65.59 -21.91 -45.85
CA PHE E 282 66.99 -21.86 -46.24
C PHE E 282 67.94 -21.62 -45.07
N PHE E 283 67.62 -22.09 -43.87
CA PHE E 283 68.52 -21.91 -42.73
C PHE E 283 69.44 -23.12 -42.53
N ASN E 284 70.12 -23.54 -43.60
CA ASN E 284 71.06 -24.67 -43.56
C ASN E 284 72.50 -24.14 -43.52
N ILE E 285 72.91 -23.70 -42.33
CA ILE E 285 74.09 -22.83 -42.14
C ILE E 285 75.32 -23.38 -42.86
N LEU E 286 75.74 -24.60 -42.50
CA LEU E 286 76.93 -25.18 -43.12
C LEU E 286 76.71 -25.44 -44.61
N VAL E 287 75.52 -25.96 -44.96
CA VAL E 287 75.16 -26.16 -46.36
C VAL E 287 75.13 -24.82 -47.08
N LEU E 288 74.64 -23.77 -46.39
CA LEU E 288 74.63 -22.43 -46.96
C LEU E 288 76.04 -21.95 -47.30
N ASN E 289 76.99 -22.14 -46.38
CA ASN E 289 78.37 -21.74 -46.65
C ASN E 289 78.94 -22.51 -47.83
N GLU E 290 78.69 -23.83 -47.86
CA GLU E 290 79.22 -24.66 -48.95
C GLU E 290 78.65 -24.22 -50.29
N VAL E 291 77.33 -24.06 -50.38
CA VAL E 291 76.71 -23.70 -51.66
C VAL E 291 77.09 -22.29 -52.07
N HIS E 292 77.26 -21.37 -51.11
CA HIS E 292 77.70 -20.02 -51.44
C HIS E 292 79.08 -20.05 -52.06
N GLU E 293 80.00 -20.82 -51.45
CA GLU E 293 81.35 -20.95 -52.02
C GLU E 293 81.29 -21.54 -53.41
N PHE E 294 80.47 -22.58 -53.60
CA PHE E 294 80.38 -23.24 -54.91
C PHE E 294 79.86 -22.27 -55.97
N VAL E 295 78.77 -21.54 -55.67
CA VAL E 295 78.19 -20.68 -56.70
C VAL E 295 79.12 -19.51 -57.00
N VAL E 296 79.80 -18.95 -55.99
CA VAL E 296 80.75 -17.87 -56.24
C VAL E 296 81.90 -18.36 -57.13
N LYS E 297 82.42 -19.55 -56.83
CA LYS E 297 83.48 -20.12 -57.67
C LYS E 297 82.99 -20.33 -59.09
N ALA E 298 81.74 -20.80 -59.24
CA ALA E 298 81.15 -21.00 -60.55
C ALA E 298 81.07 -19.69 -61.34
N VAL E 299 80.70 -18.60 -60.66
CA VAL E 299 80.64 -17.31 -61.34
C VAL E 299 82.02 -16.85 -61.76
N GLN E 300 83.03 -16.97 -60.88
CA GLN E 300 84.36 -16.56 -61.34
C GLN E 300 84.98 -17.52 -62.34
N GLN E 301 84.44 -18.72 -62.52
CA GLN E 301 85.03 -19.64 -63.49
C GLN E 301 84.29 -19.68 -64.82
N TYR E 302 83.06 -19.17 -64.88
CA TYR E 302 82.28 -19.15 -66.13
C TYR E 302 81.38 -17.92 -66.14
N PRO E 303 81.93 -16.74 -66.38
CA PRO E 303 81.11 -15.52 -66.41
C PRO E 303 80.62 -15.12 -67.80
N GLU E 304 80.87 -15.92 -68.84
CA GLU E 304 80.56 -15.54 -70.22
C GLU E 304 79.21 -16.06 -70.70
N ASN E 305 78.44 -16.73 -69.84
CA ASN E 305 77.17 -17.32 -70.23
C ASN E 305 76.05 -16.80 -69.33
N ALA E 306 74.87 -16.64 -69.92
CA ALA E 306 73.71 -16.14 -69.20
C ALA E 306 72.99 -17.23 -68.41
N ALA E 307 73.34 -18.50 -68.65
CA ALA E 307 72.74 -19.61 -67.91
C ALA E 307 73.08 -19.52 -66.43
N LEU E 308 74.34 -19.24 -66.11
CA LEU E 308 74.74 -19.10 -64.71
C LEU E 308 74.30 -17.79 -64.11
N GLN E 309 74.64 -16.66 -64.75
CA GLN E 309 74.61 -15.35 -64.09
C GLN E 309 73.25 -15.00 -63.48
N ILE E 310 72.16 -15.28 -64.18
CA ILE E 310 70.82 -14.99 -63.66
C ILE E 310 70.57 -15.74 -62.35
N SER E 311 70.60 -17.07 -62.42
CA SER E 311 70.30 -17.90 -61.26
C SER E 311 71.31 -17.69 -60.14
N ALA E 312 72.61 -17.65 -60.50
CA ALA E 312 73.66 -17.47 -59.52
C ALA E 312 73.50 -16.16 -58.77
N LEU E 313 73.25 -15.06 -59.49
CA LEU E 313 73.18 -13.77 -58.84
C LEU E 313 71.91 -13.61 -58.03
N SER E 314 70.78 -14.18 -58.49
CA SER E 314 69.55 -14.10 -57.70
C SER E 314 69.68 -14.90 -56.41
N CYS E 315 70.11 -16.17 -56.51
CA CYS E 315 70.34 -16.99 -55.32
C CYS E 315 71.41 -16.37 -54.44
N LEU E 316 72.43 -15.76 -55.06
CA LEU E 316 73.49 -15.08 -54.33
C LEU E 316 72.96 -13.93 -53.51
N ALA E 317 72.05 -13.13 -54.09
CA ALA E 317 71.46 -12.02 -53.34
C ALA E 317 70.61 -12.52 -52.18
N LEU E 318 69.73 -13.49 -52.44
CA LEU E 318 68.89 -14.01 -51.36
C LEU E 318 69.73 -14.61 -50.25
N LEU E 319 70.73 -15.41 -50.62
CA LEU E 319 71.53 -16.08 -49.60
C LEU E 319 72.47 -15.13 -48.87
N THR E 320 72.93 -14.05 -49.51
CA THR E 320 73.74 -13.08 -48.78
C THR E 320 72.88 -12.28 -47.80
N GLU E 321 71.64 -11.98 -48.19
CA GLU E 321 70.70 -11.42 -47.22
C GLU E 321 70.50 -12.36 -46.05
N THR E 322 70.53 -13.66 -46.32
CA THR E 322 70.39 -14.65 -45.25
C THR E 322 71.61 -14.71 -44.32
N ILE E 323 72.82 -14.77 -44.88
CA ILE E 323 73.96 -15.19 -44.05
C ILE E 323 74.65 -14.02 -43.36
N PHE E 324 74.55 -12.81 -43.92
CA PHE E 324 75.37 -11.69 -43.46
C PHE E 324 75.15 -11.35 -41.99
N LEU E 325 74.02 -11.73 -41.41
CA LEU E 325 73.78 -11.57 -39.99
C LEU E 325 74.73 -12.44 -39.16
N GLU E 344 88.33 -9.46 -49.24
CA GLU E 344 88.04 -10.88 -49.08
C GLU E 344 86.95 -11.33 -50.05
N ASP E 345 85.82 -11.76 -49.49
CA ASP E 345 84.68 -12.17 -50.31
C ASP E 345 84.14 -11.01 -51.14
N LYS E 346 84.06 -9.83 -50.52
CA LYS E 346 83.41 -8.67 -51.15
C LYS E 346 84.10 -8.28 -52.46
N LEU E 347 85.43 -8.31 -52.50
CA LEU E 347 86.16 -7.89 -53.69
C LEU E 347 85.80 -8.76 -54.89
N PHE E 348 85.86 -10.08 -54.72
CA PHE E 348 85.51 -10.99 -55.81
C PHE E 348 84.03 -10.92 -56.14
N TRP E 349 83.18 -10.70 -55.13
CA TRP E 349 81.74 -10.58 -55.35
C TRP E 349 81.43 -9.39 -56.26
N LEU E 350 81.95 -8.20 -55.94
CA LEU E 350 81.73 -7.05 -56.80
C LEU E 350 82.46 -7.18 -58.14
N GLU E 351 83.59 -7.89 -58.19
CA GLU E 351 84.22 -8.16 -59.47
C GLU E 351 83.29 -8.94 -60.38
N ALA E 352 82.68 -10.00 -59.83
CA ALA E 352 81.73 -10.80 -60.59
C ALA E 352 80.54 -9.95 -61.02
N CYS E 353 80.02 -9.11 -60.11
CA CYS E 353 78.88 -8.28 -60.44
C CYS E 353 79.21 -7.28 -61.54
N TYR E 354 80.38 -6.65 -61.47
CA TYR E 354 80.78 -5.69 -62.49
C TYR E 354 80.94 -6.38 -63.84
N LYS E 355 81.56 -7.57 -63.87
CA LYS E 355 81.64 -8.32 -65.12
C LYS E 355 80.27 -8.68 -65.65
N ALA E 356 79.34 -9.04 -64.76
CA ALA E 356 77.98 -9.38 -65.19
C ALA E 356 77.30 -8.18 -65.83
N LEU E 357 77.40 -7.01 -65.20
CA LEU E 357 76.81 -5.81 -65.77
C LEU E 357 77.44 -5.45 -67.12
N THR E 358 78.78 -5.56 -67.21
CA THR E 358 79.46 -5.09 -68.41
C THR E 358 79.24 -6.04 -69.59
N TRP E 359 79.36 -7.35 -69.37
CA TRP E 359 79.38 -8.30 -70.48
C TRP E 359 77.99 -8.69 -70.96
N HIS E 360 76.92 -8.28 -70.29
CA HIS E 360 75.56 -8.69 -70.64
C HIS E 360 74.63 -7.48 -70.66
N ARG E 361 75.05 -6.41 -71.32
CA ARG E 361 74.27 -5.17 -71.30
C ARG E 361 72.95 -5.29 -72.06
N LYS E 362 72.84 -6.26 -72.97
CA LYS E 362 71.63 -6.39 -73.78
C LYS E 362 70.59 -7.32 -73.17
N ASN E 363 70.92 -8.04 -72.10
CA ASN E 363 70.01 -8.98 -71.47
C ASN E 363 69.42 -8.35 -70.22
N LYS E 364 68.09 -8.19 -70.20
CA LYS E 364 67.42 -7.55 -69.08
C LYS E 364 67.60 -8.35 -67.79
N HIS E 365 67.43 -9.67 -67.86
CA HIS E 365 67.40 -10.49 -66.66
C HIS E 365 68.76 -10.53 -65.97
N VAL E 366 69.85 -10.63 -66.74
CA VAL E 366 71.18 -10.66 -66.16
C VAL E 366 71.46 -9.35 -65.43
N GLN E 367 71.12 -8.22 -66.05
CA GLN E 367 71.35 -6.92 -65.43
C GLN E 367 70.53 -6.76 -64.16
N GLU E 368 69.24 -7.16 -64.21
CA GLU E 368 68.40 -7.07 -63.03
C GLU E 368 68.95 -7.92 -61.89
N ALA E 369 69.32 -9.17 -62.18
CA ALA E 369 69.83 -10.05 -61.14
C ALA E 369 71.14 -9.52 -60.57
N ALA E 370 72.04 -9.06 -61.44
CA ALA E 370 73.36 -8.61 -60.98
C ALA E 370 73.26 -7.35 -60.12
N CYS E 371 72.47 -6.36 -60.57
CA CYS E 371 72.33 -5.16 -59.75
C CYS E 371 71.55 -5.44 -58.47
N TRP E 372 70.61 -6.41 -58.50
CA TRP E 372 69.96 -6.83 -57.27
C TRP E 372 70.97 -7.43 -56.29
N ALA E 373 71.88 -8.27 -56.80
CA ALA E 373 72.91 -8.85 -55.95
C ALA E 373 73.81 -7.78 -55.36
N LEU E 374 74.22 -6.81 -56.18
CA LEU E 374 75.03 -5.70 -55.72
C LEU E 374 74.31 -4.91 -54.63
N ASN E 375 73.02 -4.61 -54.87
CA ASN E 375 72.22 -3.86 -53.91
C ASN E 375 72.14 -4.59 -52.59
N ASN E 376 71.81 -5.88 -52.62
CA ASN E 376 71.58 -6.63 -51.39
C ASN E 376 72.88 -6.81 -50.61
N LEU E 377 73.99 -7.04 -51.32
CA LEU E 377 75.28 -7.13 -50.65
C LEU E 377 75.66 -5.81 -50.00
N LEU E 378 75.49 -4.70 -50.73
CA LEU E 378 75.85 -3.40 -50.16
C LEU E 378 74.92 -3.06 -49.01
N MET E 379 73.68 -3.56 -49.06
CA MET E 379 72.73 -3.31 -47.97
C MET E 379 73.20 -3.99 -46.70
N TYR E 380 73.71 -5.22 -46.83
CA TYR E 380 74.16 -5.95 -45.66
C TYR E 380 75.66 -5.78 -45.38
N GLN E 381 76.38 -5.07 -46.25
CA GLN E 381 77.81 -4.80 -46.05
C GLN E 381 78.05 -3.34 -46.38
N ASN E 382 78.19 -2.50 -45.35
CA ASN E 382 78.37 -1.06 -45.52
C ASN E 382 79.83 -0.63 -45.41
N SER E 383 80.75 -1.55 -45.14
CA SER E 383 82.15 -1.17 -44.92
C SER E 383 82.86 -0.80 -46.22
N LEU E 384 82.38 -1.28 -47.37
CA LEU E 384 83.04 -1.11 -48.65
C LEU E 384 82.39 -0.05 -49.53
N HIS E 385 81.65 0.90 -48.92
CA HIS E 385 81.06 1.98 -49.70
C HIS E 385 82.11 2.78 -50.47
N GLU E 386 83.33 2.88 -49.93
CA GLU E 386 84.42 3.54 -50.64
C GLU E 386 85.04 2.66 -51.73
N LYS E 387 84.71 1.37 -51.76
CA LYS E 387 85.26 0.45 -52.76
C LYS E 387 84.61 0.58 -54.13
N ILE E 388 83.66 1.49 -54.31
CA ILE E 388 83.02 1.72 -55.60
C ILE E 388 83.33 3.14 -56.03
N GLY E 389 83.78 3.31 -57.27
CA GLY E 389 84.05 4.63 -57.79
C GLY E 389 84.82 4.55 -59.08
N ASP E 390 84.96 5.72 -59.71
CA ASP E 390 85.72 5.84 -60.95
C ASP E 390 87.23 5.77 -60.74
N GLU E 391 87.71 6.00 -59.51
CA GLU E 391 89.13 5.94 -59.24
C GLU E 391 89.63 4.49 -59.32
N ASP E 392 90.92 4.35 -59.66
CA ASP E 392 91.50 3.03 -59.86
C ASP E 392 91.45 2.20 -58.59
N GLY E 393 91.26 0.89 -58.76
CA GLY E 393 91.07 -0.01 -57.64
C GLY E 393 89.64 -0.16 -57.19
N HIS E 394 88.72 0.63 -57.74
CA HIS E 394 87.30 0.55 -57.43
C HIS E 394 86.53 0.27 -58.72
N PHE E 395 85.55 -0.62 -58.62
CA PHE E 395 84.74 -0.97 -59.79
C PHE E 395 83.78 0.16 -60.14
N PRO E 396 83.80 0.68 -61.37
CA PRO E 396 82.88 1.77 -61.76
C PRO E 396 81.48 1.25 -62.05
N ALA E 397 80.81 0.75 -61.02
CA ALA E 397 79.51 0.12 -61.20
C ALA E 397 78.36 1.12 -61.29
N HIS E 398 78.56 2.35 -60.80
CA HIS E 398 77.47 3.34 -60.83
C HIS E 398 77.09 3.71 -62.25
N ARG E 399 78.08 3.96 -63.12
CA ARG E 399 77.79 4.27 -64.51
C ARG E 399 77.14 3.09 -65.21
N GLU E 400 77.58 1.87 -64.90
CA GLU E 400 76.97 0.69 -65.50
C GLU E 400 75.52 0.53 -65.07
N VAL E 401 75.23 0.80 -63.80
CA VAL E 401 73.85 0.72 -63.30
C VAL E 401 72.97 1.74 -64.00
N MET E 402 73.46 2.98 -64.10
CA MET E 402 72.72 4.02 -64.83
C MET E 402 72.48 3.62 -66.28
N LEU E 403 73.52 3.10 -66.94
CA LEU E 403 73.41 2.72 -68.34
C LEU E 403 72.41 1.59 -68.53
N SER E 404 72.44 0.60 -67.63
CA SER E 404 71.47 -0.49 -67.69
C SER E 404 70.05 0.03 -67.52
N MET E 405 69.85 0.93 -66.54
CA MET E 405 68.53 1.50 -66.32
C MET E 405 68.04 2.24 -67.56
N LEU E 406 68.94 2.98 -68.24
CA LEU E 406 68.53 3.78 -69.39
C LEU E 406 68.29 2.96 -70.65
N MET E 407 69.12 1.94 -70.93
CA MET E 407 68.87 1.10 -72.10
C MET E 407 67.55 0.35 -71.97
N HIS E 408 67.22 -0.12 -70.77
CA HIS E 408 66.07 -0.99 -70.56
C HIS E 408 64.99 -0.27 -69.75
N SER E 409 64.75 0.99 -70.09
CA SER E 409 63.71 1.78 -69.44
C SER E 409 62.32 1.20 -69.65
N SER E 410 62.10 0.43 -70.73
CA SER E 410 60.81 -0.17 -70.98
C SER E 410 60.46 -1.27 -69.97
N SER E 411 61.44 -1.77 -69.22
CA SER E 411 61.21 -2.84 -68.25
C SER E 411 61.20 -2.25 -66.86
N LYS E 412 60.14 -2.52 -66.10
CA LYS E 412 60.02 -1.98 -64.76
C LYS E 412 60.93 -2.70 -63.76
N GLU E 413 61.17 -3.99 -63.96
CA GLU E 413 61.95 -4.77 -62.97
C GLU E 413 63.39 -4.28 -62.88
N VAL E 414 64.03 -4.05 -64.03
CA VAL E 414 65.40 -3.55 -64.02
C VAL E 414 65.45 -2.15 -63.43
N PHE E 415 64.42 -1.34 -63.67
CA PHE E 415 64.34 -0.02 -63.07
C PHE E 415 64.29 -0.13 -61.54
N GLN E 416 63.40 -0.97 -61.02
CA GLN E 416 63.28 -1.14 -59.58
C GLN E 416 64.62 -1.58 -58.98
N ALA E 417 65.23 -2.60 -59.56
CA ALA E 417 66.46 -3.16 -59.00
C ALA E 417 67.62 -2.15 -59.06
N SER E 418 67.80 -1.50 -60.22
CA SER E 418 68.89 -0.55 -60.37
C SER E 418 68.70 0.68 -59.49
N ALA E 419 67.46 1.19 -59.42
CA ALA E 419 67.19 2.36 -58.59
C ALA E 419 67.43 2.04 -57.12
N ASN E 420 66.98 0.86 -56.66
CA ASN E 420 67.25 0.45 -55.29
C ASN E 420 68.75 0.32 -55.04
N ALA E 421 69.48 -0.23 -56.02
CA ALA E 421 70.92 -0.43 -55.86
C ALA E 421 71.64 0.91 -55.69
N LEU E 422 71.38 1.85 -56.60
CA LEU E 422 72.09 3.11 -56.49
C LEU E 422 71.53 3.99 -55.36
N SER E 423 70.30 3.74 -54.90
CA SER E 423 69.82 4.44 -53.71
C SER E 423 70.55 3.96 -52.47
N THR E 424 70.76 2.64 -52.34
CA THR E 424 71.58 2.11 -51.26
C THR E 424 73.01 2.65 -51.36
N LEU E 425 73.56 2.71 -52.57
CA LEU E 425 74.91 3.24 -52.76
C LEU E 425 74.99 4.71 -52.33
N LEU E 426 73.98 5.52 -52.71
CA LEU E 426 73.97 6.93 -52.33
C LEU E 426 73.83 7.10 -50.83
N GLU E 427 72.99 6.28 -50.19
CA GLU E 427 72.89 6.34 -48.74
C GLU E 427 74.19 5.91 -48.06
N GLN E 428 74.94 5.02 -48.70
CA GLN E 428 76.19 4.54 -48.10
C GLN E 428 77.23 5.64 -48.03
N ASN E 429 77.48 6.32 -49.15
CA ASN E 429 78.45 7.42 -49.20
C ASN E 429 77.85 8.62 -49.91
N VAL E 430 78.06 9.81 -49.35
CA VAL E 430 77.44 11.02 -49.88
C VAL E 430 78.26 11.66 -50.99
N ASN E 431 79.49 11.18 -51.24
CA ASN E 431 80.30 11.72 -52.32
C ASN E 431 79.69 11.46 -53.68
N PHE E 432 78.94 10.35 -53.82
CA PHE E 432 78.29 10.05 -55.08
C PHE E 432 77.17 11.04 -55.40
N ARG E 433 76.50 11.57 -54.38
CA ARG E 433 75.55 12.64 -54.59
C ARG E 433 76.27 13.88 -55.12
N LYS E 434 75.54 14.67 -55.92
CA LYS E 434 76.00 15.83 -56.68
C LYS E 434 76.91 15.44 -57.85
N ILE E 435 77.25 14.17 -57.99
CA ILE E 435 77.88 13.65 -59.20
C ILE E 435 76.84 13.07 -60.15
N LEU E 436 75.88 12.32 -59.61
CA LEU E 436 74.74 11.88 -60.39
C LEU E 436 73.93 13.08 -60.89
N LEU E 437 73.80 14.12 -60.05
CA LEU E 437 73.16 15.35 -60.50
C LEU E 437 73.89 15.97 -61.67
N SER E 438 75.22 16.02 -61.60
CA SER E 438 76.03 16.50 -62.72
C SER E 438 75.89 15.60 -63.94
N LYS E 439 75.55 14.33 -63.75
CA LYS E 439 75.26 13.44 -64.87
C LYS E 439 73.85 13.62 -65.41
N GLY E 440 73.00 14.36 -64.71
CA GLY E 440 71.65 14.62 -65.19
C GLY E 440 70.75 13.41 -65.12
N ILE E 441 70.47 12.93 -63.91
CA ILE E 441 69.65 11.74 -63.73
C ILE E 441 68.32 12.05 -63.04
N HIS E 442 68.22 13.16 -62.29
CA HIS E 442 67.01 13.45 -61.53
C HIS E 442 65.80 13.68 -62.44
N LEU E 443 65.90 14.66 -63.35
CA LEU E 443 64.84 14.84 -64.34
C LEU E 443 64.73 13.64 -65.26
N ASN E 444 65.84 12.91 -65.45
CA ASN E 444 65.82 11.72 -66.29
C ASN E 444 65.00 10.61 -65.64
N VAL E 445 65.26 10.33 -64.37
CA VAL E 445 64.45 9.32 -63.67
C VAL E 445 63.01 9.82 -63.51
N LEU E 446 62.81 11.13 -63.42
CA LEU E 446 61.46 11.68 -63.39
C LEU E 446 60.72 11.33 -64.69
N GLU E 447 61.42 11.47 -65.82
CA GLU E 447 60.84 11.08 -67.11
C GLU E 447 60.52 9.58 -67.13
N LEU E 448 61.43 8.76 -66.57
CA LEU E 448 61.18 7.32 -66.55
C LEU E 448 59.96 6.97 -65.70
N MET E 449 59.78 7.62 -64.53
CA MET E 449 58.54 7.41 -63.77
C MET E 449 57.33 7.91 -64.53
N GLN E 450 57.49 8.99 -65.32
CA GLN E 450 56.38 9.44 -66.15
C GLN E 450 55.98 8.37 -67.17
N LYS E 451 56.97 7.69 -67.76
CA LYS E 451 56.66 6.58 -68.66
C LYS E 451 55.99 5.42 -67.94
N HIS E 452 56.48 5.08 -66.74
CA HIS E 452 55.97 3.95 -65.95
C HIS E 452 55.15 4.51 -64.80
N ILE E 453 53.86 4.73 -65.05
CA ILE E 453 52.96 5.24 -64.02
C ILE E 453 51.88 4.23 -63.62
N HIS E 454 51.61 3.21 -64.44
CA HIS E 454 50.58 2.23 -64.09
C HIS E 454 50.98 1.32 -62.93
N SER E 455 52.24 1.32 -62.52
CA SER E 455 52.70 0.48 -61.43
C SER E 455 53.08 1.32 -60.21
N PRO E 456 52.81 0.84 -58.99
CA PRO E 456 53.21 1.60 -57.80
C PRO E 456 54.63 1.33 -57.36
N GLU E 457 55.16 0.15 -57.70
CA GLU E 457 56.52 -0.21 -57.28
C GLU E 457 57.56 0.68 -57.96
N VAL E 458 57.37 0.96 -59.26
CA VAL E 458 58.31 1.80 -59.98
C VAL E 458 58.30 3.22 -59.43
N ALA E 459 57.11 3.75 -59.13
CA ALA E 459 57.01 5.09 -58.54
C ALA E 459 57.65 5.14 -57.17
N GLU E 460 57.43 4.08 -56.36
CA GLU E 460 58.03 4.03 -55.04
C GLU E 460 59.55 4.01 -55.11
N SER E 461 60.10 3.20 -56.01
CA SER E 461 61.55 3.13 -56.16
C SER E 461 62.12 4.46 -56.65
N GLY E 462 61.43 5.11 -57.59
CA GLY E 462 61.90 6.41 -58.05
C GLY E 462 61.86 7.47 -56.97
N CYS E 463 60.79 7.49 -56.18
CA CYS E 463 60.70 8.44 -55.07
C CYS E 463 61.79 8.18 -54.03
N LYS E 464 62.09 6.90 -53.76
CA LYS E 464 63.20 6.58 -52.87
C LYS E 464 64.52 7.11 -53.43
N MET E 465 64.72 6.96 -54.75
CA MET E 465 65.92 7.49 -55.38
C MET E 465 66.01 9.00 -55.23
N LEU E 466 64.91 9.71 -55.47
CA LEU E 466 64.91 11.17 -55.29
C LEU E 466 65.22 11.55 -53.84
N ASN E 467 64.60 10.84 -52.89
CA ASN E 467 64.82 11.12 -51.47
C ASN E 467 66.30 10.95 -51.12
N HIS E 468 66.91 9.86 -51.56
CA HIS E 468 68.31 9.62 -51.23
C HIS E 468 69.27 10.42 -52.10
N LEU E 469 68.78 11.02 -53.19
CA LEU E 469 69.63 11.79 -54.09
C LEU E 469 69.71 13.26 -53.70
N PHE E 470 68.59 13.86 -53.30
CA PHE E 470 68.55 15.27 -52.97
C PHE E 470 68.76 15.54 -51.48
N GLU E 471 69.05 14.51 -50.69
CA GLU E 471 69.28 14.70 -49.27
C GLU E 471 70.56 15.49 -49.03
N GLY E 472 70.50 16.47 -48.14
CA GLY E 472 71.66 17.26 -47.78
C GLY E 472 72.18 18.18 -48.87
N SER E 473 71.31 18.66 -49.75
CA SER E 473 71.73 19.56 -50.80
C SER E 473 70.61 20.57 -51.08
N ASN E 474 71.00 21.71 -51.64
CA ASN E 474 70.07 22.78 -51.98
C ASN E 474 70.09 23.00 -53.49
N THR E 475 68.91 23.06 -54.09
CA THR E 475 68.75 23.21 -55.54
C THR E 475 68.27 24.62 -55.88
N SER E 476 68.06 24.84 -57.18
CA SER E 476 67.58 26.11 -57.69
C SER E 476 66.07 26.06 -57.91
N LEU E 477 65.49 27.23 -58.20
CA LEU E 477 64.06 27.32 -58.45
C LEU E 477 63.66 26.57 -59.72
N ASP E 478 64.54 26.53 -60.72
CA ASP E 478 64.24 25.78 -61.93
C ASP E 478 64.11 24.29 -61.62
N ILE E 479 65.01 23.76 -60.79
CA ILE E 479 64.94 22.37 -60.37
C ILE E 479 63.65 22.12 -59.61
N MET E 480 63.24 23.08 -58.77
CA MET E 480 61.97 22.95 -58.04
C MET E 480 60.80 22.85 -58.99
N ALA E 481 60.73 23.77 -59.96
CA ALA E 481 59.62 23.77 -60.92
C ALA E 481 59.63 22.52 -61.79
N ALA E 482 60.80 21.93 -62.01
CA ALA E 482 60.90 20.73 -62.83
C ALA E 482 60.65 19.44 -62.06
N VAL E 483 60.83 19.46 -60.74
CA VAL E 483 60.76 18.26 -59.92
C VAL E 483 59.44 18.13 -59.18
N VAL E 484 59.03 19.20 -58.48
CA VAL E 484 57.86 19.11 -57.59
C VAL E 484 56.58 18.69 -58.30
N PRO E 485 56.22 19.24 -59.47
CA PRO E 485 54.98 18.77 -60.13
C PRO E 485 54.97 17.29 -60.45
N LYS E 486 56.12 16.72 -60.86
CA LYS E 486 56.16 15.30 -61.18
C LYS E 486 55.90 14.44 -59.96
N ILE E 487 56.52 14.79 -58.83
CA ILE E 487 56.29 14.04 -57.59
C ILE E 487 54.86 14.22 -57.12
N LEU E 488 54.30 15.43 -57.28
CA LEU E 488 52.90 15.65 -56.93
C LEU E 488 51.96 14.79 -57.76
N THR E 489 52.21 14.70 -59.07
CA THR E 489 51.38 13.86 -59.93
C THR E 489 51.52 12.38 -59.56
N VAL E 490 52.75 11.95 -59.26
CA VAL E 490 52.97 10.54 -58.89
C VAL E 490 52.24 10.21 -57.60
N MET E 491 52.28 11.13 -56.63
CA MET E 491 51.56 10.90 -55.37
C MET E 491 50.05 10.92 -55.58
N LYS E 492 49.57 11.82 -56.44
CA LYS E 492 48.13 11.92 -56.68
C LYS E 492 47.59 10.66 -57.36
N ARG E 493 48.29 10.17 -58.39
CA ARG E 493 47.83 8.99 -59.11
C ARG E 493 47.89 7.73 -58.24
N HIS E 494 48.76 7.70 -57.25
CA HIS E 494 48.93 6.56 -56.35
C HIS E 494 48.56 7.03 -54.94
N GLU E 495 47.27 7.00 -54.62
CA GLU E 495 46.79 7.52 -53.36
C GLU E 495 46.63 6.47 -52.27
N THR E 496 46.58 5.18 -52.63
CA THR E 496 46.36 4.13 -51.64
C THR E 496 47.65 3.49 -51.14
N SER E 497 48.73 3.58 -51.92
CA SER E 497 49.98 2.91 -51.58
C SER E 497 50.69 3.66 -50.46
N LEU E 498 50.85 3.02 -49.30
CA LEU E 498 51.59 3.63 -48.21
C LEU E 498 53.05 3.93 -48.53
N PRO E 499 53.86 2.98 -49.08
CA PRO E 499 55.27 3.34 -49.36
C PRO E 499 55.45 4.50 -50.33
N VAL E 500 54.62 4.56 -51.38
CA VAL E 500 54.76 5.63 -52.36
C VAL E 500 54.46 6.99 -51.73
N GLN E 501 53.38 7.05 -50.95
CA GLN E 501 53.04 8.30 -50.27
C GLN E 501 54.13 8.71 -49.29
N LEU E 502 54.64 7.75 -48.52
CA LEU E 502 55.69 8.07 -47.54
C LEU E 502 56.94 8.59 -48.23
N GLU E 503 57.38 7.90 -49.30
CA GLU E 503 58.59 8.32 -50.00
C GLU E 503 58.41 9.67 -50.66
N ALA E 504 57.24 9.91 -51.28
CA ALA E 504 56.99 11.19 -51.92
C ALA E 504 56.96 12.32 -50.91
N LEU E 505 56.32 12.09 -49.76
CA LEU E 505 56.28 13.11 -48.71
C LEU E 505 57.69 13.40 -48.18
N ARG E 506 58.50 12.36 -47.98
CA ARG E 506 59.86 12.56 -47.53
C ARG E 506 60.67 13.36 -48.54
N ALA E 507 60.52 13.04 -49.83
CA ALA E 507 61.24 13.77 -50.87
C ALA E 507 60.82 15.23 -50.92
N ILE E 508 59.50 15.47 -50.88
CA ILE E 508 59.00 16.84 -50.92
C ILE E 508 59.49 17.63 -49.71
N LEU E 509 59.49 17.00 -48.52
CA LEU E 509 59.99 17.68 -47.33
C LEU E 509 61.48 18.02 -47.47
N HIS E 510 62.28 17.05 -47.92
CA HIS E 510 63.71 17.28 -48.06
C HIS E 510 64.05 18.27 -49.17
N PHE E 511 63.13 18.51 -50.10
CA PHE E 511 63.43 19.31 -51.27
C PHE E 511 62.72 20.66 -51.30
N ILE E 512 61.73 20.88 -50.44
CA ILE E 512 60.93 22.11 -50.56
C ILE E 512 61.63 23.30 -49.90
N VAL E 513 62.44 23.06 -48.86
CA VAL E 513 63.15 24.12 -48.16
C VAL E 513 64.27 23.54 -47.31
N GLU E 525 64.13 40.12 -58.07
CA GLU E 525 64.39 39.13 -59.12
C GLU E 525 64.20 37.71 -58.59
N PHE E 526 65.04 37.34 -57.62
CA PHE E 526 64.94 36.00 -57.03
C PHE E 526 63.63 35.82 -56.28
N HIS E 527 63.20 36.84 -55.54
CA HIS E 527 61.97 36.75 -54.76
C HIS E 527 60.75 36.56 -55.66
N HIS E 528 60.67 37.32 -56.75
CA HIS E 528 59.53 37.18 -57.66
C HIS E 528 59.49 35.79 -58.30
N LYS E 529 60.66 35.28 -58.71
CA LYS E 529 60.71 33.94 -59.29
C LYS E 529 60.31 32.88 -58.28
N LEU E 530 60.78 33.01 -57.05
CA LEU E 530 60.40 32.01 -56.06
C LEU E 530 58.93 32.11 -55.71
N ASN E 531 58.37 33.34 -55.73
CA ASN E 531 56.95 33.50 -55.48
C ASN E 531 56.14 32.82 -56.57
N MET E 532 56.62 32.92 -57.81
CA MET E 532 55.96 32.25 -58.92
C MET E 532 56.02 30.73 -58.75
N VAL E 533 57.17 30.22 -58.30
CA VAL E 533 57.30 28.78 -58.07
C VAL E 533 56.35 28.31 -56.96
N LYS E 534 56.27 29.08 -55.86
CA LYS E 534 55.35 28.72 -54.78
C LYS E 534 53.90 28.74 -55.25
N LYS E 535 53.53 29.75 -56.05
CA LYS E 535 52.16 29.84 -56.56
C LYS E 535 51.86 28.66 -57.49
N GLN E 536 52.82 28.27 -58.33
CA GLN E 536 52.63 27.12 -59.21
C GLN E 536 52.47 25.84 -58.40
N CYS E 537 53.29 25.68 -57.35
CA CYS E 537 53.18 24.51 -56.49
C CYS E 537 51.83 24.45 -55.79
N PHE E 538 51.36 25.60 -55.30
CA PHE E 538 50.04 25.68 -54.67
C PHE E 538 48.93 25.34 -55.66
N LYS E 539 49.04 25.81 -56.90
CA LYS E 539 48.04 25.51 -57.91
C LYS E 539 48.05 24.04 -58.31
N ASN E 540 49.14 23.32 -58.04
CA ASN E 540 49.23 21.88 -58.30
C ASN E 540 48.50 21.03 -57.25
N ASP E 541 47.71 21.67 -56.37
CA ASP E 541 46.92 20.97 -55.35
C ASP E 541 47.79 20.16 -54.40
N ILE E 542 48.91 20.76 -53.97
CA ILE E 542 49.79 20.08 -53.01
C ILE E 542 49.11 19.91 -51.66
N HIS E 543 48.40 20.95 -51.19
CA HIS E 543 47.78 20.90 -49.88
C HIS E 543 46.73 19.80 -49.79
N LYS E 544 45.88 19.69 -50.80
CA LYS E 544 44.85 18.66 -50.80
C LYS E 544 45.47 17.27 -50.76
N LEU E 545 46.50 17.05 -51.58
CA LEU E 545 47.15 15.75 -51.65
C LEU E 545 47.79 15.38 -50.32
N VAL E 546 48.52 16.32 -49.71
CA VAL E 546 49.23 16.00 -48.47
C VAL E 546 48.23 15.78 -47.32
N LEU E 547 47.18 16.61 -47.25
CA LEU E 547 46.16 16.42 -46.22
C LEU E 547 45.44 15.09 -46.39
N ALA E 548 45.10 14.73 -47.62
CA ALA E 548 44.46 13.43 -47.85
C ALA E 548 45.38 12.29 -47.46
N ALA E 549 46.67 12.41 -47.78
CA ALA E 549 47.63 11.36 -47.46
C ALA E 549 47.77 11.18 -45.95
N LEU E 550 47.86 12.28 -45.20
CA LEU E 550 48.07 12.16 -43.76
C LEU E 550 46.77 11.98 -42.99
N ASN E 551 45.61 12.16 -43.62
CA ASN E 551 44.33 11.98 -42.94
C ASN E 551 43.75 10.59 -43.18
N ARG E 552 43.79 10.13 -44.44
CA ARG E 552 43.26 8.81 -44.76
C ARG E 552 44.06 7.70 -44.10
N PHE E 553 45.35 7.93 -43.88
CA PHE E 553 46.26 6.92 -43.34
C PHE E 553 46.67 7.36 -41.93
N ILE E 554 45.91 6.90 -40.94
CA ILE E 554 46.17 7.31 -39.56
C ILE E 554 47.25 6.49 -38.89
N GLY E 555 47.63 5.35 -39.45
CA GLY E 555 48.74 4.56 -38.95
C GLY E 555 50.06 5.03 -39.54
N ASN E 556 51.11 4.23 -39.27
CA ASN E 556 52.47 4.48 -39.75
C ASN E 556 52.94 5.87 -39.38
N PRO E 557 53.28 6.12 -38.10
CA PRO E 557 53.58 7.49 -37.64
C PRO E 557 54.62 8.27 -38.44
N GLY E 558 55.48 7.57 -39.20
CA GLY E 558 56.46 8.27 -40.01
C GLY E 558 55.83 9.19 -41.05
N ILE E 559 54.76 8.71 -41.71
CA ILE E 559 54.06 9.56 -42.67
C ILE E 559 53.40 10.72 -41.95
N GLN E 560 52.98 10.53 -40.69
CA GLN E 560 52.42 11.63 -39.91
C GLN E 560 53.48 12.70 -39.65
N LYS E 561 54.69 12.29 -39.25
CA LYS E 561 55.76 13.26 -39.04
C LYS E 561 56.08 14.00 -40.34
N CYS E 562 56.15 13.27 -41.44
CA CYS E 562 56.44 13.90 -42.73
C CYS E 562 55.34 14.89 -43.11
N GLY E 563 54.07 14.51 -42.90
CA GLY E 563 52.98 15.39 -43.25
C GLY E 563 52.93 16.65 -42.41
N LEU E 564 53.17 16.52 -41.10
CA LEU E 564 53.21 17.70 -40.25
C LEU E 564 54.37 18.61 -40.65
N LYS E 565 55.53 18.04 -40.97
CA LYS E 565 56.66 18.86 -41.42
C LYS E 565 56.33 19.59 -42.72
N VAL E 566 55.71 18.87 -43.66
CA VAL E 566 55.36 19.48 -44.95
C VAL E 566 54.36 20.60 -44.77
N ILE E 567 53.34 20.38 -43.92
CA ILE E 567 52.36 21.45 -43.65
C ILE E 567 53.03 22.64 -43.00
N SER E 568 53.96 22.39 -42.05
CA SER E 568 54.66 23.48 -41.39
C SER E 568 55.44 24.31 -42.41
N SER E 569 56.08 23.65 -43.37
CA SER E 569 56.72 24.39 -44.45
C SER E 569 55.70 25.08 -45.36
N ILE E 570 54.49 24.52 -45.49
CA ILE E 570 53.47 25.10 -46.37
C ILE E 570 52.93 26.41 -45.80
N VAL E 571 52.68 26.47 -44.48
CA VAL E 571 51.89 27.54 -43.89
C VAL E 571 52.48 28.92 -44.17
N HIS E 572 53.80 29.05 -44.08
CA HIS E 572 54.40 30.37 -44.29
C HIS E 572 54.49 30.78 -45.76
N PHE E 573 53.81 30.07 -46.67
CA PHE E 573 53.72 30.52 -48.05
C PHE E 573 52.76 31.71 -48.15
N PRO E 574 52.87 32.51 -49.22
CA PRO E 574 52.03 33.73 -49.30
C PRO E 574 50.52 33.47 -49.27
N ASP E 575 50.05 32.39 -49.88
CA ASP E 575 48.63 32.14 -50.04
C ASP E 575 48.14 30.91 -49.28
N ALA E 576 48.94 30.40 -48.35
CA ALA E 576 48.65 29.09 -47.75
C ALA E 576 47.37 29.11 -46.92
N LEU E 577 47.12 30.20 -46.20
CA LEU E 577 46.14 30.21 -45.12
C LEU E 577 44.73 29.91 -45.62
N GLU E 578 44.32 30.55 -46.72
CA GLU E 578 42.93 30.43 -47.16
C GLU E 578 42.60 29.02 -47.64
N MET E 579 43.43 28.45 -48.52
CA MET E 579 43.18 27.08 -48.98
C MET E 579 43.33 26.09 -47.83
N LEU E 580 44.30 26.29 -46.93
CA LEU E 580 44.45 25.39 -45.81
C LEU E 580 43.21 25.38 -44.92
N SER E 581 42.63 26.57 -44.68
CA SER E 581 41.41 26.65 -43.90
C SER E 581 40.23 26.01 -44.63
N LEU E 582 40.13 26.23 -45.95
CA LEU E 582 39.01 25.66 -46.69
C LEU E 582 39.07 24.13 -46.72
N GLU E 583 40.27 23.56 -46.87
CA GLU E 583 40.39 22.10 -46.88
C GLU E 583 40.07 21.47 -45.53
N GLY E 584 40.14 22.24 -44.45
CA GLY E 584 39.85 21.69 -43.14
C GLY E 584 41.04 20.97 -42.53
N ALA E 585 42.24 21.53 -42.67
CA ALA E 585 43.44 20.90 -42.15
C ALA E 585 43.43 20.86 -40.63
N MET E 586 42.73 21.81 -40.00
CA MET E 586 42.77 21.95 -38.54
C MET E 586 42.23 20.70 -37.85
N ASP E 587 41.12 20.15 -38.36
CA ASP E 587 40.57 18.93 -37.79
C ASP E 587 41.55 17.77 -37.93
N SER E 588 42.25 17.69 -39.08
CA SER E 588 43.25 16.65 -39.27
C SER E 588 44.39 16.78 -38.26
N VAL E 589 44.86 18.00 -38.01
CA VAL E 589 45.93 18.21 -37.04
C VAL E 589 45.46 17.81 -35.65
N LEU E 590 44.23 18.21 -35.28
CA LEU E 590 43.72 17.87 -33.95
C LEU E 590 43.58 16.37 -33.78
N HIS E 591 43.07 15.68 -34.81
CA HIS E 591 42.95 14.23 -34.75
C HIS E 591 44.31 13.57 -34.64
N THR E 592 45.30 14.07 -35.39
CA THR E 592 46.65 13.53 -35.31
C THR E 592 47.21 13.67 -33.90
N LEU E 593 46.99 14.83 -33.27
CA LEU E 593 47.44 15.02 -31.90
C LEU E 593 46.71 14.08 -30.94
N GLN E 594 45.42 13.83 -31.18
CA GLN E 594 44.68 12.91 -30.32
C GLN E 594 45.22 11.49 -30.41
N MET E 595 45.46 10.99 -31.62
CA MET E 595 45.89 9.60 -31.75
C MET E 595 47.35 9.37 -31.37
N TYR E 596 48.14 10.42 -31.21
CA TYR E 596 49.56 10.29 -30.86
C TYR E 596 49.88 11.18 -29.66
N PRO E 597 49.46 10.76 -28.46
CA PRO E 597 49.74 11.59 -27.27
C PRO E 597 51.18 11.46 -26.79
N ASP E 598 51.75 10.27 -26.92
CA ASP E 598 53.04 9.99 -26.31
C ASP E 598 54.24 10.39 -27.15
N ASP E 599 54.08 10.49 -28.47
CA ASP E 599 55.22 10.85 -29.32
C ASP E 599 55.57 12.33 -29.12
N GLN E 600 56.85 12.63 -29.21
CA GLN E 600 57.36 13.98 -28.93
C GLN E 600 57.34 14.88 -30.17
N GLU E 601 57.83 14.37 -31.30
CA GLU E 601 57.94 15.20 -32.50
C GLU E 601 56.57 15.59 -33.04
N ILE E 602 55.61 14.65 -33.03
CA ILE E 602 54.25 14.97 -33.45
C ILE E 602 53.65 16.05 -32.58
N GLN E 603 53.83 15.93 -31.26
CA GLN E 603 53.26 16.92 -30.35
C GLN E 603 53.90 18.29 -30.58
N CYS E 604 55.22 18.34 -30.72
CA CYS E 604 55.90 19.61 -30.94
C CYS E 604 55.44 20.28 -32.24
N LEU E 605 55.42 19.50 -33.33
CA LEU E 605 55.03 20.05 -34.63
C LEU E 605 53.58 20.51 -34.61
N GLY E 606 52.69 19.70 -34.03
CA GLY E 606 51.29 20.07 -33.97
C GLY E 606 51.02 21.30 -33.12
N LEU E 607 51.70 21.41 -31.98
CA LEU E 607 51.50 22.58 -31.13
C LEU E 607 52.06 23.84 -31.78
N SER E 608 53.17 23.73 -32.51
CA SER E 608 53.66 24.88 -33.27
C SER E 608 52.70 25.23 -34.41
N LEU E 609 52.08 24.22 -35.01
CA LEU E 609 51.23 24.45 -36.17
C LEU E 609 49.88 25.08 -35.79
N ILE E 610 49.28 24.62 -34.69
CA ILE E 610 47.92 24.99 -34.33
C ILE E 610 47.77 26.50 -34.24
N GLY E 611 48.72 27.16 -33.58
CA GLY E 611 48.70 28.61 -33.55
C GLY E 611 48.90 29.23 -34.92
N TYR E 612 49.55 28.52 -35.83
CA TYR E 612 49.80 29.07 -37.16
C TYR E 612 48.54 29.06 -38.02
N LEU E 613 47.74 27.99 -37.98
CA LEU E 613 46.56 27.93 -38.84
C LEU E 613 45.26 28.24 -38.11
N ILE E 614 45.32 28.76 -36.89
CA ILE E 614 44.11 29.10 -36.16
C ILE E 614 43.44 30.31 -36.78
N THR E 615 42.11 30.27 -36.88
CA THR E 615 41.31 31.36 -37.41
C THR E 615 40.14 31.65 -36.47
N LYS E 616 39.45 32.76 -36.74
CA LYS E 616 38.26 33.12 -35.97
C LYS E 616 37.12 32.12 -36.15
N LYS E 617 37.05 31.46 -37.31
CA LYS E 617 36.02 30.46 -37.54
C LYS E 617 36.19 29.26 -36.62
N ASN E 618 37.44 28.85 -36.38
CA ASN E 618 37.73 27.69 -35.56
C ASN E 618 37.38 27.90 -34.08
N VAL E 619 37.22 29.14 -33.63
CA VAL E 619 36.89 29.41 -32.23
C VAL E 619 35.64 30.30 -32.28
N PHE E 620 34.80 30.06 -33.29
CA PHE E 620 33.63 30.91 -33.51
C PHE E 620 32.60 30.77 -32.40
N ILE E 621 32.04 31.91 -31.98
CA ILE E 621 31.05 32.06 -30.91
C ILE E 621 31.54 31.42 -29.61
N GLY E 622 32.84 31.51 -29.35
CA GLY E 622 33.34 31.01 -28.08
C GLY E 622 33.54 29.52 -27.98
N THR E 623 33.29 28.76 -29.05
CA THR E 623 33.42 27.31 -28.98
C THR E 623 34.83 26.91 -29.38
N GLY E 624 35.54 26.29 -28.46
CA GLY E 624 36.85 25.73 -28.71
C GLY E 624 37.25 24.84 -27.56
N HIS E 625 36.53 23.75 -27.35
CA HIS E 625 36.82 22.92 -26.19
C HIS E 625 37.85 21.85 -26.50
N LEU E 626 37.79 21.26 -27.70
CA LEU E 626 38.78 20.25 -28.06
C LEU E 626 40.16 20.88 -28.11
N LEU E 627 40.23 22.13 -28.56
CA LEU E 627 41.49 22.88 -28.60
C LEU E 627 42.11 22.99 -27.21
N ALA E 628 41.33 23.46 -26.24
CA ALA E 628 41.82 23.62 -24.87
C ALA E 628 42.19 22.27 -24.27
N LYS E 629 41.35 21.26 -24.48
CA LYS E 629 41.61 19.93 -23.95
C LYS E 629 42.95 19.41 -24.46
N ILE E 630 43.17 19.47 -25.77
CA ILE E 630 44.40 18.94 -26.35
C ILE E 630 45.60 19.76 -25.91
N LEU E 631 45.49 21.09 -25.90
CA LEU E 631 46.61 21.94 -25.50
C LEU E 631 47.02 21.66 -24.05
N VAL E 632 46.05 21.62 -23.13
CA VAL E 632 46.37 21.38 -21.73
C VAL E 632 46.93 19.98 -21.53
N SER E 633 46.34 18.97 -22.20
CA SER E 633 46.84 17.61 -22.06
C SER E 633 48.27 17.50 -22.56
N SER E 634 48.55 18.08 -23.72
CA SER E 634 49.90 18.02 -24.28
C SER E 634 50.90 18.72 -23.39
N LEU E 635 50.53 19.91 -22.87
CA LEU E 635 51.46 20.65 -22.02
C LEU E 635 51.70 19.94 -20.69
N TYR E 636 50.66 19.30 -20.14
CA TYR E 636 50.82 18.61 -18.86
C TYR E 636 51.63 17.33 -19.00
N ARG E 637 51.40 16.55 -20.07
CA ARG E 637 52.11 15.28 -20.23
C ARG E 637 53.61 15.52 -20.41
N PHE E 638 53.98 16.57 -21.15
CA PHE E 638 55.38 16.93 -21.36
C PHE E 638 55.59 18.28 -20.68
N LYS E 639 55.87 18.25 -19.38
CA LYS E 639 56.05 19.47 -18.62
C LYS E 639 57.50 19.96 -18.60
N ASP E 640 58.47 19.05 -18.71
CA ASP E 640 59.87 19.42 -18.61
C ASP E 640 60.50 19.80 -19.94
N VAL E 641 59.91 19.39 -21.06
CA VAL E 641 60.46 19.68 -22.38
C VAL E 641 60.25 21.16 -22.66
N ALA E 642 61.35 21.92 -22.74
CA ALA E 642 61.24 23.37 -22.91
C ALA E 642 60.61 23.75 -24.25
N GLU E 643 61.00 23.05 -25.32
CA GLU E 643 60.49 23.40 -26.65
C GLU E 643 58.99 23.19 -26.76
N ILE E 644 58.49 22.07 -26.24
CA ILE E 644 57.06 21.78 -26.31
C ILE E 644 56.26 22.84 -25.56
N GLN E 645 56.72 23.19 -24.36
CA GLN E 645 56.03 24.20 -23.56
C GLN E 645 56.07 25.57 -24.24
N THR E 646 57.22 25.92 -24.82
CA THR E 646 57.33 27.21 -25.52
C THR E 646 56.35 27.28 -26.68
N LYS E 647 56.31 26.23 -27.51
CA LYS E 647 55.39 26.22 -28.64
C LYS E 647 53.94 26.26 -28.18
N GLY E 648 53.62 25.47 -27.14
CA GLY E 648 52.25 25.45 -26.64
C GLY E 648 51.80 26.79 -26.09
N PHE E 649 52.68 27.47 -25.35
CA PHE E 649 52.30 28.77 -24.78
C PHE E 649 52.21 29.84 -25.86
N GLN E 650 53.08 29.77 -26.89
CA GLN E 650 52.93 30.70 -28.01
C GLN E 650 51.60 30.47 -28.73
N THR E 651 51.23 29.21 -28.94
CA THR E 651 49.95 28.89 -29.55
C THR E 651 48.79 29.39 -28.71
N ILE E 652 48.87 29.21 -27.39
CA ILE E 652 47.79 29.64 -26.49
C ILE E 652 47.66 31.15 -26.52
N LEU E 653 48.79 31.88 -26.50
CA LEU E 653 48.74 33.33 -26.60
C LEU E 653 48.13 33.77 -27.93
N ALA E 654 48.49 33.09 -29.03
CA ALA E 654 47.91 33.41 -30.32
C ALA E 654 46.39 33.21 -30.32
N ILE E 655 45.93 32.12 -29.70
CA ILE E 655 44.49 31.86 -29.62
C ILE E 655 43.79 32.93 -28.78
N LEU E 656 44.38 33.27 -27.61
CA LEU E 656 43.81 34.31 -26.75
C LEU E 656 43.77 35.66 -27.44
N LYS E 657 44.68 35.91 -28.38
CA LYS E 657 44.64 37.16 -29.14
C LYS E 657 43.35 37.29 -29.93
N LEU E 658 42.75 36.17 -30.33
CA LEU E 658 41.54 36.19 -31.14
C LEU E 658 40.30 36.38 -30.26
N SER E 659 40.05 35.44 -29.35
CA SER E 659 38.89 35.49 -28.46
C SER E 659 39.33 35.34 -27.02
N ALA E 660 38.90 36.27 -26.17
CA ALA E 660 39.25 36.25 -24.76
C ALA E 660 38.45 35.22 -23.98
N SER E 661 37.31 34.78 -24.51
CA SER E 661 36.48 33.78 -23.82
C SER E 661 37.20 32.44 -23.67
N PHE E 662 38.12 32.13 -24.58
CA PHE E 662 38.85 30.86 -24.54
C PHE E 662 39.52 30.62 -23.20
N SER E 663 40.00 31.70 -22.55
CA SER E 663 40.64 31.57 -21.24
C SER E 663 39.75 30.82 -20.26
N LYS E 664 38.44 31.11 -20.26
CA LYS E 664 37.50 30.42 -19.39
C LYS E 664 37.60 28.91 -19.60
N LEU E 665 37.58 28.49 -20.87
CA LEU E 665 37.68 27.07 -21.20
C LEU E 665 38.98 26.48 -20.68
N LEU E 666 40.09 27.22 -20.85
CA LEU E 666 41.37 26.77 -20.33
C LEU E 666 41.32 26.56 -18.82
N VAL E 667 40.71 27.51 -18.10
CA VAL E 667 40.57 27.39 -16.65
C VAL E 667 39.74 26.17 -16.30
N HIS E 668 38.71 25.89 -17.11
CA HIS E 668 37.85 24.75 -16.86
C HIS E 668 38.60 23.43 -17.00
N HIS E 669 39.42 23.30 -18.05
CA HIS E 669 40.13 22.06 -18.30
C HIS E 669 41.54 22.07 -17.70
N SER E 670 41.63 22.47 -16.43
CA SER E 670 42.82 22.29 -15.57
C SER E 670 44.11 22.82 -16.20
N PHE E 671 44.04 24.00 -16.84
CA PHE E 671 45.26 24.69 -17.25
C PHE E 671 46.06 25.20 -16.06
N ASP E 672 45.44 25.23 -14.88
CA ASP E 672 46.10 25.71 -13.68
C ASP E 672 47.35 24.90 -13.37
N LEU E 673 47.28 23.57 -13.52
CA LEU E 673 48.43 22.72 -13.19
C LEU E 673 49.63 23.10 -14.03
N VAL E 674 49.43 23.23 -15.35
CA VAL E 674 50.51 23.57 -16.26
C VAL E 674 51.06 24.96 -15.94
N ILE E 675 50.16 25.94 -15.76
CA ILE E 675 50.61 27.31 -15.50
C ILE E 675 51.46 27.36 -14.23
N PHE E 676 50.97 26.72 -13.17
CA PHE E 676 51.63 26.84 -11.87
C PHE E 676 52.97 26.12 -11.88
N HIS E 677 52.99 24.90 -12.42
CA HIS E 677 54.24 24.15 -12.48
C HIS E 677 55.27 24.86 -13.34
N GLN E 678 54.85 25.45 -14.48
CA GLN E 678 55.80 26.16 -15.33
C GLN E 678 56.36 27.39 -14.62
N MET E 679 55.49 28.16 -13.94
CA MET E 679 55.97 29.38 -13.29
C MET E 679 56.87 29.05 -12.11
N SER E 680 56.65 27.93 -11.43
CA SER E 680 57.56 27.51 -10.38
C SER E 680 58.88 27.03 -10.96
N SER E 681 58.82 26.16 -11.98
CA SER E 681 60.02 25.51 -12.51
C SER E 681 60.95 26.51 -13.19
N ASN E 682 60.39 27.46 -13.95
CA ASN E 682 61.23 28.42 -14.67
C ASN E 682 62.10 29.22 -13.72
N ILE E 683 61.54 29.64 -12.58
CA ILE E 683 62.33 30.33 -11.57
C ILE E 683 63.30 29.38 -10.90
N MET E 684 62.84 28.16 -10.56
CA MET E 684 63.73 27.20 -9.91
C MET E 684 64.85 26.74 -10.84
N GLU E 685 64.51 26.42 -12.09
CA GLU E 685 65.49 25.94 -13.05
C GLU E 685 66.05 27.14 -13.83
N GLN E 686 66.71 26.86 -14.95
CA GLN E 686 67.38 27.89 -15.74
C GLN E 686 66.43 29.03 -16.13
N LYS E 687 66.93 30.26 -16.00
CA LYS E 687 66.11 31.45 -16.21
C LYS E 687 66.08 31.80 -17.70
N ASP E 688 64.89 31.84 -18.27
CA ASP E 688 64.66 32.29 -19.64
C ASP E 688 63.70 33.47 -19.58
N GLN E 689 64.23 34.67 -19.83
CA GLN E 689 63.42 35.88 -19.73
C GLN E 689 62.27 35.88 -20.72
N GLN E 690 62.52 35.42 -21.96
CA GLN E 690 61.46 35.37 -22.97
C GLN E 690 60.37 34.39 -22.56
N PHE E 691 60.75 33.21 -22.06
CA PHE E 691 59.76 32.21 -21.67
C PHE E 691 58.95 32.67 -20.47
N LEU E 692 59.62 33.28 -19.49
CA LEU E 692 58.90 33.80 -18.32
C LEU E 692 57.96 34.93 -18.72
N ASN E 693 58.40 35.80 -19.64
CA ASN E 693 57.53 36.87 -20.13
C ASN E 693 56.32 36.29 -20.85
N LEU E 694 56.52 35.24 -21.66
CA LEU E 694 55.41 34.59 -22.33
C LEU E 694 54.42 34.01 -21.34
N CYS E 695 54.93 33.31 -20.32
CA CYS E 695 54.06 32.71 -19.30
C CYS E 695 53.30 33.78 -18.55
N CYS E 696 53.96 34.88 -18.20
CA CYS E 696 53.28 35.94 -17.46
C CYS E 696 52.23 36.65 -18.32
N LYS E 697 52.51 36.81 -19.61
CA LYS E 697 51.52 37.39 -20.52
C LYS E 697 50.29 36.49 -20.63
N CYS E 698 50.51 35.18 -20.79
CA CYS E 698 49.39 34.24 -20.83
C CYS E 698 48.58 34.27 -19.54
N PHE E 699 49.28 34.30 -18.40
CA PHE E 699 48.59 34.35 -17.11
C PHE E 699 47.80 35.63 -16.96
N ALA E 700 48.36 36.76 -17.41
CA ALA E 700 47.66 38.03 -17.33
C ALA E 700 46.39 38.03 -18.17
N LYS E 701 46.48 37.50 -19.40
CA LYS E 701 45.28 37.44 -20.24
C LYS E 701 44.27 36.44 -19.70
N VAL E 702 44.73 35.41 -18.98
CA VAL E 702 43.80 34.47 -18.36
C VAL E 702 43.07 35.13 -17.20
N ALA E 703 43.77 35.95 -16.41
CA ALA E 703 43.24 36.47 -15.16
C ALA E 703 42.51 37.81 -15.34
N MET E 704 41.94 38.06 -16.53
CA MET E 704 41.17 39.28 -16.72
C MET E 704 39.92 39.30 -15.85
N ASP E 705 39.19 38.19 -15.78
CA ASP E 705 37.93 38.16 -15.05
C ASP E 705 38.18 37.89 -13.57
N ASP E 706 37.34 38.50 -12.73
CA ASP E 706 37.46 38.31 -11.28
C ASP E 706 37.08 36.88 -10.89
N TYR E 707 36.05 36.32 -11.52
CA TYR E 707 35.65 34.94 -11.23
C TYR E 707 36.75 33.95 -11.57
N LEU E 708 37.44 34.16 -12.69
CA LEU E 708 38.57 33.30 -13.04
C LEU E 708 39.68 33.41 -12.01
N LYS E 709 39.96 34.63 -11.54
CA LYS E 709 40.96 34.82 -10.49
C LYS E 709 40.57 34.08 -9.23
N ASN E 710 39.29 34.14 -8.86
CA ASN E 710 38.81 33.42 -7.68
C ASN E 710 38.98 31.92 -7.84
N VAL E 711 38.66 31.39 -9.03
CA VAL E 711 38.79 29.96 -9.26
C VAL E 711 40.25 29.52 -9.16
N MET E 712 41.15 30.28 -9.78
CA MET E 712 42.58 29.95 -9.71
C MET E 712 43.08 30.04 -8.28
N LEU E 713 42.63 31.06 -7.52
CA LEU E 713 43.05 31.19 -6.13
C LEU E 713 42.60 30.00 -5.31
N GLU E 714 41.33 29.57 -5.48
CA GLU E 714 40.83 28.43 -4.73
C GLU E 714 41.59 27.16 -5.08
N ARG E 715 41.84 26.94 -6.37
CA ARG E 715 42.55 25.72 -6.79
C ARG E 715 44.01 25.74 -6.34
N ALA E 716 44.64 26.92 -6.33
CA ALA E 716 46.01 27.03 -5.82
C ALA E 716 46.07 26.87 -4.31
N CYS E 717 45.01 27.27 -3.60
CA CYS E 717 44.97 27.03 -2.16
C CYS E 717 44.70 25.58 -1.84
N ASP E 718 44.01 24.85 -2.73
CA ASP E 718 43.82 23.42 -2.54
C ASP E 718 45.15 22.68 -2.51
N GLN E 719 46.08 23.07 -3.38
CA GLN E 719 47.42 22.49 -3.39
C GLN E 719 48.37 23.28 -2.49
N ASN E 720 49.46 22.62 -2.09
CA ASN E 720 50.49 23.29 -1.30
C ASN E 720 51.38 24.09 -2.24
N ASN E 721 50.92 25.28 -2.58
CA ASN E 721 51.56 26.13 -3.60
C ASN E 721 51.69 27.56 -3.07
N SER E 722 52.23 27.69 -1.86
CA SER E 722 52.34 28.98 -1.19
C SER E 722 53.21 29.99 -1.95
N ILE E 723 54.05 29.53 -2.87
CA ILE E 723 54.91 30.42 -3.64
C ILE E 723 54.10 31.42 -4.46
N MET E 724 52.93 31.00 -4.95
CA MET E 724 52.16 31.77 -5.90
C MET E 724 50.90 32.39 -5.32
N VAL E 725 50.41 31.88 -4.18
CA VAL E 725 49.21 32.43 -3.57
C VAL E 725 49.44 33.88 -3.16
N GLU E 726 50.67 34.21 -2.75
CA GLU E 726 51.01 35.61 -2.50
C GLU E 726 50.82 36.46 -3.75
N CYS E 727 51.28 35.95 -4.91
CA CYS E 727 51.13 36.66 -6.17
C CYS E 727 49.66 36.84 -6.52
N LEU E 728 48.86 35.79 -6.35
CA LEU E 728 47.44 35.85 -6.68
C LEU E 728 46.73 36.85 -5.77
N LEU E 729 47.09 36.87 -4.49
CA LEU E 729 46.53 37.86 -3.57
C LEU E 729 46.92 39.26 -3.97
N LEU E 730 48.17 39.45 -4.42
CA LEU E 730 48.61 40.76 -4.89
C LEU E 730 47.79 41.21 -6.09
N LEU E 731 47.53 40.29 -7.03
CA LEU E 731 46.68 40.60 -8.18
C LEU E 731 45.27 40.96 -7.75
N GLY E 732 44.72 40.21 -6.79
CA GLY E 732 43.34 40.36 -6.38
C GLY E 732 42.89 39.13 -5.63
N ALA E 733 41.76 38.56 -6.02
CA ALA E 733 41.28 37.26 -5.53
C ALA E 733 41.10 37.26 -4.01
N ASP E 734 40.11 38.04 -3.58
CA ASP E 734 39.75 38.16 -2.18
C ASP E 734 39.59 36.81 -1.51
N ALA E 735 40.08 36.70 -0.27
CA ALA E 735 40.15 35.46 0.48
C ALA E 735 38.88 35.13 1.23
N ASN E 736 37.80 35.89 1.04
CA ASN E 736 36.53 35.59 1.69
C ASN E 736 35.46 35.13 0.69
N GLN E 737 35.81 34.19 -0.19
CA GLN E 737 34.91 33.66 -1.22
C GLN E 737 34.35 32.30 -0.80
N ALA E 738 33.29 32.35 0.02
CA ALA E 738 32.67 31.14 0.58
C ALA E 738 31.58 30.56 -0.31
N LYS E 739 31.88 29.51 -1.10
CA LYS E 739 30.85 28.83 -1.91
C LYS E 739 30.98 27.31 -1.71
N GLU E 740 30.56 26.84 -0.54
CA GLU E 740 30.54 25.45 -0.02
C GLU E 740 31.93 25.08 0.47
N GLY E 741 32.88 25.99 0.33
CA GLY E 741 34.25 25.81 0.74
C GLY E 741 34.36 26.45 2.10
N SER E 742 33.25 27.07 2.52
CA SER E 742 33.17 27.80 3.78
C SER E 742 34.34 28.76 3.87
N SER E 743 35.15 28.63 4.89
CA SER E 743 36.25 29.55 5.09
C SER E 743 37.53 28.98 4.49
N LEU E 744 38.15 29.76 3.60
CA LEU E 744 39.37 29.31 2.94
C LEU E 744 40.43 28.93 3.95
N ILE E 745 40.64 29.78 4.96
CA ILE E 745 41.59 29.48 6.02
C ILE E 745 41.25 28.13 6.65
N CYS E 746 39.97 27.90 6.94
CA CYS E 746 39.53 26.66 7.55
C CYS E 746 39.79 25.46 6.63
N GLN E 747 39.42 25.58 5.34
CA GLN E 747 39.56 24.44 4.44
C GLN E 747 41.03 24.15 4.15
N VAL E 748 41.87 25.18 4.06
CA VAL E 748 43.30 24.95 3.84
C VAL E 748 43.92 24.39 5.11
N CYS E 749 43.38 24.75 6.28
CA CYS E 749 43.85 24.18 7.53
C CYS E 749 43.50 22.70 7.63
N GLU E 750 42.36 22.30 7.07
CA GLU E 750 41.97 20.90 7.14
C GLU E 750 42.95 20.00 6.37
N LYS E 751 43.38 20.45 5.19
CA LYS E 751 44.21 19.60 4.33
C LYS E 751 45.70 19.82 4.58
N GLU E 752 46.11 19.78 5.85
CA GLU E 752 47.51 19.75 6.32
C GLU E 752 48.43 20.69 5.53
N SER E 753 48.05 21.97 5.49
CA SER E 753 48.76 22.95 4.69
C SER E 753 50.05 23.40 5.36
N SER E 754 50.88 24.11 4.58
CA SER E 754 52.10 24.74 5.05
C SER E 754 51.76 26.01 5.83
N PRO E 755 52.55 26.35 6.84
CA PRO E 755 52.30 27.60 7.59
C PRO E 755 52.36 28.87 6.75
N LYS E 756 53.25 28.95 5.76
CA LYS E 756 53.36 30.16 4.94
C LYS E 756 52.09 30.39 4.12
N LEU E 757 51.39 29.31 3.75
CA LEU E 757 50.12 29.47 3.05
C LEU E 757 49.05 30.03 3.96
N VAL E 758 49.01 29.59 5.22
CA VAL E 758 48.03 30.14 6.14
C VAL E 758 48.38 31.60 6.44
N GLU E 759 49.68 31.91 6.50
CA GLU E 759 50.13 33.25 6.81
C GLU E 759 49.69 34.25 5.74
N LEU E 760 49.77 33.84 4.47
CA LEU E 760 49.34 34.74 3.39
C LEU E 760 47.84 35.05 3.49
N LEU E 761 47.02 34.03 3.77
CA LEU E 761 45.59 34.26 3.93
C LEU E 761 45.29 35.15 5.13
N LEU E 762 45.98 34.92 6.25
CA LEU E 762 45.73 35.71 7.45
C LEU E 762 46.12 37.17 7.25
N ASN E 763 47.26 37.42 6.61
CA ASN E 763 47.70 38.80 6.41
C ASN E 763 46.73 39.57 5.52
N SER E 764 46.23 38.92 4.46
CA SER E 764 45.22 39.53 3.61
C SER E 764 43.86 39.51 4.33
N GLY E 765 42.85 40.05 3.65
CA GLY E 765 41.53 40.16 4.23
C GLY E 765 40.89 38.83 4.59
N SER E 766 40.56 38.66 5.88
CA SER E 766 39.90 37.45 6.36
C SER E 766 39.00 37.81 7.53
N ARG E 767 37.74 37.39 7.46
CA ARG E 767 36.77 37.70 8.50
C ARG E 767 37.12 36.98 9.80
N GLU E 768 36.81 37.63 10.93
CA GLU E 768 37.20 37.11 12.24
C GLU E 768 36.51 35.78 12.54
N GLN E 769 35.24 35.64 12.15
CA GLN E 769 34.50 34.40 12.43
C GLN E 769 35.15 33.22 11.74
N ASP E 770 35.56 33.40 10.49
CA ASP E 770 36.25 32.35 9.76
C ASP E 770 37.57 31.97 10.43
N VAL E 771 38.29 32.96 10.93
CA VAL E 771 39.56 32.69 11.60
C VAL E 771 39.31 31.89 12.88
N ARG E 772 38.25 32.21 13.62
CA ARG E 772 37.94 31.47 14.83
C ARG E 772 37.50 30.03 14.52
N LYS E 773 36.73 29.84 13.44
CA LYS E 773 36.38 28.49 13.02
C LYS E 773 37.63 27.70 12.63
N ALA E 774 38.57 28.34 11.94
CA ALA E 774 39.83 27.68 11.60
C ALA E 774 40.62 27.35 12.85
N LEU E 775 40.56 28.22 13.87
CA LEU E 775 41.22 27.94 15.14
C LEU E 775 40.63 26.70 15.80
N THR E 776 39.29 26.58 15.80
CA THR E 776 38.66 25.39 16.36
C THR E 776 39.07 24.14 15.59
N ILE E 777 39.10 24.22 14.26
CA ILE E 777 39.49 23.08 13.45
C ILE E 777 40.93 22.66 13.75
N SER E 778 41.84 23.64 13.83
CA SER E 778 43.24 23.34 14.10
C SER E 778 43.43 22.83 15.53
N ILE E 779 42.56 23.22 16.46
CA ILE E 779 42.54 22.58 17.77
C ILE E 779 42.16 21.11 17.63
N GLY E 780 41.18 20.83 16.77
CA GLY E 780 40.80 19.43 16.53
C GLY E 780 41.95 18.60 15.98
N LYS E 781 42.67 19.12 14.98
CA LYS E 781 43.86 18.47 14.44
C LYS E 781 45.08 19.23 14.94
N GLY E 782 45.52 18.90 16.15
CA GLY E 782 46.57 19.64 16.85
C GLY E 782 47.88 19.84 16.12
N ASP E 783 48.15 21.09 15.72
CA ASP E 783 49.40 21.46 15.07
C ASP E 783 49.88 22.76 15.68
N SER E 784 51.15 22.78 16.12
CA SER E 784 51.68 23.92 16.87
C SER E 784 51.74 25.18 16.01
N GLN E 785 52.32 25.07 14.81
CA GLN E 785 52.62 26.25 14.01
C GLN E 785 51.34 26.95 13.53
N ILE E 786 50.37 26.18 13.03
CA ILE E 786 49.14 26.77 12.52
C ILE E 786 48.36 27.42 13.66
N ILE E 787 48.30 26.76 14.83
CA ILE E 787 47.61 27.34 15.98
C ILE E 787 48.27 28.64 16.42
N SER E 788 49.60 28.65 16.48
CA SER E 788 50.32 29.87 16.85
C SER E 788 50.09 30.99 15.85
N LEU E 789 50.11 30.65 14.56
CA LEU E 789 49.90 31.66 13.52
C LEU E 789 48.48 32.22 13.55
N LEU E 790 47.50 31.39 13.91
CA LEU E 790 46.13 31.86 14.03
C LEU E 790 45.98 32.77 15.24
N LEU E 791 46.53 32.35 16.39
CA LEU E 791 46.46 33.18 17.60
C LEU E 791 47.25 34.48 17.44
N ARG E 792 48.23 34.52 16.53
CA ARG E 792 48.97 35.74 16.28
C ARG E 792 48.06 36.85 15.75
N ARG E 793 47.00 36.49 15.04
CA ARG E 793 46.03 37.46 14.57
C ARG E 793 44.83 37.58 15.49
N LEU E 794 44.31 36.46 16.00
CA LEU E 794 43.09 36.50 16.80
C LEU E 794 43.29 37.28 18.10
N ALA E 795 44.35 36.97 18.84
CA ALA E 795 44.57 37.59 20.14
C ALA E 795 46.05 37.92 20.31
N LEU E 796 46.44 39.13 19.88
CA LEU E 796 47.75 39.71 20.18
C LEU E 796 47.73 41.18 19.83
N ASP E 797 48.12 42.04 20.77
CA ASP E 797 48.18 43.48 20.58
C ASP E 797 49.60 43.93 20.86
N VAL E 798 50.45 43.88 19.82
CA VAL E 798 51.85 44.26 19.99
C VAL E 798 52.00 45.73 20.34
N ALA E 799 51.04 46.57 19.94
CA ALA E 799 51.08 47.99 20.28
C ALA E 799 51.02 48.21 21.78
N ASN E 800 50.15 47.47 22.47
CA ASN E 800 50.05 47.51 23.92
C ASN E 800 50.63 46.27 24.58
N ASN E 801 51.53 45.56 23.86
CA ASN E 801 52.24 44.34 24.27
C ASN E 801 51.37 43.44 25.15
N SER E 802 50.19 43.09 24.63
CA SER E 802 49.17 42.38 25.39
C SER E 802 48.59 41.23 24.59
N ILE E 803 48.33 40.12 25.28
CA ILE E 803 47.61 38.98 24.72
C ILE E 803 46.19 38.99 25.25
N CYS E 804 45.22 38.90 24.35
CA CYS E 804 43.80 38.97 24.69
C CYS E 804 43.10 37.64 24.42
N LEU E 805 43.74 36.53 24.81
CA LEU E 805 43.21 35.20 24.57
C LEU E 805 42.04 34.93 25.51
N GLY E 806 40.89 35.52 25.17
CA GLY E 806 39.74 35.50 26.04
C GLY E 806 38.73 34.42 25.70
N GLY E 807 37.63 34.81 25.04
CA GLY E 807 36.50 33.91 24.82
C GLY E 807 36.72 32.76 23.86
N PHE E 808 37.96 32.59 23.39
CA PHE E 808 38.27 31.56 22.39
C PHE E 808 38.34 30.22 23.10
N CYS E 809 37.19 29.54 23.22
CA CYS E 809 37.05 28.44 24.18
C CYS E 809 37.88 27.22 23.79
N ILE E 810 39.20 27.34 23.92
CA ILE E 810 40.11 26.21 23.73
C ILE E 810 40.17 25.38 25.00
N GLY E 811 40.03 24.06 24.85
CA GLY E 811 39.93 23.16 25.99
C GLY E 811 41.21 22.98 26.77
N LYS E 812 42.35 23.42 26.23
CA LYS E 812 43.62 23.23 26.90
C LYS E 812 44.60 24.29 26.41
N VAL E 813 45.69 24.45 27.16
CA VAL E 813 46.76 25.37 26.82
C VAL E 813 48.07 24.60 26.80
N GLU E 814 48.90 24.85 25.80
CA GLU E 814 50.20 24.21 25.67
C GLU E 814 51.29 25.25 25.42
N PRO E 815 52.52 24.99 25.89
CA PRO E 815 53.61 25.95 25.66
C PRO E 815 53.89 26.22 24.19
N SER E 816 53.76 25.20 23.34
CA SER E 816 54.08 25.37 21.92
C SER E 816 53.09 26.28 21.22
N TRP E 817 51.82 26.24 21.64
CA TRP E 817 50.78 27.02 20.96
C TRP E 817 51.02 28.51 21.06
N LEU E 818 51.36 29.00 22.25
CA LEU E 818 51.59 30.43 22.46
C LEU E 818 53.07 30.77 22.61
N GLY E 819 53.96 29.89 22.15
CA GLY E 819 55.38 30.15 22.16
C GLY E 819 55.80 31.30 21.27
N PRO E 820 55.57 31.20 19.96
CA PRO E 820 55.97 32.29 19.04
C PRO E 820 55.25 33.60 19.28
N LEU E 821 54.18 33.63 20.08
CA LEU E 821 53.47 34.88 20.33
C LEU E 821 54.34 35.90 21.05
N PHE E 822 55.34 35.45 21.81
CA PHE E 822 56.27 36.36 22.44
C PHE E 822 57.13 37.03 21.37
N PRO E 823 57.66 38.24 21.65
CA PRO E 823 58.28 39.02 20.56
C PRO E 823 59.47 38.34 19.90
N ASP E 824 60.48 37.93 20.69
CA ASP E 824 61.69 37.27 20.18
C ASP E 824 62.37 38.12 19.11
N LYS E 825 62.88 39.28 19.56
CA LYS E 825 63.55 40.21 18.66
C LYS E 825 64.80 39.63 18.01
N THR E 826 65.36 38.55 18.57
CA THR E 826 66.50 37.90 17.93
C THR E 826 66.13 37.40 16.53
N SER E 827 64.95 36.81 16.39
CA SER E 827 64.43 36.47 15.07
C SER E 827 64.03 37.73 14.34
N ASN E 828 64.43 37.85 13.08
CA ASN E 828 64.17 39.04 12.29
C ASN E 828 63.47 38.66 10.99
N LEU E 829 62.78 39.65 10.41
CA LEU E 829 62.05 39.44 9.17
C LEU E 829 63.01 39.07 8.04
N ARG E 830 62.60 38.11 7.22
CA ARG E 830 63.40 37.64 6.10
C ARG E 830 62.54 37.67 4.84
N LYS E 831 63.02 38.34 3.81
CA LYS E 831 62.30 38.51 2.55
C LYS E 831 63.12 37.85 1.45
N GLN E 832 62.89 36.54 1.26
CA GLN E 832 63.50 35.80 0.18
C GLN E 832 62.51 35.39 -0.90
N THR E 833 61.21 35.40 -0.60
CA THR E 833 60.19 35.04 -1.58
C THR E 833 59.79 36.21 -2.48
N ASN E 834 60.78 36.89 -3.06
CA ASN E 834 60.52 38.01 -3.96
C ASN E 834 59.97 37.58 -5.30
N ILE E 835 59.92 36.26 -5.55
CA ILE E 835 59.43 35.74 -6.82
C ILE E 835 57.97 36.15 -7.02
N ALA E 836 57.15 36.02 -5.98
CA ALA E 836 55.74 36.32 -6.11
C ALA E 836 55.54 37.79 -6.45
N SER E 837 56.30 38.67 -5.78
CA SER E 837 56.20 40.10 -6.03
C SER E 837 56.61 40.43 -7.46
N THR E 838 57.72 39.85 -7.93
CA THR E 838 58.16 40.13 -9.30
C THR E 838 57.14 39.63 -10.32
N LEU E 839 56.60 38.43 -10.11
CA LEU E 839 55.60 37.89 -11.02
C LEU E 839 54.35 38.75 -11.05
N ALA E 840 53.89 39.20 -9.87
CA ALA E 840 52.71 40.06 -9.81
C ALA E 840 52.96 41.39 -10.51
N ARG E 841 54.16 41.97 -10.32
CA ARG E 841 54.47 43.22 -10.98
C ARG E 841 54.49 43.04 -12.50
N MET E 842 55.08 41.95 -12.99
CA MET E 842 55.11 41.72 -14.44
C MET E 842 53.71 41.49 -15.00
N VAL E 843 52.87 40.74 -14.28
CA VAL E 843 51.50 40.49 -14.74
C VAL E 843 50.72 41.80 -14.78
N ILE E 844 50.86 42.63 -13.75
CA ILE E 844 50.17 43.92 -13.72
C ILE E 844 50.67 44.80 -14.85
N ARG E 845 51.97 44.77 -15.13
CA ARG E 845 52.54 45.55 -16.23
C ARG E 845 51.96 45.12 -17.57
N TYR E 846 51.84 43.82 -17.78
CA TYR E 846 51.26 43.34 -19.04
C TYR E 846 49.78 43.70 -19.14
N GLN E 847 49.05 43.60 -18.04
CA GLN E 847 47.63 43.98 -18.04
C GLN E 847 47.46 45.45 -18.39
N MET E 848 48.26 46.33 -17.77
CA MET E 848 48.11 47.75 -18.05
C MET E 848 48.60 48.09 -19.46
N LYS E 849 49.62 47.38 -19.95
CA LYS E 849 50.06 47.56 -21.33
C LYS E 849 48.95 47.22 -22.30
N SER E 850 48.27 46.09 -22.08
CA SER E 850 47.14 45.71 -22.91
C SER E 850 46.01 46.75 -22.81
N ALA E 851 45.76 47.25 -21.60
CA ALA E 851 44.68 48.22 -21.41
C ALA E 851 44.98 49.52 -22.15
N VAL E 852 46.21 50.00 -22.09
CA VAL E 852 46.53 51.29 -22.71
C VAL E 852 46.71 51.17 -24.21
N GLU E 853 47.21 50.02 -24.70
CA GLU E 853 47.42 49.86 -26.14
C GLU E 853 46.09 49.80 -26.89
N GLU E 854 45.09 49.12 -26.33
CA GLU E 854 43.79 49.03 -26.99
C GLU E 854 42.65 49.03 -25.97
N ARG E 981 63.76 45.56 24.29
CA ARG E 981 63.00 44.77 25.25
C ARG E 981 61.61 44.47 24.73
N GLU E 982 60.64 45.28 25.16
CA GLU E 982 59.25 45.22 24.69
C GLU E 982 58.66 43.82 24.88
N TYR E 983 58.84 43.28 26.08
CA TYR E 983 58.18 42.04 26.45
C TYR E 983 56.67 42.24 26.49
N ILE E 984 55.92 41.29 25.94
CA ILE E 984 54.47 41.38 25.97
C ILE E 984 53.98 40.89 27.34
N THR E 985 53.35 41.79 28.10
CA THR E 985 53.00 41.51 29.50
C THR E 985 51.54 41.85 29.75
N SER E 986 50.61 41.01 29.28
CA SER E 986 49.25 41.06 29.77
C SER E 986 48.51 39.73 29.65
N LEU E 987 49.24 38.60 29.74
CA LEU E 987 48.73 37.29 29.35
C LEU E 987 47.37 36.98 29.98
N ASP E 988 46.36 36.80 29.13
CA ASP E 988 44.98 36.64 29.55
C ASP E 988 44.45 35.31 29.04
N LEU E 989 43.90 34.49 29.95
CA LEU E 989 43.20 33.26 29.59
C LEU E 989 42.02 33.15 30.56
N SER E 990 40.87 33.69 30.17
CA SER E 990 39.74 33.83 31.08
C SER E 990 38.59 32.90 30.71
N ALA E 991 38.00 33.01 29.53
CA ALA E 991 36.84 32.20 29.24
C ALA E 991 37.19 30.79 28.81
N ASN E 992 38.49 30.48 28.75
CA ASN E 992 38.95 29.18 28.27
C ASN E 992 38.53 28.08 29.24
N GLU E 993 37.97 27.00 28.71
CA GLU E 993 37.67 25.83 29.54
C GLU E 993 39.00 25.16 29.88
N LEU E 994 39.53 25.46 31.06
CA LEU E 994 40.87 25.05 31.47
C LEU E 994 40.77 24.26 32.77
N ARG E 995 40.61 22.94 32.65
CA ARG E 995 40.61 22.10 33.85
C ARG E 995 41.99 21.99 34.50
N ASP E 996 43.06 22.38 33.80
CA ASP E 996 44.40 22.31 34.34
C ASP E 996 45.30 23.20 33.48
N ILE E 997 46.35 23.73 34.11
CA ILE E 997 47.35 24.54 33.41
C ILE E 997 48.73 23.97 33.64
N ASP E 998 48.80 22.65 33.88
CA ASP E 998 50.06 21.99 34.19
C ASP E 998 51.09 22.07 33.05
N ALA E 999 50.63 22.28 31.82
CA ALA E 999 51.55 22.33 30.68
C ALA E 999 52.54 23.48 30.81
N LEU E 1000 52.07 24.64 31.28
CA LEU E 1000 52.95 25.79 31.46
C LEU E 1000 53.98 25.57 32.57
N SER E 1001 53.75 24.62 33.47
CA SER E 1001 54.69 24.38 34.55
C SER E 1001 56.02 23.83 34.03
N GLN E 1002 55.96 22.92 33.06
CA GLN E 1002 57.17 22.33 32.50
C GLN E 1002 57.99 23.38 31.76
N LYS E 1003 59.31 23.25 31.84
CA LYS E 1003 60.20 24.22 31.20
C LYS E 1003 60.10 24.13 29.69
N CYS E 1004 60.04 25.30 29.06
CA CYS E 1004 59.93 25.41 27.60
C CYS E 1004 60.35 26.82 27.23
N CYS E 1005 60.07 27.21 25.97
CA CYS E 1005 60.34 28.57 25.53
C CYS E 1005 59.52 29.59 26.30
N ILE E 1006 58.39 29.17 26.88
CA ILE E 1006 57.58 30.07 27.69
C ILE E 1006 58.33 30.50 28.94
N SER E 1007 58.99 29.56 29.61
CA SER E 1007 59.74 29.87 30.82
C SER E 1007 60.88 30.86 30.56
N VAL E 1008 61.32 31.01 29.32
CA VAL E 1008 62.29 32.04 28.99
C VAL E 1008 61.68 33.43 29.19
N HIS E 1009 60.42 33.62 28.79
CA HIS E 1009 59.70 34.88 29.00
C HIS E 1009 58.46 34.60 29.82
N LEU E 1010 58.64 34.48 31.14
CA LEU E 1010 57.54 34.53 32.10
C LEU E 1010 57.90 35.31 33.34
N GLU E 1011 59.17 35.61 33.57
CA GLU E 1011 59.69 36.43 34.66
C GLU E 1011 59.36 37.91 34.50
N HIS E 1012 58.58 38.26 33.48
CA HIS E 1012 58.21 39.65 33.22
C HIS E 1012 56.71 39.81 33.00
N LEU E 1013 55.91 38.79 33.30
CA LEU E 1013 54.51 38.77 32.87
C LEU E 1013 53.69 39.93 33.43
N GLU E 1014 53.92 40.28 34.70
CA GLU E 1014 53.44 41.52 35.31
C GLU E 1014 51.92 41.61 35.46
N LYS E 1015 51.20 40.64 34.90
CA LYS E 1015 49.79 40.35 35.21
C LYS E 1015 49.34 39.10 34.48
N LEU E 1016 48.34 38.42 35.06
CA LEU E 1016 47.81 37.18 34.50
C LEU E 1016 46.35 37.07 34.91
N GLU E 1017 45.50 36.66 33.97
CA GLU E 1017 44.07 36.53 34.22
C GLU E 1017 43.65 35.09 33.97
N LEU E 1018 43.03 34.48 34.98
CA LEU E 1018 42.61 33.08 34.87
C LEU E 1018 41.22 32.87 35.47
N HIS E 1019 40.40 33.93 35.50
CA HIS E 1019 39.10 33.83 36.11
C HIS E 1019 38.10 33.20 35.14
N GLN E 1020 37.06 32.59 35.70
CA GLN E 1020 35.97 31.93 34.95
C GLN E 1020 36.50 30.72 34.17
N ASN E 1021 37.18 29.82 34.88
CA ASN E 1021 37.66 28.56 34.31
C ASN E 1021 37.33 27.44 35.30
N ALA E 1022 37.94 26.28 35.08
CA ALA E 1022 37.76 25.13 35.96
C ALA E 1022 39.09 24.67 36.56
N LEU E 1023 39.99 25.59 36.86
CA LEU E 1023 41.27 25.22 37.46
C LEU E 1023 41.09 24.67 38.86
N THR E 1024 42.12 23.96 39.34
CA THR E 1024 42.23 23.53 40.72
C THR E 1024 43.70 23.36 41.07
N SER E 1025 44.11 23.90 42.22
CA SER E 1025 45.44 23.71 42.79
C SER E 1025 46.55 24.18 41.82
N PHE E 1026 46.57 25.50 41.62
CA PHE E 1026 47.58 26.26 40.89
C PHE E 1026 48.98 25.71 41.17
N PRO E 1027 49.75 25.37 40.14
CA PRO E 1027 50.99 24.61 40.36
C PRO E 1027 52.06 25.40 41.10
N GLN E 1028 52.91 24.65 41.81
CA GLN E 1028 54.01 25.24 42.56
C GLN E 1028 55.10 25.78 41.66
N GLN E 1029 55.50 25.01 40.65
CA GLN E 1029 56.59 25.42 39.76
C GLN E 1029 56.25 26.70 39.00
N LEU E 1030 55.00 26.82 38.53
CA LEU E 1030 54.61 28.00 37.77
C LEU E 1030 54.67 29.25 38.65
N CYS E 1031 54.08 29.20 39.85
CA CYS E 1031 54.10 30.36 40.72
C CYS E 1031 55.49 30.65 41.26
N GLU E 1032 56.39 29.66 41.26
CA GLU E 1032 57.79 29.94 41.56
C GLU E 1032 58.55 30.46 40.35
N THR E 1033 58.01 30.32 39.14
CA THR E 1033 58.69 30.81 37.96
C THR E 1033 58.47 32.32 37.78
N LEU E 1034 57.21 32.75 37.82
CA LEU E 1034 56.87 34.16 37.61
C LEU E 1034 57.44 34.99 38.75
N LYS E 1035 58.41 35.85 38.43
CA LYS E 1035 59.09 36.67 39.42
C LYS E 1035 58.64 38.12 39.40
N SER E 1036 57.64 38.48 38.59
CA SER E 1036 57.15 39.85 38.55
C SER E 1036 55.63 39.93 38.44
N LEU E 1037 54.89 38.85 38.68
CA LEU E 1037 53.44 38.86 38.55
C LEU E 1037 52.83 39.76 39.61
N THR E 1038 52.38 40.96 39.21
CA THR E 1038 51.83 41.93 40.13
C THR E 1038 50.32 42.06 40.06
N HIS E 1039 49.63 41.26 39.24
CA HIS E 1039 48.17 41.31 39.16
C HIS E 1039 47.71 39.90 38.75
N LEU E 1040 47.32 39.10 39.73
CA LEU E 1040 46.85 37.74 39.48
C LEU E 1040 45.43 37.60 40.01
N ASP E 1041 44.46 37.55 39.11
CA ASP E 1041 43.08 37.29 39.48
C ASP E 1041 42.61 35.96 38.90
N LEU E 1042 42.00 35.13 39.74
CA LEU E 1042 41.49 33.83 39.30
C LEU E 1042 40.28 33.45 40.18
N HIS E 1043 39.09 33.76 39.68
CA HIS E 1043 37.85 33.42 40.37
C HIS E 1043 36.94 32.61 39.45
N SER E 1044 35.83 32.14 40.02
CA SER E 1044 34.87 31.28 39.34
C SER E 1044 35.47 29.96 38.87
N ASN E 1045 36.57 29.53 39.49
CA ASN E 1045 37.16 28.23 39.26
C ASN E 1045 36.66 27.25 40.32
N LYS E 1046 37.10 26.00 40.22
CA LYS E 1046 36.75 24.99 41.21
C LYS E 1046 37.91 24.74 42.18
N PHE E 1047 38.34 25.79 42.86
CA PHE E 1047 39.29 25.62 43.96
C PHE E 1047 38.58 25.04 45.18
N THR E 1048 39.35 24.35 46.02
CA THR E 1048 38.83 23.81 47.27
C THR E 1048 39.66 24.18 48.49
N SER E 1049 40.87 24.70 48.31
CA SER E 1049 41.70 25.13 49.43
C SER E 1049 42.69 26.16 48.92
N PHE E 1050 42.98 27.16 49.75
CA PHE E 1050 43.93 28.18 49.37
C PHE E 1050 45.33 27.57 49.29
N PRO E 1051 46.05 27.74 48.17
CA PRO E 1051 47.36 27.08 48.02
C PRO E 1051 48.37 27.45 49.10
N SER E 1052 48.37 28.70 49.55
CA SER E 1052 49.23 29.29 50.57
C SER E 1052 50.69 29.41 50.14
N TYR E 1053 51.04 28.92 48.95
CA TYR E 1053 52.35 29.16 48.35
C TYR E 1053 52.30 30.22 47.26
N LEU E 1054 51.11 30.74 46.95
CA LEU E 1054 50.99 31.88 46.03
C LEU E 1054 51.65 33.13 46.58
N LEU E 1055 51.80 33.23 47.89
CA LEU E 1055 52.43 34.37 48.54
C LEU E 1055 53.94 34.24 48.62
N LYS E 1056 54.52 33.16 48.09
CA LYS E 1056 55.97 33.03 48.03
C LYS E 1056 56.58 33.72 46.83
N MET E 1057 55.78 34.30 45.95
CA MET E 1057 56.29 34.98 44.78
C MET E 1057 57.01 36.27 45.18
N SER E 1058 57.86 36.75 44.27
CA SER E 1058 58.74 37.89 44.57
C SER E 1058 57.93 39.15 44.84
N CYS E 1059 57.20 39.64 43.84
CA CYS E 1059 56.43 40.87 43.97
C CYS E 1059 55.03 40.62 43.40
N ILE E 1060 54.07 40.35 44.28
CA ILE E 1060 52.69 40.11 43.90
C ILE E 1060 51.79 41.12 44.63
N ALA E 1061 50.86 41.71 43.90
CA ALA E 1061 49.83 42.56 44.46
C ALA E 1061 48.50 42.22 43.81
N ASN E 1062 47.42 42.68 44.43
CA ASN E 1062 46.06 42.54 43.90
C ASN E 1062 45.72 41.08 43.61
N LEU E 1063 46.09 40.19 44.54
CA LEU E 1063 45.63 38.81 44.45
C LEU E 1063 44.12 38.77 44.64
N ASP E 1064 43.44 38.03 43.77
CA ASP E 1064 41.98 38.02 43.74
C ASP E 1064 41.51 36.57 43.65
N VAL E 1065 40.91 36.07 44.73
CA VAL E 1065 40.31 34.74 44.77
C VAL E 1065 38.93 34.87 45.41
N SER E 1066 37.90 35.02 44.57
CA SER E 1066 36.65 35.62 45.04
C SER E 1066 35.38 34.93 44.60
N ARG E 1067 35.44 33.82 43.86
CA ARG E 1067 34.24 33.04 43.61
C ARG E 1067 34.47 31.54 43.75
N ASN E 1068 35.66 31.12 44.16
CA ASN E 1068 35.96 29.70 44.28
C ASN E 1068 35.26 29.10 45.49
N ASP E 1069 35.38 27.79 45.65
CA ASP E 1069 34.84 27.12 46.83
C ASP E 1069 35.96 26.87 47.85
N ILE E 1070 36.55 27.97 48.33
CA ILE E 1070 37.63 27.89 49.30
C ILE E 1070 37.03 27.46 50.64
N GLY E 1071 37.28 26.22 51.04
CA GLY E 1071 36.74 25.66 52.26
C GLY E 1071 37.22 26.37 53.51
N PRO E 1072 36.57 26.08 54.64
CA PRO E 1072 36.92 26.73 55.90
C PRO E 1072 38.34 26.37 56.34
N SER E 1073 38.79 27.04 57.41
CA SER E 1073 40.13 26.87 57.99
C SER E 1073 41.19 27.18 56.93
N VAL E 1074 41.22 28.46 56.56
CA VAL E 1074 42.01 28.95 55.44
C VAL E 1074 43.34 29.51 55.95
N VAL E 1075 43.76 28.98 57.11
CA VAL E 1075 45.00 29.36 57.82
C VAL E 1075 46.17 29.53 56.86
N LEU E 1076 46.88 30.64 56.99
CA LEU E 1076 48.07 30.88 56.17
C LEU E 1076 49.31 30.37 56.89
N ASP E 1077 50.31 30.01 56.11
CA ASP E 1077 51.56 29.49 56.66
C ASP E 1077 52.28 30.61 57.39
N PRO E 1078 52.58 30.47 58.67
CA PRO E 1078 53.29 31.54 59.39
C PRO E 1078 54.77 31.63 59.08
N THR E 1079 55.30 30.78 58.21
CA THR E 1079 56.72 30.80 57.87
C THR E 1079 57.03 31.58 56.59
N VAL E 1080 56.03 32.22 55.98
CA VAL E 1080 56.21 32.94 54.73
C VAL E 1080 55.87 34.40 54.94
N LYS E 1081 56.69 35.28 54.37
CA LYS E 1081 56.49 36.73 54.41
C LYS E 1081 56.18 37.23 53.01
N CYS E 1082 55.06 37.93 52.87
CA CYS E 1082 54.65 38.52 51.58
C CYS E 1082 54.25 39.97 51.78
N PRO E 1083 55.23 40.86 52.05
CA PRO E 1083 54.90 42.28 52.25
C PRO E 1083 54.45 43.01 51.00
N THR E 1084 54.58 42.40 49.81
CA THR E 1084 54.20 43.11 48.59
C THR E 1084 52.69 43.16 48.40
N LEU E 1085 51.95 42.20 48.96
CA LEU E 1085 50.52 42.11 48.75
C LEU E 1085 49.80 43.36 49.24
N LYS E 1086 48.90 43.88 48.41
CA LYS E 1086 48.15 45.09 48.71
C LYS E 1086 46.66 44.84 48.80
N GLN E 1087 46.08 44.07 47.88
CA GLN E 1087 44.66 43.76 47.89
C GLN E 1087 44.50 42.24 47.94
N PHE E 1088 43.68 41.78 48.88
CA PHE E 1088 43.49 40.35 49.14
C PHE E 1088 42.00 40.07 49.14
N ASN E 1089 41.47 39.68 47.97
CA ASN E 1089 40.05 39.39 47.83
C ASN E 1089 39.81 37.92 48.14
N LEU E 1090 39.04 37.66 49.20
CA LEU E 1090 38.67 36.30 49.60
C LEU E 1090 37.16 36.15 49.68
N SER E 1091 36.42 36.97 48.96
CA SER E 1091 34.97 37.06 49.12
C SER E 1091 34.26 35.84 48.55
N TYR E 1092 33.06 35.58 49.08
CA TYR E 1092 32.06 34.68 48.52
C TYR E 1092 32.45 33.21 48.51
N ASN E 1093 33.53 32.80 49.18
CA ASN E 1093 33.93 31.42 48.93
C ASN E 1093 33.18 30.39 49.78
N GLN E 1094 33.65 30.18 51.01
CA GLN E 1094 32.93 29.36 51.99
C GLN E 1094 33.28 29.73 53.42
N LEU E 1095 34.12 30.75 53.65
CA LEU E 1095 34.87 30.88 54.88
C LEU E 1095 33.97 30.94 56.11
N SER E 1096 34.36 30.18 57.15
CA SER E 1096 33.68 30.25 58.44
C SER E 1096 34.42 31.08 59.47
N PHE E 1097 35.74 31.23 59.33
CA PHE E 1097 36.52 32.12 60.16
C PHE E 1097 37.45 32.95 59.29
N VAL E 1098 37.82 34.12 59.78
CA VAL E 1098 38.77 35.00 59.11
C VAL E 1098 40.10 34.26 59.07
N PRO E 1099 40.89 34.41 58.00
CA PRO E 1099 42.22 33.79 57.96
C PRO E 1099 43.07 34.15 59.18
N GLU E 1100 43.72 33.15 59.76
CA GLU E 1100 44.29 33.30 61.10
C GLU E 1100 45.56 34.14 61.08
N ASN E 1101 46.44 33.95 60.09
CA ASN E 1101 47.80 34.47 60.14
C ASN E 1101 47.98 35.70 59.26
N LEU E 1102 46.97 36.57 59.18
CA LEU E 1102 47.07 37.74 58.32
C LEU E 1102 48.16 38.70 58.78
N THR E 1103 48.28 38.91 60.09
CA THR E 1103 49.20 39.89 60.61
C THR E 1103 50.66 39.49 60.48
N ASP E 1104 50.95 38.22 60.20
CA ASP E 1104 52.32 37.73 60.15
C ASP E 1104 52.79 37.36 58.74
N VAL E 1105 51.94 37.50 57.72
CA VAL E 1105 52.27 37.08 56.37
C VAL E 1105 52.13 38.23 55.37
N VAL E 1106 51.04 38.98 55.45
CA VAL E 1106 50.69 39.97 54.44
C VAL E 1106 50.74 41.36 55.04
N GLU E 1107 51.70 41.57 55.96
CA GLU E 1107 51.86 42.74 56.83
C GLU E 1107 51.44 44.07 56.22
N LYS E 1108 51.83 44.32 54.98
CA LYS E 1108 51.52 45.58 54.31
C LYS E 1108 50.20 45.54 53.54
N LEU E 1109 49.26 44.68 53.94
CA LEU E 1109 47.97 44.58 53.29
C LEU E 1109 47.20 45.89 53.42
N GLU E 1110 46.44 46.22 52.38
CA GLU E 1110 45.64 47.44 52.35
C GLU E 1110 44.14 47.17 52.36
N GLN E 1111 43.65 46.35 51.44
CA GLN E 1111 42.23 46.04 51.34
C GLN E 1111 42.02 44.56 51.61
N LEU E 1112 41.13 44.26 52.55
CA LEU E 1112 40.72 42.89 52.86
C LEU E 1112 39.22 42.78 52.61
N ILE E 1113 38.83 41.84 51.74
CA ILE E 1113 37.45 41.67 51.33
C ILE E 1113 37.02 40.25 51.67
N LEU E 1114 35.95 40.13 52.44
CA LEU E 1114 35.47 38.82 52.89
C LEU E 1114 33.95 38.72 52.80
N GLU E 1115 33.34 39.41 51.84
CA GLU E 1115 31.89 39.40 51.76
C GLU E 1115 31.38 38.08 51.18
N GLY E 1116 30.10 37.81 51.44
CA GLY E 1116 29.45 36.64 50.89
C GLY E 1116 29.83 35.32 51.54
N ASN E 1117 30.74 35.32 52.51
CA ASN E 1117 31.15 34.10 53.17
C ASN E 1117 30.17 33.75 54.29
N LYS E 1118 30.55 32.79 55.13
CA LYS E 1118 29.73 32.33 56.25
C LYS E 1118 30.48 32.49 57.57
N ILE E 1119 31.18 33.60 57.76
CA ILE E 1119 31.87 33.86 59.01
C ILE E 1119 30.84 34.01 60.12
N SER E 1120 31.03 33.27 61.21
CA SER E 1120 30.03 33.17 62.26
C SER E 1120 30.48 33.77 63.58
N GLY E 1121 31.61 33.32 64.13
CA GLY E 1121 32.01 33.73 65.46
C GLY E 1121 32.55 35.13 65.50
N ILE E 1122 32.86 35.58 66.73
CA ILE E 1122 33.53 36.86 66.90
C ILE E 1122 34.89 36.83 66.22
N CYS E 1123 35.21 37.92 65.53
CA CYS E 1123 36.41 37.95 64.70
C CYS E 1123 37.67 37.97 65.55
N SER E 1124 38.79 37.63 64.90
CA SER E 1124 40.09 37.67 65.53
C SER E 1124 40.47 39.13 65.83
N PRO E 1125 41.38 39.36 66.79
CA PRO E 1125 41.82 40.73 67.08
C PRO E 1125 42.23 41.54 65.87
N LEU E 1126 42.84 40.91 64.86
CA LEU E 1126 43.16 41.51 63.56
C LEU E 1126 43.99 42.79 63.75
N ARG E 1127 45.21 42.60 64.27
CA ARG E 1127 46.11 43.70 64.53
C ARG E 1127 46.94 44.09 63.31
N LEU E 1128 46.43 43.84 62.11
CA LEU E 1128 47.11 44.22 60.88
C LEU E 1128 47.16 45.74 60.78
N LYS E 1129 48.27 46.26 60.23
CA LYS E 1129 48.67 47.64 60.48
C LYS E 1129 48.10 48.67 59.52
N GLU E 1130 47.80 48.30 58.27
CA GLU E 1130 47.48 49.32 57.26
C GLU E 1130 46.22 48.97 56.47
N LEU E 1131 45.14 48.62 57.17
CA LEU E 1131 43.85 48.47 56.50
C LEU E 1131 43.39 49.81 55.93
N LYS E 1132 42.76 49.76 54.76
CA LYS E 1132 42.04 50.92 54.22
C LYS E 1132 40.64 50.59 53.72
N ILE E 1133 40.36 49.36 53.32
CA ILE E 1133 39.04 48.94 52.88
C ILE E 1133 38.78 47.57 53.51
N LEU E 1134 37.90 47.53 54.51
CA LEU E 1134 37.45 46.29 55.12
C LEU E 1134 36.01 46.01 54.72
N ASN E 1135 35.73 44.78 54.31
CA ASN E 1135 34.41 44.41 53.80
C ASN E 1135 34.02 43.07 54.39
N LEU E 1136 33.07 43.08 55.32
CA LEU E 1136 32.56 41.87 55.94
C LEU E 1136 31.05 41.77 55.78
N SER E 1137 30.54 42.20 54.63
CA SER E 1137 29.11 42.17 54.39
C SER E 1137 28.65 40.75 54.03
N LYS E 1138 27.33 40.57 54.05
CA LYS E 1138 26.66 39.34 53.62
C LYS E 1138 27.18 38.09 54.34
N ASN E 1139 27.51 38.23 55.61
CA ASN E 1139 27.91 37.10 56.41
C ASN E 1139 26.77 36.69 57.36
N HIS E 1140 27.04 35.74 58.24
CA HIS E 1140 26.13 35.38 59.33
C HIS E 1140 26.89 35.58 60.63
N ILE E 1141 26.94 36.81 61.11
CA ILE E 1141 27.81 37.18 62.23
C ILE E 1141 27.00 37.95 63.26
N SER E 1142 27.18 37.59 64.54
CA SER E 1142 26.37 38.13 65.63
C SER E 1142 26.99 39.38 66.23
N SER E 1143 28.27 39.34 66.59
CA SER E 1143 28.90 40.51 67.19
C SER E 1143 30.40 40.44 66.96
N LEU E 1144 31.05 41.60 67.14
CA LEU E 1144 32.48 41.74 67.01
C LEU E 1144 33.13 41.85 68.38
N SER E 1145 34.40 41.46 68.48
CA SER E 1145 35.15 41.67 69.70
C SER E 1145 35.39 43.15 69.94
N GLU E 1146 35.50 43.52 71.23
CA GLU E 1146 35.63 44.93 71.59
C GLU E 1146 36.93 45.56 71.11
N ASN E 1147 37.92 44.75 70.71
CA ASN E 1147 39.20 45.26 70.24
C ASN E 1147 39.44 44.86 68.79
N PHE E 1148 38.37 44.85 67.98
CA PHE E 1148 38.47 44.36 66.61
C PHE E 1148 39.33 45.31 65.76
N LEU E 1149 39.03 46.60 65.79
CA LEU E 1149 39.73 47.56 64.95
C LEU E 1149 40.70 48.45 65.74
N GLU E 1150 41.12 48.02 66.93
CA GLU E 1150 41.95 48.89 67.75
C GLU E 1150 43.33 49.12 67.15
N ALA E 1151 43.89 48.12 66.47
CA ALA E 1151 45.26 48.18 65.96
C ALA E 1151 45.30 48.34 64.44
N CYS E 1152 44.31 49.01 63.87
CA CYS E 1152 44.28 49.34 62.45
C CYS E 1152 44.01 50.83 62.30
N PRO E 1153 45.02 51.67 62.51
CA PRO E 1153 44.78 53.12 62.65
C PRO E 1153 44.53 53.85 61.34
N LYS E 1154 44.29 53.17 60.21
CA LYS E 1154 44.05 53.86 58.95
C LYS E 1154 42.81 53.35 58.22
N VAL E 1155 41.90 52.66 58.90
CA VAL E 1155 40.69 52.17 58.26
C VAL E 1155 39.86 53.34 57.76
N GLU E 1156 39.28 53.18 56.58
CA GLU E 1156 38.51 54.28 55.98
C GLU E 1156 37.10 53.90 55.58
N SER E 1157 36.87 52.67 55.10
CA SER E 1157 35.61 52.31 54.46
C SER E 1157 35.09 50.97 54.97
N PHE E 1158 35.04 50.80 56.29
CA PHE E 1158 34.43 49.61 56.87
C PHE E 1158 32.99 49.47 56.42
N SER E 1159 32.60 48.25 56.04
CA SER E 1159 31.24 47.99 55.60
C SER E 1159 30.81 46.60 56.06
N ALA E 1160 29.66 46.52 56.71
CA ALA E 1160 29.13 45.25 57.22
C ALA E 1160 27.61 45.24 56.97
N ARG E 1161 27.22 44.69 55.82
CA ARG E 1161 25.81 44.61 55.43
C ARG E 1161 25.31 43.18 55.58
N MET E 1162 23.98 43.06 55.71
CA MET E 1162 23.29 41.78 55.80
C MET E 1162 23.88 40.91 56.91
N ASN E 1163 24.10 41.52 58.06
CA ASN E 1163 24.70 40.85 59.22
C ASN E 1163 23.79 41.01 60.42
N PHE E 1164 23.67 39.95 61.22
CA PHE E 1164 22.87 39.99 62.45
C PHE E 1164 23.66 40.71 63.53
N LEU E 1165 23.81 42.01 63.36
CA LEU E 1165 24.69 42.82 64.19
C LEU E 1165 23.88 43.75 65.09
N ALA E 1166 24.45 44.11 66.23
CA ALA E 1166 23.72 44.92 67.20
C ALA E 1166 24.47 46.17 67.65
N ALA E 1167 25.80 46.10 67.79
CA ALA E 1167 26.56 47.23 68.32
C ALA E 1167 27.91 47.31 67.62
N MET E 1168 28.54 48.48 67.73
CA MET E 1168 29.80 48.75 67.05
C MET E 1168 30.91 48.94 68.07
N PRO E 1169 31.94 48.08 68.07
CA PRO E 1169 33.02 48.12 69.08
C PRO E 1169 34.22 49.02 68.76
N PHE E 1170 34.06 50.32 69.04
CA PHE E 1170 35.16 51.29 69.06
C PHE E 1170 35.87 51.38 67.70
N LEU E 1171 35.14 51.93 66.74
CA LEU E 1171 35.71 52.21 65.43
C LEU E 1171 36.86 53.20 65.56
N PRO E 1172 37.88 53.08 64.72
CA PRO E 1172 39.05 53.97 64.83
C PRO E 1172 38.69 55.40 64.46
N PRO E 1173 39.44 56.38 64.96
CA PRO E 1173 39.13 57.79 64.63
C PRO E 1173 39.45 58.18 63.20
N SER E 1174 40.05 57.30 62.41
CA SER E 1174 40.39 57.58 61.02
C SER E 1174 39.32 57.14 60.04
N MET E 1175 38.17 56.68 60.54
CA MET E 1175 37.10 56.19 59.67
C MET E 1175 36.50 57.33 58.85
N THR E 1176 36.24 57.05 57.58
CA THR E 1176 35.62 58.01 56.68
C THR E 1176 34.26 57.56 56.17
N ILE E 1177 34.18 56.36 55.61
CA ILE E 1177 32.94 55.83 55.04
C ILE E 1177 32.52 54.61 55.85
N LEU E 1178 31.24 54.53 56.20
CA LEU E 1178 30.74 53.46 57.04
C LEU E 1178 29.34 53.06 56.57
N LYS E 1179 29.21 51.82 56.12
CA LYS E 1179 27.93 51.28 55.65
C LYS E 1179 27.56 50.11 56.54
N LEU E 1180 26.34 50.15 57.11
CA LEU E 1180 25.93 49.16 58.08
C LEU E 1180 24.48 48.74 57.89
N SER E 1181 23.98 48.76 56.66
CA SER E 1181 22.57 48.46 56.43
C SER E 1181 22.29 46.98 56.61
N GLN E 1182 20.99 46.64 56.66
CA GLN E 1182 20.49 45.28 56.86
C GLN E 1182 21.09 44.63 58.11
N ASN E 1183 21.11 45.37 59.22
CA ASN E 1183 21.51 44.83 60.50
C ASN E 1183 20.45 45.14 61.55
N LYS E 1184 20.36 44.26 62.56
CA LYS E 1184 19.37 44.41 63.63
C LYS E 1184 19.89 45.35 64.70
N PHE E 1185 19.91 46.64 64.36
CA PHE E 1185 20.33 47.69 65.28
C PHE E 1185 19.12 48.26 65.99
N SER E 1186 18.98 47.98 67.28
CA SER E 1186 17.88 48.55 68.05
C SER E 1186 17.99 50.06 68.16
N CYS E 1187 19.21 50.57 68.37
CA CYS E 1187 19.46 52.00 68.39
C CYS E 1187 20.86 52.24 67.85
N ILE E 1188 21.07 53.46 67.36
CA ILE E 1188 22.37 53.80 66.75
C ILE E 1188 23.45 53.80 67.84
N PRO E 1189 24.54 53.06 67.67
CA PRO E 1189 25.55 52.96 68.72
C PRO E 1189 26.29 54.27 68.92
N GLU E 1190 26.74 54.48 70.16
CA GLU E 1190 27.39 55.74 70.51
C GLU E 1190 28.76 55.88 69.85
N ALA E 1191 29.41 54.76 69.50
CA ALA E 1191 30.73 54.82 68.88
C ALA E 1191 30.73 55.49 67.52
N ILE E 1192 29.57 55.62 66.89
CA ILE E 1192 29.48 56.29 65.61
C ILE E 1192 29.27 57.80 65.78
N LEU E 1193 28.57 58.20 66.84
CA LEU E 1193 28.27 59.61 67.06
C LEU E 1193 29.48 60.43 67.51
N ASN E 1194 30.62 59.80 67.77
CA ASN E 1194 31.81 60.53 68.18
C ASN E 1194 33.00 60.24 67.27
N LEU E 1195 32.73 59.86 66.02
CA LEU E 1195 33.79 59.74 65.03
C LEU E 1195 34.14 61.13 64.50
N PRO E 1196 35.39 61.57 64.62
CA PRO E 1196 35.73 62.96 64.28
C PRO E 1196 35.86 63.22 62.78
N HIS E 1197 35.90 62.19 61.94
CA HIS E 1197 36.15 62.37 60.52
C HIS E 1197 35.18 61.59 59.64
N LEU E 1198 33.98 61.29 60.14
CA LEU E 1198 33.03 60.52 59.34
C LEU E 1198 32.51 61.36 58.18
N ARG E 1199 32.28 60.71 57.04
CA ARG E 1199 31.83 61.40 55.83
C ARG E 1199 30.47 60.92 55.36
N SER E 1200 30.26 59.60 55.27
CA SER E 1200 28.98 59.05 54.89
C SER E 1200 28.60 57.93 55.85
N LEU E 1201 27.30 57.75 56.04
CA LEU E 1201 26.81 56.69 56.93
C LEU E 1201 25.52 56.14 56.35
N ASP E 1202 25.42 54.82 56.27
CA ASP E 1202 24.28 54.14 55.65
C ASP E 1202 23.85 53.04 56.61
N MET E 1203 22.68 53.20 57.21
CA MET E 1203 22.11 52.25 58.16
C MET E 1203 20.67 51.94 57.78
N SER E 1204 20.40 51.83 56.49
CA SER E 1204 19.04 51.60 56.02
C SER E 1204 18.56 50.21 56.42
N SER E 1205 17.22 50.04 56.41
CA SER E 1205 16.56 48.76 56.70
C SER E 1205 16.97 48.21 58.06
N ASN E 1206 17.05 49.08 59.05
CA ASN E 1206 17.30 48.70 60.43
C ASN E 1206 16.11 49.13 61.31
N ASP E 1207 15.98 48.47 62.46
CA ASP E 1207 14.88 48.80 63.35
C ASP E 1207 15.22 49.84 64.43
N ILE E 1208 15.92 50.90 64.04
CA ILE E 1208 16.22 52.01 64.95
C ILE E 1208 14.99 52.90 65.08
N GLN E 1209 14.91 53.59 66.21
CA GLN E 1209 13.73 54.38 66.57
C GLN E 1209 14.01 55.87 66.62
N TYR E 1210 15.09 56.28 67.27
CA TYR E 1210 15.40 57.69 67.48
C TYR E 1210 16.65 58.07 66.70
N LEU E 1211 16.53 59.08 65.84
CA LEU E 1211 17.68 59.63 65.14
C LEU E 1211 18.22 60.82 65.95
N PRO E 1212 19.46 60.75 66.44
CA PRO E 1212 20.00 61.87 67.21
C PRO E 1212 20.13 63.13 66.36
N GLY E 1213 20.00 64.27 67.02
CA GLY E 1213 20.05 65.54 66.34
C GLY E 1213 21.46 65.89 65.91
N PRO E 1214 21.58 66.93 65.07
CA PRO E 1214 22.89 67.29 64.51
C PRO E 1214 23.86 67.90 65.51
N ALA E 1215 23.48 68.08 66.77
CA ALA E 1215 24.38 68.55 67.81
C ALA E 1215 25.00 67.41 68.61
N HIS E 1216 24.75 66.16 68.21
CA HIS E 1216 25.27 64.99 68.91
C HIS E 1216 26.23 64.18 68.06
N TRP E 1217 26.72 64.73 66.94
CA TRP E 1217 27.40 63.94 65.94
C TRP E 1217 28.91 64.13 65.90
N LYS E 1218 29.42 65.25 66.45
CA LYS E 1218 30.87 65.49 66.62
C LYS E 1218 31.64 65.29 65.31
N SER E 1219 31.05 65.73 64.21
CA SER E 1219 31.69 65.59 62.90
C SER E 1219 31.14 66.65 61.97
N LEU E 1220 32.01 67.50 61.45
CA LEU E 1220 31.63 68.61 60.57
C LEU E 1220 31.67 68.24 59.09
N ASN E 1221 31.94 66.98 58.75
CA ASN E 1221 32.11 66.58 57.36
C ASN E 1221 31.08 65.53 56.93
N LEU E 1222 29.88 65.58 57.49
CA LEU E 1222 28.82 64.68 57.05
C LEU E 1222 28.41 65.02 55.62
N ARG E 1223 28.32 63.99 54.77
CA ARG E 1223 27.94 64.18 53.38
C ARG E 1223 26.74 63.35 52.97
N GLU E 1224 26.61 62.13 53.47
CA GLU E 1224 25.45 61.28 53.21
C GLU E 1224 24.92 60.71 54.52
N LEU E 1225 23.59 60.50 54.56
CA LEU E 1225 22.91 59.92 55.71
C LEU E 1225 21.71 59.16 55.19
N LEU E 1226 21.86 57.84 55.05
CA LEU E 1226 20.81 56.97 54.51
C LEU E 1226 20.18 56.20 55.66
N PHE E 1227 18.86 56.35 55.83
CA PHE E 1227 18.14 55.68 56.91
C PHE E 1227 16.80 55.15 56.43
N SER E 1228 16.72 54.74 55.17
CA SER E 1228 15.45 54.27 54.61
C SER E 1228 15.05 52.93 55.25
N HIS E 1229 13.79 52.56 55.06
CA HIS E 1229 13.22 51.30 55.56
C HIS E 1229 13.42 51.17 57.06
N ASN E 1230 13.28 52.28 57.78
CA ASN E 1230 13.39 52.32 59.22
C ASN E 1230 12.03 52.67 59.82
N GLN E 1231 11.99 52.85 61.14
CA GLN E 1231 10.84 53.45 61.82
C GLN E 1231 11.36 54.55 62.76
N ILE E 1232 11.49 55.76 62.22
CA ILE E 1232 11.92 56.94 62.95
C ILE E 1232 10.72 57.86 63.09
N SER E 1233 10.29 58.10 64.33
CA SER E 1233 9.10 58.90 64.57
C SER E 1233 9.34 60.38 64.25
N ILE E 1234 10.49 60.92 64.65
CA ILE E 1234 10.76 62.35 64.51
C ILE E 1234 12.04 62.53 63.72
N LEU E 1235 12.22 63.75 63.20
CA LEU E 1235 13.39 64.11 62.41
C LEU E 1235 13.99 65.34 63.09
N ASP E 1236 14.25 65.23 64.39
CA ASP E 1236 14.72 66.32 65.23
C ASP E 1236 15.88 67.08 64.58
N LEU E 1237 15.65 68.34 64.25
CA LEU E 1237 16.63 69.18 63.58
C LEU E 1237 16.73 70.58 64.15
N SER E 1238 15.79 71.02 65.00
CA SER E 1238 15.78 72.37 65.53
C SER E 1238 16.88 72.64 66.54
N GLU E 1239 17.61 71.61 66.99
CA GLU E 1239 18.65 71.77 67.99
C GLU E 1239 19.77 72.69 67.51
N LYS E 1240 20.50 72.27 66.48
CA LYS E 1240 21.56 73.10 65.90
C LYS E 1240 21.73 72.65 64.46
N ALA E 1241 21.06 73.35 63.54
CA ALA E 1241 20.95 72.87 62.16
C ALA E 1241 22.23 73.09 61.35
N TYR E 1242 22.91 74.22 61.56
CA TYR E 1242 24.02 74.60 60.68
C TYR E 1242 25.19 73.63 60.71
N LEU E 1243 25.27 72.74 61.71
CA LEU E 1243 26.32 71.73 61.72
C LEU E 1243 26.20 70.75 60.57
N TRP E 1244 24.99 70.51 60.07
CA TRP E 1244 24.78 69.64 58.92
C TRP E 1244 24.72 70.39 57.60
N SER E 1245 25.39 71.54 57.52
CA SER E 1245 25.39 72.32 56.27
C SER E 1245 26.15 71.64 55.14
N ARG E 1246 26.95 70.62 55.45
CA ARG E 1246 27.73 69.90 54.44
C ARG E 1246 26.99 68.71 53.85
N VAL E 1247 25.84 68.33 54.43
CA VAL E 1247 25.15 67.10 54.03
C VAL E 1247 24.63 67.24 52.61
N GLU E 1248 24.96 66.27 51.77
CA GLU E 1248 24.51 66.25 50.37
C GLU E 1248 23.40 65.25 50.10
N LYS E 1249 23.29 64.17 50.88
CA LYS E 1249 22.25 63.18 50.67
C LYS E 1249 21.54 62.92 52.00
N LEU E 1250 20.24 62.65 51.91
CA LEU E 1250 19.44 62.38 53.10
C LEU E 1250 18.23 61.55 52.69
N HIS E 1251 18.23 60.27 53.04
CA HIS E 1251 17.17 59.34 52.66
C HIS E 1251 16.40 58.91 53.91
N LEU E 1252 15.13 59.29 53.99
CA LEU E 1252 14.26 58.94 55.11
C LEU E 1252 13.05 58.14 54.66
N SER E 1253 13.17 57.38 53.58
CA SER E 1253 12.04 56.67 53.00
C SER E 1253 11.54 55.56 53.93
N HIS E 1254 10.29 55.17 53.72
CA HIS E 1254 9.65 54.04 54.41
C HIS E 1254 9.67 54.18 55.94
N ASN E 1255 9.66 55.42 56.44
CA ASN E 1255 9.63 55.66 57.87
C ASN E 1255 8.29 56.24 58.29
N LYS E 1256 8.05 56.23 59.60
CA LYS E 1256 6.83 56.79 60.16
C LYS E 1256 7.12 58.24 60.60
N LEU E 1257 7.24 59.10 59.59
CA LEU E 1257 7.36 60.54 59.79
C LEU E 1257 6.04 61.21 59.47
N LYS E 1258 5.61 62.12 60.34
CA LYS E 1258 4.35 62.82 60.16
C LYS E 1258 4.51 64.24 59.63
N GLU E 1259 5.62 64.91 59.94
CA GLU E 1259 5.82 66.27 59.49
C GLU E 1259 7.31 66.59 59.47
N ILE E 1260 7.68 67.48 58.56
CA ILE E 1260 9.08 67.89 58.37
C ILE E 1260 9.30 69.18 59.14
N PRO E 1261 10.29 69.26 60.03
CA PRO E 1261 10.55 70.50 60.76
C PRO E 1261 11.00 71.59 59.81
N PRO E 1262 10.64 72.85 60.09
CA PRO E 1262 11.05 73.95 59.20
C PRO E 1262 12.55 74.17 59.14
N GLU E 1263 13.31 73.74 60.15
CA GLU E 1263 14.75 73.98 60.20
C GLU E 1263 15.51 73.24 59.10
N ILE E 1264 14.87 72.32 58.37
CA ILE E 1264 15.50 71.65 57.23
C ILE E 1264 15.88 72.65 56.14
N GLY E 1265 15.31 73.86 56.17
CA GLY E 1265 15.69 74.91 55.24
C GLY E 1265 17.12 75.39 55.38
N CYS E 1266 17.78 75.06 56.49
CA CYS E 1266 19.13 75.52 56.72
C CYS E 1266 20.16 74.64 56.01
N LEU E 1267 19.84 73.39 55.73
CA LEU E 1267 20.77 72.46 55.07
C LEU E 1267 20.87 72.84 53.59
N GLU E 1268 21.60 73.92 53.34
CA GLU E 1268 21.60 74.55 52.01
C GLU E 1268 22.33 73.73 50.95
N ASN E 1269 23.07 72.69 51.33
CA ASN E 1269 23.82 71.89 50.37
C ASN E 1269 23.14 70.57 50.03
N LEU E 1270 21.89 70.36 50.45
CA LEU E 1270 21.19 69.11 50.14
C LEU E 1270 21.08 68.92 48.63
N THR E 1271 21.42 67.71 48.18
CA THR E 1271 21.41 67.39 46.77
C THR E 1271 20.44 66.26 46.41
N SER E 1272 20.19 65.32 47.34
CA SER E 1272 19.24 64.23 47.10
C SER E 1272 18.51 63.97 48.41
N LEU E 1273 17.35 64.62 48.58
CA LEU E 1273 16.49 64.42 49.72
C LEU E 1273 15.35 63.48 49.34
N ASP E 1274 15.11 62.47 50.18
CA ASP E 1274 14.06 61.48 49.92
C ASP E 1274 13.24 61.29 51.19
N VAL E 1275 11.97 61.63 51.13
CA VAL E 1275 11.06 61.49 52.27
C VAL E 1275 9.80 60.77 51.80
N SER E 1276 9.87 60.13 50.63
CA SER E 1276 8.73 59.45 50.06
C SER E 1276 8.36 58.22 50.90
N TYR E 1277 7.25 57.58 50.52
CA TYR E 1277 6.81 56.31 51.09
C TYR E 1277 6.58 56.39 52.59
N ASN E 1278 6.11 57.53 53.08
CA ASN E 1278 5.81 57.70 54.50
C ASN E 1278 4.36 57.44 54.86
N LEU E 1279 3.42 57.73 53.95
CA LEU E 1279 1.98 57.54 54.12
C LEU E 1279 1.37 58.37 55.24
N GLU E 1280 2.17 59.24 55.87
CA GLU E 1280 1.69 60.05 56.98
C GLU E 1280 2.21 61.49 56.96
N LEU E 1281 2.99 61.87 55.95
CA LEU E 1281 3.53 63.22 55.90
C LEU E 1281 2.47 64.24 55.51
N ARG E 1282 1.93 64.11 54.29
CA ARG E 1282 0.82 64.90 53.76
C ARG E 1282 1.12 66.39 53.63
N SER E 1283 2.33 66.83 53.93
CA SER E 1283 2.66 68.25 53.89
C SER E 1283 4.16 68.42 53.73
N PHE E 1284 4.55 69.59 53.23
CA PHE E 1284 5.90 70.09 53.17
C PHE E 1284 5.97 71.47 53.81
N PRO E 1285 7.09 71.83 54.42
CA PRO E 1285 7.24 73.19 54.93
C PRO E 1285 7.62 74.18 53.83
N ASN E 1286 7.43 75.46 54.13
CA ASN E 1286 7.76 76.50 53.18
C ASN E 1286 9.23 76.89 53.20
N GLU E 1287 9.99 76.46 54.21
CA GLU E 1287 11.39 76.84 54.31
C GLU E 1287 12.27 76.13 53.29
N MET E 1288 11.82 74.97 52.79
CA MET E 1288 12.59 74.16 51.84
C MET E 1288 12.95 74.90 50.56
N GLY E 1289 12.35 76.06 50.30
CA GLY E 1289 12.69 76.88 49.15
C GLY E 1289 14.12 77.38 49.11
N LYS E 1290 14.84 77.32 50.22
CA LYS E 1290 16.24 77.71 50.26
C LYS E 1290 17.18 76.57 49.89
N LEU E 1291 16.65 75.40 49.54
CA LEU E 1291 17.46 74.23 49.22
C LEU E 1291 17.65 74.12 47.70
N SER E 1292 18.35 75.12 47.16
CA SER E 1292 18.46 75.30 45.72
C SER E 1292 19.17 74.14 45.03
N LYS E 1293 20.03 73.41 45.75
CA LYS E 1293 20.86 72.40 45.10
C LYS E 1293 20.12 71.10 44.81
N ILE E 1294 18.89 70.94 45.28
CA ILE E 1294 18.15 69.70 45.06
C ILE E 1294 17.82 69.55 43.59
N TRP E 1295 18.13 68.38 43.02
CA TRP E 1295 17.76 68.07 41.65
C TRP E 1295 16.82 66.87 41.53
N ASP E 1296 16.78 66.00 42.54
CA ASP E 1296 15.82 64.92 42.60
C ASP E 1296 15.12 64.93 43.95
N LEU E 1297 13.81 64.65 43.93
CA LEU E 1297 12.99 64.67 45.13
C LEU E 1297 11.82 63.73 44.90
N PRO E 1298 11.92 62.48 45.33
CA PRO E 1298 10.85 61.52 45.08
C PRO E 1298 9.57 61.88 45.83
N LEU E 1299 8.44 61.66 45.16
CA LEU E 1299 7.11 61.83 45.74
C LEU E 1299 6.26 60.60 45.42
N ASP E 1300 6.82 59.42 45.64
CA ASP E 1300 6.17 58.17 45.28
C ASP E 1300 5.26 57.71 46.42
N GLU E 1301 3.97 57.51 46.10
CA GLU E 1301 2.98 56.93 46.99
C GLU E 1301 2.83 57.73 48.29
N LEU E 1302 2.36 58.97 48.13
CA LEU E 1302 1.91 59.79 49.24
C LEU E 1302 1.07 60.94 48.68
N HIS E 1303 0.01 61.28 49.39
CA HIS E 1303 -0.93 62.31 48.95
C HIS E 1303 -0.44 63.68 49.41
N LEU E 1304 -0.22 64.58 48.46
CA LEU E 1304 0.27 65.92 48.75
C LEU E 1304 -0.90 66.89 48.87
N ASN E 1305 -0.60 68.19 48.85
CA ASN E 1305 -1.61 69.23 48.97
C ASN E 1305 -2.22 69.62 47.62
N PHE E 1306 -1.78 69.00 46.52
CA PHE E 1306 -2.25 69.37 45.20
C PHE E 1306 -2.12 68.18 44.27
N ASP E 1307 -2.84 68.26 43.14
CA ASP E 1307 -2.76 67.24 42.11
C ASP E 1307 -1.50 67.43 41.29
N PHE E 1308 -0.75 66.35 41.07
CA PHE E 1308 0.53 66.43 40.37
C PHE E 1308 0.62 65.28 39.38
N LYS E 1309 1.82 65.12 38.80
CA LYS E 1309 2.15 64.04 37.87
C LYS E 1309 1.24 64.00 36.65
N HIS E 1310 0.78 65.17 36.21
CA HIS E 1310 -0.01 65.25 34.99
C HIS E 1310 0.89 65.26 33.75
N ILE E 1311 1.72 66.29 33.62
CA ILE E 1311 2.77 66.31 32.60
C ILE E 1311 4.11 66.77 33.15
N GLY E 1312 4.16 67.42 34.31
CA GLY E 1312 5.41 67.89 34.86
C GLY E 1312 5.63 67.45 36.29
N CYS E 1313 5.85 68.42 37.18
CA CYS E 1313 6.14 68.18 38.60
C CYS E 1313 7.32 67.22 38.76
N LYS E 1314 8.44 67.62 38.14
CA LYS E 1314 9.63 66.78 38.04
C LYS E 1314 10.66 67.11 39.11
N ALA E 1315 10.19 67.53 40.29
CA ALA E 1315 10.95 67.71 41.53
C ALA E 1315 11.92 68.88 41.47
N LYS E 1316 11.83 69.73 40.46
CA LYS E 1316 12.65 70.93 40.40
C LYS E 1316 11.83 72.21 40.36
N ASP E 1317 10.68 72.22 39.68
CA ASP E 1317 9.79 73.36 39.76
C ASP E 1317 8.93 73.38 41.02
N ILE E 1318 8.78 72.24 41.70
CA ILE E 1318 8.02 72.21 42.94
C ILE E 1318 8.72 73.06 44.01
N ILE E 1319 10.05 73.03 44.04
CA ILE E 1319 10.77 73.86 45.00
C ILE E 1319 10.67 75.33 44.63
N ARG E 1320 10.55 75.64 43.33
CA ARG E 1320 10.29 77.01 42.91
C ARG E 1320 8.93 77.48 43.40
N PHE E 1321 7.91 76.64 43.26
CA PHE E 1321 6.59 76.97 43.78
C PHE E 1321 6.63 77.14 45.30
N LEU E 1322 7.38 76.29 45.99
CA LEU E 1322 7.51 76.38 47.43
C LEU E 1322 8.18 77.68 47.84
N GLN E 1323 9.23 78.08 47.12
CA GLN E 1323 9.91 79.35 47.42
C GLN E 1323 8.98 80.54 47.18
N GLN E 1324 8.23 80.51 46.07
CA GLN E 1324 7.29 81.58 45.79
C GLN E 1324 6.21 81.65 46.86
N ARG E 1325 5.71 80.50 47.32
CA ARG E 1325 4.76 80.47 48.42
C ARG E 1325 5.37 81.03 49.70
N LEU E 1326 6.67 80.79 49.91
CA LEU E 1326 7.35 81.38 51.06
C LEU E 1326 7.45 82.90 50.93
N LYS E 1327 7.61 83.41 49.71
CA LYS E 1327 7.64 84.85 49.48
C LYS E 1327 6.33 85.49 49.94
N LYS E 1328 5.21 85.03 49.41
CA LYS E 1328 3.90 85.52 49.93
C LYS E 1328 2.90 84.35 50.00
N ALA E 1329 2.19 84.23 51.12
CA ALA E 1329 1.23 83.12 51.36
C ALA E 1329 -0.17 83.69 51.59
N VAL E 1330 -0.99 83.79 50.54
CA VAL E 1330 -2.33 84.36 50.60
C VAL E 1330 -3.35 83.24 50.44
N PRO E 1331 -4.45 83.26 51.19
CA PRO E 1331 -5.50 82.25 50.99
C PRO E 1331 -6.16 82.39 49.63
N TYR E 1332 -6.54 81.23 49.08
CA TYR E 1332 -7.24 81.16 47.81
C TYR E 1332 -8.65 80.63 48.04
N ASN E 1333 -9.64 81.37 47.56
CA ASN E 1333 -11.06 81.05 47.76
C ASN E 1333 -11.73 81.01 46.39
N ARG E 1334 -11.71 79.84 45.75
CA ARG E 1334 -12.31 79.66 44.44
C ARG E 1334 -12.50 78.18 44.19
N MET E 1335 -13.74 77.78 43.87
CA MET E 1335 -14.09 76.42 43.53
C MET E 1335 -14.97 76.41 42.30
N LYS E 1336 -15.41 75.21 41.91
CA LYS E 1336 -16.32 75.02 40.78
C LYS E 1336 -17.57 74.32 41.27
N LEU E 1337 -18.73 74.89 40.99
CA LEU E 1337 -20.02 74.30 41.38
C LEU E 1337 -20.73 73.81 40.12
N MET E 1338 -20.44 72.57 39.74
CA MET E 1338 -20.96 72.02 38.50
C MET E 1338 -22.36 71.45 38.70
N ILE E 1339 -23.23 71.70 37.73
CA ILE E 1339 -24.62 71.25 37.77
C ILE E 1339 -24.82 70.14 36.75
N VAL E 1340 -25.52 69.09 37.16
CA VAL E 1340 -25.59 67.82 36.44
C VAL E 1340 -27.03 67.35 36.37
N GLY E 1341 -27.44 66.88 35.20
CA GLY E 1341 -28.79 66.41 34.98
C GLY E 1341 -29.01 66.12 33.50
N ASN E 1342 -30.24 65.71 33.19
CA ASN E 1342 -30.56 65.21 31.86
C ASN E 1342 -31.74 65.94 31.24
N THR E 1343 -31.54 66.41 30.01
CA THR E 1343 -32.56 66.82 29.01
C THR E 1343 -33.78 67.52 29.61
N GLY E 1344 -33.51 68.63 30.28
CA GLY E 1344 -34.58 69.52 30.70
C GLY E 1344 -34.96 69.32 32.14
N SER E 1345 -34.51 70.23 33.00
CA SER E 1345 -34.80 70.19 34.44
C SER E 1345 -34.38 71.54 35.02
N GLY E 1346 -34.33 71.62 36.34
CA GLY E 1346 -33.88 72.84 36.98
C GLY E 1346 -32.38 73.05 36.90
N LYS E 1347 -31.87 73.31 35.70
CA LYS E 1347 -30.46 73.61 35.50
C LYS E 1347 -30.24 75.12 35.35
N THR E 1348 -30.84 75.72 34.32
CA THR E 1348 -30.77 77.15 34.11
C THR E 1348 -31.86 77.91 34.85
N THR E 1349 -32.85 77.21 35.40
CA THR E 1349 -33.85 77.85 36.23
C THR E 1349 -33.44 77.90 37.70
N LEU E 1350 -32.98 76.78 38.25
CA LEU E 1350 -32.54 76.73 39.64
C LEU E 1350 -31.38 77.69 39.89
N LEU E 1351 -30.45 77.78 38.94
CA LEU E 1351 -29.28 78.64 39.11
C LEU E 1351 -29.66 80.11 39.22
N GLN E 1352 -30.76 80.52 38.59
CA GLN E 1352 -31.17 81.93 38.64
C GLN E 1352 -31.53 82.36 40.05
N GLN E 1353 -32.38 81.59 40.74
CA GLN E 1353 -32.68 81.92 42.13
C GLN E 1353 -31.54 81.56 43.07
N LEU E 1354 -30.72 80.57 42.72
CA LEU E 1354 -29.50 80.31 43.48
C LEU E 1354 -28.57 81.51 43.42
N MET E 1355 -28.43 82.11 42.23
CA MET E 1355 -27.70 83.35 42.07
C MET E 1355 -28.52 84.57 42.47
N LYS E 1356 -29.81 84.40 42.75
CA LYS E 1356 -30.73 85.48 43.06
C LYS E 1356 -30.75 86.53 41.95
N THR E 1357 -30.72 86.07 40.71
CA THR E 1357 -30.86 86.94 39.55
C THR E 1357 -32.30 87.42 39.44
N LYS E 1358 -32.52 88.70 39.73
CA LYS E 1358 -33.86 89.23 39.84
C LYS E 1358 -34.54 89.43 38.49
N LYS E 1359 -33.76 89.71 37.44
CA LYS E 1359 -34.34 90.15 36.17
C LYS E 1359 -35.12 89.04 35.49
N SER E 1360 -34.43 87.94 35.12
CA SER E 1360 -35.02 86.83 34.38
C SER E 1360 -35.80 87.31 33.16
N ASP E 1361 -35.14 88.14 32.34
CA ASP E 1361 -35.81 88.81 31.23
C ASP E 1361 -36.36 87.82 30.22
N LEU E 1362 -35.60 86.77 29.89
CA LEU E 1362 -36.05 85.78 28.93
C LEU E 1362 -37.21 84.98 29.53
N GLY E 1363 -38.43 85.27 29.08
CA GLY E 1363 -39.59 84.58 29.62
C GLY E 1363 -39.59 83.09 29.35
N MET E 1364 -39.22 82.70 28.12
CA MET E 1364 -39.13 81.31 27.72
C MET E 1364 -37.73 81.08 27.16
N GLN E 1365 -36.86 80.46 27.95
CA GLN E 1365 -35.51 80.18 27.50
C GLN E 1365 -35.42 78.78 26.89
N SER E 1366 -34.38 78.59 26.09
CA SER E 1366 -34.16 77.34 25.37
C SER E 1366 -33.19 76.45 26.14
N ALA E 1367 -33.09 75.21 25.68
CA ALA E 1367 -32.14 74.27 26.28
C ALA E 1367 -30.71 74.76 26.07
N THR E 1368 -29.86 74.48 27.07
CA THR E 1368 -28.50 74.97 27.05
C THR E 1368 -27.69 74.36 25.91
N VAL E 1369 -26.90 75.20 25.25
CA VAL E 1369 -25.94 74.77 24.24
C VAL E 1369 -24.54 75.08 24.75
N GLY E 1370 -23.71 74.05 24.85
CA GLY E 1370 -22.41 74.20 25.48
C GLY E 1370 -22.45 73.75 26.93
N ILE E 1371 -21.86 74.53 27.83
CA ILE E 1371 -21.92 74.20 29.25
C ILE E 1371 -22.32 75.46 30.02
N ASP E 1372 -22.26 76.62 29.35
CA ASP E 1372 -22.71 77.90 29.89
C ASP E 1372 -21.97 78.24 31.20
N VAL E 1373 -20.68 78.51 31.04
CA VAL E 1373 -19.86 78.92 32.17
C VAL E 1373 -20.37 80.26 32.72
N LYS E 1374 -20.44 80.36 34.04
CA LYS E 1374 -20.75 81.60 34.73
C LYS E 1374 -20.07 81.57 36.09
N ASP E 1375 -19.88 82.73 36.69
CA ASP E 1375 -19.23 82.84 37.99
C ASP E 1375 -19.95 83.83 38.88
N TRP E 1376 -20.13 83.47 40.16
CA TRP E 1376 -20.88 84.31 41.07
C TRP E 1376 -20.29 84.30 42.48
N PRO E 1377 -19.89 85.45 43.01
CA PRO E 1377 -19.33 85.50 44.36
C PRO E 1377 -20.40 85.39 45.42
N ILE E 1378 -20.00 84.90 46.60
CA ILE E 1378 -20.89 84.75 47.74
C ILE E 1378 -20.24 85.49 48.92
N GLN E 1379 -20.64 86.73 49.13
CA GLN E 1379 -20.20 87.51 50.28
C GLN E 1379 -20.98 87.02 51.50
N ILE E 1380 -20.38 86.10 52.26
CA ILE E 1380 -21.06 85.50 53.40
C ILE E 1380 -21.15 86.52 54.54
N ARG E 1381 -22.38 86.77 55.00
CA ARG E 1381 -22.64 87.78 56.02
C ARG E 1381 -22.65 87.13 57.40
N ASP E 1382 -21.46 86.72 57.84
CA ASP E 1382 -21.28 86.08 59.14
C ASP E 1382 -19.96 86.58 59.73
N LYS E 1383 -19.55 85.95 60.84
CA LYS E 1383 -18.30 86.34 61.49
C LYS E 1383 -17.11 86.11 60.57
N ARG E 1384 -17.07 84.96 59.92
CA ARG E 1384 -16.05 84.70 58.91
C ARG E 1384 -16.32 85.53 57.66
N LYS E 1385 -15.26 86.08 57.09
CA LYS E 1385 -15.38 87.00 55.96
C LYS E 1385 -14.71 86.46 54.69
N ARG E 1386 -14.61 85.15 54.53
CA ARG E 1386 -14.04 84.59 53.31
C ARG E 1386 -15.02 84.79 52.17
N ASP E 1387 -14.80 85.84 51.38
CA ASP E 1387 -15.69 86.18 50.27
C ASP E 1387 -15.28 85.36 49.04
N LEU E 1388 -15.56 84.06 49.12
CA LEU E 1388 -15.20 83.15 48.05
C LEU E 1388 -16.05 83.40 46.81
N VAL E 1389 -15.39 83.40 45.65
CA VAL E 1389 -16.04 83.48 44.35
C VAL E 1389 -15.87 82.15 43.65
N LEU E 1390 -16.97 81.54 43.25
CA LEU E 1390 -16.98 80.23 42.62
C LEU E 1390 -17.75 80.31 41.31
N ASN E 1391 -17.37 79.46 40.36
CA ASN E 1391 -17.96 79.47 39.04
C ASN E 1391 -18.78 78.21 38.81
N VAL E 1392 -19.96 78.38 38.23
CA VAL E 1392 -20.88 77.29 37.94
C VAL E 1392 -20.78 76.93 36.46
N TRP E 1393 -20.69 75.63 36.17
CA TRP E 1393 -20.70 75.12 34.81
C TRP E 1393 -21.90 74.17 34.68
N ASP E 1394 -23.07 74.73 34.40
CA ASP E 1394 -24.29 73.94 34.26
C ASP E 1394 -24.32 73.22 32.91
N PHE E 1395 -23.89 71.97 32.92
CA PHE E 1395 -23.73 71.18 31.70
C PHE E 1395 -25.07 71.02 30.97
N ALA E 1396 -24.99 71.01 29.64
CA ALA E 1396 -26.18 70.76 28.84
C ALA E 1396 -26.68 69.34 29.07
N GLY E 1397 -28.02 69.19 29.11
CA GLY E 1397 -28.60 67.91 29.42
C GLY E 1397 -28.90 67.01 28.22
N ARG E 1398 -28.94 67.57 27.03
CA ARG E 1398 -29.26 66.77 25.85
C ARG E 1398 -28.13 65.80 25.54
N GLU E 1399 -28.50 64.60 25.10
CA GLU E 1399 -27.56 63.51 24.90
C GLU E 1399 -26.60 63.74 23.74
N GLU E 1400 -26.85 64.75 22.89
CA GLU E 1400 -26.00 64.99 21.74
C GLU E 1400 -24.73 65.76 22.09
N PHE E 1401 -24.69 66.41 23.25
CA PHE E 1401 -23.49 67.09 23.73
C PHE E 1401 -22.66 66.24 24.67
N TYR E 1402 -23.06 64.99 24.91
CA TYR E 1402 -22.42 64.15 25.91
C TYR E 1402 -21.00 63.75 25.55
N SER E 1403 -20.60 63.93 24.28
CA SER E 1403 -19.28 63.49 23.85
C SER E 1403 -18.18 64.41 24.37
N THR E 1404 -18.48 65.68 24.63
CA THR E 1404 -17.47 66.66 25.01
C THR E 1404 -17.47 66.99 26.50
N HIS E 1405 -18.49 66.54 27.25
CA HIS E 1405 -18.55 66.85 28.67
C HIS E 1405 -17.36 66.35 29.52
N PRO E 1406 -16.85 65.11 29.37
CA PRO E 1406 -15.79 64.65 30.30
C PRO E 1406 -14.50 65.45 30.25
N HIS E 1407 -14.31 66.34 29.27
CA HIS E 1407 -13.16 67.24 29.30
C HIS E 1407 -13.22 68.16 30.52
N PHE E 1408 -14.41 68.67 30.84
CA PHE E 1408 -14.57 69.69 31.87
C PHE E 1408 -15.05 69.12 33.19
N MET E 1409 -14.89 67.82 33.41
CA MET E 1409 -15.23 67.20 34.70
C MET E 1409 -13.95 67.07 35.52
N THR E 1410 -13.65 68.11 36.30
CA THR E 1410 -12.47 68.09 37.16
C THR E 1410 -12.81 67.50 38.52
N GLN E 1411 -11.78 67.15 39.28
CA GLN E 1411 -11.96 66.57 40.60
C GLN E 1411 -12.00 67.60 41.72
N ARG E 1412 -11.71 68.87 41.41
CA ARG E 1412 -11.80 69.94 42.40
C ARG E 1412 -13.07 70.73 42.12
N ALA E 1413 -14.19 70.19 42.60
CA ALA E 1413 -15.50 70.78 42.34
C ALA E 1413 -16.54 70.14 43.25
N LEU E 1414 -17.69 70.80 43.34
CA LEU E 1414 -18.86 70.29 44.02
C LEU E 1414 -19.97 70.09 42.99
N TYR E 1415 -20.53 68.88 42.95
CA TYR E 1415 -21.47 68.50 41.91
C TYR E 1415 -22.90 68.55 42.43
N LEU E 1416 -23.80 69.06 41.60
CA LEU E 1416 -25.23 69.06 41.87
C LEU E 1416 -25.94 67.99 41.04
N ALA E 1417 -27.21 67.75 41.38
CA ALA E 1417 -28.05 66.86 40.58
C ALA E 1417 -29.49 67.32 40.70
N VAL E 1418 -30.27 67.07 39.65
CA VAL E 1418 -31.65 67.57 39.55
C VAL E 1418 -32.61 66.42 39.24
N TYR E 1419 -33.64 66.26 40.10
CA TYR E 1419 -34.54 65.12 39.99
C TYR E 1419 -35.49 65.25 38.80
N ASP E 1420 -36.10 66.43 38.63
CA ASP E 1420 -37.34 66.61 37.87
C ASP E 1420 -38.44 65.73 38.48
N LEU E 1421 -38.78 66.10 39.72
CA LEU E 1421 -39.73 65.33 40.54
C LEU E 1421 -41.12 65.19 39.93
N SER E 1422 -41.40 65.87 38.81
CA SER E 1422 -42.67 65.67 38.13
C SER E 1422 -42.84 64.22 37.71
N LYS E 1423 -41.79 63.64 37.14
CA LYS E 1423 -41.77 62.21 36.80
C LYS E 1423 -41.05 61.42 37.88
N GLY E 1424 -41.65 61.42 39.07
CA GLY E 1424 -41.05 60.75 40.21
C GLY E 1424 -40.96 59.24 40.02
N GLN E 1425 -39.99 58.63 40.71
CA GLN E 1425 -39.68 57.21 40.73
C GLN E 1425 -39.12 56.72 39.40
N ALA E 1426 -39.04 57.57 38.37
CA ALA E 1426 -38.50 57.20 37.07
C ALA E 1426 -37.23 57.96 36.71
N GLU E 1427 -37.22 59.28 36.88
CA GLU E 1427 -36.03 60.06 36.57
C GLU E 1427 -34.90 59.81 37.56
N VAL E 1428 -35.22 59.31 38.76
CA VAL E 1428 -34.18 58.94 39.71
C VAL E 1428 -33.31 57.83 39.14
N ASP E 1429 -33.93 56.88 38.43
CA ASP E 1429 -33.17 55.87 37.70
C ASP E 1429 -32.37 56.50 36.58
N ALA E 1430 -32.93 57.51 35.93
CA ALA E 1430 -32.24 58.23 34.85
C ALA E 1430 -31.00 58.98 35.35
N MET E 1431 -30.95 59.31 36.64
CA MET E 1431 -29.77 59.95 37.20
C MET E 1431 -28.55 59.03 37.16
N LYS E 1432 -28.76 57.72 37.25
CA LYS E 1432 -27.65 56.80 37.51
C LYS E 1432 -26.50 56.89 36.51
N PRO E 1433 -26.71 57.02 35.18
CA PRO E 1433 -25.56 57.25 34.30
C PRO E 1433 -24.76 58.51 34.65
N TRP E 1434 -25.43 59.59 35.01
CA TRP E 1434 -24.73 60.84 35.35
C TRP E 1434 -23.90 60.68 36.61
N LEU E 1435 -24.49 60.06 37.65
CA LEU E 1435 -23.74 59.84 38.89
C LEU E 1435 -22.58 58.89 38.66
N PHE E 1436 -22.77 57.88 37.83
CA PHE E 1436 -21.69 56.95 37.51
C PHE E 1436 -20.56 57.65 36.79
N ASN E 1437 -20.89 58.55 35.85
CA ASN E 1437 -19.87 59.33 35.16
C ASN E 1437 -19.14 60.25 36.12
N ILE E 1438 -19.86 60.86 37.06
CA ILE E 1438 -19.24 61.71 38.07
C ILE E 1438 -18.25 60.89 38.90
N LYS E 1439 -18.66 59.67 39.29
CA LYS E 1439 -17.77 58.79 40.04
C LYS E 1439 -16.54 58.42 39.23
N ALA E 1440 -16.74 58.14 37.93
CA ALA E 1440 -15.62 57.74 37.07
C ALA E 1440 -14.62 58.89 36.91
N ARG E 1441 -15.11 60.11 36.71
CA ARG E 1441 -14.22 61.24 36.48
C ARG E 1441 -13.67 61.80 37.78
N ALA E 1442 -14.56 62.27 38.65
CA ALA E 1442 -14.19 62.87 39.93
C ALA E 1442 -14.64 61.94 41.05
N SER E 1443 -13.77 60.99 41.42
CA SER E 1443 -14.16 59.94 42.35
C SER E 1443 -14.23 60.40 43.80
N SER E 1444 -13.63 61.55 44.13
CA SER E 1444 -13.53 62.01 45.51
C SER E 1444 -14.20 63.37 45.71
N SER E 1445 -15.33 63.60 45.05
CA SER E 1445 -16.03 64.86 45.24
C SER E 1445 -17.47 64.62 45.66
N PRO E 1446 -17.99 65.41 46.59
CA PRO E 1446 -19.37 65.22 47.05
C PRO E 1446 -20.36 65.59 45.97
N VAL E 1447 -21.52 64.94 46.02
CA VAL E 1447 -22.62 65.22 45.10
C VAL E 1447 -23.87 65.55 45.91
N ILE E 1448 -24.58 66.58 45.49
CA ILE E 1448 -25.78 67.05 46.17
C ILE E 1448 -26.94 66.92 45.21
N LEU E 1449 -27.95 66.16 45.60
CA LEU E 1449 -29.11 65.90 44.75
C LEU E 1449 -30.23 66.87 45.14
N VAL E 1450 -30.96 67.36 44.14
CA VAL E 1450 -31.90 68.46 44.32
C VAL E 1450 -33.15 68.17 43.52
N GLY E 1451 -34.28 67.99 44.20
CA GLY E 1451 -35.55 67.97 43.49
C GLY E 1451 -35.91 69.36 43.01
N THR E 1452 -36.36 69.43 41.76
CA THR E 1452 -36.66 70.71 41.13
C THR E 1452 -38.14 70.87 40.75
N HIS E 1453 -39.04 70.23 41.48
CA HIS E 1453 -40.48 70.39 41.24
C HIS E 1453 -41.26 70.12 42.51
N LEU E 1454 -42.07 71.10 42.93
CA LEU E 1454 -43.02 70.91 44.01
C LEU E 1454 -44.42 71.30 43.58
N ASP E 1455 -44.53 72.28 42.69
CA ASP E 1455 -45.83 72.71 42.20
C ASP E 1455 -46.59 71.61 41.46
N VAL E 1456 -45.87 70.64 40.92
CA VAL E 1456 -46.47 69.47 40.27
C VAL E 1456 -46.13 68.23 41.09
N SER E 1457 -47.15 67.44 41.41
CA SER E 1457 -47.03 66.20 42.18
C SER E 1457 -46.36 66.41 43.53
N LYS E 1463 -46.00 61.84 44.77
CA LYS E 1463 -44.83 61.37 44.03
C LYS E 1463 -43.55 61.65 44.82
N ALA E 1464 -43.69 61.94 46.11
CA ALA E 1464 -42.57 62.22 46.99
C ALA E 1464 -41.93 60.95 47.54
N CYS E 1465 -42.20 59.79 46.95
CA CYS E 1465 -41.60 58.53 47.36
C CYS E 1465 -40.23 58.30 46.76
N MET E 1466 -39.74 59.22 45.93
CA MET E 1466 -38.41 59.08 45.33
C MET E 1466 -37.31 58.95 46.39
N SER E 1467 -37.47 59.66 47.52
CA SER E 1467 -36.47 59.57 48.57
C SER E 1467 -36.29 58.14 49.10
N LYS E 1468 -37.29 57.27 48.93
CA LYS E 1468 -37.12 55.87 49.29
C LYS E 1468 -36.04 55.24 48.42
N ILE E 1469 -36.19 55.36 47.10
CA ILE E 1469 -35.24 54.67 46.23
C ILE E 1469 -33.86 55.31 46.36
N THR E 1470 -33.80 56.64 46.55
CA THR E 1470 -32.52 57.28 46.80
C THR E 1470 -31.85 56.76 48.07
N LYS E 1471 -32.65 56.37 49.06
CA LYS E 1471 -32.10 55.77 50.28
C LYS E 1471 -31.88 54.27 50.17
N GLU E 1472 -32.42 53.62 49.13
CA GLU E 1472 -32.37 52.17 49.01
C GLU E 1472 -31.20 51.67 48.16
N LEU E 1473 -31.13 52.09 46.90
CA LEU E 1473 -30.14 51.57 45.96
C LEU E 1473 -29.18 52.62 45.43
N LEU E 1474 -29.50 53.91 45.55
CA LEU E 1474 -28.68 54.99 45.01
C LEU E 1474 -27.81 55.64 46.08
N ASN E 1475 -27.89 55.15 47.32
CA ASN E 1475 -27.19 55.81 48.43
C ASN E 1475 -25.70 55.46 48.42
N LYS E 1476 -25.37 54.18 48.57
CA LYS E 1476 -23.98 53.77 48.78
C LYS E 1476 -23.68 52.48 48.01
N ARG E 1477 -24.10 52.41 46.75
CA ARG E 1477 -23.92 51.22 45.93
C ARG E 1477 -23.16 51.62 44.66
N GLY E 1478 -21.83 51.70 44.77
CA GLY E 1478 -20.99 52.01 43.63
C GLY E 1478 -21.01 53.47 43.19
N PHE E 1479 -22.06 54.19 43.57
CA PHE E 1479 -22.25 55.58 43.21
C PHE E 1479 -21.38 56.48 44.09
N PRO E 1480 -21.11 57.72 43.65
CA PRO E 1480 -20.24 58.59 44.45
C PRO E 1480 -20.86 58.95 45.78
N ALA E 1481 -20.06 59.64 46.60
CA ALA E 1481 -20.44 59.95 47.97
C ALA E 1481 -21.52 61.02 48.02
N ILE E 1482 -22.80 60.59 48.05
CA ILE E 1482 -23.89 61.53 48.25
C ILE E 1482 -23.77 62.17 49.63
N ARG E 1483 -24.01 63.47 49.70
CA ARG E 1483 -23.93 64.19 50.96
C ARG E 1483 -25.29 64.66 51.47
N ASP E 1484 -26.05 65.40 50.67
CA ASP E 1484 -27.37 65.88 51.08
C ASP E 1484 -28.31 65.88 49.88
N TYR E 1485 -29.61 65.82 50.18
CA TYR E 1485 -30.64 65.82 49.15
C TYR E 1485 -31.72 66.83 49.51
N HIS E 1486 -32.20 67.56 48.51
CA HIS E 1486 -33.17 68.64 48.69
C HIS E 1486 -34.29 68.52 47.67
N PHE E 1487 -35.38 69.25 47.94
CA PHE E 1487 -36.61 69.18 47.15
C PHE E 1487 -37.16 70.57 46.87
N VAL E 1488 -36.31 71.48 46.38
CA VAL E 1488 -36.74 72.87 46.16
C VAL E 1488 -37.81 72.94 45.06
N ASN E 1489 -38.72 73.92 45.19
CA ASN E 1489 -39.71 74.17 44.15
C ASN E 1489 -39.05 74.67 42.86
N ALA E 1490 -37.93 75.39 43.02
CA ALA E 1490 -37.15 75.90 41.87
C ALA E 1490 -37.80 77.10 41.19
N THR E 1491 -39.12 77.05 40.93
CA THR E 1491 -39.72 78.18 40.18
C THR E 1491 -39.57 79.46 41.01
N GLU E 1492 -39.73 79.37 42.33
CA GLU E 1492 -39.71 80.59 43.17
C GLU E 1492 -38.77 80.40 44.37
N GLU E 1493 -38.28 81.51 44.93
CA GLU E 1493 -37.43 81.43 46.15
C GLU E 1493 -38.29 80.93 47.30
N SER E 1494 -37.68 80.35 48.33
CA SER E 1494 -38.42 79.75 49.42
C SER E 1494 -37.42 79.29 50.49
N ASP E 1495 -37.97 78.79 51.60
CA ASP E 1495 -37.13 78.30 52.70
C ASP E 1495 -36.29 77.11 52.26
N ALA E 1496 -36.86 76.24 51.43
CA ALA E 1496 -36.11 75.08 50.93
C ALA E 1496 -34.91 75.53 50.11
N LEU E 1497 -35.10 76.56 49.27
CA LEU E 1497 -33.98 77.06 48.46
C LEU E 1497 -32.91 77.69 49.34
N ALA E 1498 -33.31 78.40 50.39
CA ALA E 1498 -32.33 78.95 51.33
C ALA E 1498 -31.57 77.84 52.03
N LYS E 1499 -32.26 76.78 52.44
CA LYS E 1499 -31.57 75.65 53.06
C LYS E 1499 -30.60 74.98 52.08
N LEU E 1500 -31.00 74.90 50.81
CA LEU E 1500 -30.10 74.36 49.80
C LEU E 1500 -28.87 75.25 49.63
N ARG E 1501 -29.04 76.56 49.64
CA ARG E 1501 -27.90 77.47 49.51
C ARG E 1501 -26.96 77.34 50.70
N LYS E 1502 -27.52 77.25 51.91
CA LYS E 1502 -26.70 77.03 53.10
C LYS E 1502 -25.97 75.69 53.02
N THR E 1503 -26.64 74.65 52.52
CA THR E 1503 -25.99 73.35 52.38
C THR E 1503 -24.83 73.43 51.38
N ILE E 1504 -25.02 74.15 50.29
CA ILE E 1504 -23.96 74.37 49.31
C ILE E 1504 -22.78 75.09 49.97
N ILE E 1505 -23.08 76.11 50.79
CA ILE E 1505 -22.03 76.84 51.49
C ILE E 1505 -21.25 75.92 52.41
N ASN E 1506 -21.97 75.12 53.21
CA ASN E 1506 -21.30 74.23 54.17
C ASN E 1506 -20.45 73.19 53.45
N GLU E 1507 -20.95 72.63 52.36
CA GLU E 1507 -20.19 71.60 51.65
C GLU E 1507 -19.02 72.19 50.88
N SER E 1508 -19.13 73.44 50.44
CA SER E 1508 -18.00 74.08 49.77
C SER E 1508 -16.91 74.43 50.76
N LEU E 1509 -17.28 74.96 51.93
CA LEU E 1509 -16.30 75.34 52.93
C LEU E 1509 -15.71 74.14 53.67
N ASN E 1510 -16.27 72.96 53.50
CA ASN E 1510 -15.78 71.73 54.11
C ASN E 1510 -15.48 70.67 53.06
N PHE E 1511 -14.86 71.08 51.95
CA PHE E 1511 -14.51 70.17 50.87
C PHE E 1511 -13.54 69.11 51.38
N LYS E 1512 -12.32 69.56 51.72
CA LYS E 1512 -11.33 68.80 52.49
C LYS E 1512 -11.07 67.42 51.89
N ILE E 1513 -10.54 67.42 50.67
CA ILE E 1513 -10.08 66.18 50.07
C ILE E 1513 -8.75 65.80 50.69
N ARG E 1514 -8.63 64.53 51.13
CA ARG E 1514 -7.48 63.95 51.83
C ARG E 1514 -6.89 64.90 52.87
N ASP E 1515 -7.77 65.55 53.63
CA ASP E 1515 -7.41 66.47 54.72
C ASP E 1515 -6.51 67.60 54.22
N GLN E 1516 -7.07 68.42 53.33
CA GLN E 1516 -6.33 69.54 52.77
C GLN E 1516 -7.09 70.86 52.86
N LEU E 1517 -8.41 70.80 52.88
CA LEU E 1517 -9.28 71.97 52.98
C LEU E 1517 -9.00 72.93 51.81
N VAL E 1518 -9.39 72.45 50.62
CA VAL E 1518 -9.06 73.13 49.36
C VAL E 1518 -9.57 74.56 49.36
N VAL E 1519 -10.79 74.77 49.85
CA VAL E 1519 -11.47 76.06 49.77
C VAL E 1519 -10.67 77.18 50.45
N GLY E 1520 -9.80 76.83 51.39
CA GLY E 1520 -9.02 77.83 52.09
C GLY E 1520 -7.53 77.51 52.11
N GLN E 1521 -7.01 76.96 51.01
CA GLN E 1521 -5.59 76.65 50.96
C GLN E 1521 -4.77 77.91 50.73
N LEU E 1522 -3.45 77.76 50.81
CA LEU E 1522 -2.53 78.89 50.71
C LEU E 1522 -1.72 78.77 49.42
N ILE E 1523 -1.69 79.85 48.65
CA ILE E 1523 -0.92 79.89 47.40
C ILE E 1523 -0.11 81.17 47.38
N PRO E 1524 0.96 81.22 46.58
CA PRO E 1524 1.71 82.47 46.42
C PRO E 1524 0.85 83.58 45.82
N ASP E 1525 1.13 84.81 46.24
CA ASP E 1525 0.37 85.97 45.79
C ASP E 1525 0.53 86.24 44.30
N CYS E 1526 1.61 85.73 43.69
CA CYS E 1526 1.81 85.92 42.26
C CYS E 1526 0.69 85.28 41.45
N TYR E 1527 0.23 84.10 41.89
CA TYR E 1527 -0.87 83.43 41.21
C TYR E 1527 -2.15 84.26 41.28
N VAL E 1528 -2.44 84.84 42.44
CA VAL E 1528 -3.64 85.66 42.60
C VAL E 1528 -3.55 86.91 41.73
N GLU E 1529 -2.37 87.55 41.69
CA GLU E 1529 -2.21 88.73 40.85
C GLU E 1529 -2.37 88.40 39.38
N LEU E 1530 -1.81 87.25 38.95
CA LEU E 1530 -1.98 86.81 37.56
C LEU E 1530 -3.45 86.55 37.26
N GLU E 1531 -4.17 85.93 38.19
CA GLU E 1531 -5.60 85.70 38.00
C GLU E 1531 -6.34 87.02 37.85
N LYS E 1532 -6.00 88.01 38.69
CA LYS E 1532 -6.65 89.32 38.62
C LYS E 1532 -6.42 89.97 37.26
N ILE E 1533 -5.17 89.98 36.79
CA ILE E 1533 -4.89 90.64 35.52
C ILE E 1533 -5.53 89.88 34.38
N ILE E 1534 -5.59 88.54 34.45
CA ILE E 1534 -6.22 87.76 33.38
C ILE E 1534 -7.71 88.05 33.32
N LEU E 1535 -8.39 88.02 34.46
CA LEU E 1535 -9.83 88.27 34.46
C LEU E 1535 -10.15 89.73 34.12
N SER E 1536 -9.20 90.65 34.38
CA SER E 1536 -9.41 92.03 33.95
C SER E 1536 -9.23 92.17 32.45
N GLU E 1537 -8.21 91.52 31.89
CA GLU E 1537 -7.99 91.57 30.45
C GLU E 1537 -9.04 90.78 29.67
N ARG E 1538 -9.81 89.92 30.35
CA ARG E 1538 -10.86 89.16 29.69
C ARG E 1538 -11.86 90.04 28.95
N LYS E 1539 -12.07 91.27 29.43
CA LYS E 1539 -13.04 92.17 28.84
C LYS E 1539 -12.46 93.02 27.73
N ASN E 1540 -11.17 92.86 27.41
CA ASN E 1540 -10.49 93.66 26.40
C ASN E 1540 -9.96 92.78 25.27
N VAL E 1541 -10.77 91.83 24.81
CA VAL E 1541 -10.39 90.92 23.73
C VAL E 1541 -11.52 90.93 22.70
N PRO E 1542 -11.23 90.65 21.43
CA PRO E 1542 -12.31 90.57 20.44
C PRO E 1542 -13.32 89.47 20.78
N ILE E 1543 -14.60 89.78 20.56
CA ILE E 1543 -15.65 88.81 20.87
C ILE E 1543 -15.55 87.60 19.96
N GLU E 1544 -15.31 87.82 18.66
CA GLU E 1544 -15.26 86.72 17.70
C GLU E 1544 -14.06 85.80 17.91
N PHE E 1545 -13.05 86.23 18.67
CA PHE E 1545 -11.85 85.43 18.84
C PHE E 1545 -11.09 85.83 20.10
N PRO E 1546 -11.54 85.40 21.29
CA PRO E 1546 -10.80 85.70 22.52
C PRO E 1546 -9.52 84.90 22.69
N VAL E 1547 -9.13 84.07 21.72
CA VAL E 1547 -7.90 83.29 21.84
C VAL E 1547 -6.70 84.23 21.90
N ILE E 1548 -5.77 83.93 22.79
CA ILE E 1548 -4.61 84.78 23.05
C ILE E 1548 -3.34 83.97 22.91
N ASP E 1549 -2.37 84.50 22.17
CA ASP E 1549 -1.07 83.88 22.00
C ASP E 1549 -0.20 84.06 23.24
N ARG E 1550 0.79 83.18 23.38
CA ARG E 1550 1.72 83.27 24.51
C ARG E 1550 2.50 84.58 24.48
N LYS E 1551 2.71 85.15 23.29
CA LYS E 1551 3.41 86.43 23.20
C LYS E 1551 2.63 87.53 23.92
N ARG E 1552 1.30 87.54 23.78
CA ARG E 1552 0.49 88.53 24.46
C ARG E 1552 0.54 88.33 25.98
N LEU E 1553 0.57 87.07 26.43
CA LEU E 1553 0.69 86.82 27.86
C LEU E 1553 2.04 87.30 28.40
N LEU E 1554 3.13 87.07 27.65
CA LEU E 1554 4.43 87.59 28.06
C LEU E 1554 4.46 89.11 28.01
N GLN E 1555 3.64 89.71 27.14
CA GLN E 1555 3.52 91.16 27.16
C GLN E 1555 2.82 91.61 28.43
N LEU E 1556 1.69 90.98 28.79
CA LEU E 1556 0.97 91.40 29.98
C LEU E 1556 1.80 91.18 31.25
N VAL E 1557 2.57 90.09 31.31
CA VAL E 1557 3.42 89.89 32.48
C VAL E 1557 4.50 90.96 32.53
N ARG E 1558 4.92 91.49 31.36
CA ARG E 1558 5.89 92.58 31.40
C ARG E 1558 5.25 93.91 31.79
N GLU E 1559 4.02 94.19 31.33
CA GLU E 1559 3.35 95.45 31.66
C GLU E 1559 3.12 95.60 33.17
N ASN E 1560 2.70 94.54 33.83
CA ASN E 1560 2.56 94.56 35.29
C ASN E 1560 3.91 94.29 35.94
N GLN E 1561 3.89 94.07 37.26
CA GLN E 1561 5.10 93.85 38.04
C GLN E 1561 5.12 92.45 38.66
N LEU E 1562 4.74 91.45 37.87
CA LEU E 1562 4.77 90.08 38.35
C LEU E 1562 6.20 89.58 38.44
N GLN E 1563 6.44 88.63 39.34
CA GLN E 1563 7.75 88.06 39.57
C GLN E 1563 7.89 86.68 38.93
N LEU E 1564 7.17 86.42 37.85
CA LEU E 1564 7.22 85.13 37.18
C LEU E 1564 8.29 85.15 36.09
N ASP E 1565 8.83 83.96 35.81
CA ASP E 1565 9.80 83.76 34.75
C ASP E 1565 9.28 82.67 33.81
N GLU E 1566 10.14 82.24 32.89
CA GLU E 1566 9.78 81.16 31.98
C GLU E 1566 9.51 79.84 32.70
N ASN E 1567 10.08 79.67 33.90
CA ASN E 1567 9.92 78.45 34.67
C ASN E 1567 8.71 78.46 35.59
N GLU E 1568 8.02 79.61 35.71
CA GLU E 1568 6.87 79.72 36.58
C GLU E 1568 5.54 79.64 35.83
N LEU E 1569 5.51 80.10 34.57
CA LEU E 1569 4.29 80.02 33.78
C LEU E 1569 3.72 78.61 33.61
N PRO E 1570 4.51 77.56 33.29
CA PRO E 1570 3.90 76.23 33.10
C PRO E 1570 3.14 75.70 34.30
N HIS E 1571 3.49 76.12 35.51
CA HIS E 1571 2.72 75.74 36.69
C HIS E 1571 1.63 76.75 37.00
N ALA E 1572 1.90 78.04 36.78
CA ALA E 1572 0.91 79.07 37.09
C ALA E 1572 -0.33 78.93 36.23
N VAL E 1573 -0.15 78.80 34.91
CA VAL E 1573 -1.31 78.68 34.03
C VAL E 1573 -2.03 77.36 34.27
N HIS E 1574 -1.31 76.30 34.66
CA HIS E 1574 -1.96 75.05 34.98
C HIS E 1574 -2.82 75.17 36.23
N PHE E 1575 -2.32 75.87 37.25
CA PHE E 1575 -3.11 76.09 38.45
C PHE E 1575 -4.33 76.95 38.15
N LEU E 1576 -4.17 77.98 37.32
CA LEU E 1576 -5.32 78.79 36.92
C LEU E 1576 -6.35 77.98 36.14
N ASN E 1577 -5.87 77.10 35.26
CA ASN E 1577 -6.77 76.22 34.50
C ASN E 1577 -7.53 75.30 35.44
N GLU E 1578 -6.84 74.77 36.46
CA GLU E 1578 -7.52 73.94 37.46
C GLU E 1578 -8.58 74.74 38.22
N SER E 1579 -8.43 76.06 38.30
CA SER E 1579 -9.45 76.91 38.89
C SER E 1579 -10.44 77.43 37.86
N GLY E 1580 -10.26 77.10 36.58
CA GLY E 1580 -11.23 77.44 35.56
C GLY E 1580 -11.22 78.87 35.09
N VAL E 1581 -10.17 79.64 35.39
CA VAL E 1581 -10.11 81.02 34.92
C VAL E 1581 -9.88 81.07 33.41
N LEU E 1582 -8.93 80.27 32.92
CA LEU E 1582 -8.71 80.12 31.49
C LEU E 1582 -8.32 78.69 31.18
N LEU E 1583 -8.84 78.16 30.07
CA LEU E 1583 -8.51 76.82 29.62
C LEU E 1583 -7.24 76.85 28.79
N HIS E 1584 -6.22 76.11 29.23
CA HIS E 1584 -5.01 75.89 28.47
C HIS E 1584 -4.71 74.40 28.45
N PHE E 1585 -4.16 73.94 27.33
CA PHE E 1585 -3.94 72.51 27.12
C PHE E 1585 -2.45 72.25 26.94
N GLN E 1586 -1.94 71.27 27.66
CA GLN E 1586 -0.51 71.00 27.73
C GLN E 1586 -0.12 69.72 27.00
N ASP E 1587 -1.04 69.13 26.24
CA ASP E 1587 -0.73 67.92 25.49
C ASP E 1587 0.14 68.25 24.29
N PRO E 1588 1.36 67.70 24.19
CA PRO E 1588 2.21 68.03 23.05
C PRO E 1588 1.69 67.48 21.73
N ALA E 1589 0.98 66.35 21.74
CA ALA E 1589 0.47 65.76 20.51
C ALA E 1589 -0.52 66.70 19.82
N LEU E 1590 -1.42 67.30 20.60
CA LEU E 1590 -2.35 68.30 20.08
C LEU E 1590 -1.66 69.65 20.05
N GLN E 1591 -1.29 70.10 18.84
CA GLN E 1591 -0.43 71.27 18.66
C GLN E 1591 -1.26 72.56 18.77
N LEU E 1592 -1.66 72.87 20.02
CA LEU E 1592 -2.30 74.14 20.28
C LEU E 1592 -1.85 74.75 21.61
N SER E 1593 -0.77 74.24 22.21
CA SER E 1593 -0.33 74.73 23.51
C SER E 1593 0.12 76.19 23.49
N ASP E 1594 0.39 76.75 22.31
CA ASP E 1594 0.71 78.16 22.21
C ASP E 1594 -0.49 79.04 22.56
N LEU E 1595 -1.68 78.59 22.19
CA LEU E 1595 -2.89 79.38 22.37
C LEU E 1595 -3.38 79.30 23.82
N TYR E 1596 -4.00 80.39 24.27
CA TYR E 1596 -4.64 80.45 25.59
C TYR E 1596 -6.08 80.87 25.39
N PHE E 1597 -7.01 80.12 25.99
CA PHE E 1597 -8.44 80.36 25.80
C PHE E 1597 -9.02 81.06 27.03
N VAL E 1598 -8.88 82.38 27.05
CA VAL E 1598 -9.58 83.19 28.04
C VAL E 1598 -11.07 83.22 27.68
N GLU E 1599 -11.91 83.50 28.69
CA GLU E 1599 -13.37 83.49 28.58
C GLU E 1599 -13.85 82.11 28.14
N PRO E 1600 -13.82 81.11 29.04
CA PRO E 1600 -14.10 79.72 28.64
C PRO E 1600 -15.46 79.51 28.00
N LYS E 1601 -16.46 80.31 28.37
CA LYS E 1601 -17.81 80.14 27.84
C LYS E 1601 -17.83 80.24 26.31
N TRP E 1602 -16.99 81.12 25.73
CA TRP E 1602 -16.93 81.25 24.28
C TRP E 1602 -16.44 79.95 23.64
N LEU E 1603 -15.35 79.40 24.16
CA LEU E 1603 -14.81 78.16 23.61
C LEU E 1603 -15.80 77.01 23.76
N CYS E 1604 -16.44 76.92 24.92
CA CYS E 1604 -17.41 75.84 25.16
C CYS E 1604 -18.62 75.97 24.23
N LYS E 1605 -19.08 77.20 24.00
CA LYS E 1605 -20.20 77.40 23.09
C LYS E 1605 -19.82 77.09 21.64
N ILE E 1606 -18.59 77.44 21.23
CA ILE E 1606 -18.14 77.13 19.87
C ILE E 1606 -18.00 75.63 19.68
N MET E 1607 -17.55 74.92 20.73
CA MET E 1607 -17.43 73.46 20.65
C MET E 1607 -18.77 72.79 20.36
N ALA E 1608 -19.88 73.38 20.81
CA ALA E 1608 -21.19 72.78 20.65
C ALA E 1608 -21.96 73.32 19.44
N GLN E 1609 -21.32 74.15 18.62
CA GLN E 1609 -22.00 74.66 17.43
C GLN E 1609 -22.13 73.59 16.35
N ILE E 1610 -21.05 72.81 16.13
CA ILE E 1610 -21.06 71.79 15.09
C ILE E 1610 -22.06 70.69 15.41
N LEU E 1611 -22.25 70.38 16.70
CA LEU E 1611 -23.15 69.30 17.09
C LEU E 1611 -24.63 69.65 16.90
N THR E 1612 -24.96 70.90 16.58
CA THR E 1612 -26.34 71.33 16.42
C THR E 1612 -26.74 71.62 14.99
N VAL E 1613 -25.80 71.65 14.05
CA VAL E 1613 -26.12 71.92 12.65
C VAL E 1613 -26.51 70.60 11.99
N LYS E 1614 -27.49 70.67 11.09
CA LYS E 1614 -27.99 69.49 10.39
C LYS E 1614 -28.31 69.86 8.95
N VAL E 1615 -28.73 68.86 8.17
CA VAL E 1615 -29.18 69.07 6.80
C VAL E 1615 -30.31 68.10 6.48
N GLU E 1616 -31.52 68.63 6.29
CA GLU E 1616 -32.68 67.84 5.92
C GLU E 1616 -32.91 67.81 4.41
N GLY E 1617 -31.89 67.43 3.64
CA GLY E 1617 -32.03 67.37 2.21
C GLY E 1617 -31.93 65.98 1.62
N CYS E 1618 -30.89 65.74 0.82
CA CYS E 1618 -30.66 64.42 0.22
C CYS E 1618 -29.65 63.67 1.06
N PRO E 1619 -30.00 62.52 1.64
CA PRO E 1619 -29.03 61.76 2.43
C PRO E 1619 -27.94 61.02 1.65
N LYS E 1620 -27.15 61.71 0.81
CA LYS E 1620 -26.08 61.01 0.09
C LYS E 1620 -25.03 60.48 1.06
N HIS E 1621 -24.88 61.12 2.21
CA HIS E 1621 -23.94 60.60 3.17
C HIS E 1621 -24.64 59.92 4.34
N PRO E 1622 -24.08 58.81 4.83
CA PRO E 1622 -24.68 58.12 5.98
C PRO E 1622 -24.68 58.99 7.23
N LYS E 1623 -25.66 58.73 8.10
CA LYS E 1623 -25.87 59.53 9.30
C LYS E 1623 -24.65 59.46 10.21
N GLY E 1624 -23.94 60.59 10.34
CA GLY E 1624 -22.77 60.66 11.21
C GLY E 1624 -21.55 61.22 10.51
N ILE E 1625 -21.39 60.89 9.23
CA ILE E 1625 -20.24 61.37 8.45
C ILE E 1625 -20.56 62.76 7.91
N ILE E 1626 -19.53 63.60 7.81
CA ILE E 1626 -19.68 64.95 7.27
C ILE E 1626 -18.32 65.40 6.78
N SER E 1627 -18.33 66.23 5.74
CA SER E 1627 -17.10 66.76 5.16
C SER E 1627 -17.07 68.28 5.36
N ARG E 1628 -16.05 68.93 4.77
CA ARG E 1628 -15.81 70.35 4.97
C ARG E 1628 -16.89 71.16 4.26
N ARG E 1629 -17.88 71.63 5.03
CA ARG E 1629 -18.95 72.46 4.51
C ARG E 1629 -19.20 73.61 5.47
N ASP E 1630 -19.52 74.78 4.93
CA ASP E 1630 -19.72 75.99 5.72
C ASP E 1630 -20.90 75.88 6.67
N PRO E 1642 -14.70 83.42 10.61
CA PRO E 1642 -14.78 83.53 9.15
C PRO E 1642 -13.46 83.95 8.51
N LYS E 1643 -12.81 84.96 9.09
CA LYS E 1643 -11.53 85.46 8.58
C LYS E 1643 -10.44 84.50 9.01
N ASN E 1644 -10.21 83.47 8.16
CA ASN E 1644 -9.26 82.39 8.36
C ASN E 1644 -9.60 81.51 9.56
N TYR E 1645 -10.70 81.81 10.25
CA TYR E 1645 -11.11 81.02 11.40
C TYR E 1645 -11.65 79.65 11.01
N MET E 1646 -12.01 79.47 9.74
CA MET E 1646 -12.61 78.21 9.29
C MET E 1646 -11.64 77.05 9.45
N THR E 1647 -10.36 77.26 9.09
CA THR E 1647 -9.36 76.21 9.27
C THR E 1647 -9.15 75.89 10.75
N GLN E 1648 -9.06 76.93 11.58
CA GLN E 1648 -8.83 76.75 13.01
C GLN E 1648 -9.97 75.99 13.66
N TYR E 1649 -11.20 76.19 13.17
CA TYR E 1649 -12.37 75.50 13.74
C TYR E 1649 -12.20 73.98 13.67
N PHE E 1650 -12.11 73.42 12.46
CA PHE E 1650 -12.00 71.96 12.41
C PHE E 1650 -10.63 71.47 12.83
N LYS E 1651 -9.60 72.32 12.83
CA LYS E 1651 -8.35 71.92 13.48
C LYS E 1651 -8.55 71.68 14.98
N LEU E 1652 -9.29 72.58 15.64
CA LEU E 1652 -9.62 72.40 17.04
C LEU E 1652 -10.51 71.18 17.25
N LEU E 1653 -11.47 70.95 16.33
CA LEU E 1653 -12.32 69.77 16.44
C LEU E 1653 -11.51 68.47 16.32
N GLU E 1654 -10.59 68.42 15.36
CA GLU E 1654 -9.71 67.25 15.23
C GLU E 1654 -8.83 67.08 16.46
N LYS E 1655 -8.32 68.19 17.01
CA LYS E 1655 -7.52 68.13 18.23
C LYS E 1655 -8.32 67.56 19.39
N PHE E 1656 -9.58 67.97 19.53
CA PHE E 1656 -10.47 67.39 20.52
C PHE E 1656 -11.06 66.06 20.07
N GLN E 1657 -10.79 65.64 18.83
CA GLN E 1657 -11.25 64.36 18.28
C GLN E 1657 -12.77 64.34 18.13
N ILE E 1658 -13.32 65.44 17.62
CA ILE E 1658 -14.74 65.54 17.30
C ILE E 1658 -14.95 65.58 15.78
N ALA E 1659 -13.94 65.17 15.03
CA ALA E 1659 -14.04 65.12 13.57
C ALA E 1659 -13.00 64.15 12.99
N LEU E 1668 -16.11 63.06 10.06
CA LEU E 1668 -16.75 62.00 10.81
C LEU E 1668 -17.10 62.49 12.21
N VAL E 1669 -18.39 62.57 12.51
CA VAL E 1669 -18.87 63.03 13.81
C VAL E 1669 -19.28 61.79 14.61
N PRO E 1670 -18.51 61.40 15.64
CA PRO E 1670 -18.86 60.19 16.40
C PRO E 1670 -20.20 60.28 17.12
N SER E 1671 -20.74 61.47 17.36
CA SER E 1671 -22.09 61.58 17.88
C SER E 1671 -23.09 61.55 16.74
N SER E 1672 -24.29 61.06 17.05
CA SER E 1672 -25.37 60.87 16.08
C SER E 1672 -24.88 60.05 14.89
N LEU E 1673 -24.36 58.86 15.21
CA LEU E 1673 -23.69 58.01 14.23
C LEU E 1673 -24.32 56.61 14.30
N SER E 1674 -25.42 56.44 13.56
CA SER E 1674 -26.00 55.14 13.17
C SER E 1674 -26.08 54.18 14.36
N ASP E 1675 -26.95 54.52 15.31
CA ASP E 1675 -27.11 53.73 16.53
C ASP E 1675 -27.43 52.27 16.26
N HIS E 1676 -28.13 51.98 15.17
CA HIS E 1676 -28.44 50.59 14.82
C HIS E 1676 -27.27 49.98 14.07
N ARG E 1677 -26.83 48.81 14.52
CA ARG E 1677 -25.71 48.26 13.75
C ARG E 1677 -26.19 47.27 12.70
N PRO E 1678 -25.55 47.25 11.53
CA PRO E 1678 -25.91 46.24 10.52
C PRO E 1678 -25.39 44.88 10.93
N VAL E 1679 -26.12 43.84 10.52
CA VAL E 1679 -25.74 42.48 10.87
C VAL E 1679 -24.42 42.11 10.22
N ILE E 1680 -23.53 41.53 11.01
CA ILE E 1680 -22.19 41.12 10.58
C ILE E 1680 -22.10 39.61 10.75
N GLU E 1681 -21.63 38.94 9.69
CA GLU E 1681 -21.55 37.48 9.66
C GLU E 1681 -20.10 37.08 9.41
N LEU E 1682 -19.43 36.69 10.49
CA LEU E 1682 -18.01 36.35 10.43
C LEU E 1682 -17.82 34.99 9.76
N PRO E 1683 -16.68 34.77 9.09
CA PRO E 1683 -16.47 33.51 8.38
C PRO E 1683 -16.36 32.30 9.29
N HIS E 1684 -15.50 32.39 10.30
CA HIS E 1684 -15.22 31.29 11.22
C HIS E 1684 -15.77 31.67 12.58
N CYS E 1685 -16.84 30.99 12.99
CA CYS E 1685 -17.45 31.25 14.28
C CYS E 1685 -17.82 29.94 14.95
N GLU E 1686 -16.91 28.97 14.88
CA GLU E 1686 -17.15 27.62 15.36
C GLU E 1686 -16.67 27.43 16.80
N ASN E 1687 -16.68 28.50 17.60
CA ASN E 1687 -16.39 28.52 19.03
C ASN E 1687 -14.94 28.17 19.35
N SER E 1688 -14.09 27.95 18.35
CA SER E 1688 -12.69 27.63 18.59
C SER E 1688 -11.70 28.48 17.83
N GLU E 1689 -12.11 29.17 16.76
CA GLU E 1689 -11.22 30.04 16.01
C GLU E 1689 -11.29 31.50 16.45
N ILE E 1690 -12.12 31.81 17.44
CA ILE E 1690 -12.33 33.19 17.87
C ILE E 1690 -11.93 33.31 19.33
N ILE E 1691 -11.15 34.35 19.64
CA ILE E 1691 -10.86 34.75 21.01
C ILE E 1691 -11.79 35.90 21.38
N ILE E 1692 -12.50 35.77 22.49
CA ILE E 1692 -13.48 36.75 22.92
C ILE E 1692 -13.11 37.22 24.32
N ARG E 1693 -13.17 38.54 24.54
CA ARG E 1693 -12.92 39.12 25.85
C ARG E 1693 -14.00 40.16 26.12
N LEU E 1694 -14.40 40.27 27.39
CA LEU E 1694 -15.48 41.15 27.80
C LEU E 1694 -14.98 42.11 28.88
N TYR E 1695 -15.55 43.30 28.91
CA TYR E 1695 -15.23 44.36 29.87
C TYR E 1695 -16.48 44.84 30.60
N GLU E 1696 -17.20 43.90 31.23
CA GLU E 1696 -18.38 44.19 32.05
C GLU E 1696 -18.16 45.36 32.99
N MET E 1697 -18.95 46.42 32.78
CA MET E 1697 -18.96 47.62 33.60
C MET E 1697 -20.41 48.05 33.80
N PRO E 1698 -20.72 48.69 34.93
CA PRO E 1698 -22.14 49.00 35.22
C PRO E 1698 -22.79 49.91 34.19
N TYR E 1699 -22.05 50.86 33.64
CA TYR E 1699 -22.56 51.75 32.62
C TYR E 1699 -21.41 52.15 31.71
N PHE E 1700 -21.75 52.57 30.50
CA PHE E 1700 -20.75 53.12 29.61
C PHE E 1700 -20.46 54.56 29.98
N PRO E 1701 -19.22 54.91 30.31
CA PRO E 1701 -18.91 56.31 30.63
C PRO E 1701 -19.18 57.21 29.43
N MET E 1702 -19.49 58.48 29.72
CA MET E 1702 -20.02 59.41 28.72
C MET E 1702 -19.12 59.51 27.50
N GLY E 1703 -17.89 59.98 27.69
CA GLY E 1703 -16.97 60.07 26.58
C GLY E 1703 -16.11 58.83 26.45
N PHE E 1704 -16.73 57.67 26.25
CA PHE E 1704 -15.98 56.43 26.10
C PHE E 1704 -15.83 56.04 24.63
N TRP E 1705 -16.95 55.83 23.94
CA TRP E 1705 -16.91 55.29 22.60
C TRP E 1705 -16.35 56.27 21.59
N SER E 1706 -16.67 57.56 21.75
CA SER E 1706 -16.18 58.57 20.80
C SER E 1706 -14.67 58.72 20.83
N ARG E 1707 -14.03 58.38 21.95
CA ARG E 1707 -12.57 58.35 22.01
C ARG E 1707 -12.03 56.99 21.58
N LEU E 1708 -12.73 55.91 21.95
CA LEU E 1708 -12.26 54.56 21.64
C LEU E 1708 -12.23 54.32 20.13
N ILE E 1709 -13.33 54.61 19.44
CA ILE E 1709 -13.37 54.44 17.99
C ILE E 1709 -12.53 55.51 17.30
N ASN E 1710 -12.00 56.45 18.06
CA ASN E 1710 -11.03 57.43 17.56
C ASN E 1710 -9.60 57.14 18.00
N ARG E 1711 -9.36 56.01 18.66
CA ARG E 1711 -8.00 55.58 18.98
C ARG E 1711 -7.54 54.45 18.06
N LEU E 1712 -8.38 53.44 17.86
CA LEU E 1712 -8.05 52.34 16.96
C LEU E 1712 -8.20 52.75 15.50
N LEU E 1713 -8.95 53.82 15.23
CA LEU E 1713 -9.17 54.28 13.86
C LEU E 1713 -7.86 54.70 13.21
N GLU E 1714 -7.11 55.58 13.87
CA GLU E 1714 -5.88 56.12 13.29
C GLU E 1714 -4.75 55.11 13.25
N ILE E 1715 -4.90 53.95 13.88
CA ILE E 1715 -3.86 52.91 13.83
C ILE E 1715 -4.12 52.06 12.59
N SER E 1716 -3.62 52.52 11.47
CA SER E 1716 -3.65 51.74 10.23
C SER E 1716 -2.53 50.69 10.16
N PRO E 1717 -1.24 50.96 10.59
CA PRO E 1717 -0.20 49.93 10.43
C PRO E 1717 -0.32 48.76 11.39
N TYR E 1718 -1.47 48.08 11.42
CA TYR E 1718 -1.55 46.85 12.18
C TYR E 1718 -0.85 45.72 11.42
N MET E 1719 -0.43 44.71 12.18
CA MET E 1719 0.44 43.62 11.70
C MET E 1719 1.65 44.17 10.94
N LEU E 1720 2.41 45.00 11.64
CA LEU E 1720 3.64 45.55 11.08
C LEU E 1720 4.82 45.27 12.01
N ALA E 1726 2.06 48.48 5.25
CA ALA E 1726 0.96 49.40 5.53
C ALA E 1726 -0.16 49.23 4.52
N LEU E 1727 -1.07 48.30 4.80
CA LEU E 1727 -2.23 48.01 3.98
C LEU E 1727 -3.47 48.60 4.64
N ARG E 1728 -4.55 48.74 3.86
CA ARG E 1728 -5.64 49.44 4.53
C ARG E 1728 -6.74 48.48 4.93
N PRO E 1729 -7.36 48.71 6.07
CA PRO E 1729 -8.45 47.84 6.53
C PRO E 1729 -9.83 48.35 6.14
N ASN E 1730 -10.76 47.46 5.81
CA ASN E 1730 -12.12 47.93 5.62
C ASN E 1730 -12.69 48.26 6.99
N ARG E 1731 -13.63 49.22 7.05
CA ARG E 1731 -14.15 49.69 8.33
C ARG E 1731 -15.59 50.19 8.20
N MET E 1732 -16.42 49.86 9.19
CA MET E 1732 -17.77 50.41 9.29
C MET E 1732 -18.01 50.93 10.71
N TYR E 1733 -18.34 52.20 10.85
CA TYR E 1733 -18.50 52.77 12.18
C TYR E 1733 -19.96 52.92 12.59
N TRP E 1734 -20.26 52.55 13.83
CA TRP E 1734 -21.57 52.82 14.43
C TRP E 1734 -21.29 53.46 15.78
N ARG E 1735 -22.34 53.95 16.43
CA ARG E 1735 -22.20 54.69 17.70
C ARG E 1735 -21.42 53.93 18.78
N GLN E 1736 -21.19 52.63 18.59
CA GLN E 1736 -20.56 51.79 19.60
C GLN E 1736 -19.84 50.60 18.96
N GLY E 1737 -18.98 50.85 17.96
CA GLY E 1737 -18.23 49.76 17.37
C GLY E 1737 -17.30 50.25 16.28
N ILE E 1738 -16.39 49.36 15.89
CA ILE E 1738 -15.45 49.66 14.80
C ILE E 1738 -15.51 48.57 13.73
N TYR E 1739 -15.16 47.34 14.10
CA TYR E 1739 -15.08 46.20 13.19
C TYR E 1739 -14.19 46.54 11.98
N LEU E 1740 -12.92 46.73 12.26
CA LEU E 1740 -11.94 46.92 11.20
C LEU E 1740 -11.38 45.55 10.82
N ASN E 1741 -11.61 45.16 9.57
CA ASN E 1741 -11.30 43.82 9.10
C ASN E 1741 -10.45 43.88 7.84
N TRP E 1742 -9.45 43.02 7.77
CA TRP E 1742 -8.62 42.91 6.58
C TRP E 1742 -9.01 41.75 5.68
N SER E 1743 -9.33 40.61 6.28
CA SER E 1743 -9.60 39.38 5.54
C SER E 1743 -10.34 38.43 6.46
N PRO E 1744 -10.92 37.35 5.93
CA PRO E 1744 -11.61 36.39 6.81
C PRO E 1744 -10.69 35.78 7.87
N GLU E 1745 -9.38 35.77 7.67
CA GLU E 1745 -8.45 35.28 8.67
C GLU E 1745 -7.82 36.40 9.50
N ALA E 1746 -8.18 37.66 9.27
CA ALA E 1746 -7.57 38.76 10.02
C ALA E 1746 -8.60 39.87 10.18
N TYR E 1747 -9.10 40.05 11.40
CA TYR E 1747 -10.10 41.07 11.68
C TYR E 1747 -10.13 41.35 13.17
N CYS E 1748 -11.03 42.26 13.57
CA CYS E 1748 -11.21 42.63 14.97
C CYS E 1748 -12.55 43.33 15.10
N LEU E 1749 -13.47 42.76 15.86
CA LEU E 1749 -14.79 43.33 16.06
C LEU E 1749 -14.93 43.78 17.51
N VAL E 1750 -14.93 45.09 17.73
CA VAL E 1750 -15.06 45.68 19.07
C VAL E 1750 -16.51 46.14 19.18
N GLY E 1751 -17.39 45.26 19.67
CA GLY E 1751 -18.81 45.53 19.68
C GLY E 1751 -19.29 46.10 21.01
N SER E 1752 -20.61 46.11 21.17
CA SER E 1752 -21.23 46.54 22.44
C SER E 1752 -22.65 46.02 22.53
N GLU E 1753 -22.86 45.03 23.39
CA GLU E 1753 -24.17 44.41 23.58
C GLU E 1753 -24.55 44.42 25.06
N VAL E 1754 -25.78 43.99 25.31
CA VAL E 1754 -26.31 43.72 26.65
C VAL E 1754 -26.66 42.24 26.76
N LEU E 1755 -26.20 41.59 27.84
CA LEU E 1755 -26.54 40.19 28.01
C LEU E 1755 -27.93 40.02 28.60
N ASP E 1756 -28.53 38.86 28.30
CA ASP E 1756 -29.86 38.55 28.80
C ASP E 1756 -29.83 38.43 30.31
N ASN E 1757 -30.83 39.03 30.97
CA ASN E 1757 -30.93 39.04 32.43
C ASN E 1757 -29.65 39.63 33.02
N HIS E 1758 -29.21 40.74 32.44
CA HIS E 1758 -28.02 41.45 32.89
C HIS E 1758 -28.21 42.95 32.69
N PRO E 1759 -28.17 43.74 33.75
CA PRO E 1759 -28.37 45.19 33.62
C PRO E 1759 -27.12 45.99 33.31
N GLU E 1760 -25.95 45.35 33.24
CA GLU E 1760 -24.70 46.07 33.00
C GLU E 1760 -24.50 46.33 31.51
N SER E 1761 -23.34 46.86 31.16
CA SER E 1761 -22.96 47.14 29.77
C SER E 1761 -21.64 46.46 29.48
N PHE E 1762 -21.56 45.77 28.34
CA PHE E 1762 -20.41 44.95 28.00
C PHE E 1762 -19.72 45.48 26.76
N LEU E 1763 -18.43 45.14 26.62
CA LEU E 1763 -17.60 45.51 25.46
C LEU E 1763 -16.99 44.23 24.89
N LYS E 1764 -17.72 43.57 24.00
CA LYS E 1764 -17.29 42.29 23.45
C LYS E 1764 -16.32 42.53 22.29
N ILE E 1765 -15.07 42.13 22.47
CA ILE E 1765 -14.08 42.18 21.40
C ILE E 1765 -13.90 40.77 20.86
N THR E 1766 -14.12 40.59 19.56
CA THR E 1766 -14.00 39.28 18.93
C THR E 1766 -12.89 39.34 17.90
N VAL E 1767 -11.94 38.41 18.01
CA VAL E 1767 -10.76 38.38 17.14
C VAL E 1767 -10.52 36.93 16.72
N PRO E 1768 -9.97 36.72 15.52
CA PRO E 1768 -9.50 35.38 15.16
C PRO E 1768 -8.35 34.93 16.06
N SER E 1769 -8.24 33.62 16.24
CA SER E 1769 -7.25 33.03 17.13
C SER E 1769 -5.95 32.66 16.42
N CYS E 1770 -5.79 33.02 15.15
CA CYS E 1770 -4.63 32.60 14.38
C CYS E 1770 -3.43 33.50 14.71
N ARG E 1771 -2.39 33.39 13.88
CA ARG E 1771 -1.17 34.16 14.07
C ARG E 1771 -1.44 35.66 14.08
N LYS E 1772 -2.23 36.15 13.14
CA LYS E 1772 -2.47 37.58 12.99
C LYS E 1772 -3.50 38.13 13.96
N GLY E 1773 -4.11 37.28 14.77
CA GLY E 1773 -5.13 37.71 15.71
C GLY E 1773 -4.61 38.05 17.09
N CYS E 1774 -3.57 37.36 17.54
CA CYS E 1774 -2.99 37.64 18.84
C CYS E 1774 -2.46 39.07 18.90
N ILE E 1775 -1.81 39.52 17.83
CA ILE E 1775 -1.28 40.88 17.77
C ILE E 1775 -2.41 41.90 17.89
N LEU E 1776 -3.49 41.68 17.12
CA LEU E 1776 -4.62 42.59 17.16
C LEU E 1776 -5.27 42.63 18.53
N LEU E 1777 -5.45 41.47 19.15
CA LEU E 1777 -6.08 41.43 20.48
C LEU E 1777 -5.23 42.17 21.50
N GLY E 1778 -3.93 41.90 21.53
CA GLY E 1778 -3.07 42.60 22.47
C GLY E 1778 -2.95 44.09 22.20
N GLN E 1779 -3.06 44.49 20.93
CA GLN E 1779 -2.94 45.89 20.57
C GLN E 1779 -4.21 46.66 20.82
N VAL E 1780 -5.35 46.00 20.84
CA VAL E 1780 -6.59 46.69 21.15
C VAL E 1780 -6.82 46.71 22.65
N VAL E 1781 -6.48 45.61 23.33
CA VAL E 1781 -6.59 45.56 24.79
C VAL E 1781 -5.69 46.61 25.43
N ASP E 1782 -4.47 46.78 24.89
CA ASP E 1782 -3.58 47.81 25.44
C ASP E 1782 -4.16 49.21 25.26
N HIS E 1783 -4.72 49.50 24.09
CA HIS E 1783 -5.32 50.81 23.85
C HIS E 1783 -6.51 51.06 24.76
N ILE E 1784 -7.39 50.07 24.93
CA ILE E 1784 -8.54 50.24 25.80
C ILE E 1784 -8.10 50.46 27.24
N ASP E 1785 -7.12 49.68 27.70
CA ASP E 1785 -6.65 49.84 29.07
C ASP E 1785 -6.03 51.21 29.29
N SER E 1786 -5.23 51.67 28.32
CA SER E 1786 -4.60 52.99 28.43
C SER E 1786 -5.66 54.10 28.47
N LEU E 1787 -6.66 54.02 27.58
CA LEU E 1787 -7.76 54.99 27.60
C LEU E 1787 -8.48 54.96 28.93
N MET E 1788 -8.73 53.75 29.46
CA MET E 1788 -9.55 53.62 30.64
C MET E 1788 -8.83 54.17 31.87
N GLU E 1789 -7.52 53.93 31.97
CA GLU E 1789 -6.76 54.46 33.10
C GLU E 1789 -6.37 55.91 32.91
N GLU E 1790 -6.45 56.44 31.70
CA GLU E 1790 -6.07 57.84 31.47
C GLU E 1790 -7.26 58.80 31.57
N TRP E 1791 -8.45 58.38 31.17
CA TRP E 1791 -9.62 59.27 31.19
C TRP E 1791 -10.53 59.02 32.37
N PHE E 1792 -10.71 57.77 32.79
CA PHE E 1792 -11.66 57.41 33.86
C PHE E 1792 -10.90 56.64 34.93
N PRO E 1793 -10.16 57.34 35.78
CA PRO E 1793 -9.40 56.65 36.84
C PRO E 1793 -10.27 56.14 37.97
N GLY E 1794 -11.49 56.65 38.11
CA GLY E 1794 -12.32 56.21 39.23
C GLY E 1794 -12.90 54.83 39.04
N LEU E 1795 -12.86 54.30 37.81
CA LEU E 1795 -13.40 52.98 37.52
C LEU E 1795 -12.39 51.90 37.88
N LEU E 1796 -11.19 51.97 37.30
CA LEU E 1796 -10.14 50.98 37.57
C LEU E 1796 -9.43 51.25 38.89
N GLU E 1797 -10.18 51.64 39.92
CA GLU E 1797 -9.68 51.98 41.24
C GLU E 1797 -10.03 50.86 42.20
N ILE E 1798 -9.02 50.35 42.91
CA ILE E 1798 -9.25 49.20 43.77
C ILE E 1798 -10.11 49.63 44.96
N ASP E 1799 -10.91 48.69 45.47
CA ASP E 1799 -11.80 48.94 46.61
C ASP E 1799 -11.60 47.82 47.63
N ILE E 1800 -10.48 47.88 48.36
CA ILE E 1800 -10.25 46.91 49.42
C ILE E 1800 -11.32 47.03 50.51
N CYS E 1801 -11.74 48.26 50.80
CA CYS E 1801 -12.87 48.45 51.71
C CYS E 1801 -14.12 47.95 51.03
N GLY E 1802 -14.84 47.03 51.67
CA GLY E 1802 -15.99 46.44 51.01
C GLY E 1802 -15.53 45.32 50.09
N GLU E 1803 -16.47 44.75 49.36
CA GLU E 1803 -16.12 43.73 48.38
C GLU E 1803 -15.27 44.34 47.27
N GLY E 1804 -14.34 43.54 46.75
CA GLY E 1804 -13.42 44.02 45.74
C GLY E 1804 -14.01 43.98 44.34
N GLU E 1805 -15.06 44.75 44.13
CA GLU E 1805 -15.75 44.76 42.84
C GLU E 1805 -14.86 45.34 41.74
N THR E 1806 -14.39 46.57 41.94
CA THR E 1806 -13.57 47.41 41.04
C THR E 1806 -14.44 47.97 39.92
N LEU E 1807 -15.75 47.73 39.94
CA LEU E 1807 -16.74 48.10 38.94
C LEU E 1807 -16.51 47.46 37.58
N LEU E 1808 -15.26 47.26 37.17
CA LEU E 1808 -14.94 46.71 35.87
C LEU E 1808 -14.41 45.29 36.08
N LYS E 1809 -15.03 44.32 35.42
CA LYS E 1809 -14.61 42.93 35.49
C LYS E 1809 -14.26 42.49 34.08
N LYS E 1810 -12.98 42.31 33.81
CA LYS E 1810 -12.54 41.92 32.47
C LYS E 1810 -12.59 40.40 32.40
N TRP E 1811 -13.56 39.87 31.65
CA TRP E 1811 -13.73 38.43 31.51
C TRP E 1811 -13.06 37.93 30.25
N ALA E 1812 -12.61 36.68 30.28
CA ALA E 1812 -12.18 35.95 29.11
C ALA E 1812 -13.07 34.74 28.91
N LEU E 1813 -13.39 34.43 27.66
CA LEU E 1813 -14.31 33.35 27.33
C LEU E 1813 -13.52 32.16 26.80
N TYR E 1814 -13.78 30.98 27.35
CA TYR E 1814 -13.07 29.77 26.97
C TYR E 1814 -14.03 28.59 26.98
N SER E 1815 -13.83 27.67 26.04
CA SER E 1815 -14.61 26.44 25.96
C SER E 1815 -13.68 25.28 25.66
N PHE E 1816 -13.72 24.25 26.50
CA PHE E 1816 -12.84 23.10 26.30
C PHE E 1816 -13.14 22.38 25.00
N ASN E 1817 -14.41 22.18 24.68
CA ASN E 1817 -14.79 21.44 23.48
C ASN E 1817 -14.42 22.22 22.24
N ASP E 1818 -13.79 21.54 21.28
CA ASP E 1818 -13.39 22.18 20.03
C ASP E 1818 -14.64 22.36 19.17
N GLY E 1819 -15.40 23.39 19.52
CA GLY E 1819 -16.66 23.69 18.87
C GLY E 1819 -17.84 22.96 19.50
N GLU E 1820 -19.03 23.42 19.13
CA GLU E 1820 -20.31 22.85 19.56
C GLU E 1820 -20.48 22.83 21.07
N GLU E 1821 -19.70 23.62 21.81
CA GLU E 1821 -19.86 23.70 23.26
C GLU E 1821 -21.16 24.37 23.68
N HIS E 1822 -21.78 25.15 22.78
CA HIS E 1822 -23.06 25.84 22.94
C HIS E 1822 -23.02 26.96 23.97
N GLN E 1823 -21.91 27.17 24.66
CA GLN E 1823 -21.77 28.22 25.66
C GLN E 1823 -20.30 28.34 26.05
N LYS E 1824 -19.85 29.57 26.24
CA LYS E 1824 -18.47 29.85 26.62
C LYS E 1824 -18.43 30.21 28.10
N ILE E 1825 -17.58 29.50 28.85
CA ILE E 1825 -17.48 29.73 30.30
C ILE E 1825 -16.73 31.03 30.56
N LEU E 1826 -17.28 31.85 31.45
CA LEU E 1826 -16.58 33.06 31.87
C LEU E 1826 -15.38 32.72 32.74
N LEU E 1827 -14.41 33.63 32.77
CA LEU E 1827 -13.27 33.51 33.67
C LEU E 1827 -12.70 34.90 33.91
N ASP E 1828 -12.69 35.34 35.17
CA ASP E 1828 -12.13 36.65 35.50
C ASP E 1828 -10.65 36.69 35.14
N ASP E 1829 -10.21 37.84 34.62
CA ASP E 1829 -8.84 37.95 34.12
C ASP E 1829 -7.81 37.94 35.23
N LEU E 1830 -8.16 38.46 36.41
CA LEU E 1830 -7.22 38.45 37.53
C LEU E 1830 -7.06 37.04 38.11
N MET E 1831 -8.17 36.32 38.29
CA MET E 1831 -8.09 34.94 38.75
C MET E 1831 -7.36 34.06 37.76
N LYS E 1832 -7.57 34.30 36.46
CA LYS E 1832 -6.83 33.59 35.42
C LYS E 1832 -5.36 33.98 35.42
N LYS E 1833 -5.07 35.25 35.74
CA LYS E 1833 -3.69 35.71 35.78
C LYS E 1833 -2.93 35.05 36.92
N ALA E 1834 -3.58 34.91 38.08
CA ALA E 1834 -2.96 34.23 39.22
C ALA E 1834 -2.64 32.77 38.92
N GLU E 1835 -3.30 32.18 37.91
CA GLU E 1835 -3.02 30.82 37.47
C GLU E 1835 -1.88 30.80 36.47
N GLU E 1836 -0.75 31.40 36.84
CA GLU E 1836 0.44 31.45 36.02
C GLU E 1836 1.47 30.38 36.39
N GLY E 1837 1.21 29.60 37.44
CA GLY E 1837 2.15 28.55 37.82
C GLY E 1837 2.35 27.52 36.73
N ASP E 1838 1.28 27.14 36.04
CA ASP E 1838 1.35 26.26 34.88
C ASP E 1838 1.05 27.03 33.60
N LEU E 1839 1.02 26.29 32.49
CA LEU E 1839 0.79 26.88 31.17
C LEU E 1839 -0.55 26.50 30.57
N LEU E 1840 -1.36 25.70 31.27
CA LEU E 1840 -2.64 25.24 30.78
C LEU E 1840 -3.71 25.47 31.84
N VAL E 1841 -4.95 25.64 31.38
CA VAL E 1841 -6.11 25.71 32.26
C VAL E 1841 -6.92 24.43 32.08
N ASN E 1842 -7.58 24.01 33.16
CA ASN E 1842 -8.28 22.73 33.15
C ASN E 1842 -9.46 22.75 34.12
N PRO E 1843 -10.53 21.99 33.82
CA PRO E 1843 -11.69 21.97 34.70
C PRO E 1843 -11.53 20.96 35.84
N ASP E 1844 -12.61 20.76 36.60
CA ASP E 1844 -12.60 19.75 37.67
C ASP E 1844 -12.39 18.34 37.14
N GLN E 1845 -12.66 18.10 35.86
CA GLN E 1845 -12.46 16.80 35.22
C GLN E 1845 -11.25 16.91 34.30
N PRO E 1846 -10.04 16.64 34.79
CA PRO E 1846 -8.83 17.10 34.09
C PRO E 1846 -8.41 16.25 32.92
N ARG E 1847 -9.31 15.39 32.40
CA ARG E 1847 -8.98 14.58 31.24
C ARG E 1847 -8.69 15.40 30.00
N LEU E 1848 -9.23 16.62 29.92
CA LEU E 1848 -9.05 17.51 28.79
C LEU E 1848 -8.70 18.90 29.32
N THR E 1849 -7.91 19.64 28.53
CA THR E 1849 -7.40 20.92 28.99
C THR E 1849 -7.22 21.86 27.81
N ILE E 1850 -7.07 23.15 28.12
CA ILE E 1850 -6.93 24.20 27.12
C ILE E 1850 -5.67 25.00 27.39
N PRO E 1851 -4.82 25.22 26.38
CA PRO E 1851 -3.65 26.08 26.59
C PRO E 1851 -4.05 27.51 26.89
N ILE E 1852 -3.21 28.19 27.67
CA ILE E 1852 -3.46 29.58 28.02
C ILE E 1852 -3.38 30.49 26.80
N SER E 1853 -2.47 30.17 25.87
CA SER E 1853 -2.24 31.03 24.70
C SER E 1853 -3.49 31.20 23.84
N GLN E 1854 -4.36 30.19 23.80
CA GLN E 1854 -5.52 30.23 22.93
C GLN E 1854 -6.65 31.12 23.44
N ILE E 1855 -6.71 31.38 24.74
CA ILE E 1855 -7.82 32.12 25.33
C ILE E 1855 -7.44 33.51 25.80
N ALA E 1856 -6.15 33.80 25.99
CA ALA E 1856 -5.71 35.14 26.37
C ALA E 1856 -4.23 35.29 26.03
N PRO E 1857 -3.89 35.49 24.75
CA PRO E 1857 -2.49 35.60 24.35
C PRO E 1857 -1.82 36.92 24.70
N ASP E 1858 -2.44 37.77 25.52
CA ASP E 1858 -1.78 38.98 26.00
C ASP E 1858 -1.13 38.81 27.36
N LEU E 1859 -1.68 37.96 28.23
CA LEU E 1859 -1.03 37.69 29.52
C LEU E 1859 0.30 36.96 29.31
N ILE E 1860 0.28 35.88 28.53
CA ILE E 1860 1.52 35.28 28.05
C ILE E 1860 2.04 36.14 26.91
N LEU E 1861 3.37 36.25 26.81
CA LEU E 1861 3.97 37.10 25.79
C LEU E 1861 3.85 36.45 24.41
N ALA E 1862 2.63 36.39 23.88
CA ALA E 1862 2.35 35.75 22.60
C ALA E 1862 2.12 36.73 21.46
N ASP E 1863 1.58 37.91 21.74
CA ASP E 1863 1.37 38.90 20.68
C ASP E 1863 2.68 39.48 20.17
N LEU E 1864 3.76 39.35 20.94
CA LEU E 1864 5.07 39.76 20.47
C LEU E 1864 5.58 38.75 19.45
N PRO E 1865 6.58 39.12 18.65
CA PRO E 1865 7.22 38.14 17.75
C PRO E 1865 7.73 36.94 18.52
N ARG E 1866 7.52 35.76 17.95
CA ARG E 1866 7.82 34.50 18.62
C ARG E 1866 9.30 34.21 18.81
N ASN E 1867 10.19 34.99 18.19
CA ASN E 1867 11.62 34.80 18.39
C ASN E 1867 12.09 35.25 19.77
N ILE E 1868 11.19 35.67 20.66
CA ILE E 1868 11.54 36.12 22.01
C ILE E 1868 10.90 35.16 23.00
N MET E 1869 10.79 33.89 22.62
CA MET E 1869 10.28 32.88 23.53
C MET E 1869 11.27 32.65 24.66
N LEU E 1870 10.73 32.48 25.88
CA LEU E 1870 11.58 32.32 27.06
C LEU E 1870 12.39 31.03 27.00
N ASN E 1871 11.74 29.92 26.65
CA ASN E 1871 12.34 28.60 26.57
C ASN E 1871 12.98 28.22 27.91
N ASN E 1872 12.11 28.10 28.92
CA ASN E 1872 12.55 27.84 30.29
C ASN E 1872 13.26 26.51 30.45
N ASP E 1873 13.02 25.55 29.55
CA ASP E 1873 13.60 24.21 29.70
C ASP E 1873 15.12 24.22 29.66
N GLU E 1874 15.70 25.00 28.75
CA GLU E 1874 17.14 25.02 28.54
C GLU E 1874 17.84 26.12 29.31
N LEU E 1875 17.12 26.85 30.18
CA LEU E 1875 17.69 27.95 30.94
C LEU E 1875 17.95 27.50 32.37
N GLU E 1876 19.18 27.63 32.82
CA GLU E 1876 19.56 27.41 34.22
C GLU E 1876 20.01 28.72 34.83
N PHE E 1877 19.46 29.06 36.00
CA PHE E 1877 19.66 30.39 36.56
C PHE E 1877 19.33 30.33 38.05
N GLU E 1878 20.21 30.90 38.87
CA GLU E 1878 20.11 30.87 40.33
C GLU E 1878 19.90 32.30 40.83
N GLN E 1879 18.62 32.69 40.99
CA GLN E 1879 18.31 34.04 41.41
C GLN E 1879 18.72 34.31 42.85
N ALA E 1880 18.51 33.34 43.75
CA ALA E 1880 18.74 33.55 45.18
C ALA E 1880 20.18 33.95 45.52
N PRO E 1881 21.24 33.29 45.03
CA PRO E 1881 22.59 33.72 45.40
C PRO E 1881 22.94 35.05 44.74
N GLU E 1882 23.86 35.78 45.38
CA GLU E 1882 24.29 37.07 44.89
C GLU E 1882 25.67 37.07 44.25
N PHE E 1883 26.39 35.95 44.24
CA PHE E 1883 27.68 35.95 43.57
C PHE E 1883 27.54 35.91 42.05
N LEU E 1884 26.39 35.49 41.54
CA LEU E 1884 26.07 35.60 40.13
C LEU E 1884 25.46 36.94 39.77
N LEU E 1885 25.22 37.81 40.76
CA LEU E 1885 24.74 39.16 40.55
C LEU E 1885 25.87 40.11 40.15
N GLY E 1886 27.11 39.62 40.11
CA GLY E 1886 28.32 40.41 39.90
C GLY E 1886 28.32 41.43 38.79
N ASP E 1887 27.43 41.27 37.81
CA ASP E 1887 27.22 42.31 36.80
C ASP E 1887 26.74 43.57 37.49
N GLY E 1888 27.57 44.61 37.51
CA GLY E 1888 27.22 45.81 38.24
C GLY E 1888 27.46 45.66 39.74
N SER E 1889 26.77 46.50 40.50
CA SER E 1889 26.87 46.47 41.96
C SER E 1889 25.51 46.80 42.56
N PHE E 1890 24.94 45.84 43.28
CA PHE E 1890 23.62 45.96 43.91
C PHE E 1890 22.52 46.27 42.91
N GLY E 1891 22.66 45.77 41.68
CA GLY E 1891 21.65 45.93 40.66
C GLY E 1891 20.70 44.74 40.62
N SER E 1892 19.83 44.76 39.60
CA SER E 1892 18.86 43.69 39.40
C SER E 1892 19.24 42.76 38.26
N VAL E 1893 20.45 42.89 37.72
CA VAL E 1893 20.93 42.06 36.62
C VAL E 1893 21.81 40.96 37.18
N TYR E 1894 21.58 39.73 36.72
CA TYR E 1894 22.34 38.56 37.13
C TYR E 1894 23.01 37.94 35.91
N ARG E 1895 23.93 37.01 36.17
CA ARG E 1895 24.64 36.30 35.14
C ARG E 1895 24.17 34.85 35.13
N ALA E 1896 23.89 34.32 33.94
CA ALA E 1896 23.39 32.96 33.81
C ALA E 1896 23.86 32.40 32.47
N ALA E 1897 23.37 31.20 32.14
CA ALA E 1897 23.70 30.54 30.88
C ALA E 1897 22.42 30.14 30.18
N TYR E 1898 22.29 30.51 28.91
CA TYR E 1898 21.14 30.15 28.08
C TYR E 1898 21.64 29.65 26.74
N GLU E 1899 21.06 28.54 26.27
CA GLU E 1899 21.43 27.91 25.00
C GLU E 1899 22.90 27.51 24.96
N GLY E 1900 23.48 27.23 26.13
CA GLY E 1900 24.88 26.89 26.21
C GLY E 1900 25.83 28.07 26.15
N GLU E 1901 25.31 29.29 26.15
CA GLU E 1901 26.12 30.49 26.05
C GLU E 1901 25.91 31.36 27.30
N GLU E 1902 26.97 32.03 27.72
CA GLU E 1902 26.88 32.93 28.86
C GLU E 1902 26.05 34.16 28.49
N VAL E 1903 25.09 34.50 29.34
CA VAL E 1903 24.16 35.61 29.10
C VAL E 1903 23.90 36.33 30.41
N ALA E 1904 23.28 37.51 30.30
CA ALA E 1904 22.90 38.30 31.45
C ALA E 1904 21.39 38.44 31.48
N VAL E 1905 20.78 38.04 32.59
CA VAL E 1905 19.33 38.15 32.77
C VAL E 1905 19.03 39.33 33.66
N LYS E 1906 17.86 39.94 33.45
CA LYS E 1906 17.44 41.13 34.19
C LYS E 1906 16.11 40.84 34.87
N ILE E 1907 16.16 40.47 36.14
CA ILE E 1907 14.95 40.17 36.90
C ILE E 1907 14.24 41.48 37.25
N PHE E 1908 12.95 41.56 36.91
CA PHE E 1908 12.16 42.73 37.19
C PHE E 1908 11.48 42.60 38.55
N ASN E 1909 11.43 43.69 39.29
CA ASN E 1909 10.73 43.71 40.57
C ASN E 1909 9.22 43.76 40.35
N LYS E 1910 8.47 43.84 41.45
CA LYS E 1910 7.01 43.91 41.34
C LYS E 1910 6.53 45.24 40.77
N HIS E 1911 7.40 46.24 40.66
CA HIS E 1911 6.98 47.57 40.20
C HIS E 1911 6.52 47.54 38.75
N THR E 1912 7.26 46.85 37.89
CA THR E 1912 6.98 46.84 36.46
C THR E 1912 5.78 45.94 36.18
N SER E 1913 4.70 46.52 35.69
CA SER E 1913 3.52 45.75 35.32
C SER E 1913 3.76 45.02 34.01
N LEU E 1914 2.90 44.03 33.75
CA LEU E 1914 3.01 43.23 32.53
C LEU E 1914 2.80 44.08 31.29
N ARG E 1915 1.83 44.98 31.33
CA ARG E 1915 1.53 45.82 30.18
C ARG E 1915 2.70 46.73 29.83
N LEU E 1916 3.33 47.32 30.85
CA LEU E 1916 4.49 48.18 30.61
C LEU E 1916 5.66 47.39 30.04
N LEU E 1917 5.89 46.20 30.57
CA LEU E 1917 6.97 45.35 30.05
C LEU E 1917 6.71 44.97 28.59
N ARG E 1918 5.47 44.62 28.26
CA ARG E 1918 5.12 44.29 26.88
C ARG E 1918 5.31 45.49 25.96
N GLN E 1919 4.92 46.67 26.43
CA GLN E 1919 5.09 47.89 25.65
C GLN E 1919 6.56 48.22 25.44
N GLU E 1920 7.42 47.86 26.39
CA GLU E 1920 8.85 48.04 26.18
C GLU E 1920 9.41 47.01 25.21
N LEU E 1921 8.99 45.76 25.34
CA LEU E 1921 9.52 44.69 24.49
C LEU E 1921 9.12 44.86 23.03
N VAL E 1922 7.90 45.35 22.78
CA VAL E 1922 7.43 45.48 21.39
C VAL E 1922 8.30 46.47 20.61
N VAL E 1923 8.87 47.46 21.29
CA VAL E 1923 9.75 48.41 20.60
C VAL E 1923 11.21 47.97 20.68
N LEU E 1924 11.59 47.20 21.70
CA LEU E 1924 12.96 46.69 21.78
C LEU E 1924 13.22 45.60 20.76
N CYS E 1925 12.19 44.81 20.41
CA CYS E 1925 12.39 43.64 19.57
C CYS E 1925 12.74 43.98 18.12
N HIS E 1926 12.45 45.20 17.66
CA HIS E 1926 12.59 45.54 16.25
C HIS E 1926 13.79 46.43 15.98
N LEU E 1927 14.79 46.41 16.86
CA LEU E 1927 15.90 47.35 16.74
C LEU E 1927 17.08 46.76 15.96
N HIS E 1928 17.67 45.69 16.50
CA HIS E 1928 18.55 44.76 15.78
C HIS E 1928 19.71 45.46 15.07
N HIS E 1929 20.63 46.00 15.88
CA HIS E 1929 21.86 46.54 15.33
C HIS E 1929 23.06 45.95 16.03
N PRO E 1930 24.19 45.78 15.33
CA PRO E 1930 25.37 45.15 15.96
C PRO E 1930 26.10 46.01 16.98
N SER E 1931 25.66 47.25 17.24
CA SER E 1931 26.31 48.10 18.24
C SER E 1931 25.38 48.37 19.42
N LEU E 1932 24.24 47.69 19.49
CA LEU E 1932 23.24 47.89 20.52
C LEU E 1932 22.96 46.53 21.14
N ILE E 1933 22.84 46.50 22.47
CA ILE E 1933 22.56 45.24 23.16
C ILE E 1933 21.24 44.68 22.67
N SER E 1934 21.28 43.46 22.14
CA SER E 1934 20.13 42.85 21.50
C SER E 1934 19.48 41.85 22.45
N LEU E 1935 18.15 41.90 22.52
CA LEU E 1935 17.39 40.95 23.30
C LEU E 1935 17.53 39.53 22.74
N LEU E 1936 17.53 38.56 23.66
CA LEU E 1936 17.58 37.15 23.27
C LEU E 1936 16.34 36.37 23.69
N ALA E 1937 15.75 36.70 24.84
CA ALA E 1937 14.53 36.04 25.29
C ALA E 1937 13.88 36.88 26.37
N ALA E 1938 12.60 36.58 26.64
CA ALA E 1938 11.86 37.19 27.72
C ALA E 1938 10.73 36.24 28.11
N GLY E 1939 10.32 36.30 29.37
CA GLY E 1939 9.27 35.39 29.79
C GLY E 1939 8.81 35.66 31.21
N ILE E 1940 7.91 34.80 31.66
CA ILE E 1940 7.27 34.91 32.96
C ILE E 1940 7.89 33.84 33.85
N ARG E 1941 7.57 33.90 35.15
CA ARG E 1941 8.06 32.98 36.19
C ARG E 1941 9.58 33.01 36.32
N PRO E 1942 10.19 34.13 36.74
CA PRO E 1942 9.59 35.45 37.01
C PRO E 1942 9.64 36.32 35.76
N ARG E 1943 9.20 37.58 35.86
CA ARG E 1943 9.28 38.48 34.73
C ARG E 1943 10.73 38.88 34.48
N MET E 1944 11.40 38.17 33.59
CA MET E 1944 12.83 38.34 33.35
C MET E 1944 13.06 38.84 31.93
N LEU E 1945 14.34 39.00 31.58
CA LEU E 1945 14.73 39.51 30.27
C LEU E 1945 16.19 39.13 30.04
N VAL E 1946 16.44 38.32 29.03
CA VAL E 1946 17.78 37.81 28.75
C VAL E 1946 18.41 38.65 27.65
N MET E 1947 19.70 38.94 27.79
CA MET E 1947 20.42 39.76 26.83
C MET E 1947 21.88 39.32 26.81
N GLU E 1948 22.65 39.88 25.88
CA GLU E 1948 24.05 39.53 25.74
C GLU E 1948 24.84 39.93 26.97
N LEU E 1949 25.86 39.13 27.29
CA LEU E 1949 26.70 39.37 28.45
C LEU E 1949 27.96 40.10 28.01
N ALA E 1950 28.11 41.35 28.46
CA ALA E 1950 29.33 42.11 28.21
C ALA E 1950 30.44 41.59 29.11
N SER E 1951 31.45 40.97 28.50
CA SER E 1951 32.48 40.27 29.27
C SER E 1951 33.26 41.24 30.16
N LYS E 1952 33.59 42.42 29.65
CA LYS E 1952 34.39 43.39 30.38
C LYS E 1952 33.56 44.37 31.19
N GLY E 1953 32.24 44.23 31.19
CA GLY E 1953 31.40 45.11 31.96
C GLY E 1953 31.30 46.49 31.34
N SER E 1954 30.74 47.41 32.12
CA SER E 1954 30.54 48.77 31.65
C SER E 1954 31.86 49.52 31.61
N LEU E 1955 31.87 50.64 30.87
CA LEU E 1955 33.09 51.41 30.69
C LEU E 1955 33.45 52.23 31.92
N ASP E 1956 32.46 52.62 32.73
CA ASP E 1956 32.72 53.48 33.88
C ASP E 1956 33.63 52.80 34.90
N ARG E 1957 33.41 51.51 35.15
CA ARG E 1957 34.25 50.77 36.10
C ARG E 1957 35.69 50.71 35.59
N LEU E 1958 35.87 50.48 34.30
CA LEU E 1958 37.21 50.45 33.71
C LEU E 1958 37.88 51.80 33.83
N LEU E 1959 37.14 52.89 33.57
CA LEU E 1959 37.70 54.22 33.74
C LEU E 1959 38.05 54.50 35.19
N GLN E 1960 37.30 53.92 36.12
CA GLN E 1960 37.56 54.17 37.54
C GLN E 1960 38.79 53.42 38.04
N GLN E 1961 38.96 52.17 37.62
CA GLN E 1961 40.02 51.33 38.20
C GLN E 1961 41.07 50.84 37.22
N ASP E 1962 40.82 50.86 35.91
CA ASP E 1962 41.73 50.31 34.91
C ASP E 1962 42.07 51.36 33.85
N LYS E 1963 42.44 52.55 34.30
CA LYS E 1963 42.73 53.67 33.40
C LYS E 1963 43.87 53.37 32.42
N ALA E 1964 44.76 52.44 32.76
CA ALA E 1964 45.88 52.09 31.89
C ALA E 1964 45.53 51.06 30.83
N SER E 1965 44.36 50.42 30.92
CA SER E 1965 44.02 49.36 29.97
C SER E 1965 43.79 49.90 28.57
N LEU E 1966 43.28 51.12 28.45
CA LEU E 1966 43.07 51.73 27.14
C LEU E 1966 44.39 51.94 26.43
N THR E 1967 44.51 51.35 25.24
CA THR E 1967 45.75 51.41 24.46
C THR E 1967 45.73 52.55 23.45
N ARG E 1968 44.99 53.60 23.76
CA ARG E 1968 45.01 54.92 23.13
C ARG E 1968 44.40 54.83 21.73
N THR E 1969 44.15 53.62 21.25
CA THR E 1969 43.39 53.38 20.03
C THR E 1969 42.07 52.64 20.29
N LEU E 1970 41.94 51.98 21.44
CA LEU E 1970 40.63 51.58 21.92
C LEU E 1970 39.75 52.79 22.21
N GLN E 1971 40.35 53.89 22.65
CA GLN E 1971 39.59 55.11 22.91
C GLN E 1971 38.92 55.65 21.65
N HIS E 1972 39.42 55.27 20.48
CA HIS E 1972 38.81 55.60 19.20
C HIS E 1972 37.77 54.56 18.79
N ARG E 1973 38.04 53.28 19.06
CA ARG E 1973 37.11 52.24 18.68
C ARG E 1973 35.81 52.34 19.47
N ILE E 1974 35.90 52.64 20.78
CA ILE E 1974 34.71 52.84 21.60
C ILE E 1974 33.89 54.00 21.06
N ALA E 1975 34.57 55.11 20.74
CA ALA E 1975 33.86 56.27 20.21
C ALA E 1975 33.19 55.95 18.88
N LEU E 1976 33.87 55.20 18.01
CA LEU E 1976 33.28 54.83 16.72
C LEU E 1976 32.04 53.97 16.91
N HIS E 1977 32.11 52.98 17.82
CA HIS E 1977 30.97 52.10 18.04
C HIS E 1977 29.80 52.85 18.66
N VAL E 1978 30.07 53.73 19.62
CA VAL E 1978 29.00 54.54 20.22
C VAL E 1978 28.39 55.47 19.19
N ALA E 1979 29.22 56.06 18.31
CA ALA E 1979 28.70 56.92 17.26
C ALA E 1979 27.82 56.13 16.29
N ASP E 1980 28.23 54.92 15.93
CA ASP E 1980 27.39 54.06 15.08
C ASP E 1980 26.07 53.75 15.76
N GLY E 1981 26.10 53.44 17.05
CA GLY E 1981 24.87 53.18 17.78
C GLY E 1981 23.95 54.37 17.82
N LEU E 1982 24.50 55.56 18.09
CA LEU E 1982 23.71 56.78 18.12
C LEU E 1982 23.13 57.08 16.74
N ARG E 1983 23.91 56.85 15.69
CA ARG E 1983 23.44 57.08 14.32
C ARG E 1983 22.26 56.16 14.00
N TYR E 1984 22.37 54.88 14.36
CA TYR E 1984 21.25 53.97 14.12
C TYR E 1984 20.03 54.36 14.94
N LEU E 1985 20.24 54.76 16.20
CA LEU E 1985 19.11 55.15 17.05
C LEU E 1985 18.40 56.38 16.50
N HIS E 1986 19.16 57.40 16.08
CA HIS E 1986 18.54 58.58 15.49
C HIS E 1986 17.93 58.29 14.14
N SER E 1987 18.44 57.28 13.43
CA SER E 1987 17.77 56.82 12.22
C SER E 1987 16.45 56.13 12.54
N ALA E 1988 16.36 55.50 13.70
CA ALA E 1988 15.12 54.87 14.16
C ALA E 1988 14.14 55.85 14.79
N MET E 1989 14.43 57.15 14.71
CA MET E 1989 13.57 58.21 15.25
C MET E 1989 13.29 58.03 16.73
N ILE E 1990 14.30 57.61 17.48
CA ILE E 1990 14.24 57.51 18.93
C ILE E 1990 15.45 58.22 19.51
N ILE E 1991 15.24 58.95 20.61
CA ILE E 1991 16.25 59.80 21.21
C ILE E 1991 16.72 59.15 22.52
N TYR E 1992 18.04 59.08 22.69
CA TYR E 1992 18.61 58.27 23.75
C TYR E 1992 18.49 58.96 25.12
N ARG E 1993 18.76 60.27 25.15
CA ARG E 1993 18.42 61.19 26.25
C ARG E 1993 19.24 61.04 27.53
N ASP E 1994 20.03 59.97 27.66
CA ASP E 1994 20.82 59.79 28.88
C ASP E 1994 21.98 58.86 28.57
N LEU E 1995 23.15 59.44 28.26
CA LEU E 1995 24.32 58.68 27.87
C LEU E 1995 25.42 58.93 28.88
N LYS E 1996 26.03 57.86 29.37
CA LYS E 1996 27.09 57.92 30.36
C LYS E 1996 27.95 56.68 30.20
N PRO E 1997 29.18 56.70 30.73
CA PRO E 1997 30.00 55.47 30.68
C PRO E 1997 29.35 54.29 31.36
N HIS E 1998 28.52 54.52 32.38
CA HIS E 1998 27.76 53.44 33.01
C HIS E 1998 26.76 52.80 32.05
N ASN E 1999 26.34 53.53 31.01
CA ASN E 1999 25.34 53.02 30.08
C ASN E 1999 25.94 52.32 28.87
N VAL E 2000 27.25 52.46 28.64
CA VAL E 2000 27.92 51.82 27.53
C VAL E 2000 28.72 50.62 28.04
N LEU E 2001 28.48 49.46 27.43
CA LEU E 2001 29.03 48.19 27.89
C LEU E 2001 30.20 47.82 26.98
N LEU E 2002 31.37 47.59 27.58
CA LEU E 2002 32.53 47.16 26.82
C LEU E 2002 32.55 45.64 26.71
N PHE E 2003 32.71 45.15 25.48
CA PHE E 2003 32.54 43.73 25.20
C PHE E 2003 33.85 42.98 25.05
N THR E 2004 34.94 43.66 24.68
CA THR E 2004 36.25 43.04 24.64
C THR E 2004 37.31 44.14 24.70
N LEU E 2005 38.53 43.73 25.05
CA LEU E 2005 39.66 44.64 25.19
C LEU E 2005 40.64 44.55 24.04
N TYR E 2006 40.29 43.82 22.98
CA TYR E 2006 41.19 43.67 21.83
C TYR E 2006 40.90 44.74 20.79
N PRO E 2007 41.85 45.62 20.46
CA PRO E 2007 41.56 46.71 19.52
C PRO E 2007 41.11 46.26 18.14
N ASN E 2008 41.69 45.18 17.62
CA ASN E 2008 41.40 44.72 16.26
C ASN E 2008 40.30 43.66 16.28
N ALA E 2009 39.15 44.05 16.83
CA ALA E 2009 37.99 43.19 16.92
C ALA E 2009 36.83 43.79 16.11
N ALA E 2010 35.91 42.91 15.71
CA ALA E 2010 34.75 43.35 14.94
C ALA E 2010 33.76 44.10 15.82
N ILE E 2011 33.60 43.67 17.07
CA ILE E 2011 32.68 44.28 18.01
C ILE E 2011 33.39 44.52 19.33
N ILE E 2012 33.36 45.77 19.81
CA ILE E 2012 34.09 46.18 21.01
C ILE E 2012 33.18 46.80 22.05
N ALA E 2013 32.29 47.69 21.63
CA ALA E 2013 31.43 48.42 22.56
C ALA E 2013 29.97 48.28 22.15
N LYS E 2014 29.08 48.36 23.15
CA LYS E 2014 27.65 48.31 22.92
C LYS E 2014 26.97 49.12 24.01
N ILE E 2015 25.93 49.88 23.62
CA ILE E 2015 25.20 50.76 24.54
C ILE E 2015 23.88 50.10 24.91
N ALA E 2016 23.56 50.12 26.20
CA ALA E 2016 22.30 49.57 26.67
C ALA E 2016 21.14 50.44 26.20
N ASP E 2017 19.96 49.81 26.06
CA ASP E 2017 18.85 50.49 25.41
C ASP E 2017 17.52 50.26 26.12
N TYR E 2018 17.53 49.90 27.39
CA TYR E 2018 16.31 49.63 28.14
C TYR E 2018 15.76 50.88 28.85
N GLY E 2019 16.52 51.97 28.88
CA GLY E 2019 16.07 53.20 29.49
C GLY E 2019 15.20 54.00 28.55
N ILE E 2020 15.53 53.97 27.25
CA ILE E 2020 14.73 54.70 26.28
C ILE E 2020 13.32 54.12 26.24
N ALA E 2021 13.22 52.79 26.21
CA ALA E 2021 11.92 52.14 26.29
C ALA E 2021 11.25 52.41 27.62
N GLN E 2022 12.04 52.44 28.71
CA GLN E 2022 11.44 52.70 30.02
C GLN E 2022 10.76 54.05 30.09
N TYR E 2023 11.41 55.09 29.55
CA TYR E 2023 10.77 56.41 29.57
C TYR E 2023 9.68 56.54 28.52
N CYS E 2024 9.87 55.96 27.32
CA CYS E 2024 8.83 56.03 26.30
C CYS E 2024 7.54 55.34 26.73
N CYS E 2025 7.65 54.32 27.59
CA CYS E 2025 6.46 53.67 28.11
C CYS E 2025 5.96 54.31 29.40
N ARG E 2026 6.86 54.74 30.27
CA ARG E 2026 6.51 55.40 31.53
C ARG E 2026 6.99 56.86 31.45
N MET E 2027 6.12 57.73 30.96
CA MET E 2027 6.45 59.14 30.81
C MET E 2027 6.53 59.85 32.16
N THR E 2031 14.13 60.72 35.44
CA THR E 2031 15.42 60.72 34.77
C THR E 2031 15.32 61.31 33.36
N SER E 2032 14.27 62.11 33.15
CA SER E 2032 14.10 62.78 31.86
C SER E 2032 15.23 63.79 31.61
N GLU E 2033 15.57 64.58 32.63
CA GLU E 2033 16.64 65.56 32.49
C GLU E 2033 18.01 64.92 32.39
N GLY E 2034 18.14 63.65 32.81
CA GLY E 2034 19.40 62.95 32.75
C GLY E 2034 20.24 63.17 33.99
N THR E 2035 21.37 62.47 34.01
CA THR E 2035 22.31 62.59 35.11
C THR E 2035 22.86 64.01 35.18
N PRO E 2036 22.93 64.60 36.38
CA PRO E 2036 23.43 65.99 36.47
C PRO E 2036 24.84 66.19 35.92
N GLY E 2037 25.74 65.22 36.13
CA GLY E 2037 27.06 65.35 35.56
C GLY E 2037 27.04 65.29 34.04
N PHE E 2038 26.30 64.34 33.48
CA PHE E 2038 26.18 64.19 32.03
C PHE E 2038 24.85 64.79 31.58
N ARG E 2039 24.82 66.12 31.56
CA ARG E 2039 23.59 66.85 31.30
C ARG E 2039 23.84 67.98 30.30
N ALA E 2040 23.00 68.06 29.28
CA ALA E 2040 23.04 69.12 28.29
C ALA E 2040 22.44 70.41 28.85
N PRO E 2041 22.84 71.58 28.34
CA PRO E 2041 22.23 72.83 28.79
C PRO E 2041 20.73 72.91 28.55
N GLU E 2042 20.23 72.27 27.49
CA GLU E 2042 18.83 72.38 27.11
C GLU E 2042 17.90 71.46 27.89
N VAL E 2043 18.43 70.46 28.61
CA VAL E 2043 17.60 69.46 29.25
C VAL E 2043 17.42 69.72 30.75
N ALA E 2044 18.46 70.20 31.43
CA ALA E 2044 18.32 70.47 32.86
C ALA E 2044 17.41 71.64 33.15
N ARG E 2045 17.40 72.65 32.27
CA ARG E 2045 16.50 73.79 32.44
C ARG E 2045 15.04 73.35 32.38
N GLY E 2046 14.71 72.46 31.45
CA GLY E 2046 13.38 71.90 31.38
C GLY E 2046 12.33 72.79 30.74
N ASN E 2047 12.66 74.04 30.39
CA ASN E 2047 11.71 74.93 29.76
C ASN E 2047 11.63 74.74 28.26
N VAL E 2048 12.54 73.97 27.66
CA VAL E 2048 12.61 73.78 26.22
C VAL E 2048 12.42 72.29 25.94
N ILE E 2049 11.66 71.98 24.87
CA ILE E 2049 11.49 70.60 24.46
C ILE E 2049 12.83 70.02 24.03
N TYR E 2050 12.99 68.72 24.23
CA TYR E 2050 14.28 68.08 23.99
C TYR E 2050 14.56 67.94 22.49
N ASN E 2051 15.77 67.52 22.18
CA ASN E 2051 16.22 67.33 20.80
C ASN E 2051 17.36 66.31 20.78
N GLN E 2052 17.64 65.80 19.58
CA GLN E 2052 18.77 64.89 19.41
C GLN E 2052 20.10 65.57 19.68
N GLN E 2053 20.12 66.91 19.65
CA GLN E 2053 21.35 67.63 19.91
C GLN E 2053 21.80 67.44 21.36
N ALA E 2054 20.87 67.19 22.27
CA ALA E 2054 21.28 66.84 23.63
C ALA E 2054 22.05 65.53 23.64
N ASP E 2055 21.62 64.58 22.81
CA ASP E 2055 22.34 63.32 22.66
C ASP E 2055 23.74 63.56 22.12
N VAL E 2056 23.85 64.46 21.13
CA VAL E 2056 25.17 64.76 20.57
C VAL E 2056 26.05 65.46 21.60
N TYR E 2057 25.45 66.35 22.41
CA TYR E 2057 26.19 67.01 23.48
C TYR E 2057 26.71 66.01 24.50
N SER E 2058 25.87 65.05 24.89
CA SER E 2058 26.30 64.02 25.82
C SER E 2058 27.37 63.12 25.20
N PHE E 2059 27.28 62.88 23.88
CA PHE E 2059 28.31 62.10 23.20
C PHE E 2059 29.65 62.82 23.20
N GLY E 2060 29.63 64.14 22.98
CA GLY E 2060 30.84 64.92 23.10
C GLY E 2060 31.40 64.92 24.51
N LEU E 2061 30.51 64.97 25.51
CA LEU E 2061 30.93 64.85 26.90
C LEU E 2061 31.58 63.49 27.16
N LEU E 2062 31.02 62.42 26.59
CA LEU E 2062 31.61 61.09 26.71
C LEU E 2062 33.00 61.05 26.08
N LEU E 2063 33.15 61.71 24.93
CA LEU E 2063 34.47 61.83 24.30
C LEU E 2063 35.45 62.57 25.21
N TYR E 2064 34.97 63.62 25.88
CA TYR E 2064 35.81 64.32 26.85
C TYR E 2064 36.25 63.39 27.97
N ASP E 2065 35.31 62.60 28.50
CA ASP E 2065 35.64 61.70 29.61
C ASP E 2065 36.65 60.64 29.18
N ILE E 2066 36.43 60.03 28.00
CA ILE E 2066 37.31 58.96 27.56
C ILE E 2066 38.68 59.51 27.17
N LEU E 2067 38.74 60.74 26.66
CA LEU E 2067 40.03 61.35 26.34
C LEU E 2067 40.85 61.61 27.59
N THR E 2068 40.19 62.03 28.68
CA THR E 2068 40.85 62.32 29.94
C THR E 2068 40.76 61.15 30.92
N THR E 2069 40.38 59.96 30.45
CA THR E 2069 40.22 58.75 31.28
C THR E 2069 39.26 58.99 32.44
N GLY E 2070 38.22 59.77 32.18
CA GLY E 2070 37.18 60.02 33.17
C GLY E 2070 37.64 60.76 34.41
N GLY E 2071 38.61 61.67 34.27
CA GLY E 2071 39.01 62.48 35.40
C GLY E 2071 37.94 63.43 35.88
N ARG E 2072 37.10 63.92 34.95
CA ARG E 2072 36.00 64.79 35.33
C ARG E 2072 35.01 64.07 36.24
N ILE E 2073 34.73 62.81 35.93
CA ILE E 2073 33.85 62.00 36.78
C ILE E 2073 34.47 61.82 38.17
N VAL E 2074 35.78 61.56 38.22
CA VAL E 2074 36.46 61.35 39.48
C VAL E 2074 36.39 62.61 40.34
N GLU E 2075 36.65 63.77 39.74
CA GLU E 2075 36.61 65.02 40.49
C GLU E 2075 35.19 65.42 40.86
N GLY E 2076 34.20 65.06 40.04
CA GLY E 2076 32.83 65.45 40.31
C GLY E 2076 32.11 64.60 41.34
N LEU E 2077 32.66 63.43 41.68
CA LEU E 2077 32.02 62.59 42.69
C LEU E 2077 32.07 63.23 44.07
N LYS E 2078 33.06 64.08 44.33
CA LYS E 2078 33.15 64.77 45.60
C LYS E 2078 32.39 66.10 45.60
N PHE E 2079 32.31 66.76 44.45
CA PHE E 2079 31.71 68.09 44.34
C PHE E 2079 30.64 68.07 43.25
N PRO E 2080 29.50 67.41 43.50
CA PRO E 2080 28.47 67.29 42.46
C PRO E 2080 27.88 68.63 42.02
N ASN E 2081 27.78 69.59 42.94
CA ASN E 2081 27.15 70.87 42.63
C ASN E 2081 27.88 71.59 41.50
N GLU E 2082 29.20 71.72 41.62
CA GLU E 2082 29.97 72.28 40.51
C GLU E 2082 30.14 71.29 39.36
N PHE E 2083 30.01 69.98 39.63
CA PHE E 2083 30.01 68.96 38.58
C PHE E 2083 28.83 69.13 37.64
N ASP E 2084 27.78 69.80 38.09
CA ASP E 2084 26.62 70.09 37.26
C ASP E 2084 26.65 71.52 36.77
N GLU E 2085 26.84 72.48 37.68
CA GLU E 2085 26.69 73.89 37.33
C GLU E 2085 27.85 74.43 36.50
N LEU E 2086 29.06 73.84 36.57
CA LEU E 2086 30.13 74.30 35.71
C LEU E 2086 29.90 73.88 34.25
N GLU E 2087 29.43 72.65 34.04
CA GLU E 2087 29.22 72.15 32.70
C GLU E 2087 27.85 72.49 32.14
N ILE E 2088 26.92 73.03 32.94
CA ILE E 2088 25.62 73.38 32.40
C ILE E 2088 25.71 74.60 31.47
N GLN E 2089 26.74 75.44 31.64
CA GLN E 2089 27.02 76.53 30.72
C GLN E 2089 28.33 76.25 29.98
N GLY E 2090 28.49 76.91 28.84
CA GLY E 2090 29.62 76.65 27.97
C GLY E 2090 30.94 77.20 28.47
N LYS E 2091 31.46 76.64 29.56
CA LYS E 2091 32.76 77.02 30.11
C LYS E 2091 33.58 75.79 30.47
N LEU E 2092 33.38 74.69 29.73
CA LEU E 2092 34.08 73.46 30.04
C LEU E 2092 35.59 73.62 29.81
N PRO E 2093 36.43 73.13 30.73
CA PRO E 2093 37.86 73.43 30.68
C PRO E 2093 38.60 72.71 29.56
N ASP E 2094 39.89 73.01 29.41
CA ASP E 2094 40.69 72.39 28.37
C ASP E 2094 41.03 70.96 28.76
N PRO E 2095 40.75 69.97 27.91
CA PRO E 2095 41.07 68.58 28.25
C PRO E 2095 42.55 68.32 28.51
N VAL E 2096 43.44 69.05 27.83
CA VAL E 2096 44.87 68.79 27.94
C VAL E 2096 45.46 69.45 29.17
N LYS E 2097 44.99 70.65 29.53
CA LYS E 2097 45.61 71.41 30.61
C LYS E 2097 45.31 70.79 31.98
N GLU E 2098 44.03 70.69 32.34
CA GLU E 2098 43.65 70.16 33.65
C GLU E 2098 44.08 68.70 33.80
N TYR E 2099 43.90 67.89 32.77
CA TYR E 2099 44.18 66.46 32.84
C TYR E 2099 45.28 66.13 31.85
N GLY E 2100 46.37 65.53 32.36
CA GLY E 2100 47.50 65.20 31.51
C GLY E 2100 47.18 64.03 30.61
N CYS E 2101 47.15 64.25 29.29
CA CYS E 2101 46.81 63.21 28.34
C CYS E 2101 47.40 63.59 26.99
N ALA E 2102 47.23 62.70 26.01
CA ALA E 2102 47.69 62.96 24.66
C ALA E 2102 46.87 64.08 24.03
N PRO E 2103 47.48 64.88 23.12
CA PRO E 2103 46.80 66.05 22.56
C PRO E 2103 45.49 65.71 21.83
N TRP E 2104 45.58 64.91 20.76
CA TRP E 2104 44.44 64.57 19.90
C TRP E 2104 43.69 65.80 19.42
N PRO E 2105 44.24 66.58 18.50
CA PRO E 2105 43.61 67.88 18.17
C PRO E 2105 42.31 67.76 17.41
N MET E 2106 42.24 66.85 16.43
CA MET E 2106 41.08 66.81 15.55
C MET E 2106 39.84 66.31 16.29
N VAL E 2107 40.00 65.59 17.38
CA VAL E 2107 38.82 65.20 18.15
C VAL E 2107 38.50 66.25 19.21
N GLU E 2108 39.47 67.07 19.62
CA GLU E 2108 39.12 68.23 20.43
C GLU E 2108 38.26 69.19 19.63
N LYS E 2109 38.55 69.33 18.34
CA LYS E 2109 37.68 70.10 17.45
C LYS E 2109 36.28 69.50 17.40
N LEU E 2110 36.19 68.18 17.31
CA LEU E 2110 34.88 67.50 17.28
C LEU E 2110 34.13 67.72 18.59
N ILE E 2111 34.82 67.63 19.73
CA ILE E 2111 34.21 67.85 21.03
C ILE E 2111 33.68 69.29 21.11
N LYS E 2112 34.51 70.25 20.70
CA LYS E 2112 34.07 71.65 20.74
C LYS E 2112 32.86 71.88 19.84
N GLN E 2113 32.82 71.20 18.69
CA GLN E 2113 31.63 71.25 17.85
C GLN E 2113 30.41 70.68 18.58
N CYS E 2114 30.62 69.62 19.37
CA CYS E 2114 29.55 69.03 20.17
C CYS E 2114 29.35 69.72 21.51
N LEU E 2115 30.17 70.72 21.86
CA LEU E 2115 30.08 71.41 23.14
C LEU E 2115 29.72 72.88 22.96
N LYS E 2116 28.78 73.17 22.08
CA LYS E 2116 28.30 74.53 21.84
C LYS E 2116 26.87 74.67 22.37
N GLU E 2117 26.58 75.86 22.89
CA GLU E 2117 25.31 76.09 23.59
C GLU E 2117 24.12 75.91 22.67
N ASN E 2118 24.20 76.40 21.44
CA ASN E 2118 23.06 76.34 20.52
C ASN E 2118 22.78 74.89 20.15
N PRO E 2119 21.56 74.38 20.34
CA PRO E 2119 21.25 73.00 19.95
C PRO E 2119 21.37 72.74 18.46
N GLN E 2120 20.65 73.52 17.65
CA GLN E 2120 20.61 73.29 16.21
C GLN E 2120 21.97 73.49 15.55
N GLU E 2121 22.90 74.20 16.20
CA GLU E 2121 24.22 74.38 15.62
C GLU E 2121 25.03 73.10 15.67
N ARG E 2122 24.83 72.27 16.70
CA ARG E 2122 25.65 71.08 16.89
C ARG E 2122 25.41 70.08 15.77
N PRO E 2123 26.45 69.38 15.30
CA PRO E 2123 26.27 68.41 14.22
C PRO E 2123 25.39 67.24 14.64
N THR E 2124 24.63 66.71 13.69
CA THR E 2124 23.84 65.54 13.96
C THR E 2124 24.72 64.30 14.05
N SER E 2125 24.15 63.20 14.55
CA SER E 2125 24.94 61.98 14.77
C SER E 2125 25.49 61.41 13.48
N ALA E 2126 24.77 61.59 12.36
CA ALA E 2126 25.31 61.15 11.07
C ALA E 2126 26.60 61.89 10.75
N GLN E 2127 26.63 63.20 10.97
CA GLN E 2127 27.85 63.98 10.73
C GLN E 2127 29.00 63.53 11.63
N VAL E 2128 28.72 63.30 12.92
CA VAL E 2128 29.80 62.92 13.83
C VAL E 2128 30.34 61.54 13.47
N PHE E 2129 29.47 60.63 13.01
CA PHE E 2129 29.98 59.32 12.56
C PHE E 2129 30.78 59.46 11.28
N ASP E 2130 30.30 60.25 10.32
CA ASP E 2130 31.01 60.42 9.06
C ASP E 2130 32.33 61.18 9.23
N ILE E 2131 32.50 61.90 10.32
CA ILE E 2131 33.79 62.55 10.62
C ILE E 2131 34.70 61.61 11.40
N LEU E 2132 34.14 60.84 12.34
CA LEU E 2132 34.96 60.03 13.23
C LEU E 2132 35.48 58.76 12.54
N ASN E 2133 34.78 58.24 11.54
CA ASN E 2133 35.23 57.02 10.87
C ASN E 2133 36.48 57.25 10.03
N SER E 2134 36.86 58.50 9.78
CA SER E 2134 38.07 58.81 9.04
C SER E 2134 39.31 58.45 9.86
N ALA E 2135 40.35 58.02 9.16
CA ALA E 2135 41.58 57.57 9.79
C ALA E 2135 42.60 58.68 10.00
N GLU E 2136 42.26 59.92 9.66
CA GLU E 2136 43.21 61.01 9.89
C GLU E 2136 43.30 61.37 11.36
N LEU E 2137 42.18 61.34 12.08
CA LEU E 2137 42.18 61.71 13.49
C LEU E 2137 42.79 60.65 14.39
N VAL E 2138 42.88 59.40 13.94
CA VAL E 2138 43.41 58.35 14.80
C VAL E 2138 44.93 58.32 14.77
N CYS E 2139 45.55 58.92 13.76
CA CYS E 2139 47.00 58.95 13.63
C CYS E 2139 47.62 60.30 13.92
N LEU E 2140 46.86 61.39 13.74
CA LEU E 2140 47.38 62.72 14.00
C LEU E 2140 47.58 62.89 15.49
N THR E 2141 48.84 62.78 15.93
CA THR E 2141 49.14 62.84 17.36
C THR E 2141 48.87 64.24 17.91
N ARG E 2142 49.40 65.25 17.22
CA ARG E 2142 49.29 66.62 17.69
C ARG E 2142 49.53 67.58 16.54
N ARG E 2143 48.86 68.72 16.60
CA ARG E 2143 49.07 69.82 15.66
C ARG E 2143 49.64 70.99 16.44
N ILE E 2144 50.79 71.51 15.99
CA ILE E 2144 51.45 72.63 16.64
C ILE E 2144 51.30 73.85 15.74
N LEU E 2145 50.70 74.90 16.28
CA LEU E 2145 50.52 76.15 15.55
C LEU E 2145 51.75 77.03 15.74
N LEU E 2146 52.48 77.28 14.65
CA LEU E 2146 53.67 78.10 14.72
C LEU E 2146 53.29 79.56 14.92
N PRO E 2147 54.23 80.39 15.40
CA PRO E 2147 53.92 81.81 15.60
C PRO E 2147 53.51 82.51 14.32
N LYS E 2148 52.83 83.63 14.47
CA LYS E 2148 52.25 84.36 13.35
C LYS E 2148 53.35 84.84 12.39
N ASN E 2149 53.13 84.62 11.10
CA ASN E 2149 54.03 85.05 10.02
C ASN E 2149 55.45 84.53 10.23
N VAL E 2150 55.55 83.21 10.36
CA VAL E 2150 56.83 82.51 10.43
C VAL E 2150 56.89 81.50 9.29
N ILE E 2151 57.93 81.58 8.48
CA ILE E 2151 58.12 80.74 7.31
C ILE E 2151 59.33 79.85 7.57
N VAL E 2152 59.16 78.55 7.34
CA VAL E 2152 60.22 77.58 7.60
C VAL E 2152 60.14 76.46 6.58
N GLU E 2153 61.30 75.94 6.18
CA GLU E 2153 61.36 74.83 5.24
C GLU E 2153 62.37 73.76 5.64
N CYS E 2154 63.17 73.99 6.69
CA CYS E 2154 64.17 73.04 7.13
C CYS E 2154 63.95 72.70 8.60
N MET E 2155 64.05 71.42 8.93
CA MET E 2155 63.70 70.94 10.26
C MET E 2155 64.58 69.73 10.60
N VAL E 2156 64.70 69.46 11.89
CA VAL E 2156 65.45 68.32 12.38
C VAL E 2156 64.94 67.98 13.77
N ALA E 2157 65.01 66.70 14.13
CA ALA E 2157 64.57 66.23 15.43
C ALA E 2157 65.69 65.45 16.10
N THR E 2158 65.64 65.41 17.44
CA THR E 2158 66.60 64.64 18.23
C THR E 2158 66.01 63.27 18.51
N HIS E 2159 66.62 62.23 17.95
CA HIS E 2159 66.11 60.87 18.05
C HIS E 2159 66.91 59.99 18.99
N HIS E 2160 68.10 60.40 19.41
CA HIS E 2160 68.89 59.58 20.33
C HIS E 2160 68.45 59.72 21.78
N ASN E 2161 67.61 60.70 22.09
CA ASN E 2161 67.06 60.88 23.44
C ASN E 2161 65.60 60.41 23.43
N SER E 2162 65.38 59.18 23.88
CA SER E 2162 64.04 58.60 23.88
C SER E 2162 63.15 59.17 24.98
N ARG E 2163 63.73 59.76 26.02
CA ARG E 2163 62.93 60.34 27.10
C ARG E 2163 62.07 61.50 26.59
N ASN E 2164 62.71 62.45 25.92
CA ASN E 2164 61.99 63.59 25.35
C ASN E 2164 62.82 64.13 24.20
N ALA E 2165 62.14 64.84 23.28
CA ALA E 2165 62.79 65.37 22.10
C ALA E 2165 62.30 66.79 21.84
N SER E 2166 63.12 67.54 21.11
CA SER E 2166 62.79 68.90 20.72
C SER E 2166 63.07 69.06 19.23
N ILE E 2167 62.30 69.96 18.60
CA ILE E 2167 62.38 70.17 17.16
C ILE E 2167 63.13 71.47 16.91
N TRP E 2168 64.09 71.43 15.98
CA TRP E 2168 64.89 72.59 15.61
C TRP E 2168 64.52 73.01 14.20
N LEU E 2169 64.15 74.28 14.02
CA LEU E 2169 63.63 74.76 12.74
C LEU E 2169 64.60 75.77 12.13
N GLY E 2170 64.17 76.35 11.01
CA GLY E 2170 64.89 77.42 10.36
C GLY E 2170 63.99 78.62 10.15
N CYS E 2171 64.30 79.46 9.15
CA CYS E 2171 63.52 80.65 8.88
C CYS E 2171 63.42 80.87 7.38
N GLY E 2172 62.27 81.36 6.93
CA GLY E 2172 62.06 81.66 5.53
C GLY E 2172 61.58 83.08 5.30
N HIS E 2173 61.09 83.73 6.36
CA HIS E 2173 60.61 85.11 6.25
C HIS E 2173 61.71 86.15 6.39
N THR E 2174 62.91 85.74 6.77
CA THR E 2174 64.06 86.63 6.87
C THR E 2174 65.15 86.16 5.92
N ASP E 2175 65.77 87.13 5.22
CA ASP E 2175 66.88 86.81 4.34
C ASP E 2175 68.10 86.33 5.11
N ARG E 2176 68.18 86.63 6.40
CA ARG E 2176 69.26 86.15 7.26
C ARG E 2176 68.77 84.98 8.09
N GLY E 2177 69.73 84.23 8.66
CA GLY E 2177 69.40 83.01 9.37
C GLY E 2177 68.76 83.27 10.72
N GLN E 2178 67.91 82.32 11.11
CA GLN E 2178 67.24 82.34 12.41
C GLN E 2178 66.71 80.93 12.68
N LEU E 2179 67.02 80.41 13.87
CA LEU E 2179 66.68 79.05 14.25
C LEU E 2179 65.56 79.09 15.29
N SER E 2180 64.64 78.13 15.18
CA SER E 2180 63.48 78.05 16.07
C SER E 2180 63.54 76.76 16.87
N PHE E 2181 63.72 76.88 18.18
CA PHE E 2181 63.65 75.75 19.10
C PHE E 2181 62.21 75.54 19.55
N LEU E 2182 61.72 74.31 19.44
CA LEU E 2182 60.37 73.95 19.84
C LEU E 2182 60.40 72.66 20.63
N ASP E 2183 59.68 72.61 21.75
CA ASP E 2183 59.52 71.39 22.50
C ASP E 2183 58.17 70.76 22.18
N LEU E 2184 57.91 69.58 22.75
CA LEU E 2184 56.64 68.89 22.54
C LEU E 2184 55.72 68.92 23.75
N ASN E 2185 56.26 68.77 24.96
CA ASN E 2185 55.44 68.84 26.16
C ASN E 2185 55.16 70.26 26.63
N THR E 2186 55.91 71.25 26.12
CA THR E 2186 55.72 72.63 26.52
C THR E 2186 55.26 73.54 25.38
N GLU E 2187 55.62 73.22 24.14
CA GLU E 2187 55.30 74.03 22.96
C GLU E 2187 55.80 75.47 23.11
N GLY E 2188 57.01 75.62 23.67
CA GLY E 2188 57.60 76.92 23.88
C GLY E 2188 58.50 77.37 22.75
N TYR E 2189 58.13 78.47 22.10
CA TYR E 2189 58.90 78.97 20.96
C TYR E 2189 60.13 79.72 21.45
N THR E 2190 61.30 79.36 20.90
CA THR E 2190 62.55 80.04 21.17
C THR E 2190 63.18 80.44 19.84
N SER E 2191 63.62 81.70 19.74
CA SER E 2191 64.26 82.22 18.54
C SER E 2191 65.69 82.61 18.86
N GLU E 2192 66.63 82.13 18.04
CA GLU E 2192 68.05 82.45 18.23
C GLU E 2192 68.69 82.68 16.87
N GLU E 2193 69.36 83.83 16.73
CA GLU E 2193 70.06 84.17 15.50
C GLU E 2193 71.43 83.48 15.48
N VAL E 2194 71.69 82.69 14.43
CA VAL E 2194 72.96 82.00 14.30
C VAL E 2194 73.68 82.27 12.99
N ALA E 2195 72.99 82.68 11.93
CA ALA E 2195 73.64 82.90 10.63
C ALA E 2195 73.19 84.23 10.05
N ASP E 2196 74.05 84.83 9.23
CA ASP E 2196 73.76 86.10 8.58
C ASP E 2196 73.03 85.93 7.25
N SER E 2197 72.80 84.70 6.82
CA SER E 2197 72.09 84.42 5.57
C SER E 2197 71.06 83.33 5.83
N ARG E 2198 70.04 83.29 4.97
CA ARG E 2198 68.93 82.34 5.12
C ARG E 2198 69.41 80.90 5.19
N ILE E 2199 68.95 80.18 6.22
CA ILE E 2199 69.34 78.80 6.44
C ILE E 2199 68.52 77.90 5.54
N LEU E 2200 69.19 76.99 4.82
CA LEU E 2200 68.51 76.09 3.89
C LEU E 2200 68.20 74.72 4.47
N CYS E 2201 69.13 74.11 5.20
CA CYS E 2201 68.91 72.77 5.76
C CYS E 2201 69.76 72.57 7.01
N LEU E 2202 69.45 71.50 7.73
CA LEU E 2202 70.20 71.10 8.93
C LEU E 2202 70.31 69.58 8.98
N ALA E 2203 71.31 69.11 9.73
CA ALA E 2203 71.54 67.68 9.92
C ALA E 2203 72.09 67.42 11.31
N LEU E 2204 71.63 66.35 11.93
CA LEU E 2204 72.00 66.01 13.30
C LEU E 2204 73.11 64.97 13.30
N VAL E 2205 74.19 65.27 14.01
CA VAL E 2205 75.30 64.34 14.20
C VAL E 2205 75.45 64.06 15.69
N HIS E 2206 75.23 62.81 16.08
CA HIS E 2206 75.22 62.41 17.48
C HIS E 2206 76.44 61.54 17.77
N LEU E 2207 77.20 61.91 18.79
CA LEU E 2207 78.36 61.14 19.20
C LEU E 2207 78.00 60.28 20.40
N PRO E 2208 78.09 58.95 20.29
CA PRO E 2208 77.76 58.09 21.45
C PRO E 2208 78.62 58.36 22.68
N VAL E 2209 79.87 58.78 22.49
CA VAL E 2209 80.73 59.15 23.61
C VAL E 2209 80.42 60.59 24.01
N GLU E 2210 80.53 60.87 25.31
CA GLU E 2210 80.30 62.18 25.93
C GLU E 2210 78.82 62.57 25.94
N LYS E 2211 77.98 61.77 25.30
CA LYS E 2211 76.52 61.91 25.28
C LYS E 2211 76.09 63.32 24.83
N GLU E 2212 76.42 63.63 23.58
CA GLU E 2212 76.03 64.89 22.97
C GLU E 2212 75.59 64.62 21.54
N SER E 2213 74.80 65.54 21.00
CA SER E 2213 74.30 65.44 19.63
C SER E 2213 74.32 66.85 19.04
N TRP E 2214 75.39 67.17 18.32
CA TRP E 2214 75.51 68.49 17.75
C TRP E 2214 74.63 68.62 16.51
N ILE E 2215 74.30 69.87 16.16
CA ILE E 2215 73.48 70.16 15.00
C ILE E 2215 74.28 71.09 14.08
N VAL E 2216 74.29 70.75 12.79
CA VAL E 2216 75.00 71.52 11.77
C VAL E 2216 73.98 72.20 10.88
N SER E 2217 74.26 73.45 10.50
CA SER E 2217 73.33 74.26 9.73
C SER E 2217 74.04 74.78 8.49
N GLY E 2218 73.45 74.51 7.32
CA GLY E 2218 73.96 75.02 6.06
C GLY E 2218 73.04 76.08 5.47
N THR E 2219 73.63 77.22 5.12
CA THR E 2219 72.92 78.38 4.63
C THR E 2219 73.28 78.66 3.17
N GLN E 2220 72.74 79.76 2.64
CA GLN E 2220 72.94 80.08 1.23
C GLN E 2220 74.36 80.56 0.95
N SER E 2221 75.04 81.11 1.95
CA SER E 2221 76.41 81.58 1.75
C SER E 2221 77.45 80.49 1.92
N GLY E 2222 77.03 79.26 2.22
CA GLY E 2222 77.96 78.18 2.47
C GLY E 2222 78.54 78.12 3.86
N THR E 2223 78.15 79.03 4.74
CA THR E 2223 78.70 79.07 6.11
C THR E 2223 78.01 77.97 6.92
N LEU E 2224 78.71 76.85 7.11
CA LEU E 2224 78.17 75.74 7.91
C LEU E 2224 78.54 75.98 9.36
N LEU E 2225 77.53 76.25 10.19
CA LEU E 2225 77.72 76.56 11.60
C LEU E 2225 77.17 75.43 12.47
N VAL E 2226 77.95 75.03 13.47
CA VAL E 2226 77.63 73.89 14.33
C VAL E 2226 77.45 74.40 15.75
N ILE E 2227 76.33 74.04 16.37
CA ILE E 2227 76.06 74.42 17.75
C ILE E 2227 75.61 73.18 18.51
N ASN E 2228 75.91 73.16 19.81
CA ASN E 2228 75.66 71.98 20.62
C ASN E 2228 74.18 71.89 21.03
N THR E 2229 73.79 70.71 21.50
CA THR E 2229 72.42 70.49 21.93
C THR E 2229 72.06 71.34 23.14
N GLU E 2230 72.96 71.39 24.13
CA GLU E 2230 72.70 72.09 25.38
C GLU E 2230 73.21 73.53 25.33
N ASP E 2231 74.49 73.71 25.01
CA ASP E 2231 75.11 75.02 25.02
C ASP E 2231 74.87 75.72 23.69
N GLY E 2232 74.35 76.94 23.74
CA GLY E 2232 74.06 77.70 22.54
C GLY E 2232 75.13 78.72 22.22
N LYS E 2233 76.32 78.58 22.82
CA LYS E 2233 77.42 79.50 22.60
C LYS E 2233 78.61 78.91 21.88
N LYS E 2234 78.89 77.61 22.07
CA LYS E 2234 80.04 76.97 21.44
C LYS E 2234 79.73 76.72 19.96
N ARG E 2235 80.02 77.71 19.12
CA ARG E 2235 79.76 77.63 17.70
C ARG E 2235 81.06 77.79 16.92
N HIS E 2236 81.12 77.13 15.76
CA HIS E 2236 82.29 77.20 14.90
C HIS E 2236 81.84 77.07 13.44
N THR E 2237 82.10 78.10 12.65
CA THR E 2237 81.80 78.07 11.23
C THR E 2237 82.87 77.29 10.48
N LEU E 2238 82.43 76.33 9.66
CA LEU E 2238 83.37 75.50 8.90
C LEU E 2238 83.91 76.29 7.71
N GLU E 2239 84.62 75.59 6.82
CA GLU E 2239 85.16 76.21 5.61
C GLU E 2239 84.06 76.82 4.77
N LYS E 2240 84.20 78.11 4.44
CA LYS E 2240 83.20 78.78 3.62
C LYS E 2240 83.14 78.18 2.23
N MET E 2241 81.93 78.00 1.72
CA MET E 2241 81.66 77.19 0.54
C MET E 2241 81.34 78.08 -0.65
N THR E 2242 81.68 77.59 -1.84
CA THR E 2242 81.49 78.37 -3.07
C THR E 2242 80.01 78.67 -3.32
N ASP E 2243 79.17 77.64 -3.25
CA ASP E 2243 77.75 77.76 -3.56
C ASP E 2243 76.91 77.53 -2.30
N SER E 2244 75.59 77.59 -2.49
CA SER E 2244 74.67 77.44 -1.37
C SER E 2244 74.61 75.98 -0.91
N VAL E 2245 74.61 75.79 0.40
CA VAL E 2245 74.43 74.45 0.96
C VAL E 2245 72.98 74.04 0.78
N THR E 2246 72.76 72.88 0.18
CA THR E 2246 71.42 72.47 -0.20
C THR E 2246 70.92 71.22 0.53
N CYS E 2247 71.72 70.16 0.60
CA CYS E 2247 71.26 68.91 1.19
C CYS E 2247 72.31 68.38 2.15
N LEU E 2248 71.85 67.78 3.24
CA LEU E 2248 72.73 67.25 4.27
C LEU E 2248 72.24 65.88 4.71
N TYR E 2249 73.16 65.05 5.16
CA TYR E 2249 72.80 63.69 5.56
C TYR E 2249 73.86 63.13 6.52
N CYS E 2250 73.40 62.35 7.49
CA CYS E 2250 74.26 61.58 8.38
C CYS E 2250 73.92 60.11 8.22
N ASN E 2251 74.84 59.34 7.64
CA ASN E 2251 74.58 57.95 7.31
C ASN E 2251 74.95 57.04 8.47
N SER E 2252 74.96 55.74 8.21
CA SER E 2252 75.35 54.71 9.18
C SER E 2252 76.37 53.81 8.49
N PHE E 2253 77.64 54.20 8.57
CA PHE E 2253 78.70 53.52 7.83
C PHE E 2253 79.81 53.09 8.80
N LYS E 2260 81.23 54.53 13.66
CA LYS E 2260 81.71 55.66 12.89
C LYS E 2260 80.64 56.14 11.91
N ASN E 2261 80.65 57.43 11.60
CA ASN E 2261 79.68 58.00 10.68
C ASN E 2261 80.31 59.16 9.94
N PHE E 2262 79.73 59.50 8.79
CA PHE E 2262 80.21 60.59 7.95
C PHE E 2262 79.09 61.60 7.71
N LEU E 2263 79.49 62.77 7.22
CA LEU E 2263 78.58 63.86 6.92
C LEU E 2263 78.78 64.29 5.48
N LEU E 2264 77.67 64.55 4.80
CA LEU E 2264 77.67 64.88 3.38
C LEU E 2264 76.96 66.21 3.16
N VAL E 2265 77.54 67.04 2.30
CA VAL E 2265 76.97 68.34 1.93
C VAL E 2265 76.71 68.33 0.43
N GLY E 2266 75.52 68.76 0.02
CA GLY E 2266 75.18 68.82 -1.39
C GLY E 2266 75.35 70.20 -1.99
N THR E 2267 76.30 70.33 -2.90
CA THR E 2267 76.60 71.62 -3.50
C THR E 2267 75.57 71.95 -4.59
N ALA E 2268 75.40 73.24 -4.85
CA ALA E 2268 74.60 73.67 -6.00
C ALA E 2268 75.28 73.37 -7.33
N ASP E 2269 76.55 72.97 -7.32
CA ASP E 2269 77.21 72.54 -8.55
C ASP E 2269 77.70 71.09 -8.51
N GLY E 2270 77.52 70.39 -7.39
CA GLY E 2270 77.81 68.97 -7.31
C GLY E 2270 79.07 68.58 -6.56
N LYS E 2271 79.78 69.53 -5.94
CA LYS E 2271 81.00 69.24 -5.20
C LYS E 2271 80.61 68.70 -3.82
N LEU E 2272 80.35 67.39 -3.77
CA LEU E 2272 79.94 66.75 -2.53
C LEU E 2272 81.16 66.52 -1.64
N ALA E 2273 81.16 67.14 -0.47
CA ALA E 2273 82.27 67.04 0.48
C ALA E 2273 81.94 66.01 1.56
N ILE E 2274 82.94 65.22 1.93
CA ILE E 2274 82.80 64.17 2.93
C ILE E 2274 83.48 64.62 4.21
N PHE E 2275 82.79 64.46 5.33
CA PHE E 2275 83.35 64.75 6.65
C PHE E 2275 83.18 63.53 7.54
N GLU E 2276 83.42 63.67 8.84
CA GLU E 2276 83.29 62.56 9.77
C GLU E 2276 82.54 63.03 11.01
N ASP E 2277 81.86 62.08 11.68
CA ASP E 2277 80.97 62.44 12.77
C ASP E 2277 81.72 63.06 13.95
N LYS E 2278 82.88 62.49 14.31
CA LYS E 2278 83.59 62.97 15.49
C LYS E 2278 84.49 64.17 15.21
N THR E 2279 84.68 64.55 13.95
CA THR E 2279 85.56 65.67 13.60
C THR E 2279 84.80 66.99 13.48
N VAL E 2280 83.50 67.01 13.77
CA VAL E 2280 82.72 68.25 13.65
C VAL E 2280 83.11 69.27 14.71
N LYS E 2281 83.75 68.84 15.81
CA LYS E 2281 84.13 69.77 16.87
C LYS E 2281 85.14 70.80 16.38
N LEU E 2282 86.11 70.36 15.58
CA LEU E 2282 87.16 71.26 15.12
C LEU E 2282 86.65 72.15 13.99
N LYS E 2283 86.83 73.46 14.14
CA LYS E 2283 86.48 74.40 13.08
C LYS E 2283 87.37 74.19 11.86
N GLY E 2284 86.77 74.30 10.68
CA GLY E 2284 87.50 74.17 9.43
C GLY E 2284 88.11 72.79 9.24
N ALA E 2285 87.32 71.74 9.47
CA ALA E 2285 87.80 70.38 9.32
C ALA E 2285 88.14 70.07 7.87
N ALA E 2286 89.08 69.14 7.68
CA ALA E 2286 89.55 68.81 6.34
C ALA E 2286 88.55 67.91 5.64
N PRO E 2287 88.10 68.29 4.43
CA PRO E 2287 87.19 67.40 3.69
C PRO E 2287 87.88 66.09 3.32
N LEU E 2288 87.15 64.99 3.51
CA LEU E 2288 87.71 63.66 3.22
C LEU E 2288 87.86 63.46 1.71
N LYS E 2289 86.76 63.55 0.97
CA LYS E 2289 86.79 63.31 -0.47
C LYS E 2289 85.76 64.22 -1.12
N ILE E 2290 86.23 65.27 -1.80
CA ILE E 2290 85.35 66.18 -2.52
C ILE E 2290 85.12 65.59 -3.90
N LEU E 2291 83.89 65.16 -4.16
CA LEU E 2291 83.52 64.48 -5.41
C LEU E 2291 82.59 65.41 -6.20
N ASN E 2292 83.18 66.20 -7.10
CA ASN E 2292 82.41 67.06 -7.99
C ASN E 2292 81.77 66.19 -9.08
N ILE E 2293 80.54 65.76 -8.82
CA ILE E 2293 79.87 64.85 -9.75
C ILE E 2293 79.21 65.63 -10.89
N GLY E 2294 78.45 66.67 -10.54
CA GLY E 2294 77.74 67.48 -11.51
C GLY E 2294 78.50 68.72 -11.93
N ASN E 2295 77.79 69.60 -12.62
CA ASN E 2295 78.33 70.85 -13.13
C ASN E 2295 77.57 72.01 -12.50
N VAL E 2296 77.95 73.23 -12.91
CA VAL E 2296 77.32 74.43 -12.37
C VAL E 2296 75.86 74.57 -12.78
N SER E 2297 75.43 73.87 -13.84
CA SER E 2297 74.04 73.89 -14.27
C SER E 2297 73.23 72.74 -13.69
N THR E 2298 73.82 71.92 -12.83
CA THR E 2298 73.17 70.75 -12.24
C THR E 2298 73.17 70.89 -10.73
N PRO E 2299 72.10 71.43 -10.13
CA PRO E 2299 72.06 71.55 -8.67
C PRO E 2299 71.50 70.31 -7.98
N LEU E 2300 72.29 69.74 -7.07
CA LEU E 2300 71.84 68.59 -6.28
C LEU E 2300 70.88 69.07 -5.20
N MET E 2301 69.70 68.44 -5.12
CA MET E 2301 68.71 68.82 -4.13
C MET E 2301 68.15 67.63 -3.36
N CYS E 2302 68.89 66.52 -3.30
CA CYS E 2302 68.42 65.36 -2.53
C CYS E 2302 69.59 64.46 -2.16
N LEU E 2303 69.33 63.56 -1.21
CA LEU E 2303 70.24 62.49 -0.84
C LEU E 2303 69.41 61.44 -0.11
N SER E 2304 69.68 60.16 -0.39
CA SER E 2304 68.87 59.08 0.14
C SER E 2304 69.79 57.96 0.63
N GLU E 2305 69.20 56.82 0.97
CA GLU E 2305 69.93 55.68 1.50
C GLU E 2305 69.10 54.43 1.26
N SER E 2306 69.77 53.28 1.27
CA SER E 2306 69.11 52.00 1.00
C SER E 2306 68.07 51.67 2.06
N THR E 2307 66.98 51.05 1.62
CA THR E 2307 65.90 50.70 2.54
C THR E 2307 66.27 49.56 3.48
N ASN E 2308 67.26 48.74 3.13
CA ASN E 2308 67.73 47.66 3.97
C ASN E 2308 69.21 47.83 4.26
N SER E 2309 69.65 47.29 5.40
CA SER E 2309 71.04 47.31 5.81
C SER E 2309 71.82 46.08 5.39
N THR E 2310 71.19 45.14 4.68
CA THR E 2310 71.89 43.93 4.26
C THR E 2310 72.86 44.20 3.13
N GLU E 2311 72.51 45.11 2.21
CA GLU E 2311 73.39 45.52 1.13
C GLU E 2311 74.42 46.57 1.55
N ARG E 2312 74.63 46.73 2.85
CA ARG E 2312 75.66 47.63 3.42
C ARG E 2312 75.41 49.07 2.97
N ASN E 2313 74.12 49.42 2.85
CA ASN E 2313 73.64 50.80 2.78
C ASN E 2313 74.26 51.57 1.61
N VAL E 2314 73.99 51.08 0.40
CA VAL E 2314 74.43 51.79 -0.81
C VAL E 2314 73.66 53.10 -0.90
N MET E 2315 74.40 54.19 -1.12
CA MET E 2315 73.82 55.52 -1.12
C MET E 2315 73.52 55.98 -2.54
N TRP E 2316 72.30 56.47 -2.75
CA TRP E 2316 71.80 56.87 -4.07
C TRP E 2316 71.46 58.34 -4.02
N GLY E 2317 72.15 59.15 -4.80
CA GLY E 2317 71.94 60.59 -4.80
C GLY E 2317 71.76 61.16 -6.19
N GLY E 2318 70.82 62.09 -6.30
CA GLY E 2318 70.54 62.77 -7.56
C GLY E 2318 71.02 64.21 -7.60
N CYS E 2319 71.85 64.55 -8.58
CA CYS E 2319 72.37 65.90 -8.75
C CYS E 2319 71.82 66.48 -10.05
N GLY E 2320 71.37 67.74 -9.99
CA GLY E 2320 70.69 68.32 -11.13
C GLY E 2320 69.45 67.54 -11.47
N THR E 2321 69.51 66.75 -12.55
CA THR E 2321 68.48 65.77 -12.84
C THR E 2321 69.05 64.36 -12.94
N LYS E 2322 70.37 64.21 -13.11
CA LYS E 2322 70.99 62.90 -13.24
C LYS E 2322 71.18 62.26 -11.88
N ILE E 2323 70.87 60.97 -11.79
CA ILE E 2323 70.95 60.22 -10.54
C ILE E 2323 72.20 59.35 -10.59
N PHE E 2324 73.02 59.40 -9.54
CA PHE E 2324 74.22 58.59 -9.43
C PHE E 2324 74.21 57.89 -8.08
N SER E 2325 75.29 57.17 -7.78
CA SER E 2325 75.38 56.45 -6.52
C SER E 2325 76.83 56.32 -6.10
N PHE E 2326 77.02 56.11 -4.80
CA PHE E 2326 78.34 55.76 -4.26
C PHE E 2326 78.12 55.06 -2.93
N SER E 2327 79.20 54.47 -2.42
CA SER E 2327 79.14 53.56 -1.28
C SER E 2327 80.45 53.72 -0.51
N ASN E 2328 80.79 52.71 0.31
CA ASN E 2328 82.05 52.70 1.05
C ASN E 2328 83.25 53.04 0.17
N ASP E 2329 83.21 52.60 -1.10
CA ASP E 2329 84.27 52.95 -2.05
C ASP E 2329 84.23 54.41 -2.47
N PHE E 2330 83.10 55.10 -2.26
CA PHE E 2330 82.92 56.51 -2.63
C PHE E 2330 83.21 56.75 -4.12
N THR E 2331 82.70 55.85 -4.96
CA THR E 2331 82.88 55.94 -6.40
C THR E 2331 81.54 55.74 -7.10
N ILE E 2332 81.41 56.36 -8.27
CA ILE E 2332 80.17 56.25 -9.04
C ILE E 2332 80.08 54.86 -9.66
N GLN E 2333 78.92 54.21 -9.49
CA GLN E 2333 78.66 52.93 -10.11
C GLN E 2333 77.52 52.95 -11.13
N LYS E 2334 76.65 53.96 -11.10
CA LYS E 2334 75.54 54.07 -12.03
C LYS E 2334 75.29 55.54 -12.32
N LEU E 2335 74.79 55.81 -13.52
CA LEU E 2335 74.47 57.18 -13.96
C LEU E 2335 73.11 57.22 -14.65
N ILE E 2336 72.09 56.68 -13.99
CA ILE E 2336 70.73 56.62 -14.53
C ILE E 2336 70.29 57.99 -15.02
N GLU E 2337 69.70 58.03 -16.22
CA GLU E 2337 69.29 59.26 -16.88
C GLU E 2337 67.79 59.22 -17.15
N THR E 2338 67.13 60.36 -16.95
CA THR E 2338 65.67 60.41 -17.03
C THR E 2338 65.13 61.17 -18.24
N ARG E 2339 65.85 62.18 -18.74
CA ARG E 2339 65.34 62.97 -19.85
C ARG E 2339 65.16 62.13 -21.11
N THR E 2340 66.13 61.28 -21.43
CA THR E 2340 66.04 60.40 -22.60
C THR E 2340 65.29 59.14 -22.21
N SER E 2341 63.96 59.27 -22.15
CA SER E 2341 63.08 58.19 -21.75
C SER E 2341 62.17 57.81 -22.91
N GLN E 2342 61.74 56.55 -22.92
CA GLN E 2342 60.87 56.02 -23.96
C GLN E 2342 59.39 56.23 -23.65
N LEU E 2343 59.06 56.89 -22.55
CA LEU E 2343 57.68 57.11 -22.12
C LEU E 2343 57.27 58.58 -22.26
N PHE E 2344 57.67 59.22 -23.36
CA PHE E 2344 57.35 60.63 -23.59
C PHE E 2344 55.86 60.88 -23.70
N SER E 2345 55.28 61.49 -22.66
CA SER E 2345 53.93 62.05 -22.70
C SER E 2345 53.94 63.57 -22.60
N TYR E 2346 54.78 64.13 -21.75
CA TYR E 2346 55.02 65.57 -21.68
C TYR E 2346 56.51 65.79 -21.52
N ALA E 2347 57.06 66.74 -22.30
CA ALA E 2347 58.51 66.89 -22.38
C ALA E 2347 59.08 67.51 -21.11
N ALA E 2348 58.40 68.51 -20.54
CA ALA E 2348 58.95 69.24 -19.40
C ALA E 2348 58.96 68.42 -18.12
N PHE E 2349 58.12 67.39 -18.02
CA PHE E 2349 58.11 66.55 -16.83
C PHE E 2349 59.42 65.79 -16.67
N SER E 2350 59.95 65.24 -17.77
CA SER E 2350 61.23 64.55 -17.73
C SER E 2350 62.41 65.52 -17.69
N ASP E 2351 62.29 66.67 -18.34
CA ASP E 2351 63.37 67.66 -18.39
C ASP E 2351 63.10 68.75 -17.36
N SER E 2352 63.45 68.45 -16.11
CA SER E 2352 63.30 69.40 -15.02
C SER E 2352 64.27 69.02 -13.92
N ASN E 2353 64.50 69.97 -13.00
CA ASN E 2353 65.38 69.72 -11.86
C ASN E 2353 64.77 68.68 -10.93
N ILE E 2354 65.60 67.77 -10.43
CA ILE E 2354 65.10 66.75 -9.51
C ILE E 2354 64.72 67.39 -8.18
N ILE E 2355 63.86 66.69 -7.43
CA ILE E 2355 63.44 67.11 -6.11
C ILE E 2355 63.91 66.14 -5.03
N THR E 2356 63.62 64.86 -5.21
CA THR E 2356 63.99 63.84 -4.23
C THR E 2356 64.00 62.49 -4.91
N VAL E 2357 64.56 61.51 -4.21
CA VAL E 2357 64.65 60.13 -4.69
C VAL E 2357 64.74 59.22 -3.46
N VAL E 2358 64.20 58.02 -3.59
CA VAL E 2358 64.23 57.02 -2.51
C VAL E 2358 64.71 55.70 -3.08
N VAL E 2359 65.14 54.82 -2.17
CA VAL E 2359 65.74 53.53 -2.54
C VAL E 2359 64.84 52.42 -2.01
N ASP E 2360 64.40 51.54 -2.90
CA ASP E 2360 63.60 50.39 -2.56
C ASP E 2360 63.87 49.31 -3.60
N THR E 2361 62.95 48.34 -3.73
CA THR E 2361 63.01 47.38 -4.83
C THR E 2361 63.03 48.10 -6.19
N ALA E 2362 62.45 49.29 -6.25
CA ALA E 2362 62.52 50.17 -7.40
C ALA E 2362 63.07 51.52 -6.94
N LEU E 2363 63.03 52.52 -7.82
CA LEU E 2363 63.43 53.88 -7.48
C LEU E 2363 62.34 54.84 -7.90
N TYR E 2364 61.84 55.62 -6.94
CA TYR E 2364 60.78 56.60 -7.17
C TYR E 2364 61.43 57.97 -7.27
N ILE E 2365 61.26 58.62 -8.42
CA ILE E 2365 61.95 59.87 -8.73
C ILE E 2365 60.92 60.92 -9.09
N ALA E 2366 61.13 62.15 -8.60
CA ALA E 2366 60.25 63.27 -8.90
C ALA E 2366 61.08 64.48 -9.28
N LYS E 2367 60.53 65.30 -10.17
CA LYS E 2367 61.20 66.49 -10.68
C LYS E 2367 60.55 67.75 -10.12
N GLN E 2368 61.19 68.89 -10.40
CA GLN E 2368 60.67 70.18 -9.95
C GLN E 2368 59.36 70.48 -10.67
N ASN E 2369 58.34 70.86 -9.89
CA ASN E 2369 57.00 71.19 -10.41
C ASN E 2369 56.44 70.05 -11.25
N SER E 2370 56.69 68.82 -10.82
CA SER E 2370 56.26 67.63 -11.54
C SER E 2370 55.16 66.93 -10.76
N PRO E 2371 53.89 67.01 -11.18
CA PRO E 2371 52.84 66.24 -10.51
C PRO E 2371 52.87 64.74 -10.82
N VAL E 2372 53.92 64.28 -11.49
CA VAL E 2372 54.07 62.88 -11.86
C VAL E 2372 55.41 62.37 -11.33
N VAL E 2373 55.43 61.12 -10.88
CA VAL E 2373 56.63 60.49 -10.35
C VAL E 2373 56.99 59.32 -11.26
N GLU E 2374 58.30 59.10 -11.42
CA GLU E 2374 58.82 58.05 -12.27
C GLU E 2374 59.34 56.90 -11.41
N VAL E 2375 58.88 55.69 -11.71
CA VAL E 2375 59.33 54.48 -11.06
C VAL E 2375 60.36 53.81 -11.96
N TRP E 2376 61.63 53.91 -11.58
CA TRP E 2376 62.72 53.30 -12.32
C TRP E 2376 63.17 52.01 -11.63
N ASP E 2377 64.03 51.27 -12.32
CA ASP E 2377 64.69 50.10 -11.76
C ASP E 2377 66.16 50.41 -11.49
N LYS E 2378 66.71 49.77 -10.45
CA LYS E 2378 68.12 50.02 -10.12
C LYS E 2378 69.04 49.40 -11.16
N LYS E 2379 69.00 48.08 -11.29
CA LYS E 2379 69.91 47.40 -12.21
C LYS E 2379 69.50 47.64 -13.67
N THR E 2380 68.21 47.54 -13.97
CA THR E 2380 67.75 47.66 -15.35
C THR E 2380 67.83 49.09 -15.85
N GLU E 2381 67.60 50.08 -14.98
CA GLU E 2381 67.54 51.49 -15.34
C GLU E 2381 66.48 51.73 -16.40
N LYS E 2382 65.27 51.23 -16.15
CA LYS E 2382 64.15 51.33 -17.07
C LYS E 2382 62.93 51.84 -16.30
N LEU E 2383 62.06 52.56 -17.00
CA LEU E 2383 60.83 53.10 -16.42
C LEU E 2383 59.85 51.97 -16.13
N CYS E 2384 59.87 51.48 -14.88
CA CYS E 2384 58.90 50.47 -14.46
C CYS E 2384 57.48 51.02 -14.43
N GLY E 2385 57.32 52.31 -14.14
CA GLY E 2385 55.99 52.87 -14.04
C GLY E 2385 56.04 54.39 -14.10
N LEU E 2386 54.87 54.96 -14.38
CA LEU E 2386 54.70 56.42 -14.41
C LEU E 2386 53.39 56.76 -13.71
N ILE E 2387 53.48 57.30 -12.50
CA ILE E 2387 52.32 57.54 -11.64
C ILE E 2387 52.12 59.04 -11.50
N ASP E 2388 50.99 59.53 -12.01
CA ASP E 2388 50.65 60.95 -11.95
C ASP E 2388 49.63 61.21 -10.86
N CYS E 2389 49.70 62.41 -10.29
CA CYS E 2389 48.81 62.79 -9.20
C CYS E 2389 47.36 62.82 -9.63
N VAL E 2390 47.08 63.37 -10.82
CA VAL E 2390 45.70 63.60 -11.27
C VAL E 2390 44.91 62.30 -11.33
N HIS E 2391 45.56 61.20 -11.75
CA HIS E 2391 44.94 59.87 -11.85
C HIS E 2391 44.24 59.38 -10.57
N PHE E 2392 44.48 60.06 -9.44
CA PHE E 2392 43.71 59.84 -8.23
C PHE E 2392 42.79 61.00 -7.91
N LEU E 2393 43.30 62.23 -7.95
CA LEU E 2393 42.56 63.39 -7.47
C LEU E 2393 41.30 63.61 -8.31
N ARG E 2394 41.41 63.45 -9.64
CA ARG E 2394 40.26 63.65 -10.51
C ARG E 2394 39.22 62.54 -10.40
N GLU E 2395 39.54 61.46 -9.69
CA GLU E 2395 38.58 60.37 -9.47
C GLU E 2395 37.79 60.53 -8.18
N VAL E 2396 38.05 61.57 -7.40
CA VAL E 2396 37.22 61.89 -6.25
C VAL E 2396 36.77 63.35 -6.31
N TYR E 2410 45.85 73.05 -13.53
CA TYR E 2410 45.84 72.59 -12.14
C TYR E 2410 47.16 72.88 -11.45
N SER E 2411 47.08 73.41 -10.24
CA SER E 2411 48.26 73.71 -9.42
C SER E 2411 48.39 72.67 -8.31
N GLY E 2412 49.59 72.60 -7.74
CA GLY E 2412 49.88 71.63 -6.72
C GLY E 2412 50.71 70.48 -7.28
N ARG E 2413 52.00 70.46 -6.96
CA ARG E 2413 52.93 69.52 -7.55
C ARG E 2413 53.68 68.78 -6.45
N VAL E 2414 54.38 67.71 -6.85
CA VAL E 2414 55.07 66.86 -5.88
C VAL E 2414 56.16 67.65 -5.17
N LYS E 2415 56.17 67.57 -3.83
CA LYS E 2415 57.12 68.32 -3.03
C LYS E 2415 57.96 67.47 -2.09
N THR E 2416 57.45 66.36 -1.58
CA THR E 2416 58.22 65.54 -0.66
C THR E 2416 57.82 64.07 -0.76
N LEU E 2417 58.80 63.20 -0.54
CA LEU E 2417 58.66 61.75 -0.63
C LEU E 2417 59.22 61.13 0.65
N CYS E 2418 58.58 60.05 1.10
CA CYS E 2418 59.09 59.29 2.25
C CYS E 2418 58.44 57.91 2.23
N LEU E 2419 59.26 56.87 2.35
CA LEU E 2419 58.81 55.49 2.27
C LEU E 2419 58.98 54.78 3.60
N GLN E 2420 57.97 54.01 3.99
CA GLN E 2420 58.05 53.16 5.18
C GLN E 2420 58.99 51.97 4.90
N LYS E 2421 59.20 51.15 5.92
CA LYS E 2421 60.12 50.01 5.78
C LYS E 2421 59.62 49.02 4.74
N ASN E 2422 58.38 48.55 4.89
CA ASN E 2422 57.84 47.56 3.96
C ASN E 2422 56.37 47.77 3.61
N THR E 2423 55.71 48.84 4.07
CA THR E 2423 54.27 48.94 3.89
C THR E 2423 53.87 49.75 2.66
N ALA E 2424 54.20 51.05 2.65
CA ALA E 2424 53.70 51.94 1.60
C ALA E 2424 54.45 53.27 1.71
N LEU E 2425 54.04 54.24 0.90
CA LEU E 2425 54.72 55.52 0.77
C LEU E 2425 53.71 56.66 0.73
N TRP E 2426 54.13 57.83 1.22
CA TRP E 2426 53.34 59.06 1.15
C TRP E 2426 54.00 60.08 0.22
N ILE E 2427 53.18 60.76 -0.57
CA ILE E 2427 53.64 61.83 -1.45
C ILE E 2427 52.94 63.12 -1.03
N GLY E 2428 53.73 64.18 -0.79
CA GLY E 2428 53.20 65.47 -0.44
C GLY E 2428 53.07 66.38 -1.65
N THR E 2429 51.84 66.78 -1.95
CA THR E 2429 51.57 67.61 -3.11
C THR E 2429 51.86 69.08 -2.81
N GLY E 2430 51.80 69.88 -3.88
CA GLY E 2430 51.97 71.32 -3.72
C GLY E 2430 50.86 71.97 -2.92
N GLY E 2431 49.64 71.48 -3.04
CA GLY E 2431 48.51 72.00 -2.31
C GLY E 2431 48.31 71.31 -0.98
N GLY E 2432 47.06 71.22 -0.56
CA GLY E 2432 46.72 70.58 0.69
C GLY E 2432 46.57 69.08 0.63
N HIS E 2433 46.87 68.46 -0.50
CA HIS E 2433 46.74 67.02 -0.65
C HIS E 2433 48.03 66.31 -0.25
N ILE E 2434 47.88 65.15 0.38
CA ILE E 2434 48.98 64.21 0.61
C ILE E 2434 48.42 62.80 0.45
N LEU E 2435 49.03 62.02 -0.42
CA LEU E 2435 48.44 60.78 -0.90
C LEU E 2435 49.24 59.56 -0.46
N LEU E 2436 48.53 58.46 -0.25
CA LEU E 2436 49.12 57.18 0.10
C LEU E 2436 49.05 56.25 -1.10
N LEU E 2437 50.18 55.65 -1.45
CA LEU E 2437 50.25 54.63 -2.50
C LEU E 2437 50.95 53.38 -1.97
N ASP E 2438 50.33 52.23 -2.19
CA ASP E 2438 50.92 50.94 -1.84
C ASP E 2438 51.74 50.45 -3.03
N LEU E 2439 53.04 50.25 -2.80
CA LEU E 2439 53.94 49.82 -3.87
C LEU E 2439 53.66 48.40 -4.35
N SER E 2440 52.84 47.63 -3.62
CA SER E 2440 52.63 46.22 -3.92
C SER E 2440 51.29 45.98 -4.63
N THR E 2441 50.19 46.43 -4.03
CA THR E 2441 48.86 46.00 -4.44
C THR E 2441 48.06 47.07 -5.17
N ARG E 2442 47.86 48.22 -4.54
CA ARG E 2442 46.96 49.25 -5.08
C ARG E 2442 47.65 50.60 -5.10
N ARG E 2443 47.43 51.35 -6.18
CA ARG E 2443 48.03 52.67 -6.31
C ARG E 2443 47.32 53.70 -5.44
N LEU E 2444 45.99 53.64 -5.37
CA LEU E 2444 45.20 54.63 -4.63
C LEU E 2444 44.66 54.01 -3.35
N ILE E 2445 44.98 54.62 -2.22
CA ILE E 2445 44.41 54.20 -0.93
C ILE E 2445 43.63 55.35 -0.31
N ARG E 2446 44.31 56.46 -0.03
CA ARG E 2446 43.65 57.64 0.53
C ARG E 2446 44.53 58.87 0.33
N VAL E 2447 43.89 59.99 0.00
CA VAL E 2447 44.54 61.29 -0.13
C VAL E 2447 43.95 62.21 0.91
N ILE E 2448 44.81 62.81 1.74
CA ILE E 2448 44.38 63.61 2.88
C ILE E 2448 44.34 65.07 2.46
N TYR E 2449 43.16 65.68 2.56
CA TYR E 2449 42.97 67.07 2.18
C TYR E 2449 42.34 67.82 3.36
N ASN E 2450 41.96 69.09 3.14
CA ASN E 2450 41.28 69.97 4.11
C ASN E 2450 41.94 69.97 5.49
N PHE E 2451 43.26 69.85 5.52
CA PHE E 2451 44.03 70.00 6.75
C PHE E 2451 45.20 70.95 6.62
N CYS E 2452 45.66 71.25 5.41
CA CYS E 2452 46.70 72.24 5.18
C CYS E 2452 46.44 72.90 3.83
N ASN E 2453 47.26 73.90 3.50
CA ASN E 2453 47.18 74.58 2.21
C ASN E 2453 48.33 74.24 1.28
N SER E 2454 49.53 74.01 1.81
CA SER E 2454 50.67 73.60 0.99
C SER E 2454 51.62 72.77 1.84
N VAL E 2455 51.50 71.45 1.77
CA VAL E 2455 52.34 70.56 2.54
C VAL E 2455 53.72 70.45 1.88
N ARG E 2456 54.78 70.72 2.65
CA ARG E 2456 56.10 70.85 2.09
C ARG E 2456 57.09 69.78 2.55
N VAL E 2457 57.30 69.62 3.86
CA VAL E 2457 58.41 68.83 4.37
C VAL E 2457 57.89 67.75 5.30
N MET E 2458 58.57 66.59 5.29
CA MET E 2458 58.26 65.50 6.20
C MET E 2458 59.49 64.63 6.38
N MET E 2459 59.73 64.18 7.62
CA MET E 2459 60.91 63.39 7.95
C MET E 2459 60.66 62.59 9.23
N THR E 2460 61.44 61.53 9.40
CA THR E 2460 61.30 60.59 10.50
C THR E 2460 61.81 61.18 11.81
N ALA E 2461 61.29 60.65 12.92
CA ALA E 2461 61.65 61.05 14.27
C ALA E 2461 61.03 60.08 15.27
N GLN E 2462 61.41 60.23 16.53
CA GLN E 2462 60.86 59.44 17.64
C GLN E 2462 60.72 60.35 18.84
N LEU E 2463 59.51 60.40 19.41
CA LEU E 2463 59.18 61.37 20.46
C LEU E 2463 58.64 60.65 21.68
N GLY E 2464 59.28 60.85 22.82
CA GLY E 2464 58.77 60.40 24.12
C GLY E 2464 58.48 58.91 24.23
N SER E 2465 59.38 58.07 23.70
CA SER E 2465 59.30 56.61 23.65
C SER E 2465 58.18 56.10 22.75
N LEU E 2466 57.35 56.99 22.20
CA LEU E 2466 56.36 56.63 21.17
C LEU E 2466 57.08 56.68 19.83
N LYS E 2467 57.93 55.68 19.61
CA LYS E 2467 58.84 55.69 18.48
C LYS E 2467 58.08 55.53 17.16
N ASN E 2468 58.83 55.70 16.06
CA ASN E 2468 58.32 55.56 14.70
C ASN E 2468 57.18 56.55 14.44
N VAL E 2469 57.53 57.84 14.50
CA VAL E 2469 56.61 58.92 14.17
C VAL E 2469 57.28 59.79 13.12
N MET E 2470 56.46 60.63 12.47
CA MET E 2470 56.96 61.50 11.41
C MET E 2470 56.33 62.87 11.52
N LEU E 2471 57.17 63.90 11.42
CA LEU E 2471 56.74 65.29 11.50
C LEU E 2471 56.38 65.78 10.11
N VAL E 2472 55.22 66.41 9.98
CA VAL E 2472 54.75 66.94 8.70
C VAL E 2472 54.41 68.41 8.91
N LEU E 2473 55.13 69.29 8.22
CA LEU E 2473 54.87 70.72 8.24
C LEU E 2473 54.48 71.20 6.86
N GLY E 2474 53.33 71.87 6.80
CA GLY E 2474 52.92 72.56 5.59
C GLY E 2474 52.71 74.04 5.87
N TYR E 2475 52.09 74.74 4.92
CA TYR E 2475 51.77 76.15 5.09
C TYR E 2475 50.26 76.32 4.98
N ASN E 2476 49.75 77.35 5.66
CA ASN E 2476 48.34 77.70 5.60
C ASN E 2476 48.23 79.20 5.36
N ARG E 2477 47.65 79.58 4.24
CA ARG E 2477 47.58 80.97 3.82
C ARG E 2477 46.13 81.42 3.75
N LYS E 2478 45.87 82.63 4.22
CA LYS E 2478 44.53 83.21 4.19
C LYS E 2478 44.51 84.50 3.37
N LYS E 2487 49.61 87.60 1.27
CA LYS E 2487 48.91 86.50 1.95
C LYS E 2487 49.46 86.31 3.36
N GLU E 2488 48.56 85.98 4.29
CA GLU E 2488 48.92 85.72 5.69
C GLU E 2488 49.21 84.23 5.85
N ILE E 2489 50.46 83.84 5.63
CA ILE E 2489 50.84 82.44 5.73
C ILE E 2489 51.01 82.08 7.21
N GLN E 2490 50.31 81.03 7.65
CA GLN E 2490 50.42 80.50 9.00
C GLN E 2490 50.85 79.04 8.89
N SER E 2491 52.16 78.81 8.89
CA SER E 2491 52.70 77.46 8.74
C SER E 2491 52.29 76.56 9.91
N CYS E 2492 51.95 75.32 9.59
CA CYS E 2492 51.41 74.36 10.55
C CYS E 2492 52.33 73.14 10.62
N LEU E 2493 52.70 72.74 11.83
CA LEU E 2493 53.48 71.53 12.06
C LEU E 2493 52.62 70.47 12.75
N THR E 2494 52.77 69.22 12.32
CA THR E 2494 52.01 68.09 12.93
C THR E 2494 52.93 66.87 13.09
N VAL E 2495 52.55 65.92 13.96
CA VAL E 2495 53.34 64.66 14.14
C VAL E 2495 52.41 63.50 13.81
N TRP E 2496 52.87 62.55 12.99
CA TRP E 2496 51.97 61.46 12.54
C TRP E 2496 52.50 60.09 12.99
N ASP E 2497 51.64 59.25 13.54
CA ASP E 2497 52.08 57.87 13.88
C ASP E 2497 52.30 57.14 12.56
N ILE E 2498 53.43 56.45 12.41
CA ILE E 2498 53.78 55.81 11.14
C ILE E 2498 52.76 54.73 10.76
N ASN E 2499 51.77 54.51 11.64
CA ASN E 2499 50.74 53.50 11.49
C ASN E 2499 49.70 53.87 10.44
N LEU E 2500 49.69 55.14 9.97
CA LEU E 2500 48.80 55.65 8.93
C LEU E 2500 48.42 54.68 7.81
N PRO E 2501 49.33 53.86 7.21
CA PRO E 2501 48.82 52.98 6.15
C PRO E 2501 48.08 51.86 6.85
N HIS E 2502 48.69 51.37 7.94
CA HIS E 2502 48.12 50.24 8.66
C HIS E 2502 46.75 50.64 9.17
N GLU E 2503 46.67 51.86 9.73
CA GLU E 2503 45.42 52.33 10.33
C GLU E 2503 44.35 52.52 9.27
N VAL E 2504 44.69 53.12 8.13
CA VAL E 2504 43.66 53.32 7.10
C VAL E 2504 43.12 51.98 6.65
N GLN E 2505 44.03 51.03 6.39
CA GLN E 2505 43.60 49.73 5.87
C GLN E 2505 42.75 49.02 6.93
N ASN E 2506 43.17 49.08 8.20
CA ASN E 2506 42.45 48.37 9.25
C ASN E 2506 41.08 48.98 9.46
N LEU E 2507 40.99 50.31 9.42
CA LEU E 2507 39.70 50.96 9.64
C LEU E 2507 38.75 50.60 8.51
N GLU E 2508 39.23 50.64 7.25
CA GLU E 2508 38.33 50.34 6.15
C GLU E 2508 37.84 48.91 6.26
N LYS E 2509 38.75 47.98 6.61
CA LYS E 2509 38.34 46.59 6.73
C LYS E 2509 37.33 46.43 7.87
N HIS E 2510 37.57 47.14 8.98
CA HIS E 2510 36.71 47.03 10.15
C HIS E 2510 35.33 47.53 9.80
N ILE E 2511 35.25 48.66 9.11
CA ILE E 2511 33.97 49.26 8.76
C ILE E 2511 33.23 48.31 7.83
N GLU E 2512 33.95 47.73 6.86
CA GLU E 2512 33.32 46.82 5.92
C GLU E 2512 32.75 45.59 6.63
N VAL E 2513 33.52 45.02 7.58
CA VAL E 2513 33.03 43.86 8.30
C VAL E 2513 31.81 44.23 9.15
N ARG E 2514 31.85 45.41 9.78
CA ARG E 2514 30.71 45.84 10.59
C ARG E 2514 29.48 46.04 9.73
N LYS E 2515 29.67 46.60 8.53
CA LYS E 2515 28.57 46.79 7.59
C LYS E 2515 28.01 45.45 7.14
N GLU E 2516 28.89 44.46 6.92
CA GLU E 2516 28.42 43.13 6.57
C GLU E 2516 27.56 42.57 7.69
N LEU E 2517 28.01 42.74 8.94
CA LEU E 2517 27.27 42.20 10.07
C LEU E 2517 25.91 42.90 10.15
N ALA E 2518 25.91 44.22 9.93
CA ALA E 2518 24.70 45.01 10.05
C ALA E 2518 23.69 44.54 9.01
N GLU E 2519 24.15 44.36 7.77
CA GLU E 2519 23.23 43.99 6.69
C GLU E 2519 22.65 42.62 6.98
N LYS E 2520 23.51 41.67 7.39
CA LYS E 2520 23.02 40.31 7.61
C LYS E 2520 21.98 40.33 8.73
N MET E 2521 22.29 41.03 9.83
CA MET E 2521 21.42 41.02 10.99
C MET E 2521 20.09 41.66 10.61
N ARG E 2522 20.14 42.77 9.89
CA ARG E 2522 18.94 43.52 9.53
C ARG E 2522 18.05 42.67 8.64
N ARG E 2523 18.63 42.01 7.63
CA ARG E 2523 17.81 41.22 6.72
C ARG E 2523 17.18 40.05 7.45
N THR E 2524 17.96 39.38 8.32
CA THR E 2524 17.42 38.23 9.03
C THR E 2524 16.31 38.66 9.97
N SER E 2525 16.47 39.82 10.62
CA SER E 2525 15.44 40.33 11.52
C SER E 2525 14.17 40.67 10.75
N VAL E 2526 14.31 41.26 9.56
CA VAL E 2526 13.15 41.62 8.75
C VAL E 2526 12.36 40.37 8.37
N GLU E 2527 13.06 39.31 7.98
CA GLU E 2527 12.43 38.02 7.68
C GLU E 2527 11.65 37.46 8.87
N ASP F 12 -126.44 56.45 2.75
CA ASP F 12 -127.06 55.92 1.54
C ASP F 12 -126.05 55.81 0.41
N GLU F 13 -126.46 55.16 -0.69
CA GLU F 13 -125.59 55.06 -1.86
C GLU F 13 -125.32 56.42 -2.48
N GLU F 14 -126.29 57.34 -2.44
CA GLU F 14 -126.05 58.69 -2.95
C GLU F 14 -125.00 59.41 -2.11
N THR F 15 -125.06 59.25 -0.79
CA THR F 15 -124.05 59.87 0.07
C THR F 15 -122.69 59.27 -0.21
N LEU F 16 -122.65 57.96 -0.48
CA LEU F 16 -121.38 57.30 -0.80
C LEU F 16 -120.81 57.83 -2.11
N LYS F 17 -121.67 58.07 -3.10
CA LYS F 17 -121.22 58.67 -4.35
C LYS F 17 -120.68 60.08 -4.12
N LYS F 18 -121.36 60.86 -3.26
CA LYS F 18 -120.88 62.19 -2.92
C LYS F 18 -119.50 62.11 -2.30
N LEU F 19 -119.32 61.21 -1.31
CA LEU F 19 -118.04 61.10 -0.63
C LEU F 19 -116.93 60.68 -1.59
N ILE F 20 -117.21 59.73 -2.48
CA ILE F 20 -116.15 59.26 -3.37
C ILE F 20 -115.79 60.34 -4.38
N VAL F 21 -116.79 61.11 -4.82
CA VAL F 21 -116.51 62.23 -5.72
C VAL F 21 -115.61 63.22 -5.02
N ARG F 22 -115.96 63.57 -3.77
CA ARG F 22 -115.18 64.58 -3.06
C ARG F 22 -113.76 64.09 -2.88
N LEU F 23 -113.61 62.81 -2.48
CA LEU F 23 -112.31 62.24 -2.19
C LEU F 23 -111.44 62.18 -3.44
N ASN F 24 -112.06 62.05 -4.61
CA ASN F 24 -111.32 61.99 -5.87
C ASN F 24 -111.31 63.32 -6.60
N ASN F 25 -111.83 64.37 -5.98
CA ASN F 25 -111.93 65.66 -6.66
C ASN F 25 -110.97 66.67 -6.03
N VAL F 26 -111.32 67.19 -4.85
CA VAL F 26 -110.52 68.23 -4.21
C VAL F 26 -109.13 67.71 -3.88
N GLN F 27 -108.13 68.56 -4.06
CA GLN F 27 -106.73 68.24 -3.79
C GLN F 27 -106.18 68.96 -2.56
N GLU F 28 -107.05 69.51 -1.72
CA GLU F 28 -106.59 70.18 -0.51
C GLU F 28 -106.55 69.23 0.69
N GLY F 29 -105.58 69.48 1.56
CA GLY F 29 -105.35 68.61 2.71
C GLY F 29 -106.52 68.54 3.68
N LYS F 30 -107.13 69.69 3.97
CA LYS F 30 -108.24 69.74 4.93
C LYS F 30 -109.47 69.01 4.41
N GLN F 31 -109.96 69.38 3.21
CA GLN F 31 -111.22 68.83 2.71
C GLN F 31 -111.15 67.32 2.58
N ILE F 32 -110.06 66.80 2.01
CA ILE F 32 -109.96 65.38 1.76
C ILE F 32 -109.90 64.63 3.09
N GLU F 33 -109.14 65.16 4.05
CA GLU F 33 -109.00 64.50 5.34
C GLU F 33 -110.33 64.44 6.06
N THR F 34 -111.08 65.56 6.04
CA THR F 34 -112.38 65.58 6.69
C THR F 34 -113.33 64.58 6.05
N LEU F 35 -113.37 64.54 4.71
CA LEU F 35 -114.33 63.64 4.08
C LEU F 35 -113.90 62.19 4.30
N VAL F 36 -112.59 61.96 4.43
CA VAL F 36 -112.09 60.62 4.65
C VAL F 36 -112.48 60.14 6.03
N GLN F 37 -112.34 61.01 7.03
CA GLN F 37 -112.76 60.66 8.39
C GLN F 37 -114.25 60.44 8.47
N ILE F 38 -115.03 61.23 7.72
CA ILE F 38 -116.48 61.00 7.66
C ILE F 38 -116.81 59.64 7.05
N LEU F 39 -116.10 59.26 5.99
CA LEU F 39 -116.30 57.93 5.42
C LEU F 39 -115.86 56.83 6.38
N GLU F 40 -114.81 57.06 7.15
CA GLU F 40 -114.41 56.09 8.18
C GLU F 40 -115.49 55.95 9.25
N ASP F 41 -116.12 57.07 9.63
CA ASP F 41 -117.22 57.01 10.57
C ASP F 41 -118.36 56.20 10.00
N LEU F 42 -118.69 56.42 8.72
CA LEU F 42 -119.79 55.66 8.11
C LEU F 42 -119.46 54.18 8.09
N LEU F 43 -118.21 53.85 7.77
CA LEU F 43 -117.79 52.45 7.62
C LEU F 43 -117.83 51.73 8.97
N VAL F 44 -117.45 52.44 10.04
CA VAL F 44 -117.33 51.82 11.36
C VAL F 44 -118.67 51.28 11.85
N PHE F 45 -119.75 52.02 11.61
CA PHE F 45 -121.07 51.68 12.13
C PHE F 45 -121.52 50.28 11.75
N THR F 46 -122.48 49.77 12.52
CA THR F 46 -123.00 48.40 12.42
C THR F 46 -124.36 48.33 11.75
N TYR F 47 -124.83 49.43 11.14
CA TYR F 47 -126.16 49.45 10.54
C TYR F 47 -126.26 48.48 9.37
N SER F 48 -125.27 48.44 8.49
CA SER F 48 -125.31 47.58 7.31
C SER F 48 -123.90 47.50 6.72
N GLU F 49 -123.80 46.88 5.55
CA GLU F 49 -122.55 46.76 4.80
C GLU F 49 -122.45 47.79 3.68
N HIS F 50 -122.95 49.01 3.91
CA HIS F 50 -122.94 50.03 2.87
C HIS F 50 -121.52 50.37 2.43
N ALA F 51 -120.59 50.47 3.39
CA ALA F 51 -119.20 50.69 3.04
C ALA F 51 -118.63 49.55 2.21
N SER F 52 -119.03 48.32 2.50
CA SER F 52 -118.64 47.16 1.70
C SER F 52 -119.66 46.97 0.57
N LYS F 53 -119.59 47.89 -0.38
CA LYS F 53 -120.49 47.93 -1.53
C LYS F 53 -120.08 46.97 -2.64
N LEU F 54 -119.08 46.13 -2.39
CA LEU F 54 -118.54 45.09 -3.29
C LEU F 54 -117.80 45.67 -4.49
N PHE F 55 -117.78 46.99 -4.66
CA PHE F 55 -116.98 47.59 -5.73
C PHE F 55 -115.50 47.51 -5.40
N GLN F 56 -115.14 47.87 -4.16
CA GLN F 56 -113.76 47.79 -3.64
C GLN F 56 -112.78 48.58 -4.51
N GLY F 57 -113.25 49.67 -5.11
CA GLY F 57 -112.43 50.52 -5.94
C GLY F 57 -111.29 51.20 -5.20
N LYS F 58 -110.06 50.99 -5.67
CA LYS F 58 -108.89 51.58 -5.03
C LYS F 58 -108.85 53.11 -5.18
N ASN F 59 -109.65 53.67 -6.08
CA ASN F 59 -109.71 55.12 -6.27
C ASN F 59 -110.23 55.85 -5.04
N ILE F 60 -110.84 55.14 -4.09
CA ILE F 60 -111.26 55.76 -2.83
C ILE F 60 -110.03 56.13 -2.00
N HIS F 61 -109.00 55.28 -2.02
CA HIS F 61 -107.85 55.44 -1.14
C HIS F 61 -106.53 55.69 -1.84
N VAL F 62 -106.41 55.38 -3.14
CA VAL F 62 -105.17 55.67 -3.86
C VAL F 62 -104.85 57.16 -3.90
N PRO F 63 -105.77 58.07 -4.24
CA PRO F 63 -105.45 59.50 -4.09
C PRO F 63 -105.15 59.89 -2.65
N LEU F 64 -105.78 59.24 -1.67
CA LEU F 64 -105.52 59.55 -0.27
C LEU F 64 -104.07 59.24 0.10
N LEU F 65 -103.60 58.03 -0.25
CA LEU F 65 -102.21 57.69 0.02
C LEU F 65 -101.25 58.51 -0.83
N ILE F 66 -101.66 58.89 -2.04
CA ILE F 66 -100.83 59.77 -2.88
C ILE F 66 -100.61 61.11 -2.18
N VAL F 67 -101.69 61.68 -1.65
CA VAL F 67 -101.59 62.95 -0.92
C VAL F 67 -100.76 62.78 0.34
N LEU F 68 -100.97 61.68 1.07
CA LEU F 68 -100.24 61.45 2.32
C LEU F 68 -98.75 61.33 2.08
N ASP F 69 -98.35 60.59 1.04
CA ASP F 69 -96.93 60.46 0.71
C ASP F 69 -96.35 61.76 0.19
N SER F 70 -97.08 62.43 -0.71
CA SER F 70 -96.59 63.68 -1.30
C SER F 70 -96.48 64.79 -0.26
N TYR F 71 -97.55 65.00 0.51
CA TYR F 71 -97.57 66.05 1.54
C TYR F 71 -97.22 65.41 2.88
N MET F 72 -95.91 65.13 3.05
CA MET F 72 -95.45 64.51 4.29
C MET F 72 -95.63 65.42 5.50
N ARG F 73 -95.69 66.74 5.30
CA ARG F 73 -95.89 67.66 6.40
C ARG F 73 -97.35 67.73 6.83
N VAL F 74 -98.27 67.21 6.02
CA VAL F 74 -99.69 67.22 6.31
C VAL F 74 -100.00 66.10 7.29
N ALA F 75 -100.01 66.42 8.58
CA ALA F 75 -100.23 65.41 9.61
C ALA F 75 -101.68 64.96 9.71
N SER F 76 -102.63 65.79 9.28
CA SER F 76 -104.04 65.41 9.33
C SER F 76 -104.30 64.17 8.49
N VAL F 77 -103.89 64.20 7.22
CA VAL F 77 -104.05 63.02 6.37
C VAL F 77 -103.16 61.89 6.87
N GLN F 78 -101.95 62.22 7.33
CA GLN F 78 -101.03 61.20 7.84
C GLN F 78 -101.59 60.47 9.05
N GLN F 79 -102.58 61.06 9.73
CA GLN F 79 -103.19 60.45 10.89
C GLN F 79 -104.51 59.77 10.55
N VAL F 80 -105.28 60.34 9.62
CA VAL F 80 -106.62 59.80 9.36
C VAL F 80 -106.62 58.73 8.26
N GLY F 81 -105.66 58.77 7.33
CA GLY F 81 -105.62 57.79 6.27
C GLY F 81 -105.34 56.38 6.76
N TRP F 82 -104.48 56.26 7.78
CA TRP F 82 -104.21 54.96 8.38
C TRP F 82 -105.48 54.37 8.98
N SER F 83 -106.24 55.19 9.71
CA SER F 83 -107.49 54.74 10.30
C SER F 83 -108.50 54.37 9.21
N LEU F 84 -108.57 55.18 8.15
CA LEU F 84 -109.51 54.92 7.07
C LEU F 84 -109.20 53.60 6.37
N LEU F 85 -107.91 53.35 6.07
CA LEU F 85 -107.55 52.10 5.41
C LEU F 85 -107.74 50.91 6.34
N CYS F 86 -107.48 51.10 7.65
CA CYS F 86 -107.77 50.04 8.61
C CYS F 86 -109.25 49.69 8.64
N LYS F 87 -110.12 50.71 8.65
CA LYS F 87 -111.55 50.47 8.64
C LYS F 87 -112.00 49.82 7.35
N LEU F 88 -111.42 50.24 6.21
CA LEU F 88 -111.75 49.64 4.93
C LEU F 88 -111.36 48.16 4.88
N ILE F 89 -110.16 47.84 5.37
CA ILE F 89 -109.72 46.44 5.38
C ILE F 89 -110.58 45.60 6.31
N GLU F 90 -110.85 46.12 7.52
CA GLU F 90 -111.64 45.37 8.48
C GLU F 90 -113.11 45.24 8.07
N VAL F 91 -113.62 46.15 7.25
CA VAL F 91 -115.02 46.11 6.85
C VAL F 91 -115.20 45.36 5.54
N CYS F 92 -114.44 45.73 4.52
CA CYS F 92 -114.53 45.06 3.23
C CYS F 92 -113.72 43.78 3.24
N PRO F 93 -114.35 42.61 3.08
CA PRO F 93 -113.57 41.36 3.02
C PRO F 93 -112.66 41.28 1.80
N GLY F 94 -112.99 41.99 0.73
CA GLY F 94 -112.23 41.97 -0.50
C GLY F 94 -111.10 42.98 -0.59
N THR F 95 -110.82 43.71 0.50
CA THR F 95 -109.73 44.68 0.49
C THR F 95 -108.37 44.00 0.33
N MET F 96 -108.17 42.88 1.01
CA MET F 96 -106.89 42.18 0.92
C MET F 96 -106.66 41.65 -0.49
N GLN F 97 -107.69 41.05 -1.10
CA GLN F 97 -107.55 40.52 -2.46
C GLN F 97 -107.37 41.64 -3.47
N SER F 98 -108.05 42.78 -3.26
CA SER F 98 -107.92 43.91 -4.17
C SER F 98 -106.60 44.65 -4.00
N LEU F 99 -105.95 44.52 -2.84
CA LEU F 99 -104.66 45.20 -2.64
C LEU F 99 -103.58 44.62 -3.54
N MET F 100 -103.42 43.30 -3.53
CA MET F 100 -102.43 42.61 -4.36
C MET F 100 -103.14 41.83 -5.44
N GLY F 101 -102.83 42.12 -6.69
CA GLY F 101 -103.42 41.44 -7.83
C GLY F 101 -104.92 41.67 -7.96
N GLY F 113 -97.24 48.43 -5.35
CA GLY F 113 -98.42 48.21 -4.53
C GLY F 113 -98.49 49.14 -3.33
N VAL F 114 -99.48 48.90 -2.47
CA VAL F 114 -99.67 49.75 -1.29
C VAL F 114 -98.56 49.57 -0.27
N HIS F 115 -97.76 48.51 -0.38
CA HIS F 115 -96.65 48.30 0.55
C HIS F 115 -95.63 49.43 0.45
N GLN F 116 -95.31 49.87 -0.78
CA GLN F 116 -94.41 51.00 -0.96
C GLN F 116 -94.99 52.25 -0.31
N LEU F 117 -96.28 52.49 -0.48
CA LEU F 117 -96.91 53.66 0.11
C LEU F 117 -96.85 53.63 1.63
N ILE F 118 -97.13 52.48 2.23
CA ILE F 118 -97.15 52.41 3.69
C ILE F 118 -95.74 52.53 4.25
N LEU F 119 -94.74 51.95 3.59
CA LEU F 119 -93.38 52.11 4.09
C LEU F 119 -92.89 53.54 3.90
N LYS F 120 -93.30 54.20 2.81
CA LYS F 120 -92.99 55.61 2.64
C LYS F 120 -93.63 56.46 3.73
N MET F 121 -94.86 56.12 4.11
CA MET F 121 -95.52 56.83 5.20
C MET F 121 -94.78 56.64 6.52
N LEU F 122 -94.33 55.41 6.79
CA LEU F 122 -93.59 55.16 8.02
C LEU F 122 -92.24 55.86 8.03
N THR F 123 -91.59 55.96 6.87
CA THR F 123 -90.24 56.53 6.82
C THR F 123 -90.27 58.05 6.82
N VAL F 124 -91.24 58.64 6.12
CA VAL F 124 -91.20 60.07 5.80
C VAL F 124 -91.30 60.92 7.06
N HIS F 125 -92.42 60.80 7.78
CA HIS F 125 -92.66 61.69 8.91
C HIS F 125 -93.20 60.98 10.14
N ASN F 126 -93.23 59.64 10.16
CA ASN F 126 -93.78 58.91 11.30
C ASN F 126 -92.77 58.82 12.44
N ALA F 127 -92.23 59.96 12.86
CA ALA F 127 -91.35 60.02 14.02
C ALA F 127 -92.09 60.29 15.31
N SER F 128 -93.40 60.56 15.24
CA SER F 128 -94.22 60.81 16.41
C SER F 128 -94.99 59.56 16.80
N VAL F 129 -95.40 59.52 18.07
CA VAL F 129 -96.05 58.33 18.63
C VAL F 129 -97.38 58.08 17.93
N ASN F 130 -98.17 59.13 17.71
CA ASN F 130 -99.53 58.99 17.20
C ASN F 130 -99.54 58.38 15.81
N LEU F 131 -98.64 58.82 14.93
CA LEU F 131 -98.58 58.24 13.58
C LEU F 131 -97.92 56.87 13.59
N SER F 132 -97.00 56.64 14.53
CA SER F 132 -96.28 55.36 14.54
C SER F 132 -97.16 54.22 15.01
N VAL F 133 -98.03 54.47 15.99
CA VAL F 133 -98.87 53.39 16.50
C VAL F 133 -99.85 52.91 15.43
N ILE F 134 -100.50 53.85 14.73
CA ILE F 134 -101.43 53.47 13.66
C ILE F 134 -100.68 52.84 12.50
N GLY F 135 -99.48 53.35 12.18
CA GLY F 135 -98.69 52.72 11.14
C GLY F 135 -98.32 51.28 11.45
N LEU F 136 -97.87 51.04 12.69
CA LEU F 136 -97.53 49.68 13.11
C LEU F 136 -98.75 48.78 13.09
N LYS F 137 -99.91 49.27 13.56
CA LYS F 137 -101.11 48.45 13.57
C LYS F 137 -101.55 48.09 12.15
N THR F 138 -101.54 49.07 11.24
CA THR F 138 -101.90 48.81 9.85
C THR F 138 -100.92 47.85 9.20
N LEU F 139 -99.61 48.01 9.48
CA LEU F 139 -98.62 47.08 8.94
C LEU F 139 -98.86 45.67 9.45
N ASP F 140 -99.15 45.53 10.74
CA ASP F 140 -99.37 44.21 11.33
C ASP F 140 -100.59 43.53 10.71
N LEU F 141 -101.70 44.27 10.56
CA LEU F 141 -102.88 43.65 9.97
C LEU F 141 -102.69 43.39 8.48
N LEU F 142 -101.86 44.20 7.81
CA LEU F 142 -101.54 43.93 6.41
C LEU F 142 -100.74 42.66 6.24
N LEU F 143 -99.74 42.45 7.10
CA LEU F 143 -98.85 41.29 6.96
C LEU F 143 -99.54 39.96 7.27
N THR F 144 -100.75 39.98 7.82
CA THR F 144 -101.53 38.76 7.97
C THR F 144 -102.06 38.23 6.64
N SER F 145 -102.10 39.07 5.61
CA SER F 145 -102.58 38.63 4.30
C SER F 145 -101.64 37.59 3.69
N GLY F 146 -100.34 37.76 3.85
CA GLY F 146 -99.36 36.90 3.23
C GLY F 146 -99.03 37.32 1.81
N LYS F 147 -97.93 36.75 1.30
CA LYS F 147 -97.37 37.04 -0.02
C LYS F 147 -96.91 38.49 -0.15
N ILE F 148 -96.97 39.26 0.92
CA ILE F 148 -96.51 40.64 0.91
C ILE F 148 -95.24 40.83 1.74
N THR F 149 -94.99 39.95 2.73
CA THR F 149 -93.77 40.06 3.53
C THR F 149 -92.52 39.93 2.68
N LEU F 150 -92.56 39.10 1.64
CA LEU F 150 -91.45 39.02 0.69
C LEU F 150 -91.24 40.35 -0.02
N LEU F 151 -92.34 40.99 -0.44
CA LEU F 151 -92.25 42.29 -1.09
C LEU F 151 -91.72 43.35 -0.12
N ILE F 152 -92.15 43.29 1.13
CA ILE F 152 -91.72 44.26 2.13
C ILE F 152 -90.24 44.10 2.44
N LEU F 153 -89.75 42.85 2.50
CA LEU F 153 -88.33 42.62 2.73
C LEU F 153 -87.48 43.00 1.51
N ASP F 154 -88.07 43.06 0.32
CA ASP F 154 -87.36 43.47 -0.87
C ASP F 154 -87.45 44.98 -1.13
N GLU F 155 -87.77 45.76 -0.10
CA GLU F 155 -87.91 47.20 -0.23
C GLU F 155 -86.55 47.88 -0.08
N GLU F 156 -86.56 49.20 0.06
CA GLU F 156 -85.35 49.98 0.15
C GLU F 156 -85.28 50.90 1.36
N SER F 157 -86.36 51.04 2.13
CA SER F 157 -86.41 51.97 3.24
C SER F 157 -86.02 51.33 4.56
N ASP F 158 -85.58 50.06 4.55
CA ASP F 158 -85.08 49.35 5.72
C ASP F 158 -86.14 49.29 6.84
N ILE F 159 -87.21 48.56 6.53
CA ILE F 159 -88.30 48.36 7.49
C ILE F 159 -87.79 47.70 8.76
N PHE F 160 -86.75 46.86 8.65
CA PHE F 160 -86.06 46.35 9.84
C PHE F 160 -85.54 47.50 10.69
N MET F 161 -84.79 48.41 10.09
CA MET F 161 -84.27 49.56 10.82
C MET F 161 -85.40 50.45 11.32
N LEU F 162 -86.49 50.53 10.56
CA LEU F 162 -87.67 51.27 10.99
C LEU F 162 -88.20 50.71 12.32
N ILE F 163 -88.37 49.38 12.39
CA ILE F 163 -88.90 48.78 13.61
C ILE F 163 -87.90 48.92 14.76
N PHE F 164 -86.60 48.79 14.47
CA PHE F 164 -85.60 48.97 15.53
C PHE F 164 -85.62 50.39 16.07
N ASP F 165 -85.76 51.39 15.18
CA ASP F 165 -85.82 52.79 15.60
C ASP F 165 -87.14 53.14 16.26
N ALA F 166 -88.19 52.35 16.03
CA ALA F 166 -89.49 52.62 16.64
C ALA F 166 -89.41 52.58 18.16
N MET F 167 -88.71 51.58 18.70
CA MET F 167 -88.56 51.44 20.15
C MET F 167 -87.32 52.20 20.64
N ALA F 172 -89.45 53.98 23.97
CA ALA F 172 -89.59 53.74 25.43
C ALA F 172 -91.06 53.49 25.75
N ASN F 173 -91.68 52.51 25.09
CA ASN F 173 -93.14 52.31 25.28
C ASN F 173 -93.55 50.87 24.99
N ASP F 174 -94.83 50.53 25.19
CA ASP F 174 -95.26 49.10 25.11
C ASP F 174 -95.98 48.75 23.81
N GLU F 175 -96.98 49.52 23.40
CA GLU F 175 -97.78 49.16 22.19
C GLU F 175 -96.87 49.16 20.97
N VAL F 176 -95.99 50.16 20.91
CA VAL F 176 -95.07 50.29 19.75
C VAL F 176 -94.23 49.01 19.74
N GLN F 177 -93.70 48.65 20.92
CA GLN F 177 -92.79 47.48 20.98
C GLN F 177 -93.57 46.25 20.55
N LYS F 178 -94.80 46.06 21.00
CA LYS F 178 -95.57 44.83 20.69
C LYS F 178 -95.81 44.72 19.18
N LEU F 179 -96.24 45.80 18.54
CA LEU F 179 -96.56 45.67 17.10
C LEU F 179 -95.25 45.35 16.37
N GLY F 180 -94.20 46.05 16.81
CA GLY F 180 -92.91 45.86 16.13
C GLY F 180 -92.46 44.42 16.26
N CYS F 181 -92.63 43.81 17.43
CA CYS F 181 -92.21 42.41 17.69
C CYS F 181 -93.05 41.44 16.87
N LYS F 182 -94.36 41.68 16.72
CA LYS F 182 -95.09 40.72 15.85
C LYS F 182 -94.45 40.82 14.46
N ALA F 183 -94.23 42.05 14.00
CA ALA F 183 -93.69 42.10 12.61
C ALA F 183 -92.32 41.42 12.58
N LEU F 184 -91.51 41.61 13.61
CA LEU F 184 -90.14 41.07 13.65
C LEU F 184 -90.20 39.55 13.59
N HIS F 185 -91.06 38.89 14.37
CA HIS F 185 -91.08 37.41 14.24
C HIS F 185 -91.45 37.07 12.82
N VAL F 186 -92.51 37.71 12.31
CA VAL F 186 -92.93 37.22 10.96
C VAL F 186 -91.74 37.35 10.00
N LEU F 187 -91.02 38.47 10.01
CA LEU F 187 -89.94 38.66 9.01
C LEU F 187 -88.70 37.80 9.28
N PHE F 188 -88.25 37.70 10.53
CA PHE F 188 -86.97 37.02 10.89
C PHE F 188 -86.95 35.60 10.35
N GLU F 189 -88.04 34.85 10.54
CA GLU F 189 -88.16 33.48 9.99
C GLU F 189 -87.48 33.45 8.61
N ARG F 190 -87.64 34.51 7.81
CA ARG F 190 -86.91 34.57 6.51
C ARG F 190 -85.99 35.79 6.52
N VAL F 191 -84.74 35.66 6.96
CA VAL F 191 -83.90 36.85 7.10
C VAL F 191 -82.46 36.64 6.64
N SER F 192 -82.14 35.38 6.27
CA SER F 192 -80.75 34.98 5.87
C SER F 192 -79.90 34.94 7.13
N GLU F 193 -79.56 33.72 7.59
CA GLU F 193 -78.85 33.55 8.87
C GLU F 193 -77.86 34.68 9.09
N GLU F 194 -77.20 35.12 8.02
CA GLU F 194 -76.16 36.16 8.22
C GLU F 194 -76.83 37.41 8.76
N GLN F 195 -77.96 37.81 8.16
CA GLN F 195 -78.67 39.02 8.62
C GLN F 195 -79.18 38.75 10.03
N LEU F 196 -79.68 37.53 10.27
CA LEU F 196 -80.21 37.19 11.62
C LEU F 196 -79.09 37.31 12.64
N THR F 197 -77.80 37.32 12.27
CA THR F 197 -76.74 37.57 13.30
C THR F 197 -76.73 39.03 13.85
N GLU F 198 -76.56 40.01 12.97
CA GLU F 198 -76.63 41.44 13.38
C GLU F 198 -78.07 41.72 13.82
N PHE F 199 -79.02 41.11 13.09
CA PHE F 199 -80.43 41.25 13.52
C PHE F 199 -80.52 40.66 14.91
N VAL F 200 -79.85 39.55 15.21
CA VAL F 200 -79.84 38.95 16.59
C VAL F 200 -79.37 40.02 17.55
N GLU F 201 -78.21 40.65 17.32
CA GLU F 201 -77.81 41.62 18.39
C GLU F 201 -78.85 42.74 18.56
N ASN F 202 -79.29 43.35 17.45
CA ASN F 202 -80.19 44.54 17.63
C ASN F 202 -81.51 44.11 18.27
N LYS F 203 -82.04 42.98 17.82
CA LYS F 203 -83.36 42.49 18.30
C LYS F 203 -83.23 42.12 19.77
N ASP F 204 -82.11 41.53 20.20
CA ASP F 204 -81.89 41.17 21.62
C ASP F 204 -81.92 42.46 22.42
N TYR F 205 -81.23 43.51 21.96
CA TYR F 205 -81.35 44.72 22.81
C TYR F 205 -82.82 45.16 22.90
N MET F 206 -83.47 45.21 21.74
CA MET F 206 -84.86 45.75 21.73
C MET F 206 -85.79 44.90 22.61
N ILE F 207 -85.62 43.58 22.60
CA ILE F 207 -86.58 42.68 23.28
C ILE F 207 -86.24 42.55 24.76
N LEU F 208 -85.01 42.80 25.14
CA LEU F 208 -84.74 42.86 26.59
C LEU F 208 -85.54 44.08 27.05
N LEU F 209 -85.49 45.15 26.23
CA LEU F 209 -86.35 46.29 26.63
C LEU F 209 -87.84 45.89 26.66
N SER F 210 -88.26 45.07 25.69
CA SER F 210 -89.68 44.65 25.61
C SER F 210 -90.08 43.80 26.81
N ALA F 211 -89.23 42.90 27.30
CA ALA F 211 -89.52 42.08 28.50
C ALA F 211 -89.58 43.03 29.69
N LEU F 212 -88.73 44.05 29.70
CA LEU F 212 -88.82 45.07 30.79
C LEU F 212 -90.19 45.73 30.76
N THR F 213 -90.78 46.02 29.59
CA THR F 213 -92.12 46.69 29.64
C THR F 213 -93.34 45.74 29.52
N ASN F 214 -93.16 44.43 29.37
CA ASN F 214 -94.23 43.42 29.15
C ASN F 214 -94.32 42.47 30.34
N PHE F 215 -93.19 42.11 30.93
CA PHE F 215 -93.20 41.08 32.01
C PHE F 215 -94.11 41.60 33.10
N LYS F 216 -94.08 42.91 33.30
CA LYS F 216 -94.95 43.51 34.33
C LYS F 216 -96.42 43.22 34.00
N ASP F 217 -96.84 43.32 32.73
CA ASP F 217 -98.29 43.15 32.46
C ASP F 217 -98.63 42.39 31.18
N GLU F 218 -98.38 42.98 30.00
CA GLU F 218 -98.86 42.38 28.72
C GLU F 218 -98.31 40.98 28.47
N GLU F 219 -99.18 40.06 28.03
CA GLU F 219 -98.74 38.67 27.73
C GLU F 219 -98.50 38.62 26.23
N GLU F 220 -99.40 39.22 25.43
CA GLU F 220 -99.10 39.29 24.01
C GLU F 220 -97.67 39.74 23.76
N ILE F 221 -97.21 40.76 24.49
CA ILE F 221 -95.86 41.29 24.29
C ILE F 221 -94.82 40.23 24.64
N VAL F 222 -94.98 39.57 25.79
CA VAL F 222 -94.04 38.55 26.21
C VAL F 222 -94.04 37.38 25.23
N LEU F 223 -95.23 36.95 24.80
CA LEU F 223 -95.35 35.85 23.84
C LEU F 223 -94.63 36.19 22.53
N HIS F 224 -94.88 37.39 22.01
CA HIS F 224 -94.27 37.79 20.75
C HIS F 224 -92.76 37.91 20.88
N VAL F 225 -92.26 38.46 21.99
CA VAL F 225 -90.82 38.60 22.18
C VAL F 225 -90.17 37.22 22.26
N LEU F 226 -90.79 36.31 23.01
CA LEU F 226 -90.24 34.96 23.15
C LEU F 226 -90.22 34.22 21.83
N HIS F 227 -91.30 34.34 21.03
CA HIS F 227 -91.34 33.62 19.76
C HIS F 227 -90.41 34.27 18.74
N CYS F 228 -90.20 35.59 18.83
CA CYS F 228 -89.18 36.23 18.01
C CYS F 228 -87.79 35.75 18.39
N LEU F 229 -87.55 35.55 19.70
CA LEU F 229 -86.29 34.96 20.14
C LEU F 229 -86.13 33.54 19.61
N HIS F 230 -87.23 32.78 19.56
CA HIS F 230 -87.20 31.43 18.98
C HIS F 230 -86.80 31.48 17.52
N SER F 231 -87.41 32.38 16.75
CA SER F 231 -87.06 32.53 15.34
C SER F 231 -85.61 32.99 15.20
N LEU F 232 -85.16 33.83 16.13
CA LEU F 232 -83.81 34.38 16.11
C LEU F 232 -82.77 33.34 16.49
N ALA F 233 -83.09 32.41 17.39
CA ALA F 233 -82.13 31.44 17.88
C ALA F 233 -81.99 30.21 16.97
N ILE F 234 -82.56 30.23 15.77
CA ILE F 234 -82.45 29.08 14.86
C ILE F 234 -81.00 28.75 14.50
N PRO F 235 -80.14 29.70 14.10
CA PRO F 235 -78.75 29.33 13.76
C PRO F 235 -78.00 28.72 14.93
N CYS F 236 -77.10 27.79 14.59
CA CYS F 236 -76.34 27.08 15.62
C CYS F 236 -75.27 27.96 16.25
N ASN F 237 -74.81 28.99 15.53
CA ASN F 237 -73.74 29.83 16.07
C ASN F 237 -74.23 30.79 17.14
N ASN F 238 -75.52 31.12 17.15
CA ASN F 238 -76.06 32.16 18.02
C ASN F 238 -76.34 31.69 19.44
N VAL F 239 -76.36 30.37 19.70
CA VAL F 239 -76.69 29.89 21.03
C VAL F 239 -75.68 30.40 22.06
N GLU F 240 -74.39 30.35 21.73
CA GLU F 240 -73.36 30.88 22.64
C GLU F 240 -73.56 32.38 22.88
N VAL F 241 -74.04 33.11 21.87
CA VAL F 241 -74.36 34.52 22.06
C VAL F 241 -75.50 34.68 23.05
N LEU F 242 -76.54 33.85 22.92
CA LEU F 242 -77.68 33.96 23.83
C LEU F 242 -77.34 33.54 25.25
N MET F 243 -76.33 32.69 25.42
CA MET F 243 -75.85 32.28 26.73
C MET F 243 -74.59 33.04 27.16
N SER F 244 -74.42 34.28 26.67
CA SER F 244 -73.26 35.09 27.05
C SER F 244 -73.27 35.39 28.54
N GLY F 245 -74.43 35.73 29.09
CA GLY F 245 -74.55 35.97 30.51
C GLY F 245 -75.74 35.23 31.11
N ASN F 246 -76.17 34.18 30.43
CA ASN F 246 -77.34 33.37 30.80
C ASN F 246 -78.61 34.23 30.93
N VAL F 247 -78.70 35.31 30.15
CA VAL F 247 -79.86 36.18 30.23
C VAL F 247 -81.09 35.48 29.65
N ARG F 248 -80.91 34.73 28.57
CA ARG F 248 -82.02 34.02 27.94
C ARG F 248 -82.62 32.97 28.88
N CYS F 249 -81.75 32.22 29.57
CA CYS F 249 -82.22 31.18 30.48
C CYS F 249 -83.01 31.78 31.65
N TYR F 250 -82.49 32.84 32.24
CA TYR F 250 -83.22 33.51 33.32
C TYR F 250 -84.53 34.09 32.82
N ASN F 251 -84.52 34.66 31.61
CA ASN F 251 -85.72 35.25 31.03
C ASN F 251 -86.81 34.19 30.84
N ILE F 252 -86.45 33.05 30.24
CA ILE F 252 -87.44 32.01 29.98
C ILE F 252 -87.92 31.39 31.28
N VAL F 253 -87.02 31.22 32.27
CA VAL F 253 -87.41 30.68 33.57
C VAL F 253 -88.42 31.61 34.24
N VAL F 254 -88.14 32.92 34.22
CA VAL F 254 -89.04 33.89 34.84
C VAL F 254 -90.38 33.92 34.11
N GLU F 255 -90.34 33.84 32.77
CA GLU F 255 -91.57 33.83 32.00
C GLU F 255 -92.43 32.62 32.32
N ALA F 256 -91.80 31.45 32.42
CA ALA F 256 -92.54 30.24 32.79
C ALA F 256 -93.10 30.34 34.21
N MET F 257 -92.34 30.94 35.12
CA MET F 257 -92.78 31.04 36.51
C MET F 257 -93.97 31.98 36.65
N LYS F 258 -93.87 33.19 36.09
CA LYS F 258 -94.81 34.25 36.38
C LYS F 258 -95.71 34.63 35.20
N ALA F 259 -95.15 34.72 33.98
CA ALA F 259 -95.90 35.25 32.85
C ALA F 259 -97.09 34.36 32.49
N PHE F 260 -96.91 33.04 32.53
CA PHE F 260 -97.92 32.09 32.09
C PHE F 260 -98.17 31.01 33.14
N PRO F 261 -98.78 31.36 34.28
CA PRO F 261 -99.13 30.31 35.24
C PRO F 261 -100.14 29.30 34.70
N MET F 262 -101.10 29.75 33.90
CA MET F 262 -102.10 28.87 33.30
C MET F 262 -102.37 29.27 31.85
N SER F 263 -101.32 29.57 31.10
CA SER F 263 -101.44 29.97 29.70
C SER F 263 -100.76 28.93 28.82
N GLU F 264 -101.36 28.66 27.66
CA GLU F 264 -100.91 27.56 26.82
C GLU F 264 -99.87 28.01 25.80
N ARG F 265 -100.17 29.04 25.00
CA ARG F 265 -99.28 29.42 23.90
C ARG F 265 -97.93 29.92 24.41
N ILE F 266 -97.94 30.70 25.50
CA ILE F 266 -96.69 31.19 26.08
C ILE F 266 -95.83 30.03 26.53
N GLN F 267 -96.43 29.04 27.19
CA GLN F 267 -95.69 27.88 27.65
C GLN F 267 -95.16 27.08 26.46
N GLU F 268 -95.95 26.95 25.40
CA GLU F 268 -95.50 26.26 24.20
C GLU F 268 -94.27 26.93 23.59
N VAL F 269 -94.32 28.26 23.48
CA VAL F 269 -93.19 29.01 22.92
C VAL F 269 -91.95 28.85 23.81
N SER F 270 -92.12 29.01 25.13
CA SER F 270 -90.98 28.90 26.02
C SER F 270 -90.38 27.50 25.99
N CYS F 271 -91.22 26.47 25.93
CA CYS F 271 -90.73 25.10 25.86
C CYS F 271 -90.00 24.84 24.55
N CYS F 272 -90.48 25.45 23.46
CA CYS F 272 -89.74 25.36 22.20
C CYS F 272 -88.37 26.01 22.33
N LEU F 273 -88.30 27.15 23.04
CA LEU F 273 -86.99 27.74 23.37
C LEU F 273 -86.11 26.76 24.14
N LEU F 274 -86.68 26.10 25.14
CA LEU F 274 -85.91 25.14 25.94
C LEU F 274 -85.35 24.03 25.07
N HIS F 275 -86.17 23.47 24.18
CA HIS F 275 -85.68 22.40 23.30
C HIS F 275 -84.61 22.93 22.34
N ARG F 276 -84.82 24.12 21.79
CA ARG F 276 -83.87 24.69 20.84
C ARG F 276 -82.55 25.09 21.50
N LEU F 277 -82.54 25.34 22.81
CA LEU F 277 -81.36 25.82 23.51
C LEU F 277 -80.59 24.71 24.20
N THR F 278 -80.56 23.52 23.60
CA THR F 278 -79.85 22.38 24.16
C THR F 278 -78.67 22.02 23.27
N LEU F 279 -77.47 21.98 23.87
CA LEU F 279 -76.25 21.64 23.16
C LEU F 279 -75.23 21.16 24.18
N GLY F 280 -73.96 21.08 23.76
CA GLY F 280 -72.89 20.65 24.64
C GLY F 280 -72.61 21.60 25.79
N ASN F 281 -73.09 22.84 25.71
CA ASN F 281 -72.87 23.86 26.73
C ASN F 281 -73.98 23.88 27.78
N PHE F 282 -74.64 22.75 28.02
CA PHE F 282 -75.79 22.67 28.92
C PHE F 282 -75.40 22.30 30.35
N PHE F 283 -74.22 22.70 30.82
CA PHE F 283 -73.83 22.41 32.21
C PHE F 283 -74.17 23.56 33.15
N ASN F 284 -75.41 24.03 33.11
CA ASN F 284 -75.89 25.12 33.97
C ASN F 284 -76.71 24.54 35.12
N ILE F 285 -76.01 23.99 36.13
CA ILE F 285 -76.58 23.07 37.12
C ILE F 285 -77.86 23.62 37.75
N LEU F 286 -77.77 24.79 38.39
CA LEU F 286 -78.95 25.37 39.03
C LEU F 286 -80.02 25.75 38.00
N VAL F 287 -79.58 26.34 36.88
CA VAL F 287 -80.50 26.65 35.79
C VAL F 287 -81.11 25.38 35.23
N LEU F 288 -80.31 24.30 35.17
CA LEU F 288 -80.82 23.00 34.73
C LEU F 288 -81.93 22.50 35.63
N ASN F 289 -81.74 22.58 36.95
CA ASN F 289 -82.78 22.15 37.89
C ASN F 289 -84.04 22.99 37.71
N GLU F 290 -83.87 24.31 37.60
CA GLU F 290 -85.03 25.19 37.45
C GLU F 290 -85.80 24.88 36.17
N VAL F 291 -85.11 24.77 35.05
CA VAL F 291 -85.79 24.54 33.78
C VAL F 291 -86.41 23.15 33.75
N HIS F 292 -85.75 22.15 34.37
CA HIS F 292 -86.33 20.81 34.43
C HIS F 292 -87.65 20.84 35.19
N GLU F 293 -87.66 21.52 36.35
CA GLU F 293 -88.90 21.64 37.12
C GLU F 293 -89.98 22.34 36.30
N PHE F 294 -89.61 23.42 35.60
CA PHE F 294 -90.59 24.18 34.82
C PHE F 294 -91.19 23.32 33.70
N VAL F 295 -90.34 22.60 32.95
CA VAL F 295 -90.85 21.84 31.82
C VAL F 295 -91.69 20.65 32.31
N VAL F 296 -91.29 20.01 33.41
CA VAL F 296 -92.09 18.92 33.95
C VAL F 296 -93.46 19.42 34.40
N LYS F 297 -93.48 20.57 35.09
CA LYS F 297 -94.76 21.16 35.50
C LYS F 297 -95.61 21.49 34.28
N ALA F 298 -94.98 22.02 33.22
CA ALA F 298 -95.70 22.33 31.99
C ALA F 298 -96.33 21.09 31.38
N VAL F 299 -95.60 19.96 31.39
CA VAL F 299 -96.17 18.73 30.85
C VAL F 299 -97.35 18.25 31.69
N GLN F 300 -97.21 18.26 33.02
CA GLN F 300 -98.38 17.84 33.81
C GLN F 300 -99.52 18.85 33.79
N GLN F 301 -99.30 20.09 33.35
CA GLN F 301 -100.40 21.05 33.32
C GLN F 301 -101.03 21.22 31.95
N TYR F 302 -100.39 20.76 30.89
CA TYR F 302 -100.94 20.86 29.53
C TYR F 302 -100.47 19.67 28.70
N PRO F 303 -101.02 18.49 28.92
CA PRO F 303 -100.62 17.31 28.13
C PRO F 303 -101.48 17.03 26.91
N GLU F 304 -102.43 17.88 26.57
CA GLU F 304 -103.37 17.62 25.49
C GLU F 304 -102.95 18.23 24.15
N ASN F 305 -101.78 18.87 24.08
CA ASN F 305 -101.33 19.52 22.87
C ASN F 305 -99.97 18.98 22.45
N ALA F 306 -99.76 18.92 21.12
CA ALA F 306 -98.51 18.41 20.57
C ALA F 306 -97.42 19.47 20.55
N ALA F 307 -97.77 20.73 20.77
CA ALA F 307 -96.78 21.81 20.80
C ALA F 307 -95.78 21.60 21.93
N LEU F 308 -96.27 21.25 23.12
CA LEU F 308 -95.38 21.00 24.24
C LEU F 308 -94.68 19.66 24.14
N GLN F 309 -95.44 18.58 23.96
CA GLN F 309 -94.95 17.22 24.22
C GLN F 309 -93.66 16.88 23.46
N ILE F 310 -93.58 17.26 22.18
CA ILE F 310 -92.39 16.97 21.38
C ILE F 310 -91.15 17.63 22.00
N SER F 311 -91.17 18.96 22.07
CA SER F 311 -90.02 19.71 22.57
C SER F 311 -89.73 19.38 24.03
N ALA F 312 -90.77 19.32 24.86
CA ALA F 312 -90.61 19.02 26.27
C ALA F 312 -89.95 17.67 26.48
N LEU F 313 -90.43 16.64 25.78
CA LEU F 313 -89.91 15.31 26.02
C LEU F 313 -88.50 15.13 25.44
N SER F 314 -88.21 15.78 24.30
CA SER F 314 -86.85 15.69 23.75
C SER F 314 -85.85 16.38 24.67
N CYS F 315 -86.13 17.64 25.05
CA CYS F 315 -85.27 18.35 25.98
C CYS F 315 -85.22 17.64 27.32
N LEU F 316 -86.33 17.04 27.74
CA LEU F 316 -86.39 16.28 28.98
C LEU F 316 -85.45 15.07 28.93
N ALA F 317 -85.42 14.36 27.81
CA ALA F 317 -84.52 13.22 27.68
C ALA F 317 -83.06 13.66 27.71
N LEU F 318 -82.73 14.68 26.91
CA LEU F 318 -81.33 15.15 26.90
C LEU F 318 -80.90 15.64 28.27
N LEU F 319 -81.75 16.42 28.93
CA LEU F 319 -81.37 16.99 30.22
C LEU F 319 -81.37 15.95 31.32
N THR F 320 -82.20 14.90 31.25
CA THR F 320 -82.12 13.86 32.26
C THR F 320 -80.86 13.02 32.07
N GLU F 321 -80.45 12.79 30.82
CA GLU F 321 -79.14 12.20 30.58
C GLU F 321 -78.04 13.06 31.18
N THR F 322 -78.22 14.38 31.15
CA THR F 322 -77.24 15.29 31.72
C THR F 322 -77.20 15.24 33.25
N ILE F 323 -78.36 15.29 33.92
CA ILE F 323 -78.34 15.60 35.35
C ILE F 323 -78.22 14.35 36.23
N PHE F 324 -78.66 13.19 35.74
CA PHE F 324 -78.81 12.01 36.57
C PHE F 324 -77.51 11.57 37.23
N LEU F 325 -76.37 11.96 36.67
CA LEU F 325 -75.08 11.70 37.31
C LEU F 325 -74.93 12.46 38.61
N GLU F 344 -91.17 9.73 43.55
CA GLU F 344 -90.82 11.15 43.51
C GLU F 344 -90.94 11.70 42.09
N ASP F 345 -89.82 12.13 41.53
CA ASP F 345 -89.80 12.65 40.16
C ASP F 345 -90.20 11.57 39.16
N LYS F 346 -89.70 10.34 39.36
CA LYS F 346 -89.87 9.27 38.38
C LYS F 346 -91.35 8.95 38.16
N LEU F 347 -92.16 8.94 39.22
CA LEU F 347 -93.56 8.57 39.08
C LEU F 347 -94.29 9.54 38.16
N PHE F 348 -94.14 10.85 38.40
CA PHE F 348 -94.78 11.84 37.55
C PHE F 348 -94.19 11.85 36.15
N TRP F 349 -92.88 11.59 36.04
CA TRP F 349 -92.22 11.53 34.73
C TRP F 349 -92.82 10.44 33.86
N LEU F 350 -92.91 9.21 34.39
CA LEU F 350 -93.52 8.14 33.62
C LEU F 350 -95.02 8.34 33.44
N GLU F 351 -95.70 9.00 34.38
CA GLU F 351 -97.10 9.33 34.17
C GLU F 351 -97.26 10.22 32.94
N ALA F 352 -96.43 11.26 32.84
CA ALA F 352 -96.45 12.14 31.68
C ALA F 352 -96.13 11.38 30.41
N CYS F 353 -95.12 10.50 30.47
CA CYS F 353 -94.75 9.73 29.28
C CYS F 353 -95.87 8.81 28.84
N TYR F 354 -96.53 8.13 29.78
CA TYR F 354 -97.63 7.24 29.44
C TYR F 354 -98.79 8.01 28.83
N LYS F 355 -99.12 9.18 29.41
CA LYS F 355 -100.16 10.01 28.81
C LYS F 355 -99.77 10.47 27.40
N ALA F 356 -98.49 10.79 27.20
CA ALA F 356 -98.04 11.21 25.87
C ALA F 356 -98.20 10.09 24.86
N LEU F 357 -97.79 8.88 25.23
CA LEU F 357 -97.95 7.74 24.32
C LEU F 357 -99.43 7.46 24.03
N THR F 358 -100.28 7.51 25.06
CA THR F 358 -101.68 7.13 24.88
C THR F 358 -102.46 8.17 24.09
N TRP F 359 -102.30 9.44 24.41
CA TRP F 359 -103.17 10.47 23.85
C TRP F 359 -102.74 10.96 22.47
N HIS F 360 -101.58 10.52 21.96
CA HIS F 360 -101.05 11.02 20.69
C HIS F 360 -100.56 9.85 19.83
N ARG F 361 -101.38 8.82 19.72
CA ARG F 361 -100.97 7.61 19.00
C ARG F 361 -100.81 7.84 17.50
N LYS F 362 -101.43 8.87 16.95
CA LYS F 362 -101.37 9.11 15.51
C LYS F 362 -100.24 10.03 15.08
N ASN F 363 -99.54 10.65 16.04
CA ASN F 363 -98.47 11.59 15.74
C ASN F 363 -97.13 10.88 15.94
N LYS F 364 -96.35 10.77 14.87
CA LYS F 364 -95.06 10.08 14.93
C LYS F 364 -94.09 10.77 15.87
N HIS F 365 -94.01 12.10 15.79
CA HIS F 365 -92.98 12.84 16.54
C HIS F 365 -93.22 12.77 18.04
N VAL F 366 -94.48 12.89 18.48
CA VAL F 366 -94.78 12.82 19.90
C VAL F 366 -94.41 11.45 20.45
N GLN F 367 -94.76 10.38 19.74
CA GLN F 367 -94.44 9.04 20.19
C GLN F 367 -92.93 8.81 20.24
N GLU F 368 -92.21 9.26 19.21
CA GLU F 368 -90.76 9.12 19.21
C GLU F 368 -90.12 9.85 20.37
N ALA F 369 -90.52 11.11 20.59
CA ALA F 369 -89.96 11.89 21.69
C ALA F 369 -90.28 11.28 23.04
N ALA F 370 -91.52 10.84 23.23
CA ALA F 370 -91.95 10.31 24.52
C ALA F 370 -91.24 9.00 24.84
N CYS F 371 -91.17 8.08 23.88
CA CYS F 371 -90.48 6.83 24.16
C CYS F 371 -88.98 7.04 24.28
N TRP F 372 -88.41 8.04 23.59
CA TRP F 372 -87.01 8.40 23.81
C TRP F 372 -86.79 8.88 25.23
N ALA F 373 -87.70 9.72 25.74
CA ALA F 373 -87.59 10.21 27.11
C ALA F 373 -87.68 9.05 28.11
N LEU F 374 -88.62 8.14 27.88
CA LEU F 374 -88.77 6.96 28.74
C LEU F 374 -87.50 6.12 28.72
N ASN F 375 -86.95 5.89 27.52
CA ASN F 375 -85.74 5.10 27.38
C ASN F 375 -84.58 5.74 28.13
N ASN F 376 -84.37 7.04 27.94
CA ASN F 376 -83.21 7.70 28.52
C ASN F 376 -83.33 7.77 30.04
N LEU F 377 -84.55 8.01 30.55
CA LEU F 377 -84.76 8.00 31.99
C LEU F 377 -84.51 6.62 32.57
N LEU F 378 -85.05 5.58 31.93
CA LEU F 378 -84.84 4.23 32.46
C LEU F 378 -83.37 3.84 32.36
N MET F 379 -82.67 4.39 31.36
CA MET F 379 -81.25 4.10 31.19
C MET F 379 -80.46 4.66 32.37
N TYR F 380 -80.82 5.87 32.80
CA TYR F 380 -80.11 6.50 33.90
C TYR F 380 -80.77 6.26 35.25
N GLN F 381 -81.91 5.59 35.29
CA GLN F 381 -82.60 5.25 36.55
C GLN F 381 -83.06 3.80 36.44
N ASN F 382 -82.34 2.88 37.09
CA ASN F 382 -82.64 1.46 37.02
C ASN F 382 -83.43 0.95 38.23
N SER F 383 -83.71 1.82 39.21
CA SER F 383 -84.37 1.38 40.43
C SER F 383 -85.85 1.08 40.23
N LEU F 384 -86.48 1.66 39.21
CA LEU F 384 -87.91 1.56 38.99
C LEU F 384 -88.28 0.59 37.86
N HIS F 385 -87.39 -0.36 37.55
CA HIS F 385 -87.72 -1.37 36.55
C HIS F 385 -88.99 -2.14 36.89
N GLU F 386 -89.27 -2.33 38.18
CA GLU F 386 -90.52 -2.97 38.60
C GLU F 386 -91.72 -2.04 38.54
N LYS F 387 -91.50 -0.74 38.34
CA LYS F 387 -92.60 0.23 38.27
C LYS F 387 -93.34 0.22 36.93
N ILE F 388 -92.95 -0.64 36.00
CA ILE F 388 -93.63 -0.74 34.71
C ILE F 388 -94.21 -2.14 34.60
N GLY F 389 -95.48 -2.23 34.24
CA GLY F 389 -96.12 -3.52 34.05
C GLY F 389 -97.62 -3.39 33.94
N ASP F 390 -98.26 -4.51 33.61
CA ASP F 390 -99.70 -4.56 33.48
C ASP F 390 -100.41 -4.57 34.83
N GLU F 391 -99.72 -4.90 35.91
CA GLU F 391 -100.33 -4.91 37.23
C GLU F 391 -100.62 -3.50 37.70
N ASP F 392 -101.64 -3.37 38.54
CA ASP F 392 -102.11 -2.06 39.00
C ASP F 392 -101.02 -1.32 39.77
N GLY F 393 -100.98 0.00 39.60
CA GLY F 393 -99.93 0.82 40.17
C GLY F 393 -98.73 0.99 39.29
N HIS F 394 -98.67 0.28 38.17
CA HIS F 394 -97.59 0.40 37.19
C HIS F 394 -98.16 0.80 35.85
N PHE F 395 -97.47 1.71 35.17
CA PHE F 395 -97.94 2.17 33.87
C PHE F 395 -97.70 1.11 32.81
N PRO F 396 -98.72 0.69 32.06
CA PRO F 396 -98.54 -0.34 31.01
C PRO F 396 -97.95 0.26 29.74
N ALA F 397 -96.69 0.71 29.85
CA ALA F 397 -96.05 1.39 28.73
C ALA F 397 -95.49 0.44 27.68
N HIS F 398 -95.25 -0.83 28.02
CA HIS F 398 -94.69 -1.77 27.06
C HIS F 398 -95.62 -2.01 25.89
N ARG F 399 -96.91 -2.25 26.17
CA ARG F 399 -97.88 -2.43 25.10
C ARG F 399 -98.02 -1.18 24.25
N GLU F 400 -97.98 0.00 24.88
CA GLU F 400 -98.07 1.24 24.13
C GLU F 400 -96.86 1.42 23.22
N VAL F 401 -95.66 1.07 23.70
CA VAL F 401 -94.45 1.17 22.88
C VAL F 401 -94.54 0.23 21.68
N MET F 402 -94.95 -1.02 21.93
CA MET F 402 -95.15 -1.97 20.83
C MET F 402 -96.17 -1.47 19.83
N LEU F 403 -97.30 -0.93 20.32
CA LEU F 403 -98.35 -0.44 19.44
C LEU F 403 -97.88 0.73 18.60
N SER F 404 -97.13 1.66 19.22
CA SER F 404 -96.57 2.78 18.48
C SER F 404 -95.62 2.30 17.40
N MET F 405 -94.74 1.36 17.74
CA MET F 405 -93.81 0.80 16.76
C MET F 405 -94.55 0.18 15.58
N LEU F 406 -95.65 -0.55 15.86
CA LEU F 406 -96.36 -1.25 14.80
C LEU F 406 -97.22 -0.32 13.93
N MET F 407 -97.90 0.67 14.51
CA MET F 407 -98.67 1.61 13.69
C MET F 407 -97.76 2.39 12.75
N HIS F 408 -96.58 2.78 13.22
CA HIS F 408 -95.71 3.68 12.47
C HIS F 408 -94.45 2.96 12.01
N SER F 409 -94.63 1.72 11.53
CA SER F 409 -93.52 0.92 11.02
C SER F 409 -92.86 1.57 9.81
N SER F 410 -93.57 2.42 9.07
CA SER F 410 -92.99 3.09 7.91
C SER F 410 -91.94 4.12 8.30
N SER F 411 -91.88 4.53 9.56
CA SER F 411 -90.93 5.53 10.01
C SER F 411 -89.82 4.85 10.79
N LYS F 412 -88.58 5.11 10.38
CA LYS F 412 -87.43 4.48 11.03
C LYS F 412 -87.13 5.09 12.39
N GLU F 413 -87.39 6.38 12.59
CA GLU F 413 -87.02 7.05 13.83
C GLU F 413 -87.80 6.50 15.02
N VAL F 414 -89.12 6.34 14.85
CA VAL F 414 -89.93 5.79 15.93
C VAL F 414 -89.54 4.35 16.21
N PHE F 415 -89.16 3.60 15.17
CA PHE F 415 -88.67 2.24 15.38
C PHE F 415 -87.40 2.24 16.23
N GLN F 416 -86.43 3.08 15.87
CA GLN F 416 -85.19 3.15 16.64
C GLN F 416 -85.46 3.49 18.10
N ALA F 417 -86.26 4.53 18.33
CA ALA F 417 -86.51 5.00 19.68
C ALA F 417 -87.27 3.95 20.51
N SER F 418 -88.34 3.38 19.93
CA SER F 418 -89.15 2.40 20.66
C SER F 418 -88.36 1.12 20.93
N ALA F 419 -87.60 0.65 19.94
CA ALA F 419 -86.80 -0.56 20.11
C ALA F 419 -85.74 -0.35 21.19
N ASN F 420 -85.08 0.80 21.18
CA ASN F 420 -84.11 1.10 22.23
C ASN F 420 -84.77 1.15 23.59
N ALA F 421 -85.97 1.75 23.66
CA ALA F 421 -86.68 1.88 24.93
C ALA F 421 -87.00 0.51 25.50
N LEU F 422 -87.64 -0.36 24.71
CA LEU F 422 -88.00 -1.66 25.25
C LEU F 422 -86.80 -2.58 25.39
N SER F 423 -85.69 -2.33 24.68
CA SER F 423 -84.48 -3.09 24.93
C SER F 423 -83.88 -2.73 26.29
N THR F 424 -83.85 -1.44 26.62
CA THR F 424 -83.44 -1.03 27.96
C THR F 424 -84.37 -1.60 29.02
N LEU F 425 -85.68 -1.60 28.74
CA LEU F 425 -86.63 -2.17 29.69
C LEU F 425 -86.40 -3.67 29.89
N LEU F 426 -86.14 -4.40 28.81
CA LEU F 426 -85.89 -5.83 28.91
C LEU F 426 -84.59 -6.11 29.66
N GLU F 427 -83.54 -5.32 29.41
CA GLU F 427 -82.31 -5.48 30.16
C GLU F 427 -82.51 -5.15 31.64
N GLN F 428 -83.44 -4.24 31.95
CA GLN F 428 -83.67 -3.85 33.34
C GLN F 428 -84.25 -5.00 34.15
N ASN F 429 -85.34 -5.61 33.66
CA ASN F 429 -85.99 -6.73 34.33
C ASN F 429 -86.26 -7.85 33.34
N VAL F 430 -85.97 -9.09 33.75
CA VAL F 430 -86.09 -10.23 32.84
C VAL F 430 -87.50 -10.81 32.81
N ASN F 431 -88.38 -10.36 33.70
CA ASN F 431 -89.76 -10.85 33.69
C ASN F 431 -90.50 -10.47 32.41
N PHE F 432 -90.12 -9.33 31.81
CA PHE F 432 -90.76 -8.90 30.57
C PHE F 432 -90.40 -9.83 29.41
N ARG F 433 -89.20 -10.40 29.43
CA ARG F 433 -88.85 -11.43 28.46
C ARG F 433 -89.75 -12.64 28.63
N LYS F 434 -89.99 -13.35 27.52
CA LYS F 434 -90.93 -14.46 27.36
C LYS F 434 -92.39 -14.02 27.44
N ILE F 435 -92.66 -12.76 27.74
CA ILE F 435 -93.99 -12.18 27.58
C ILE F 435 -94.13 -11.49 26.23
N LEU F 436 -93.09 -10.75 25.82
CA LEU F 436 -93.05 -10.20 24.47
C LEU F 436 -93.03 -11.32 23.44
N LEU F 437 -92.32 -12.42 23.74
CA LEU F 437 -92.34 -13.59 22.87
C LEU F 437 -93.75 -14.15 22.73
N SER F 438 -94.47 -14.26 23.86
CA SER F 438 -95.87 -14.68 23.82
C SER F 438 -96.74 -13.69 23.07
N LYS F 439 -96.33 -12.42 23.00
CA LYS F 439 -97.04 -11.44 22.19
C LYS F 439 -96.66 -11.52 20.71
N GLY F 440 -95.63 -12.27 20.36
CA GLY F 440 -95.23 -12.44 18.98
C GLY F 440 -94.60 -11.21 18.38
N ILE F 441 -93.44 -10.82 18.89
CA ILE F 441 -92.76 -9.61 18.42
C ILE F 441 -91.44 -9.91 17.73
N HIS F 442 -90.82 -11.07 18.00
CA HIS F 442 -89.50 -11.38 17.44
C HIS F 442 -89.55 -11.49 15.92
N LEU F 443 -90.38 -12.40 15.40
CA LEU F 443 -90.57 -12.47 13.95
C LEU F 443 -91.21 -11.19 13.42
N ASN F 444 -91.98 -10.50 14.26
CA ASN F 444 -92.61 -9.25 13.84
C ASN F 444 -91.56 -8.17 13.62
N VAL F 445 -90.65 -7.98 14.60
CA VAL F 445 -89.58 -7.01 14.41
C VAL F 445 -88.64 -7.47 13.31
N LEU F 446 -88.49 -8.79 13.10
CA LEU F 446 -87.70 -9.27 11.98
C LEU F 446 -88.31 -8.81 10.66
N GLU F 447 -89.64 -8.88 10.55
CA GLU F 447 -90.32 -8.37 9.37
C GLU F 447 -90.10 -6.88 9.21
N LEU F 448 -90.13 -6.13 10.32
CA LEU F 448 -89.90 -4.69 10.24
C LEU F 448 -88.49 -4.36 9.77
N MET F 449 -87.47 -5.09 10.26
CA MET F 449 -86.12 -4.89 9.71
C MET F 449 -86.05 -5.30 8.25
N GLN F 450 -86.82 -6.31 7.84
CA GLN F 450 -86.87 -6.67 6.43
C GLN F 450 -87.41 -5.50 5.60
N LYS F 451 -88.44 -4.82 6.10
CA LYS F 451 -88.95 -3.64 5.40
C LYS F 451 -87.93 -2.51 5.37
N HIS F 452 -87.23 -2.27 6.49
CA HIS F 452 -86.26 -1.19 6.63
C HIS F 452 -84.86 -1.80 6.58
N ILE F 453 -84.31 -1.95 5.38
CA ILE F 453 -82.97 -2.50 5.21
C ILE F 453 -81.99 -1.48 4.65
N HIS F 454 -82.45 -0.39 4.03
CA HIS F 454 -81.53 0.60 3.47
C HIS F 454 -80.80 1.41 4.53
N SER F 455 -81.20 1.32 5.79
CA SER F 455 -80.55 2.07 6.87
C SER F 455 -79.82 1.13 7.82
N PRO F 456 -78.65 1.52 8.35
CA PRO F 456 -77.95 0.66 9.31
C PRO F 456 -78.43 0.85 10.74
N GLU F 457 -78.96 2.03 11.06
CA GLU F 457 -79.41 2.31 12.42
C GLU F 457 -80.60 1.43 12.80
N VAL F 458 -81.55 1.26 11.88
CA VAL F 458 -82.72 0.43 12.14
C VAL F 458 -82.31 -1.02 12.36
N ALA F 459 -81.39 -1.53 11.53
CA ALA F 459 -80.91 -2.90 11.69
C ALA F 459 -80.17 -3.07 13.01
N GLU F 460 -79.35 -2.08 13.38
CA GLU F 460 -78.62 -2.14 14.65
C GLU F 460 -79.58 -2.18 15.83
N SER F 461 -80.60 -1.31 15.81
CA SER F 461 -81.57 -1.30 16.90
C SER F 461 -82.34 -2.60 16.98
N GLY F 462 -82.73 -3.15 15.83
CA GLY F 462 -83.42 -4.43 15.84
C GLY F 462 -82.57 -5.57 16.36
N CYS F 463 -81.30 -5.61 15.96
CA CYS F 463 -80.39 -6.64 16.46
C CYS F 463 -80.17 -6.49 17.96
N LYS F 464 -80.08 -5.25 18.45
CA LYS F 464 -80.00 -5.03 19.90
C LYS F 464 -81.25 -5.56 20.60
N MET F 465 -82.42 -5.33 20.00
CA MET F 465 -83.66 -5.86 20.57
C MET F 465 -83.65 -7.38 20.62
N LEU F 466 -83.21 -8.03 19.53
CA LEU F 466 -83.13 -9.49 19.53
C LEU F 466 -82.16 -10.00 20.59
N ASN F 467 -81.00 -9.34 20.71
CA ASN F 467 -79.99 -9.73 21.69
C ASN F 467 -80.55 -9.65 23.10
N HIS F 468 -81.24 -8.54 23.42
CA HIS F 468 -81.78 -8.38 24.76
C HIS F 468 -83.07 -9.15 24.97
N LEU F 469 -83.69 -9.66 23.90
CA LEU F 469 -84.95 -10.38 24.00
C LEU F 469 -84.73 -11.88 24.19
N PHE F 470 -83.79 -12.46 23.47
CA PHE F 470 -83.54 -13.90 23.53
C PHE F 470 -82.47 -14.28 24.55
N GLU F 471 -81.96 -13.32 25.31
CA GLU F 471 -80.95 -13.63 26.32
C GLU F 471 -81.55 -14.48 27.43
N GLY F 472 -80.81 -15.53 27.83
CA GLY F 472 -81.24 -16.38 28.92
C GLY F 472 -82.45 -17.23 28.64
N SER F 473 -82.68 -17.61 27.39
CA SER F 473 -83.81 -18.47 27.04
C SER F 473 -83.42 -19.39 25.91
N ASN F 474 -84.14 -20.51 25.81
CA ASN F 474 -83.92 -21.52 24.78
C ASN F 474 -85.16 -21.63 23.91
N THR F 475 -84.95 -21.60 22.59
CA THR F 475 -86.04 -21.62 21.62
C THR F 475 -86.08 -22.99 20.92
N SER F 476 -87.02 -23.11 19.98
CA SER F 476 -87.20 -24.32 19.20
C SER F 476 -86.50 -24.19 17.85
N LEU F 477 -86.44 -25.32 17.13
CA LEU F 477 -85.81 -25.33 15.81
C LEU F 477 -86.57 -24.48 14.80
N ASP F 478 -87.90 -24.40 14.94
CA ASP F 478 -88.67 -23.54 14.05
C ASP F 478 -88.29 -22.07 14.24
N ILE F 479 -88.13 -21.65 15.49
CA ILE F 479 -87.69 -20.29 15.78
C ILE F 479 -86.30 -20.05 15.19
N MET F 480 -85.42 -21.05 15.27
CA MET F 480 -84.09 -20.93 14.69
C MET F 480 -84.17 -20.72 13.19
N ALA F 481 -84.94 -21.56 12.50
CA ALA F 481 -85.07 -21.45 11.05
C ALA F 481 -85.74 -20.14 10.64
N ALA F 482 -86.57 -19.57 11.51
CA ALA F 482 -87.25 -18.32 11.19
C ALA F 482 -86.43 -17.08 11.54
N VAL F 483 -85.47 -17.21 12.44
CA VAL F 483 -84.73 -16.06 12.96
C VAL F 483 -83.34 -15.95 12.33
N VAL F 484 -82.57 -17.05 12.32
CA VAL F 484 -81.17 -16.98 11.91
C VAL F 484 -80.98 -16.46 10.48
N PRO F 485 -81.74 -16.91 9.46
CA PRO F 485 -81.53 -16.34 8.12
C PRO F 485 -81.73 -14.84 8.03
N LYS F 486 -82.71 -14.29 8.75
CA LYS F 486 -82.95 -12.84 8.70
C LYS F 486 -81.76 -12.07 9.28
N ILE F 487 -81.22 -12.53 10.41
CA ILE F 487 -80.07 -11.87 11.01
C ILE F 487 -78.84 -12.03 10.10
N LEU F 488 -78.70 -13.19 9.47
CA LEU F 488 -77.60 -13.40 8.52
C LEU F 488 -77.69 -12.44 7.35
N THR F 489 -78.90 -12.26 6.79
CA THR F 489 -79.07 -11.32 5.68
C THR F 489 -78.80 -9.89 6.12
N VAL F 490 -79.26 -9.52 7.32
CA VAL F 490 -79.04 -8.16 7.81
C VAL F 490 -77.55 -7.89 8.00
N MET F 491 -76.82 -8.89 8.53
CA MET F 491 -75.38 -8.73 8.70
C MET F 491 -74.66 -8.68 7.36
N LYS F 492 -75.11 -9.48 6.39
CA LYS F 492 -74.45 -9.51 5.09
C LYS F 492 -74.65 -8.19 4.34
N ARG F 493 -75.88 -7.65 4.35
CA ARG F 493 -76.15 -6.40 3.65
C ARG F 493 -75.42 -5.22 4.29
N HIS F 494 -75.14 -5.29 5.58
CA HIS F 494 -74.46 -4.23 6.31
C HIS F 494 -73.13 -4.78 6.81
N GLU F 495 -72.11 -4.72 5.95
CA GLU F 495 -70.82 -5.32 6.25
C GLU F 495 -69.81 -4.35 6.84
N THR F 496 -70.02 -3.04 6.68
CA THR F 496 -69.05 -2.05 7.15
C THR F 496 -69.39 -1.50 8.54
N SER F 497 -70.64 -1.57 8.96
CA SER F 497 -71.08 -0.98 10.22
C SER F 497 -70.61 -1.84 11.38
N LEU F 498 -69.75 -1.29 12.24
CA LEU F 498 -69.31 -2.00 13.43
C LEU F 498 -70.45 -2.33 14.40
N PRO F 499 -71.33 -1.39 14.81
CA PRO F 499 -72.39 -1.76 15.77
C PRO F 499 -73.33 -2.85 15.26
N VAL F 500 -73.70 -2.81 13.97
CA VAL F 500 -74.62 -3.81 13.43
C VAL F 500 -73.97 -5.20 13.46
N GLN F 501 -72.70 -5.29 13.03
CA GLN F 501 -72.00 -6.57 13.05
C GLN F 501 -71.86 -7.08 14.48
N LEU F 502 -71.51 -6.21 15.42
CA LEU F 502 -71.34 -6.62 16.81
C LEU F 502 -72.65 -7.15 17.38
N GLU F 503 -73.74 -6.40 17.18
CA GLU F 503 -75.03 -6.81 17.72
C GLU F 503 -75.52 -8.11 17.08
N ALA F 504 -75.35 -8.25 15.76
CA ALA F 504 -75.77 -9.47 15.08
C ALA F 504 -74.97 -10.67 15.56
N LEU F 505 -73.65 -10.50 15.73
CA LEU F 505 -72.83 -11.59 16.23
C LEU F 505 -73.23 -11.98 17.66
N ARG F 506 -73.50 -10.98 18.50
CA ARG F 506 -73.94 -11.27 19.88
C ARG F 506 -75.26 -12.02 19.87
N ALA F 507 -76.20 -11.60 19.02
CA ALA F 507 -77.51 -12.28 18.95
C ALA F 507 -77.35 -13.71 18.46
N ILE F 508 -76.55 -13.91 17.41
CA ILE F 508 -76.34 -15.25 16.88
C ILE F 508 -75.68 -16.14 17.92
N LEU F 509 -74.70 -15.61 18.66
CA LEU F 509 -74.05 -16.39 19.70
C LEU F 509 -75.03 -16.76 20.81
N HIS F 510 -75.85 -15.81 21.26
CA HIS F 510 -76.81 -16.08 22.32
C HIS F 510 -77.94 -17.00 21.88
N PHE F 511 -78.16 -17.13 20.57
CA PHE F 511 -79.32 -17.86 20.07
C PHE F 511 -78.98 -19.17 19.39
N ILE F 512 -77.71 -19.42 19.06
CA ILE F 512 -77.38 -20.60 18.25
C ILE F 512 -77.30 -21.86 19.12
N VAL F 513 -76.93 -21.73 20.40
CA VAL F 513 -76.81 -22.87 21.30
C VAL F 513 -76.76 -22.39 22.74
N GLU F 525 -86.02 -38.12 15.15
CA GLU F 525 -86.99 -37.07 14.82
C GLU F 525 -86.39 -35.69 15.08
N PHE F 526 -86.08 -35.41 16.35
CA PHE F 526 -85.51 -34.12 16.71
C PHE F 526 -84.12 -33.95 16.10
N HIS F 527 -83.31 -35.00 16.11
CA HIS F 527 -81.95 -34.92 15.57
C HIS F 527 -81.95 -34.62 14.08
N HIS F 528 -82.82 -35.29 13.31
CA HIS F 528 -82.89 -35.05 11.88
C HIS F 528 -83.33 -33.62 11.57
N LYS F 529 -84.32 -33.12 12.33
CA LYS F 529 -84.78 -31.75 12.12
C LYS F 529 -83.69 -30.74 12.46
N LEU F 530 -82.96 -30.99 13.56
CA LEU F 530 -81.91 -30.04 13.90
C LEU F 530 -80.77 -30.12 12.90
N ASN F 531 -80.50 -31.31 12.36
CA ASN F 531 -79.46 -31.44 11.34
C ASN F 531 -79.84 -30.65 10.09
N MET F 532 -81.14 -30.68 9.74
CA MET F 532 -81.63 -29.90 8.62
C MET F 532 -81.47 -28.41 8.87
N VAL F 533 -81.75 -27.97 10.11
CA VAL F 533 -81.59 -26.56 10.45
C VAL F 533 -80.13 -26.14 10.36
N LYS F 534 -79.21 -26.98 10.88
CA LYS F 534 -77.79 -26.67 10.79
C LYS F 534 -77.33 -26.59 9.35
N LYS F 535 -77.79 -27.53 8.50
CA LYS F 535 -77.41 -27.52 7.10
C LYS F 535 -77.93 -26.27 6.40
N GLN F 536 -79.17 -25.87 6.71
CA GLN F 536 -79.72 -24.65 6.13
C GLN F 536 -78.92 -23.42 6.58
N CYS F 537 -78.55 -23.37 7.85
CA CYS F 537 -77.75 -22.26 8.36
C CYS F 537 -76.38 -22.21 7.67
N PHE F 538 -75.75 -23.37 7.48
CA PHE F 538 -74.47 -23.44 6.78
C PHE F 538 -74.61 -22.99 5.33
N LYS F 539 -75.70 -23.38 4.67
CA LYS F 539 -75.92 -22.96 3.30
C LYS F 539 -76.20 -21.46 3.18
N ASN F 540 -76.59 -20.81 4.27
CA ASN F 540 -76.80 -19.37 4.29
C ASN F 540 -75.49 -18.57 4.37
N ASP F 541 -74.34 -19.23 4.20
CA ASP F 541 -73.01 -18.58 4.20
C ASP F 541 -72.73 -17.88 5.53
N ILE F 542 -73.05 -18.55 6.64
CA ILE F 542 -72.78 -17.98 7.96
C ILE F 542 -71.28 -17.88 8.21
N HIS F 543 -70.53 -18.92 7.83
CA HIS F 543 -69.09 -18.95 8.10
C HIS F 543 -68.36 -17.82 7.38
N LYS F 544 -68.68 -17.61 6.10
CA LYS F 544 -68.03 -16.54 5.35
C LYS F 544 -68.31 -15.18 5.97
N LEU F 545 -69.57 -14.94 6.34
CA LEU F 545 -69.96 -13.67 6.93
C LEU F 545 -69.24 -13.42 8.25
N VAL F 546 -69.21 -14.43 9.13
CA VAL F 546 -68.61 -14.22 10.44
C VAL F 546 -67.09 -14.05 10.32
N LEU F 547 -66.45 -14.84 9.45
CA LEU F 547 -65.01 -14.69 9.25
C LEU F 547 -64.68 -13.33 8.66
N ALA F 548 -65.46 -12.86 7.69
CA ALA F 548 -65.22 -11.53 7.13
C ALA F 548 -65.40 -10.46 8.20
N ALA F 549 -66.42 -10.60 9.04
CA ALA F 549 -66.68 -9.62 10.09
C ALA F 549 -65.54 -9.55 11.09
N LEU F 550 -65.02 -10.71 11.51
CA LEU F 550 -63.98 -10.70 12.53
C LEU F 550 -62.58 -10.53 11.95
N ASN F 551 -62.42 -10.61 10.63
CA ASN F 551 -61.12 -10.44 10.00
C ASN F 551 -60.93 -9.01 9.49
N ARG F 552 -61.94 -8.47 8.82
CA ARG F 552 -61.85 -7.10 8.30
C ARG F 552 -61.74 -6.08 9.42
N PHE F 553 -62.32 -6.38 10.58
CA PHE F 553 -62.39 -5.44 11.70
C PHE F 553 -61.49 -5.99 12.82
N ILE F 554 -60.22 -5.58 12.81
CA ILE F 554 -59.28 -6.09 13.79
C ILE F 554 -59.33 -5.37 15.12
N GLY F 555 -59.97 -4.21 15.19
CA GLY F 555 -60.19 -3.51 16.45
C GLY F 555 -61.45 -3.98 17.14
N ASN F 556 -61.82 -3.24 18.19
CA ASN F 556 -63.01 -3.51 19.00
C ASN F 556 -63.02 -4.95 19.50
N PRO F 557 -62.19 -5.31 20.50
CA PRO F 557 -62.03 -6.72 20.89
C PRO F 557 -63.31 -7.48 21.22
N GLY F 558 -64.39 -6.78 21.55
CA GLY F 558 -65.66 -7.45 21.82
C GLY F 558 -66.15 -8.26 20.63
N ILE F 559 -66.06 -7.70 19.42
CA ILE F 559 -66.46 -8.44 18.23
C ILE F 559 -65.54 -9.62 18.01
N GLN F 560 -64.26 -9.50 18.41
CA GLN F 560 -63.34 -10.64 18.30
C GLN F 560 -63.77 -11.77 19.23
N LYS F 561 -64.12 -11.45 20.48
CA LYS F 561 -64.59 -12.48 21.40
C LYS F 561 -65.86 -13.13 20.88
N CYS F 562 -66.79 -12.31 20.37
CA CYS F 562 -68.03 -12.86 19.83
C CYS F 562 -67.75 -13.76 18.63
N GLY F 563 -66.84 -13.35 17.75
CA GLY F 563 -66.54 -14.15 16.58
C GLY F 563 -65.88 -15.47 16.92
N LEU F 564 -64.94 -15.45 17.88
CA LEU F 564 -64.33 -16.71 18.32
C LEU F 564 -65.36 -17.63 18.95
N LYS F 565 -66.27 -17.07 19.76
CA LYS F 565 -67.32 -17.89 20.36
C LYS F 565 -68.22 -18.50 19.29
N VAL F 566 -68.60 -17.70 18.28
CA VAL F 566 -69.47 -18.19 17.22
C VAL F 566 -68.78 -19.28 16.42
N ILE F 567 -67.49 -19.10 16.10
CA ILE F 567 -66.76 -20.13 15.38
C ILE F 567 -66.66 -21.40 16.21
N SER F 568 -66.42 -21.25 17.52
CA SER F 568 -66.34 -22.42 18.41
C SER F 568 -67.64 -23.20 18.39
N SER F 569 -68.77 -22.49 18.39
CA SER F 569 -70.06 -23.17 18.23
C SER F 569 -70.22 -23.76 16.83
N ILE F 570 -69.61 -23.14 15.82
CA ILE F 570 -69.75 -23.61 14.44
C ILE F 570 -69.01 -24.93 14.23
N VAL F 571 -67.81 -25.09 14.80
CA VAL F 571 -66.90 -26.17 14.42
C VAL F 571 -67.53 -27.54 14.63
N HIS F 572 -68.23 -27.74 15.74
CA HIS F 572 -68.80 -29.06 16.01
C HIS F 572 -70.06 -29.36 15.20
N PHE F 573 -70.37 -28.55 14.17
CA PHE F 573 -71.45 -28.89 13.26
C PHE F 573 -71.02 -30.03 12.34
N PRO F 574 -71.98 -30.76 11.74
CA PRO F 574 -71.60 -31.93 10.93
C PRO F 574 -70.68 -31.62 9.75
N ASP F 575 -70.87 -30.49 9.08
CA ASP F 575 -70.14 -30.17 7.85
C ASP F 575 -69.19 -28.99 7.99
N ALA F 576 -68.89 -28.57 9.22
CA ALA F 576 -68.18 -27.30 9.43
C ALA F 576 -66.77 -27.33 8.88
N LEU F 577 -66.07 -28.47 9.02
CA LEU F 577 -64.63 -28.51 8.85
C LEU F 577 -64.20 -28.12 7.44
N GLU F 578 -64.87 -28.67 6.42
CA GLU F 578 -64.41 -28.47 5.05
C GLU F 578 -64.55 -27.02 4.61
N MET F 579 -65.74 -26.41 4.80
CA MET F 579 -65.89 -25.00 4.44
C MET F 579 -65.02 -24.10 5.30
N LEU F 580 -64.87 -24.41 6.59
CA LEU F 580 -64.02 -23.59 7.44
C LEU F 580 -62.57 -23.62 6.96
N SER F 581 -62.09 -24.79 6.54
CA SER F 581 -60.73 -24.88 6.00
C SER F 581 -60.62 -24.14 4.67
N LEU F 582 -61.62 -24.26 3.80
CA LEU F 582 -61.56 -23.59 2.50
C LEU F 582 -61.55 -22.08 2.64
N GLU F 583 -62.35 -21.54 3.57
CA GLU F 583 -62.38 -20.10 3.77
C GLU F 583 -61.09 -19.55 4.34
N GLY F 584 -60.27 -20.39 4.96
CA GLY F 584 -59.02 -19.93 5.55
C GLY F 584 -59.19 -19.31 6.91
N ALA F 585 -60.03 -19.90 7.75
CA ALA F 585 -60.28 -19.36 9.09
C ALA F 585 -59.05 -19.42 9.97
N MET F 586 -58.16 -20.38 9.69
CA MET F 586 -57.02 -20.64 10.56
C MET F 586 -56.08 -19.43 10.62
N ASP F 587 -55.83 -18.80 9.47
CA ASP F 587 -55.01 -17.60 9.44
C ASP F 587 -55.66 -16.47 10.24
N SER F 588 -56.98 -16.34 10.15
CA SER F 588 -57.69 -15.32 10.91
C SER F 588 -57.53 -15.56 12.41
N VAL F 589 -57.66 -16.82 12.85
CA VAL F 589 -57.51 -17.14 14.27
C VAL F 589 -56.09 -16.83 14.74
N LEU F 590 -55.09 -17.21 13.93
CA LEU F 590 -53.70 -16.95 14.31
C LEU F 590 -53.43 -15.46 14.40
N HIS F 591 -53.93 -14.68 13.44
CA HIS F 591 -53.76 -13.23 13.49
C HIS F 591 -54.44 -12.64 14.71
N THR F 592 -55.65 -13.12 15.03
CA THR F 592 -56.35 -12.64 16.22
C THR F 592 -55.53 -12.91 17.48
N LEU F 593 -54.95 -14.10 17.57
CA LEU F 593 -54.10 -14.41 18.72
C LEU F 593 -52.86 -13.52 18.76
N GLN F 594 -52.29 -13.20 17.59
CA GLN F 594 -51.13 -12.32 17.56
C GLN F 594 -51.45 -10.92 18.06
N MET F 595 -52.57 -10.34 17.59
CA MET F 595 -52.87 -8.96 17.95
C MET F 595 -53.41 -8.82 19.37
N TYR F 596 -53.78 -9.92 20.03
CA TYR F 596 -54.32 -9.87 21.39
C TYR F 596 -53.57 -10.85 22.28
N PRO F 597 -52.34 -10.52 22.68
CA PRO F 597 -51.57 -11.42 23.54
C PRO F 597 -52.03 -11.39 24.98
N ASP F 598 -52.45 -10.21 25.45
CA ASP F 598 -52.71 -10.00 26.86
C ASP F 598 -54.12 -10.39 27.30
N ASP F 599 -55.09 -10.42 26.39
CA ASP F 599 -56.45 -10.77 26.79
C ASP F 599 -56.55 -12.26 27.12
N GLN F 600 -57.38 -12.58 28.10
CA GLN F 600 -57.49 -13.95 28.57
C GLN F 600 -58.51 -14.77 27.80
N GLU F 601 -59.71 -14.21 27.60
CA GLU F 601 -60.78 -14.95 26.94
C GLU F 601 -60.46 -15.23 25.48
N ILE F 602 -59.89 -14.25 24.78
CA ILE F 602 -59.48 -14.44 23.39
C ILE F 602 -58.45 -15.57 23.29
N GLN F 603 -57.45 -15.55 24.18
CA GLN F 603 -56.41 -16.57 24.16
C GLN F 603 -57.00 -17.95 24.44
N CYS F 604 -57.88 -18.06 25.44
CA CYS F 604 -58.47 -19.34 25.78
C CYS F 604 -59.29 -19.89 24.61
N LEU F 605 -60.15 -19.04 24.02
CA LEU F 605 -60.99 -19.49 22.92
C LEU F 605 -60.16 -19.88 21.71
N GLY F 606 -59.14 -19.07 21.39
CA GLY F 606 -58.30 -19.39 20.25
C GLY F 606 -57.49 -20.65 20.44
N LEU F 607 -56.95 -20.88 21.63
CA LEU F 607 -56.18 -22.09 21.88
C LEU F 607 -57.07 -23.33 21.86
N SER F 608 -58.30 -23.21 22.35
CA SER F 608 -59.23 -24.33 22.22
C SER F 608 -59.61 -24.56 20.76
N LEU F 609 -59.71 -23.49 19.98
CA LEU F 609 -60.16 -23.60 18.60
C LEU F 609 -59.09 -24.21 17.68
N ILE F 610 -57.83 -23.80 17.89
CA ILE F 610 -56.74 -24.15 16.97
C ILE F 610 -56.64 -25.65 16.78
N GLY F 611 -56.69 -26.40 17.89
CA GLY F 611 -56.70 -27.85 17.79
C GLY F 611 -57.95 -28.38 17.10
N TYR F 612 -59.04 -27.63 17.15
CA TYR F 612 -60.28 -28.09 16.54
C TYR F 612 -60.24 -27.96 15.02
N LEU F 613 -59.69 -26.87 14.47
CA LEU F 613 -59.71 -26.71 13.03
C LEU F 613 -58.37 -27.02 12.37
N ILE F 614 -57.43 -27.64 13.09
CA ILE F 614 -56.13 -27.98 12.51
C ILE F 614 -56.29 -29.12 11.51
N THR F 615 -55.59 -29.02 10.38
CA THR F 615 -55.60 -30.05 9.35
C THR F 615 -54.17 -30.36 8.93
N LYS F 616 -54.02 -31.43 8.13
CA LYS F 616 -52.71 -31.79 7.60
C LYS F 616 -52.16 -30.74 6.63
N LYS F 617 -53.04 -30.00 5.95
CA LYS F 617 -52.58 -28.95 5.04
C LYS F 617 -51.89 -27.82 5.81
N ASN F 618 -52.41 -27.48 6.98
CA ASN F 618 -51.87 -26.39 7.79
C ASN F 618 -50.48 -26.68 8.35
N VAL F 619 -50.07 -27.96 8.39
CA VAL F 619 -48.75 -28.32 8.92
C VAL F 619 -48.09 -29.16 7.81
N PHE F 620 -48.40 -28.82 6.55
CA PHE F 620 -47.94 -29.62 5.44
C PHE F 620 -46.43 -29.52 5.25
N ILE F 621 -45.80 -30.67 4.97
CA ILE F 621 -44.36 -30.86 4.78
C ILE F 621 -43.58 -30.33 5.97
N GLY F 622 -44.12 -30.48 7.17
CA GLY F 622 -43.37 -30.09 8.35
C GLY F 622 -43.35 -28.61 8.67
N THR F 623 -44.04 -27.77 7.90
CA THR F 623 -44.01 -26.34 8.14
C THR F 623 -45.14 -25.97 9.08
N GLY F 624 -44.78 -25.43 10.24
CA GLY F 624 -45.73 -24.90 11.19
C GLY F 624 -44.99 -24.11 12.26
N HIS F 625 -44.36 -23.00 11.88
CA HIS F 625 -43.57 -22.28 12.85
C HIS F 625 -44.38 -21.22 13.58
N LEU F 626 -45.30 -20.56 12.88
CA LEU F 626 -46.13 -19.57 13.55
C LEU F 626 -47.00 -20.25 14.60
N LEU F 627 -47.45 -21.48 14.30
CA LEU F 627 -48.25 -22.26 15.25
C LEU F 627 -47.50 -22.49 16.54
N ALA F 628 -46.26 -23.00 16.43
CA ALA F 628 -45.46 -23.28 17.62
C ALA F 628 -45.13 -22.00 18.37
N LYS F 629 -44.78 -20.94 17.64
CA LYS F 629 -44.45 -19.66 18.26
C LYS F 629 -45.62 -19.16 19.10
N ILE F 630 -46.82 -19.13 18.50
CA ILE F 630 -47.99 -18.60 19.19
C ILE F 630 -48.36 -19.49 20.36
N LEU F 631 -48.34 -20.81 20.17
CA LEU F 631 -48.70 -21.73 21.26
C LEU F 631 -47.76 -21.57 22.45
N VAL F 632 -46.45 -21.57 22.21
CA VAL F 632 -45.49 -21.45 23.30
C VAL F 632 -45.61 -20.08 23.97
N SER F 633 -45.75 -19.01 23.18
CA SER F 633 -45.88 -17.68 23.76
C SER F 633 -47.13 -17.58 24.64
N SER F 634 -48.26 -18.09 24.15
CA SER F 634 -49.50 -18.04 24.92
C SER F 634 -49.39 -18.85 26.20
N LEU F 635 -48.81 -20.05 26.12
CA LEU F 635 -48.67 -20.89 27.30
C LEU F 635 -47.72 -20.28 28.31
N TYR F 636 -46.64 -19.66 27.85
CA TYR F 636 -45.67 -19.07 28.77
C TYR F 636 -46.21 -17.81 29.45
N ARG F 637 -46.90 -16.95 28.69
CA ARG F 637 -47.42 -15.71 29.27
C ARG F 637 -48.45 -15.98 30.36
N PHE F 638 -49.30 -16.99 30.15
CA PHE F 638 -50.30 -17.39 31.14
C PHE F 638 -49.93 -18.79 31.61
N LYS F 639 -49.04 -18.87 32.60
CA LYS F 639 -48.58 -20.15 33.10
C LYS F 639 -49.44 -20.69 34.24
N ASP F 640 -50.06 -19.82 35.02
CA ASP F 640 -50.81 -20.25 36.19
C ASP F 640 -52.28 -20.53 35.89
N VAL F 641 -52.82 -20.02 34.79
CA VAL F 641 -54.22 -20.23 34.45
C VAL F 641 -54.39 -21.68 34.00
N ALA F 642 -55.12 -22.47 34.78
CA ALA F 642 -55.27 -23.90 34.49
C ALA F 642 -55.98 -24.14 33.17
N GLU F 643 -57.05 -23.39 32.90
CA GLU F 643 -57.84 -23.61 31.70
C GLU F 643 -57.03 -23.34 30.43
N ILE F 644 -56.26 -22.25 30.41
CA ILE F 644 -55.47 -21.91 29.24
C ILE F 644 -54.43 -22.98 28.97
N GLN F 645 -53.74 -23.45 30.01
CA GLN F 645 -52.74 -24.49 29.84
C GLN F 645 -53.37 -25.79 29.38
N THR F 646 -54.52 -26.16 29.95
CA THR F 646 -55.19 -27.38 29.54
C THR F 646 -55.57 -27.34 28.06
N LYS F 647 -56.18 -26.23 27.62
CA LYS F 647 -56.55 -26.10 26.21
C LYS F 647 -55.32 -26.12 25.31
N GLY F 648 -54.26 -25.41 25.71
CA GLY F 648 -53.06 -25.36 24.90
C GLY F 648 -52.40 -26.72 24.76
N PHE F 649 -52.34 -27.48 25.86
CA PHE F 649 -51.72 -28.80 25.78
C PHE F 649 -52.57 -29.79 25.00
N GLN F 650 -53.91 -29.70 25.11
CA GLN F 650 -54.76 -30.51 24.27
C GLN F 650 -54.57 -30.19 22.79
N THR F 651 -54.46 -28.90 22.46
CA THR F 651 -54.20 -28.49 21.08
C THR F 651 -52.85 -29.01 20.61
N ILE F 652 -51.83 -28.94 21.46
CA ILE F 652 -50.49 -29.39 21.08
C ILE F 652 -50.49 -30.89 20.84
N LEU F 653 -51.17 -31.64 21.70
CA LEU F 653 -51.27 -33.09 21.51
C LEU F 653 -52.01 -33.41 20.20
N ALA F 654 -53.07 -32.66 19.91
CA ALA F 654 -53.80 -32.86 18.65
C ALA F 654 -52.90 -32.60 17.45
N ILE F 655 -52.08 -31.54 17.51
CA ILE F 655 -51.16 -31.25 16.41
C ILE F 655 -50.12 -32.34 16.26
N LEU F 656 -49.54 -32.79 17.39
CA LEU F 656 -48.54 -33.86 17.34
C LEU F 656 -49.13 -35.16 16.80
N LYS F 657 -50.43 -35.38 16.99
CA LYS F 657 -51.07 -36.56 16.43
C LYS F 657 -50.96 -36.59 14.91
N LEU F 658 -50.89 -35.41 14.28
CA LEU F 658 -50.84 -35.33 12.82
C LEU F 658 -49.41 -35.54 12.32
N SER F 659 -48.49 -34.67 12.71
CA SER F 659 -47.10 -34.74 12.28
C SER F 659 -46.18 -34.71 13.49
N ALA F 660 -45.28 -35.68 13.57
CA ALA F 660 -44.33 -35.77 14.68
C ALA F 660 -43.19 -34.77 14.56
N SER F 661 -42.94 -34.25 13.36
CA SER F 661 -41.86 -33.29 13.16
C SER F 661 -42.10 -31.99 13.92
N PHE F 662 -43.37 -31.63 14.17
CA PHE F 662 -43.73 -30.41 14.87
C PHE F 662 -43.02 -30.29 16.22
N SER F 663 -42.81 -31.42 16.90
CA SER F 663 -42.12 -31.42 18.18
C SER F 663 -40.77 -30.71 18.09
N LYS F 664 -40.03 -30.95 17.01
CA LYS F 664 -38.74 -30.29 16.81
C LYS F 664 -38.91 -28.78 16.87
N LEU F 665 -39.91 -28.26 16.15
CA LEU F 665 -40.17 -26.82 16.15
C LEU F 665 -40.49 -26.33 17.55
N LEU F 666 -41.31 -27.10 18.28
CA LEU F 666 -41.62 -26.74 19.67
C LEU F 666 -40.36 -26.64 20.52
N VAL F 667 -39.46 -27.60 20.37
CA VAL F 667 -38.20 -27.59 21.11
C VAL F 667 -37.39 -26.37 20.73
N HIS F 668 -37.44 -25.99 19.44
CA HIS F 668 -36.68 -24.84 18.97
C HIS F 668 -37.19 -23.55 19.61
N HIS F 669 -38.50 -23.38 19.67
CA HIS F 669 -39.09 -22.15 20.20
C HIS F 669 -39.42 -22.25 21.69
N SER F 670 -38.46 -22.75 22.47
CA SER F 670 -38.46 -22.68 23.93
C SER F 670 -39.74 -23.21 24.58
N PHE F 671 -40.26 -24.34 24.07
CA PHE F 671 -41.33 -25.04 24.76
C PHE F 671 -40.86 -25.66 26.07
N ASP F 672 -39.53 -25.76 26.25
CA ASP F 672 -38.97 -26.35 27.45
C ASP F 672 -39.42 -25.61 28.71
N LEU F 673 -39.45 -24.27 28.66
CA LEU F 673 -39.82 -23.49 29.85
C LEU F 673 -41.23 -23.86 30.30
N VAL F 674 -42.18 -23.87 29.36
CA VAL F 674 -43.56 -24.19 29.68
C VAL F 674 -43.68 -25.62 30.20
N ILE F 675 -43.06 -26.58 29.51
CA ILE F 675 -43.14 -27.98 29.93
C ILE F 675 -42.62 -28.15 31.34
N PHE F 676 -41.44 -27.58 31.62
CA PHE F 676 -40.78 -27.81 32.89
C PHE F 676 -41.55 -27.16 34.02
N HIS F 677 -41.96 -25.89 33.82
CA HIS F 677 -42.72 -25.19 34.85
C HIS F 677 -44.04 -25.88 35.13
N GLN F 678 -44.73 -26.36 34.09
CA GLN F 678 -46.00 -27.04 34.31
C GLN F 678 -45.81 -28.35 35.08
N MET F 679 -44.78 -29.12 34.72
CA MET F 679 -44.58 -30.40 35.40
C MET F 679 -44.14 -30.21 36.84
N SER F 680 -43.42 -29.12 37.13
CA SER F 680 -43.09 -28.82 38.53
C SER F 680 -44.31 -28.35 39.29
N SER F 681 -45.06 -27.40 38.71
CA SER F 681 -46.17 -26.76 39.41
C SER F 681 -47.30 -27.75 39.69
N ASN F 682 -47.62 -28.62 38.74
CA ASN F 682 -48.74 -29.54 38.92
C ASN F 682 -48.51 -30.45 40.13
N ILE F 683 -47.28 -30.92 40.30
CA ILE F 683 -46.95 -31.72 41.48
C ILE F 683 -46.93 -30.85 42.73
N MET F 684 -46.35 -29.65 42.65
CA MET F 684 -46.29 -28.78 43.81
C MET F 684 -47.69 -28.29 44.21
N GLU F 685 -48.48 -27.87 43.24
CA GLU F 685 -49.82 -27.36 43.50
C GLU F 685 -50.83 -28.52 43.42
N GLN F 686 -52.12 -28.19 43.31
CA GLN F 686 -53.19 -29.18 43.33
C GLN F 686 -52.99 -30.24 42.25
N LYS F 687 -53.23 -31.50 42.63
CA LYS F 687 -52.97 -32.63 41.76
C LYS F 687 -54.17 -32.87 40.84
N ASP F 688 -53.92 -32.83 39.54
CA ASP F 688 -54.91 -33.16 38.52
C ASP F 688 -54.35 -34.30 37.70
N GLN F 689 -54.91 -35.51 37.89
CA GLN F 689 -54.39 -36.70 37.20
C GLN F 689 -54.52 -36.57 35.69
N GLN F 690 -55.66 -36.04 35.22
CA GLN F 690 -55.85 -35.88 33.77
C GLN F 690 -54.85 -34.88 33.18
N PHE F 691 -54.62 -33.76 33.88
CA PHE F 691 -53.69 -32.75 33.38
C PHE F 691 -52.26 -33.26 33.38
N LEU F 692 -51.87 -33.97 34.46
CA LEU F 692 -50.53 -34.56 34.52
C LEU F 692 -50.35 -35.62 33.44
N ASN F 693 -51.38 -36.43 33.19
CA ASN F 693 -51.31 -37.42 32.12
C ASN F 693 -51.17 -36.75 30.76
N LEU F 694 -51.89 -35.66 30.54
CA LEU F 694 -51.77 -34.92 29.29
C LEU F 694 -50.36 -34.36 29.11
N CYS F 695 -49.81 -33.76 30.17
CA CYS F 695 -48.46 -33.21 30.10
C CYS F 695 -47.43 -34.30 29.85
N CYS F 696 -47.58 -35.46 30.50
CA CYS F 696 -46.62 -36.54 30.31
C CYS F 696 -46.74 -37.14 28.91
N LYS F 697 -47.96 -37.22 28.36
CA LYS F 697 -48.12 -37.69 27.00
C LYS F 697 -47.46 -36.74 26.01
N CYS F 698 -47.67 -35.43 26.19
CA CYS F 698 -47.02 -34.45 25.32
C CYS F 698 -45.50 -34.55 25.42
N PHE F 699 -44.98 -34.68 26.64
CA PHE F 699 -43.54 -34.79 26.83
C PHE F 699 -42.99 -36.05 26.18
N ALA F 700 -43.73 -37.16 26.29
CA ALA F 700 -43.30 -38.42 25.67
C ALA F 700 -43.25 -38.30 24.16
N LYS F 701 -44.27 -37.69 23.56
CA LYS F 701 -44.24 -37.52 22.10
C LYS F 701 -43.17 -36.53 21.67
N VAL F 702 -42.83 -35.57 22.53
CA VAL F 702 -41.75 -34.64 22.22
C VAL F 702 -40.40 -35.35 22.25
N ALA F 703 -40.21 -36.25 23.22
CA ALA F 703 -38.90 -36.85 23.49
C ALA F 703 -38.66 -38.13 22.70
N MET F 704 -39.29 -38.28 21.53
CA MET F 704 -39.04 -39.46 20.69
C MET F 704 -37.60 -39.50 20.20
N ASP F 705 -37.08 -38.37 19.73
CA ASP F 705 -35.74 -38.33 19.15
C ASP F 705 -34.68 -38.19 20.23
N ASP F 706 -33.53 -38.83 20.00
CA ASP F 706 -32.42 -38.75 20.94
C ASP F 706 -31.82 -37.34 20.98
N TYR F 707 -31.71 -36.69 19.81
CA TYR F 707 -31.18 -35.33 19.76
C TYR F 707 -32.06 -34.36 20.53
N LEU F 708 -33.38 -34.51 20.41
CA LEU F 708 -34.29 -33.67 21.19
C LEU F 708 -34.11 -33.90 22.67
N LYS F 709 -33.95 -35.16 23.08
CA LYS F 709 -33.70 -35.47 24.49
C LYS F 709 -32.42 -34.82 24.98
N ASN F 710 -31.37 -34.86 24.15
CA ASN F 710 -30.11 -34.21 24.52
C ASN F 710 -30.29 -32.70 24.67
N VAL F 711 -31.03 -32.08 23.75
CA VAL F 711 -31.25 -30.63 23.82
C VAL F 711 -32.00 -30.26 25.09
N MET F 712 -33.08 -31.01 25.39
CA MET F 712 -33.84 -30.73 26.60
C MET F 712 -33.00 -30.95 27.85
N LEU F 713 -32.18 -32.00 27.86
CA LEU F 713 -31.31 -32.25 29.01
C LEU F 713 -30.32 -31.10 29.21
N GLU F 714 -29.69 -30.64 28.13
CA GLU F 714 -28.74 -29.53 28.24
C GLU F 714 -29.42 -28.26 28.73
N ARG F 715 -30.61 -27.95 28.19
CA ARG F 715 -31.31 -26.74 28.60
C ARG F 715 -31.80 -26.83 30.04
N ALA F 716 -32.21 -28.02 30.48
CA ALA F 716 -32.61 -28.21 31.87
C ALA F 716 -31.42 -28.17 32.81
N CYS F 717 -30.24 -28.59 32.35
CA CYS F 717 -29.04 -28.46 33.15
C CYS F 717 -28.56 -27.02 33.24
N ASP F 718 -28.86 -26.21 32.21
CA ASP F 718 -28.52 -24.79 32.27
C ASP F 718 -29.26 -24.10 33.43
N GLN F 719 -30.52 -24.46 33.64
CA GLN F 719 -31.30 -23.93 34.76
C GLN F 719 -31.15 -24.82 35.98
N ASN F 720 -31.45 -24.24 37.15
CA ASN F 720 -31.44 -25.00 38.40
C ASN F 720 -32.75 -25.77 38.51
N ASN F 721 -32.80 -26.92 37.84
CA ASN F 721 -34.02 -27.71 37.71
C ASN F 721 -33.73 -29.17 38.01
N SER F 722 -33.06 -29.41 39.15
CA SER F 722 -32.64 -30.76 39.53
C SER F 722 -33.79 -31.75 39.71
N ILE F 723 -35.02 -31.25 39.90
CA ILE F 723 -36.19 -32.11 40.08
C ILE F 723 -36.41 -33.01 38.87
N MET F 724 -36.11 -32.51 37.68
CA MET F 724 -36.46 -33.19 36.43
C MET F 724 -35.27 -33.80 35.71
N VAL F 725 -34.05 -33.35 36.01
CA VAL F 725 -32.86 -33.91 35.35
C VAL F 725 -32.73 -35.39 35.67
N GLU F 726 -33.12 -35.81 36.87
CA GLU F 726 -33.17 -37.22 37.19
C GLU F 726 -34.11 -37.96 36.25
N CYS F 727 -35.30 -37.38 36.00
CA CYS F 727 -36.26 -37.99 35.08
C CYS F 727 -35.69 -38.10 33.67
N LEU F 728 -35.05 -37.02 33.20
CA LEU F 728 -34.49 -37.02 31.85
C LEU F 728 -33.38 -38.06 31.72
N LEU F 729 -32.55 -38.19 32.75
CA LEU F 729 -31.52 -39.22 32.76
C LEU F 729 -32.14 -40.61 32.75
N LEU F 730 -33.23 -40.80 33.49
CA LEU F 730 -33.93 -42.09 33.48
C LEU F 730 -34.46 -42.42 32.09
N LEU F 731 -35.02 -41.42 31.39
CA LEU F 731 -35.47 -41.63 30.02
C LEU F 731 -34.31 -41.99 29.10
N GLY F 732 -33.19 -41.30 29.26
CA GLY F 732 -32.04 -41.44 28.37
C GLY F 732 -31.13 -40.24 28.55
N ALA F 733 -30.75 -39.61 27.44
CA ALA F 733 -30.04 -38.33 27.44
C ALA F 733 -28.72 -38.42 28.23
N ASP F 734 -27.81 -39.20 27.66
CA ASP F 734 -26.49 -39.42 28.25
C ASP F 734 -25.82 -38.11 28.63
N ALA F 735 -25.16 -38.10 29.79
CA ALA F 735 -24.59 -36.89 30.35
C ALA F 735 -23.19 -36.58 29.84
N ASN F 736 -22.70 -37.35 28.85
CA ASN F 736 -21.40 -37.10 28.23
C ASN F 736 -21.58 -36.64 26.80
N GLN F 737 -22.56 -35.76 26.58
CA GLN F 737 -22.92 -35.23 25.27
C GLN F 737 -22.25 -33.89 24.97
N ALA F 738 -21.04 -33.69 25.48
CA ALA F 738 -20.36 -32.40 25.42
C ALA F 738 -20.12 -31.95 23.98
N LYS F 739 -20.21 -30.64 23.77
CA LYS F 739 -19.88 -30.00 22.50
C LYS F 739 -18.39 -29.69 22.37
N GLU F 740 -17.58 -30.12 23.34
CA GLU F 740 -16.12 -29.95 23.41
C GLU F 740 -15.72 -28.51 23.75
N GLY F 741 -16.69 -27.60 23.78
CA GLY F 741 -16.44 -26.31 24.40
C GLY F 741 -16.30 -26.41 25.91
N SER F 742 -17.12 -27.26 26.54
CA SER F 742 -17.06 -27.58 27.95
C SER F 742 -18.00 -28.74 28.19
N SER F 743 -17.60 -29.66 29.06
CA SER F 743 -18.45 -30.79 29.39
C SER F 743 -19.66 -30.35 30.21
N LEU F 744 -20.66 -31.24 30.27
CA LEU F 744 -21.87 -30.96 31.04
C LEU F 744 -21.57 -30.74 32.52
N ILE F 745 -20.70 -31.58 33.09
CA ILE F 745 -20.36 -31.44 34.51
C ILE F 745 -19.64 -30.12 34.75
N CYS F 746 -18.68 -29.79 33.88
CA CYS F 746 -17.92 -28.55 34.02
C CYS F 746 -18.83 -27.34 33.88
N GLN F 747 -19.69 -27.34 32.85
CA GLN F 747 -20.53 -26.17 32.60
C GLN F 747 -21.58 -26.00 33.69
N VAL F 748 -22.11 -27.11 34.23
CA VAL F 748 -23.09 -26.96 35.30
C VAL F 748 -22.37 -26.53 36.59
N CYS F 749 -21.11 -26.93 36.75
CA CYS F 749 -20.34 -26.47 37.91
C CYS F 749 -20.03 -24.98 37.82
N GLU F 750 -19.81 -24.46 36.61
CA GLU F 750 -19.49 -23.04 36.47
C GLU F 750 -20.65 -22.15 36.90
N LYS F 751 -21.88 -22.49 36.54
CA LYS F 751 -23.03 -21.61 36.79
C LYS F 751 -23.70 -21.89 38.13
N GLU F 752 -22.91 -21.97 39.20
CA GLU F 752 -23.35 -22.03 40.61
C GLU F 752 -24.57 -22.92 40.82
N SER F 753 -24.44 -24.17 40.40
CA SER F 753 -25.54 -25.11 40.43
C SER F 753 -25.78 -25.65 41.84
N SER F 754 -26.93 -26.32 42.00
CA SER F 754 -27.27 -27.01 43.22
C SER F 754 -26.50 -28.33 43.32
N PRO F 755 -26.15 -28.76 44.53
CA PRO F 755 -25.46 -30.05 44.68
C PRO F 755 -26.21 -31.25 44.16
N LYS F 756 -27.54 -31.29 44.31
CA LYS F 756 -28.31 -32.44 43.83
C LYS F 756 -28.25 -32.57 42.31
N LEU F 757 -28.09 -31.45 41.60
CA LEU F 757 -27.92 -31.50 40.16
C LEU F 757 -26.58 -32.10 39.78
N VAL F 758 -25.52 -31.73 40.51
CA VAL F 758 -24.22 -32.32 40.21
C VAL F 758 -24.25 -33.80 40.55
N GLU F 759 -24.96 -34.16 41.63
CA GLU F 759 -25.03 -35.55 42.08
C GLU F 759 -25.67 -36.43 41.03
N LEU F 760 -26.74 -35.95 40.39
CA LEU F 760 -27.39 -36.76 39.35
C LEU F 760 -26.45 -37.02 38.17
N LEU F 761 -25.71 -36.00 37.73
CA LEU F 761 -24.76 -36.18 36.64
C LEU F 761 -23.64 -37.14 37.04
N LEU F 762 -23.12 -37.01 38.26
CA LEU F 762 -22.02 -37.87 38.70
C LEU F 762 -22.47 -39.32 38.80
N ASN F 763 -23.66 -39.58 39.34
CA ASN F 763 -24.12 -40.95 39.48
C ASN F 763 -24.31 -41.60 38.12
N SER F 764 -24.87 -40.86 37.15
CA SER F 764 -24.99 -41.36 35.79
C SER F 764 -23.63 -41.33 35.10
N GLY F 765 -23.60 -41.77 33.84
CA GLY F 765 -22.37 -41.85 33.08
C GLY F 765 -21.67 -40.52 32.89
N SER F 766 -20.43 -40.42 33.37
CA SER F 766 -19.63 -39.22 33.21
C SER F 766 -18.17 -39.60 33.12
N ARG F 767 -17.48 -39.10 32.08
CA ARG F 767 -16.09 -39.45 31.87
C ARG F 767 -15.20 -38.84 32.95
N GLU F 768 -14.13 -39.56 33.29
CA GLU F 768 -13.26 -39.16 34.39
C GLU F 768 -12.56 -37.83 34.12
N GLN F 769 -12.13 -37.61 32.88
CA GLN F 769 -11.41 -36.39 32.54
C GLN F 769 -12.28 -35.16 32.75
N ASP F 770 -13.55 -35.24 32.34
CA ASP F 770 -14.48 -34.13 32.57
C ASP F 770 -14.70 -33.88 34.05
N VAL F 771 -14.77 -34.95 34.85
CA VAL F 771 -14.95 -34.80 36.28
C VAL F 771 -13.74 -34.11 36.90
N ARG F 772 -12.53 -34.47 36.44
CA ARG F 772 -11.34 -33.81 36.97
C ARG F 772 -11.27 -32.35 36.57
N LYS F 773 -11.66 -32.03 35.32
CA LYS F 773 -11.74 -30.63 34.91
C LYS F 773 -12.75 -29.86 35.76
N ALA F 774 -13.90 -30.48 36.05
CA ALA F 774 -14.88 -29.85 36.92
C ALA F 774 -14.33 -29.66 38.33
N LEU F 775 -13.51 -30.60 38.79
CA LEU F 775 -12.86 -30.45 40.09
C LEU F 775 -11.94 -29.25 40.10
N THR F 776 -11.14 -29.08 39.04
CA THR F 776 -10.26 -27.92 38.95
C THR F 776 -11.07 -26.62 38.93
N ILE F 777 -12.18 -26.61 38.17
CA ILE F 777 -13.02 -25.42 38.10
C ILE F 777 -13.61 -25.08 39.47
N SER F 778 -14.10 -26.10 40.17
CA SER F 778 -14.70 -25.88 41.48
C SER F 778 -13.64 -25.50 42.51
N ILE F 779 -12.40 -25.92 42.32
CA ILE F 779 -11.30 -25.39 43.13
C ILE F 779 -11.14 -23.90 42.85
N GLY F 780 -11.24 -23.50 41.58
CA GLY F 780 -11.17 -22.09 41.24
C GLY F 780 -12.26 -21.26 41.91
N LYS F 781 -13.50 -21.73 41.86
CA LYS F 781 -14.62 -21.10 42.56
C LYS F 781 -14.96 -21.94 43.77
N GLY F 782 -14.24 -21.71 44.87
CA GLY F 782 -14.31 -22.55 46.06
C GLY F 782 -15.67 -22.76 46.67
N ASP F 783 -16.19 -23.98 46.58
CA ASP F 783 -17.47 -24.36 47.16
C ASP F 783 -17.31 -25.72 47.82
N SER F 784 -17.69 -25.81 49.09
CA SER F 784 -17.44 -27.02 49.87
C SER F 784 -18.22 -28.22 49.34
N GLN F 785 -19.52 -28.05 49.10
CA GLN F 785 -20.39 -29.18 48.80
C GLN F 785 -20.06 -29.78 47.43
N ILE F 786 -19.86 -28.95 46.41
CA ILE F 786 -19.57 -29.46 45.08
C ILE F 786 -18.22 -30.16 45.07
N ILE F 787 -17.22 -29.59 45.75
CA ILE F 787 -15.90 -30.21 45.81
C ILE F 787 -15.99 -31.57 46.50
N SER F 788 -16.71 -31.63 47.62
CA SER F 788 -16.88 -32.90 48.33
C SER F 788 -17.60 -33.93 47.47
N LEU F 789 -18.64 -33.51 46.77
CA LEU F 789 -19.40 -34.43 45.92
C LEU F 789 -18.57 -34.92 44.75
N LEU F 790 -17.66 -34.09 44.23
CA LEU F 790 -16.78 -34.52 43.15
C LEU F 790 -15.75 -35.51 43.66
N LEU F 791 -15.13 -35.20 44.80
CA LEU F 791 -14.15 -36.12 45.39
C LEU F 791 -14.78 -37.42 45.83
N ARG F 792 -16.09 -37.44 46.11
CA ARG F 792 -16.78 -38.67 46.47
C ARG F 792 -16.73 -39.70 45.34
N ARG F 793 -16.67 -39.24 44.10
CA ARG F 793 -16.52 -40.14 42.96
C ARG F 793 -15.07 -40.29 42.52
N LEU F 794 -14.32 -39.18 42.47
CA LEU F 794 -12.96 -39.22 41.94
C LEU F 794 -12.05 -40.11 42.79
N ALA F 795 -12.05 -39.89 44.11
CA ALA F 795 -11.15 -40.62 45.01
C ALA F 795 -11.89 -41.02 46.28
N LEU F 796 -12.50 -42.20 46.24
CA LEU F 796 -13.05 -42.85 47.45
C LEU F 796 -13.38 -44.30 47.12
N ASP F 797 -12.87 -45.23 47.93
CA ASP F 797 -13.11 -46.66 47.75
C ASP F 797 -13.74 -47.18 49.04
N VAL F 798 -15.07 -47.08 49.14
CA VAL F 798 -15.77 -47.52 50.34
C VAL F 798 -15.62 -49.04 50.56
N ALA F 799 -15.42 -49.79 49.47
CA ALA F 799 -15.24 -51.24 49.60
C ALA F 799 -13.99 -51.57 50.41
N ASN F 800 -12.89 -50.84 50.16
CA ASN F 800 -11.67 -51.00 50.92
C ASN F 800 -11.43 -49.84 51.88
N ASN F 801 -12.50 -49.10 52.24
CA ASN F 801 -12.54 -47.94 53.13
C ASN F 801 -11.29 -47.08 53.02
N SER F 802 -11.00 -46.64 51.79
CA SER F 802 -9.76 -45.95 51.45
C SER F 802 -10.02 -44.73 50.60
N ILE F 803 -9.27 -43.67 50.87
CA ILE F 803 -9.27 -42.47 50.05
C ILE F 803 -8.00 -42.46 49.20
N CYS F 804 -8.16 -42.26 47.90
CA CYS F 804 -7.07 -42.30 46.94
C CYS F 804 -6.82 -40.94 46.31
N LEU F 805 -6.84 -39.88 47.14
CA LEU F 805 -6.68 -38.51 46.67
C LEU F 805 -5.21 -38.28 46.29
N GLY F 806 -4.84 -38.79 45.12
CA GLY F 806 -3.45 -38.79 44.70
C GLY F 806 -3.10 -37.66 43.75
N GLY F 807 -3.00 -37.95 42.46
CA GLY F 807 -2.48 -37.00 41.49
C GLY F 807 -3.34 -35.79 41.19
N PHE F 808 -4.44 -35.63 41.92
CA PHE F 808 -5.40 -34.55 41.67
C PHE F 808 -4.81 -33.25 42.24
N CYS F 809 -4.02 -32.54 41.43
CA CYS F 809 -3.12 -31.52 41.96
C CYS F 809 -3.87 -30.31 42.50
N ILE F 810 -4.55 -30.48 43.63
CA ILE F 810 -5.19 -29.38 44.33
C ILE F 810 -4.16 -28.65 45.18
N GLY F 811 -4.15 -27.32 45.08
CA GLY F 811 -3.14 -26.50 45.73
C GLY F 811 -3.26 -26.42 47.24
N LYS F 812 -4.37 -26.87 47.81
CA LYS F 812 -4.57 -26.78 49.25
C LYS F 812 -5.57 -27.83 49.68
N VAL F 813 -5.62 -28.09 50.98
CA VAL F 813 -6.55 -29.02 51.58
C VAL F 813 -7.31 -28.30 52.69
N GLU F 814 -8.62 -28.52 52.76
CA GLU F 814 -9.45 -27.91 53.78
C GLU F 814 -10.33 -28.97 54.44
N PRO F 815 -10.66 -28.79 55.73
CA PRO F 815 -11.53 -29.77 56.41
C PRO F 815 -12.89 -29.94 55.76
N SER F 816 -13.47 -28.86 55.23
CA SER F 816 -14.80 -28.93 54.66
C SER F 816 -14.83 -29.77 53.38
N TRP F 817 -13.75 -29.71 52.60
CA TRP F 817 -13.71 -30.38 51.30
C TRP F 817 -13.82 -31.90 51.45
N LEU F 818 -13.07 -32.48 52.38
CA LEU F 818 -13.10 -33.93 52.58
C LEU F 818 -13.86 -34.33 53.85
N GLY F 819 -14.72 -33.46 54.36
CA GLY F 819 -15.55 -33.76 55.50
C GLY F 819 -16.56 -34.88 55.23
N PRO F 820 -17.49 -34.65 54.29
CA PRO F 820 -18.50 -35.69 54.00
C PRO F 820 -17.94 -36.99 53.45
N LEU F 821 -16.66 -37.03 53.06
CA LEU F 821 -16.09 -38.27 52.53
C LEU F 821 -16.06 -39.38 53.58
N PHE F 822 -16.02 -39.02 54.86
CA PHE F 822 -16.08 -40.01 55.92
C PHE F 822 -17.48 -40.64 55.95
N PRO F 823 -17.61 -41.88 56.45
CA PRO F 823 -18.89 -42.60 56.26
C PRO F 823 -20.09 -41.91 56.89
N ASP F 824 -20.03 -41.61 58.20
CA ASP F 824 -21.12 -40.95 58.93
C ASP F 824 -22.43 -41.74 58.80
N LYS F 825 -22.40 -42.95 59.38
CA LYS F 825 -23.55 -43.84 59.34
C LYS F 825 -24.79 -43.26 60.03
N THR F 826 -24.62 -42.23 60.87
CA THR F 826 -25.78 -41.58 61.47
C THR F 826 -26.67 -40.97 60.40
N SER F 827 -26.08 -40.32 59.40
CA SER F 827 -26.84 -39.88 58.24
C SER F 827 -27.26 -41.07 57.40
N ASN F 828 -28.52 -41.11 56.99
CA ASN F 828 -29.06 -42.23 56.25
C ASN F 828 -29.69 -41.73 54.95
N LEU F 829 -29.80 -42.65 53.99
CA LEU F 829 -30.37 -42.32 52.69
C LEU F 829 -31.83 -41.89 52.83
N ARG F 830 -32.20 -40.87 52.09
CA ARG F 830 -33.57 -40.33 52.10
C ARG F 830 -34.07 -40.25 50.68
N LYS F 831 -35.23 -40.85 50.42
CA LYS F 831 -35.83 -40.90 49.09
C LYS F 831 -37.17 -40.17 49.15
N GLN F 832 -37.12 -38.85 48.94
CA GLN F 832 -38.32 -38.03 48.85
C GLN F 832 -38.60 -37.52 47.44
N THR F 833 -37.59 -37.52 46.56
CA THR F 833 -37.77 -37.07 45.19
C THR F 833 -38.32 -38.15 44.27
N ASN F 834 -39.40 -38.81 44.69
CA ASN F 834 -40.01 -39.86 43.88
C ASN F 834 -40.76 -39.30 42.68
N ILE F 835 -40.88 -37.97 42.59
CA ILE F 835 -41.60 -37.35 41.49
C ILE F 835 -40.94 -37.69 40.16
N ALA F 836 -39.59 -37.61 40.12
CA ALA F 836 -38.88 -37.84 38.87
C ALA F 836 -39.10 -39.27 38.41
N SER F 837 -39.05 -40.23 39.35
CA SER F 837 -39.24 -41.63 39.02
C SER F 837 -40.66 -41.88 38.50
N THR F 838 -41.67 -41.30 39.16
CA THR F 838 -43.04 -41.49 38.70
C THR F 838 -43.25 -40.88 37.32
N LEU F 839 -42.71 -39.68 37.09
CA LEU F 839 -42.85 -39.04 35.79
C LEU F 839 -42.17 -39.86 34.70
N ALA F 840 -40.96 -40.37 34.98
CA ALA F 840 -40.26 -41.19 34.00
C ALA F 840 -41.02 -42.47 33.70
N ARG F 841 -41.59 -43.11 34.73
CA ARG F 841 -42.37 -44.32 34.51
C ARG F 841 -43.60 -44.04 33.65
N MET F 842 -44.29 -42.92 33.92
CA MET F 842 -45.48 -42.59 33.13
C MET F 842 -45.11 -42.27 31.68
N VAL F 843 -44.00 -41.54 31.48
CA VAL F 843 -43.57 -41.21 30.12
C VAL F 843 -43.19 -42.48 29.37
N ILE F 844 -42.46 -43.39 30.02
CA ILE F 844 -42.09 -44.66 29.40
C ILE F 844 -43.33 -45.48 29.06
N ARG F 845 -44.32 -45.46 29.97
CA ARG F 845 -45.55 -46.19 29.73
C ARG F 845 -46.29 -45.64 28.51
N TYR F 846 -46.35 -44.32 28.38
CA TYR F 846 -47.01 -43.72 27.22
C TYR F 846 -46.25 -44.03 25.94
N GLN F 847 -44.92 -43.97 26.00
CA GLN F 847 -44.11 -44.30 24.81
C GLN F 847 -44.33 -45.73 24.37
N MET F 848 -44.34 -46.68 25.31
CA MET F 848 -44.53 -48.07 24.92
C MET F 848 -45.98 -48.33 24.47
N LYS F 849 -46.95 -47.63 25.06
CA LYS F 849 -48.33 -47.73 24.60
C LYS F 849 -48.46 -47.27 23.16
N SER F 850 -47.82 -46.13 22.83
CA SER F 850 -47.82 -45.65 21.45
C SER F 850 -47.13 -46.64 20.53
N ALA F 851 -46.01 -47.22 20.99
CA ALA F 851 -45.26 -48.16 20.15
C ALA F 851 -46.07 -49.42 19.86
N VAL F 852 -46.78 -49.95 20.86
CA VAL F 852 -47.50 -51.20 20.66
C VAL F 852 -48.82 -50.97 19.93
N GLU F 853 -49.47 -49.82 20.15
CA GLU F 853 -50.75 -49.55 19.49
C GLU F 853 -50.58 -49.38 17.98
N GLU F 854 -49.51 -48.72 17.55
CA GLU F 854 -49.28 -48.52 16.12
C GLU F 854 -47.79 -48.56 15.79
N ARG F 981 -19.32 -49.60 62.40
CA ARG F 981 -18.07 -48.85 62.40
C ARG F 981 -17.66 -48.46 60.98
N GLU F 982 -16.77 -49.26 60.40
CA GLU F 982 -16.34 -49.12 59.00
C GLU F 982 -15.79 -47.72 58.73
N TYR F 983 -14.90 -47.27 59.61
CA TYR F 983 -14.16 -46.03 59.38
C TYR F 983 -13.25 -46.19 58.18
N ILE F 984 -13.23 -45.17 57.31
CA ILE F 984 -12.36 -45.22 56.16
C ILE F 984 -10.95 -44.80 56.58
N THR F 985 -9.99 -45.73 56.46
CA THR F 985 -8.64 -45.54 57.01
C THR F 985 -7.59 -45.84 55.95
N SER F 986 -7.41 -44.92 54.99
CA SER F 986 -6.21 -44.97 54.15
C SER F 986 -5.83 -43.60 53.59
N LEU F 987 -6.14 -42.52 54.31
CA LEU F 987 -6.11 -41.16 53.77
C LEU F 987 -4.79 -40.84 53.06
N ASP F 988 -4.88 -40.57 51.76
CA ASP F 988 -3.72 -40.38 50.90
C ASP F 988 -3.78 -39.00 50.27
N LEU F 989 -2.69 -38.24 50.41
CA LEU F 989 -2.52 -36.95 49.73
C LEU F 989 -1.04 -36.88 49.36
N SER F 990 -0.71 -37.33 48.14
CA SER F 990 0.69 -37.50 47.75
C SER F 990 1.12 -36.50 46.67
N ALA F 991 0.48 -36.51 45.50
CA ALA F 991 0.97 -35.63 44.44
C ALA F 991 0.46 -34.21 44.60
N ASN F 992 -0.34 -33.94 45.63
CA ASN F 992 -0.95 -32.63 45.82
C ASN F 992 0.12 -31.58 46.12
N GLU F 993 0.07 -30.46 45.43
CA GLU F 993 0.96 -29.34 45.78
C GLU F 993 0.48 -28.74 47.09
N LEU F 994 1.11 -29.15 48.19
CA LEU F 994 0.67 -28.82 49.54
C LEU F 994 1.81 -28.12 50.28
N ARG F 995 1.87 -26.79 50.19
CA ARG F 995 2.86 -26.05 50.94
C ARG F 995 2.59 -26.04 52.44
N ASP F 996 1.39 -26.42 52.86
CA ASP F 996 1.03 -26.44 54.27
C ASP F 996 -0.22 -27.29 54.44
N ILE F 997 -0.35 -27.91 55.61
CA ILE F 997 -1.52 -28.70 55.95
C ILE F 997 -2.13 -28.20 57.25
N ASP F 998 -1.93 -26.91 57.54
CA ASP F 998 -2.39 -26.32 58.80
C ASP F 998 -3.91 -26.36 58.96
N ALA F 999 -4.65 -26.46 57.86
CA ALA F 999 -6.11 -26.46 57.93
C ALA F 999 -6.63 -27.65 58.72
N LEU F 1000 -6.02 -28.82 58.53
CA LEU F 1000 -6.43 -30.02 59.27
C LEU F 1000 -6.14 -29.92 60.76
N SER F 1001 -5.23 -29.02 61.17
CA SER F 1001 -4.90 -28.89 62.58
C SER F 1001 -6.07 -28.36 63.39
N GLN F 1002 -6.79 -27.38 62.85
CA GLN F 1002 -7.93 -26.80 63.55
C GLN F 1002 -9.05 -27.82 63.70
N LYS F 1003 -9.76 -27.75 64.83
CA LYS F 1003 -10.83 -28.70 65.11
C LYS F 1003 -11.99 -28.50 64.15
N CYS F 1004 -12.52 -29.61 63.64
CA CYS F 1004 -13.63 -29.62 62.70
C CYS F 1004 -14.24 -31.01 62.71
N CYS F 1005 -15.10 -31.29 61.73
CA CYS F 1005 -15.67 -32.62 61.59
C CYS F 1005 -14.60 -33.67 61.29
N ILE F 1006 -13.45 -33.25 60.75
CA ILE F 1006 -12.36 -34.18 60.50
C ILE F 1006 -11.80 -34.73 61.80
N SER F 1007 -11.61 -33.87 62.80
CA SER F 1007 -11.08 -34.29 64.09
C SER F 1007 -11.98 -35.31 64.78
N VAL F 1008 -13.26 -35.38 64.41
CA VAL F 1008 -14.14 -36.42 64.92
C VAL F 1008 -13.66 -37.79 64.45
N HIS F 1009 -13.26 -37.90 63.19
CA HIS F 1009 -12.72 -39.15 62.63
C HIS F 1009 -11.32 -38.88 62.12
N LEU F 1010 -10.35 -38.87 63.04
CA LEU F 1010 -8.94 -38.94 62.71
C LEU F 1010 -8.16 -39.83 63.66
N GLU F 1011 -8.74 -40.20 64.80
CA GLU F 1011 -8.19 -41.11 65.80
C GLU F 1011 -8.18 -42.56 65.33
N HIS F 1012 -8.57 -42.81 64.08
CA HIS F 1012 -8.61 -44.15 63.53
C HIS F 1012 -7.91 -44.25 62.18
N LEU F 1013 -7.16 -43.23 61.76
CA LEU F 1013 -6.69 -43.12 60.38
C LEU F 1013 -5.80 -44.28 59.97
N GLU F 1014 -4.92 -44.73 60.86
CA GLU F 1014 -4.19 -46.00 60.73
C GLU F 1014 -3.19 -46.04 59.59
N LYS F 1015 -3.18 -45.01 58.74
CA LYS F 1015 -2.10 -44.69 57.81
C LYS F 1015 -2.37 -43.36 57.11
N LEU F 1016 -1.30 -42.69 56.69
CA LEU F 1016 -1.38 -41.40 56.02
C LEU F 1016 -0.19 -41.27 55.08
N GLU F 1017 -0.45 -40.75 53.89
CA GLU F 1017 0.61 -40.59 52.89
C GLU F 1017 0.69 -39.12 52.50
N LEU F 1018 1.90 -38.56 52.63
CA LEU F 1018 2.11 -37.14 52.33
C LEU F 1018 3.42 -36.93 51.57
N HIS F 1019 3.87 -37.95 50.85
CA HIS F 1019 5.14 -37.85 50.15
C HIS F 1019 4.97 -37.10 48.84
N GLN F 1020 6.07 -36.50 48.36
CA GLN F 1020 6.10 -35.75 47.09
C GLN F 1020 5.22 -34.51 47.16
N ASN F 1021 5.42 -33.68 48.18
CA ASN F 1021 4.73 -32.42 48.32
C ASN F 1021 5.75 -31.35 48.73
N ALA F 1022 5.27 -30.20 49.18
CA ALA F 1022 6.13 -29.12 49.64
C ALA F 1022 5.85 -28.75 51.09
N LEU F 1023 5.54 -29.73 51.92
CA LEU F 1023 5.29 -29.45 53.34
C LEU F 1023 6.56 -29.00 54.06
N THR F 1024 6.35 -28.37 55.21
CA THR F 1024 7.44 -28.04 56.14
C THR F 1024 6.86 -27.95 57.54
N SER F 1025 7.53 -28.59 58.51
CA SER F 1025 7.20 -28.49 59.93
C SER F 1025 5.77 -28.93 60.22
N PHE F 1026 5.55 -30.24 60.02
CA PHE F 1026 4.33 -30.98 60.37
C PHE F 1026 3.76 -30.50 61.71
N PRO F 1027 2.49 -30.11 61.76
CA PRO F 1027 1.97 -29.42 62.94
C PRO F 1027 1.90 -30.30 64.19
N GLN F 1028 2.01 -29.64 65.34
CA GLN F 1028 1.96 -30.33 66.63
C GLN F 1028 0.56 -30.84 66.95
N GLN F 1029 -0.46 -30.01 66.73
CA GLN F 1029 -1.82 -30.39 67.07
C GLN F 1029 -2.29 -31.60 66.26
N LEU F 1030 -1.94 -31.64 64.97
CA LEU F 1030 -2.38 -32.75 64.12
C LEU F 1030 -1.74 -34.06 64.59
N CYS F 1031 -0.43 -34.06 64.81
CA CYS F 1031 0.23 -35.29 65.25
C CYS F 1031 -0.17 -35.68 66.67
N GLU F 1032 -0.66 -34.72 67.47
CA GLU F 1032 -1.25 -35.08 68.76
C GLU F 1032 -2.69 -35.54 68.63
N THR F 1033 -3.35 -35.29 67.49
CA THR F 1033 -4.72 -35.72 67.32
C THR F 1033 -4.79 -37.20 66.93
N LEU F 1034 -4.04 -37.59 65.91
CA LEU F 1034 -4.06 -38.96 65.39
C LEU F 1034 -3.50 -39.90 66.46
N LYS F 1035 -4.37 -40.76 66.99
CA LYS F 1035 -3.99 -41.68 68.06
C LYS F 1035 -3.80 -43.11 67.58
N SER F 1036 -3.88 -43.35 66.27
CA SER F 1036 -3.67 -44.70 65.76
C SER F 1036 -2.88 -44.73 64.45
N LEU F 1037 -2.22 -43.65 64.07
CA LEU F 1037 -1.47 -43.58 62.82
C LEU F 1037 -0.28 -44.54 62.88
N THR F 1038 -0.39 -45.67 62.20
CA THR F 1038 0.64 -46.70 62.22
C THR F 1038 1.47 -46.77 60.94
N HIS F 1039 1.23 -45.88 59.97
CA HIS F 1039 2.02 -45.86 58.73
C HIS F 1039 2.01 -44.42 58.23
N LEU F 1040 3.07 -43.67 58.54
CA LEU F 1040 3.19 -42.28 58.12
C LEU F 1040 4.45 -42.13 57.29
N ASP F 1041 4.30 -41.98 55.98
CA ASP F 1041 5.42 -41.70 55.08
C ASP F 1041 5.26 -40.31 54.46
N LEU F 1042 6.34 -39.53 54.52
CA LEU F 1042 6.33 -38.18 53.95
C LEU F 1042 7.75 -37.81 53.50
N HIS F 1043 8.05 -38.04 52.23
CA HIS F 1043 9.34 -37.71 51.65
C HIS F 1043 9.15 -36.80 50.45
N SER F 1044 10.28 -36.34 49.91
CA SER F 1044 10.33 -35.39 48.79
C SER F 1044 9.66 -34.06 49.12
N ASN F 1045 9.53 -33.72 50.39
CA ASN F 1045 9.03 -32.42 50.83
C ASN F 1045 10.23 -31.51 51.12
N LYS F 1046 9.94 -30.28 51.50
CA LYS F 1046 10.98 -29.33 51.89
C LYS F 1046 11.10 -29.19 53.40
N PHE F 1047 11.35 -30.31 54.07
CA PHE F 1047 11.69 -30.26 55.49
C PHE F 1047 13.11 -29.74 55.67
N THR F 1048 13.37 -29.14 56.82
CA THR F 1048 14.72 -28.68 57.17
C THR F 1048 15.20 -29.16 58.53
N SER F 1049 14.33 -29.72 59.37
CA SER F 1049 14.73 -30.26 60.65
C SER F 1049 13.70 -31.29 61.09
N PHE F 1050 14.17 -32.36 61.73
CA PHE F 1050 13.26 -33.39 62.21
C PHE F 1050 12.41 -32.82 63.33
N PRO F 1051 11.08 -32.94 63.25
CA PRO F 1051 10.21 -32.33 64.28
C PRO F 1051 10.47 -32.81 65.69
N SER F 1052 10.79 -34.10 65.85
CA SER F 1052 11.09 -34.78 67.12
C SER F 1052 9.88 -34.91 68.03
N TYR F 1053 8.73 -34.36 67.66
CA TYR F 1053 7.48 -34.61 68.36
C TYR F 1053 6.58 -35.58 67.60
N LEU F 1054 7.01 -36.03 66.42
CA LEU F 1054 6.28 -37.09 65.71
C LEU F 1054 6.30 -38.40 66.47
N LEU F 1055 7.27 -38.60 67.35
CA LEU F 1055 7.38 -39.81 68.14
C LEU F 1055 6.56 -39.76 69.43
N LYS F 1056 5.85 -38.65 69.68
CA LYS F 1056 4.95 -38.57 70.82
C LYS F 1056 3.58 -39.19 70.56
N MET F 1057 3.32 -39.68 69.36
CA MET F 1057 2.05 -40.29 69.04
C MET F 1057 1.90 -41.63 69.76
N SER F 1058 0.64 -42.08 69.89
CA SER F 1058 0.34 -43.26 70.69
C SER F 1058 0.99 -44.51 70.10
N CYS F 1059 0.58 -44.89 68.89
CA CYS F 1059 1.10 -46.09 68.25
C CYS F 1059 1.47 -45.75 66.81
N ILE F 1060 2.76 -45.52 66.56
CA ILE F 1060 3.27 -45.20 65.24
C ILE F 1060 4.34 -46.21 64.87
N ALA F 1061 4.26 -46.72 63.65
CA ALA F 1061 5.29 -47.57 63.07
C ALA F 1061 5.55 -47.14 61.64
N ASN F 1062 6.68 -47.60 61.09
CA ASN F 1062 7.06 -47.36 59.69
C ASN F 1062 7.08 -45.87 59.36
N LEU F 1063 7.64 -45.07 60.25
CA LEU F 1063 7.88 -43.67 59.94
C LEU F 1063 8.92 -43.59 58.83
N ASP F 1064 8.65 -42.76 57.83
CA ASP F 1064 9.48 -42.69 56.63
C ASP F 1064 9.73 -41.23 56.29
N VAL F 1065 10.97 -40.79 56.48
CA VAL F 1065 11.41 -39.44 56.11
C VAL F 1065 12.74 -39.57 55.35
N SER F 1066 12.65 -39.62 54.02
CA SER F 1066 13.74 -40.20 53.25
C SER F 1066 14.16 -39.43 52.01
N ARG F 1067 13.57 -38.28 51.71
CA ARG F 1067 14.08 -37.43 50.64
C ARG F 1067 14.12 -35.96 51.02
N ASN F 1068 13.78 -35.61 52.25
CA ASN F 1068 13.75 -34.22 52.67
C ASN F 1068 15.17 -33.69 52.86
N ASP F 1069 15.28 -32.40 53.14
CA ASP F 1069 16.57 -31.79 53.45
C ASP F 1069 16.74 -31.67 54.96
N ILE F 1070 16.75 -32.81 55.63
CA ILE F 1070 16.92 -32.85 57.08
C ILE F 1070 18.37 -32.50 57.41
N GLY F 1071 18.58 -31.30 57.95
CA GLY F 1071 19.90 -30.81 58.25
C GLY F 1071 20.61 -31.63 59.32
N PRO F 1072 21.92 -31.40 59.47
CA PRO F 1072 22.72 -32.16 60.45
C PRO F 1072 22.25 -31.88 61.88
N SER F 1073 22.84 -32.64 62.81
CA SER F 1073 22.53 -32.57 64.25
C SER F 1073 21.03 -32.84 64.46
N VAL F 1074 20.67 -34.09 64.18
CA VAL F 1074 19.28 -34.52 64.13
C VAL F 1074 18.90 -35.17 65.46
N VAL F 1075 19.59 -34.74 66.52
CA VAL F 1075 19.43 -35.22 67.90
C VAL F 1075 17.96 -35.36 68.28
N LEU F 1076 17.60 -36.50 68.85
CA LEU F 1076 16.25 -36.73 69.32
C LEU F 1076 16.13 -36.32 70.78
N ASP F 1077 14.91 -35.94 71.16
CA ASP F 1077 14.65 -35.51 72.52
C ASP F 1077 14.78 -36.71 73.45
N PRO F 1078 15.65 -36.67 74.47
CA PRO F 1078 15.77 -37.82 75.37
C PRO F 1078 14.65 -37.95 76.39
N THR F 1079 13.67 -37.06 76.38
CA THR F 1079 12.55 -37.09 77.31
C THR F 1079 11.32 -37.79 76.77
N VAL F 1080 11.38 -38.34 75.55
CA VAL F 1080 10.23 -38.97 74.92
C VAL F 1080 10.55 -40.44 74.65
N LYS F 1081 9.57 -41.31 74.93
CA LYS F 1081 9.68 -42.74 74.68
C LYS F 1081 8.70 -43.13 73.58
N CYS F 1082 9.21 -43.78 72.53
CA CYS F 1082 8.40 -44.25 71.42
C CYS F 1082 8.72 -45.70 71.10
N PRO F 1083 8.34 -46.64 71.98
CA PRO F 1083 8.65 -48.06 71.73
C PRO F 1083 7.87 -48.68 70.58
N THR F 1084 6.86 -48.00 70.04
CA THR F 1084 6.07 -48.58 68.97
C THR F 1084 6.79 -48.57 67.63
N LEU F 1085 7.72 -47.62 67.44
CA LEU F 1085 8.39 -47.47 66.15
C LEU F 1085 9.15 -48.73 65.76
N LYS F 1086 8.97 -49.15 64.52
CA LYS F 1086 9.62 -50.35 63.98
C LYS F 1086 10.58 -50.05 62.85
N GLN F 1087 10.20 -49.19 61.91
CA GLN F 1087 11.05 -48.82 60.78
C GLN F 1087 11.25 -47.32 60.79
N PHE F 1088 12.51 -46.89 60.71
CA PHE F 1088 12.87 -45.48 60.81
C PHE F 1088 13.76 -45.14 59.62
N ASN F 1089 13.14 -44.65 58.56
CA ASN F 1089 13.87 -44.31 57.34
C ASN F 1089 14.32 -42.85 57.44
N LEU F 1090 15.63 -42.63 57.45
CA LEU F 1090 16.23 -41.30 57.48
C LEU F 1090 17.19 -41.08 56.31
N SER F 1091 17.00 -41.83 55.23
CA SER F 1091 17.98 -41.87 54.15
C SER F 1091 17.97 -40.59 53.33
N TYR F 1092 19.11 -40.32 52.69
CA TYR F 1092 19.29 -39.35 51.61
C TYR F 1092 19.11 -37.89 52.03
N ASN F 1093 19.03 -37.58 53.32
CA ASN F 1093 18.65 -36.20 53.61
C ASN F 1093 19.81 -35.22 53.58
N GLN F 1094 20.54 -35.11 54.69
CA GLN F 1094 21.78 -34.34 54.74
C GLN F 1094 22.72 -34.82 55.83
N LEU F 1095 22.37 -35.89 56.56
CA LEU F 1095 22.93 -36.14 57.89
C LEU F 1095 24.45 -36.25 57.87
N SER F 1096 25.09 -35.59 58.83
CA SER F 1096 26.53 -35.73 59.02
C SER F 1096 26.90 -36.66 60.17
N PHE F 1097 26.01 -36.85 61.14
CA PHE F 1097 26.19 -37.82 62.21
C PHE F 1097 24.90 -38.61 62.38
N VAL F 1098 25.05 -39.84 62.88
CA VAL F 1098 23.92 -40.70 63.20
C VAL F 1098 23.12 -40.01 64.30
N PRO F 1099 21.79 -40.11 64.32
CA PRO F 1099 21.00 -39.54 65.42
C PRO F 1099 21.49 -40.02 66.78
N GLU F 1100 21.60 -39.09 67.72
CA GLU F 1100 22.35 -39.36 68.94
C GLU F 1100 21.56 -40.24 69.91
N ASN F 1101 20.26 -40.02 70.05
CA ASN F 1101 19.49 -40.60 71.15
C ASN F 1101 18.62 -41.76 70.69
N LEU F 1102 19.12 -42.58 69.76
CA LEU F 1102 18.31 -43.69 69.25
C LEU F 1102 18.01 -44.70 70.34
N THR F 1103 19.00 -45.03 71.17
CA THR F 1103 18.84 -46.08 72.16
C THR F 1103 17.90 -45.73 73.30
N ASP F 1104 17.54 -44.45 73.45
CA ASP F 1104 16.72 -44.00 74.57
C ASP F 1104 15.32 -43.56 74.16
N VAL F 1105 14.98 -43.59 72.86
CA VAL F 1105 13.71 -43.08 72.37
C VAL F 1105 12.94 -44.14 71.59
N VAL F 1106 13.63 -44.86 70.70
CA VAL F 1106 12.97 -45.75 69.76
C VAL F 1106 13.38 -47.19 70.06
N GLU F 1107 13.54 -47.50 71.34
CA GLU F 1107 14.11 -48.73 71.89
C GLU F 1107 13.82 -50.00 71.09
N LYS F 1108 12.57 -50.18 70.67
CA LYS F 1108 12.17 -51.38 69.93
C LYS F 1108 12.32 -51.22 68.42
N LEU F 1109 13.22 -50.35 67.96
CA LEU F 1109 13.45 -50.16 66.54
C LEU F 1109 13.96 -51.46 65.91
N GLU F 1110 13.56 -51.68 64.65
CA GLU F 1110 13.95 -52.86 63.90
C GLU F 1110 14.84 -52.53 62.72
N GLN F 1111 14.41 -51.63 61.84
CA GLN F 1111 15.18 -51.26 60.65
C GLN F 1111 15.58 -49.80 60.74
N LEU F 1112 16.88 -49.54 60.60
CA LEU F 1112 17.41 -48.18 60.55
C LEU F 1112 18.09 -47.99 59.21
N ILE F 1113 17.65 -46.98 58.45
CA ILE F 1113 18.14 -46.73 57.10
C ILE F 1113 18.71 -45.32 57.07
N LEU F 1114 19.98 -45.20 56.64
CA LEU F 1114 20.67 -43.93 56.62
C LEU F 1114 21.49 -43.76 55.35
N GLU F 1115 21.04 -44.35 54.24
CA GLU F 1115 21.83 -44.29 53.02
C GLU F 1115 21.71 -42.91 52.36
N GLY F 1116 22.67 -42.60 51.50
CA GLY F 1116 22.66 -41.37 50.75
C GLY F 1116 23.02 -40.13 51.52
N ASN F 1117 23.27 -40.24 52.82
CA ASN F 1117 23.60 -39.08 53.64
C ASN F 1117 25.09 -38.78 53.51
N LYS F 1118 25.59 -37.88 54.38
CA LYS F 1118 26.99 -37.49 54.41
C LYS F 1118 27.63 -37.76 55.77
N ILE F 1119 27.31 -38.93 56.36
CA ILE F 1119 27.92 -39.29 57.64
C ILE F 1119 29.42 -39.49 57.44
N SER F 1120 30.22 -38.83 58.27
CA SER F 1120 31.65 -38.78 58.08
C SER F 1120 32.44 -39.49 59.17
N GLY F 1121 32.23 -39.13 60.44
CA GLY F 1121 33.07 -39.64 61.51
C GLY F 1121 32.73 -41.07 61.87
N ILE F 1122 33.52 -41.61 62.81
CA ILE F 1122 33.23 -42.93 63.35
C ILE F 1122 31.88 -42.90 64.06
N CYS F 1123 31.09 -43.94 63.84
CA CYS F 1123 29.72 -43.96 64.31
C CYS F 1123 29.66 -44.10 65.83
N SER F 1124 28.50 -43.74 66.38
CA SER F 1124 28.25 -43.88 67.80
C SER F 1124 28.22 -45.37 68.18
N PRO F 1125 28.45 -45.70 69.46
CA PRO F 1125 28.37 -47.10 69.88
C PRO F 1125 27.12 -47.85 69.45
N LEU F 1126 25.98 -47.16 69.40
CA LEU F 1126 24.72 -47.69 68.86
C LEU F 1126 24.33 -49.01 69.54
N ARG F 1127 24.04 -48.89 70.84
CA ARG F 1127 23.68 -50.06 71.64
C ARG F 1127 22.19 -50.38 71.57
N LEU F 1128 21.54 -50.01 70.47
CA LEU F 1128 20.13 -50.33 70.27
C LEU F 1128 19.96 -51.84 70.14
N LYS F 1129 18.84 -52.35 70.66
CA LYS F 1129 18.75 -53.77 71.03
C LYS F 1129 18.27 -54.70 69.92
N GLU F 1130 17.46 -54.23 68.98
CA GLU F 1130 16.78 -55.14 68.05
C GLU F 1130 16.91 -54.71 66.60
N LEU F 1131 18.13 -54.37 66.17
CA LEU F 1131 18.34 -54.13 64.74
C LEU F 1131 18.08 -55.42 63.95
N LYS F 1132 17.51 -55.27 62.75
CA LYS F 1132 17.46 -56.38 61.81
C LYS F 1132 17.90 -55.96 60.41
N ILE F 1133 17.77 -54.67 60.09
CA ILE F 1133 18.20 -54.15 58.80
C ILE F 1133 18.92 -52.82 59.08
N LEU F 1134 20.24 -52.82 58.94
CA LEU F 1134 21.03 -51.60 59.03
C LEU F 1134 21.55 -51.26 57.64
N ASN F 1135 21.45 -49.99 57.27
CA ASN F 1135 21.81 -49.54 55.93
C ASN F 1135 22.57 -48.22 56.05
N LEU F 1136 23.88 -48.27 55.80
CA LEU F 1136 24.73 -47.08 55.83
C LEU F 1136 25.48 -46.93 54.51
N SER F 1137 24.83 -47.26 53.40
CA SER F 1137 25.47 -47.15 52.10
C SER F 1137 25.51 -45.70 51.63
N LYS F 1138 26.30 -45.46 50.59
CA LYS F 1138 26.39 -44.18 49.87
C LYS F 1138 26.73 -43.01 50.80
N ASN F 1139 27.56 -43.25 51.81
CA ASN F 1139 28.01 -42.19 52.69
C ASN F 1139 29.46 -41.82 52.34
N HIS F 1140 30.06 -40.93 53.13
CA HIS F 1140 31.48 -40.62 53.06
C HIS F 1140 32.08 -40.94 54.42
N ILE F 1141 32.40 -42.21 54.65
CA ILE F 1141 32.78 -42.69 55.97
C ILE F 1141 34.07 -43.51 55.86
N SER F 1142 35.00 -43.24 56.78
CA SER F 1142 36.34 -43.83 56.72
C SER F 1142 36.42 -45.15 57.48
N SER F 1143 35.96 -45.19 58.71
CA SER F 1143 36.03 -46.42 59.50
C SER F 1143 34.97 -46.40 60.59
N LEU F 1144 34.69 -47.58 61.13
CA LEU F 1144 33.73 -47.76 62.21
C LEU F 1144 34.47 -48.00 63.52
N SER F 1145 33.82 -47.67 64.63
CA SER F 1145 34.36 -47.98 65.93
C SER F 1145 34.36 -49.49 66.16
N GLU F 1146 35.31 -49.96 66.96
CA GLU F 1146 35.49 -51.39 67.19
C GLU F 1146 34.31 -52.03 67.92
N ASN F 1147 33.45 -51.24 68.54
CA ASN F 1147 32.29 -51.75 69.27
C ASN F 1147 30.99 -51.26 68.64
N PHE F 1148 30.96 -51.16 67.31
CA PHE F 1148 29.82 -50.57 66.63
C PHE F 1148 28.59 -51.49 66.77
N LEU F 1149 28.74 -52.77 66.44
CA LEU F 1149 27.61 -53.69 66.45
C LEU F 1149 27.65 -54.68 67.61
N GLU F 1150 28.38 -54.35 68.69
CA GLU F 1150 28.54 -55.30 69.79
C GLU F 1150 27.23 -55.54 70.52
N ALA F 1151 26.40 -54.51 70.66
CA ALA F 1151 25.18 -54.58 71.46
C ALA F 1151 23.91 -54.63 70.60
N CYS F 1152 24.01 -55.23 69.41
CA CYS F 1152 22.86 -55.45 68.54
C CYS F 1152 22.84 -56.91 68.12
N PRO F 1153 22.39 -57.81 69.00
CA PRO F 1153 22.58 -59.25 68.79
C PRO F 1153 21.64 -59.87 67.77
N LYS F 1154 20.89 -59.09 66.97
CA LYS F 1154 19.99 -59.69 65.99
C LYS F 1154 20.14 -59.08 64.60
N VAL F 1155 21.26 -58.41 64.31
CA VAL F 1155 21.45 -57.82 62.98
C VAL F 1155 21.51 -58.92 61.93
N GLU F 1156 20.89 -58.66 60.78
CA GLU F 1156 20.81 -59.68 59.74
C GLU F 1156 21.33 -59.21 58.39
N SER F 1157 21.11 -57.95 58.03
CA SER F 1157 21.35 -57.50 56.65
C SER F 1157 22.12 -56.18 56.63
N PHE F 1158 23.22 -56.10 57.37
CA PHE F 1158 24.10 -54.94 57.30
C PHE F 1158 24.58 -54.71 55.87
N SER F 1159 24.55 -53.45 55.43
CA SER F 1159 25.00 -53.11 54.09
C SER F 1159 25.67 -51.74 54.10
N ALA F 1160 26.88 -51.67 53.57
CA ALA F 1160 27.65 -50.42 53.52
C ALA F 1160 28.34 -50.33 52.15
N ARG F 1161 27.65 -49.68 51.21
CA ARG F 1161 28.16 -49.52 49.85
C ARG F 1161 28.63 -48.09 49.63
N MET F 1162 29.51 -47.93 48.65
CA MET F 1162 30.05 -46.63 48.23
C MET F 1162 30.63 -45.86 49.43
N ASN F 1163 31.41 -46.57 50.23
CA ASN F 1163 32.02 -46.01 51.43
C ASN F 1163 33.52 -46.22 51.39
N PHE F 1164 34.27 -45.21 51.82
CA PHE F 1164 35.74 -45.32 51.89
C PHE F 1164 36.13 -46.14 53.12
N LEU F 1165 35.84 -47.44 53.03
CA LEU F 1165 35.98 -48.34 54.17
C LEU F 1165 37.14 -49.29 53.96
N ALA F 1166 37.71 -49.78 55.06
CA ALA F 1166 38.90 -50.62 54.99
C ALA F 1166 38.78 -51.93 55.75
N ALA F 1167 38.11 -51.93 56.91
CA ALA F 1167 38.06 -53.11 57.75
C ALA F 1167 36.70 -53.18 58.43
N MET F 1168 36.38 -54.39 58.93
CA MET F 1168 35.08 -54.65 59.54
C MET F 1168 35.25 -54.95 61.01
N PRO F 1169 34.68 -54.13 61.91
CA PRO F 1169 34.85 -54.29 63.37
C PRO F 1169 33.86 -55.20 64.10
N PHE F 1170 34.13 -56.52 64.04
CA PHE F 1170 33.47 -57.53 64.86
C PHE F 1170 31.95 -57.55 64.64
N LEU F 1171 31.58 -58.00 63.45
CA LEU F 1171 30.18 -58.19 63.12
C LEU F 1171 29.57 -59.25 64.06
N PRO F 1172 28.29 -59.10 64.41
CA PRO F 1172 27.67 -60.04 65.35
C PRO F 1172 27.52 -61.42 64.73
N PRO F 1173 27.45 -62.47 65.57
CA PRO F 1173 27.32 -63.83 65.02
C PRO F 1173 25.95 -64.13 64.41
N SER F 1174 24.99 -63.22 64.51
CA SER F 1174 23.67 -63.41 63.95
C SER F 1174 23.52 -62.86 62.55
N MET F 1175 24.61 -62.39 61.94
CA MET F 1175 24.55 -61.80 60.60
C MET F 1175 24.20 -62.86 59.56
N THR F 1176 23.33 -62.47 58.62
CA THR F 1176 22.93 -63.34 57.53
C THR F 1176 23.33 -62.81 56.16
N ILE F 1177 22.97 -61.57 55.85
CA ILE F 1177 23.25 -60.95 54.57
C ILE F 1177 24.20 -59.78 54.78
N LEU F 1178 25.23 -59.67 53.95
CA LEU F 1178 26.25 -58.64 54.12
C LEU F 1178 26.70 -58.16 52.75
N LYS F 1179 26.47 -56.89 52.46
CA LYS F 1179 26.85 -56.27 51.20
C LYS F 1179 27.83 -55.15 51.49
N LEU F 1180 29.00 -55.20 50.84
CA LEU F 1180 30.07 -54.25 51.15
C LEU F 1180 30.78 -53.77 49.90
N SER F 1181 30.08 -53.67 48.77
CA SER F 1181 30.73 -53.31 47.52
C SER F 1181 31.09 -51.83 47.50
N GLN F 1182 31.91 -51.46 46.51
CA GLN F 1182 32.42 -50.09 46.32
C GLN F 1182 33.10 -49.56 47.58
N ASN F 1183 33.95 -50.38 48.17
CA ASN F 1183 34.78 -49.95 49.29
C ASN F 1183 36.24 -50.29 49.03
N LYS F 1184 37.14 -49.49 49.61
CA LYS F 1184 38.57 -49.68 49.42
C LYS F 1184 39.11 -50.72 50.40
N PHE F 1185 38.78 -51.98 50.11
CA PHE F 1185 39.22 -53.11 50.91
C PHE F 1185 40.50 -53.69 50.30
N SER F 1186 41.63 -53.49 50.97
CA SER F 1186 42.89 -54.07 50.49
C SER F 1186 42.84 -55.60 50.53
N CYS F 1187 42.28 -56.16 51.60
CA CYS F 1187 42.10 -57.60 51.71
C CYS F 1187 40.83 -57.85 52.50
N ILE F 1188 40.26 -59.04 52.31
CA ILE F 1188 39.00 -59.37 52.98
C ILE F 1188 39.24 -59.50 54.49
N PRO F 1189 38.50 -58.78 55.32
CA PRO F 1189 38.75 -58.80 56.76
C PRO F 1189 38.43 -60.15 57.38
N GLU F 1190 39.16 -60.47 58.45
CA GLU F 1190 39.02 -61.78 59.09
C GLU F 1190 37.68 -61.92 59.80
N ALA F 1191 37.06 -60.81 60.21
CA ALA F 1191 35.78 -60.86 60.92
C ALA F 1191 34.66 -61.44 60.07
N ILE F 1192 34.83 -61.47 58.75
CA ILE F 1192 33.81 -62.04 57.87
C ILE F 1192 34.02 -63.55 57.70
N LEU F 1193 35.27 -64.01 57.72
CA LEU F 1193 35.58 -65.42 57.50
C LEU F 1193 35.19 -66.31 58.68
N ASN F 1194 34.76 -65.75 59.81
CA ASN F 1194 34.37 -66.55 60.96
C ASN F 1194 32.95 -66.24 61.41
N LEU F 1195 32.11 -65.75 60.49
CA LEU F 1195 30.68 -65.61 60.77
C LEU F 1195 30.00 -66.96 60.66
N PRO F 1196 29.34 -67.46 61.71
CA PRO F 1196 28.82 -68.83 61.68
C PRO F 1196 27.52 -68.99 60.90
N HIS F 1197 26.86 -67.90 60.51
CA HIS F 1197 25.55 -67.99 59.87
C HIS F 1197 25.44 -67.11 58.62
N LEU F 1198 26.55 -66.79 57.98
CA LEU F 1198 26.50 -65.93 56.79
C LEU F 1198 25.84 -66.68 55.64
N ARG F 1199 25.06 -65.93 54.84
CA ARG F 1199 24.33 -66.50 53.72
C ARG F 1199 24.76 -65.95 52.38
N SER F 1200 24.86 -64.63 52.24
CA SER F 1200 25.34 -64.00 51.03
C SER F 1200 26.36 -62.94 51.36
N LEU F 1201 27.30 -62.72 50.43
CA LEU F 1201 28.33 -61.72 50.64
C LEU F 1201 28.64 -61.07 49.29
N ASP F 1202 28.68 -59.74 49.26
CA ASP F 1202 28.88 -58.98 48.03
C ASP F 1202 29.95 -57.93 48.32
N MET F 1203 31.12 -58.10 47.71
CA MET F 1203 32.25 -57.19 47.87
C MET F 1203 32.81 -56.81 46.50
N SER F 1204 31.92 -56.58 45.54
CA SER F 1204 32.35 -56.27 44.19
C SER F 1204 33.00 -54.90 44.13
N SER F 1205 33.77 -54.68 43.06
CA SER F 1205 34.45 -53.40 42.79
C SER F 1205 35.33 -52.96 43.95
N ASN F 1206 36.06 -53.91 44.52
CA ASN F 1206 37.05 -53.64 45.56
C ASN F 1206 38.42 -54.08 45.08
N ASP F 1207 39.46 -53.51 45.68
CA ASP F 1207 40.82 -53.86 45.29
C ASP F 1207 41.45 -54.99 46.13
N ILE F 1208 40.68 -56.05 46.39
CA ILE F 1208 41.20 -57.23 47.08
C ILE F 1208 42.00 -58.08 46.10
N GLN F 1209 42.94 -58.85 46.63
CA GLN F 1209 43.88 -59.61 45.83
C GLN F 1209 43.70 -61.12 45.98
N TYR F 1210 43.58 -61.62 47.20
CA TYR F 1210 43.52 -63.05 47.47
C TYR F 1210 42.15 -63.42 48.00
N LEU F 1211 41.48 -64.36 47.33
CA LEU F 1211 40.22 -64.90 47.82
C LEU F 1211 40.50 -66.16 48.63
N PRO F 1212 40.19 -66.17 49.92
CA PRO F 1212 40.44 -67.36 50.74
C PRO F 1212 39.64 -68.56 50.25
N GLY F 1213 40.21 -69.75 50.44
CA GLY F 1213 39.58 -70.97 50.00
C GLY F 1213 38.39 -71.34 50.86
N PRO F 1214 37.60 -72.31 50.39
CA PRO F 1214 36.37 -72.68 51.10
C PRO F 1214 36.58 -73.40 52.42
N ALA F 1215 37.82 -73.65 52.83
CA ALA F 1215 38.12 -74.24 54.14
C ALA F 1215 38.44 -73.18 55.18
N HIS F 1216 38.31 -71.90 54.84
CA HIS F 1216 38.62 -70.80 55.76
C HIS F 1216 37.40 -69.96 56.10
N TRP F 1217 36.19 -70.46 55.80
CA TRP F 1217 35.00 -69.62 55.83
C TRP F 1217 34.08 -69.86 57.01
N LYS F 1218 34.18 -71.03 57.66
CA LYS F 1218 33.47 -71.33 58.91
C LYS F 1218 31.96 -71.07 58.79
N SER F 1219 31.40 -71.41 57.64
CA SER F 1219 29.97 -71.20 57.40
C SER F 1219 29.50 -72.17 56.34
N LEU F 1220 28.54 -73.01 56.68
CA LEU F 1220 28.01 -74.03 55.78
C LEU F 1220 26.80 -73.56 54.98
N ASN F 1221 26.41 -72.29 55.09
CA ASN F 1221 25.20 -71.79 54.45
C ASN F 1221 25.49 -70.68 53.45
N LEU F 1222 26.66 -70.73 52.79
CA LEU F 1222 26.96 -69.76 51.74
C LEU F 1222 26.02 -69.97 50.56
N ARG F 1223 25.42 -68.88 50.07
CA ARG F 1223 24.52 -68.95 48.92
C ARG F 1223 24.92 -68.05 47.78
N GLU F 1224 25.44 -66.86 48.06
CA GLU F 1224 25.95 -65.95 47.03
C GLU F 1224 27.34 -65.47 47.39
N LEU F 1225 28.15 -65.22 46.36
CA LEU F 1225 29.50 -64.69 46.53
C LEU F 1225 29.81 -63.84 45.30
N LEU F 1226 29.67 -62.53 45.44
CA LEU F 1226 29.88 -61.58 44.35
C LEU F 1226 31.21 -60.87 44.56
N PHE F 1227 32.12 -60.99 43.58
CA PHE F 1227 33.43 -60.38 43.67
C PHE F 1227 33.85 -59.76 42.35
N SER F 1228 32.89 -59.25 41.57
CA SER F 1228 33.20 -58.69 40.27
C SER F 1228 33.99 -57.39 40.42
N HIS F 1229 34.59 -56.96 39.30
CA HIS F 1229 35.38 -55.72 39.22
C HIS F 1229 36.49 -55.71 40.27
N ASN F 1230 37.10 -56.86 40.50
CA ASN F 1230 38.21 -57.02 41.42
C ASN F 1230 39.49 -57.36 40.64
N GLN F 1231 40.56 -57.63 41.37
CA GLN F 1231 41.76 -58.23 40.79
C GLN F 1231 42.18 -59.42 41.67
N ILE F 1232 41.61 -60.58 41.38
CA ILE F 1232 41.92 -61.83 42.08
C ILE F 1232 42.70 -62.72 41.11
N SER F 1233 43.94 -63.03 41.47
CA SER F 1233 44.81 -63.81 40.57
C SER F 1233 44.36 -65.26 40.48
N ILE F 1234 43.98 -65.87 41.60
CA ILE F 1234 43.67 -67.29 41.63
C ILE F 1234 42.26 -67.47 42.20
N LEU F 1235 41.69 -68.65 41.94
CA LEU F 1235 40.34 -68.99 42.41
C LEU F 1235 40.50 -70.30 43.20
N ASP F 1236 41.40 -70.29 44.18
CA ASP F 1236 41.77 -71.46 44.98
C ASP F 1236 40.53 -72.21 45.47
N LEU F 1237 40.36 -73.43 45.00
CA LEU F 1237 39.21 -74.25 45.36
C LEU F 1237 39.55 -75.70 45.65
N SER F 1238 40.78 -76.15 45.36
CA SER F 1238 41.17 -77.54 45.56
C SER F 1238 41.33 -77.93 47.02
N GLU F 1239 41.30 -76.96 47.94
CA GLU F 1239 41.51 -77.23 49.36
C GLU F 1239 40.42 -78.17 49.92
N LYS F 1240 39.18 -77.70 49.95
CA LYS F 1240 38.05 -78.51 50.41
C LYS F 1240 36.80 -77.97 49.73
N ALA F 1241 36.42 -78.58 48.60
CA ALA F 1241 35.39 -77.99 47.76
C ALA F 1241 33.98 -78.20 48.30
N TYR F 1242 33.70 -79.36 48.89
CA TYR F 1242 32.33 -79.72 49.24
C TYR F 1242 31.70 -78.81 50.28
N LEU F 1243 32.50 -77.99 50.99
CA LEU F 1243 31.94 -77.03 51.93
C LEU F 1243 31.10 -75.96 51.23
N TRP F 1244 31.42 -75.64 49.96
CA TRP F 1244 30.64 -74.68 49.19
C TRP F 1244 29.58 -75.33 48.32
N SER F 1245 29.08 -76.50 48.73
CA SER F 1245 28.05 -77.18 47.95
C SER F 1245 26.71 -76.44 47.97
N ARG F 1246 26.52 -75.48 48.87
CA ARG F 1246 25.28 -74.72 48.94
C ARG F 1246 25.29 -73.46 48.10
N VAL F 1247 26.44 -73.08 47.54
CA VAL F 1247 26.57 -71.81 46.84
C VAL F 1247 25.72 -71.82 45.57
N GLU F 1248 24.88 -70.80 45.42
CA GLU F 1248 24.01 -70.66 44.25
C GLU F 1248 24.48 -69.60 43.27
N LYS F 1249 25.21 -68.59 43.71
CA LYS F 1249 25.69 -67.54 42.82
C LYS F 1249 27.19 -67.35 43.03
N LEU F 1250 27.90 -67.03 41.95
CA LEU F 1250 29.34 -66.82 42.02
C LEU F 1250 29.74 -65.92 40.86
N HIS F 1251 30.08 -64.67 41.16
CA HIS F 1251 30.42 -63.67 40.15
C HIS F 1251 31.90 -63.30 40.29
N LEU F 1252 32.69 -63.64 39.26
CA LEU F 1252 34.12 -63.34 39.24
C LEU F 1252 34.50 -62.46 38.05
N SER F 1253 33.57 -61.63 37.59
CA SER F 1253 33.79 -60.83 36.39
C SER F 1253 34.89 -59.78 36.61
N HIS F 1254 35.47 -59.32 35.49
CA HIS F 1254 36.45 -58.23 35.47
C HIS F 1254 37.66 -58.49 36.36
N ASN F 1255 38.02 -59.75 36.56
CA ASN F 1255 39.19 -60.10 37.35
C ASN F 1255 40.29 -60.66 36.47
N LYS F 1256 41.49 -60.73 37.04
CA LYS F 1256 42.65 -61.29 36.34
C LYS F 1256 42.78 -62.78 36.72
N LEU F 1257 41.86 -63.55 36.17
CA LEU F 1257 41.89 -65.01 36.27
C LEU F 1257 42.38 -65.61 34.96
N LYS F 1258 43.30 -66.57 35.06
CA LYS F 1258 43.87 -67.20 33.88
C LYS F 1258 43.30 -68.58 33.60
N GLU F 1259 42.87 -69.31 34.63
CA GLU F 1259 42.33 -70.65 34.43
C GLU F 1259 41.42 -71.02 35.59
N ILE F 1260 40.45 -71.85 35.31
CA ILE F 1260 39.46 -72.30 36.29
C ILE F 1260 39.91 -73.66 36.83
N PRO F 1261 40.04 -73.82 38.15
CA PRO F 1261 40.43 -75.12 38.67
C PRO F 1261 39.35 -76.16 38.41
N PRO F 1262 39.75 -77.42 38.20
CA PRO F 1262 38.74 -78.47 37.93
C PRO F 1262 37.81 -78.75 39.08
N GLU F 1263 38.20 -78.42 40.32
CA GLU F 1263 37.38 -78.71 41.50
C GLU F 1263 36.07 -77.93 41.53
N ILE F 1264 35.90 -76.94 40.66
CA ILE F 1264 34.63 -76.21 40.55
C ILE F 1264 33.49 -77.14 40.16
N GLY F 1265 33.80 -78.32 39.62
CA GLY F 1265 32.79 -79.31 39.30
C GLY F 1265 32.05 -79.85 40.51
N CYS F 1266 32.58 -79.64 41.72
CA CYS F 1266 31.95 -80.16 42.92
C CYS F 1266 30.80 -79.27 43.40
N LEU F 1267 30.81 -77.98 43.06
CA LEU F 1267 29.77 -77.04 43.49
C LEU F 1267 28.50 -77.32 42.69
N GLU F 1268 27.83 -78.42 43.05
CA GLU F 1268 26.73 -78.94 42.24
C GLU F 1268 25.48 -78.07 42.27
N ASN F 1269 25.39 -77.09 43.17
CA ASN F 1269 24.21 -76.25 43.28
C ASN F 1269 24.37 -74.88 42.63
N LEU F 1270 25.45 -74.66 41.87
CA LEU F 1270 25.66 -73.37 41.21
C LEU F 1270 24.50 -73.06 40.27
N THR F 1271 24.00 -71.84 40.36
CA THR F 1271 22.86 -71.41 39.56
C THR F 1271 23.18 -70.22 38.65
N SER F 1272 24.11 -69.35 39.05
CA SER F 1272 24.52 -68.21 38.23
C SER F 1272 26.02 -68.02 38.41
N LEU F 1273 26.80 -68.63 37.53
CA LEU F 1273 28.24 -68.48 37.51
C LEU F 1273 28.63 -67.47 36.44
N ASP F 1274 29.49 -66.53 36.79
CA ASP F 1274 29.94 -65.48 35.88
C ASP F 1274 31.45 -65.36 35.97
N VAL F 1275 32.14 -65.65 34.87
CA VAL F 1275 33.59 -65.55 34.82
C VAL F 1275 33.98 -64.76 33.58
N SER F 1276 33.02 -64.03 33.00
CA SER F 1276 33.26 -63.27 31.79
C SER F 1276 34.20 -62.08 32.08
N TYR F 1277 34.56 -61.38 31.00
CA TYR F 1277 35.32 -60.13 31.07
C TYR F 1277 36.67 -60.32 31.77
N ASN F 1278 37.31 -61.47 31.58
CA ASN F 1278 38.62 -61.73 32.15
C ASN F 1278 39.77 -61.45 31.20
N LEU F 1279 39.57 -61.64 29.89
CA LEU F 1279 40.56 -61.40 28.83
C LEU F 1279 41.79 -62.29 28.94
N GLU F 1280 41.80 -63.23 29.89
CA GLU F 1280 42.96 -64.10 30.08
C GLU F 1280 42.59 -65.55 30.38
N LEU F 1281 41.29 -65.89 30.40
CA LEU F 1281 40.89 -67.25 30.71
C LEU F 1281 41.15 -68.20 29.55
N ARG F 1282 40.49 -67.95 28.41
CA ARG F 1282 40.68 -68.66 27.15
C ARG F 1282 40.34 -70.16 27.19
N SER F 1283 39.86 -70.65 28.33
CA SER F 1283 39.57 -72.08 28.46
C SER F 1283 38.56 -72.29 29.58
N PHE F 1284 37.89 -73.44 29.51
CA PHE F 1284 37.02 -73.99 30.54
C PHE F 1284 37.45 -75.41 30.85
N PRO F 1285 37.27 -75.86 32.08
CA PRO F 1285 37.55 -77.26 32.42
C PRO F 1285 36.40 -78.17 32.00
N ASN F 1286 36.71 -79.46 31.92
CA ASN F 1286 35.70 -80.46 31.57
C ASN F 1286 34.84 -80.89 32.74
N GLU F 1287 35.24 -80.56 33.97
CA GLU F 1287 34.48 -81.01 35.14
C GLU F 1287 33.17 -80.25 35.32
N MET F 1288 33.07 -79.04 34.75
CA MET F 1288 31.88 -78.20 34.87
C MET F 1288 30.60 -78.86 34.36
N GLY F 1289 30.70 -79.97 33.64
CA GLY F 1289 29.53 -80.71 33.18
C GLY F 1289 28.64 -81.27 34.28
N LYS F 1290 29.14 -81.32 35.51
CA LYS F 1290 28.33 -81.76 36.65
C LYS F 1290 27.51 -80.63 37.27
N LEU F 1291 27.59 -79.41 36.73
CA LEU F 1291 26.90 -78.25 37.28
C LEU F 1291 25.56 -78.05 36.56
N SER F 1292 24.68 -79.03 36.74
CA SER F 1292 23.44 -79.10 35.98
C SER F 1292 22.51 -77.93 36.24
N LYS F 1293 22.62 -77.28 37.41
CA LYS F 1293 21.65 -76.27 37.77
C LYS F 1293 21.89 -74.92 37.10
N ILE F 1294 23.00 -74.75 36.38
CA ILE F 1294 23.30 -73.47 35.75
C ILE F 1294 22.30 -73.19 34.64
N TRP F 1295 21.71 -72.00 34.66
CA TRP F 1295 20.83 -71.57 33.57
C TRP F 1295 21.33 -70.33 32.84
N ASP F 1296 22.19 -69.53 33.45
CA ASP F 1296 22.85 -68.42 32.79
C ASP F 1296 24.35 -68.51 33.00
N LEU F 1297 25.11 -68.18 31.96
CA LEU F 1297 26.57 -68.26 31.99
C LEU F 1297 27.10 -67.26 30.98
N PRO F 1298 27.44 -66.05 31.41
CA PRO F 1298 27.90 -65.03 30.47
C PRO F 1298 29.24 -65.40 29.85
N LEU F 1299 29.37 -65.09 28.56
CA LEU F 1299 30.62 -65.24 27.80
C LEU F 1299 30.90 -63.96 27.02
N ASP F 1300 30.78 -62.83 27.69
CA ASP F 1300 30.93 -61.53 27.04
C ASP F 1300 32.39 -61.13 26.99
N GLU F 1301 32.89 -60.85 25.79
CA GLU F 1301 34.23 -60.29 25.55
C GLU F 1301 35.33 -61.20 26.11
N LEU F 1302 35.44 -62.40 25.56
CA LEU F 1302 36.58 -63.27 25.78
C LEU F 1302 36.56 -64.34 24.69
N HIS F 1303 37.74 -64.70 24.21
CA HIS F 1303 37.90 -65.66 23.12
C HIS F 1303 37.94 -67.08 23.69
N LEU F 1304 37.00 -67.91 23.25
CA LEU F 1304 36.89 -69.29 23.71
C LEU F 1304 37.64 -70.23 22.76
N ASN F 1305 37.40 -71.52 22.90
CA ASN F 1305 38.05 -72.53 22.07
C ASN F 1305 37.30 -72.81 20.78
N PHE F 1306 36.18 -72.12 20.54
CA PHE F 1306 35.37 -72.37 19.36
C PHE F 1306 34.58 -71.13 19.00
N ASP F 1307 34.09 -71.09 17.76
CA ASP F 1307 33.25 -70.00 17.29
C ASP F 1307 31.83 -70.19 17.83
N PHE F 1308 31.27 -69.12 18.39
CA PHE F 1308 29.95 -69.20 19.01
C PHE F 1308 29.13 -67.98 18.58
N LYS F 1309 27.97 -67.83 19.23
CA LYS F 1309 27.06 -66.69 19.05
C LYS F 1309 26.61 -66.53 17.59
N HIS F 1310 26.48 -67.65 16.88
CA HIS F 1310 25.94 -67.60 15.52
C HIS F 1310 24.42 -67.55 15.54
N ILE F 1311 23.78 -68.59 16.05
CA ILE F 1311 22.35 -68.59 16.30
C ILE F 1311 21.99 -69.13 17.68
N GLY F 1312 22.88 -69.86 18.35
CA GLY F 1312 22.57 -70.42 19.65
C GLY F 1312 23.62 -70.10 20.69
N CYS F 1313 24.17 -71.14 21.31
CA CYS F 1313 25.15 -71.01 22.39
C CYS F 1313 24.62 -70.11 23.51
N LYS F 1314 23.46 -70.51 24.02
CA LYS F 1314 22.71 -69.72 25.00
C LYS F 1314 22.96 -70.17 26.43
N ALA F 1315 24.18 -70.65 26.71
CA ALA F 1315 24.73 -70.95 28.03
C ALA F 1315 24.07 -72.15 28.69
N LYS F 1316 23.27 -72.91 27.97
CA LYS F 1316 22.69 -74.14 28.50
C LYS F 1316 23.10 -75.39 27.73
N ASP F 1317 23.22 -75.29 26.40
CA ASP F 1317 23.76 -76.41 25.63
C ASP F 1317 25.28 -76.49 25.67
N ILE F 1318 25.96 -75.39 26.02
CA ILE F 1318 27.42 -75.43 26.14
C ILE F 1318 27.84 -76.36 27.26
N ILE F 1319 27.09 -76.40 28.37
CA ILE F 1319 27.42 -77.31 29.45
C ILE F 1319 27.12 -78.75 29.03
N ARG F 1320 26.12 -78.97 28.16
CA ARG F 1320 25.89 -80.29 27.61
C ARG F 1320 27.06 -80.75 26.76
N PHE F 1321 27.58 -79.86 25.91
CA PHE F 1321 28.76 -80.18 25.12
C PHE F 1321 29.95 -80.46 26.02
N LEU F 1322 30.10 -79.69 27.09
CA LEU F 1322 31.20 -79.89 28.03
C LEU F 1322 31.09 -81.25 28.72
N GLN F 1323 29.87 -81.63 29.12
CA GLN F 1323 29.67 -82.94 29.75
C GLN F 1323 29.97 -84.07 28.77
N GLN F 1324 29.52 -83.93 27.51
CA GLN F 1324 29.81 -84.94 26.51
C GLN F 1324 31.30 -85.06 26.25
N ARG F 1325 32.01 -83.92 26.21
CA ARG F 1325 33.45 -83.93 26.08
C ARG F 1325 34.11 -84.61 27.28
N LEU F 1326 33.54 -84.43 28.47
CA LEU F 1326 34.04 -85.14 29.65
C LEU F 1326 33.83 -86.64 29.54
N LYS F 1327 32.72 -87.06 28.92
CA LYS F 1327 32.47 -88.48 28.71
C LYS F 1327 33.58 -89.12 27.88
N LYS F 1328 33.82 -88.57 26.68
CA LYS F 1328 35.00 -89.04 25.89
C LYS F 1328 35.67 -87.85 25.20
N ALA F 1329 37.00 -87.79 25.29
CA ALA F 1329 37.80 -86.66 24.73
C ALA F 1329 38.78 -87.20 23.70
N VAL F 1330 38.41 -87.18 22.43
CA VAL F 1330 39.23 -87.70 21.33
C VAL F 1330 39.74 -86.54 20.48
N PRO F 1331 40.99 -86.57 20.03
CA PRO F 1331 41.48 -85.52 19.14
C PRO F 1331 40.76 -85.51 17.81
N TYR F 1332 40.58 -84.32 17.26
CA TYR F 1332 39.96 -84.13 15.95
C TYR F 1332 40.99 -83.56 14.99
N ASN F 1333 41.16 -84.22 13.85
CA ASN F 1333 42.16 -83.86 12.85
C ASN F 1333 41.45 -83.70 11.50
N ARG F 1334 40.96 -82.48 11.24
CA ARG F 1334 40.26 -82.19 10.00
C ARG F 1334 40.22 -80.69 9.80
N MET F 1335 40.70 -80.23 8.65
CA MET F 1335 40.68 -78.82 8.27
C MET F 1335 40.21 -78.69 6.83
N LYS F 1336 40.18 -77.46 6.35
CA LYS F 1336 39.81 -77.16 4.96
C LYS F 1336 40.97 -76.43 4.29
N LEU F 1337 41.39 -76.94 3.14
CA LEU F 1337 42.48 -76.34 2.37
C LEU F 1337 41.90 -75.73 1.10
N MET F 1338 41.47 -74.47 1.20
CA MET F 1338 40.79 -73.82 0.10
C MET F 1338 41.80 -73.22 -0.87
N ILE F 1339 41.51 -73.35 -2.17
CA ILE F 1339 42.37 -72.86 -3.24
C ILE F 1339 41.70 -71.67 -3.90
N VAL F 1340 42.49 -70.62 -4.16
CA VAL F 1340 41.99 -69.30 -4.53
C VAL F 1340 42.80 -68.77 -5.71
N GLY F 1341 42.10 -68.21 -6.70
CA GLY F 1341 42.74 -67.66 -7.88
C GLY F 1341 41.69 -67.26 -8.89
N ASN F 1342 42.17 -66.79 -10.04
CA ASN F 1342 41.30 -66.17 -11.04
C ASN F 1342 41.46 -66.82 -12.41
N THR F 1343 40.32 -67.20 -13.00
CA THR F 1343 40.09 -67.48 -14.43
C THR F 1343 41.28 -68.18 -15.12
N GLY F 1344 41.61 -69.36 -14.60
CA GLY F 1344 42.55 -70.23 -15.29
C GLY F 1344 43.95 -70.13 -14.74
N SER F 1345 44.35 -71.11 -13.94
CA SER F 1345 45.68 -71.17 -13.34
C SER F 1345 45.85 -72.56 -12.76
N GLY F 1346 46.89 -72.75 -11.96
CA GLY F 1346 47.11 -74.03 -11.31
C GLY F 1346 46.15 -74.29 -10.15
N LYS F 1347 44.87 -74.47 -10.47
CA LYS F 1347 43.88 -74.82 -9.45
C LYS F 1347 43.56 -76.31 -9.48
N THR F 1348 43.06 -76.81 -10.60
CA THR F 1348 42.79 -78.23 -10.78
C THR F 1348 43.99 -79.00 -11.29
N THR F 1349 45.06 -78.31 -11.71
CA THR F 1349 46.29 -78.97 -12.08
C THR F 1349 47.24 -79.15 -10.90
N LEU F 1350 47.45 -78.08 -10.12
CA LEU F 1350 48.32 -78.15 -8.95
C LEU F 1350 47.82 -79.17 -7.95
N LEU F 1351 46.50 -79.23 -7.74
CA LEU F 1351 45.91 -80.14 -6.77
C LEU F 1351 46.18 -81.60 -7.12
N GLN F 1352 46.29 -81.93 -8.41
CA GLN F 1352 46.51 -83.31 -8.81
C GLN F 1352 47.86 -83.84 -8.32
N GLN F 1353 48.93 -83.08 -8.54
CA GLN F 1353 50.23 -83.51 -8.00
C GLN F 1353 50.34 -83.26 -6.50
N LEU F 1354 49.62 -82.27 -5.97
CA LEU F 1354 49.52 -82.11 -4.52
C LEU F 1354 48.88 -83.34 -3.89
N MET F 1355 47.82 -83.86 -4.52
CA MET F 1355 47.21 -85.11 -4.10
C MET F 1355 47.96 -86.33 -4.63
N LYS F 1356 48.96 -86.12 -5.50
CA LYS F 1356 49.71 -87.20 -6.14
C LYS F 1356 48.78 -88.16 -6.88
N THR F 1357 47.78 -87.60 -7.55
CA THR F 1357 46.88 -88.38 -8.40
C THR F 1357 47.62 -88.80 -9.67
N LYS F 1358 47.93 -90.09 -9.77
CA LYS F 1358 48.80 -90.58 -10.83
C LYS F 1358 48.09 -90.65 -12.19
N LYS F 1359 46.77 -90.88 -12.17
CA LYS F 1359 46.07 -91.21 -13.42
C LYS F 1359 46.02 -90.02 -14.37
N SER F 1360 45.36 -88.92 -13.94
CA SER F 1360 45.14 -87.73 -14.77
C SER F 1360 44.59 -88.10 -16.14
N ASP F 1361 43.50 -88.89 -16.14
CA ASP F 1361 42.97 -89.45 -17.38
C ASP F 1361 42.51 -88.37 -18.35
N LEU F 1362 41.85 -87.33 -17.84
CA LEU F 1362 41.37 -86.25 -18.70
C LEU F 1362 42.57 -85.46 -19.22
N GLY F 1363 42.90 -85.67 -20.50
CA GLY F 1363 44.04 -84.98 -21.07
C GLY F 1363 43.88 -83.48 -21.12
N MET F 1364 42.69 -83.01 -21.50
CA MET F 1364 42.36 -81.59 -21.56
C MET F 1364 41.10 -81.38 -20.74
N GLN F 1365 41.24 -80.85 -19.53
CA GLN F 1365 40.10 -80.58 -18.68
C GLN F 1365 39.61 -79.15 -18.86
N SER F 1366 38.36 -78.93 -18.47
CA SER F 1366 37.70 -77.65 -18.62
C SER F 1366 37.78 -76.85 -17.32
N ALA F 1367 37.39 -75.59 -17.41
CA ALA F 1367 37.36 -74.73 -16.23
C ALA F 1367 36.33 -75.25 -15.23
N THR F 1368 36.65 -75.08 -13.94
CA THR F 1368 35.82 -75.63 -12.88
C THR F 1368 34.46 -74.96 -12.85
N VAL F 1369 33.42 -75.78 -12.65
CA VAL F 1369 32.05 -75.31 -12.44
C VAL F 1369 31.64 -75.71 -11.04
N GLY F 1370 31.28 -74.73 -10.22
CA GLY F 1370 31.02 -74.98 -8.82
C GLY F 1370 32.23 -74.63 -7.97
N ILE F 1371 32.58 -75.49 -7.02
CA ILE F 1371 33.78 -75.27 -6.22
C ILE F 1371 34.58 -76.57 -6.19
N ASP F 1372 33.97 -77.67 -6.62
CA ASP F 1372 34.63 -78.97 -6.76
C ASP F 1372 35.24 -79.44 -5.43
N VAL F 1373 34.34 -79.73 -4.49
CA VAL F 1373 34.77 -80.27 -3.21
C VAL F 1373 35.46 -81.62 -3.40
N LYS F 1374 36.57 -81.81 -2.69
CA LYS F 1374 37.26 -83.09 -2.63
C LYS F 1374 37.96 -83.18 -1.28
N ASP F 1375 38.29 -84.40 -0.87
CA ASP F 1375 38.96 -84.62 0.40
C ASP F 1375 40.07 -85.65 0.26
N TRP F 1376 41.21 -85.38 0.89
CA TRP F 1376 42.37 -86.26 0.75
C TRP F 1376 43.16 -86.37 2.05
N PRO F 1377 43.32 -87.57 2.60
CA PRO F 1377 44.08 -87.74 3.85
C PRO F 1377 45.59 -87.67 3.60
N ILE F 1378 46.31 -87.28 4.65
CA ILE F 1378 47.77 -87.18 4.60
C ILE F 1378 48.31 -88.02 5.76
N GLN F 1379 48.67 -89.27 5.46
CA GLN F 1379 49.31 -90.14 6.44
C GLN F 1379 50.77 -89.72 6.56
N ILE F 1380 51.07 -88.88 7.53
CA ILE F 1380 52.41 -88.34 7.70
C ILE F 1380 53.35 -89.43 8.22
N ARG F 1381 54.43 -89.68 7.47
CA ARG F 1381 55.38 -90.75 7.79
C ARG F 1381 56.53 -90.20 8.64
N ASP F 1382 56.20 -89.88 9.89
CA ASP F 1382 57.17 -89.34 10.83
C ASP F 1382 56.86 -89.93 12.20
N LYS F 1383 57.54 -89.39 13.23
CA LYS F 1383 57.32 -89.88 14.59
C LYS F 1383 55.88 -89.63 15.03
N ARG F 1384 55.37 -88.43 14.78
CA ARG F 1384 53.97 -88.13 15.04
C ARG F 1384 53.09 -88.86 14.02
N LYS F 1385 51.97 -89.41 14.51
CA LYS F 1385 51.10 -90.24 13.68
C LYS F 1385 49.70 -89.64 13.53
N ARG F 1386 49.57 -88.32 13.61
CA ARG F 1386 48.27 -87.68 13.41
C ARG F 1386 47.91 -87.76 11.93
N ASP F 1387 47.11 -88.76 11.57
CA ASP F 1387 46.71 -88.99 10.18
C ASP F 1387 45.51 -88.09 9.85
N LEU F 1388 45.79 -86.80 9.76
CA LEU F 1388 44.74 -85.82 9.50
C LEU F 1388 44.22 -85.94 8.07
N VAL F 1389 42.89 -85.89 7.94
CA VAL F 1389 42.23 -85.85 6.65
C VAL F 1389 41.60 -84.48 6.47
N LEU F 1390 41.95 -83.80 5.39
CA LEU F 1390 41.49 -82.45 5.11
C LEU F 1390 40.88 -82.40 3.73
N ASN F 1391 39.92 -81.50 3.55
CA ASN F 1391 39.19 -81.39 2.29
C ASN F 1391 39.53 -80.08 1.59
N VAL F 1392 39.75 -80.18 0.28
CA VAL F 1392 40.09 -79.03 -0.55
C VAL F 1392 38.85 -78.56 -1.30
N TRP F 1393 38.61 -77.26 -1.30
CA TRP F 1393 37.53 -76.63 -2.07
C TRP F 1393 38.17 -75.64 -3.04
N ASP F 1394 38.61 -76.14 -4.19
CA ASP F 1394 39.24 -75.29 -5.21
C ASP F 1394 38.19 -74.47 -5.97
N PHE F 1395 38.00 -73.24 -5.52
CA PHE F 1395 36.94 -72.37 -6.04
C PHE F 1395 37.14 -72.11 -7.53
N ALA F 1396 36.02 -72.00 -8.25
CA ALA F 1396 36.07 -71.64 -9.66
C ALA F 1396 36.61 -70.23 -9.83
N GLY F 1397 37.42 -70.04 -10.87
CA GLY F 1397 38.07 -68.76 -11.08
C GLY F 1397 37.31 -67.77 -11.94
N ARG F 1398 36.35 -68.24 -12.71
CA ARG F 1398 35.61 -67.34 -13.60
C ARG F 1398 34.73 -66.39 -12.80
N GLU F 1399 34.65 -65.14 -13.27
CA GLU F 1399 33.97 -64.08 -12.53
C GLU F 1399 32.46 -64.26 -12.46
N GLU F 1400 31.88 -65.19 -13.23
CA GLU F 1400 30.44 -65.37 -13.22
C GLU F 1400 29.96 -66.21 -12.04
N PHE F 1401 30.84 -66.94 -11.38
CA PHE F 1401 30.50 -67.70 -10.18
C PHE F 1401 30.80 -66.95 -8.91
N TYR F 1402 31.29 -65.71 -9.01
CA TYR F 1402 31.77 -64.97 -7.84
C TYR F 1402 30.66 -64.59 -6.87
N SER F 1403 29.39 -64.67 -7.28
CA SER F 1403 28.30 -64.24 -6.42
C SER F 1403 28.04 -65.23 -5.28
N THR F 1404 28.37 -66.51 -5.48
CA THR F 1404 28.06 -67.54 -4.51
C THR F 1404 29.25 -68.01 -3.69
N HIS F 1405 30.47 -67.60 -4.04
CA HIS F 1405 31.65 -68.03 -3.30
C HIS F 1405 31.68 -67.63 -1.82
N PRO F 1406 31.34 -66.40 -1.40
CA PRO F 1406 31.49 -66.07 0.04
C PRO F 1406 30.64 -66.88 1.00
N HIS F 1407 29.68 -67.68 0.50
CA HIS F 1407 28.98 -68.62 1.37
C HIS F 1407 29.94 -69.63 1.98
N PHE F 1408 30.88 -70.13 1.17
CA PHE F 1408 31.74 -71.24 1.57
C PHE F 1408 33.13 -70.77 2.00
N MET F 1409 33.27 -69.50 2.35
CA MET F 1409 34.53 -68.97 2.88
C MET F 1409 34.45 -68.94 4.40
N THR F 1410 34.86 -70.04 5.03
CA THR F 1410 34.87 -70.13 6.48
C THR F 1410 36.20 -69.62 7.03
N GLN F 1411 36.22 -69.37 8.34
CA GLN F 1411 37.42 -68.88 9.00
C GLN F 1411 38.31 -69.99 9.54
N ARG F 1412 37.85 -71.24 9.52
CA ARG F 1412 38.66 -72.38 9.94
C ARG F 1412 39.15 -73.09 8.67
N ALA F 1413 40.22 -72.54 8.10
CA ALA F 1413 40.75 -73.07 6.85
C ALA F 1413 42.12 -72.45 6.58
N LEU F 1414 42.84 -73.08 5.65
CA LEU F 1414 44.10 -72.57 5.13
C LEU F 1414 43.92 -72.25 3.65
N TYR F 1415 44.26 -71.03 3.26
CA TYR F 1415 43.98 -70.53 1.92
C TYR F 1415 45.24 -70.56 1.07
N LEU F 1416 45.07 -70.98 -0.19
CA LEU F 1416 46.14 -70.95 -1.18
C LEU F 1416 45.93 -69.80 -2.15
N ALA F 1417 46.94 -69.53 -2.96
CA ALA F 1417 46.83 -68.56 -4.05
C ALA F 1417 47.75 -68.97 -5.19
N VAL F 1418 47.37 -68.61 -6.41
CA VAL F 1418 48.08 -69.04 -7.61
C VAL F 1418 48.43 -67.85 -8.50
N TYR F 1419 49.73 -67.71 -8.81
CA TYR F 1419 50.21 -66.53 -9.52
C TYR F 1419 49.81 -66.54 -10.99
N ASP F 1420 49.98 -67.68 -11.67
CA ASP F 1420 50.08 -67.76 -13.14
C ASP F 1420 51.26 -66.88 -13.61
N LEU F 1421 52.45 -67.32 -13.19
CA LEU F 1421 53.69 -66.58 -13.41
C LEU F 1421 54.02 -66.35 -14.88
N SER F 1422 53.26 -66.94 -15.81
CA SER F 1422 53.45 -66.64 -17.24
C SER F 1422 53.27 -65.15 -17.50
N LYS F 1423 52.22 -64.56 -16.95
CA LYS F 1423 51.98 -63.13 -17.01
C LYS F 1423 52.47 -62.44 -15.74
N GLY F 1424 53.79 -62.50 -15.54
CA GLY F 1424 54.37 -61.95 -14.34
C GLY F 1424 54.23 -60.44 -14.27
N GLN F 1425 54.24 -59.92 -13.04
CA GLN F 1425 54.12 -58.50 -12.67
C GLN F 1425 52.74 -57.93 -12.96
N ALA F 1426 51.82 -58.71 -13.54
CA ALA F 1426 50.47 -58.27 -13.85
C ALA F 1426 49.42 -59.04 -13.08
N GLU F 1427 49.49 -60.37 -13.07
CA GLU F 1427 48.51 -61.18 -12.35
C GLU F 1427 48.66 -61.05 -10.84
N VAL F 1428 49.84 -60.63 -10.36
CA VAL F 1428 50.01 -60.37 -8.93
C VAL F 1428 49.08 -59.24 -8.48
N ASP F 1429 48.92 -58.23 -9.33
CA ASP F 1429 47.92 -57.20 -9.06
C ASP F 1429 46.51 -57.77 -9.12
N ALA F 1430 46.27 -58.71 -10.03
CA ALA F 1430 44.96 -59.37 -10.13
C ALA F 1430 44.62 -60.20 -8.91
N MET F 1431 45.62 -60.63 -8.15
CA MET F 1431 45.36 -61.35 -6.90
C MET F 1431 44.65 -60.49 -5.86
N LYS F 1432 44.90 -59.18 -5.89
CA LYS F 1432 44.48 -58.31 -4.78
C LYS F 1432 43.00 -58.38 -4.44
N PRO F 1433 42.04 -58.41 -5.39
CA PRO F 1433 40.64 -58.62 -4.98
C PRO F 1433 40.41 -59.92 -4.22
N TRP F 1434 41.06 -61.00 -4.65
CA TRP F 1434 40.88 -62.29 -3.96
C TRP F 1434 41.42 -62.26 -2.54
N LEU F 1435 42.63 -61.70 -2.37
CA LEU F 1435 43.21 -61.60 -1.03
C LEU F 1435 42.37 -60.68 -0.14
N PHE F 1436 41.84 -59.59 -0.72
CA PHE F 1436 40.99 -58.69 0.04
C PHE F 1436 39.72 -59.39 0.48
N ASN F 1437 39.12 -60.20 -0.40
CA ASN F 1437 37.93 -60.96 -0.03
C ASN F 1437 38.26 -61.98 1.06
N ILE F 1438 39.41 -62.63 0.97
CA ILE F 1438 39.84 -63.57 2.01
C ILE F 1438 39.96 -62.86 3.35
N LYS F 1439 40.56 -61.66 3.34
CA LYS F 1439 40.68 -60.86 4.56
C LYS F 1439 39.31 -60.49 5.10
N ALA F 1440 38.39 -60.09 4.22
CA ALA F 1440 37.06 -59.68 4.65
C ALA F 1440 36.30 -60.85 5.28
N ARG F 1441 36.37 -62.03 4.67
CA ARG F 1441 35.62 -63.17 5.18
C ARG F 1441 36.33 -63.85 6.33
N ALA F 1442 37.54 -64.36 6.08
CA ALA F 1442 38.33 -65.06 7.08
C ALA F 1442 39.54 -64.19 7.44
N SER F 1443 39.37 -63.31 8.43
CA SER F 1443 40.38 -62.32 8.74
C SER F 1443 41.58 -62.88 9.49
N SER F 1444 41.46 -64.07 10.08
CA SER F 1444 42.50 -64.64 10.93
C SER F 1444 43.00 -65.98 10.41
N SER F 1445 43.11 -66.12 9.08
CA SER F 1445 43.63 -67.37 8.55
C SER F 1445 44.83 -67.10 7.63
N PRO F 1446 45.85 -67.94 7.71
CA PRO F 1446 47.04 -67.72 6.86
C PRO F 1446 46.74 -67.98 5.40
N VAL F 1447 47.48 -67.30 4.54
CA VAL F 1447 47.37 -67.46 3.10
C VAL F 1447 48.74 -67.80 2.54
N ILE F 1448 48.78 -68.77 1.64
CA ILE F 1448 50.02 -69.24 1.03
C ILE F 1448 49.92 -69.00 -0.46
N LEU F 1449 50.86 -68.24 -0.99
CA LEU F 1449 50.86 -67.88 -2.41
C LEU F 1449 51.79 -68.82 -3.16
N VAL F 1450 51.39 -69.20 -4.37
CA VAL F 1450 52.04 -70.28 -5.10
C VAL F 1450 52.15 -69.90 -6.57
N GLY F 1451 53.36 -69.72 -7.07
CA GLY F 1451 53.53 -69.59 -8.51
C GLY F 1451 53.30 -70.92 -9.19
N THR F 1452 52.56 -70.90 -10.29
CA THR F 1452 52.17 -72.11 -10.99
C THR F 1452 52.72 -72.18 -12.41
N HIS F 1453 53.87 -71.57 -12.67
CA HIS F 1453 54.51 -71.65 -13.99
C HIS F 1453 56.01 -71.45 -13.86
N LEU F 1454 56.78 -72.42 -14.34
CA LEU F 1454 58.22 -72.28 -14.47
C LEU F 1454 58.68 -72.58 -15.89
N ASP F 1455 57.98 -73.50 -16.56
CA ASP F 1455 58.33 -73.84 -17.94
C ASP F 1455 58.22 -72.66 -18.89
N VAL F 1456 57.40 -71.67 -18.56
CA VAL F 1456 57.27 -70.43 -19.34
C VAL F 1456 57.78 -69.28 -18.49
N SER F 1457 58.67 -68.47 -19.07
CA SER F 1457 59.26 -67.30 -18.43
C SER F 1457 59.96 -67.64 -17.12
N LYS F 1463 60.93 -63.18 -15.77
CA LYS F 1463 59.67 -62.71 -15.22
C LYS F 1463 59.54 -63.09 -13.75
N ALA F 1464 60.66 -63.47 -13.13
CA ALA F 1464 60.70 -63.85 -11.73
C ALA F 1464 60.82 -62.65 -10.80
N CYS F 1465 60.55 -61.45 -11.27
CA CYS F 1465 60.58 -60.24 -10.45
C CYS F 1465 59.29 -60.02 -9.67
N MET F 1466 58.29 -60.89 -9.83
CA MET F 1466 57.04 -60.76 -9.09
C MET F 1466 57.26 -60.76 -7.59
N SER F 1467 58.23 -61.53 -7.10
CA SER F 1467 58.51 -61.56 -5.67
C SER F 1467 58.88 -60.18 -5.11
N LYS F 1468 59.37 -59.27 -5.96
CA LYS F 1468 59.61 -57.91 -5.50
C LYS F 1468 58.30 -57.25 -5.10
N ILE F 1469 57.30 -57.26 -6.00
CA ILE F 1469 56.07 -56.55 -5.68
C ILE F 1469 55.35 -57.25 -4.54
N THR F 1470 55.43 -58.59 -4.47
CA THR F 1470 54.84 -59.30 -3.34
C THR F 1470 55.51 -58.91 -2.02
N LYS F 1471 56.79 -58.55 -2.05
CA LYS F 1471 57.47 -58.07 -0.86
C LYS F 1471 57.32 -56.57 -0.63
N GLU F 1472 56.81 -55.82 -1.62
CA GLU F 1472 56.73 -54.37 -1.55
C GLU F 1472 55.39 -53.86 -1.07
N LEU F 1473 54.30 -54.18 -1.78
CA LEU F 1473 52.99 -53.64 -1.48
C LEU F 1473 51.96 -54.68 -1.09
N LEU F 1474 52.19 -55.96 -1.36
CA LEU F 1474 51.23 -57.02 -1.10
C LEU F 1474 51.57 -57.79 0.17
N ASN F 1475 52.63 -57.39 0.87
CA ASN F 1475 53.09 -58.16 2.03
C ASN F 1475 52.23 -57.87 3.26
N LYS F 1476 52.20 -56.62 3.72
CA LYS F 1476 51.57 -56.27 4.99
C LYS F 1476 50.83 -54.94 4.88
N ARG F 1477 50.07 -54.77 3.81
CA ARG F 1477 49.33 -53.52 3.57
C ARG F 1477 47.84 -53.86 3.41
N GLY F 1478 47.15 -53.99 4.54
CA GLY F 1478 45.72 -54.26 4.54
C GLY F 1478 45.32 -55.68 4.17
N PHE F 1479 46.21 -56.38 3.47
CA PHE F 1479 45.98 -57.73 3.01
C PHE F 1479 46.14 -58.72 4.16
N PRO F 1480 45.59 -59.94 4.04
CA PRO F 1480 45.69 -60.91 5.13
C PRO F 1480 47.12 -61.33 5.39
N ALA F 1481 47.29 -62.10 6.46
CA ALA F 1481 48.61 -62.50 6.92
C ALA F 1481 49.25 -63.53 6.00
N ILE F 1482 50.04 -63.06 5.02
CA ILE F 1482 50.80 -63.97 4.18
C ILE F 1482 51.83 -64.71 5.04
N ARG F 1483 51.97 -66.01 4.78
CA ARG F 1483 52.92 -66.82 5.53
C ARG F 1483 54.12 -67.27 4.70
N ASP F 1484 53.88 -67.92 3.55
CA ASP F 1484 54.96 -68.38 2.69
C ASP F 1484 54.55 -68.25 1.23
N TYR F 1485 55.54 -68.16 0.35
CA TYR F 1485 55.33 -68.04 -1.08
C TYR F 1485 56.21 -69.03 -1.83
N HIS F 1486 55.65 -69.68 -2.85
CA HIS F 1486 56.33 -70.73 -3.60
C HIS F 1486 56.16 -70.50 -5.10
N PHE F 1487 56.98 -71.20 -5.88
CA PHE F 1487 57.08 -71.03 -7.33
C PHE F 1487 57.12 -72.38 -8.04
N VAL F 1488 56.20 -73.28 -7.70
CA VAL F 1488 56.21 -74.62 -8.27
C VAL F 1488 55.94 -74.57 -9.79
N ASN F 1489 56.55 -75.53 -10.52
CA ASN F 1489 56.26 -75.66 -11.95
C ASN F 1489 54.83 -76.10 -12.20
N ALA F 1490 54.28 -76.87 -11.26
CA ALA F 1490 52.87 -77.34 -11.32
C ALA F 1490 52.70 -78.52 -12.27
N THR F 1491 53.34 -78.52 -13.43
CA THR F 1491 53.06 -79.62 -14.40
C THR F 1491 53.50 -80.97 -13.83
N GLU F 1492 54.64 -81.06 -13.13
CA GLU F 1492 55.15 -82.39 -12.69
C GLU F 1492 55.66 -82.34 -11.24
N GLU F 1493 55.89 -83.51 -10.63
CA GLU F 1493 56.43 -83.52 -9.27
C GLU F 1493 57.88 -83.04 -9.31
N SER F 1494 58.24 -82.21 -8.32
CA SER F 1494 59.58 -81.66 -8.23
C SER F 1494 59.88 -81.32 -6.78
N ASP F 1495 61.12 -80.88 -6.54
CA ASP F 1495 61.54 -80.51 -5.18
C ASP F 1495 60.74 -79.32 -4.67
N ALA F 1496 60.42 -78.37 -5.55
CA ALA F 1496 59.63 -77.21 -5.15
C ALA F 1496 58.24 -77.64 -4.70
N LEU F 1497 57.63 -78.59 -5.40
CA LEU F 1497 56.31 -79.07 -5.01
C LEU F 1497 56.36 -79.80 -3.68
N ALA F 1498 57.42 -80.58 -3.44
CA ALA F 1498 57.59 -81.23 -2.15
C ALA F 1498 57.75 -80.21 -1.03
N LYS F 1499 58.53 -79.15 -1.27
CA LYS F 1499 58.66 -78.09 -0.28
C LYS F 1499 57.34 -77.41 -0.02
N LEU F 1500 56.53 -77.21 -1.07
CA LEU F 1500 55.20 -76.63 -0.90
C LEU F 1500 54.32 -77.55 -0.05
N ARG F 1501 54.37 -78.85 -0.30
CA ARG F 1501 53.58 -79.79 0.48
C ARG F 1501 53.99 -79.79 1.95
N LYS F 1502 55.31 -79.77 2.22
CA LYS F 1502 55.78 -79.66 3.60
C LYS F 1502 55.35 -78.35 4.24
N THR F 1503 55.37 -77.25 3.47
CA THR F 1503 54.93 -75.97 4.00
C THR F 1503 53.44 -76.02 4.37
N ILE F 1504 52.64 -76.66 3.51
CA ILE F 1504 51.22 -76.84 3.80
C ILE F 1504 51.04 -77.65 5.08
N ILE F 1505 51.84 -78.71 5.23
CA ILE F 1505 51.76 -79.54 6.44
C ILE F 1505 52.08 -78.71 7.68
N ASN F 1506 53.18 -77.94 7.63
CA ASN F 1506 53.60 -77.16 8.78
C ASN F 1506 52.56 -76.10 9.13
N GLU F 1507 51.99 -75.44 8.13
CA GLU F 1507 51.02 -74.39 8.42
C GLU F 1507 49.68 -74.97 8.86
N SER F 1508 49.34 -76.19 8.43
CA SER F 1508 48.11 -76.81 8.90
C SER F 1508 48.26 -77.28 10.35
N LEU F 1509 49.41 -77.86 10.68
CA LEU F 1509 49.63 -78.36 12.03
C LEU F 1509 49.93 -77.24 13.03
N ASN F 1510 50.16 -76.02 12.56
CA ASN F 1510 50.42 -74.87 13.40
C ASN F 1510 49.43 -73.75 13.12
N PHE F 1511 48.15 -74.10 12.95
CA PHE F 1511 47.11 -73.12 12.67
C PHE F 1511 46.99 -72.15 13.82
N LYS F 1512 46.55 -72.65 14.97
CA LYS F 1512 46.61 -72.00 16.28
C LYS F 1512 46.03 -70.58 16.24
N ILE F 1513 44.73 -70.52 15.98
CA ILE F 1513 44.01 -69.25 16.08
C ILE F 1513 43.76 -68.97 17.56
N ARG F 1514 44.08 -67.74 17.99
CA ARG F 1514 44.00 -67.26 19.37
C ARG F 1514 44.46 -68.31 20.39
N ASP F 1515 45.57 -68.98 20.07
CA ASP F 1515 46.21 -69.99 20.93
C ASP F 1515 45.23 -71.12 21.28
N GLN F 1516 44.81 -71.84 20.25
CA GLN F 1516 43.88 -72.94 20.44
C GLN F 1516 44.35 -74.24 19.79
N LEU F 1517 45.15 -74.13 18.72
CA LEU F 1517 45.69 -75.28 17.99
C LEU F 1517 44.53 -76.14 17.47
N VAL F 1518 43.82 -75.58 16.49
CA VAL F 1518 42.58 -76.17 15.98
C VAL F 1518 42.82 -77.57 15.46
N VAL F 1519 43.94 -77.78 14.75
CA VAL F 1519 44.21 -79.03 14.05
C VAL F 1519 44.25 -80.23 15.00
N GLY F 1520 44.51 -79.98 16.29
CA GLY F 1520 44.60 -81.05 17.25
C GLY F 1520 43.75 -80.79 18.48
N GLN F 1521 42.58 -80.19 18.31
CA GLN F 1521 41.71 -79.91 19.45
C GLN F 1521 41.01 -81.20 19.90
N LEU F 1522 40.31 -81.10 21.02
CA LEU F 1522 39.64 -82.25 21.62
C LEU F 1522 38.13 -82.07 21.54
N ILE F 1523 37.44 -83.09 21.03
CA ILE F 1523 35.98 -83.06 20.93
C ILE F 1523 35.44 -84.38 21.48
N PRO F 1524 34.16 -84.40 21.89
CA PRO F 1524 33.56 -85.66 22.31
C PRO F 1524 33.53 -86.69 21.18
N ASP F 1525 33.65 -87.97 21.56
CA ASP F 1525 33.70 -89.06 20.59
C ASP F 1525 32.38 -89.22 19.83
N CYS F 1526 31.28 -88.71 20.40
CA CYS F 1526 29.99 -88.80 19.71
C CYS F 1526 30.02 -88.06 18.38
N TYR F 1527 30.69 -86.90 18.34
CA TYR F 1527 30.80 -86.14 17.10
C TYR F 1527 31.57 -86.93 16.04
N VAL F 1528 32.66 -87.58 16.46
CA VAL F 1528 33.46 -88.36 15.52
C VAL F 1528 32.65 -89.55 14.99
N GLU F 1529 31.91 -90.22 15.86
CA GLU F 1529 31.10 -91.35 15.43
C GLU F 1529 30.00 -90.90 14.47
N LEU F 1530 29.37 -89.75 14.75
CA LEU F 1530 28.37 -89.20 13.84
C LEU F 1530 28.98 -88.86 12.49
N GLU F 1531 30.20 -88.29 12.50
CA GLU F 1531 30.89 -87.99 11.25
C GLU F 1531 31.16 -89.27 10.46
N LYS F 1532 31.60 -90.33 11.15
CA LYS F 1532 31.87 -91.60 10.49
C LYS F 1532 30.61 -92.16 9.84
N ILE F 1533 29.49 -92.18 10.58
CA ILE F 1533 28.28 -92.76 10.01
C ILE F 1533 27.75 -91.89 8.87
N ILE F 1534 27.91 -90.56 8.97
CA ILE F 1534 27.43 -89.69 7.90
C ILE F 1534 28.25 -89.92 6.63
N LEU F 1535 29.58 -89.94 6.75
CA LEU F 1535 30.40 -90.14 5.57
C LEU F 1535 30.27 -91.55 5.02
N SER F 1536 29.89 -92.52 5.85
CA SER F 1536 29.60 -93.87 5.35
C SER F 1536 28.28 -93.91 4.60
N GLU F 1537 27.25 -93.25 5.13
CA GLU F 1537 25.96 -93.19 4.48
C GLU F 1537 25.97 -92.31 3.24
N ARG F 1538 27.00 -91.47 3.07
CA ARG F 1538 27.10 -90.62 1.89
C ARG F 1538 27.05 -91.41 0.59
N LYS F 1539 27.52 -92.66 0.60
CA LYS F 1539 27.57 -93.48 -0.60
C LYS F 1539 26.30 -94.27 -0.84
N ASN F 1540 25.29 -94.14 0.03
CA ASN F 1540 24.05 -94.89 -0.06
C ASN F 1540 22.85 -93.95 -0.22
N VAL F 1541 23.00 -92.93 -1.06
CA VAL F 1541 21.94 -91.97 -1.32
C VAL F 1541 21.76 -91.84 -2.83
N PRO F 1542 20.57 -91.49 -3.33
CA PRO F 1542 20.40 -91.29 -4.77
C PRO F 1542 21.31 -90.19 -5.30
N ILE F 1543 21.88 -90.42 -6.49
CA ILE F 1543 22.78 -89.45 -7.10
C ILE F 1543 22.04 -88.17 -7.46
N GLU F 1544 20.83 -88.31 -8.03
CA GLU F 1544 20.06 -87.15 -8.46
C GLU F 1544 19.57 -86.29 -7.31
N PHE F 1545 19.57 -86.81 -6.09
CA PHE F 1545 19.04 -86.07 -4.95
C PHE F 1545 19.60 -86.60 -3.63
N PRO F 1546 20.84 -86.23 -3.28
CA PRO F 1546 21.40 -86.66 -1.97
C PRO F 1546 20.82 -85.91 -0.78
N VAL F 1547 19.84 -85.04 -0.97
CA VAL F 1547 19.24 -84.32 0.15
C VAL F 1547 18.55 -85.30 1.09
N ILE F 1548 18.74 -85.10 2.39
CA ILE F 1548 18.24 -86.02 3.42
C ILE F 1548 17.41 -85.24 4.43
N ASP F 1549 16.22 -85.76 4.74
CA ASP F 1549 15.35 -85.16 5.73
C ASP F 1549 15.84 -85.47 7.14
N ARG F 1550 15.40 -84.63 8.10
CA ARG F 1550 15.76 -84.84 9.50
C ARG F 1550 15.23 -86.18 10.03
N LYS F 1551 14.13 -86.67 9.46
CA LYS F 1551 13.60 -87.97 9.86
C LYS F 1551 14.59 -89.09 9.58
N ARG F 1552 15.25 -89.03 8.42
CA ARG F 1552 16.26 -90.04 8.09
C ARG F 1552 17.45 -89.96 9.03
N LEU F 1553 17.85 -88.75 9.41
CA LEU F 1553 18.95 -88.59 10.37
C LEU F 1553 18.57 -89.17 11.73
N LEU F 1554 17.35 -88.92 12.19
CA LEU F 1554 16.89 -89.52 13.44
C LEU F 1554 16.77 -91.03 13.33
N GLN F 1555 16.53 -91.53 12.12
CA GLN F 1555 16.57 -92.97 11.92
C GLN F 1555 17.99 -93.49 12.06
N LEU F 1556 18.95 -92.85 11.40
CA LEU F 1556 20.33 -93.33 11.48
C LEU F 1556 20.88 -93.24 12.90
N VAL F 1557 20.53 -92.18 13.64
CA VAL F 1557 20.97 -92.09 15.03
C VAL F 1557 20.35 -93.21 15.85
N ARG F 1558 19.14 -93.66 15.47
CA ARG F 1558 18.56 -94.79 16.20
C ARG F 1558 19.19 -96.12 15.81
N GLU F 1559 19.53 -96.32 14.53
CA GLU F 1559 20.15 -97.57 14.09
C GLU F 1559 21.49 -97.82 14.77
N ASN F 1560 22.32 -96.80 14.90
CA ASN F 1560 23.57 -96.93 15.63
C ASN F 1560 23.33 -96.75 17.12
N GLN F 1561 24.41 -96.63 17.88
CA GLN F 1561 24.35 -96.51 19.34
C GLN F 1561 24.88 -95.17 19.81
N LEU F 1562 24.51 -94.10 19.12
CA LEU F 1562 24.93 -92.77 19.53
C LEU F 1562 24.18 -92.33 20.77
N GLN F 1563 24.81 -91.47 21.55
CA GLN F 1563 24.24 -90.96 22.79
C GLN F 1563 23.71 -89.53 22.65
N LEU F 1564 23.26 -89.17 21.44
CA LEU F 1564 22.73 -87.84 21.19
C LEU F 1564 21.23 -87.82 21.42
N ASP F 1565 20.73 -86.64 21.79
CA ASP F 1565 19.31 -86.39 21.97
C ASP F 1565 18.90 -85.21 21.08
N GLU F 1566 17.66 -84.75 21.27
CA GLU F 1566 17.17 -83.59 20.52
C GLU F 1566 17.97 -82.33 20.84
N ASN F 1567 18.61 -82.27 22.00
CA ASN F 1567 19.37 -81.10 22.42
C ASN F 1567 20.83 -81.14 21.96
N GLU F 1568 21.28 -82.26 21.39
CA GLU F 1568 22.67 -82.40 20.95
C GLU F 1568 22.83 -82.21 19.45
N LEU F 1569 21.82 -82.57 18.67
CA LEU F 1569 21.89 -82.39 17.21
C LEU F 1569 22.13 -80.95 16.76
N PRO F 1570 21.46 -79.91 17.29
CA PRO F 1570 21.71 -78.55 16.77
C PRO F 1570 23.16 -78.08 16.90
N HIS F 1571 23.91 -78.61 17.86
CA HIS F 1571 25.33 -78.28 17.94
C HIS F 1571 26.18 -79.28 17.17
N ALA F 1572 25.80 -80.55 17.16
CA ALA F 1572 26.59 -81.57 16.47
C ALA F 1572 26.62 -81.32 14.97
N VAL F 1573 25.46 -81.09 14.37
CA VAL F 1573 25.42 -80.86 12.92
C VAL F 1573 26.09 -79.54 12.57
N HIS F 1574 26.02 -78.54 13.46
CA HIS F 1574 26.71 -77.29 13.22
C HIS F 1574 28.22 -77.47 13.23
N PHE F 1575 28.73 -78.26 14.18
CA PHE F 1575 30.16 -78.56 14.23
C PHE F 1575 30.60 -79.33 13.00
N LEU F 1576 29.79 -80.30 12.57
CA LEU F 1576 30.10 -81.05 11.35
C LEU F 1576 30.10 -80.13 10.12
N ASN F 1577 29.15 -79.21 10.06
CA ASN F 1577 29.10 -78.24 8.96
C ASN F 1577 30.33 -77.36 8.95
N GLU F 1578 30.78 -76.93 10.14
CA GLU F 1578 32.02 -76.16 10.24
C GLU F 1578 33.22 -76.97 9.76
N SER F 1579 33.15 -78.30 9.84
CA SER F 1579 34.18 -79.16 9.29
C SER F 1579 33.92 -79.55 7.84
N GLY F 1580 32.78 -79.14 7.28
CA GLY F 1580 32.52 -79.36 5.87
C GLY F 1580 32.08 -80.76 5.49
N VAL F 1581 31.68 -81.59 6.47
CA VAL F 1581 31.21 -82.93 6.14
C VAL F 1581 29.85 -82.87 5.45
N LEU F 1582 28.93 -82.08 5.98
CA LEU F 1582 27.65 -81.83 5.34
C LEU F 1582 27.22 -80.39 5.58
N LEU F 1583 26.65 -79.77 4.55
CA LEU F 1583 26.14 -78.41 4.66
C LEU F 1583 24.72 -78.43 5.20
N HIS F 1584 24.51 -77.76 6.34
CA HIS F 1584 23.19 -77.53 6.90
C HIS F 1584 23.05 -76.06 7.23
N PHE F 1585 21.85 -75.53 7.06
CA PHE F 1585 21.60 -74.11 7.22
C PHE F 1585 20.59 -73.89 8.34
N GLN F 1586 20.92 -72.98 9.26
CA GLN F 1586 20.14 -72.77 10.47
C GLN F 1586 19.37 -71.46 10.46
N ASP F 1587 19.32 -70.78 9.31
CA ASP F 1587 18.58 -69.53 9.21
C ASP F 1587 17.08 -69.80 9.20
N PRO F 1588 16.31 -69.30 10.17
CA PRO F 1588 14.86 -69.56 10.17
C PRO F 1588 14.12 -68.92 9.02
N ALA F 1589 14.59 -67.76 8.54
CA ALA F 1589 13.92 -67.07 7.45
C ALA F 1589 13.91 -67.91 6.18
N LEU F 1590 15.04 -68.54 5.86
CA LEU F 1590 15.13 -69.45 4.73
C LEU F 1590 14.64 -70.83 5.17
N GLN F 1591 13.43 -71.19 4.74
CA GLN F 1591 12.74 -72.38 5.25
C GLN F 1591 13.26 -73.64 4.54
N LEU F 1592 14.49 -74.02 4.92
CA LEU F 1592 15.04 -75.30 4.45
C LEU F 1592 15.83 -76.01 5.54
N SER F 1593 15.71 -75.60 6.81
CA SER F 1593 16.48 -76.18 7.89
C SER F 1593 16.15 -77.66 8.12
N ASP F 1594 15.02 -78.14 7.62
CA ASP F 1594 14.69 -79.55 7.73
C ASP F 1594 15.64 -80.40 6.89
N LEU F 1595 16.05 -79.88 5.73
CA LEU F 1595 16.88 -80.65 4.81
C LEU F 1595 18.34 -80.65 5.26
N TYR F 1596 19.03 -81.74 4.93
CA TYR F 1596 20.46 -81.89 5.18
C TYR F 1596 21.14 -82.23 3.86
N PHE F 1597 22.20 -81.49 3.51
CA PHE F 1597 22.86 -81.66 2.23
C PHE F 1597 24.18 -82.42 2.42
N VAL F 1598 24.06 -83.75 2.46
CA VAL F 1598 25.24 -84.60 2.40
C VAL F 1598 25.83 -84.55 0.98
N GLU F 1599 27.12 -84.87 0.87
CA GLU F 1599 27.89 -84.80 -0.38
C GLU F 1599 27.86 -83.37 -0.91
N PRO F 1600 28.62 -82.45 -0.29
CA PRO F 1600 28.50 -81.02 -0.65
C PRO F 1600 28.79 -80.71 -2.11
N LYS F 1601 29.64 -81.51 -2.76
CA LYS F 1601 30.00 -81.24 -4.15
C LYS F 1601 28.79 -81.23 -5.07
N TRP F 1602 27.80 -82.09 -4.78
CA TRP F 1602 26.59 -82.11 -5.59
C TRP F 1602 25.82 -80.79 -5.47
N LEU F 1603 25.62 -80.31 -4.24
CA LEU F 1603 24.91 -79.06 -4.04
C LEU F 1603 25.65 -77.90 -4.67
N CYS F 1604 26.98 -77.86 -4.50
CA CYS F 1604 27.76 -76.78 -5.07
C CYS F 1604 27.73 -76.78 -6.59
N LYS F 1605 27.75 -77.97 -7.20
CA LYS F 1605 27.67 -78.07 -8.65
C LYS F 1605 26.29 -77.66 -9.15
N ILE F 1606 25.23 -78.03 -8.42
CA ILE F 1606 23.87 -77.64 -8.84
C ILE F 1606 23.69 -76.13 -8.72
N MET F 1607 24.30 -75.52 -7.69
CA MET F 1607 24.22 -74.07 -7.53
C MET F 1607 24.80 -73.33 -8.74
N ALA F 1608 25.78 -73.90 -9.41
CA ALA F 1608 26.45 -73.24 -10.52
C ALA F 1608 25.90 -73.66 -11.88
N GLN F 1609 24.82 -74.45 -11.91
CA GLN F 1609 24.24 -74.84 -13.19
C GLN F 1609 23.48 -73.69 -13.84
N ILE F 1610 22.71 -72.95 -13.04
CA ILE F 1610 21.91 -71.85 -13.58
C ILE F 1610 22.80 -70.75 -14.12
N LEU F 1611 23.97 -70.52 -13.50
CA LEU F 1611 24.86 -69.45 -13.92
C LEU F 1611 25.55 -69.73 -15.24
N THR F 1612 25.44 -70.95 -15.78
CA THR F 1612 26.10 -71.31 -17.03
C THR F 1612 25.16 -71.48 -18.20
N VAL F 1613 23.85 -71.48 -17.98
CA VAL F 1613 22.91 -71.63 -19.08
C VAL F 1613 22.65 -70.25 -19.69
N LYS F 1614 22.50 -70.22 -21.01
CA LYS F 1614 22.28 -69.00 -21.75
C LYS F 1614 21.29 -69.25 -22.88
N VAL F 1615 20.97 -68.20 -23.61
CA VAL F 1615 20.14 -68.29 -24.80
C VAL F 1615 20.61 -67.27 -25.84
N GLU F 1616 21.16 -67.76 -26.93
CA GLU F 1616 21.61 -66.90 -28.04
C GLU F 1616 20.55 -66.76 -29.11
N GLY F 1617 19.35 -66.34 -28.73
CA GLY F 1617 18.28 -66.17 -29.69
C GLY F 1617 17.84 -64.73 -29.84
N CYS F 1618 16.58 -64.45 -29.46
CA CYS F 1618 16.04 -63.11 -29.51
C CYS F 1618 16.15 -62.46 -28.14
N PRO F 1619 16.88 -61.35 -28.01
CA PRO F 1619 16.96 -60.68 -26.69
C PRO F 1619 15.69 -59.94 -26.31
N LYS F 1620 14.55 -60.66 -26.26
CA LYS F 1620 13.29 -60.03 -25.89
C LYS F 1620 13.31 -59.54 -24.45
N HIS F 1621 14.11 -60.17 -23.60
CA HIS F 1621 14.30 -59.76 -22.23
C HIS F 1621 15.66 -59.09 -22.04
N PRO F 1622 15.73 -58.05 -21.21
CA PRO F 1622 17.02 -57.39 -20.97
C PRO F 1622 18.02 -58.34 -20.31
N LYS F 1623 19.30 -58.09 -20.58
CA LYS F 1623 20.37 -58.96 -20.10
C LYS F 1623 20.41 -59.01 -18.58
N GLY F 1624 20.07 -60.18 -18.01
CA GLY F 1624 20.11 -60.36 -16.58
C GLY F 1624 18.81 -60.92 -16.02
N ILE F 1625 17.68 -60.52 -16.60
CA ILE F 1625 16.37 -61.00 -16.15
C ILE F 1625 16.09 -62.33 -16.81
N ILE F 1626 15.38 -63.20 -16.08
CA ILE F 1626 14.99 -64.51 -16.58
C ILE F 1626 13.78 -64.98 -15.79
N SER F 1627 12.92 -65.75 -16.43
CA SER F 1627 11.72 -66.29 -15.81
C SER F 1627 11.81 -67.81 -15.76
N ARG F 1628 10.73 -68.45 -15.33
CA ARG F 1628 10.70 -69.89 -15.11
C ARG F 1628 10.73 -70.61 -16.45
N ARG F 1629 11.91 -71.09 -16.83
CA ARG F 1629 12.08 -71.85 -18.07
C ARG F 1629 12.97 -73.04 -17.80
N ASP F 1630 12.67 -74.16 -18.47
CA ASP F 1630 13.38 -75.41 -18.26
C ASP F 1630 14.85 -75.31 -18.66
N PRO F 1642 14.12 -83.36 -11.89
CA PRO F 1642 12.99 -83.35 -12.82
C PRO F 1642 11.69 -83.77 -12.16
N LYS F 1643 11.72 -84.85 -11.36
CA LYS F 1643 10.54 -85.35 -10.67
C LYS F 1643 10.29 -84.47 -9.46
N ASN F 1644 9.51 -83.40 -9.69
CA ASN F 1644 9.14 -82.37 -8.73
C ASN F 1644 10.36 -81.57 -8.23
N TYR F 1645 11.55 -81.87 -8.75
CA TYR F 1645 12.76 -81.16 -8.36
C TYR F 1645 12.80 -79.74 -8.91
N MET F 1646 11.99 -79.45 -9.94
CA MET F 1646 12.02 -78.15 -10.58
C MET F 1646 11.63 -77.03 -9.62
N THR F 1647 10.59 -77.26 -8.81
CA THR F 1647 10.19 -76.27 -7.82
C THR F 1647 11.28 -76.08 -6.77
N GLN F 1648 11.85 -77.18 -6.28
CA GLN F 1648 12.88 -77.10 -5.25
C GLN F 1648 14.10 -76.35 -5.74
N TYR F 1649 14.42 -76.47 -7.04
CA TYR F 1649 15.59 -75.78 -7.60
C TYR F 1649 15.49 -74.27 -7.39
N PHE F 1650 14.48 -73.62 -7.99
CA PHE F 1650 14.42 -72.18 -7.82
C PHE F 1650 13.98 -71.76 -6.43
N LYS F 1651 13.36 -72.65 -5.65
CA LYS F 1651 13.16 -72.34 -4.23
C LYS F 1651 14.50 -72.21 -3.51
N LEU F 1652 15.44 -73.11 -3.80
CA LEU F 1652 16.77 -73.01 -3.23
C LEU F 1652 17.52 -71.78 -3.75
N LEU F 1653 17.34 -71.46 -5.03
CA LEU F 1653 17.95 -70.25 -5.59
C LEU F 1653 17.43 -68.99 -4.90
N GLU F 1654 16.11 -68.90 -4.70
CA GLU F 1654 15.53 -67.77 -3.99
C GLU F 1654 16.02 -67.72 -2.54
N LYS F 1655 16.13 -68.88 -1.90
CA LYS F 1655 16.65 -68.93 -0.53
C LYS F 1655 18.08 -68.40 -0.47
N PHE F 1656 18.91 -68.77 -1.44
CA PHE F 1656 20.26 -68.22 -1.54
C PHE F 1656 20.28 -66.83 -2.19
N GLN F 1657 19.13 -66.35 -2.67
CA GLN F 1657 18.97 -65.03 -3.27
C GLN F 1657 19.75 -64.94 -4.58
N ILE F 1658 19.63 -65.98 -5.40
CA ILE F 1658 20.21 -66.01 -6.74
C ILE F 1658 19.11 -65.95 -7.80
N ALA F 1659 17.90 -65.53 -7.41
CA ALA F 1659 16.78 -65.39 -8.32
C ALA F 1659 15.74 -64.44 -7.75
N LEU F 1668 15.29 -63.19 -12.11
CA LEU F 1668 16.31 -62.14 -12.09
C LEU F 1668 17.61 -62.71 -11.56
N VAL F 1669 18.63 -62.74 -12.42
CA VAL F 1669 19.95 -63.25 -12.07
C VAL F 1669 20.86 -62.06 -11.81
N PRO F 1670 21.23 -61.78 -10.55
CA PRO F 1670 22.08 -60.61 -10.27
C PRO F 1670 23.46 -60.65 -10.92
N SER F 1671 23.94 -61.82 -11.32
CA SER F 1671 25.16 -61.90 -12.11
C SER F 1671 24.82 -61.74 -13.59
N SER F 1672 25.77 -61.20 -14.34
CA SER F 1672 25.61 -60.90 -15.77
C SER F 1672 24.38 -60.03 -16.00
N LEU F 1673 24.36 -58.89 -15.31
CA LEU F 1673 23.19 -58.01 -15.27
C LEU F 1673 23.65 -56.60 -15.64
N SER F 1674 23.72 -56.33 -16.95
CA SER F 1674 23.78 -54.99 -17.53
C SER F 1674 24.81 -54.09 -16.83
N ASP F 1675 26.08 -54.47 -17.02
CA ASP F 1675 27.19 -53.77 -16.36
C ASP F 1675 27.19 -52.27 -16.66
N HIS F 1676 26.72 -51.88 -17.84
CA HIS F 1676 26.65 -50.46 -18.18
C HIS F 1676 25.37 -49.86 -17.62
N ARG F 1677 25.51 -48.75 -16.90
CA ARG F 1677 24.30 -48.14 -16.35
C ARG F 1677 23.76 -47.06 -17.27
N PRO F 1678 22.44 -46.92 -17.36
CA PRO F 1678 21.87 -45.82 -18.15
C PRO F 1678 22.05 -44.50 -17.44
N VAL F 1679 22.20 -43.43 -18.24
CA VAL F 1679 22.41 -42.10 -17.67
C VAL F 1679 21.17 -41.68 -16.89
N ILE F 1680 21.39 -41.18 -15.69
CA ILE F 1680 20.31 -40.74 -14.80
C ILE F 1680 20.48 -39.25 -14.51
N GLU F 1681 19.40 -38.51 -14.69
CA GLU F 1681 19.38 -37.06 -14.54
C GLU F 1681 18.33 -36.73 -13.47
N LEU F 1682 18.79 -36.47 -12.25
CA LEU F 1682 17.89 -36.21 -11.13
C LEU F 1682 17.25 -34.82 -11.25
N PRO F 1683 16.02 -34.63 -10.70
CA PRO F 1683 15.34 -33.33 -10.84
C PRO F 1683 16.03 -32.21 -10.10
N HIS F 1684 16.35 -32.42 -8.82
CA HIS F 1684 16.94 -31.39 -7.98
C HIS F 1684 18.36 -31.83 -7.69
N CYS F 1685 19.34 -31.15 -8.28
CA CYS F 1685 20.73 -31.47 -8.04
C CYS F 1685 21.54 -30.20 -7.87
N GLU F 1686 20.98 -29.27 -7.10
CA GLU F 1686 21.56 -27.94 -6.90
C GLU F 1686 22.44 -27.89 -5.68
N ASN F 1687 23.07 -29.01 -5.31
CA ASN F 1687 24.05 -29.16 -4.25
C ASN F 1687 23.46 -28.90 -2.86
N SER F 1688 22.15 -28.65 -2.74
CA SER F 1688 21.52 -28.41 -1.45
C SER F 1688 20.29 -29.26 -1.19
N GLU F 1689 19.66 -29.84 -2.21
CA GLU F 1689 18.49 -30.69 -2.01
C GLU F 1689 18.83 -32.17 -1.93
N ILE F 1690 20.11 -32.52 -2.04
CA ILE F 1690 20.53 -33.92 -2.06
C ILE F 1690 21.47 -34.17 -0.89
N ILE F 1691 21.22 -35.26 -0.17
CA ILE F 1691 22.15 -35.78 0.84
C ILE F 1691 22.93 -36.90 0.20
N ILE F 1692 24.26 -36.84 0.29
CA ILE F 1692 25.15 -37.81 -0.33
C ILE F 1692 26.04 -38.40 0.75
N ARG F 1693 26.21 -39.72 0.74
CA ARG F 1693 27.10 -40.41 1.65
C ARG F 1693 27.92 -41.42 0.87
N LEU F 1694 29.18 -41.60 1.27
CA LEU F 1694 30.10 -42.47 0.57
C LEU F 1694 30.64 -43.52 1.54
N TYR F 1695 30.95 -44.70 1.00
CA TYR F 1695 31.50 -45.83 1.74
C TYR F 1695 32.81 -46.31 1.11
N GLU F 1696 33.76 -45.40 0.94
CA GLU F 1696 35.09 -45.70 0.43
C GLU F 1696 35.70 -46.94 1.06
N MET F 1697 35.94 -47.95 0.24
CA MET F 1697 36.56 -49.22 0.61
C MET F 1697 37.55 -49.61 -0.47
N PRO F 1698 38.64 -50.30 -0.12
CA PRO F 1698 39.68 -50.59 -1.13
C PRO F 1698 39.19 -51.40 -2.32
N TYR F 1699 38.28 -52.35 -2.09
CA TYR F 1699 37.70 -53.14 -3.17
C TYR F 1699 36.28 -53.52 -2.78
N PHE F 1700 35.48 -53.83 -3.79
CA PHE F 1700 34.14 -54.35 -3.54
C PHE F 1700 34.24 -55.83 -3.20
N PRO F 1701 33.78 -56.27 -2.03
CA PRO F 1701 33.81 -57.70 -1.71
C PRO F 1701 32.98 -58.51 -2.69
N MET F 1702 33.37 -59.78 -2.87
CA MET F 1702 32.84 -60.61 -3.94
C MET F 1702 31.32 -60.70 -3.92
N GLY F 1703 30.75 -61.26 -2.86
CA GLY F 1703 29.31 -61.32 -2.75
C GLY F 1703 28.76 -60.13 -2.02
N PHE F 1704 28.86 -58.95 -2.63
CA PHE F 1704 28.38 -57.72 -2.02
C PHE F 1704 27.19 -57.13 -2.78
N TRP F 1705 27.39 -56.76 -4.04
CA TRP F 1705 26.35 -56.06 -4.78
C TRP F 1705 25.12 -56.94 -4.93
N SER F 1706 25.30 -58.24 -5.15
CA SER F 1706 24.15 -59.14 -5.29
C SER F 1706 23.32 -59.15 -4.01
N ARG F 1707 23.98 -59.30 -2.86
CA ARG F 1707 23.28 -59.25 -1.59
C ARG F 1707 22.67 -57.87 -1.33
N LEU F 1708 23.38 -56.79 -1.69
CA LEU F 1708 22.83 -55.46 -1.46
C LEU F 1708 21.56 -55.28 -2.28
N ILE F 1709 21.60 -55.68 -3.55
CA ILE F 1709 20.43 -55.49 -4.41
C ILE F 1709 19.29 -56.35 -3.90
N ASN F 1710 19.59 -57.58 -3.47
CA ASN F 1710 18.51 -58.45 -2.99
C ASN F 1710 17.87 -57.82 -1.76
N ARG F 1711 18.69 -57.31 -0.84
CA ARG F 1711 18.18 -56.73 0.40
C ARG F 1711 17.32 -55.51 0.12
N LEU F 1712 17.73 -54.66 -0.82
CA LEU F 1712 17.00 -53.42 -1.06
C LEU F 1712 15.91 -53.56 -2.11
N LEU F 1713 15.89 -54.66 -2.86
CA LEU F 1713 14.92 -54.82 -3.94
C LEU F 1713 13.52 -54.87 -3.37
N GLU F 1714 13.29 -55.82 -2.46
CA GLU F 1714 12.03 -55.97 -1.74
C GLU F 1714 11.60 -54.61 -1.20
N ILE F 1715 10.30 -54.40 -1.02
CA ILE F 1715 9.92 -53.05 -0.64
C ILE F 1715 10.19 -52.90 0.86
N SER F 1716 11.48 -52.79 1.20
CA SER F 1716 11.90 -52.55 2.57
C SER F 1716 12.10 -51.05 2.74
N PRO F 1717 12.67 -50.28 1.73
CA PRO F 1717 12.72 -48.83 1.92
C PRO F 1717 11.36 -48.29 1.48
N TYR F 1718 10.60 -47.77 2.43
CA TYR F 1718 9.32 -47.16 2.12
C TYR F 1718 9.13 -45.88 2.92
N MET F 1719 8.96 -44.77 2.21
CA MET F 1719 8.63 -43.51 2.89
C MET F 1719 7.27 -43.63 3.56
N LEU F 1720 6.32 -44.25 2.87
CA LEU F 1720 4.94 -44.34 3.33
C LEU F 1720 4.73 -45.60 4.16
N ALA F 1726 2.00 -47.64 1.13
CA ALA F 1726 2.52 -48.66 0.23
C ALA F 1726 2.33 -48.24 -1.21
N LEU F 1727 3.43 -47.85 -1.87
CA LEU F 1727 3.42 -47.56 -3.29
C LEU F 1727 4.67 -48.17 -3.90
N ARG F 1728 4.51 -48.86 -5.03
CA ARG F 1728 5.64 -49.51 -5.68
C ARG F 1728 6.56 -48.51 -6.38
N PRO F 1729 7.87 -48.65 -6.22
CA PRO F 1729 8.83 -47.81 -6.94
C PRO F 1729 9.06 -48.30 -8.36
N ASN F 1730 9.52 -47.39 -9.22
CA ASN F 1730 9.91 -47.72 -10.59
C ASN F 1730 11.37 -48.15 -10.65
N ARG F 1731 11.64 -49.27 -9.97
CA ARG F 1731 12.98 -49.77 -9.76
C ARG F 1731 13.74 -50.07 -11.05
N MET F 1732 15.05 -49.77 -11.06
CA MET F 1732 15.96 -50.12 -12.14
C MET F 1732 17.24 -50.67 -11.51
N TYR F 1733 17.71 -51.83 -11.95
CA TYR F 1733 18.87 -52.48 -11.32
C TYR F 1733 19.98 -52.75 -12.32
N TRP F 1734 21.15 -52.14 -12.14
CA TRP F 1734 22.28 -52.59 -12.96
C TRP F 1734 23.07 -53.60 -12.10
N ARG F 1735 24.23 -54.04 -12.60
CA ARG F 1735 25.08 -54.94 -11.81
C ARG F 1735 25.60 -54.31 -10.53
N GLN F 1736 25.94 -53.01 -10.57
CA GLN F 1736 26.46 -52.31 -9.41
C GLN F 1736 25.55 -51.21 -8.88
N GLY F 1737 24.23 -51.39 -8.93
CA GLY F 1737 23.40 -50.30 -8.45
C GLY F 1737 21.93 -50.62 -8.42
N ILE F 1738 21.17 -49.66 -7.90
CA ILE F 1738 19.71 -49.69 -7.84
C ILE F 1738 19.26 -48.24 -7.82
N TYR F 1739 18.11 -47.98 -8.43
CA TYR F 1739 17.51 -46.67 -8.41
C TYR F 1739 16.07 -46.95 -8.00
N LEU F 1740 15.51 -46.13 -7.10
CA LEU F 1740 14.17 -46.39 -6.57
C LEU F 1740 13.48 -45.03 -6.59
N ASN F 1741 12.82 -44.71 -7.69
CA ASN F 1741 12.24 -43.38 -7.82
C ASN F 1741 10.72 -43.40 -7.80
N TRP F 1742 10.14 -43.01 -6.65
CA TRP F 1742 8.69 -42.87 -6.63
C TRP F 1742 8.30 -41.67 -7.46
N SER F 1743 8.96 -40.53 -7.23
CA SER F 1743 8.60 -39.24 -7.82
C SER F 1743 9.82 -38.33 -7.71
N PRO F 1744 9.77 -37.09 -8.23
CA PRO F 1744 10.92 -36.20 -8.09
C PRO F 1744 11.31 -35.87 -6.65
N GLU F 1745 10.37 -35.83 -5.72
CA GLU F 1745 10.71 -35.53 -4.32
C GLU F 1745 10.83 -36.77 -3.44
N ALA F 1746 10.91 -37.97 -4.01
CA ALA F 1746 11.22 -39.14 -3.20
C ALA F 1746 11.94 -40.19 -4.04
N TYR F 1747 13.23 -40.40 -3.77
CA TYR F 1747 13.99 -41.33 -4.59
C TYR F 1747 15.21 -41.79 -3.78
N CYS F 1748 15.90 -42.79 -4.32
CA CYS F 1748 17.16 -43.25 -3.76
C CYS F 1748 17.95 -43.83 -4.91
N LEU F 1749 19.27 -43.59 -4.94
CA LEU F 1749 20.11 -44.15 -5.99
C LEU F 1749 21.40 -44.77 -5.43
N VAL F 1750 21.31 -45.98 -4.88
CA VAL F 1750 22.52 -46.58 -4.32
C VAL F 1750 23.44 -46.96 -5.47
N GLY F 1751 24.28 -46.03 -5.92
CA GLY F 1751 25.13 -46.27 -7.07
C GLY F 1751 26.51 -46.77 -6.72
N SER F 1752 27.36 -46.79 -7.74
CA SER F 1752 28.78 -47.11 -7.60
C SER F 1752 29.53 -46.13 -8.49
N GLU F 1753 30.83 -45.96 -8.24
CA GLU F 1753 31.55 -44.92 -8.99
C GLU F 1753 33.05 -45.06 -8.81
N VAL F 1754 33.78 -44.43 -9.74
CA VAL F 1754 35.25 -44.36 -9.73
C VAL F 1754 35.63 -42.88 -9.64
N LEU F 1755 36.48 -42.54 -8.67
CA LEU F 1755 36.88 -41.15 -8.43
C LEU F 1755 38.18 -40.78 -9.15
N ASP F 1756 38.42 -39.48 -9.19
CA ASP F 1756 39.52 -38.88 -9.96
C ASP F 1756 40.84 -39.02 -9.21
N ASN F 1757 41.69 -39.93 -9.68
CA ASN F 1757 43.03 -40.31 -9.23
C ASN F 1757 43.05 -41.15 -7.97
N HIS F 1758 41.90 -41.54 -7.42
CA HIS F 1758 41.89 -42.44 -6.28
C HIS F 1758 41.40 -43.80 -6.72
N PRO F 1759 42.10 -44.89 -6.39
CA PRO F 1759 41.69 -46.20 -6.93
C PRO F 1759 40.82 -47.00 -5.97
N GLU F 1760 40.23 -46.33 -4.99
CA GLU F 1760 39.32 -47.02 -4.09
C GLU F 1760 37.95 -47.19 -4.75
N SER F 1761 37.15 -48.10 -4.20
CA SER F 1761 35.81 -48.34 -4.69
C SER F 1761 34.82 -47.63 -3.78
N PHE F 1762 33.87 -46.91 -4.37
CA PHE F 1762 32.97 -46.07 -3.60
C PHE F 1762 31.53 -46.55 -3.77
N LEU F 1763 30.69 -46.22 -2.80
CA LEU F 1763 29.27 -46.54 -2.84
C LEU F 1763 28.50 -45.24 -2.61
N LYS F 1764 28.26 -44.50 -3.69
CA LYS F 1764 27.61 -43.20 -3.59
C LYS F 1764 26.10 -43.38 -3.51
N ILE F 1765 25.53 -43.05 -2.37
CA ILE F 1765 24.07 -43.04 -2.18
C ILE F 1765 23.58 -41.61 -2.23
N THR F 1766 22.65 -41.33 -3.15
CA THR F 1766 22.12 -39.98 -3.31
C THR F 1766 20.63 -40.01 -3.00
N VAL F 1767 20.21 -39.14 -2.09
CA VAL F 1767 18.81 -39.08 -1.62
C VAL F 1767 18.38 -37.63 -1.57
N PRO F 1768 17.09 -37.35 -1.80
CA PRO F 1768 16.58 -36.01 -1.52
C PRO F 1768 16.66 -35.67 -0.03
N SER F 1769 16.79 -34.38 0.25
CA SER F 1769 16.95 -33.88 1.61
C SER F 1769 15.62 -33.52 2.27
N CYS F 1770 14.49 -33.79 1.64
CA CYS F 1770 13.20 -33.37 2.15
C CYS F 1770 12.72 -34.32 3.25
N ARG F 1771 11.44 -34.20 3.60
CA ARG F 1771 10.85 -35.02 4.66
C ARG F 1771 10.98 -36.51 4.34
N LYS F 1772 10.67 -36.90 3.11
CA LYS F 1772 10.63 -38.30 2.73
C LYS F 1772 12.01 -38.87 2.41
N GLY F 1773 13.06 -38.05 2.46
CA GLY F 1773 14.40 -38.52 2.15
C GLY F 1773 15.19 -38.99 3.35
N CYS F 1774 14.96 -38.38 4.51
CA CYS F 1774 15.65 -38.78 5.72
C CYS F 1774 15.35 -40.24 6.07
N ILE F 1775 14.08 -40.62 5.92
CA ILE F 1775 13.66 -42.00 6.21
C ILE F 1775 14.38 -42.97 5.28
N LEU F 1776 14.41 -42.64 3.98
CA LEU F 1776 15.07 -43.51 3.01
C LEU F 1776 16.55 -43.63 3.29
N LEU F 1777 17.21 -42.52 3.60
CA LEU F 1777 18.64 -42.56 3.88
C LEU F 1777 18.94 -43.42 5.10
N GLY F 1778 18.20 -43.21 6.19
CA GLY F 1778 18.41 -44.02 7.38
C GLY F 1778 18.07 -45.49 7.18
N GLN F 1779 17.10 -45.78 6.31
CA GLN F 1779 16.69 -47.16 6.07
C GLN F 1779 17.64 -47.88 5.13
N VAL F 1780 18.36 -47.15 4.29
CA VAL F 1780 19.32 -47.83 3.43
C VAL F 1780 20.66 -47.95 4.14
N VAL F 1781 21.04 -46.92 4.90
CA VAL F 1781 22.28 -46.98 5.68
C VAL F 1781 22.22 -48.11 6.70
N ASP F 1782 21.07 -48.28 7.35
CA ASP F 1782 20.93 -49.37 8.31
C ASP F 1782 21.08 -50.73 7.64
N HIS F 1783 20.47 -50.91 6.47
CA HIS F 1783 20.58 -52.18 5.75
C HIS F 1783 22.01 -52.45 5.31
N ILE F 1784 22.71 -51.43 4.80
CA ILE F 1784 24.10 -51.64 4.36
C ILE F 1784 24.98 -51.97 5.56
N ASP F 1785 24.80 -51.26 6.68
CA ASP F 1785 25.62 -51.54 7.86
C ASP F 1785 25.37 -52.94 8.39
N SER F 1786 24.10 -53.36 8.44
CA SER F 1786 23.77 -54.71 8.92
C SER F 1786 24.36 -55.77 8.01
N LEU F 1787 24.22 -55.61 6.69
CA LEU F 1787 24.84 -56.54 5.74
C LEU F 1787 26.35 -56.57 5.92
N MET F 1788 26.97 -55.40 6.10
CA MET F 1788 28.42 -55.33 6.14
C MET F 1788 28.97 -56.00 7.38
N GLU F 1789 28.31 -55.81 8.52
CA GLU F 1789 28.76 -56.45 9.76
C GLU F 1789 28.33 -57.90 9.85
N GLU F 1790 27.36 -58.34 9.05
CA GLU F 1790 26.90 -59.72 9.10
C GLU F 1790 27.65 -60.64 8.14
N TRP F 1791 28.04 -60.14 6.97
CA TRP F 1791 28.71 -60.97 5.97
C TRP F 1791 30.22 -60.79 5.94
N PHE F 1792 30.71 -59.56 6.14
CA PHE F 1792 32.13 -59.25 6.02
C PHE F 1792 32.59 -58.60 7.32
N PRO F 1793 32.83 -59.39 8.37
CA PRO F 1793 33.26 -58.80 9.64
C PRO F 1793 34.71 -58.35 9.64
N GLY F 1794 35.52 -58.82 8.68
CA GLY F 1794 36.92 -58.44 8.68
C GLY F 1794 37.16 -57.02 8.20
N LEU F 1795 36.16 -56.41 7.58
CA LEU F 1795 36.30 -55.05 7.06
C LEU F 1795 36.03 -54.04 8.16
N LEU F 1796 34.87 -54.12 8.79
CA LEU F 1796 34.51 -53.19 9.87
C LEU F 1796 35.15 -53.57 11.19
N GLU F 1797 36.41 -54.02 11.15
CA GLU F 1797 37.16 -54.46 12.31
C GLU F 1797 38.19 -53.40 12.66
N ILE F 1798 38.19 -52.99 13.94
CA ILE F 1798 39.07 -51.90 14.34
C ILE F 1798 40.51 -52.39 14.30
N ASP F 1799 41.43 -51.47 14.02
CA ASP F 1799 42.87 -51.76 13.94
C ASP F 1799 43.62 -50.72 14.78
N ILE F 1800 43.55 -50.87 16.11
CA ILE F 1800 44.32 -50.00 16.99
C ILE F 1800 45.81 -50.16 16.74
N CYS F 1801 46.26 -51.39 16.48
CA CYS F 1801 47.64 -51.60 16.09
C CYS F 1801 47.84 -51.00 14.71
N GLY F 1802 48.82 -50.11 14.57
CA GLY F 1802 48.97 -49.43 13.31
C GLY F 1802 48.00 -48.26 13.23
N GLU F 1803 47.99 -47.61 12.08
CA GLU F 1803 47.03 -46.53 11.85
C GLU F 1803 45.61 -47.09 11.85
N GLY F 1804 44.67 -46.29 12.35
CA GLY F 1804 43.30 -46.72 12.47
C GLY F 1804 42.52 -46.56 11.18
N GLU F 1805 42.94 -47.28 10.14
CA GLU F 1805 42.30 -47.17 8.84
C GLU F 1805 40.87 -47.69 8.87
N THR F 1806 40.70 -48.95 9.28
CA THR F 1806 39.45 -49.74 9.35
C THR F 1806 39.05 -50.21 7.96
N LEU F 1807 39.85 -49.92 6.93
CA LEU F 1807 39.59 -50.19 5.51
C LEU F 1807 38.37 -49.46 4.95
N LEU F 1808 37.32 -49.28 5.74
CA LEU F 1808 36.09 -48.64 5.29
C LEU F 1808 36.02 -47.26 5.93
N LYS F 1809 35.88 -46.24 5.09
CA LYS F 1809 35.76 -44.86 5.56
C LYS F 1809 34.42 -44.33 5.06
N LYS F 1810 33.46 -44.17 5.98
CA LYS F 1810 32.14 -43.69 5.61
C LYS F 1810 32.17 -42.17 5.63
N TRP F 1811 32.13 -41.55 4.45
CA TRP F 1811 32.17 -40.10 4.34
C TRP F 1811 30.78 -39.54 4.19
N ALA F 1812 30.60 -38.31 4.67
CA ALA F 1812 29.41 -37.51 4.40
C ALA F 1812 29.83 -36.25 3.65
N LEU F 1813 29.01 -35.84 2.69
CA LEU F 1813 29.32 -34.70 1.84
C LEU F 1813 28.46 -33.52 2.26
N TYR F 1814 29.12 -32.36 2.45
CA TYR F 1814 28.44 -31.16 2.88
C TYR F 1814 29.05 -29.94 2.21
N SER F 1815 28.21 -28.97 1.89
CA SER F 1815 28.65 -27.71 1.30
C SER F 1815 27.90 -26.56 1.97
N PHE F 1816 28.65 -25.59 2.51
CA PHE F 1816 28.02 -24.47 3.19
C PHE F 1816 27.17 -23.63 2.24
N ASN F 1817 27.67 -23.36 1.04
CA ASN F 1817 26.95 -22.52 0.10
C ASN F 1817 25.70 -23.20 -0.39
N ASP F 1818 24.58 -22.48 -0.38
CA ASP F 1818 23.30 -23.02 -0.84
C ASP F 1818 23.34 -23.08 -2.36
N GLY F 1819 24.03 -24.11 -2.86
CA GLY F 1819 24.23 -24.29 -4.28
C GLY F 1819 25.47 -23.58 -4.80
N GLU F 1820 25.84 -23.96 -6.02
CA GLU F 1820 26.98 -23.38 -6.77
C GLU F 1820 28.31 -23.48 -6.02
N GLU F 1821 28.41 -24.36 -5.01
CA GLU F 1821 29.67 -24.55 -4.31
C GLU F 1821 30.73 -25.22 -5.18
N HIS F 1822 30.33 -25.89 -6.25
CA HIS F 1822 31.18 -26.55 -7.26
C HIS F 1822 31.95 -27.74 -6.70
N GLN F 1823 31.85 -28.04 -5.41
CA GLN F 1823 32.53 -29.18 -4.80
C GLN F 1823 31.99 -29.38 -3.39
N LYS F 1824 31.82 -30.64 -3.01
CA LYS F 1824 31.32 -30.99 -1.69
C LYS F 1824 32.47 -31.48 -0.82
N ILE F 1825 32.62 -30.86 0.35
CA ILE F 1825 33.71 -31.20 1.25
C ILE F 1825 33.44 -32.55 1.91
N LEU F 1826 34.45 -33.40 1.94
CA LEU F 1826 34.33 -34.67 2.66
C LEU F 1826 34.35 -34.43 4.17
N LEU F 1827 33.78 -35.38 4.90
CA LEU F 1827 33.84 -35.37 6.35
C LEU F 1827 33.65 -36.79 6.85
N ASP F 1828 34.64 -37.32 7.56
CA ASP F 1828 34.54 -38.67 8.11
C ASP F 1828 33.38 -38.75 9.10
N ASP F 1829 32.66 -39.88 9.06
CA ASP F 1829 31.44 -40.00 9.86
C ASP F 1829 31.75 -40.11 11.35
N LEU F 1830 32.89 -40.70 11.72
CA LEU F 1830 33.24 -40.81 13.13
C LEU F 1830 33.65 -39.46 13.70
N MET F 1831 34.48 -38.71 12.96
CA MET F 1831 34.87 -37.37 13.40
C MET F 1831 33.65 -36.45 13.48
N LYS F 1832 32.73 -36.59 12.53
CA LYS F 1832 31.49 -35.82 12.57
C LYS F 1832 30.60 -36.28 13.74
N LYS F 1833 30.64 -37.58 14.07
CA LYS F 1833 29.85 -38.09 15.18
C LYS F 1833 30.36 -37.55 16.51
N ALA F 1834 31.69 -37.46 16.67
CA ALA F 1834 32.26 -36.89 17.88
C ALA F 1834 31.89 -35.43 18.06
N GLU F 1835 31.49 -34.74 17.00
CA GLU F 1835 31.02 -33.36 17.06
C GLU F 1835 29.54 -33.30 17.41
N GLU F 1836 29.16 -33.99 18.50
CA GLU F 1836 27.78 -34.00 18.97
C GLU F 1836 27.52 -33.01 20.10
N GLY F 1837 28.56 -32.30 20.57
CA GLY F 1837 28.36 -31.32 21.62
C GLY F 1837 27.39 -30.22 21.23
N ASP F 1838 27.47 -29.76 19.99
CA ASP F 1838 26.54 -28.79 19.44
C ASP F 1838 25.64 -29.45 18.40
N LEU F 1839 24.79 -28.64 17.77
CA LEU F 1839 23.83 -29.12 16.79
C LEU F 1839 24.14 -28.64 15.38
N LEU F 1840 25.22 -27.87 15.19
CA LEU F 1840 25.59 -27.32 13.89
C LEU F 1840 27.06 -27.59 13.62
N VAL F 1841 27.41 -27.68 12.34
CA VAL F 1841 28.80 -27.78 11.91
C VAL F 1841 29.18 -26.44 11.25
N ASN F 1842 30.45 -26.07 11.37
CA ASN F 1842 30.90 -24.78 10.88
C ASN F 1842 32.36 -24.83 10.49
N PRO F 1843 32.78 -24.01 9.52
CA PRO F 1843 34.18 -24.00 9.09
C PRO F 1843 35.04 -23.09 9.95
N ASP F 1844 36.30 -22.90 9.54
CA ASP F 1844 37.20 -21.99 10.24
C ASP F 1844 36.70 -20.54 10.21
N GLN F 1845 35.83 -20.19 9.26
CA GLN F 1845 35.25 -18.86 9.15
C GLN F 1845 33.79 -18.95 9.58
N PRO F 1846 33.49 -18.76 10.87
CA PRO F 1846 32.19 -19.22 11.40
C PRO F 1846 31.03 -18.29 11.12
N ARG F 1847 31.17 -17.38 10.16
CA ARG F 1847 30.07 -16.49 9.82
C ARG F 1847 28.86 -17.23 9.27
N LEU F 1848 29.08 -18.42 8.69
CA LEU F 1848 28.02 -19.23 8.12
C LEU F 1848 28.18 -20.66 8.60
N THR F 1849 27.06 -21.38 8.73
CA THR F 1849 27.09 -22.71 9.31
C THR F 1849 25.98 -23.56 8.70
N ILE F 1850 26.10 -24.87 8.90
CA ILE F 1850 25.18 -25.85 8.35
C ILE F 1850 24.62 -26.71 9.49
N PRO F 1851 23.30 -26.90 9.56
CA PRO F 1851 22.74 -27.81 10.57
C PRO F 1851 23.18 -29.24 10.31
N ILE F 1852 23.29 -30.00 11.40
CA ILE F 1852 23.68 -31.41 11.30
C ILE F 1852 22.60 -32.23 10.58
N SER F 1853 21.32 -31.88 10.80
CA SER F 1853 20.21 -32.65 10.25
C SER F 1853 20.25 -32.71 8.73
N GLN F 1854 20.75 -31.68 8.06
CA GLN F 1854 20.72 -31.61 6.61
C GLN F 1854 21.77 -32.49 5.94
N ILE F 1855 22.85 -32.84 6.63
CA ILE F 1855 23.94 -33.58 6.01
C ILE F 1855 24.05 -35.01 6.49
N ALA F 1856 23.44 -35.36 7.62
CA ALA F 1856 23.44 -36.74 8.11
C ALA F 1856 22.29 -36.93 9.09
N PRO F 1857 21.05 -37.04 8.61
CA PRO F 1857 19.90 -37.18 9.50
C PRO F 1857 19.74 -38.54 10.15
N ASP F 1858 20.73 -39.42 10.06
CA ASP F 1858 20.69 -40.69 10.78
C ASP F 1858 21.42 -40.65 12.11
N LEU F 1859 22.48 -39.85 12.24
CA LEU F 1859 23.14 -39.70 13.54
C LEU F 1859 22.24 -39.00 14.54
N ILE F 1860 21.65 -37.88 14.15
CA ILE F 1860 20.56 -37.28 14.92
C ILE F 1860 19.29 -38.07 14.62
N LEU F 1861 18.44 -38.22 15.62
CA LEU F 1861 17.22 -39.01 15.44
C LEU F 1861 16.20 -38.25 14.60
N ALA F 1862 16.49 -38.12 13.31
CA ALA F 1862 15.64 -37.37 12.40
C ALA F 1862 14.82 -38.26 11.47
N ASP F 1863 15.31 -39.43 11.11
CA ASP F 1863 14.54 -40.32 10.25
C ASP F 1863 13.34 -40.93 10.97
N LEU F 1864 13.33 -40.90 12.30
CA LEU F 1864 12.18 -41.31 13.06
C LEU F 1864 11.08 -40.25 12.95
N PRO F 1865 9.83 -40.61 13.27
CA PRO F 1865 8.78 -39.59 13.34
C PRO F 1865 9.15 -38.46 14.29
N ARG F 1866 8.84 -37.23 13.87
CA ARG F 1866 9.27 -36.04 14.59
C ARG F 1866 8.56 -35.83 15.92
N ASN F 1867 7.51 -36.59 16.22
CA ASN F 1867 6.85 -36.47 17.52
C ASN F 1867 7.67 -37.03 18.68
N ILE F 1868 8.90 -37.48 18.44
CA ILE F 1868 9.77 -38.04 19.47
C ILE F 1868 10.99 -37.14 19.60
N MET F 1869 10.79 -35.83 19.38
CA MET F 1869 11.86 -34.88 19.57
C MET F 1869 12.21 -34.77 21.05
N LEU F 1870 13.51 -34.67 21.33
CA LEU F 1870 13.97 -34.64 22.72
C LEU F 1870 13.51 -33.38 23.44
N ASN F 1871 13.65 -32.22 22.77
CA ASN F 1871 13.27 -30.92 23.32
C ASN F 1871 13.99 -30.66 24.65
N ASN F 1872 15.33 -30.58 24.54
CA ASN F 1872 16.19 -30.45 25.72
C ASN F 1872 15.96 -29.16 26.49
N ASP F 1873 15.40 -28.12 25.85
CA ASP F 1873 15.24 -26.82 26.49
C ASP F 1873 14.32 -26.89 27.70
N GLU F 1874 13.21 -27.62 27.58
CA GLU F 1874 12.20 -27.68 28.62
C GLU F 1874 12.37 -28.87 29.56
N LEU F 1875 13.46 -29.62 29.42
CA LEU F 1875 13.71 -30.80 30.25
C LEU F 1875 14.73 -30.46 31.33
N GLU F 1876 14.37 -30.68 32.58
CA GLU F 1876 15.29 -30.57 33.71
C GLU F 1876 15.47 -31.94 34.34
N PHE F 1877 16.71 -32.34 34.55
CA PHE F 1877 17.01 -33.71 34.95
C PHE F 1877 18.41 -33.75 35.55
N GLU F 1878 18.54 -34.40 36.70
CA GLU F 1878 19.79 -34.48 37.46
C GLU F 1878 20.26 -35.93 37.48
N GLN F 1879 21.12 -36.28 36.51
CA GLN F 1879 21.59 -37.66 36.40
C GLN F 1879 22.51 -38.04 37.55
N ALA F 1880 23.39 -37.13 37.97
CA ALA F 1880 24.41 -37.46 38.98
C ALA F 1880 23.83 -37.94 40.31
N PRO F 1881 22.84 -37.28 40.94
CA PRO F 1881 22.33 -37.80 42.21
C PRO F 1881 21.54 -39.08 42.01
N GLU F 1882 21.49 -39.90 43.07
CA GLU F 1882 20.80 -41.17 43.04
C GLU F 1882 19.46 -41.17 43.78
N PHE F 1883 19.09 -40.08 44.45
CA PHE F 1883 17.79 -40.08 45.10
C PHE F 1883 16.64 -39.93 44.11
N LEU F 1884 16.92 -39.43 42.91
CA LEU F 1884 15.95 -39.41 41.82
C LEU F 1884 15.97 -40.70 41.01
N LEU F 1885 16.88 -41.63 41.34
CA LEU F 1885 16.93 -42.94 40.72
C LEU F 1885 15.91 -43.91 41.33
N GLY F 1886 15.18 -43.46 42.36
CA GLY F 1886 14.26 -44.27 43.15
C GLY F 1886 13.32 -45.21 42.43
N ASP F 1887 13.06 -44.95 41.15
CA ASP F 1887 12.33 -45.90 40.32
C ASP F 1887 13.12 -47.19 40.23
N GLY F 1888 12.61 -48.25 40.85
CA GLY F 1888 13.36 -49.49 40.90
C GLY F 1888 14.43 -49.45 41.97
N SER F 1889 15.43 -50.32 41.81
CA SER F 1889 16.56 -50.41 42.73
C SER F 1889 17.82 -50.74 41.96
N PHE F 1890 18.78 -49.81 41.98
CA PHE F 1890 20.06 -49.92 41.29
C PHE F 1890 19.88 -50.11 39.78
N GLY F 1891 18.82 -49.53 39.22
CA GLY F 1891 18.58 -49.58 37.79
C GLY F 1891 19.15 -48.36 37.08
N SER F 1892 18.83 -48.28 35.79
CA SER F 1892 19.27 -47.16 34.95
C SER F 1892 18.16 -46.17 34.67
N VAL F 1893 17.01 -46.29 35.33
CA VAL F 1893 15.87 -45.40 35.13
C VAL F 1893 15.86 -44.38 36.25
N TYR F 1894 15.67 -43.12 35.89
CA TYR F 1894 15.59 -42.00 36.83
C TYR F 1894 14.24 -41.32 36.71
N ARG F 1895 13.95 -40.47 37.68
CA ARG F 1895 12.72 -39.70 37.70
C ARG F 1895 13.05 -38.23 37.42
N ALA F 1896 12.27 -37.60 36.54
CA ALA F 1896 12.51 -36.23 36.16
C ALA F 1896 11.17 -35.57 35.81
N ALA F 1897 11.24 -34.34 35.31
CA ALA F 1897 10.05 -33.60 34.90
C ALA F 1897 10.25 -33.10 33.47
N TYR F 1898 9.27 -33.37 32.61
CA TYR F 1898 9.29 -32.91 31.22
C TYR F 1898 7.93 -32.33 30.89
N GLU F 1899 7.93 -31.17 30.23
CA GLU F 1899 6.71 -30.46 29.83
C GLU F 1899 5.83 -30.11 31.02
N GLY F 1900 6.45 -29.94 32.19
CA GLY F 1900 5.71 -29.66 33.40
C GLY F 1900 5.06 -30.87 34.05
N GLU F 1901 5.31 -32.07 33.54
CA GLU F 1901 4.73 -33.30 34.05
C GLU F 1901 5.81 -34.24 34.53
N GLU F 1902 5.51 -34.98 35.59
CA GLU F 1902 6.45 -35.97 36.11
C GLU F 1902 6.59 -37.13 35.14
N VAL F 1903 7.84 -37.49 34.81
CA VAL F 1903 8.13 -38.54 33.85
C VAL F 1903 9.33 -39.35 34.35
N ALA F 1904 9.55 -40.48 33.69
CA ALA F 1904 10.68 -41.36 34.00
C ALA F 1904 11.58 -41.43 32.78
N VAL F 1905 12.86 -41.11 32.96
CA VAL F 1905 13.85 -41.15 31.90
C VAL F 1905 14.71 -42.39 32.09
N LYS F 1906 15.21 -42.93 30.98
CA LYS F 1906 16.01 -44.15 30.97
C LYS F 1906 17.35 -43.85 30.32
N ILE F 1907 18.36 -43.57 31.14
CA ILE F 1907 19.70 -43.28 30.62
C ILE F 1907 20.35 -44.58 30.16
N PHE F 1908 20.81 -44.58 28.92
CA PHE F 1908 21.47 -45.76 28.35
C PHE F 1908 22.97 -45.70 28.57
N ASN F 1909 23.56 -46.85 28.89
CA ASN F 1909 25.00 -46.93 29.06
C ASN F 1909 25.69 -46.92 27.70
N LYS F 1910 27.02 -47.06 27.72
CA LYS F 1910 27.79 -47.07 26.48
C LYS F 1910 27.54 -48.33 25.64
N HIS F 1911 26.90 -49.36 26.22
CA HIS F 1911 26.72 -50.62 25.52
C HIS F 1911 25.83 -50.46 24.30
N THR F 1912 24.72 -49.74 24.45
CA THR F 1912 23.73 -49.62 23.38
C THR F 1912 24.23 -48.66 22.32
N SER F 1913 24.46 -49.17 21.11
CA SER F 1913 24.88 -48.33 20.00
C SER F 1913 23.71 -47.51 19.47
N LEU F 1914 24.05 -46.47 18.71
CA LEU F 1914 23.03 -45.59 18.14
C LEU F 1914 22.12 -46.33 17.18
N ARG F 1915 22.69 -47.20 16.34
CA ARG F 1915 21.91 -47.94 15.36
C ARG F 1915 20.90 -48.86 16.03
N LEU F 1916 21.33 -49.56 17.09
CA LEU F 1916 20.43 -50.45 17.82
C LEU F 1916 19.31 -49.66 18.48
N LEU F 1917 19.64 -48.51 19.08
CA LEU F 1917 18.63 -47.67 19.70
C LEU F 1917 17.61 -47.17 18.69
N ARG F 1918 18.09 -46.76 17.51
CA ARG F 1918 17.18 -46.30 16.46
C ARG F 1918 16.29 -47.44 15.98
N GLN F 1919 16.85 -48.64 15.84
CA GLN F 1919 16.06 -49.80 15.42
C GLN F 1919 15.01 -50.17 16.46
N GLU F 1920 15.31 -49.92 17.74
CA GLU F 1920 14.30 -50.15 18.78
C GLU F 1920 13.22 -49.07 18.76
N LEU F 1921 13.62 -47.81 18.59
CA LEU F 1921 12.67 -46.71 18.63
C LEU F 1921 11.71 -46.75 17.45
N VAL F 1922 12.18 -47.17 16.27
CA VAL F 1922 11.32 -47.17 15.09
C VAL F 1922 10.15 -48.14 15.27
N VAL F 1923 10.33 -49.20 16.05
CA VAL F 1923 9.23 -50.13 16.28
C VAL F 1923 8.46 -49.75 17.56
N LEU F 1924 9.11 -49.09 18.52
CA LEU F 1924 8.39 -48.65 19.71
C LEU F 1924 7.44 -47.48 19.41
N CYS F 1925 7.79 -46.64 18.43
CA CYS F 1925 7.04 -45.41 18.19
C CYS F 1925 5.65 -45.65 17.62
N HIS F 1926 5.39 -46.82 17.03
CA HIS F 1926 4.15 -47.06 16.29
C HIS F 1926 3.19 -47.97 17.04
N LEU F 1927 3.31 -48.06 18.36
CA LEU F 1927 2.53 -49.03 19.12
C LEU F 1927 1.24 -48.41 19.66
N HIS F 1928 1.36 -47.40 20.54
CA HIS F 1928 0.30 -46.47 20.89
C HIS F 1928 -0.98 -47.17 21.37
N HIS F 1929 -0.88 -47.78 22.55
CA HIS F 1929 -2.07 -48.34 23.18
C HIS F 1929 -2.18 -47.84 24.60
N PRO F 1930 -3.40 -47.66 25.11
CA PRO F 1930 -3.57 -47.13 26.48
C PRO F 1930 -3.21 -48.08 27.60
N SER F 1931 -2.78 -49.31 27.32
CA SER F 1931 -2.38 -50.26 28.35
C SER F 1931 -0.90 -50.58 28.27
N LEU F 1932 -0.15 -49.87 27.44
CA LEU F 1932 1.26 -50.11 27.21
C LEU F 1932 1.99 -48.79 27.44
N ILE F 1933 3.13 -48.85 28.11
CA ILE F 1933 3.90 -47.64 28.39
C ILE F 1933 4.30 -46.99 27.08
N SER F 1934 3.90 -45.74 26.89
CA SER F 1934 4.08 -45.04 25.63
C SER F 1934 5.27 -44.10 25.72
N LEU F 1935 6.09 -44.09 24.68
CA LEU F 1935 7.22 -43.17 24.60
C LEU F 1935 6.73 -41.73 24.50
N LEU F 1936 7.50 -40.83 25.09
CA LEU F 1936 7.22 -39.40 25.01
C LEU F 1936 8.31 -38.61 24.31
N ALA F 1937 9.58 -39.00 24.47
CA ALA F 1937 10.68 -38.33 23.79
C ALA F 1937 11.91 -39.22 23.83
N ALA F 1938 12.87 -38.88 22.98
CA ALA F 1938 14.17 -39.55 22.96
C ALA F 1938 15.18 -38.59 22.35
N GLY F 1939 16.43 -38.72 22.74
CA GLY F 1939 17.43 -37.81 22.21
C GLY F 1939 18.83 -38.16 22.64
N ILE F 1940 19.76 -37.30 22.23
CA ILE F 1940 21.18 -37.49 22.46
C ILE F 1940 21.58 -36.51 23.56
N ARG F 1941 22.82 -36.64 24.07
CA ARG F 1941 23.41 -35.83 25.13
C ARG F 1941 22.61 -35.93 26.43
N PRO F 1942 22.57 -37.11 27.09
CA PRO F 1942 23.08 -38.41 26.66
C PRO F 1942 22.01 -39.20 25.91
N ARG F 1943 22.30 -40.44 25.52
CA ARG F 1943 21.30 -41.26 24.85
C ARG F 1943 20.24 -41.69 25.85
N MET F 1944 19.15 -40.93 25.94
CA MET F 1944 18.12 -41.15 26.95
C MET F 1944 16.81 -41.55 26.27
N LEU F 1945 15.78 -41.73 27.10
CA LEU F 1945 14.47 -42.15 26.61
C LEU F 1945 13.44 -41.83 27.68
N VAL F 1946 12.49 -40.94 27.35
CA VAL F 1946 11.51 -40.46 28.32
C VAL F 1946 10.22 -41.24 28.12
N MET F 1947 9.57 -41.60 29.23
CA MET F 1947 8.33 -42.36 29.19
C MET F 1947 7.49 -41.99 30.40
N GLU F 1948 6.26 -42.51 30.43
CA GLU F 1948 5.34 -42.19 31.51
C GLU F 1948 5.87 -42.71 32.84
N LEU F 1949 5.56 -41.99 33.92
CA LEU F 1949 6.00 -42.34 35.26
C LEU F 1949 4.87 -43.08 35.96
N ALA F 1950 5.09 -44.36 36.25
CA ALA F 1950 4.15 -45.15 37.03
C ALA F 1950 4.25 -44.74 38.49
N SER F 1951 3.18 -44.11 39.01
CA SER F 1951 3.23 -43.51 40.34
C SER F 1951 3.45 -44.57 41.41
N LYS F 1952 2.80 -45.72 41.30
CA LYS F 1952 2.88 -46.77 42.31
C LYS F 1952 3.99 -47.78 42.03
N GLY F 1953 4.77 -47.58 40.97
CA GLY F 1953 5.86 -48.50 40.67
C GLY F 1953 5.35 -49.83 40.13
N SER F 1954 6.29 -50.77 40.07
CA SER F 1954 5.98 -52.09 39.53
C SER F 1954 5.13 -52.89 40.53
N LEU F 1955 4.49 -53.94 40.02
CA LEU F 1955 3.60 -54.75 40.84
C LEU F 1955 4.36 -55.66 41.79
N ASP F 1956 5.58 -56.07 41.43
CA ASP F 1956 6.32 -57.02 42.25
C ASP F 1956 6.65 -56.45 43.63
N ARG F 1957 7.03 -55.18 43.70
CA ARG F 1957 7.32 -54.55 44.98
C ARG F 1957 6.08 -54.50 45.86
N LEU F 1958 4.92 -54.19 45.26
CA LEU F 1958 3.68 -54.16 46.01
C LEU F 1958 3.32 -55.55 46.52
N LEU F 1959 3.51 -56.58 45.69
CA LEU F 1959 3.26 -57.94 46.15
C LEU F 1959 4.23 -58.34 47.26
N GLN F 1960 5.45 -57.80 47.23
CA GLN F 1960 6.44 -58.16 48.25
C GLN F 1960 6.14 -57.50 49.59
N GLN F 1961 5.74 -56.22 49.58
CA GLN F 1961 5.63 -55.48 50.83
C GLN F 1961 4.23 -54.94 51.15
N ASP F 1962 3.33 -54.87 50.17
CA ASP F 1962 2.01 -54.28 50.38
C ASP F 1962 0.91 -55.26 49.96
N LYS F 1963 1.00 -56.49 50.44
CA LYS F 1963 0.06 -57.55 50.07
C LYS F 1963 -1.38 -57.22 50.44
N ALA F 1964 -1.60 -56.36 51.43
CA ALA F 1964 -2.93 -55.99 51.85
C ALA F 1964 -3.54 -54.86 51.03
N SER F 1965 -2.76 -54.19 50.17
CA SER F 1965 -3.30 -53.05 49.43
C SER F 1965 -4.32 -53.48 48.39
N LEU F 1966 -4.16 -54.67 47.82
CA LEU F 1966 -5.12 -55.18 46.84
C LEU F 1966 -6.49 -55.38 47.47
N THR F 1967 -7.50 -54.71 46.93
CA THR F 1967 -8.85 -54.76 47.47
C THR F 1967 -9.70 -55.82 46.79
N ARG F 1968 -9.06 -56.86 46.28
CA ARG F 1968 -9.63 -58.13 45.85
C ARG F 1968 -10.40 -57.92 44.53
N THR F 1969 -10.60 -56.66 44.14
CA THR F 1969 -11.13 -56.30 42.84
C THR F 1969 -10.12 -55.55 41.98
N LEU F 1970 -9.09 -54.97 42.60
CA LEU F 1970 -7.91 -54.55 41.83
C LEU F 1970 -7.21 -55.74 41.20
N GLN F 1971 -7.25 -56.89 41.85
CA GLN F 1971 -6.65 -58.11 41.31
C GLN F 1971 -7.29 -58.51 39.99
N HIS F 1972 -8.52 -58.07 39.74
CA HIS F 1972 -9.20 -58.29 38.48
C HIS F 1972 -8.90 -57.19 37.48
N ARG F 1973 -8.78 -55.94 37.95
CA ARG F 1973 -8.50 -54.83 37.05
C ARG F 1973 -7.10 -54.95 36.44
N ILE F 1974 -6.12 -55.34 37.26
CA ILE F 1974 -4.76 -55.55 36.75
C ILE F 1974 -4.75 -56.65 35.70
N ALA F 1975 -5.45 -57.76 35.98
CA ALA F 1975 -5.53 -58.85 35.01
C ALA F 1975 -6.19 -58.39 33.72
N LEU F 1976 -7.26 -57.61 33.82
CA LEU F 1976 -7.94 -57.13 32.62
C LEU F 1976 -7.03 -56.23 31.79
N HIS F 1977 -6.30 -55.32 32.45
CA HIS F 1977 -5.42 -54.42 31.71
C HIS F 1977 -4.26 -55.16 31.07
N VAL F 1978 -3.68 -56.13 31.79
CA VAL F 1978 -2.60 -56.93 31.21
C VAL F 1978 -3.12 -57.77 30.04
N ALA F 1979 -4.32 -58.31 30.16
CA ALA F 1979 -4.91 -59.07 29.06
C ALA F 1979 -5.15 -58.20 27.85
N ASP F 1980 -5.63 -56.96 28.06
CA ASP F 1980 -5.80 -56.02 26.95
C ASP F 1980 -4.46 -55.72 26.29
N GLY F 1981 -3.42 -55.49 27.10
CA GLY F 1981 -2.10 -55.24 26.54
C GLY F 1981 -1.57 -56.40 25.73
N LEU F 1982 -1.73 -57.62 26.25
CA LEU F 1982 -1.28 -58.81 25.53
C LEU F 1982 -2.07 -58.99 24.24
N ARG F 1983 -3.38 -58.71 24.28
CA ARG F 1983 -4.21 -58.82 23.08
C ARG F 1983 -3.75 -57.84 22.02
N TYR F 1984 -3.47 -56.59 22.40
CA TYR F 1984 -2.98 -55.62 21.42
C TYR F 1984 -1.61 -56.03 20.88
N LEU F 1985 -0.73 -56.53 21.76
CA LEU F 1985 0.60 -56.94 21.31
C LEU F 1985 0.53 -58.09 20.32
N HIS F 1986 -0.29 -59.10 20.61
CA HIS F 1986 -0.45 -60.22 19.70
C HIS F 1986 -1.18 -59.80 18.43
N SER F 1987 -2.02 -58.77 18.50
CA SER F 1987 -2.59 -58.18 17.29
C SER F 1987 -1.52 -57.48 16.46
N ALA F 1988 -0.50 -56.93 17.10
CA ALA F 1988 0.61 -56.28 16.42
C ALA F 1988 1.65 -57.28 15.91
N MET F 1989 1.37 -58.58 16.01
CA MET F 1989 2.27 -59.65 15.54
C MET F 1989 3.65 -59.56 16.19
N ILE F 1990 3.67 -59.23 17.49
CA ILE F 1990 4.88 -59.24 18.28
C ILE F 1990 4.62 -60.03 19.56
N ILE F 1991 5.61 -60.84 19.96
CA ILE F 1991 5.48 -61.77 21.08
C ILE F 1991 6.28 -61.23 22.26
N TYR F 1992 5.65 -61.22 23.43
CA TYR F 1992 6.20 -60.51 24.59
C TYR F 1992 7.35 -61.30 25.23
N ARG F 1993 7.19 -62.62 25.37
CA ARG F 1993 8.22 -63.60 25.66
C ARG F 1993 8.80 -63.58 27.08
N ASP F 1994 8.47 -62.55 27.87
CA ASP F 1994 9.00 -62.49 29.24
C ASP F 1994 8.11 -61.59 30.07
N LEU F 1995 7.15 -62.19 30.78
CA LEU F 1995 6.18 -61.44 31.56
C LEU F 1995 6.34 -61.82 33.03
N LYS F 1996 6.43 -60.81 33.88
CA LYS F 1996 6.61 -60.98 35.31
C LYS F 1996 6.02 -59.76 36.01
N PRO F 1997 5.72 -59.86 37.31
CA PRO F 1997 5.25 -58.67 38.04
C PRO F 1997 6.23 -57.51 37.98
N HIS F 1998 7.53 -57.79 37.90
CA HIS F 1998 8.52 -56.73 37.74
C HIS F 1998 8.35 -55.99 36.42
N ASN F 1999 7.74 -56.62 35.41
CA ASN F 1999 7.59 -56.01 34.10
C ASN F 1999 6.28 -55.24 33.94
N VAL F 2000 5.33 -55.42 34.84
CA VAL F 2000 4.05 -54.72 34.79
C VAL F 2000 4.05 -53.60 35.82
N LEU F 2001 3.74 -52.39 35.36
CA LEU F 2001 3.83 -51.17 36.17
C LEU F 2001 2.43 -50.78 36.60
N LEU F 2002 2.23 -50.64 37.91
CA LEU F 2002 0.95 -50.20 38.45
C LEU F 2002 0.91 -48.67 38.51
N PHE F 2003 -0.16 -48.10 37.96
CA PHE F 2003 -0.24 -46.66 37.76
C PHE F 2003 -1.09 -45.95 38.80
N THR F 2004 -2.06 -46.65 39.41
CA THR F 2004 -2.84 -46.08 40.50
C THR F 2004 -3.45 -47.21 41.31
N LEU F 2005 -3.85 -46.88 42.53
CA LEU F 2005 -4.43 -47.84 43.45
C LEU F 2005 -5.95 -47.70 43.58
N TYR F 2006 -6.57 -46.89 42.74
CA TYR F 2006 -8.02 -46.68 42.82
C TYR F 2006 -8.73 -47.66 41.89
N PRO F 2007 -9.59 -48.55 42.41
CA PRO F 2007 -10.22 -49.56 41.54
C PRO F 2007 -11.07 -48.99 40.41
N ASN F 2008 -11.78 -47.89 40.66
CA ASN F 2008 -12.69 -47.32 39.68
C ASN F 2008 -12.00 -46.22 38.87
N ALA F 2009 -10.90 -46.61 38.22
CA ALA F 2009 -10.12 -45.71 37.40
C ALA F 2009 -10.11 -46.20 35.95
N ALA F 2010 -9.87 -45.26 35.04
CA ALA F 2010 -9.83 -45.60 33.62
C ALA F 2010 -8.56 -46.37 33.27
N ILE F 2011 -7.45 -46.04 33.91
CA ILE F 2011 -6.17 -46.68 33.66
C ILE F 2011 -5.53 -47.05 34.99
N ILE F 2012 -5.18 -48.33 35.16
CA ILE F 2012 -4.66 -48.85 36.42
C ILE F 2012 -3.30 -49.51 36.24
N ALA F 2013 -3.15 -50.34 35.21
CA ALA F 2013 -1.93 -51.10 35.00
C ALA F 2013 -1.39 -50.88 33.59
N LYS F 2014 -0.07 -50.99 33.46
CA LYS F 2014 0.60 -50.87 32.18
C LYS F 2014 1.84 -51.76 32.20
N ILE F 2015 2.11 -52.43 31.08
CA ILE F 2015 3.23 -53.36 30.97
C ILE F 2015 4.35 -52.69 30.17
N ALA F 2016 5.58 -52.80 30.67
CA ALA F 2016 6.72 -52.24 29.97
C ALA F 2016 6.98 -53.01 28.68
N ASP F 2017 7.58 -52.32 27.71
CA ASP F 2017 7.67 -52.88 26.36
C ASP F 2017 9.04 -52.65 25.72
N TYR F 2018 10.08 -52.36 26.49
CA TYR F 2018 11.40 -52.18 25.91
C TYR F 2018 12.13 -53.50 25.66
N GLY F 2019 11.75 -54.57 26.38
CA GLY F 2019 12.46 -55.84 26.22
C GLY F 2019 12.20 -56.50 24.88
N ILE F 2020 10.97 -56.39 24.37
CA ILE F 2020 10.63 -57.00 23.09
C ILE F 2020 11.46 -56.38 21.97
N ALA F 2021 11.55 -55.04 21.95
CA ALA F 2021 12.39 -54.37 20.97
C ALA F 2021 13.86 -54.70 21.19
N GLN F 2022 14.28 -54.81 22.46
CA GLN F 2022 15.67 -55.13 22.76
C GLN F 2022 16.07 -56.47 22.18
N TYR F 2023 15.22 -57.49 22.33
CA TYR F 2023 15.58 -58.79 21.75
C TYR F 2023 15.38 -58.83 20.24
N CYS F 2024 14.32 -58.18 19.72
CA CYS F 2024 14.11 -58.17 18.28
C CYS F 2024 15.23 -57.47 17.53
N CYS F 2025 15.90 -56.51 18.17
CA CYS F 2025 17.05 -55.87 17.54
C CYS F 2025 18.36 -56.57 17.86
N ARG F 2026 18.51 -57.08 19.08
CA ARG F 2026 19.72 -57.81 19.49
C ARG F 2026 19.31 -59.25 19.76
N MET F 2027 19.40 -60.08 18.72
CA MET F 2027 19.02 -61.49 18.82
C MET F 2027 20.05 -62.28 19.64
N THR F 2031 18.20 -63.66 27.58
CA THR F 2031 16.90 -63.66 28.23
C THR F 2031 15.80 -64.14 27.29
N SER F 2032 16.21 -64.89 26.25
CA SER F 2032 15.24 -65.45 25.32
C SER F 2032 14.34 -66.48 26.01
N GLU F 2033 14.94 -67.35 26.82
CA GLU F 2033 14.16 -68.36 27.54
C GLU F 2033 13.30 -67.75 28.64
N GLY F 2034 13.61 -66.54 29.07
CA GLY F 2034 12.85 -65.89 30.11
C GLY F 2034 13.36 -66.21 31.50
N THR F 2035 12.73 -65.57 32.48
CA THR F 2035 13.07 -65.79 33.87
C THR F 2035 12.75 -67.23 34.26
N PRO F 2036 13.65 -67.93 34.97
CA PRO F 2036 13.38 -69.34 35.32
C PRO F 2036 12.11 -69.54 36.13
N GLY F 2037 11.79 -68.62 37.05
CA GLY F 2037 10.54 -68.75 37.78
C GLY F 2037 9.33 -68.58 36.88
N PHE F 2038 9.35 -67.57 36.03
CA PHE F 2038 8.26 -67.31 35.09
C PHE F 2038 8.64 -67.84 33.72
N ARG F 2039 8.59 -69.16 33.58
CA ARG F 2039 9.07 -69.83 32.38
C ARG F 2039 8.08 -70.88 31.91
N ALA F 2040 7.74 -70.85 30.63
CA ALA F 2040 6.86 -71.84 30.02
C ALA F 2040 7.63 -73.14 29.76
N PRO F 2041 6.92 -74.28 29.69
CA PRO F 2041 7.62 -75.54 29.36
C PRO F 2041 8.28 -75.55 27.99
N GLU F 2042 7.75 -74.81 27.03
CA GLU F 2042 8.26 -74.83 25.67
C GLU F 2042 9.47 -73.93 25.45
N VAL F 2043 9.78 -73.02 26.37
CA VAL F 2043 10.82 -72.03 26.15
C VAL F 2043 12.13 -72.40 26.84
N ALA F 2044 12.06 -72.98 28.05
CA ALA F 2044 13.29 -73.33 28.76
C ALA F 2044 14.01 -74.50 28.10
N ARG F 2045 13.27 -75.42 27.49
CA ARG F 2045 13.90 -76.54 26.79
C ARG F 2045 14.71 -76.06 25.61
N GLY F 2046 14.20 -75.08 24.86
CA GLY F 2046 14.93 -74.47 23.77
C GLY F 2046 15.00 -75.26 22.49
N ASN F 2047 14.48 -76.49 22.47
CA ASN F 2047 14.48 -77.30 21.26
C ASN F 2047 13.32 -77.00 20.33
N VAL F 2048 12.34 -76.23 20.78
CA VAL F 2048 11.13 -75.92 20.02
C VAL F 2048 11.07 -74.42 19.80
N ILE F 2049 10.66 -74.01 18.59
CA ILE F 2049 10.49 -72.59 18.31
C ILE F 2049 9.36 -72.03 19.19
N TYR F 2050 9.49 -70.75 19.54
CA TYR F 2050 8.56 -70.15 20.49
C TYR F 2050 7.19 -69.91 19.85
N ASN F 2051 6.24 -69.50 20.69
CA ASN F 2051 4.87 -69.25 20.26
C ASN F 2051 4.23 -68.27 21.23
N GLN F 2052 3.11 -67.69 20.81
CA GLN F 2052 2.34 -66.80 21.69
C GLN F 2052 1.76 -67.56 22.88
N GLN F 2053 1.68 -68.88 22.78
CA GLN F 2053 1.14 -69.66 23.88
C GLN F 2053 2.04 -69.60 25.09
N ALA F 2054 3.35 -69.38 24.89
CA ALA F 2054 4.23 -69.15 26.04
C ALA F 2054 3.84 -67.87 26.76
N ASP F 2055 3.44 -66.84 26.00
CA ASP F 2055 2.95 -65.60 26.59
C ASP F 2055 1.68 -65.86 27.38
N VAL F 2056 0.79 -66.70 26.85
CA VAL F 2056 -0.45 -67.00 27.56
C VAL F 2056 -0.16 -67.81 28.82
N TYR F 2057 0.80 -68.73 28.75
CA TYR F 2057 1.22 -69.50 29.91
C TYR F 2057 1.77 -68.59 31.00
N SER F 2058 2.62 -67.64 30.62
CA SER F 2058 3.15 -66.69 31.60
C SER F 2058 2.06 -65.80 32.15
N PHE F 2059 1.05 -65.45 31.34
CA PHE F 2059 -0.07 -64.66 31.82
C PHE F 2059 -0.88 -65.43 32.86
N GLY F 2060 -1.09 -66.72 32.62
CA GLY F 2060 -1.75 -67.56 33.61
C GLY F 2060 -0.92 -67.68 34.89
N LEU F 2061 0.41 -67.77 34.74
CA LEU F 2061 1.29 -67.77 35.90
C LEU F 2061 1.17 -66.46 36.68
N LEU F 2062 1.07 -65.34 35.97
CA LEU F 2062 0.87 -64.04 36.62
C LEU F 2062 -0.45 -64.01 37.38
N LEU F 2063 -1.49 -64.58 36.78
CA LEU F 2063 -2.77 -64.70 37.48
C LEU F 2063 -2.64 -65.54 38.74
N TYR F 2064 -1.85 -66.62 38.67
CA TYR F 2064 -1.59 -67.43 39.86
C TYR F 2064 -0.90 -66.60 40.94
N ASP F 2065 0.11 -65.82 40.55
CA ASP F 2065 0.84 -65.00 41.53
C ASP F 2065 -0.06 -63.96 42.16
N ILE F 2066 -0.87 -63.26 41.35
CA ILE F 2066 -1.70 -62.18 41.89
C ILE F 2066 -2.84 -62.76 42.73
N LEU F 2067 -3.32 -63.96 42.39
CA LEU F 2067 -4.36 -64.60 43.20
C LEU F 2067 -3.83 -64.97 44.57
N THR F 2068 -2.59 -65.43 44.65
CA THR F 2068 -1.96 -65.84 45.89
C THR F 2068 -1.07 -64.74 46.47
N THR F 2069 -1.19 -63.50 45.98
CA THR F 2069 -0.40 -62.36 46.41
C THR F 2069 1.10 -62.64 46.29
N GLY F 2070 1.48 -63.36 45.25
CA GLY F 2070 2.88 -63.63 44.96
C GLY F 2070 3.58 -64.47 46.01
N GLY F 2071 2.86 -65.41 46.63
CA GLY F 2071 3.52 -66.32 47.56
C GLY F 2071 4.50 -67.26 46.89
N ARG F 2072 4.22 -67.66 45.65
CA ARG F 2072 5.14 -68.51 44.91
C ARG F 2072 6.48 -67.82 44.70
N ILE F 2073 6.45 -66.52 44.37
CA ILE F 2073 7.69 -65.76 44.22
C ILE F 2073 8.45 -65.70 45.53
N VAL F 2074 7.73 -65.49 46.63
CA VAL F 2074 8.37 -65.40 47.95
C VAL F 2074 9.04 -66.71 48.31
N GLU F 2075 8.36 -67.83 48.08
CA GLU F 2075 8.94 -69.13 48.41
C GLU F 2075 10.06 -69.52 47.45
N GLY F 2076 9.99 -69.07 46.20
CA GLY F 2076 10.99 -69.43 45.21
C GLY F 2076 12.28 -68.64 45.29
N LEU F 2077 12.28 -67.53 46.02
CA LEU F 2077 13.51 -66.73 46.16
C LEU F 2077 14.57 -67.47 46.95
N LYS F 2078 14.16 -68.39 47.84
CA LYS F 2078 15.13 -69.18 48.60
C LYS F 2078 15.52 -70.46 47.88
N PHE F 2079 14.61 -71.04 47.09
CA PHE F 2079 14.83 -72.34 46.44
C PHE F 2079 14.58 -72.18 44.94
N PRO F 2080 15.48 -71.49 44.22
CA PRO F 2080 15.23 -71.24 42.78
C PRO F 2080 15.18 -72.51 41.94
N ASN F 2081 15.96 -73.54 42.32
CA ASN F 2081 16.02 -74.76 41.52
C ASN F 2081 14.66 -75.43 41.41
N GLU F 2082 13.97 -75.63 42.53
CA GLU F 2082 12.61 -76.14 42.46
C GLU F 2082 11.62 -75.07 42.01
N PHE F 2083 11.95 -73.78 42.16
CA PHE F 2083 11.13 -72.70 41.64
C PHE F 2083 11.06 -72.73 40.12
N ASP F 2084 12.01 -73.39 39.48
CA ASP F 2084 12.00 -73.56 38.03
C ASP F 2084 11.54 -74.96 37.65
N GLU F 2085 12.14 -76.00 38.25
CA GLU F 2085 11.90 -77.35 37.81
C GLU F 2085 10.53 -77.90 38.24
N LEU F 2086 9.91 -77.37 39.31
CA LEU F 2086 8.58 -77.82 39.65
C LEU F 2086 7.54 -77.29 38.67
N GLU F 2087 7.68 -76.03 38.27
CA GLU F 2087 6.71 -75.42 37.36
C GLU F 2087 7.04 -75.65 35.89
N ILE F 2088 8.21 -76.21 35.57
CA ILE F 2088 8.51 -76.45 34.16
C ILE F 2088 7.67 -77.61 33.61
N GLN F 2089 7.18 -78.50 34.47
CA GLN F 2089 6.22 -79.53 34.08
C GLN F 2089 4.88 -79.25 34.73
N GLY F 2090 3.83 -79.83 34.15
CA GLY F 2090 2.48 -79.55 34.59
C GLY F 2090 2.09 -80.19 35.91
N LYS F 2091 2.68 -79.73 37.01
CA LYS F 2091 2.36 -80.20 38.34
C LYS F 2091 2.21 -79.04 39.31
N LEU F 2092 1.78 -77.89 38.82
CA LEU F 2092 1.65 -76.69 39.64
C LEU F 2092 0.59 -76.91 40.73
N PRO F 2093 0.86 -76.51 41.98
CA PRO F 2093 -0.03 -76.86 43.08
C PRO F 2093 -1.34 -76.10 43.08
N ASP F 2094 -2.23 -76.43 44.01
CA ASP F 2094 -3.52 -75.77 44.10
C ASP F 2094 -3.34 -74.38 44.71
N PRO F 2095 -3.84 -73.32 44.06
CA PRO F 2095 -3.69 -71.97 44.63
C PRO F 2095 -4.35 -71.78 45.99
N VAL F 2096 -5.44 -72.50 46.27
CA VAL F 2096 -6.18 -72.30 47.51
C VAL F 2096 -5.54 -73.08 48.66
N LYS F 2097 -5.03 -74.28 48.39
CA LYS F 2097 -4.54 -75.14 49.46
C LYS F 2097 -3.24 -74.61 50.06
N GLU F 2098 -2.19 -74.49 49.24
CA GLU F 2098 -0.89 -74.04 49.74
C GLU F 2098 -0.96 -72.62 50.29
N TYR F 2099 -1.66 -71.73 49.60
CA TYR F 2099 -1.72 -70.32 49.97
C TYR F 2099 -3.15 -69.94 50.32
N GLY F 2100 -3.35 -69.44 51.54
CA GLY F 2100 -4.69 -69.08 51.98
C GLY F 2100 -5.19 -67.83 51.28
N CYS F 2101 -6.24 -67.96 50.48
CA CYS F 2101 -6.78 -66.84 49.72
C CYS F 2101 -8.23 -67.14 49.38
N ALA F 2102 -8.89 -66.18 48.74
CA ALA F 2102 -10.27 -66.35 48.32
C ALA F 2102 -10.34 -67.40 47.20
N PRO F 2103 -11.46 -68.15 47.12
CA PRO F 2103 -11.56 -69.25 46.13
C PRO F 2103 -11.37 -68.80 44.69
N TRP F 2104 -12.26 -67.93 44.19
CA TRP F 2104 -12.28 -67.48 42.80
C TRP F 2104 -12.27 -68.65 41.82
N PRO F 2105 -13.37 -69.38 41.66
CA PRO F 2105 -13.31 -70.63 40.88
C PRO F 2105 -13.17 -70.40 39.37
N MET F 2106 -13.88 -69.41 38.82
CA MET F 2106 -13.91 -69.27 37.36
C MET F 2106 -12.57 -68.78 36.83
N VAL F 2107 -11.74 -68.15 37.66
CA VAL F 2107 -10.42 -67.77 37.18
C VAL F 2107 -9.42 -68.88 37.45
N GLU F 2108 -9.68 -69.77 38.41
CA GLU F 2108 -8.88 -70.98 38.52
C GLU F 2108 -9.05 -71.83 37.28
N LYS F 2109 -10.28 -71.89 36.75
CA LYS F 2109 -10.51 -72.56 35.48
C LYS F 2109 -9.70 -71.91 34.37
N LEU F 2110 -9.68 -70.58 34.34
CA LEU F 2110 -8.91 -69.86 33.32
C LEU F 2110 -7.42 -70.15 33.44
N ILE F 2111 -6.90 -70.15 34.67
CA ILE F 2111 -5.50 -70.46 34.93
C ILE F 2111 -5.18 -71.87 34.44
N LYS F 2112 -6.02 -72.85 34.79
CA LYS F 2112 -5.80 -74.22 34.36
C LYS F 2112 -5.83 -74.33 32.84
N GLN F 2113 -6.70 -73.56 32.19
CA GLN F 2113 -6.69 -73.51 30.73
C GLN F 2113 -5.37 -72.95 30.21
N CYS F 2114 -4.81 -71.96 30.92
CA CYS F 2114 -3.51 -71.39 30.57
C CYS F 2114 -2.33 -72.18 31.12
N LEU F 2115 -2.56 -73.22 31.92
CA LEU F 2115 -1.50 -74.00 32.54
C LEU F 2115 -1.50 -75.44 32.04
N LYS F 2116 -1.67 -75.62 30.73
CA LYS F 2116 -1.63 -76.94 30.11
C LYS F 2116 -0.37 -77.06 29.27
N GLU F 2117 0.18 -78.29 29.24
CA GLU F 2117 1.48 -78.52 28.60
C GLU F 2117 1.43 -78.22 27.10
N ASN F 2118 0.37 -78.63 26.42
CA ASN F 2118 0.29 -78.45 24.98
C ASN F 2118 0.20 -76.97 24.64
N PRO F 2119 1.10 -76.44 23.80
CA PRO F 2119 1.03 -75.01 23.43
C PRO F 2119 -0.24 -74.65 22.67
N GLN F 2120 -0.50 -75.35 21.56
CA GLN F 2120 -1.65 -75.01 20.71
C GLN F 2120 -2.98 -75.21 21.41
N GLU F 2121 -3.02 -75.99 22.48
CA GLU F 2121 -4.28 -76.18 23.21
C GLU F 2121 -4.66 -74.93 23.99
N ARG F 2122 -3.68 -74.19 24.49
CA ARG F 2122 -3.95 -73.04 25.33
C ARG F 2122 -4.69 -71.95 24.56
N PRO F 2123 -5.64 -71.26 25.19
CA PRO F 2123 -6.38 -70.20 24.49
C PRO F 2123 -5.47 -69.05 24.11
N THR F 2124 -5.79 -68.41 22.97
CA THR F 2124 -5.05 -67.23 22.58
C THR F 2124 -5.47 -66.04 23.43
N SER F 2125 -4.68 -64.95 23.34
CA SER F 2125 -4.92 -63.79 24.20
C SER F 2125 -6.28 -63.14 23.94
N ALA F 2126 -6.76 -63.22 22.70
CA ALA F 2126 -8.10 -62.71 22.41
C ALA F 2126 -9.15 -63.47 23.21
N GLN F 2127 -9.03 -64.80 23.28
CA GLN F 2127 -9.97 -65.59 24.06
C GLN F 2127 -9.89 -65.25 25.55
N VAL F 2128 -8.68 -65.11 26.09
CA VAL F 2128 -8.56 -64.85 27.53
C VAL F 2128 -9.11 -63.47 27.86
N PHE F 2129 -8.95 -62.50 26.96
CA PHE F 2129 -9.55 -61.19 27.20
C PHE F 2129 -11.08 -61.25 27.09
N ASP F 2130 -11.60 -61.96 26.08
CA ASP F 2130 -13.04 -62.07 25.91
C ASP F 2130 -13.71 -62.87 27.03
N ILE F 2131 -12.94 -63.69 27.75
CA ILE F 2131 -13.48 -64.39 28.91
C ILE F 2131 -13.36 -63.55 30.18
N LEU F 2132 -12.24 -62.83 30.32
CA LEU F 2132 -11.97 -62.11 31.57
C LEU F 2132 -12.79 -60.84 31.69
N ASN F 2133 -13.17 -60.21 30.57
CA ASN F 2133 -13.95 -58.98 30.63
C ASN F 2133 -15.36 -59.21 31.15
N SER F 2134 -15.82 -60.45 31.21
CA SER F 2134 -17.14 -60.76 31.74
C SER F 2134 -17.18 -60.52 33.24
N ALA F 2135 -18.35 -60.08 33.72
CA ALA F 2135 -18.54 -59.73 35.11
C ALA F 2135 -19.00 -60.90 35.98
N GLU F 2136 -19.11 -62.11 35.43
CA GLU F 2136 -19.51 -63.24 36.24
C GLU F 2136 -18.38 -63.70 37.15
N LEU F 2137 -17.13 -63.65 36.66
CA LEU F 2137 -16.01 -64.12 37.46
C LEU F 2137 -15.61 -63.14 38.56
N VAL F 2138 -16.00 -61.86 38.43
CA VAL F 2138 -15.58 -60.88 39.44
C VAL F 2138 -16.48 -60.90 40.66
N CYS F 2139 -17.69 -61.46 40.53
CA CYS F 2139 -18.64 -61.53 41.63
C CYS F 2139 -18.81 -62.92 42.21
N LEU F 2140 -18.56 -63.96 41.41
CA LEU F 2140 -18.71 -65.33 41.88
C LEU F 2140 -17.61 -65.61 42.91
N THR F 2141 -17.98 -65.58 44.19
CA THR F 2141 -17.01 -65.75 45.26
C THR F 2141 -16.47 -67.18 45.26
N ARG F 2142 -17.37 -68.16 45.21
CA ARG F 2142 -16.97 -69.57 45.30
C ARG F 2142 -18.09 -70.43 44.74
N ARG F 2143 -17.69 -71.55 44.14
CA ARG F 2143 -18.62 -72.58 43.69
C ARG F 2143 -18.37 -73.83 44.52
N ILE F 2144 -19.42 -74.35 45.14
CA ILE F 2144 -19.33 -75.55 45.98
C ILE F 2144 -20.01 -76.68 45.25
N LEU F 2145 -19.26 -77.76 44.99
CA LEU F 2145 -19.80 -78.94 44.34
C LEU F 2145 -20.40 -79.88 45.37
N LEU F 2146 -21.71 -80.07 45.31
CA LEU F 2146 -22.39 -80.93 46.26
C LEU F 2146 -22.06 -82.40 45.96
N PRO F 2147 -22.26 -83.29 46.94
CA PRO F 2147 -21.96 -84.72 46.70
C PRO F 2147 -22.79 -85.29 45.57
N LYS F 2148 -22.30 -86.40 45.02
CA LYS F 2148 -22.91 -87.02 43.85
C LYS F 2148 -24.33 -87.47 44.15
N ASN F 2149 -25.25 -87.14 43.23
CA ASN F 2149 -26.67 -87.52 43.30
C ASN F 2149 -27.31 -87.08 44.61
N VAL F 2150 -27.22 -85.77 44.88
CA VAL F 2150 -27.88 -85.13 46.00
C VAL F 2150 -28.80 -84.04 45.46
N ILE F 2151 -30.08 -84.11 45.83
CA ILE F 2151 -31.10 -83.19 45.36
C ILE F 2151 -31.56 -82.37 46.56
N VAL F 2152 -31.62 -81.05 46.39
CA VAL F 2152 -31.99 -80.15 47.47
C VAL F 2152 -32.72 -78.95 46.88
N GLU F 2153 -33.72 -78.45 47.63
CA GLU F 2153 -34.45 -77.27 47.22
C GLU F 2153 -34.70 -76.28 48.34
N CYS F 2154 -34.33 -76.61 49.58
CA CYS F 2154 -34.52 -75.73 50.73
C CYS F 2154 -33.19 -75.49 51.42
N MET F 2155 -32.93 -74.24 51.80
CA MET F 2155 -31.64 -73.84 52.32
C MET F 2155 -31.83 -72.71 53.32
N VAL F 2156 -30.83 -72.54 54.18
CA VAL F 2156 -30.83 -71.45 55.16
C VAL F 2156 -29.39 -71.21 55.58
N ALA F 2157 -29.08 -69.96 55.94
CA ALA F 2157 -27.75 -69.57 56.37
C ALA F 2157 -27.83 -68.89 57.72
N THR F 2158 -26.72 -68.94 58.45
CA THR F 2158 -26.60 -68.29 59.75
C THR F 2158 -25.97 -66.91 59.54
N HIS F 2159 -26.75 -65.85 59.77
CA HIS F 2159 -26.31 -64.49 59.52
C HIS F 2159 -25.98 -63.69 60.77
N HIS F 2160 -26.34 -64.17 61.96
CA HIS F 2160 -26.02 -63.44 63.18
C HIS F 2160 -24.60 -63.67 63.65
N ASN F 2161 -23.89 -64.64 63.09
CA ASN F 2161 -22.49 -64.90 63.41
C ASN F 2161 -21.62 -64.40 62.26
N SER F 2162 -21.07 -63.19 62.42
CA SER F 2162 -20.26 -62.58 61.37
C SER F 2162 -18.87 -63.21 61.25
N ARG F 2163 -18.39 -63.89 62.30
CA ARG F 2163 -17.08 -64.52 62.24
C ARG F 2163 -17.04 -65.61 61.19
N ASN F 2164 -18.00 -66.54 61.23
CA ASN F 2164 -18.09 -67.60 60.24
C ASN F 2164 -19.53 -68.08 60.20
N ALA F 2165 -19.90 -68.69 59.07
CA ALA F 2165 -21.26 -69.15 58.86
C ALA F 2165 -21.24 -70.51 58.21
N SER F 2166 -22.34 -71.25 58.40
CA SER F 2166 -22.52 -72.55 57.79
C SER F 2166 -23.90 -72.62 57.14
N ILE F 2167 -24.01 -73.43 56.09
CA ILE F 2167 -25.22 -73.54 55.29
C ILE F 2167 -25.91 -74.83 55.66
N TRP F 2168 -27.21 -74.76 55.91
CA TRP F 2168 -28.03 -75.93 56.24
C TRP F 2168 -28.98 -76.23 55.09
N LEU F 2169 -28.95 -77.46 54.60
CA LEU F 2169 -29.70 -77.83 53.42
C LEU F 2169 -30.81 -78.83 53.77
N GLY F 2170 -31.48 -79.31 52.73
CA GLY F 2170 -32.47 -80.36 52.85
C GLY F 2170 -32.16 -81.51 51.93
N CYS F 2171 -33.17 -82.28 51.54
CA CYS F 2171 -32.99 -83.42 50.66
C CYS F 2171 -34.16 -83.53 49.70
N GLY F 2172 -33.87 -83.95 48.46
CA GLY F 2172 -34.91 -84.14 47.47
C GLY F 2172 -34.87 -85.52 46.83
N HIS F 2173 -33.76 -86.23 46.99
CA HIS F 2173 -33.61 -87.58 46.45
C HIS F 2173 -34.17 -88.66 47.35
N THR F 2174 -34.55 -88.33 48.58
CA THR F 2174 -35.16 -89.27 49.51
C THR F 2174 -36.55 -88.79 49.90
N ASP F 2175 -37.50 -89.73 49.92
CA ASP F 2175 -38.85 -89.40 50.35
C ASP F 2175 -38.93 -89.03 51.83
N ARG F 2176 -37.92 -89.41 52.62
CA ARG F 2176 -37.82 -89.03 54.02
C ARG F 2176 -36.83 -87.89 54.18
N GLY F 2177 -36.91 -87.24 55.34
CA GLY F 2177 -36.10 -86.05 55.56
C GLY F 2177 -34.64 -86.36 55.80
N GLN F 2178 -33.79 -85.41 55.40
CA GLN F 2178 -32.35 -85.50 55.60
C GLN F 2178 -31.77 -84.11 55.44
N LEU F 2179 -30.96 -83.68 56.42
CA LEU F 2179 -30.41 -82.34 56.46
C LEU F 2179 -28.92 -82.41 56.15
N SER F 2180 -28.43 -81.42 55.41
CA SER F 2180 -27.03 -81.36 54.99
C SER F 2180 -26.38 -80.12 55.61
N PHE F 2181 -25.42 -80.35 56.50
CA PHE F 2181 -24.60 -79.30 57.05
C PHE F 2181 -23.38 -79.07 56.17
N LEU F 2182 -23.14 -77.81 55.80
CA LEU F 2182 -22.00 -77.43 54.96
C LEU F 2182 -21.34 -76.19 55.54
N ASP F 2183 -20.01 -76.21 55.62
CA ASP F 2183 -19.26 -75.04 56.02
C ASP F 2183 -18.71 -74.33 54.78
N LEU F 2184 -18.05 -73.20 54.99
CA LEU F 2184 -17.46 -72.44 53.89
C LEU F 2184 -15.94 -72.53 53.85
N ASN F 2185 -15.27 -72.49 55.00
CA ASN F 2185 -13.81 -72.61 55.01
C ASN F 2185 -13.33 -74.06 54.96
N THR F 2186 -14.21 -75.03 55.21
CA THR F 2186 -13.83 -76.44 55.17
C THR F 2186 -14.53 -77.23 54.08
N GLU F 2187 -15.74 -76.83 53.67
CA GLU F 2187 -16.54 -77.55 52.67
C GLU F 2187 -16.77 -79.01 53.07
N GLY F 2188 -17.02 -79.24 54.36
CA GLY F 2188 -17.23 -80.58 54.87
C GLY F 2188 -18.70 -80.97 54.89
N TYR F 2189 -19.05 -82.01 54.14
CA TYR F 2189 -20.44 -82.46 54.07
C TYR F 2189 -20.80 -83.29 55.29
N THR F 2190 -21.91 -82.94 55.93
CA THR F 2190 -22.45 -83.69 57.06
C THR F 2190 -23.91 -84.02 56.76
N SER F 2191 -24.29 -85.28 56.95
CA SER F 2191 -25.65 -85.73 56.73
C SER F 2191 -26.25 -86.22 58.05
N GLU F 2192 -27.45 -85.72 58.37
CA GLU F 2192 -28.15 -86.11 59.59
C GLU F 2192 -29.64 -86.26 59.30
N GLU F 2193 -30.19 -87.41 59.66
CA GLU F 2193 -31.60 -87.70 59.48
C GLU F 2193 -32.39 -87.08 60.64
N VAL F 2194 -33.36 -86.23 60.31
CA VAL F 2194 -34.19 -85.58 61.32
C VAL F 2194 -35.68 -85.78 61.12
N ALA F 2195 -36.16 -86.08 59.91
CA ALA F 2195 -37.58 -86.22 59.67
C ALA F 2195 -37.84 -87.48 58.84
N ASP F 2196 -39.04 -88.05 59.02
CA ASP F 2196 -39.43 -89.26 58.30
C ASP F 2196 -40.09 -88.96 56.95
N SER F 2197 -40.25 -87.68 56.61
CA SER F 2197 -40.82 -87.28 55.34
C SER F 2197 -39.97 -86.16 54.75
N ARG F 2198 -40.07 -86.00 53.43
CA ARG F 2198 -39.26 -85.03 52.69
C ARG F 2198 -39.43 -83.62 53.25
N ILE F 2199 -38.30 -82.97 53.53
CA ILE F 2199 -38.30 -81.63 54.10
C ILE F 2199 -38.52 -80.61 52.98
N LEU F 2200 -39.47 -79.70 53.19
CA LEU F 2200 -39.81 -78.71 52.18
C LEU F 2200 -39.11 -77.36 52.35
N CYS F 2201 -39.03 -76.84 53.58
CA CYS F 2201 -38.41 -75.54 53.81
C CYS F 2201 -37.86 -75.46 55.23
N LEU F 2202 -37.05 -74.42 55.47
CA LEU F 2202 -36.50 -74.15 56.79
C LEU F 2202 -36.46 -72.64 57.03
N ALA F 2203 -36.41 -72.26 58.30
CA ALA F 2203 -36.36 -70.86 58.71
C ALA F 2203 -35.53 -70.74 59.98
N LEU F 2204 -34.71 -69.69 60.05
CA LEU F 2204 -33.81 -69.47 61.17
C LEU F 2204 -34.43 -68.49 62.15
N VAL F 2205 -34.49 -68.89 63.42
CA VAL F 2205 -34.96 -68.03 64.51
C VAL F 2205 -33.83 -67.87 65.52
N HIS F 2206 -33.35 -66.64 65.67
CA HIS F 2206 -32.19 -66.33 66.49
C HIS F 2206 -32.65 -65.55 67.72
N LEU F 2207 -32.25 -66.01 68.90
CA LEU F 2207 -32.59 -65.32 70.14
C LEU F 2207 -31.38 -64.51 70.59
N PRO F 2208 -31.48 -63.18 70.70
CA PRO F 2208 -30.34 -62.37 71.16
C PRO F 2208 -29.84 -62.75 72.55
N VAL F 2209 -30.71 -63.20 73.43
CA VAL F 2209 -30.30 -63.67 74.74
C VAL F 2209 -29.83 -65.12 74.63
N GLU F 2210 -28.82 -65.47 75.44
CA GLU F 2210 -28.20 -66.80 75.52
C GLU F 2210 -27.36 -67.12 74.28
N LYS F 2211 -27.39 -66.24 73.28
CA LYS F 2211 -26.58 -66.33 72.06
C LYS F 2211 -26.72 -67.67 71.37
N GLU F 2212 -27.94 -67.93 70.89
CA GLU F 2212 -28.26 -69.14 70.15
C GLU F 2212 -29.17 -68.77 69.00
N SER F 2213 -29.19 -69.64 67.97
CA SER F 2213 -30.02 -69.44 66.79
C SER F 2213 -30.55 -70.81 66.37
N TRP F 2214 -31.77 -71.12 66.80
CA TRP F 2214 -32.36 -72.41 66.48
C TRP F 2214 -32.83 -72.41 65.03
N ILE F 2215 -32.97 -73.61 64.47
CA ILE F 2215 -33.44 -73.80 63.11
C ILE F 2215 -34.69 -74.67 63.12
N VAL F 2216 -35.72 -74.24 62.40
CA VAL F 2216 -36.99 -74.95 62.32
C VAL F 2216 -37.13 -75.52 60.91
N SER F 2217 -37.66 -76.75 60.84
CA SER F 2217 -37.76 -77.47 59.57
C SER F 2217 -39.20 -77.92 59.38
N GLY F 2218 -39.78 -77.55 58.24
CA GLY F 2218 -41.11 -77.99 57.86
C GLY F 2218 -41.09 -78.98 56.71
N THR F 2219 -41.76 -80.10 56.91
CA THR F 2219 -41.77 -81.21 55.96
C THR F 2219 -43.17 -81.40 55.36
N GLN F 2220 -43.29 -82.44 54.54
CA GLN F 2220 -44.55 -82.68 53.83
C GLN F 2220 -45.65 -83.20 54.75
N SER F 2221 -45.29 -83.82 55.86
CA SER F 2221 -46.28 -84.34 56.81
C SER F 2221 -46.74 -83.29 57.81
N GLY F 2222 -46.21 -82.07 57.75
CA GLY F 2222 -46.53 -81.04 58.71
C GLY F 2222 -45.75 -81.11 60.01
N THR F 2223 -44.85 -82.08 60.15
CA THR F 2223 -44.07 -82.24 61.39
C THR F 2223 -42.97 -81.19 61.40
N LEU F 2224 -43.18 -80.12 62.15
CA LEU F 2224 -42.18 -79.07 62.26
C LEU F 2224 -41.22 -79.42 63.40
N LEU F 2225 -39.98 -79.72 63.04
CA LEU F 2225 -38.95 -80.14 63.99
C LEU F 2225 -37.89 -79.06 64.12
N VAL F 2226 -37.53 -78.74 65.36
CA VAL F 2226 -36.61 -77.65 65.66
C VAL F 2226 -35.38 -78.25 66.33
N ILE F 2227 -34.19 -77.90 65.81
CA ILE F 2227 -32.93 -78.37 66.37
C ILE F 2227 -32.00 -77.17 66.54
N ASN F 2228 -31.12 -77.25 67.54
CA ASN F 2228 -30.26 -76.14 67.89
C ASN F 2228 -29.07 -76.02 66.94
N THR F 2229 -28.41 -74.87 67.00
CA THR F 2229 -27.24 -74.63 66.16
C THR F 2229 -26.08 -75.56 66.52
N GLU F 2230 -25.80 -75.71 67.81
CA GLU F 2230 -24.67 -76.51 68.26
C GLU F 2230 -25.06 -77.95 68.55
N ASP F 2231 -26.06 -78.16 69.39
CA ASP F 2231 -26.47 -79.49 69.81
C ASP F 2231 -27.44 -80.07 68.79
N GLY F 2232 -27.14 -81.26 68.30
CA GLY F 2232 -27.99 -81.92 67.33
C GLY F 2232 -28.91 -82.97 67.92
N LYS F 2233 -29.11 -82.91 69.24
CA LYS F 2233 -29.96 -83.88 69.93
C LYS F 2233 -31.22 -83.27 70.53
N LYS F 2234 -31.18 -82.02 70.97
CA LYS F 2234 -32.33 -81.36 71.59
C LYS F 2234 -33.34 -80.98 70.51
N ARG F 2235 -34.23 -81.91 70.18
CA ARG F 2235 -35.23 -81.70 69.14
C ARG F 2235 -36.63 -81.86 69.73
N HIS F 2236 -37.57 -81.11 69.17
CA HIS F 2236 -38.97 -81.16 69.61
C HIS F 2236 -39.87 -80.91 68.42
N THR F 2237 -40.71 -81.89 68.08
CA THR F 2237 -41.68 -81.74 67.01
C THR F 2237 -42.88 -80.95 67.51
N LEU F 2238 -43.27 -79.93 66.74
CA LEU F 2238 -44.40 -79.08 67.11
C LEU F 2238 -45.72 -79.79 66.80
N GLU F 2239 -46.81 -79.05 66.90
CA GLU F 2239 -48.14 -79.59 66.60
C GLU F 2239 -48.20 -80.10 65.16
N LYS F 2240 -48.63 -81.36 65.01
CA LYS F 2240 -48.73 -81.95 63.69
C LYS F 2240 -49.78 -81.22 62.86
N MET F 2241 -49.46 -80.98 61.60
CA MET F 2241 -50.22 -80.07 60.76
C MET F 2241 -51.05 -80.84 59.74
N THR F 2242 -52.19 -80.26 59.36
CA THR F 2242 -53.11 -80.92 58.44
C THR F 2242 -52.48 -81.13 57.08
N ASP F 2243 -51.89 -80.09 56.51
CA ASP F 2243 -51.32 -80.13 55.17
C ASP F 2243 -49.80 -79.97 55.22
N SER F 2244 -49.19 -79.97 54.04
CA SER F 2244 -47.74 -79.88 53.94
C SER F 2244 -47.26 -78.48 54.26
N VAL F 2245 -46.18 -78.38 55.04
CA VAL F 2245 -45.57 -77.10 55.32
C VAL F 2245 -44.84 -76.61 54.07
N THR F 2246 -45.16 -75.39 53.63
CA THR F 2246 -44.66 -74.90 52.35
C THR F 2246 -43.71 -73.71 52.46
N CYS F 2247 -44.09 -72.68 53.23
CA CYS F 2247 -43.29 -71.47 53.30
C CYS F 2247 -43.13 -71.03 54.75
N LEU F 2248 -41.94 -70.50 55.06
CA LEU F 2248 -41.61 -70.07 56.41
C LEU F 2248 -40.92 -68.73 56.36
N TYR F 2249 -41.07 -67.94 57.44
CA TYR F 2249 -40.48 -66.62 57.48
C TYR F 2249 -40.33 -66.16 58.93
N CYS F 2250 -39.24 -65.44 59.19
CA CYS F 2250 -39.00 -64.78 60.47
C CYS F 2250 -38.87 -63.28 60.22
N ASN F 2251 -39.85 -62.51 60.69
CA ASN F 2251 -39.90 -61.09 60.39
C ASN F 2251 -39.14 -60.29 61.44
N SER F 2252 -39.30 -58.96 61.39
CA SER F 2252 -38.71 -58.03 62.36
C SER F 2252 -39.83 -57.12 62.84
N PHE F 2253 -40.54 -57.57 63.88
CA PHE F 2253 -41.74 -56.89 64.39
C PHE F 2253 -41.49 -56.64 65.87
N SER F 2254 -40.98 -55.45 66.21
CA SER F 2254 -40.57 -55.11 67.56
C SER F 2254 -41.55 -54.16 68.23
N LYS F 2255 -42.85 -54.37 68.02
CA LYS F 2255 -43.86 -53.44 68.52
C LYS F 2255 -44.11 -53.56 70.04
N GLN F 2256 -43.27 -54.27 70.79
CA GLN F 2256 -43.38 -54.37 72.24
C GLN F 2256 -42.36 -53.49 72.96
N SER F 2257 -41.78 -52.51 72.26
CA SER F 2257 -40.71 -51.63 72.73
C SER F 2257 -39.43 -52.37 73.08
N LYS F 2258 -39.33 -53.66 72.74
CA LYS F 2258 -38.13 -54.45 72.98
C LYS F 2258 -37.93 -55.35 71.77
N GLN F 2259 -36.98 -56.28 71.87
CA GLN F 2259 -36.69 -57.19 70.77
C GLN F 2259 -37.70 -58.33 70.78
N LYS F 2260 -38.41 -58.51 69.66
CA LYS F 2260 -39.38 -59.58 69.55
C LYS F 2260 -39.56 -59.92 68.07
N ASN F 2261 -39.88 -61.18 67.81
CA ASN F 2261 -40.09 -61.64 66.44
C ASN F 2261 -41.12 -62.77 66.44
N PHE F 2262 -41.73 -62.97 65.28
CA PHE F 2262 -42.73 -64.01 65.10
C PHE F 2262 -42.33 -64.95 63.98
N LEU F 2263 -43.01 -66.10 63.93
CA LEU F 2263 -42.77 -67.14 62.94
C LEU F 2263 -44.08 -67.46 62.23
N LEU F 2264 -43.98 -67.64 60.91
CA LEU F 2264 -45.14 -67.85 60.06
C LEU F 2264 -44.95 -69.13 59.27
N VAL F 2265 -46.02 -69.92 59.17
CA VAL F 2265 -46.03 -71.16 58.40
C VAL F 2265 -47.10 -71.03 57.32
N GLY F 2266 -46.74 -71.39 56.09
CA GLY F 2266 -47.68 -71.33 54.99
C GLY F 2266 -48.32 -72.66 54.66
N THR F 2267 -49.63 -72.75 54.88
CA THR F 2267 -50.34 -74.00 54.68
C THR F 2267 -50.63 -74.20 53.19
N ALA F 2268 -50.81 -75.47 52.80
CA ALA F 2268 -51.27 -75.77 51.46
C ALA F 2268 -52.74 -75.39 51.24
N ASP F 2269 -53.48 -75.02 52.29
CA ASP F 2269 -54.83 -74.51 52.15
C ASP F 2269 -55.01 -73.09 52.66
N GLY F 2270 -53.97 -72.48 53.23
CA GLY F 2270 -54.00 -71.09 53.61
C GLY F 2270 -54.13 -70.80 55.10
N LYS F 2271 -54.10 -71.81 55.96
CA LYS F 2271 -54.21 -71.62 57.40
C LYS F 2271 -52.85 -71.20 57.94
N LEU F 2272 -52.58 -69.89 57.85
CA LEU F 2272 -51.31 -69.35 58.32
C LEU F 2272 -51.31 -69.22 59.83
N ALA F 2273 -50.39 -69.94 60.48
CA ALA F 2273 -50.27 -69.95 61.93
C ALA F 2273 -49.16 -68.99 62.38
N ILE F 2274 -49.42 -68.27 63.46
CA ILE F 2274 -48.48 -67.29 64.01
C ILE F 2274 -47.86 -67.87 65.27
N PHE F 2275 -46.53 -67.76 65.38
CA PHE F 2275 -45.81 -68.17 66.58
C PHE F 2275 -44.94 -67.02 67.04
N GLU F 2276 -44.04 -67.26 67.99
CA GLU F 2276 -43.16 -66.22 68.50
C GLU F 2276 -41.73 -66.75 68.57
N ASP F 2277 -40.77 -65.83 68.48
CA ASP F 2277 -39.36 -66.23 68.36
C ASP F 2277 -38.87 -66.96 69.60
N LYS F 2278 -39.23 -66.47 70.80
CA LYS F 2278 -38.70 -67.07 72.02
C LYS F 2278 -39.50 -68.28 72.49
N THR F 2279 -40.65 -68.57 71.90
CA THR F 2279 -41.48 -69.68 72.32
C THR F 2279 -41.20 -70.97 71.54
N VAL F 2280 -40.22 -70.96 70.63
CA VAL F 2280 -39.91 -72.13 69.84
C VAL F 2280 -39.31 -73.26 70.68
N LYS F 2281 -38.76 -72.93 71.85
CA LYS F 2281 -38.14 -73.95 72.69
C LYS F 2281 -39.16 -74.97 73.18
N LEU F 2282 -40.35 -74.52 73.55
CA LEU F 2282 -41.38 -75.40 74.09
C LEU F 2282 -42.04 -76.18 72.96
N LYS F 2283 -42.09 -77.50 73.11
CA LYS F 2283 -42.78 -78.34 72.14
C LYS F 2283 -44.28 -78.07 72.18
N GLY F 2284 -44.90 -78.09 71.00
CA GLY F 2284 -46.33 -77.88 70.88
C GLY F 2284 -46.80 -76.51 71.35
N ALA F 2285 -46.11 -75.46 70.91
CA ALA F 2285 -46.46 -74.11 71.31
C ALA F 2285 -47.83 -73.71 70.76
N ALA F 2286 -48.48 -72.81 71.47
CA ALA F 2286 -49.84 -72.40 71.11
C ALA F 2286 -49.81 -71.42 69.94
N PRO F 2287 -50.51 -71.69 68.86
CA PRO F 2287 -50.58 -70.72 67.75
C PRO F 2287 -51.22 -69.42 68.19
N LEU F 2288 -50.61 -68.30 67.79
CA LEU F 2288 -51.13 -66.99 68.17
C LEU F 2288 -52.44 -66.68 67.45
N LYS F 2289 -52.40 -66.67 66.12
CA LYS F 2289 -53.57 -66.33 65.32
C LYS F 2289 -53.54 -67.14 64.04
N ILE F 2290 -54.38 -68.16 63.94
CA ILE F 2290 -54.48 -68.98 62.74
C ILE F 2290 -55.46 -68.29 61.79
N LEU F 2291 -54.93 -67.77 60.67
CA LEU F 2291 -55.70 -67.00 59.70
C LEU F 2291 -55.81 -67.82 58.42
N ASN F 2292 -56.90 -68.57 58.30
CA ASN F 2292 -57.19 -69.34 57.09
C ASN F 2292 -57.67 -68.38 56.01
N ILE F 2293 -56.71 -67.91 55.19
CA ILE F 2293 -57.02 -66.91 54.17
C ILE F 2293 -57.57 -67.58 52.92
N GLY F 2294 -56.89 -68.62 52.44
CA GLY F 2294 -57.31 -69.30 51.23
C GLY F 2294 -58.17 -70.51 51.47
N PRO F 2299 -53.00 -73.03 47.17
CA PRO F 2299 -51.82 -73.29 47.99
C PRO F 2299 -50.87 -72.10 48.06
N LEU F 2300 -50.58 -71.62 49.26
CA LEU F 2300 -49.62 -70.54 49.44
C LEU F 2300 -48.21 -71.08 49.27
N MET F 2301 -47.42 -70.42 48.41
CA MET F 2301 -46.05 -70.85 48.15
C MET F 2301 -45.06 -69.70 48.23
N CYS F 2302 -45.40 -68.62 48.94
CA CYS F 2302 -44.47 -67.51 49.10
C CYS F 2302 -44.83 -66.68 50.32
N LEU F 2303 -43.88 -65.85 50.73
CA LEU F 2303 -44.09 -64.84 51.76
C LEU F 2303 -42.97 -63.80 51.60
N SER F 2304 -43.34 -62.53 51.75
CA SER F 2304 -42.39 -61.45 51.49
C SER F 2304 -42.51 -60.41 52.60
N GLU F 2305 -41.84 -59.27 52.40
CA GLU F 2305 -41.81 -58.20 53.38
C GLU F 2305 -41.48 -56.90 52.66
N SER F 2306 -41.84 -55.78 53.28
CA SER F 2306 -41.62 -54.46 52.69
C SER F 2306 -40.14 -54.16 52.50
N THR F 2307 -39.82 -53.47 51.40
CA THR F 2307 -38.43 -53.16 51.10
C THR F 2307 -37.84 -52.10 52.04
N ASN F 2308 -38.68 -51.30 52.70
CA ASN F 2308 -38.22 -50.31 53.65
C ASN F 2308 -38.85 -50.55 55.01
N SER F 2309 -38.16 -50.12 56.06
CA SER F 2309 -38.65 -50.25 57.44
C SER F 2309 -39.39 -49.01 57.91
N THR F 2310 -39.52 -47.98 57.06
CA THR F 2310 -40.22 -46.76 57.48
C THR F 2310 -41.73 -46.97 57.54
N GLU F 2311 -42.27 -47.79 56.65
CA GLU F 2311 -43.69 -48.14 56.64
C GLU F 2311 -44.02 -49.26 57.63
N ARG F 2312 -43.13 -49.55 58.58
CA ARG F 2312 -43.35 -50.52 59.65
C ARG F 2312 -43.61 -51.93 59.10
N ASN F 2313 -42.94 -52.25 57.99
CA ASN F 2313 -42.75 -53.61 57.50
C ASN F 2313 -44.10 -54.31 57.24
N VAL F 2314 -44.88 -53.74 56.33
CA VAL F 2314 -46.13 -54.37 55.92
C VAL F 2314 -45.81 -55.66 55.17
N MET F 2315 -46.47 -56.74 55.56
CA MET F 2315 -46.17 -58.07 55.02
C MET F 2315 -47.16 -58.41 53.91
N TRP F 2316 -46.62 -58.84 52.77
CA TRP F 2316 -47.41 -59.12 51.57
C TRP F 2316 -47.23 -60.60 51.21
N GLY F 2317 -48.32 -61.35 51.26
CA GLY F 2317 -48.26 -62.78 50.98
C GLY F 2317 -49.31 -63.24 49.99
N GLY F 2318 -48.89 -64.13 49.09
CA GLY F 2318 -49.77 -64.69 48.09
C GLY F 2318 -50.15 -66.14 48.35
N CYS F 2319 -51.45 -66.42 48.43
CA CYS F 2319 -51.95 -67.77 48.66
C CYS F 2319 -52.71 -68.23 47.43
N GLY F 2320 -52.46 -69.48 47.00
CA GLY F 2320 -53.01 -69.96 45.76
C GLY F 2320 -52.52 -69.11 44.61
N THR F 2321 -53.39 -68.25 44.09
CA THR F 2321 -52.98 -67.21 43.16
C THR F 2321 -53.33 -65.81 43.65
N LYS F 2322 -54.24 -65.69 44.62
CA LYS F 2322 -54.65 -64.40 45.14
C LYS F 2322 -53.63 -63.87 46.14
N ILE F 2323 -53.31 -62.60 46.03
CA ILE F 2323 -52.32 -61.95 46.89
C ILE F 2323 -53.05 -61.11 47.92
N PHE F 2324 -52.69 -61.28 49.20
CA PHE F 2324 -53.27 -60.50 50.29
C PHE F 2324 -52.13 -59.92 51.13
N SER F 2325 -52.49 -59.26 52.22
CA SER F 2325 -51.49 -58.64 53.09
C SER F 2325 -52.00 -58.59 54.52
N PHE F 2326 -51.06 -58.49 55.45
CA PHE F 2326 -51.37 -58.23 56.85
C PHE F 2326 -50.14 -57.62 57.51
N SER F 2327 -50.35 -57.11 58.71
CA SER F 2327 -49.36 -56.29 59.41
C SER F 2327 -49.52 -56.54 60.90
N ASN F 2328 -49.02 -55.61 61.72
CA ASN F 2328 -49.16 -55.69 63.18
C ASN F 2328 -50.60 -56.00 63.60
N ASP F 2329 -51.58 -55.46 62.86
CA ASP F 2329 -52.98 -55.75 63.13
C ASP F 2329 -53.38 -57.18 62.75
N PHE F 2330 -52.55 -57.86 61.92
CA PHE F 2330 -52.82 -59.23 61.47
C PHE F 2330 -54.19 -59.36 60.81
N THR F 2331 -54.53 -58.40 59.95
CA THR F 2331 -55.79 -58.38 59.24
C THR F 2331 -55.55 -58.10 57.77
N ILE F 2332 -56.45 -58.62 56.92
CA ILE F 2332 -56.32 -58.42 55.48
C ILE F 2332 -56.70 -57.00 55.12
N GLN F 2333 -55.84 -56.34 54.33
CA GLN F 2333 -56.10 -55.00 53.83
C GLN F 2333 -56.25 -54.92 52.31
N LYS F 2334 -55.78 -55.92 51.57
CA LYS F 2334 -55.90 -55.90 50.12
C LYS F 2334 -56.10 -57.34 49.63
N LEU F 2335 -56.79 -57.46 48.49
CA LEU F 2335 -57.06 -58.76 47.88
C LEU F 2335 -56.82 -58.69 46.37
N ILE F 2336 -55.64 -58.20 45.98
CA ILE F 2336 -55.27 -58.04 44.57
C ILE F 2336 -55.48 -59.35 43.82
N GLU F 2337 -56.10 -59.25 42.64
CA GLU F 2337 -56.45 -60.42 41.84
C GLU F 2337 -55.78 -60.31 40.47
N THR F 2338 -55.26 -61.43 39.98
CA THR F 2338 -54.46 -61.44 38.76
C THR F 2338 -55.14 -62.08 37.56
N ARG F 2339 -56.02 -63.06 37.76
CA ARG F 2339 -56.64 -63.75 36.63
C ARG F 2339 -57.51 -62.81 35.80
N THR F 2340 -58.30 -61.97 36.47
CA THR F 2340 -59.16 -61.00 35.79
C THR F 2340 -58.34 -59.73 35.52
N SER F 2341 -57.52 -59.81 34.48
CA SER F 2341 -56.64 -58.72 34.09
C SER F 2341 -57.03 -58.20 32.71
N GLN F 2342 -56.73 -56.93 32.47
CA GLN F 2342 -57.05 -56.29 31.20
C GLN F 2342 -55.96 -56.46 30.17
N LEU F 2343 -54.89 -57.18 30.49
CA LEU F 2343 -53.74 -57.38 29.61
C LEU F 2343 -53.68 -58.83 29.12
N PHE F 2344 -54.83 -59.40 28.78
CA PHE F 2344 -54.91 -60.79 28.32
C PHE F 2344 -54.16 -60.99 27.01
N SER F 2345 -53.01 -61.66 27.09
CA SER F 2345 -52.30 -62.18 25.91
C SER F 2345 -52.29 -63.70 25.86
N TYR F 2346 -52.09 -64.36 27.01
CA TYR F 2346 -52.24 -65.80 27.12
C TYR F 2346 -52.98 -66.10 28.41
N ALA F 2347 -53.96 -67.01 28.35
CA ALA F 2347 -54.86 -67.22 29.47
C ALA F 2347 -54.18 -67.96 30.62
N ALA F 2348 -53.36 -68.97 30.30
CA ALA F 2348 -52.78 -69.80 31.35
C ALA F 2348 -51.71 -69.08 32.15
N PHE F 2349 -51.10 -68.03 31.59
CA PHE F 2349 -50.09 -67.27 32.34
C PHE F 2349 -50.71 -66.59 33.55
N SER F 2350 -51.87 -65.97 33.38
CA SER F 2350 -52.57 -65.34 34.50
C SER F 2350 -53.26 -66.35 35.40
N ASP F 2351 -53.78 -67.44 34.83
CA ASP F 2351 -54.48 -68.46 35.61
C ASP F 2351 -53.53 -69.62 35.90
N SER F 2352 -52.72 -69.43 36.93
CA SER F 2352 -51.78 -70.46 37.38
C SER F 2352 -51.44 -70.20 38.84
N ASN F 2353 -50.86 -71.22 39.47
CA ASN F 2353 -50.46 -71.09 40.87
C ASN F 2353 -49.29 -70.10 40.99
N ILE F 2354 -49.35 -69.26 42.03
CA ILE F 2354 -48.29 -68.28 42.24
C ILE F 2354 -47.00 -69.00 42.65
N ILE F 2355 -45.87 -68.32 42.45
CA ILE F 2355 -44.57 -68.83 42.85
C ILE F 2355 -43.93 -67.96 43.93
N THR F 2356 -43.86 -66.64 43.68
CA THR F 2356 -43.25 -65.73 44.61
C THR F 2356 -43.74 -64.31 44.34
N VAL F 2357 -43.47 -63.41 45.27
CA VAL F 2357 -43.86 -62.02 45.17
C VAL F 2357 -42.88 -61.21 46.02
N VAL F 2358 -42.62 -59.97 45.59
CA VAL F 2358 -41.73 -59.06 46.30
C VAL F 2358 -42.42 -57.72 46.47
N VAL F 2359 -41.91 -56.92 47.41
CA VAL F 2359 -42.50 -55.64 47.77
C VAL F 2359 -41.50 -54.54 47.45
N ASP F 2360 -41.93 -53.58 46.63
CA ASP F 2360 -41.13 -52.42 46.26
C ASP F 2360 -42.11 -51.28 45.96
N THR F 2361 -41.62 -50.28 45.21
CA THR F 2361 -42.52 -49.25 44.70
C THR F 2361 -43.66 -49.85 43.87
N ALA F 2362 -43.42 -51.02 43.28
CA ALA F 2362 -44.43 -51.82 42.60
C ALA F 2362 -44.43 -53.22 43.21
N LEU F 2363 -45.17 -54.13 42.61
CA LEU F 2363 -45.18 -55.53 43.03
C LEU F 2363 -44.90 -56.42 41.83
N TYR F 2364 -43.87 -57.25 41.93
CA TYR F 2364 -43.48 -58.16 40.87
C TYR F 2364 -43.98 -59.56 41.23
N ILE F 2365 -44.85 -60.12 40.37
CA ILE F 2365 -45.54 -61.36 40.66
C ILE F 2365 -45.27 -62.35 39.53
N ALA F 2366 -45.04 -63.61 39.89
CA ALA F 2366 -44.82 -64.67 38.93
C ALA F 2366 -45.65 -65.89 39.29
N LYS F 2367 -46.08 -66.61 38.26
CA LYS F 2367 -46.93 -67.78 38.42
C LYS F 2367 -46.14 -69.05 38.14
N GLN F 2368 -46.78 -70.20 38.40
CA GLN F 2368 -46.16 -71.48 38.14
C GLN F 2368 -45.98 -71.69 36.64
N ASN F 2369 -44.78 -72.09 36.24
CA ASN F 2369 -44.42 -72.32 34.83
C ASN F 2369 -44.73 -71.10 33.97
N SER F 2370 -44.50 -69.92 34.52
CA SER F 2370 -44.77 -68.66 33.83
C SER F 2370 -43.47 -67.97 33.46
N PRO F 2371 -43.08 -67.97 32.18
CA PRO F 2371 -41.89 -67.20 31.77
C PRO F 2371 -42.10 -65.70 31.73
N VAL F 2372 -43.25 -65.23 32.22
CA VAL F 2372 -43.59 -63.81 32.23
C VAL F 2372 -43.93 -63.39 33.66
N VAL F 2373 -43.52 -62.18 34.03
CA VAL F 2373 -43.77 -61.64 35.36
C VAL F 2373 -44.68 -60.43 35.21
N GLU F 2374 -45.56 -60.25 36.19
CA GLU F 2374 -46.52 -59.15 36.22
C GLU F 2374 -46.08 -58.09 37.21
N VAL F 2375 -46.02 -56.85 36.75
CA VAL F 2375 -45.70 -55.70 37.60
C VAL F 2375 -47.01 -55.02 37.97
N TRP F 2376 -47.45 -55.20 39.22
CA TRP F 2376 -48.67 -54.58 39.71
C TRP F 2376 -48.33 -53.38 40.60
N ASP F 2377 -49.36 -52.62 40.94
CA ASP F 2377 -49.27 -51.53 41.89
C ASP F 2377 -49.91 -51.91 43.22
N LYS F 2378 -49.38 -51.38 44.32
CA LYS F 2378 -49.93 -51.71 45.63
C LYS F 2378 -51.29 -51.05 45.83
N LYS F 2379 -51.33 -49.72 45.82
CA LYS F 2379 -52.58 -49.01 46.06
C LYS F 2379 -53.53 -49.12 44.88
N THR F 2380 -53.02 -48.95 43.66
CA THR F 2380 -53.87 -48.95 42.47
C THR F 2380 -54.38 -50.35 42.13
N GLU F 2381 -53.57 -51.38 42.38
CA GLU F 2381 -53.89 -52.76 42.01
C GLU F 2381 -54.13 -52.88 40.51
N LYS F 2382 -53.19 -52.35 39.72
CA LYS F 2382 -53.28 -52.35 38.27
C LYS F 2382 -51.96 -52.86 37.68
N LEU F 2383 -52.05 -53.48 36.50
CA LEU F 2383 -50.89 -54.02 35.81
C LEU F 2383 -50.04 -52.87 35.28
N CYS F 2384 -49.02 -52.49 36.04
CA CYS F 2384 -48.08 -51.46 35.58
C CYS F 2384 -47.24 -51.95 34.40
N GLY F 2385 -46.96 -53.25 34.33
CA GLY F 2385 -46.12 -53.77 33.27
C GLY F 2385 -46.24 -55.27 33.16
N LEU F 2386 -45.80 -55.78 32.00
CA LEU F 2386 -45.78 -57.21 31.74
C LEU F 2386 -44.46 -57.54 31.06
N ILE F 2387 -43.56 -58.18 31.79
CA ILE F 2387 -42.19 -58.44 31.33
C ILE F 2387 -42.01 -59.93 31.14
N ASP F 2388 -41.79 -60.34 29.89
CA ASP F 2388 -41.59 -61.73 29.55
C ASP F 2388 -40.11 -62.04 29.35
N CYS F 2389 -39.74 -63.29 29.65
CA CYS F 2389 -38.35 -63.72 29.54
C CYS F 2389 -37.84 -63.67 28.10
N VAL F 2390 -38.66 -64.12 27.14
CA VAL F 2390 -38.23 -64.26 25.75
C VAL F 2390 -37.76 -62.94 25.17
N HIS F 2391 -38.43 -61.83 25.52
CA HIS F 2391 -38.10 -60.48 25.06
C HIS F 2391 -36.65 -60.07 25.27
N PHE F 2392 -35.89 -60.82 26.08
CA PHE F 2392 -34.46 -60.67 26.18
C PHE F 2392 -33.71 -61.82 25.53
N LEU F 2393 -34.08 -63.06 25.83
CA LEU F 2393 -33.30 -64.22 25.42
C LEU F 2393 -33.25 -64.33 23.90
N ARG F 2394 -34.38 -64.07 23.23
CA ARG F 2394 -34.42 -64.18 21.77
C ARG F 2394 -33.68 -63.04 21.09
N GLU F 2395 -33.25 -62.02 21.82
CA GLU F 2395 -32.48 -60.92 21.27
C GLU F 2395 -30.97 -61.14 21.36
N VAL F 2396 -30.54 -62.25 21.95
CA VAL F 2396 -29.12 -62.62 21.93
C VAL F 2396 -28.96 -64.05 21.42
N TYR F 2410 -40.50 -73.52 23.85
CA TYR F 2410 -39.35 -73.18 24.68
C TYR F 2410 -39.57 -73.57 26.14
N SER F 2411 -38.56 -74.18 26.74
CA SER F 2411 -38.60 -74.57 28.14
C SER F 2411 -37.74 -73.63 28.96
N GLY F 2412 -37.98 -73.65 30.28
CA GLY F 2412 -37.29 -72.75 31.18
C GLY F 2412 -38.18 -71.61 31.60
N ARG F 2413 -38.67 -71.67 32.84
CA ARG F 2413 -39.67 -70.72 33.33
C ARG F 2413 -39.17 -70.09 34.62
N VAL F 2414 -39.87 -69.02 35.04
CA VAL F 2414 -39.45 -68.27 36.22
C VAL F 2414 -39.56 -69.14 37.46
N LYS F 2415 -38.48 -69.18 38.24
CA LYS F 2415 -38.41 -70.02 39.43
C LYS F 2415 -38.11 -69.28 40.72
N THR F 2416 -37.35 -68.19 40.68
CA THR F 2416 -37.02 -67.47 41.90
C THR F 2416 -36.81 -65.99 41.63
N LEU F 2417 -37.17 -65.18 42.63
CA LEU F 2417 -37.10 -63.72 42.57
C LEU F 2417 -36.37 -63.21 43.81
N CYS F 2418 -35.58 -62.15 43.65
CA CYS F 2418 -34.93 -61.50 44.77
C CYS F 2418 -34.50 -60.10 44.34
N LEU F 2419 -34.84 -59.11 45.16
CA LEU F 2419 -34.59 -57.71 44.85
C LEU F 2419 -33.59 -57.12 45.83
N GLN F 2420 -32.64 -56.34 45.29
CA GLN F 2420 -31.71 -55.59 46.13
C GLN F 2420 -32.43 -54.43 46.81
N LYS F 2421 -31.70 -53.69 47.64
CA LYS F 2421 -32.31 -52.58 48.38
C LYS F 2421 -32.81 -51.49 47.44
N ASN F 2422 -31.95 -50.99 46.55
CA ASN F 2422 -32.36 -49.91 45.66
C ASN F 2422 -31.79 -50.03 44.24
N THR F 2423 -31.08 -51.10 43.89
CA THR F 2423 -30.37 -51.12 42.61
C THR F 2423 -31.17 -51.82 41.51
N ALA F 2424 -31.43 -53.11 41.65
CA ALA F 2424 -32.03 -53.91 40.58
C ALA F 2424 -32.43 -55.27 41.15
N LEU F 2425 -32.89 -56.16 40.26
CA LEU F 2425 -33.44 -57.44 40.65
C LEU F 2425 -32.93 -58.54 39.72
N TRP F 2426 -32.82 -59.76 40.26
CA TRP F 2426 -32.46 -60.95 39.49
C TRP F 2426 -33.64 -61.92 39.41
N ILE F 2427 -33.82 -62.51 38.23
CA ILE F 2427 -34.85 -63.54 38.02
C ILE F 2427 -34.15 -64.83 37.60
N GLY F 2428 -34.46 -65.92 38.30
CA GLY F 2428 -33.91 -67.21 37.98
C GLY F 2428 -34.85 -68.02 37.10
N THR F 2429 -34.38 -68.36 35.91
CA THR F 2429 -35.20 -69.08 34.95
C THR F 2429 -35.18 -70.58 35.24
N GLY F 2430 -36.04 -71.31 34.51
CA GLY F 2430 -36.06 -72.76 34.63
C GLY F 2430 -34.78 -73.42 34.16
N GLY F 2431 -34.15 -72.87 33.15
CA GLY F 2431 -32.92 -73.40 32.61
C GLY F 2431 -31.70 -72.81 33.29
N GLY F 2432 -30.62 -72.70 32.52
CA GLY F 2432 -29.38 -72.13 33.01
C GLY F 2432 -29.28 -70.63 32.97
N HIS F 2433 -30.36 -69.94 32.60
CA HIS F 2433 -30.34 -68.50 32.51
C HIS F 2433 -30.75 -67.86 33.84
N ILE F 2434 -30.11 -66.74 34.17
CA ILE F 2434 -30.53 -65.87 35.26
C ILE F 2434 -30.28 -64.43 34.82
N LEU F 2435 -31.31 -63.60 34.88
CA LEU F 2435 -31.32 -62.32 34.20
C LEU F 2435 -31.39 -61.17 35.19
N LEU F 2436 -30.75 -60.06 34.83
CA LEU F 2436 -30.77 -58.84 35.60
C LEU F 2436 -31.67 -57.82 34.91
N LEU F 2437 -32.59 -57.23 35.68
CA LEU F 2437 -33.44 -56.14 35.19
C LEU F 2437 -33.37 -54.97 36.16
N ASP F 2438 -33.14 -53.78 35.61
CA ASP F 2438 -33.17 -52.54 36.38
C ASP F 2438 -34.59 -52.00 36.40
N LEU F 2439 -35.16 -51.86 37.60
CA LEU F 2439 -36.53 -51.39 37.74
C LEU F 2439 -36.71 -49.93 37.34
N SER F 2440 -35.61 -49.19 37.16
CA SER F 2440 -35.67 -47.75 36.90
C SER F 2440 -35.45 -47.42 35.44
N THR F 2441 -34.33 -47.86 34.86
CA THR F 2441 -33.88 -47.34 33.57
C THR F 2441 -34.05 -48.34 32.43
N ARG F 2442 -33.45 -49.53 32.53
CA ARG F 2442 -33.40 -50.46 31.42
C ARG F 2442 -33.86 -51.84 31.87
N ARG F 2443 -34.65 -52.50 31.02
CA ARG F 2443 -35.16 -53.83 31.32
C ARG F 2443 -34.08 -54.89 31.17
N LEU F 2444 -33.24 -54.79 30.15
CA LEU F 2444 -32.21 -55.80 29.87
C LEU F 2444 -30.84 -55.26 30.21
N ILE F 2445 -30.12 -55.96 31.08
CA ILE F 2445 -28.74 -55.61 31.40
C ILE F 2445 -27.82 -56.78 31.04
N ARG F 2446 -28.03 -57.93 31.67
CA ARG F 2446 -27.24 -59.12 31.37
C ARG F 2446 -27.94 -60.36 31.88
N VAL F 2447 -27.87 -61.43 31.10
CA VAL F 2447 -28.41 -62.74 31.46
C VAL F 2447 -27.24 -63.72 31.52
N ILE F 2448 -27.09 -64.40 32.65
CA ILE F 2448 -25.94 -65.25 32.90
C ILE F 2448 -26.31 -66.69 32.53
N TYR F 2449 -25.57 -67.26 31.58
CA TYR F 2449 -25.83 -68.62 31.11
C TYR F 2449 -24.55 -69.44 31.21
N ASN F 2450 -24.56 -70.67 30.69
CA ASN F 2450 -23.43 -71.61 30.63
C ASN F 2450 -22.69 -71.76 31.95
N PHE F 2451 -23.43 -71.68 33.06
CA PHE F 2451 -22.87 -71.96 34.37
C PHE F 2451 -23.70 -72.95 35.19
N CYS F 2452 -24.97 -73.16 34.84
CA CYS F 2452 -25.81 -74.16 35.48
C CYS F 2452 -26.79 -74.70 34.44
N ASN F 2453 -27.56 -75.70 34.83
CA ASN F 2453 -28.59 -76.27 33.97
C ASN F 2453 -30.01 -75.91 34.39
N SER F 2454 -30.27 -75.78 35.70
CA SER F 2454 -31.59 -75.35 36.16
C SER F 2454 -31.43 -74.63 37.50
N VAL F 2455 -31.37 -73.30 37.44
CA VAL F 2455 -31.21 -72.50 38.66
C VAL F 2455 -32.54 -72.40 39.38
N ARG F 2456 -32.55 -72.76 40.67
CA ARG F 2456 -33.80 -72.91 41.42
C ARG F 2456 -33.95 -71.91 42.54
N VAL F 2457 -33.02 -71.85 43.50
CA VAL F 2457 -33.23 -71.13 44.75
C VAL F 2457 -32.11 -70.10 44.95
N MET F 2458 -32.48 -68.97 45.56
CA MET F 2458 -31.51 -67.95 45.92
C MET F 2458 -32.05 -67.13 47.08
N MET F 2459 -31.16 -66.78 48.02
CA MET F 2459 -31.55 -66.04 49.21
C MET F 2459 -30.34 -65.34 49.81
N THR F 2460 -30.62 -64.31 50.61
CA THR F 2460 -29.60 -63.44 51.20
C THR F 2460 -28.87 -64.14 52.35
N ALA F 2461 -27.65 -63.68 52.61
CA ALA F 2461 -26.79 -64.20 53.67
C ALA F 2461 -25.57 -63.28 53.80
N GLN F 2462 -24.79 -63.53 54.86
CA GLN F 2462 -23.56 -62.81 55.11
C GLN F 2462 -22.52 -63.80 55.64
N LEU F 2463 -21.35 -63.85 54.99
CA LEU F 2463 -20.35 -64.88 55.28
C LEU F 2463 -19.02 -64.21 55.60
N GLY F 2464 -18.48 -64.52 56.78
CA GLY F 2464 -17.12 -64.14 57.16
C GLY F 2464 -16.81 -62.66 57.09
N SER F 2465 -17.74 -61.81 57.56
CA SER F 2465 -17.68 -60.35 57.57
C SER F 2465 -17.71 -59.75 56.16
N LEU F 2466 -17.69 -60.56 55.11
CA LEU F 2466 -17.91 -60.10 53.74
C LEU F 2466 -19.43 -60.06 53.51
N LYS F 2467 -20.06 -59.06 54.11
CA LYS F 2467 -21.51 -59.00 54.17
C LYS F 2467 -22.10 -58.72 52.79
N ASN F 2468 -23.43 -58.81 52.72
CA ASN F 2468 -24.21 -58.56 51.50
C ASN F 2468 -23.78 -59.50 50.39
N VAL F 2469 -24.00 -60.80 50.62
CA VAL F 2469 -23.78 -61.84 49.62
C VAL F 2469 -25.07 -62.64 49.49
N MET F 2470 -25.16 -63.41 48.43
CA MET F 2470 -26.36 -64.20 48.16
C MET F 2470 -25.97 -65.56 47.63
N LEU F 2471 -26.60 -66.60 48.18
CA LEU F 2471 -26.33 -67.98 47.79
C LEU F 2471 -27.26 -68.37 46.66
N VAL F 2472 -26.70 -68.95 45.60
CA VAL F 2472 -27.48 -69.39 44.44
C VAL F 2472 -27.17 -70.86 44.19
N LEU F 2473 -28.18 -71.71 44.31
CA LEU F 2473 -28.06 -73.13 44.01
C LEU F 2473 -28.96 -73.49 42.84
N GLY F 2474 -28.36 -74.13 41.83
CA GLY F 2474 -29.12 -74.71 40.75
C GLY F 2474 -28.84 -76.20 40.63
N TYR F 2475 -29.27 -76.81 39.52
CA TYR F 2475 -28.99 -78.21 39.26
C TYR F 2475 -28.22 -78.33 37.96
N ASN F 2476 -27.40 -79.37 37.86
CA ASN F 2476 -26.64 -79.66 36.66
C ASN F 2476 -26.82 -81.14 36.32
N ARG F 2477 -27.41 -81.43 35.18
CA ARG F 2477 -27.76 -82.78 34.78
C ARG F 2477 -26.99 -83.17 33.53
N LYS F 2478 -26.50 -84.40 33.50
CA LYS F 2478 -25.76 -84.92 32.35
C LYS F 2478 -26.47 -86.14 31.76
N LYS F 2487 -31.26 -89.25 34.43
CA LYS F 2487 -30.27 -88.19 34.34
C LYS F 2487 -29.43 -88.13 35.61
N GLU F 2488 -28.14 -87.83 35.46
CA GLU F 2488 -27.22 -87.69 36.58
C GLU F 2488 -27.19 -86.24 37.03
N ILE F 2489 -28.09 -85.87 37.93
CA ILE F 2489 -28.17 -84.50 38.41
C ILE F 2489 -27.07 -84.26 39.43
N GLN F 2490 -26.25 -83.22 39.20
CA GLN F 2490 -25.20 -82.79 40.11
C GLN F 2490 -25.50 -81.35 40.52
N SER F 2491 -26.26 -81.17 41.58
CA SER F 2491 -26.64 -79.84 42.03
C SER F 2491 -25.43 -79.02 42.45
N CYS F 2492 -25.44 -77.73 42.08
CA CYS F 2492 -24.31 -76.84 42.28
C CYS F 2492 -24.74 -75.66 43.14
N LEU F 2493 -23.97 -75.36 44.19
CA LEU F 2493 -24.19 -74.20 45.04
C LEU F 2493 -23.08 -73.18 44.81
N THR F 2494 -23.47 -71.90 44.78
CA THR F 2494 -22.49 -70.79 44.59
C THR F 2494 -22.85 -69.61 45.50
N VAL F 2495 -21.91 -68.70 45.76
CA VAL F 2495 -22.18 -67.48 46.59
C VAL F 2495 -21.85 -66.25 45.75
N TRP F 2496 -22.75 -65.27 45.71
CA TRP F 2496 -22.54 -64.09 44.84
C TRP F 2496 -22.54 -62.82 45.68
N ASP F 2497 -21.57 -61.93 45.46
CA ASP F 2497 -21.56 -60.63 46.19
C ASP F 2497 -22.73 -59.79 45.66
N ILE F 2498 -23.48 -59.14 46.56
CA ILE F 2498 -24.65 -58.29 46.16
C ILE F 2498 -24.14 -57.08 45.38
N ASN F 2499 -22.98 -57.19 44.72
CA ASN F 2499 -22.46 -56.11 43.91
C ASN F 2499 -22.68 -56.33 42.43
N LEU F 2500 -23.07 -57.54 42.02
CA LEU F 2500 -23.38 -57.95 40.64
C LEU F 2500 -24.02 -56.89 39.75
N PRO F 2501 -25.01 -56.06 40.19
CA PRO F 2501 -25.54 -55.09 39.21
C PRO F 2501 -24.50 -53.99 39.10
N HIS F 2502 -23.95 -53.60 40.26
CA HIS F 2502 -23.00 -52.51 40.31
C HIS F 2502 -21.80 -52.89 39.47
N GLU F 2503 -21.34 -54.14 39.64
CA GLU F 2503 -20.14 -54.61 38.96
C GLU F 2503 -20.37 -54.68 37.45
N VAL F 2504 -21.52 -55.21 37.01
CA VAL F 2504 -21.75 -55.31 35.57
C VAL F 2504 -21.76 -53.92 34.96
N GLN F 2505 -22.47 -52.98 35.62
CA GLN F 2505 -22.58 -51.64 35.05
C GLN F 2505 -21.21 -50.97 35.03
N ASN F 2506 -20.42 -51.14 36.11
CA ASN F 2506 -19.13 -50.48 36.18
C ASN F 2506 -18.18 -51.06 35.14
N LEU F 2507 -18.21 -52.39 34.95
CA LEU F 2507 -17.31 -52.99 33.99
C LEU F 2507 -17.65 -52.53 32.59
N GLU F 2508 -18.95 -52.47 32.25
CA GLU F 2508 -19.30 -52.07 30.89
C GLU F 2508 -18.87 -50.63 30.67
N LYS F 2509 -19.08 -49.76 31.67
CA LYS F 2509 -18.69 -48.37 31.52
C LYS F 2509 -17.18 -48.26 31.37
N HIS F 2510 -16.45 -49.06 32.16
CA HIS F 2510 -14.99 -49.01 32.15
C HIS F 2510 -14.48 -49.42 30.79
N ILE F 2511 -15.04 -50.51 30.24
CA ILE F 2511 -14.58 -51.02 28.95
C ILE F 2511 -14.87 -49.98 27.88
N GLU F 2512 -16.06 -49.36 27.95
CA GLU F 2512 -16.43 -48.35 26.96
C GLU F 2512 -15.47 -47.16 27.01
N VAL F 2513 -15.13 -46.69 28.22
CA VAL F 2513 -14.21 -45.56 28.33
C VAL F 2513 -12.83 -45.95 27.80
N ARG F 2514 -12.38 -47.17 28.11
CA ARG F 2514 -11.07 -47.62 27.64
C ARG F 2514 -11.06 -47.71 26.12
N LYS F 2515 -12.17 -48.19 25.54
CA LYS F 2515 -12.28 -48.27 24.09
C LYS F 2515 -12.27 -46.87 23.47
N GLU F 2516 -12.93 -45.91 24.12
CA GLU F 2516 -12.89 -44.53 23.64
C GLU F 2516 -11.45 -44.03 23.63
N LEU F 2517 -10.71 -44.30 24.72
CA LEU F 2517 -9.34 -43.83 24.82
C LEU F 2517 -8.51 -44.47 23.71
N ALA F 2518 -8.74 -45.78 23.48
CA ALA F 2518 -7.96 -46.52 22.51
C ALA F 2518 -8.19 -45.95 21.13
N GLU F 2519 -9.47 -45.69 20.79
CA GLU F 2519 -9.78 -45.21 19.44
C GLU F 2519 -9.16 -43.84 19.25
N LYS F 2520 -9.29 -42.95 20.25
CA LYS F 2520 -8.77 -41.60 20.07
C LYS F 2520 -7.26 -41.66 19.89
N MET F 2521 -6.58 -42.45 20.73
CA MET F 2521 -5.12 -42.50 20.69
C MET F 2521 -4.67 -43.05 19.36
N ARG F 2522 -5.34 -44.11 18.90
CA ARG F 2522 -4.96 -44.78 17.66
C ARG F 2522 -5.11 -43.84 16.48
N ARG F 2523 -6.26 -43.13 16.41
CA ARG F 2523 -6.49 -42.24 15.27
C ARG F 2523 -5.48 -41.11 15.28
N THR F 2524 -5.21 -40.54 16.46
CA THR F 2524 -4.27 -39.42 16.52
C THR F 2524 -2.86 -39.87 16.14
N SER F 2525 -2.48 -41.09 16.56
CA SER F 2525 -1.17 -41.63 16.21
C SER F 2525 -1.06 -41.86 14.72
N VAL F 2526 -2.12 -42.36 14.09
CA VAL F 2526 -2.11 -42.61 12.65
C VAL F 2526 -1.92 -41.32 11.88
N GLU F 2527 -2.59 -40.25 12.31
CA GLU F 2527 -2.43 -38.92 11.72
C GLU F 2527 -0.99 -38.42 11.83
PB GDP G . 33.71 -50.16 -41.35
O1B GDP G . 32.76 -49.11 -41.88
O2B GDP G . 33.36 -50.50 -39.92
O3B GDP G . 35.13 -49.65 -41.40
O3A GDP G . 33.60 -51.50 -42.25
PA GDP G . 34.01 -51.50 -43.81
O1A GDP G . 32.81 -51.17 -44.66
O2A GDP G . 35.14 -50.54 -44.08
O5' GDP G . 34.48 -53.02 -44.05
C5' GDP G . 35.85 -53.34 -44.27
C4' GDP G . 36.26 -54.45 -43.31
O4' GDP G . 36.23 -55.73 -43.92
C3' GDP G . 37.67 -54.28 -42.79
O3' GDP G . 37.66 -53.67 -41.49
C2' GDP G . 38.22 -55.70 -42.68
O2' GDP G . 38.49 -56.03 -41.32
C1' GDP G . 37.13 -56.60 -43.25
N9 GDP G . 37.73 -57.59 -44.17
C8 GDP G . 38.74 -57.37 -45.03
N7 GDP G . 39.04 -58.48 -45.74
C5 GDP G . 38.20 -59.45 -45.34
C6 GDP G . 37.96 -60.87 -45.69
O6 GDP G . 38.66 -61.45 -46.56
N1 GDP G . 36.99 -61.52 -45.05
C2 GDP G . 36.23 -60.94 -44.11
N2 GDP G . 35.25 -61.66 -43.51
N3 GDP G . 36.38 -59.64 -43.74
C4 GDP G . 37.34 -58.86 -44.31
PG ATP H . -11.00 -19.00 -41.04
O1G ATP H . -9.96 -18.08 -41.58
O2G ATP H . -10.48 -20.41 -40.78
O3G ATP H . -12.26 -19.08 -41.91
PB ATP H . -12.39 -19.00 -38.39
O1B ATP H . -13.62 -19.70 -38.83
O2B ATP H . -11.48 -19.81 -37.47
O3B ATP H . -11.53 -18.49 -39.62
PA ATP H . -13.96 -17.08 -36.79
O1A ATP H . -13.62 -17.01 -35.35
O2A ATP H . -15.17 -17.96 -37.10
O3A ATP H . -12.75 -17.64 -37.64
O5' ATP H . -14.19 -15.65 -37.39
C5' ATP H . -15.51 -15.18 -37.76
C4' ATP H . -15.82 -15.61 -39.17
O4' ATP H . -17.04 -14.97 -39.61
C3' ATP H . -14.75 -15.26 -40.21
O3' ATP H . -14.62 -16.30 -41.17
C2' ATP H . -15.30 -13.97 -40.83
O2' ATP H . -14.87 -13.81 -42.18
C1' ATP H . -16.81 -14.24 -40.79
N9 ATP H . -17.63 -13.03 -40.79
C8 ATP H . -17.69 -12.11 -41.81
N7 ATP H . -18.50 -11.11 -41.59
C5 ATP H . -19.02 -11.38 -40.33
C6 ATP H . -19.95 -10.70 -39.53
N6 ATP H . -20.53 -9.55 -39.87
N1 ATP H . -20.26 -11.23 -38.33
C2 ATP H . -19.67 -12.38 -37.97
N3 ATP H . -18.78 -13.11 -38.64
C4 ATP H . -18.50 -12.56 -39.83
PB GDP I . -51.24 51.76 6.93
O1B GDP I . -51.18 50.78 5.79
O2B GDP I . -49.85 52.01 7.47
O3B GDP I . -52.12 51.22 8.02
O3A GDP I . -51.85 53.16 6.39
PA GDP I . -53.36 53.26 5.84
O1A GDP I . -53.39 53.04 4.35
O2A GDP I . -54.28 52.28 6.54
O5' GDP I . -53.77 54.77 6.20
C5' GDP I . -54.74 55.06 7.21
C4' GDP I . -54.15 56.07 8.19
O4' GDP I . -54.58 57.40 7.89
C3' GDP I . -54.57 55.81 9.62
O3' GDP I . -53.53 55.11 10.31
C2' GDP I . -54.75 57.20 10.23
O2' GDP I . -53.80 57.41 11.27
C1' GDP I . -54.52 58.18 9.08
N9 GDP I . -55.58 59.21 9.09
C8 GDP I . -56.88 59.02 9.39
N7 GDP I . -57.59 60.18 9.30
C5 GDP I . -56.73 61.14 8.93
C6 GDP I . -56.82 62.60 8.66
O6 GDP I . -57.90 63.21 8.75
N1 GDP I . -55.69 63.23 8.30
C2 GDP I . -54.51 62.60 8.18
N2 GDP I . -53.42 63.32 7.83
N3 GDP I . -54.35 61.27 8.43
C4 GDP I . -55.41 60.51 8.80
PG ATP J . -26.02 22.39 -31.41
O1G ATP J . -27.10 21.47 -30.95
O2G ATP J . -26.07 23.76 -30.74
O3G ATP J . -25.97 22.58 -32.93
PB ATP J . -23.06 22.26 -31.00
O1B ATP J . -22.67 23.03 -32.19
O2B ATP J . -22.82 22.96 -29.66
O3B ATP J . -24.58 21.80 -31.04
PA ATP J . -20.91 20.29 -31.47
O1A ATP J . -19.95 20.11 -30.37
O2A ATP J . -20.43 21.23 -32.57
O3A ATP J . -22.29 20.86 -30.95
O5' ATP J . -21.32 18.90 -32.12
C5' ATP J . -20.86 18.52 -33.43
C4' ATP J . -21.80 19.06 -34.48
O4' ATP J . -21.47 18.51 -35.76
C3' ATP J . -23.29 18.75 -34.25
O3' ATP J . -24.10 19.86 -34.61
C2' ATP J . -23.52 17.54 -35.16
O2' ATP J . -24.87 17.46 -35.60
C1' ATP J . -22.59 17.85 -36.32
N9 ATP J . -22.16 16.68 -37.08
C8 ATP J . -22.99 15.85 -37.78
N7 ATP J . -22.38 14.86 -38.38
C5 ATP J . -21.04 15.05 -38.06
C6 ATP J . -19.86 14.34 -38.39
N6 ATP J . -19.85 13.25 -39.16
N1 ATP J . -18.69 14.81 -37.91
C2 ATP J . -18.70 15.90 -37.15
N3 ATP J . -19.74 16.65 -36.76
C4 ATP J . -20.89 16.17 -37.25
PB GDP K . -30.97 72.26 29.52
O1B GDP K . -30.28 72.39 28.19
O2B GDP K . -31.57 70.87 29.64
O3B GDP K . -29.95 72.47 30.62
O3A GDP K . -32.13 73.37 29.68
PA GDP K . -32.81 73.54 31.14
O1A GDP K . -32.99 72.19 31.76
O2A GDP K . -31.95 74.43 32.01
O5' GDP K . -34.24 74.24 30.86
C5' GDP K . -35.00 74.75 31.94
C4' GDP K . -36.48 74.71 31.61
O4' GDP K . -37.18 73.83 32.50
C3' GDP K . -37.13 76.08 31.76
O3' GDP K . -37.53 76.57 30.47
C2' GDP K . -38.34 75.90 32.64
O2' GDP K . -39.53 76.25 31.94
C1' GDP K . -38.37 74.42 33.01
N9 GDP K . -38.43 74.27 34.49
C8 GDP K . -37.37 74.18 35.31
N7 GDP K . -37.78 74.05 36.61
C5 GDP K . -39.12 74.04 36.62
C6 GDP K . -40.18 73.94 37.64
O6 GDP K . -39.91 73.81 38.85
N1 GDP K . -41.46 73.98 37.23
C2 GDP K . -41.79 74.11 35.93
N2 GDP K . -43.10 74.15 35.59
N3 GDP K . -40.87 74.21 34.95
C4 GDP K . -39.54 74.19 35.21
PG ATP L . 17.87 49.82 39.11
O1G ATP L . 16.97 49.44 37.99
O2G ATP L . 17.25 50.84 40.08
O3G ATP L . 18.40 48.63 39.91
PB ATP L . 19.68 51.29 37.24
O1B ATP L . 20.14 52.67 37.53
O2B ATP L . 18.59 51.17 36.18
O3B ATP L . 19.17 50.56 38.54
PA ATP L . 21.09 49.09 35.83
O1A ATP L . 20.89 49.45 34.41
O2A ATP L . 20.17 47.99 36.35
O3A ATP L . 20.89 50.36 36.78
O5' ATP L . 22.57 48.67 36.11
C5' ATP L . 22.98 47.28 36.04
C4' ATP L . 24.48 47.20 36.22
O4' ATP L . 24.99 46.05 35.53
C3' ATP L . 25.28 48.37 35.68
O3' ATP L . 26.52 48.50 36.35
C2' ATP L . 25.47 47.96 34.21
O2' ATP L . 26.63 48.55 33.65
C1' ATP L . 25.64 46.45 34.33
N9 ATP L . 25.07 45.70 33.22
C8 ATP L . 23.83 45.85 32.67
N7 ATP L . 23.57 45.04 31.67
C5 ATP L . 24.74 44.30 31.56
C6 ATP L . 25.12 43.25 30.69
N6 ATP L . 24.33 42.78 29.72
N1 ATP L . 26.35 42.73 30.84
C2 ATP L . 27.14 43.21 31.80
N3 ATP L . 26.89 44.18 32.68
C4 ATP L . 25.67 44.69 32.50
PB GDP M . 39.38 -73.01 -13.25
O1B GDP M . 37.89 -73.08 -13.47
O2B GDP M . 39.88 -71.62 -13.56
O3B GDP M . 39.66 -73.35 -11.81
O3A GDP M . 40.15 -74.08 -14.18
PA GDP M . 41.71 -74.35 -13.90
O1A GDP M . 42.37 -73.04 -13.57
O2A GDP M . 41.89 -75.32 -12.76
O5' GDP M . 42.30 -74.95 -15.27
C5' GDP M . 43.61 -75.52 -15.29
C4' GDP M . 44.22 -75.40 -16.69
O4' GDP M . 45.37 -74.56 -16.66
C3' GDP M . 44.65 -76.75 -17.22
O3' GDP M . 43.83 -77.13 -18.32
C2' GDP M . 46.09 -76.58 -17.67
O2' GDP M . 46.21 -76.85 -19.07
C1' GDP M . 46.46 -75.14 -17.37
N9 GDP M . 47.70 -75.10 -16.54
C8 GDP M . 47.75 -75.11 -15.20
N7 GDP M . 49.04 -75.07 -14.76
C5 GDP M . 49.83 -75.01 -15.84
C6 GDP M . 51.28 -74.93 -16.11
O6 GDP M . 52.11 -74.92 -15.17
N1 GDP M . 51.70 -74.89 -17.38
C2 GDP M . 50.84 -74.92 -18.41
N2 GDP M . 51.34 -74.87 -19.67
N3 GDP M . 49.50 -74.98 -18.25
C4 GDP M . 48.94 -75.03 -17.02
PG ATP N . 19.40 -53.21 33.54
O1G ATP N . 19.04 -52.69 32.19
O2G ATP N . 20.51 -54.26 33.52
O3G ATP N . 19.77 -52.09 34.53
PB ATP N . 16.75 -54.61 33.81
O1B ATP N . 16.67 -56.01 34.25
O2B ATP N . 16.55 -54.36 32.32
O3B ATP N . 18.15 -53.95 34.22
PA ATP N . 14.88 -52.36 34.29
O1A ATP N . 13.84 -52.60 33.27
O2A ATP N . 15.89 -51.27 33.94
O3A ATP N . 15.71 -53.68 34.59
O5' ATP N . 14.25 -52.01 35.69
C5' ATP N . 14.00 -50.65 36.08
C4' ATP N . 13.29 -50.62 37.40
O4' ATP N . 12.47 -49.44 37.49
C3' ATP N . 12.33 -51.78 37.65
O3' ATP N . 12.14 -52.01 39.04
C2' ATP N . 11.05 -51.28 36.98
O2' ATP N . 9.89 -51.87 37.55
C1' ATP N . 11.10 -49.78 37.30
N9 ATP N . 10.56 -48.93 36.25
C8 ATP N . 10.85 -49.00 34.90
N7 ATP N . 10.21 -48.11 34.18
C5 ATP N . 9.46 -47.40 35.10
C6 ATP N . 8.58 -46.32 34.98
N6 ATP N . 8.27 -45.73 33.82
N1 ATP N . 7.99 -45.85 36.11
C2 ATP N . 8.29 -46.42 37.27
N3 ATP N . 9.11 -47.45 37.52
C4 ATP N . 9.67 -47.90 36.38
#